data_3OPY
#
_entry.id   3OPY
#
_cell.length_a   161.658
_cell.length_b   188.303
_cell.length_c   231.560
_cell.angle_alpha   90.00
_cell.angle_beta   92.85
_cell.angle_gamma   90.00
#
_symmetry.space_group_name_H-M   'P 1 21 1'
#
loop_
_entity.id
_entity.type
_entity.pdbx_description
1 polymer '6-phosphofructo-1-kinase alpha-subunit'
2 polymer '6-phosphofructo-1-kinase beta-subunit'
3 polymer '6-phosphofructo-1-kinase gamma-subunit'
4 non-polymer 'SULFATE ION'
5 non-polymer "ADENOSINE-5'-TRIPHOSPHATE"
#
loop_
_entity_poly.entity_id
_entity_poly.type
_entity_poly.pdbx_seq_one_letter_code
_entity_poly.pdbx_strand_id
1 'polypeptide(L)'
;MPEPSISDLSFTSFVTNDDNLFEETFNFYTKLGFHATRSYVKDNRSDFELTGISTDSIKEIWLESFPLSEVVEASGGREL
RKPLQESVGYESEALLGYSPYQSGGVVIKLRLSNHDLEKNNDLPGEVTFFTASIDKLKAKLIEIGAEIIPSKIDLVEFST
RDPMGDVISFSSYPSLNSKKITSPDFFLHPKKEVRSEESIVEQVKSEEGKKKIAIITSGGDAPGMNAAVRAVTRAGIFYG
CKVYACYEGYTGLVKGGDMLKELQWQDVRGLLSIGGTIIGTARCKEFRERWGRLQACYNMVSNGIDALVVCGGDGSLTGA
DLFRKEWPELIKELLGEDKITKEQYETHRNLTIVGLVGSIDNDMCGTDSTIGAYSSLERIIELVDYIDATAASHSRAFVV
EVMGRHCGWLGLMSGIATGADYIFIPERPPSESNWKDDLKKVCLRHREKGRRKTTVIVAEGAIDDQLNPITSEEVKDVLV
EIGLDTRITRLGHVQRGGAPCAFDRFLATVQGVDAVRAVLESTPAIPSPVISILENKIVRQPLVESVAQTKTVSAAIEAK
DFDKALQLRDQEFATSYENFLSVSKYDDGSYLVPESSRLNIAIIHVGAPTSALNPATRVATLNSLAKGHRVFAIRNGFAG
LIRHGAVRELNWIDVEDWHNTGGSEIGTNRSLPSDDMGTVAYYFQQYKFDGLIIIGGFEAFTALYELDAARAQYPIFNIP
MCCLPATVSNNVPGTEYSLGSDTCLNTLSGYCDAVKQSASASRRRTFVVEVQGGYSGYLASYAGLITGALAVYTPENPIN
LQTVQEDIELLTRTYEEDDGKNRSGKIFIHNEKASKVYTTDLIAAIIGEAGKGRFESRTAVPGHVQQGKSPSSIDRVNAC
RLAIKCCNFIEDANFQVKHNANLSADERHLRFFYDDGVKTSAVSGKSSVIDDNTSVVIGIQGSEVTFTPVKQLWENETHH
KWRKGKNVHWEQLNIVSDLLSGRLSIRTT
;
A,C,E,G
2 'polypeptide(L)'
;MPDASLFNGTSFITLFAPNISLLQASIDFYTNFLGFAIRKNSNQKLFWLQLEEDQNNVSIQLILDPEHAASVSQIDQNIR
NLTRSLYRKDWRSIQSNIAFKSSSLSKLVKLLKDGGHPVQQSPNEISPFEVYTVDPLGSLIGFSGFKNPFAVNERSLLPK
VSEEKAYRAEDDSEKLLNPVRKTIGVMTSGGDSPGMNPFVRAVVRAGIYKGCKVFCIHEGYEGLVRGGEKYIKETQWHDV
RGWLVEGGTNIGTARCKEFRERSGRLKACKNMIDMGIDALIVCGGDGSLTGADRFRSEWPSLIEELLQTEQISQQQFNTH
QNLNICGAVGSIDNDMSSTDATIGAFSSLDRICRAIDYIDATANSHSRAFIVEVMGRHCGWLGLLAGLATSADYILIPEK
PASSREWQDQMCDIVGKHRARGKRKTIVIVAEGAISNDLSPISCDQVKDVLVNRLGLDTRVTTLGHVQRGGTAVAFDRIY
ATLQGVEAVNAVLECDADTPSPMIAIKEDQITRVPLVDAVELTQQVAKSIESRNFKKAISLRDSEFVEHMKNFISTNSAD
HVPPSLPLEKRKKIAIINVGAPAGGMNSAVYSMATYCMSRGHVPYAIHNGFSGLARHESVRSINWLDIEGWGSLGGSEIG
TNRTLPNDADIGMIAYFFEKYGFDGLILVGGFEAFISLHQLERARINYPSLRIPLVLIPATISNNVPGTEYSLGSDTCLN
SFMEYCDVIKQSAAATRNRVFVVEVQGGNSGYIATHAQLACGAQISYVPEEGISLAQLEMDINSLKESFANDQGKTKSGR
LILKSENASKVLTTEVISTIIDDEASGRFDSKTAIPGHVQQGGIPSPMDRVRASRFAIRAVSFIERHSDRCQTFKNSISF
RQTDEITSTAVVLGIHKSQLRFTPIRQLYDFESDVPRRMRKNIFWSNVREISDMLSGRTSL
;
B,D,F,H
3 'polypeptide(L)'
;MVTKDSIIRDLERENVGPEFGEFLNTLQTDLNSEKPPIEQVKSQLETHFNLAHETQEFSRKNDNAPVDKLLTNYYNNYEV
NVLEFVLQMGFSRDLSIPLNVWFVLDMISQLSTSKQDLPLDYYLVLNNSQTGKYSDFVRYLIYEAVGAEIHCFEQGSMPE
QYRSSRWEDKVKGPALANRGPIRGNVGAGDRKITFHLLCKKTARMILVGDDRETDFEMSDRSFVTLLLDYYQRVGTTKKI
DLLLLTNNFDTNMNNKLQQLKILESLNMLKSNCYVLDYQITVDQVTANFNSYVEGIPAFRRHEIANFLKKRKTPKNADEL
IFKYVGRWNICYQKKFHQGNISIHQISGYLD
;
I,J,K,L
#
# COMPACT_ATOMS: atom_id res chain seq x y z
N SER A 5 80.32 36.20 18.60
CA SER A 5 79.81 36.56 17.28
C SER A 5 79.31 38.01 17.24
N ILE A 6 80.24 38.95 17.53
CA ILE A 6 80.00 40.40 17.48
C ILE A 6 80.14 40.88 16.02
N SER A 7 79.08 41.48 15.43
CA SER A 7 79.06 41.97 14.05
C SER A 7 80.09 43.10 13.78
N ASP A 8 79.97 44.23 14.53
CA ASP A 8 80.83 45.41 14.41
C ASP A 8 80.76 46.18 15.74
N LEU A 9 80.93 47.52 15.67
CA LEU A 9 80.82 48.41 16.83
C LEU A 9 79.51 49.19 16.64
N SER A 10 78.65 49.21 17.69
CA SER A 10 77.36 49.92 17.63
C SER A 10 77.55 51.43 17.75
N PHE A 11 78.21 51.89 18.83
CA PHE A 11 78.47 53.31 19.08
C PHE A 11 79.52 53.50 20.16
N THR A 12 80.00 54.74 20.31
CA THR A 12 80.93 55.09 21.38
C THR A 12 80.18 56.01 22.33
N SER A 13 80.35 55.81 23.64
CA SER A 13 79.69 56.62 24.67
C SER A 13 80.72 57.45 25.41
N PHE A 14 80.45 58.75 25.60
CA PHE A 14 81.34 59.66 26.33
C PHE A 14 80.55 60.28 27.47
N VAL A 15 80.93 59.97 28.72
CA VAL A 15 80.23 60.48 29.91
C VAL A 15 81.03 61.63 30.56
N THR A 16 80.35 62.75 30.91
CA THR A 16 80.92 63.94 31.55
C THR A 16 80.09 64.41 32.75
N ASN A 17 80.73 65.07 33.72
CA ASN A 17 80.11 65.62 34.92
C ASN A 17 79.76 67.09 34.69
N ASP A 18 80.65 67.80 33.98
CA ASP A 18 80.53 69.22 33.65
C ASP A 18 79.60 69.42 32.47
N ASP A 19 78.52 70.21 32.67
CA ASP A 19 77.53 70.54 31.63
C ASP A 19 78.15 71.43 30.56
N ASN A 20 79.01 72.37 30.99
CA ASN A 20 79.71 73.30 30.10
C ASN A 20 80.60 72.52 29.12
N LEU A 21 81.25 71.43 29.61
CA LEU A 21 82.07 70.52 28.81
C LEU A 21 81.19 69.72 27.86
N PHE A 22 80.02 69.27 28.36
CA PHE A 22 79.04 68.47 27.61
C PHE A 22 78.52 69.24 26.38
N GLU A 23 78.03 70.49 26.58
CA GLU A 23 77.49 71.31 25.50
C GLU A 23 78.53 71.71 24.48
N GLU A 24 79.78 71.99 24.95
CA GLU A 24 80.90 72.33 24.07
C GLU A 24 81.35 71.13 23.21
N THR A 25 81.16 69.89 23.73
CA THR A 25 81.48 68.65 23.01
C THR A 25 80.43 68.42 21.92
N PHE A 26 79.16 68.67 22.25
CA PHE A 26 78.01 68.56 21.36
C PHE A 26 78.22 69.49 20.16
N ASN A 27 78.52 70.79 20.42
CA ASN A 27 78.77 71.80 19.39
C ASN A 27 80.00 71.47 18.53
N PHE A 28 81.00 70.77 19.10
CA PHE A 28 82.23 70.33 18.43
C PHE A 28 81.92 69.32 17.33
N TYR A 29 81.17 68.27 17.64
CA TYR A 29 80.78 67.25 16.67
C TYR A 29 79.71 67.76 15.71
N THR A 30 78.89 68.75 16.16
CA THR A 30 77.84 69.41 15.36
C THR A 30 78.49 70.08 14.14
N LYS A 31 79.63 70.76 14.37
CA LYS A 31 80.43 71.43 13.34
C LYS A 31 81.12 70.40 12.43
N LEU A 32 81.37 69.18 12.95
CA LEU A 32 82.04 68.07 12.26
C LEU A 32 81.15 67.10 11.45
N GLY A 33 79.87 67.45 11.33
CA GLY A 33 78.95 66.64 10.52
C GLY A 33 77.98 65.77 11.27
N PHE A 34 77.90 65.93 12.60
CA PHE A 34 76.97 65.14 13.41
C PHE A 34 75.61 65.80 13.53
N HIS A 35 74.58 64.95 13.62
CA HIS A 35 73.18 65.33 13.70
C HIS A 35 72.59 64.68 14.92
N ALA A 36 71.93 65.46 15.78
CA ALA A 36 71.30 64.93 16.98
C ALA A 36 70.01 64.25 16.59
N THR A 37 69.98 62.91 16.71
CA THR A 37 68.82 62.08 16.36
C THR A 37 67.90 61.82 17.56
N ARG A 38 68.48 61.76 18.78
CA ARG A 38 67.70 61.57 20.01
C ARG A 38 68.23 62.43 21.17
N SER A 39 67.31 63.00 21.99
CA SER A 39 67.62 63.81 23.16
C SER A 39 66.85 63.41 24.43
N TYR A 40 67.50 63.58 25.62
CA TYR A 40 66.93 63.27 26.94
C TYR A 40 67.27 64.33 28.00
N VAL A 41 66.35 64.53 28.97
CA VAL A 41 66.46 65.44 30.14
C VAL A 41 65.59 64.91 31.34
N LYS A 42 65.94 65.31 32.60
CA LYS A 42 65.25 64.94 33.83
C LYS A 42 63.70 65.13 33.82
N ASN A 44 58.98 65.92 33.93
CA ASN A 44 58.34 65.30 32.76
C ASN A 44 58.47 63.77 32.69
N ARG A 45 57.33 63.07 32.66
CA ARG A 45 57.26 61.60 32.58
C ARG A 45 57.11 61.05 31.14
N SER A 46 56.86 61.93 30.15
CA SER A 46 56.67 61.59 28.74
C SER A 46 57.89 60.96 28.03
N ASP A 47 59.13 61.40 28.37
CA ASP A 47 60.41 60.93 27.79
C ASP A 47 60.55 59.39 27.79
N PHE A 48 60.99 58.82 26.66
CA PHE A 48 61.21 57.38 26.50
C PHE A 48 62.58 57.03 27.03
N GLU A 49 62.70 55.89 27.72
CA GLU A 49 63.98 55.44 28.30
C GLU A 49 64.46 54.13 27.68
N LEU A 50 65.65 54.18 27.06
CA LEU A 50 66.30 53.02 26.45
C LEU A 50 67.73 52.94 26.99
N THR A 51 68.32 54.12 27.26
CA THR A 51 69.63 54.30 27.86
C THR A 51 69.58 55.48 28.86
N GLY A 52 70.16 55.28 30.05
CA GLY A 52 70.24 56.24 31.13
C GLY A 52 71.11 55.86 32.31
N ILE A 53 71.93 54.79 32.15
CA ILE A 53 72.89 54.22 33.14
C ILE A 53 73.94 53.33 32.40
N SER A 54 75.29 53.46 32.69
CA SER A 54 75.95 54.36 33.66
C SER A 54 77.14 55.09 33.05
N ASP A 56 72.84 57.61 37.43
CA ASP A 56 72.17 57.76 36.13
C ASP A 56 72.66 59.00 35.35
N SER A 57 71.85 59.52 34.39
CA SER A 57 72.19 60.68 33.54
C SER A 57 71.10 61.74 33.58
N ILE A 58 71.48 63.04 33.71
CA ILE A 58 70.55 64.18 33.73
C ILE A 58 70.13 64.63 32.32
N LYS A 59 71.09 64.59 31.36
CA LYS A 59 70.89 64.91 29.95
C LYS A 59 71.67 63.91 29.11
N GLU A 60 71.16 63.63 27.87
CA GLU A 60 71.77 62.70 26.92
C GLU A 60 71.42 63.10 25.49
N ILE A 61 72.44 63.27 24.64
CA ILE A 61 72.25 63.62 23.23
C ILE A 61 72.90 62.54 22.37
N TRP A 62 72.10 61.92 21.48
CA TRP A 62 72.57 60.90 20.57
C TRP A 62 72.80 61.49 19.18
N LEU A 63 74.09 61.65 18.81
CA LEU A 63 74.50 62.21 17.53
C LEU A 63 74.82 61.09 16.52
N GLU A 64 74.49 61.32 15.24
CA GLU A 64 74.76 60.38 14.15
C GLU A 64 75.34 61.11 12.94
N SER A 65 76.48 60.59 12.44
CA SER A 65 77.12 61.03 11.20
C SER A 65 76.68 59.88 10.26
N PHE A 66 75.60 60.13 9.51
CA PHE A 66 74.93 59.16 8.63
C PHE A 66 75.83 58.48 7.61
N PRO A 67 75.57 57.17 7.30
CA PRO A 67 76.43 56.46 6.33
C PRO A 67 76.41 57.06 4.93
N LEU A 68 77.38 56.73 4.09
CA LEU A 68 77.41 57.26 2.73
C LEU A 68 76.73 56.32 1.73
N SER A 69 75.73 56.83 1.01
CA SER A 69 74.95 56.07 0.03
C SER A 69 75.13 56.66 -1.38
N GLU A 70 74.65 55.95 -2.44
CA GLU A 70 74.82 56.39 -3.83
C GLU A 70 73.92 57.52 -4.34
N VAL A 71 74.31 58.78 -4.10
CA VAL A 71 73.57 60.01 -4.48
C VAL A 71 72.88 60.05 -5.87
N VAL A 72 71.62 60.52 -5.87
CA VAL A 72 70.73 60.66 -7.02
C VAL A 72 70.90 62.06 -7.68
N GLU A 73 71.13 62.05 -9.00
CA GLU A 73 71.36 63.21 -9.88
C GLU A 73 70.31 64.34 -9.81
N ALA A 74 69.06 64.07 -10.27
CA ALA A 74 67.98 65.06 -10.31
C ALA A 74 67.33 65.29 -8.94
N GLY A 77 69.60 69.74 -14.96
CA GLY A 77 70.01 69.00 -13.76
C GLY A 77 70.00 69.90 -12.50
N ARG A 78 69.19 69.52 -11.49
CA ARG A 78 69.03 70.24 -10.22
C ARG A 78 70.18 69.95 -9.25
N GLU A 79 69.91 69.91 -7.93
CA GLU A 79 70.95 69.61 -6.95
C GLU A 79 70.81 68.20 -6.35
N LEU A 80 71.98 67.57 -6.12
CA LEU A 80 72.17 66.20 -5.63
C LEU A 80 71.54 65.86 -4.28
N ARG A 81 70.73 64.75 -4.26
CA ARG A 81 70.02 64.21 -3.09
C ARG A 81 70.34 62.71 -2.89
N LYS A 82 70.23 62.22 -1.64
CA LYS A 82 70.48 60.82 -1.25
C LYS A 82 69.57 59.82 -1.98
N PRO A 83 70.03 58.57 -2.29
CA PRO A 83 69.13 57.61 -2.95
C PRO A 83 68.25 56.91 -1.91
N LEU A 84 67.77 55.73 -2.23
CA LEU A 84 66.97 54.89 -1.36
C LEU A 84 67.72 53.57 -1.28
N GLN A 85 67.05 52.49 -0.91
CA GLN A 85 67.71 51.19 -0.96
C GLN A 85 67.12 50.44 -2.16
N GLU A 86 67.27 51.14 -3.29
CA GLU A 86 67.00 50.83 -4.67
C GLU A 86 68.37 50.98 -5.30
N SER A 87 69.35 51.32 -4.45
CA SER A 87 70.79 51.52 -4.68
C SER A 87 71.47 50.28 -5.31
N VAL A 88 72.71 50.47 -5.79
CA VAL A 88 73.55 49.51 -6.50
C VAL A 88 73.71 48.09 -5.94
N GLY A 89 74.36 47.98 -4.79
CA GLY A 89 74.61 46.67 -4.18
C GLY A 89 73.76 46.33 -2.99
N TYR A 90 72.58 46.98 -2.87
CA TYR A 90 71.69 46.71 -1.74
C TYR A 90 71.04 45.33 -1.84
N GLU A 91 71.36 44.49 -0.86
CA GLU A 91 70.81 43.14 -0.76
C GLU A 91 69.98 43.11 0.51
N SER A 92 68.66 43.01 0.37
CA SER A 92 67.71 42.99 1.47
C SER A 92 67.86 41.71 2.30
N GLU A 93 67.92 41.86 3.66
CA GLU A 93 68.05 40.73 4.59
C GLU A 93 66.73 40.46 5.36
N ALA A 94 66.76 39.57 6.38
CA ALA A 94 65.61 39.27 7.24
C ALA A 94 65.22 40.54 8.03
N LEU A 95 66.25 41.29 8.45
CA LEU A 95 66.10 42.59 9.08
C LEU A 95 66.40 43.59 7.97
N LEU A 96 67.37 44.47 8.15
CA LEU A 96 67.69 45.41 7.09
C LEU A 96 68.86 44.79 6.28
N GLY A 97 69.04 45.23 5.03
CA GLY A 97 70.05 44.65 4.13
C GLY A 97 71.51 45.09 4.15
N TYR A 98 72.16 45.01 2.94
CA TYR A 98 73.57 45.33 2.66
C TYR A 98 73.66 46.30 1.45
N PRO A 100 77.53 51.26 0.70
CA PRO A 100 77.05 51.98 1.91
C PRO A 100 78.04 52.03 3.07
N TYR A 101 78.78 53.13 3.15
CA TYR A 101 79.81 53.30 4.16
C TYR A 101 79.24 53.63 5.53
N GLN A 102 78.85 52.58 6.29
CA GLN A 102 78.30 52.66 7.65
C GLN A 102 79.01 53.65 8.59
N GLY A 104 78.57 56.23 11.42
CA GLY A 104 79.19 56.32 12.74
C GLY A 104 78.42 57.19 13.73
N GLY A 105 77.87 56.57 14.78
CA GLY A 105 77.09 57.22 15.83
C GLY A 105 77.83 57.30 17.15
N VAL A 106 77.75 58.45 17.85
CA VAL A 106 78.40 58.68 19.16
C VAL A 106 77.41 59.23 20.18
N VAL A 107 77.15 58.44 21.24
CA VAL A 107 76.20 58.76 22.32
C VAL A 107 76.90 59.64 23.40
N ILE A 108 76.41 60.88 23.60
CA ILE A 108 76.98 61.77 24.63
C ILE A 108 76.04 61.77 25.85
N LYS A 109 76.58 61.35 27.02
CA LYS A 109 75.87 61.21 28.30
C LYS A 109 76.34 62.23 29.37
N LEU A 110 75.39 62.81 30.14
CA LEU A 110 75.72 63.79 31.18
C LEU A 110 75.27 63.37 32.58
N ARG A 111 76.24 63.07 33.47
CA ARG A 111 76.01 62.66 34.86
C ARG A 111 75.69 63.89 35.74
N LEU A 112 75.20 63.65 36.98
CA LEU A 112 74.82 64.68 37.97
C LEU A 112 76.01 65.53 38.44
N SER A 113 75.78 66.40 39.45
CA SER A 113 76.78 67.28 40.09
C SER A 113 77.94 66.47 40.69
N ASN A 114 77.61 65.32 41.32
CA ASN A 114 78.54 64.37 41.93
C ASN A 114 78.65 63.10 41.07
N GLU A 118 80.50 58.30 42.54
CA GLU A 118 80.05 59.54 41.92
C GLU A 118 80.28 59.54 40.41
N LYS A 119 81.57 59.41 39.97
CA LYS A 119 82.03 59.35 38.57
C LYS A 119 83.51 58.97 38.47
N ASN A 120 83.83 58.02 37.57
CA ASN A 120 85.20 57.53 37.33
C ASN A 120 86.05 58.51 36.52
N ASN A 121 87.37 58.35 36.60
CA ASN A 121 88.31 59.17 35.86
C ASN A 121 88.47 58.61 34.45
N ASP A 122 88.77 59.47 33.46
CA ASP A 122 88.94 59.06 32.06
C ASP A 122 90.20 58.22 31.85
N LEU A 123 90.03 57.03 31.23
CA LEU A 123 91.11 56.06 30.93
C LEU A 123 91.72 56.33 29.54
N PRO A 124 92.82 55.62 29.22
CA PRO A 124 93.75 56.13 28.20
C PRO A 124 93.37 55.77 26.77
N GLY A 125 92.53 54.75 26.59
CA GLY A 125 92.04 54.25 25.31
C GLY A 125 91.43 55.25 24.36
N GLU A 126 91.42 54.94 23.04
CA GLU A 126 90.91 55.79 21.95
C GLU A 126 90.19 55.01 20.84
N VAL A 127 89.38 55.71 20.01
CA VAL A 127 88.64 55.15 18.88
C VAL A 127 89.16 55.76 17.58
N THR A 128 89.29 54.93 16.52
CA THR A 128 89.73 55.39 15.20
C THR A 128 88.59 55.23 14.22
N PHE A 129 88.14 56.36 13.64
CA PHE A 129 87.03 56.41 12.69
C PHE A 129 87.53 56.53 11.27
N PHE A 130 86.74 56.05 10.30
CA PHE A 130 87.07 56.11 8.88
C PHE A 130 86.51 57.37 8.21
N THR A 131 87.34 58.01 7.36
CA THR A 131 86.99 59.17 6.55
C THR A 131 87.56 59.10 5.13
N ALA A 132 86.66 59.28 4.14
CA ALA A 132 86.99 59.28 2.71
C ALA A 132 87.31 60.71 2.25
N SER A 133 87.49 61.64 3.22
CA SER A 133 87.80 63.05 3.02
C SER A 133 88.83 63.55 4.07
N ILE A 134 89.94 62.79 4.25
CA ILE A 134 91.03 63.06 5.21
C ILE A 134 91.51 64.51 5.30
N ASP A 135 91.64 65.18 4.13
CA ASP A 135 92.10 66.58 4.04
C ASP A 135 90.96 67.55 4.35
N LYS A 136 89.71 67.22 3.93
CA LYS A 136 88.51 68.02 4.20
C LYS A 136 88.23 68.08 5.71
N LEU A 137 88.47 66.96 6.43
CA LEU A 137 88.32 66.85 7.88
C LEU A 137 89.44 67.63 8.59
N LYS A 138 90.69 67.49 8.08
CA LYS A 138 91.90 68.16 8.56
C LYS A 138 91.65 69.70 8.53
N ALA A 139 91.05 70.19 7.41
CA ALA A 139 90.71 71.59 7.19
C ALA A 139 89.65 72.15 8.16
N LYS A 140 88.63 71.34 8.53
CA LYS A 140 87.58 71.74 9.50
C LYS A 140 88.19 71.81 10.89
N LEU A 141 89.10 70.86 11.18
CA LEU A 141 89.79 70.79 12.47
C LEU A 141 90.70 72.00 12.66
N ILE A 142 91.45 72.42 11.60
CA ILE A 142 92.25 73.65 11.67
C ILE A 142 91.31 74.88 11.77
N GLU A 143 90.11 74.79 11.13
CA GLU A 143 89.08 75.83 11.18
C GLU A 143 88.39 75.87 12.55
N ILE A 144 88.50 74.77 13.33
CA ILE A 144 87.90 74.65 14.65
C ILE A 144 88.95 74.46 15.78
N GLY A 145 89.32 73.21 16.07
CA GLY A 145 90.24 72.83 17.15
C GLY A 145 91.68 72.52 16.79
N ALA A 146 92.20 71.39 17.35
CA ALA A 146 93.59 70.94 17.22
C ALA A 146 93.79 69.67 16.39
N GLU A 147 95.00 69.51 15.79
CA GLU A 147 95.38 68.37 14.95
C GLU A 147 96.65 67.65 15.43
N ILE A 148 96.47 66.60 16.26
CA ILE A 148 97.53 65.75 16.82
C ILE A 148 98.20 64.93 15.71
N ILE A 149 99.51 64.72 15.83
CA ILE A 149 100.35 63.98 14.89
C ILE A 149 100.16 62.46 15.07
N PRO A 150 100.23 61.62 13.99
CA PRO A 150 99.95 60.18 14.15
C PRO A 150 101.12 59.24 14.48
N SER A 151 100.75 58.03 14.93
CA SER A 151 101.60 56.87 15.24
C SER A 151 100.84 55.60 14.77
N LYS A 152 101.58 54.63 14.20
CA LYS A 152 101.08 53.35 13.65
C LYS A 152 100.32 53.50 12.32
N LEU A 155 97.59 52.43 10.97
CA LEU A 155 96.76 52.96 9.89
C LEU A 155 96.38 54.44 10.09
N VAL A 156 96.39 54.93 11.36
CA VAL A 156 96.04 56.30 11.79
C VAL A 156 96.74 57.42 11.01
N GLU A 157 95.93 58.29 10.36
CA GLU A 157 96.38 59.43 9.54
C GLU A 157 96.78 60.62 10.39
N PHE A 158 95.99 60.88 11.45
CA PHE A 158 96.19 61.92 12.47
C PHE A 158 95.26 61.68 13.65
N SER A 159 95.23 62.60 14.61
CA SER A 159 94.39 62.52 15.79
C SER A 159 93.91 63.92 16.19
N THR A 160 92.90 64.00 17.08
CA THR A 160 92.33 65.26 17.58
C THR A 160 91.80 65.12 19.00
N ARG A 161 91.33 66.24 19.60
CA ARG A 161 90.81 66.25 20.96
C ARG A 161 89.73 67.30 21.24
N ASP A 162 89.04 67.06 22.36
CA ASP A 162 88.02 67.84 23.07
C ASP A 162 88.20 67.28 24.53
N PRO A 163 87.28 67.24 25.55
CA PRO A 163 87.66 66.51 26.79
C PRO A 163 88.05 65.06 26.45
N MET A 164 87.69 64.61 25.22
CA MET A 164 87.91 63.31 24.58
C MET A 164 88.88 63.33 23.38
N GLY A 165 89.91 62.49 23.45
CA GLY A 165 90.91 62.33 22.39
C GLY A 165 90.51 61.23 21.41
N ASP A 166 90.51 61.56 20.10
CA ASP A 166 90.11 60.61 19.06
C ASP A 166 91.05 60.53 17.87
N VAL A 167 91.14 59.33 17.27
CA VAL A 167 92.00 59.04 16.11
C VAL A 167 91.16 58.93 14.82
N ILE A 168 91.80 59.07 13.64
CA ILE A 168 91.16 59.06 12.32
C ILE A 168 92.04 58.31 11.26
N SER A 169 91.42 57.48 10.37
CA SER A 169 92.11 56.73 9.28
C SER A 169 91.15 56.27 8.17
N PHE A 170 91.42 55.08 7.56
CA PHE A 170 90.60 54.42 6.53
C PHE A 170 90.08 53.08 7.13
N SER A 171 88.86 52.61 6.74
CA SER A 171 88.21 51.38 7.25
C SER A 171 88.95 50.06 6.95
N SER A 172 88.32 48.88 7.21
CA SER A 172 88.93 47.55 6.96
C SER A 172 89.21 47.23 5.46
N TYR A 173 88.60 48.01 4.55
CA TYR A 173 88.75 47.95 3.10
C TYR A 173 90.13 48.55 2.66
N PRO A 174 90.57 48.47 1.38
CA PRO A 174 91.89 49.02 1.05
C PRO A 174 92.08 50.54 1.07
N SER A 175 91.13 51.33 0.53
CA SER A 175 91.29 52.79 0.42
C SER A 175 90.09 53.68 0.76
N LEU A 176 90.36 54.99 0.89
CA LEU A 176 89.38 56.04 1.21
C LEU A 176 89.23 57.02 0.04
N SER A 178 86.27 59.42 -2.56
CA SER A 178 85.04 59.33 -1.78
C SER A 178 83.79 58.86 -2.61
N LYS A 179 83.98 57.88 -3.53
CA LYS A 179 82.97 57.31 -4.43
C LYS A 179 81.76 56.72 -3.69
N LYS A 180 80.79 57.62 -3.42
CA LYS A 180 79.48 57.41 -2.79
C LYS A 180 78.59 56.76 -3.82
N ILE A 181 78.64 57.27 -5.09
CA ILE A 181 77.93 56.79 -6.28
C ILE A 181 78.74 55.63 -6.90
N THR A 182 78.25 54.37 -6.75
CA THR A 182 78.96 53.18 -7.21
C THR A 182 78.70 52.73 -8.63
N SER A 183 79.65 51.97 -9.20
CA SER A 183 79.60 51.43 -10.58
C SER A 183 78.68 50.20 -10.68
N PRO A 184 77.54 50.28 -11.42
CA PRO A 184 76.62 49.12 -11.51
C PRO A 184 77.20 47.92 -12.26
N ASP A 185 77.01 46.73 -11.69
CA ASP A 185 77.53 45.45 -12.17
C ASP A 185 77.09 45.00 -13.56
N PHE A 186 77.88 44.07 -14.16
CA PHE A 186 77.67 43.49 -15.49
C PHE A 186 77.14 42.07 -15.36
N GLU A 208 70.11 22.82 -24.78
CA GLU A 208 68.85 23.07 -24.07
C GLU A 208 68.03 21.77 -23.98
N GLY A 209 67.81 21.30 -22.76
CA GLY A 209 67.09 20.04 -22.49
C GLY A 209 65.61 20.02 -22.84
N LYS A 210 64.85 21.05 -22.40
CA LYS A 210 63.41 21.14 -22.59
C LYS A 210 62.93 21.66 -23.97
N LYS A 211 61.59 21.72 -24.16
CA LYS A 211 60.91 22.21 -25.35
C LYS A 211 60.55 23.69 -25.14
N LYS A 212 60.92 24.55 -26.10
CA LYS A 212 60.64 25.99 -26.00
C LYS A 212 59.38 26.38 -26.78
N ILE A 213 58.27 26.59 -26.09
CA ILE A 213 57.02 26.99 -26.73
C ILE A 213 56.86 28.53 -26.66
N ALA A 214 56.65 29.19 -27.82
CA ALA A 214 56.44 30.64 -27.86
C ALA A 214 54.96 30.99 -27.96
N ILE A 215 54.52 31.97 -27.16
CA ILE A 215 53.14 32.42 -27.14
C ILE A 215 53.07 33.87 -27.61
N ILE A 216 52.21 34.14 -28.60
CA ILE A 216 52.01 35.49 -29.12
C ILE A 216 50.52 35.89 -29.08
N THR A 217 50.24 37.12 -28.62
CA THR A 217 48.89 37.70 -28.68
C THR A 217 48.98 38.82 -29.71
N SER A 218 48.34 38.61 -30.88
CA SER A 218 48.34 39.52 -32.02
C SER A 218 46.93 39.94 -32.32
N GLY A 219 46.79 41.06 -33.02
CA GLY A 219 45.49 41.57 -33.41
C GLY A 219 44.85 42.43 -32.35
N GLY A 220 43.58 42.75 -32.54
CA GLY A 220 42.82 43.60 -31.62
C GLY A 220 42.63 42.92 -30.29
N ASP A 221 42.53 43.70 -29.20
CA ASP A 221 42.31 43.18 -27.84
C ASP A 221 41.01 42.37 -27.78
N ALA A 222 41.00 41.36 -26.92
CA ALA A 222 39.85 40.49 -26.69
C ALA A 222 39.99 39.99 -25.25
N PRO A 223 39.00 40.30 -24.37
CA PRO A 223 39.10 39.88 -22.96
C PRO A 223 39.08 38.34 -22.84
N GLY A 224 40.18 37.80 -22.31
CA GLY A 224 40.41 36.37 -22.20
C GLY A 224 41.79 36.01 -22.71
N MET A 225 42.43 36.93 -23.46
CA MET A 225 43.79 36.75 -23.96
C MET A 225 44.74 36.45 -22.81
N ASN A 226 44.61 37.17 -21.68
CA ASN A 226 45.43 36.93 -20.47
C ASN A 226 45.17 35.54 -19.86
N ALA A 227 43.89 35.12 -19.77
CA ALA A 227 43.52 33.78 -19.31
C ALA A 227 44.16 32.72 -20.21
N ALA A 228 44.18 32.98 -21.54
CA ALA A 228 44.79 32.09 -22.52
C ALA A 228 46.32 31.99 -22.30
N VAL A 229 46.99 33.14 -22.08
CA VAL A 229 48.43 33.22 -21.84
C VAL A 229 48.80 32.44 -20.54
N ARG A 230 47.97 32.61 -19.46
CA ARG A 230 48.15 31.93 -18.18
C ARG A 230 48.01 30.41 -18.31
N ALA A 231 47.03 29.93 -19.09
CA ALA A 231 46.78 28.52 -19.36
C ALA A 231 47.90 27.92 -20.23
N VAL A 232 48.36 28.68 -21.26
CA VAL A 232 49.45 28.21 -22.14
C VAL A 232 50.75 28.07 -21.32
N THR A 233 51.13 29.12 -20.59
CA THR A 233 52.32 29.14 -19.76
C THR A 233 52.34 28.00 -18.74
N ARG A 234 51.39 28.00 -17.80
CA ARG A 234 51.30 27.03 -16.71
C ARG A 234 51.18 25.56 -17.17
N ALA A 235 50.41 25.30 -18.26
CA ALA A 235 50.31 23.95 -18.85
C ALA A 235 51.65 23.52 -19.45
N GLY A 236 52.32 24.44 -20.15
CA GLY A 236 53.61 24.23 -20.75
C GLY A 236 54.67 23.81 -19.73
N ILE A 237 54.70 24.52 -18.61
CA ILE A 237 55.63 24.26 -17.50
C ILE A 237 55.36 22.85 -16.93
N PHE A 238 54.07 22.55 -16.61
CA PHE A 238 53.58 21.28 -16.08
C PHE A 238 53.99 20.10 -16.96
N TYR A 239 53.89 20.27 -18.29
CA TYR A 239 54.25 19.22 -19.22
C TYR A 239 55.77 19.14 -19.49
N GLY A 240 56.54 19.94 -18.75
CA GLY A 240 58.00 19.99 -18.82
C GLY A 240 58.60 20.78 -19.96
N CYS A 241 58.01 21.94 -20.27
CA CYS A 241 58.51 22.83 -21.31
C CYS A 241 58.91 24.13 -20.66
N LYS A 242 59.58 24.99 -21.45
CA LYS A 242 59.94 26.34 -21.05
C LYS A 242 59.11 27.26 -21.96
N VAL A 243 58.23 28.11 -21.36
CA VAL A 243 57.34 28.97 -22.13
C VAL A 243 57.97 30.35 -22.32
N TYR A 244 58.13 30.78 -23.59
CA TYR A 244 58.71 32.09 -23.93
C TYR A 244 57.66 33.02 -24.49
N ALA A 245 57.57 34.21 -23.91
CA ALA A 245 56.65 35.25 -24.38
C ALA A 245 57.32 36.01 -25.52
N CYS A 246 56.55 36.28 -26.57
CA CYS A 246 56.99 37.07 -27.71
C CYS A 246 56.15 38.32 -27.66
N TYR A 247 56.74 39.41 -27.14
CA TYR A 247 56.09 40.70 -26.89
C TYR A 247 55.68 41.49 -28.13
N GLU A 248 54.56 42.24 -28.03
CA GLU A 248 53.97 43.07 -29.09
C GLU A 248 53.77 42.34 -30.42
N GLY A 249 52.88 41.33 -30.38
CA GLY A 249 52.51 40.48 -31.52
C GLY A 249 53.65 39.97 -32.39
N TYR A 250 53.45 40.02 -33.72
CA TYR A 250 54.48 39.58 -34.67
C TYR A 250 55.73 40.44 -34.70
N THR A 251 55.62 41.73 -34.29
CA THR A 251 56.75 42.69 -34.25
C THR A 251 57.88 42.17 -33.38
N GLY A 252 57.52 41.61 -32.23
CA GLY A 252 58.47 41.00 -31.31
C GLY A 252 59.09 39.73 -31.85
N LEU A 253 58.36 39.02 -32.75
CA LEU A 253 58.86 37.80 -33.42
C LEU A 253 59.82 38.19 -34.55
N VAL A 254 59.56 39.35 -35.20
CA VAL A 254 60.41 39.84 -36.28
C VAL A 254 61.69 40.47 -35.71
N LYS A 255 61.58 41.33 -34.66
CA LYS A 255 62.74 41.94 -34.00
C LYS A 255 63.21 41.17 -32.77
N GLY A 256 62.88 39.86 -32.79
CA GLY A 256 63.14 38.89 -31.74
C GLY A 256 64.54 38.85 -31.16
N GLY A 257 64.69 39.47 -30.00
CA GLY A 257 65.93 39.52 -29.26
C GLY A 257 65.59 39.57 -27.80
N ASP A 258 65.45 40.80 -27.30
CA ASP A 258 65.03 41.09 -25.93
C ASP A 258 63.49 41.00 -25.92
N MET A 259 62.88 40.91 -27.13
CA MET A 259 61.44 40.80 -27.38
C MET A 259 60.94 39.38 -27.08
N LEU A 260 61.88 38.40 -26.99
CA LEU A 260 61.63 37.02 -26.65
C LEU A 260 62.14 36.81 -25.23
N LYS A 261 61.23 36.76 -24.25
CA LYS A 261 61.57 36.57 -22.84
C LYS A 261 60.78 35.40 -22.25
N GLU A 262 61.41 34.60 -21.36
CA GLU A 262 60.73 33.46 -20.72
C GLU A 262 59.68 33.90 -19.72
N LEU A 263 58.65 33.06 -19.55
CA LEU A 263 57.58 33.28 -18.58
C LEU A 263 57.64 32.17 -17.52
N GLN A 264 57.55 32.57 -16.25
CA GLN A 264 57.58 31.68 -15.07
C GLN A 264 56.13 31.42 -14.55
N TRP A 265 55.94 30.31 -13.87
CA TRP A 265 54.65 29.92 -13.29
C TRP A 265 53.98 31.04 -12.47
N GLN A 266 54.79 31.91 -11.83
CA GLN A 266 54.36 33.04 -11.01
C GLN A 266 54.05 34.32 -11.84
N ASP A 267 54.64 34.43 -13.05
CA ASP A 267 54.47 35.57 -13.94
C ASP A 267 53.03 35.73 -14.41
N VAL A 268 52.32 34.62 -14.57
CA VAL A 268 50.94 34.60 -15.03
C VAL A 268 49.90 34.57 -13.88
N ARG A 269 50.31 34.97 -12.65
CA ARG A 269 49.42 35.07 -11.50
C ARG A 269 48.27 36.04 -11.81
N GLY A 270 47.06 35.68 -11.39
CA GLY A 270 45.82 36.45 -11.49
C GLY A 270 45.37 36.95 -12.85
N LEU A 271 45.92 36.40 -13.94
CA LEU A 271 45.59 36.80 -15.31
C LEU A 271 44.17 36.44 -15.74
N LEU A 272 43.50 35.55 -15.01
CA LEU A 272 42.14 35.16 -15.38
C LEU A 272 41.06 36.21 -15.12
N SER A 273 41.43 37.28 -14.38
CA SER A 273 40.55 38.42 -14.06
C SER A 273 41.11 39.74 -14.64
N ILE A 274 42.08 39.65 -15.58
CA ILE A 274 42.73 40.82 -16.18
C ILE A 274 42.21 41.23 -17.57
N GLY A 275 42.91 40.86 -18.64
CA GLY A 275 42.59 41.31 -20.00
C GLY A 275 43.00 42.77 -20.23
N GLY A 276 43.50 43.18 -21.40
CA GLY A 276 43.69 42.37 -22.60
C GLY A 276 44.86 41.41 -22.51
N THR A 277 46.07 41.87 -22.86
CA THR A 277 47.26 41.00 -22.84
C THR A 277 48.47 41.62 -22.19
N ILE A 278 49.18 40.83 -21.38
CA ILE A 278 50.40 41.28 -20.67
C ILE A 278 51.65 41.18 -21.56
N ILE A 279 51.54 40.36 -22.61
CA ILE A 279 52.54 40.11 -23.63
C ILE A 279 52.50 41.31 -24.61
N GLY A 280 51.33 41.95 -24.68
CA GLY A 280 51.10 43.09 -25.56
C GLY A 280 50.78 42.63 -26.95
N THR A 281 50.00 43.44 -27.66
CA THR A 281 49.59 43.18 -29.04
C THR A 281 50.09 44.22 -30.06
N ALA A 282 50.05 43.85 -31.35
CA ALA A 282 50.50 44.68 -32.46
C ALA A 282 49.83 44.26 -33.75
N ARG A 283 49.62 45.25 -34.65
CA ARG A 283 49.03 45.06 -35.97
C ARG A 283 49.99 44.31 -36.93
N CYS A 284 49.42 43.39 -37.75
CA CYS A 284 50.14 42.59 -38.75
C CYS A 284 50.61 43.59 -39.83
N LYS A 285 51.94 43.92 -39.87
CA LYS A 285 52.41 44.92 -40.82
C LYS A 285 53.69 44.55 -41.55
N GLU A 286 54.74 44.21 -40.80
CA GLU A 286 56.04 43.81 -41.37
C GLU A 286 56.01 42.31 -41.69
N PHE A 287 55.08 41.57 -41.03
CA PHE A 287 54.81 40.13 -41.21
C PHE A 287 53.92 39.90 -42.44
N ARG A 288 53.59 40.99 -43.17
CA ARG A 288 52.83 40.98 -44.42
C ARG A 288 53.83 40.81 -45.58
N GLU A 289 55.14 41.08 -45.31
CA GLU A 289 56.26 40.95 -46.24
C GLU A 289 57.09 39.70 -45.94
N ARG A 290 57.54 38.97 -47.01
CA ARG A 290 58.33 37.74 -46.92
C ARG A 290 59.62 37.86 -46.13
N TRP A 291 60.36 38.98 -46.32
CA TRP A 291 61.64 39.23 -45.62
C TRP A 291 61.44 39.42 -44.14
N GLY A 292 60.21 39.78 -43.76
CA GLY A 292 59.78 39.96 -42.37
C GLY A 292 59.52 38.60 -41.74
N ARG A 293 58.85 37.71 -42.51
CA ARG A 293 58.54 36.34 -42.09
C ARG A 293 59.80 35.50 -42.00
N LEU A 294 60.79 35.80 -42.90
CA LEU A 294 62.11 35.14 -42.95
C LEU A 294 62.86 35.43 -41.66
N GLN A 295 62.87 36.71 -41.24
CA GLN A 295 63.51 37.16 -40.00
C GLN A 295 62.83 36.54 -38.76
N ALA A 296 61.49 36.45 -38.77
CA ALA A 296 60.68 35.83 -37.71
C ALA A 296 61.07 34.37 -37.56
N CYS A 297 61.36 33.74 -38.71
CA CYS A 297 61.81 32.35 -38.74
C CYS A 297 63.20 32.21 -38.12
N TYR A 298 64.16 33.04 -38.58
CA TYR A 298 65.53 33.03 -38.05
C TYR A 298 65.54 33.09 -36.53
N ASN A 299 64.85 34.09 -35.96
CA ASN A 299 64.73 34.32 -34.54
C ASN A 299 64.24 33.07 -33.79
N MET A 300 63.28 32.33 -34.37
CA MET A 300 62.77 31.11 -33.74
C MET A 300 63.85 30.04 -33.68
N VAL A 301 64.49 29.75 -34.83
CA VAL A 301 65.58 28.77 -34.94
C VAL A 301 66.74 29.13 -34.01
N SER A 302 67.22 30.41 -34.08
CA SER A 302 68.32 30.95 -33.27
C SER A 302 68.07 30.85 -31.78
N ASN A 303 66.86 31.22 -31.33
CA ASN A 303 66.48 31.16 -29.93
C ASN A 303 65.98 29.75 -29.49
N GLY A 304 66.12 28.79 -30.39
CA GLY A 304 65.74 27.40 -30.16
C GLY A 304 64.26 27.18 -29.94
N ILE A 305 63.43 28.07 -30.49
CA ILE A 305 61.98 28.00 -30.39
C ILE A 305 61.51 26.96 -31.41
N ASP A 306 60.86 25.91 -30.89
CA ASP A 306 60.38 24.77 -31.68
C ASP A 306 58.86 24.78 -31.89
N ALA A 307 58.14 25.61 -31.11
CA ALA A 307 56.70 25.70 -31.18
C ALA A 307 56.22 27.12 -31.03
N LEU A 308 55.13 27.44 -31.75
CA LEU A 308 54.50 28.76 -31.70
C LEU A 308 53.01 28.65 -31.46
N VAL A 309 52.51 29.48 -30.54
CA VAL A 309 51.08 29.57 -30.23
C VAL A 309 50.65 31.00 -30.48
N VAL A 310 49.78 31.16 -31.49
CA VAL A 310 49.26 32.45 -31.95
C VAL A 310 47.82 32.62 -31.43
N CYS A 311 47.60 33.60 -30.52
CA CYS A 311 46.27 33.89 -30.03
C CYS A 311 45.86 35.20 -30.65
N GLY A 312 45.02 35.14 -31.67
CA GLY A 312 44.57 36.33 -32.37
C GLY A 312 43.32 36.15 -33.19
N GLY A 313 42.96 37.21 -33.91
CA GLY A 313 41.80 37.25 -34.79
C GLY A 313 42.13 36.71 -36.16
N ASP A 314 41.20 36.94 -37.12
CA ASP A 314 41.25 36.51 -38.52
C ASP A 314 42.58 36.82 -39.20
N GLY A 315 43.00 38.10 -39.10
CA GLY A 315 44.23 38.61 -39.66
C GLY A 315 45.48 37.95 -39.10
N SER A 316 45.51 37.72 -37.79
CA SER A 316 46.64 37.10 -37.12
C SER A 316 46.79 35.65 -37.51
N LEU A 317 45.64 34.96 -37.72
CA LEU A 317 45.61 33.54 -38.08
C LEU A 317 45.90 33.30 -39.55
N THR A 318 45.53 34.28 -40.40
CA THR A 318 45.82 34.27 -41.83
C THR A 318 47.36 34.35 -41.97
N GLY A 319 47.98 35.14 -41.11
CA GLY A 319 49.43 35.30 -41.03
C GLY A 319 50.13 34.04 -40.55
N ALA A 320 49.57 33.41 -39.48
CA ALA A 320 50.10 32.19 -38.90
C ALA A 320 50.06 31.05 -39.95
N ASP A 321 48.94 30.99 -40.70
CA ASP A 321 48.71 30.04 -41.79
C ASP A 321 49.71 30.27 -42.93
N LEU A 322 49.99 31.54 -43.28
CA LEU A 322 50.95 31.86 -44.34
C LEU A 322 52.40 31.56 -43.91
N PHE A 323 52.71 31.72 -42.61
CA PHE A 323 54.01 31.44 -42.02
C PHE A 323 54.26 29.94 -42.06
N ARG A 324 53.21 29.12 -41.78
CA ARG A 324 53.39 27.67 -41.85
C ARG A 324 53.55 27.14 -43.26
N LYS A 325 52.84 27.76 -44.23
CA LYS A 325 52.96 27.41 -45.65
C LYS A 325 54.37 27.75 -46.17
N GLU A 326 54.91 28.92 -45.78
CA GLU A 326 56.23 29.41 -46.19
C GLU A 326 57.44 28.94 -45.34
N TRP A 327 57.16 28.19 -44.24
CA TRP A 327 58.21 27.65 -43.36
C TRP A 327 59.14 26.62 -44.07
N PRO A 328 58.66 25.61 -44.85
CA PRO A 328 59.58 24.68 -45.49
C PRO A 328 60.65 25.37 -46.33
N GLU A 329 60.52 26.71 -46.51
CA GLU A 329 61.49 27.54 -47.22
C GLU A 329 62.45 28.19 -46.19
N LEU A 330 63.62 27.51 -46.06
CA LEU A 330 64.73 27.86 -45.19
C LEU A 330 66.00 28.03 -46.06
N ILE A 331 66.40 29.31 -46.17
CA ILE A 331 67.57 29.77 -46.87
C ILE A 331 68.81 29.53 -45.97
N LYS A 332 69.92 29.10 -46.59
CA LYS A 332 71.17 28.78 -45.90
C LYS A 332 72.43 29.57 -46.35
N GLU A 333 73.22 30.01 -45.35
CA GLU A 333 74.43 30.83 -45.44
C GLU A 333 75.70 30.01 -45.16
N LYS A 342 73.71 23.56 -40.96
CA LYS A 342 73.69 23.63 -39.50
C LYS A 342 72.66 22.65 -38.96
N GLU A 343 73.00 21.98 -37.83
CA GLU A 343 72.13 21.02 -37.09
C GLU A 343 70.78 21.66 -36.78
N GLN A 344 70.78 23.00 -36.68
CA GLN A 344 69.63 23.88 -36.45
C GLN A 344 68.54 23.55 -37.48
N TYR A 345 68.94 23.32 -38.79
CA TYR A 345 68.03 22.99 -39.87
C TYR A 345 67.24 21.72 -39.63
N GLU A 346 67.90 20.59 -39.34
CA GLU A 346 67.25 19.31 -39.11
C GLU A 346 66.41 19.34 -37.85
N THR A 347 66.88 20.08 -36.82
CA THR A 347 66.20 20.23 -35.56
C THR A 347 64.89 20.99 -35.82
N HIS A 348 64.99 22.27 -36.24
CA HIS A 348 63.83 23.14 -36.49
C HIS A 348 63.33 23.15 -37.95
N ARG A 349 63.23 21.94 -38.56
CA ARG A 349 62.77 21.72 -39.95
C ARG A 349 61.26 21.69 -40.05
N ASN A 350 60.59 21.20 -38.98
CA ASN A 350 59.14 21.05 -38.94
C ASN A 350 58.52 21.99 -37.92
N LEU A 351 57.83 23.03 -38.43
CA LEU A 351 57.18 24.02 -37.60
C LEU A 351 56.01 23.41 -36.87
N THR A 352 55.94 23.65 -35.57
CA THR A 352 54.81 23.22 -34.76
C THR A 352 54.06 24.51 -34.44
N ILE A 353 52.91 24.73 -35.09
CA ILE A 353 52.14 25.94 -34.89
C ILE A 353 50.67 25.67 -34.53
N VAL A 354 50.19 26.25 -33.44
CA VAL A 354 48.81 26.09 -32.99
C VAL A 354 48.16 27.48 -32.92
N GLY A 355 46.87 27.54 -33.27
CA GLY A 355 46.14 28.80 -33.21
C GLY A 355 44.97 28.87 -32.25
N LEU A 356 44.88 29.96 -31.47
CA LEU A 356 43.76 30.22 -30.57
C LEU A 356 43.02 31.43 -31.12
N VAL A 357 41.68 31.41 -31.11
CA VAL A 357 40.98 32.57 -31.65
C VAL A 357 40.63 33.58 -30.58
N GLY A 358 41.45 34.62 -30.50
CA GLY A 358 41.23 35.76 -29.62
C GLY A 358 40.58 36.84 -30.46
N SER A 359 39.24 36.89 -30.45
CA SER A 359 38.47 37.83 -31.28
C SER A 359 37.10 38.21 -30.72
N ILE A 360 36.83 39.52 -30.56
CA ILE A 360 35.53 40.02 -30.10
C ILE A 360 34.45 39.85 -31.20
N ASP A 361 34.89 39.85 -32.47
CA ASP A 361 34.14 39.73 -33.73
C ASP A 361 33.17 38.54 -33.78
N ASN A 362 33.71 37.35 -33.47
CA ASN A 362 33.18 36.00 -33.58
C ASN A 362 33.05 35.59 -35.07
N ASP A 363 34.00 36.11 -35.89
CA ASP A 363 34.03 35.87 -37.33
C ASP A 363 34.57 34.50 -37.74
N MET A 364 35.67 34.03 -37.07
CA MET A 364 36.31 32.74 -37.39
C MET A 364 35.37 31.54 -37.52
N CYS A 365 35.56 30.81 -38.64
CA CYS A 365 34.85 29.58 -39.01
C CYS A 365 35.36 28.38 -38.23
N GLY A 366 34.47 27.41 -38.06
CA GLY A 366 34.80 26.15 -37.38
C GLY A 366 34.62 26.16 -35.89
N THR A 367 34.49 27.35 -35.31
CA THR A 367 34.31 27.51 -33.88
C THR A 367 32.99 28.20 -33.62
N ASP A 368 32.25 27.71 -32.62
CA ASP A 368 30.95 28.26 -32.30
C ASP A 368 31.07 29.62 -31.67
N SER A 369 32.20 29.87 -30.98
CA SER A 369 32.51 31.14 -30.30
C SER A 369 34.02 31.34 -30.14
N THR A 370 34.46 32.58 -30.27
CA THR A 370 35.87 32.97 -30.15
C THR A 370 36.13 33.64 -28.79
N ILE A 371 37.38 33.58 -28.30
CA ILE A 371 37.74 34.19 -27.02
C ILE A 371 37.59 35.71 -27.10
N GLY A 372 36.72 36.26 -26.24
CA GLY A 372 36.46 37.69 -26.16
C GLY A 372 35.07 38.09 -26.64
N ALA A 373 34.47 37.28 -27.54
CA ALA A 373 33.14 37.53 -28.12
C ALA A 373 32.02 37.74 -27.08
N TYR A 374 31.83 36.81 -26.15
CA TYR A 374 30.79 36.99 -25.13
C TYR A 374 31.08 38.15 -24.19
N SER A 375 32.37 38.39 -23.84
CA SER A 375 32.78 39.49 -22.96
C SER A 375 32.45 40.80 -23.61
N SER A 376 32.74 40.93 -24.93
CA SER A 376 32.47 42.15 -25.71
C SER A 376 30.97 42.39 -25.73
N LEU A 377 30.19 41.30 -25.92
CA LEU A 377 28.72 41.30 -25.93
C LEU A 377 28.19 41.82 -24.59
N GLU A 378 28.84 41.42 -23.50
CA GLU A 378 28.52 41.85 -22.15
C GLU A 378 28.68 43.34 -22.02
N ARG A 379 29.76 43.92 -22.59
CA ARG A 379 30.03 45.38 -22.55
C ARG A 379 28.91 46.17 -23.22
N ILE A 380 28.41 45.68 -24.39
CA ILE A 380 27.31 46.28 -25.16
C ILE A 380 26.08 46.30 -24.26
N ILE A 381 25.70 45.12 -23.73
CA ILE A 381 24.56 44.90 -22.84
C ILE A 381 24.65 45.80 -21.62
N GLU A 382 25.85 45.93 -21.02
CA GLU A 382 26.13 46.80 -19.87
C GLU A 382 25.61 48.22 -20.16
N LEU A 383 25.94 48.74 -21.35
CA LEU A 383 25.57 50.09 -21.77
C LEU A 383 24.09 50.24 -22.12
N VAL A 384 23.55 49.34 -22.97
CA VAL A 384 22.14 49.38 -23.35
C VAL A 384 21.24 49.18 -22.12
N ASP A 385 21.75 48.48 -21.08
CA ASP A 385 21.01 48.28 -19.85
C ASP A 385 20.78 49.59 -19.13
N TYR A 386 21.76 50.54 -19.19
CA TYR A 386 21.60 51.88 -18.60
C TYR A 386 20.56 52.62 -19.37
N ILE A 387 20.66 52.66 -20.71
CA ILE A 387 19.71 53.30 -21.60
C ILE A 387 18.27 52.84 -21.24
N ASP A 388 18.07 51.51 -21.09
CA ASP A 388 16.77 50.92 -20.77
C ASP A 388 16.33 51.27 -19.35
N ALA A 389 17.28 51.42 -18.41
CA ALA A 389 16.98 51.70 -17.00
C ALA A 389 16.63 53.14 -16.64
N THR A 390 15.63 53.69 -17.32
CA THR A 390 15.04 55.01 -17.09
C THR A 390 13.56 54.82 -17.33
N ALA A 391 12.70 55.61 -16.68
CA ALA A 391 11.27 55.48 -16.90
C ALA A 391 11.03 56.12 -18.24
N ALA A 392 10.33 55.38 -19.12
CA ALA A 392 10.00 55.73 -20.50
C ALA A 392 9.39 57.12 -20.69
N SER A 393 9.76 57.76 -21.81
CA SER A 393 9.29 59.08 -22.25
C SER A 393 8.48 58.89 -23.52
N HIS A 394 7.55 59.81 -23.80
CA HIS A 394 6.61 59.69 -24.92
C HIS A 394 7.12 59.56 -26.37
N SER A 395 8.22 60.23 -26.75
CA SER A 395 8.73 60.16 -28.13
C SER A 395 10.26 60.07 -28.22
N ARG A 396 10.83 59.02 -27.60
CA ARG A 396 12.28 58.80 -27.54
C ARG A 396 12.76 57.61 -28.31
N ALA A 397 14.00 57.71 -28.84
CA ALA A 397 14.71 56.69 -29.64
C ALA A 397 16.20 56.65 -29.29
N PHE A 398 16.82 55.46 -29.39
CA PHE A 398 18.23 55.27 -29.06
C PHE A 398 18.98 54.43 -30.10
N VAL A 399 20.14 54.89 -30.55
CA VAL A 399 20.97 54.18 -31.54
C VAL A 399 22.28 53.73 -30.87
N VAL A 400 22.58 52.42 -30.94
CA VAL A 400 23.80 51.86 -30.37
C VAL A 400 24.77 51.37 -31.46
N GLU A 401 25.87 52.12 -31.65
CA GLU A 401 26.92 51.79 -32.60
C GLU A 401 27.86 50.83 -31.87
N VAL A 402 27.74 49.56 -32.27
CA VAL A 402 28.44 48.39 -31.75
C VAL A 402 29.65 48.08 -32.69
N MET A 403 30.75 47.57 -32.10
CA MET A 403 31.94 47.20 -32.86
C MET A 403 31.87 45.75 -33.38
N GLY A 404 32.79 45.38 -34.26
CA GLY A 404 32.83 44.07 -34.90
C GLY A 404 32.80 44.28 -36.39
N ARG A 405 34.00 44.42 -36.98
CA ARG A 405 34.22 44.75 -38.39
C ARG A 405 33.75 43.72 -39.43
N HIS A 406 33.97 42.42 -39.17
CA HIS A 406 33.70 41.35 -40.15
C HIS A 406 32.52 40.42 -39.94
N CYS A 407 31.83 40.51 -38.79
CA CYS A 407 30.73 39.60 -38.51
C CYS A 407 29.59 40.25 -37.74
N GLY A 408 28.35 39.95 -38.13
CA GLY A 408 27.14 40.48 -37.53
C GLY A 408 26.67 39.79 -36.25
N TRP A 409 27.48 38.88 -35.70
CA TRP A 409 27.18 38.13 -34.49
C TRP A 409 26.90 39.04 -33.29
N LEU A 410 27.80 40.02 -33.01
CA LEU A 410 27.59 40.95 -31.89
C LEU A 410 26.29 41.76 -32.06
N GLY A 411 26.06 42.27 -33.28
CA GLY A 411 24.87 43.03 -33.63
C GLY A 411 23.60 42.26 -33.37
N LEU A 412 23.59 41.01 -33.87
CA LEU A 412 22.49 40.04 -33.74
C LEU A 412 22.21 39.74 -32.25
N MET A 413 23.23 39.24 -31.54
CA MET A 413 23.11 38.82 -30.16
C MET A 413 22.67 39.95 -29.27
N SER A 414 23.19 41.18 -29.53
CA SER A 414 22.79 42.41 -28.82
C SER A 414 21.30 42.66 -29.09
N GLY A 415 20.86 42.41 -30.33
CA GLY A 415 19.47 42.54 -30.74
C GLY A 415 18.57 41.68 -29.88
N ILE A 416 18.89 40.38 -29.77
CA ILE A 416 18.16 39.44 -28.93
C ILE A 416 18.27 39.89 -27.47
N ALA A 417 19.49 39.89 -26.91
CA ALA A 417 19.78 40.30 -25.54
C ALA A 417 19.13 41.61 -25.06
N THR A 418 18.93 42.60 -25.96
CA THR A 418 18.33 43.89 -25.60
C THR A 418 16.88 44.16 -26.09
N GLY A 419 16.34 43.25 -26.89
CA GLY A 419 15.01 43.40 -27.46
C GLY A 419 14.96 44.58 -28.42
N ALA A 420 16.00 44.74 -29.27
CA ALA A 420 16.11 45.83 -30.24
C ALA A 420 15.01 45.77 -31.29
N ASP A 421 14.57 46.95 -31.78
CA ASP A 421 13.53 47.05 -32.82
C ASP A 421 14.05 46.57 -34.15
N TYR A 422 15.23 47.10 -34.52
CA TYR A 422 15.93 46.86 -35.78
C TYR A 422 17.43 46.70 -35.49
N ILE A 423 18.11 45.91 -36.33
CA ILE A 423 19.56 45.69 -36.29
C ILE A 423 20.16 45.81 -37.69
N PHE A 424 21.43 46.20 -37.79
CA PHE A 424 22.13 46.31 -39.07
C PHE A 424 23.30 45.34 -39.05
N ILE A 425 23.27 44.30 -39.91
CA ILE A 425 24.33 43.30 -39.97
C ILE A 425 24.84 43.09 -41.41
N PRO A 426 26.17 42.92 -41.64
CA PRO A 426 26.68 42.75 -43.02
C PRO A 426 26.15 41.53 -43.76
N GLU A 427 25.77 40.46 -43.03
CA GLU A 427 25.26 39.20 -43.58
C GLU A 427 23.91 39.34 -44.25
N ARG A 428 22.97 40.13 -43.67
CA ARG A 428 21.68 40.39 -44.32
C ARG A 428 21.33 41.90 -44.44
N PRO A 429 22.01 42.61 -45.37
CA PRO A 429 21.81 44.06 -45.48
C PRO A 429 20.50 44.47 -46.14
N PRO A 430 19.93 45.65 -45.78
CA PRO A 430 18.68 46.05 -46.41
C PRO A 430 18.90 46.71 -47.77
N SER A 431 17.81 46.94 -48.53
CA SER A 431 17.90 47.58 -49.83
C SER A 431 18.41 49.00 -49.70
N GLU A 432 19.19 49.49 -50.68
CA GLU A 432 19.64 50.88 -50.63
C GLU A 432 18.42 51.78 -50.82
N SER A 433 17.48 51.31 -51.68
CA SER A 433 16.24 51.98 -52.06
C SER A 433 15.26 52.24 -50.90
N ASN A 434 14.96 51.24 -50.03
CA ASN A 434 13.95 51.47 -48.98
C ASN A 434 14.28 50.99 -47.55
N TRP A 435 15.56 51.06 -47.10
CA TRP A 435 15.89 50.65 -45.74
C TRP A 435 15.34 51.61 -44.70
N LYS A 436 15.34 52.90 -45.05
CA LYS A 436 14.84 53.99 -44.21
C LYS A 436 13.34 53.82 -44.00
N ASP A 437 12.61 53.49 -45.06
CA ASP A 437 11.15 53.28 -45.01
C ASP A 437 10.78 51.98 -44.28
N ASP A 438 11.64 50.96 -44.35
CA ASP A 438 11.40 49.71 -43.63
C ASP A 438 11.70 49.90 -42.13
N LEU A 439 12.75 50.71 -41.80
CA LEU A 439 13.13 51.06 -40.43
C LEU A 439 11.93 51.73 -39.76
N LYS A 440 11.37 52.75 -40.43
CA LYS A 440 10.20 53.51 -40.00
C LYS A 440 9.02 52.59 -39.69
N LYS A 441 8.70 51.66 -40.64
CA LYS A 441 7.60 50.69 -40.51
C LYS A 441 7.70 49.93 -39.18
N VAL A 442 8.79 49.12 -39.04
CA VAL A 442 9.14 48.27 -37.89
C VAL A 442 8.99 49.02 -36.57
N CYS A 443 9.63 50.18 -36.44
CA CYS A 443 9.62 51.02 -35.24
C CYS A 443 8.27 51.49 -34.83
N LEU A 444 7.54 52.14 -35.77
CA LEU A 444 6.20 52.66 -35.55
C LEU A 444 5.19 51.56 -35.22
N ARG A 445 5.42 50.32 -35.76
CA ARG A 445 4.58 49.16 -35.51
C ARG A 445 4.66 48.80 -34.04
N HIS A 446 5.88 48.75 -33.49
CA HIS A 446 6.15 48.43 -32.09
C HIS A 446 5.64 49.56 -31.20
N ARG A 447 5.88 50.81 -31.61
CA ARG A 447 5.42 52.01 -30.90
C ARG A 447 3.90 52.00 -30.74
N GLU A 448 3.19 51.52 -31.79
CA GLU A 448 1.74 51.36 -31.84
C GLU A 448 1.32 50.35 -30.76
N LYS A 449 2.05 49.22 -30.66
CA LYS A 449 1.77 48.16 -29.70
C LYS A 449 2.16 48.47 -28.24
N GLY A 450 2.73 49.64 -28.00
CA GLY A 450 3.07 50.08 -26.65
C GLY A 450 4.51 50.46 -26.35
N ARG A 451 5.46 50.05 -27.22
CA ARG A 451 6.90 50.33 -27.06
C ARG A 451 7.19 51.85 -27.05
N ARG A 452 7.89 52.30 -25.99
CA ARG A 452 8.29 53.72 -25.85
C ARG A 452 9.83 53.88 -25.80
N LYS A 453 10.56 52.74 -25.82
CA LYS A 453 12.02 52.65 -25.76
C LYS A 453 12.61 52.05 -27.06
N THR A 454 12.36 52.74 -28.19
CA THR A 454 12.82 52.37 -29.53
C THR A 454 14.36 52.32 -29.57
N THR A 455 14.90 51.11 -29.81
CA THR A 455 16.34 50.87 -29.84
C THR A 455 16.75 50.22 -31.16
N VAL A 456 17.78 50.80 -31.79
CA VAL A 456 18.34 50.30 -33.04
C VAL A 456 19.82 50.00 -32.78
N ILE A 457 20.33 48.90 -33.35
CA ILE A 457 21.72 48.49 -33.18
C ILE A 457 22.44 48.47 -34.53
N VAL A 458 23.48 49.31 -34.64
CA VAL A 458 24.26 49.44 -35.86
C VAL A 458 25.66 48.83 -35.66
N ALA A 459 25.97 47.79 -36.44
CA ALA A 459 27.26 47.12 -36.39
C ALA A 459 28.36 47.97 -37.00
N GLU A 460 29.62 47.71 -36.65
CA GLU A 460 30.78 48.41 -37.20
C GLU A 460 30.81 48.31 -38.73
N GLY A 461 30.53 47.12 -39.25
CA GLY A 461 30.50 46.87 -40.69
C GLY A 461 29.16 47.00 -41.39
N ALA A 462 28.15 47.63 -40.73
CA ALA A 462 26.79 47.82 -41.27
C ALA A 462 26.79 48.44 -42.65
N ILE A 463 26.04 47.81 -43.57
CA ILE A 463 25.95 48.21 -44.98
C ILE A 463 24.54 48.00 -45.52
N ASP A 464 24.29 48.51 -46.75
CA ASP A 464 23.08 48.26 -47.52
C ASP A 464 23.47 47.25 -48.60
N ASP A 465 22.48 46.60 -49.26
CA ASP A 465 22.72 45.60 -50.31
C ASP A 465 23.57 46.06 -51.52
N GLN A 466 23.87 47.37 -51.60
CA GLN A 466 24.75 47.93 -52.63
C GLN A 466 26.14 48.26 -52.06
N LEU A 467 26.48 47.62 -50.90
CA LEU A 467 27.76 47.74 -50.18
C LEU A 467 28.05 49.09 -49.50
N ASN A 468 27.11 50.05 -49.61
CA ASN A 468 27.27 51.37 -49.01
C ASN A 468 27.15 51.25 -47.49
N PRO A 469 28.08 51.84 -46.72
CA PRO A 469 27.98 51.76 -45.27
C PRO A 469 26.78 52.53 -44.71
N ILE A 470 26.28 52.07 -43.56
CA ILE A 470 25.15 52.71 -42.88
C ILE A 470 25.68 53.22 -41.56
N THR A 471 25.85 54.54 -41.45
CA THR A 471 26.35 55.15 -40.22
C THR A 471 25.21 55.27 -39.22
N SER A 472 25.54 55.36 -37.93
CA SER A 472 24.55 55.51 -36.87
C SER A 472 23.89 56.88 -36.98
N GLU A 473 24.62 57.84 -37.56
CA GLU A 473 24.11 59.19 -37.78
C GLU A 473 23.01 59.14 -38.83
N GLU A 474 23.19 58.30 -39.88
CA GLU A 474 22.21 58.09 -40.95
C GLU A 474 20.92 57.57 -40.34
N VAL A 475 21.05 56.54 -39.48
CA VAL A 475 19.97 55.87 -38.75
C VAL A 475 19.23 56.85 -37.81
N LYS A 476 19.98 57.70 -37.06
CA LYS A 476 19.46 58.72 -36.16
C LYS A 476 18.51 59.64 -36.93
N ASP A 477 18.97 60.16 -38.07
CA ASP A 477 18.23 61.04 -38.97
C ASP A 477 16.89 60.43 -39.42
N VAL A 478 16.86 59.11 -39.69
CA VAL A 478 15.64 58.38 -40.09
C VAL A 478 14.61 58.47 -38.97
N LEU A 479 15.00 58.05 -37.74
CA LEU A 479 14.15 58.03 -36.54
C LEU A 479 13.70 59.43 -36.11
N VAL A 480 14.55 60.45 -36.34
CA VAL A 480 14.25 61.83 -35.99
C VAL A 480 13.09 62.34 -36.87
N GLU A 481 13.08 61.97 -38.18
CA GLU A 481 11.99 62.37 -39.08
C GLU A 481 10.66 61.59 -38.87
N ILE A 482 10.66 60.69 -37.88
CA ILE A 482 9.50 59.93 -37.43
C ILE A 482 8.97 60.57 -36.12
N GLY A 483 9.59 61.68 -35.74
CA GLY A 483 9.23 62.49 -34.57
C GLY A 483 9.80 62.01 -33.25
N LEU A 484 10.93 61.27 -33.29
CA LEU A 484 11.59 60.72 -32.12
C LEU A 484 12.90 61.41 -31.79
N ASP A 485 13.09 61.78 -30.51
CA ASP A 485 14.32 62.39 -30.03
C ASP A 485 15.36 61.26 -29.87
N THR A 486 16.23 61.12 -30.89
CA THR A 486 17.24 60.06 -31.02
C THR A 486 18.60 60.42 -30.41
N ARG A 487 19.23 59.44 -29.74
CA ARG A 487 20.53 59.56 -29.09
C ARG A 487 21.51 58.43 -29.47
N ILE A 488 22.62 58.78 -30.15
CA ILE A 488 23.64 57.79 -30.51
C ILE A 488 24.51 57.46 -29.28
N THR A 489 24.87 56.18 -29.14
CA THR A 489 25.76 55.67 -28.10
C THR A 489 26.78 54.81 -28.83
N ARG A 490 27.99 55.31 -28.94
CA ARG A 490 29.09 54.58 -29.57
C ARG A 490 29.93 53.89 -28.45
N LEU A 491 29.96 52.55 -28.46
CA LEU A 491 30.69 51.73 -27.47
C LEU A 491 32.19 51.96 -27.53
N GLY A 492 32.73 52.00 -28.74
CA GLY A 492 34.17 52.23 -28.98
C GLY A 492 35.05 51.19 -28.33
N HIS A 493 36.21 51.62 -27.84
CA HIS A 493 37.18 50.72 -27.22
C HIS A 493 36.71 50.01 -25.93
N VAL A 494 35.57 50.44 -25.35
CA VAL A 494 34.92 49.86 -24.17
C VAL A 494 34.69 48.33 -24.41
N GLN A 495 34.32 47.97 -25.63
CA GLN A 495 34.05 46.58 -26.05
C GLN A 495 35.28 45.65 -26.08
N ARG A 496 36.51 46.16 -25.87
CA ARG A 496 37.73 45.33 -25.91
C ARG A 496 38.42 45.18 -24.53
N GLY A 497 38.05 46.04 -23.59
CA GLY A 497 38.64 46.06 -22.26
C GLY A 497 37.78 45.45 -21.18
N GLY A 498 38.41 45.26 -20.02
CA GLY A 498 37.80 44.68 -18.82
C GLY A 498 38.11 43.21 -18.64
N ALA A 499 37.76 42.68 -17.47
CA ALA A 499 37.96 41.27 -17.12
C ALA A 499 37.08 40.38 -18.00
N PRO A 500 37.56 39.21 -18.46
CA PRO A 500 36.70 38.37 -19.27
C PRO A 500 35.46 37.88 -18.49
N CYS A 501 34.36 37.60 -19.20
CA CYS A 501 33.17 37.07 -18.54
C CYS A 501 33.41 35.62 -18.13
N ALA A 502 32.45 35.04 -17.39
CA ALA A 502 32.53 33.67 -16.88
C ALA A 502 32.87 32.68 -17.97
N PHE A 503 32.12 32.71 -19.09
CA PHE A 503 32.34 31.80 -20.21
C PHE A 503 33.71 31.97 -20.86
N ASP A 504 34.14 33.22 -21.13
CA ASP A 504 35.46 33.50 -21.72
C ASP A 504 36.62 32.97 -20.84
N ARG A 505 36.52 33.18 -19.50
CA ARG A 505 37.49 32.66 -18.54
C ARG A 505 37.61 31.13 -18.70
N PHE A 506 36.46 30.46 -18.82
CA PHE A 506 36.46 29.02 -19.07
C PHE A 506 37.05 28.70 -20.45
N LEU A 507 36.53 29.36 -21.51
CA LEU A 507 36.90 29.13 -22.90
C LEU A 507 38.39 29.30 -23.18
N ALA A 508 38.99 30.38 -22.67
CA ALA A 508 40.40 30.64 -22.87
C ALA A 508 41.30 29.70 -22.08
N THR A 509 40.90 29.38 -20.82
CA THR A 509 41.68 28.49 -19.95
C THR A 509 41.74 27.06 -20.52
N VAL A 510 40.58 26.55 -20.91
CA VAL A 510 40.40 25.23 -21.49
C VAL A 510 41.08 25.10 -22.87
N GLN A 511 40.86 26.05 -23.79
CA GLN A 511 41.47 26.03 -25.13
C GLN A 511 42.97 26.21 -25.01
N GLY A 512 43.41 27.01 -24.02
CA GLY A 512 44.82 27.30 -23.73
C GLY A 512 45.58 26.05 -23.33
N VAL A 513 44.97 25.21 -22.46
CA VAL A 513 45.53 23.92 -22.02
C VAL A 513 45.62 22.99 -23.22
N ASP A 514 44.52 22.92 -24.02
CA ASP A 514 44.51 22.08 -25.22
C ASP A 514 45.56 22.52 -26.25
N ALA A 515 45.80 23.86 -26.39
CA ALA A 515 46.81 24.39 -27.30
C ALA A 515 48.19 23.80 -26.98
N VAL A 516 48.55 23.76 -25.67
CA VAL A 516 49.80 23.17 -25.19
C VAL A 516 49.83 21.69 -25.50
N ARG A 517 48.68 20.98 -25.29
CA ARG A 517 48.53 19.56 -25.58
C ARG A 517 48.74 19.30 -27.09
N ALA A 518 48.04 20.09 -27.92
CA ALA A 518 48.12 20.04 -29.38
C ALA A 518 49.57 20.18 -29.88
N VAL A 519 50.41 20.97 -29.15
CA VAL A 519 51.81 21.19 -29.50
C VAL A 519 52.53 19.88 -29.27
N LEU A 520 52.36 19.29 -28.06
CA LEU A 520 53.02 18.04 -27.64
C LEU A 520 52.57 16.85 -28.48
N GLU A 521 51.25 16.73 -28.69
CA GLU A 521 50.60 15.69 -29.48
C GLU A 521 50.87 15.80 -31.02
N SER A 522 51.71 16.77 -31.45
CA SER A 522 52.06 16.99 -32.86
C SER A 522 53.18 16.13 -33.42
N THR A 523 53.16 15.98 -34.75
CA THR A 523 54.09 15.29 -35.67
C THR A 523 53.84 15.94 -37.06
N PRO A 524 54.79 15.91 -38.02
CA PRO A 524 54.51 16.53 -39.33
C PRO A 524 53.29 15.97 -40.10
N ALA A 525 52.90 14.70 -39.78
CA ALA A 525 51.75 14.00 -40.36
C ALA A 525 50.45 14.63 -39.87
N ILE A 526 50.40 15.04 -38.60
CA ILE A 526 49.20 15.66 -38.06
C ILE A 526 49.17 17.19 -38.32
N PRO A 527 48.20 17.69 -39.13
CA PRO A 527 48.18 19.12 -39.49
C PRO A 527 48.04 20.14 -38.36
N SER A 528 48.62 21.35 -38.57
CA SER A 528 48.57 22.51 -37.67
C SER A 528 47.12 22.90 -37.37
N PRO A 529 46.67 22.86 -36.11
CA PRO A 529 45.26 23.16 -35.81
C PRO A 529 44.94 24.56 -35.34
N VAL A 530 43.63 24.79 -35.14
CA VAL A 530 43.00 25.98 -34.55
C VAL A 530 42.18 25.37 -33.43
N ILE A 531 42.49 25.72 -32.18
CA ILE A 531 41.68 25.20 -31.07
C ILE A 531 40.33 25.91 -31.14
N SER A 532 39.30 25.13 -31.42
CA SER A 532 37.94 25.59 -31.60
C SER A 532 36.99 24.94 -30.58
N ILE A 533 35.74 25.45 -30.50
CA ILE A 533 34.67 24.93 -29.65
C ILE A 533 33.48 24.62 -30.55
N LEU A 534 32.88 23.41 -30.38
CA LEU A 534 31.70 23.06 -31.17
C LEU A 534 30.43 22.75 -30.37
N GLU A 535 30.15 21.52 -29.97
CA GLU A 535 28.90 21.40 -29.20
C GLU A 535 29.16 21.41 -27.72
N ASN A 536 29.82 22.51 -27.26
CA ASN A 536 30.35 22.75 -25.90
C ASN A 536 31.59 21.86 -25.67
N LYS A 537 32.08 21.25 -26.77
CA LYS A 537 33.22 20.37 -26.83
C LYS A 537 34.33 21.08 -27.57
N ILE A 538 35.55 21.05 -26.99
CA ILE A 538 36.76 21.61 -27.59
C ILE A 538 37.18 20.67 -28.69
N VAL A 539 37.46 21.24 -29.86
CA VAL A 539 37.77 20.52 -31.10
C VAL A 539 39.04 21.14 -31.71
N ARG A 540 39.83 20.36 -32.45
CA ARG A 540 41.02 20.86 -33.12
C ARG A 540 40.74 20.90 -34.63
N GLN A 541 40.38 22.08 -35.16
CA GLN A 541 40.10 22.24 -36.58
C GLN A 541 41.39 22.59 -37.31
N PRO A 542 41.53 22.28 -38.61
CA PRO A 542 42.79 22.65 -39.31
C PRO A 542 42.83 24.14 -39.65
N LEU A 543 43.96 24.83 -39.33
CA LEU A 543 44.22 26.27 -39.58
C LEU A 543 43.97 26.63 -41.04
N VAL A 544 44.43 25.75 -41.95
CA VAL A 544 44.30 25.89 -43.40
C VAL A 544 42.85 26.08 -43.81
N GLU A 545 41.98 25.15 -43.37
CA GLU A 545 40.57 25.14 -43.69
C GLU A 545 39.82 26.29 -43.08
N SER A 546 40.11 26.63 -41.81
CA SER A 546 39.44 27.68 -41.03
C SER A 546 39.65 29.08 -41.58
N VAL A 547 40.90 29.37 -42.04
CA VAL A 547 41.29 30.65 -42.63
C VAL A 547 40.62 30.75 -44.00
N ALA A 548 40.60 29.64 -44.75
CA ALA A 548 40.03 29.53 -46.08
C ALA A 548 38.51 29.76 -46.03
N GLN A 549 37.82 29.11 -45.08
CA GLN A 549 36.37 29.22 -44.93
C GLN A 549 35.97 30.66 -44.57
N THR A 550 36.75 31.28 -43.65
CA THR A 550 36.52 32.64 -43.18
C THR A 550 36.71 33.68 -44.26
N LYS A 551 37.63 33.42 -45.22
CA LYS A 551 37.91 34.28 -46.39
C LYS A 551 36.73 34.24 -47.36
N THR A 552 36.09 33.05 -47.52
CA THR A 552 34.93 32.90 -48.39
C THR A 552 33.69 33.69 -47.92
N VAL A 553 33.54 33.98 -46.58
CA VAL A 553 32.43 34.81 -46.10
C VAL A 553 32.67 36.29 -46.47
N SER A 554 33.94 36.75 -46.27
CA SER A 554 34.42 38.09 -46.61
C SER A 554 34.26 38.30 -48.11
N ALA A 555 34.61 37.27 -48.92
CA ALA A 555 34.48 37.27 -50.37
C ALA A 555 33.02 37.40 -50.76
N ALA A 556 32.11 36.59 -50.16
CA ALA A 556 30.66 36.59 -50.43
C ALA A 556 30.06 37.99 -50.25
N ILE A 557 30.35 38.64 -49.10
CA ILE A 557 29.89 40.00 -48.80
C ILE A 557 30.40 40.97 -49.88
N GLU A 558 31.75 40.99 -50.14
CA GLU A 558 32.42 41.83 -51.14
C GLU A 558 31.83 41.62 -52.54
N ALA A 559 31.38 40.39 -52.83
CA ALA A 559 30.76 39.97 -54.08
C ALA A 559 29.26 40.23 -54.12
N LYS A 560 28.72 40.94 -53.12
CA LYS A 560 27.30 41.30 -52.98
C LYS A 560 26.36 40.08 -52.95
N ASP A 561 26.90 38.87 -52.63
CA ASP A 561 26.11 37.64 -52.50
C ASP A 561 26.00 37.33 -51.01
N PHE A 562 25.09 38.06 -50.35
CA PHE A 562 24.85 37.97 -48.92
C PHE A 562 24.15 36.69 -48.50
N ASP A 563 23.58 35.98 -49.47
CA ASP A 563 22.90 34.70 -49.22
C ASP A 563 23.94 33.65 -48.90
N LYS A 564 25.02 33.57 -49.73
CA LYS A 564 26.13 32.63 -49.55
C LYS A 564 26.77 32.84 -48.19
N ALA A 565 26.94 34.13 -47.80
CA ALA A 565 27.52 34.58 -46.52
C ALA A 565 26.70 34.13 -45.31
N LEU A 566 25.38 34.40 -45.30
CA LEU A 566 24.51 33.97 -44.22
C LEU A 566 24.48 32.43 -44.14
N GLN A 567 24.41 31.75 -45.31
CA GLN A 567 24.41 30.30 -45.40
C GLN A 567 25.73 29.73 -44.86
N LEU A 568 26.86 30.47 -45.07
CA LEU A 568 28.21 30.12 -44.63
C LEU A 568 28.46 30.26 -43.12
N ARG A 569 27.45 30.74 -42.36
CA ARG A 569 27.53 30.92 -40.90
C ARG A 569 26.95 29.70 -40.21
N ASP A 570 27.52 29.33 -39.05
CA ASP A 570 27.06 28.18 -38.26
C ASP A 570 25.61 28.25 -37.83
N GLN A 571 25.02 27.10 -37.45
CA GLN A 571 23.63 27.00 -37.02
C GLN A 571 23.33 27.93 -35.87
N GLU A 572 24.33 28.13 -34.98
CA GLU A 572 24.27 29.04 -33.83
C GLU A 572 23.82 30.44 -34.32
N PHE A 573 24.50 30.97 -35.37
CA PHE A 573 24.20 32.24 -35.99
C PHE A 573 22.82 32.21 -36.66
N ALA A 574 22.54 31.13 -37.40
CA ALA A 574 21.31 30.94 -38.16
C ALA A 574 20.05 30.91 -37.28
N THR A 575 20.08 30.08 -36.21
CA THR A 575 18.97 29.89 -35.27
C THR A 575 18.69 31.17 -34.50
N SER A 576 19.76 31.94 -34.15
CA SER A 576 19.70 33.22 -33.43
C SER A 576 19.06 34.30 -34.27
N TYR A 577 19.41 34.36 -35.57
CA TYR A 577 18.87 35.34 -36.49
C TYR A 577 17.41 35.08 -36.72
N GLU A 578 17.04 33.78 -36.87
CA GLU A 578 15.67 33.30 -37.08
C GLU A 578 14.79 33.70 -35.87
N ASN A 579 15.34 33.58 -34.67
CA ASN A 579 14.67 33.93 -33.42
C ASN A 579 14.43 35.43 -33.28
N PHE A 580 15.43 36.25 -33.66
CA PHE A 580 15.33 37.70 -33.60
C PHE A 580 14.26 38.15 -34.59
N LEU A 581 14.30 37.62 -35.81
CA LEU A 581 13.34 37.91 -36.87
C LEU A 581 11.91 37.52 -36.49
N SER A 582 11.74 36.36 -35.81
CA SER A 582 10.45 35.86 -35.33
C SER A 582 9.85 36.86 -34.37
N VAL A 583 10.52 37.07 -33.20
CA VAL A 583 10.08 38.00 -32.15
C VAL A 583 9.74 39.38 -32.69
N SER A 584 10.59 39.91 -33.58
CA SER A 584 10.36 41.23 -34.17
C SER A 584 9.02 41.27 -34.91
N LYS A 585 8.74 40.22 -35.71
CA LYS A 585 7.51 40.09 -36.49
C LYS A 585 6.28 39.58 -35.71
N TYR A 586 6.33 39.42 -34.36
CA TYR A 586 5.15 38.95 -33.59
C TYR A 586 3.99 39.97 -33.64
N ASP A 587 4.30 41.27 -33.78
CA ASP A 587 3.34 42.37 -33.89
C ASP A 587 2.56 42.36 -35.21
N ASP A 588 3.09 41.68 -36.25
CA ASP A 588 2.47 41.59 -37.60
C ASP A 588 1.00 41.21 -37.56
N GLY A 589 0.74 40.11 -36.85
CA GLY A 589 -0.55 39.45 -36.79
C GLY A 589 -0.52 38.31 -37.78
N SER A 590 0.67 38.04 -38.35
CA SER A 590 0.91 36.96 -39.28
C SER A 590 0.93 35.64 -38.53
N TYR A 591 1.24 35.68 -37.21
CA TYR A 591 1.30 34.53 -36.33
C TYR A 591 -0.07 34.05 -35.84
N LEU A 592 -1.08 34.92 -35.99
CA LEU A 592 -2.49 34.74 -35.62
C LEU A 592 -3.09 33.48 -36.21
N VAL A 593 -3.79 32.69 -35.36
CA VAL A 593 -4.41 31.40 -35.71
C VAL A 593 -5.95 31.48 -35.61
N PRO A 594 -6.74 30.64 -36.37
CA PRO A 594 -8.22 30.71 -36.25
C PRO A 594 -8.79 30.69 -34.84
N GLU A 595 -9.92 31.39 -34.63
CA GLU A 595 -10.63 31.53 -33.35
C GLU A 595 -10.79 30.22 -32.59
N SER A 596 -11.17 29.15 -33.29
CA SER A 596 -11.34 27.80 -32.75
C SER A 596 -10.02 27.26 -32.19
N SER A 597 -8.89 27.54 -32.89
CA SER A 597 -7.56 27.10 -32.50
C SER A 597 -6.90 27.90 -31.36
N ARG A 598 -7.53 28.96 -30.86
CA ARG A 598 -6.96 29.79 -29.78
C ARG A 598 -7.10 29.09 -28.43
N LEU A 599 -6.06 29.19 -27.56
CA LEU A 599 -5.97 28.48 -26.29
C LEU A 599 -5.69 29.41 -25.15
N ASN A 600 -5.80 28.88 -23.91
CA ASN A 600 -5.52 29.59 -22.66
C ASN A 600 -4.26 28.98 -22.06
N ILE A 601 -3.15 29.75 -22.12
CA ILE A 601 -1.81 29.28 -21.70
C ILE A 601 -1.45 29.76 -20.31
N ALA A 602 -0.98 28.85 -19.45
CA ALA A 602 -0.61 29.20 -18.09
C ALA A 602 0.91 29.15 -17.92
N ILE A 603 1.47 30.16 -17.23
CA ILE A 603 2.88 30.23 -16.93
C ILE A 603 3.01 30.32 -15.40
N ILE A 604 3.87 29.46 -14.82
CA ILE A 604 4.12 29.41 -13.39
C ILE A 604 5.63 29.37 -13.12
N HIS A 605 6.07 30.05 -12.03
CA HIS A 605 7.46 30.09 -11.62
C HIS A 605 7.60 29.25 -10.36
N VAL A 606 8.17 28.03 -10.52
CA VAL A 606 8.38 27.09 -9.43
C VAL A 606 9.88 26.95 -9.07
N GLY A 607 10.23 27.38 -7.87
CA GLY A 607 11.59 27.31 -7.37
C GLY A 607 12.11 28.64 -6.86
N ALA A 608 13.38 28.67 -6.40
CA ALA A 608 14.08 29.86 -5.94
C ALA A 608 14.31 30.84 -7.12
N PRO A 609 14.49 32.14 -6.86
CA PRO A 609 14.63 33.09 -7.97
C PRO A 609 15.93 33.02 -8.75
N THR A 610 15.84 33.34 -10.04
CA THR A 610 16.94 33.50 -11.00
C THR A 610 16.62 34.74 -11.83
N SER A 611 17.63 35.46 -12.28
CA SER A 611 17.44 36.67 -13.06
C SER A 611 16.79 36.35 -14.42
N ALA A 612 17.00 35.13 -14.90
CA ALA A 612 16.49 34.57 -16.17
C ALA A 612 14.97 34.36 -16.25
N LEU A 613 14.24 34.41 -15.12
CA LEU A 613 12.79 34.19 -15.11
C LEU A 613 11.99 35.22 -15.94
N ASN A 614 12.14 36.55 -15.69
CA ASN A 614 11.36 37.54 -16.45
C ASN A 614 11.62 37.54 -17.95
N PRO A 615 12.91 37.54 -18.43
CA PRO A 615 13.15 37.45 -19.89
C PRO A 615 12.48 36.25 -20.56
N ALA A 616 12.58 35.05 -19.95
CA ALA A 616 11.95 33.83 -20.44
C ALA A 616 10.41 33.97 -20.53
N THR A 617 9.76 34.53 -19.48
CA THR A 617 8.31 34.74 -19.41
C THR A 617 7.85 35.73 -20.44
N ARG A 618 8.67 36.77 -20.68
CA ARG A 618 8.42 37.79 -21.68
C ARG A 618 8.24 37.13 -23.05
N VAL A 619 9.31 36.46 -23.57
CA VAL A 619 9.35 35.79 -24.87
C VAL A 619 8.20 34.79 -25.02
N ALA A 620 7.90 34.00 -23.97
CA ALA A 620 6.80 33.05 -23.96
C ALA A 620 5.44 33.76 -24.10
N THR A 621 5.22 34.90 -23.41
CA THR A 621 3.97 35.66 -23.48
C THR A 621 3.76 36.24 -24.85
N LEU A 622 4.79 36.87 -25.43
CA LEU A 622 4.74 37.50 -26.77
C LEU A 622 4.49 36.45 -27.83
N ASN A 623 5.22 35.31 -27.76
CA ASN A 623 5.05 34.21 -28.71
C ASN A 623 3.60 33.75 -28.74
N SER A 624 3.03 33.53 -27.54
CA SER A 624 1.65 33.06 -27.35
C SER A 624 0.60 34.09 -27.80
N LEU A 625 0.76 35.36 -27.39
CA LEU A 625 -0.16 36.45 -27.73
C LEU A 625 -0.20 36.70 -29.23
N ALA A 626 0.95 36.53 -29.91
CA ALA A 626 1.11 36.70 -31.36
C ALA A 626 0.17 35.78 -32.13
N LYS A 627 -0.12 34.58 -31.57
CA LYS A 627 -1.00 33.56 -32.15
C LYS A 627 -2.49 33.76 -31.78
N GLY A 628 -2.77 34.68 -30.86
CA GLY A 628 -4.13 34.93 -30.40
C GLY A 628 -4.50 34.15 -29.15
N HIS A 629 -3.51 33.48 -28.53
CA HIS A 629 -3.74 32.73 -27.31
C HIS A 629 -3.84 33.68 -26.15
N ARG A 630 -4.48 33.26 -25.05
CA ARG A 630 -4.59 34.09 -23.85
C ARG A 630 -3.56 33.59 -22.84
N VAL A 631 -2.73 34.53 -22.33
CA VAL A 631 -1.67 34.20 -21.38
C VAL A 631 -2.07 34.56 -19.95
N PHE A 632 -2.01 33.57 -19.05
CA PHE A 632 -2.38 33.65 -17.65
C PHE A 632 -1.21 33.27 -16.82
N ALA A 633 -0.80 34.18 -15.93
CA ALA A 633 0.35 33.98 -15.07
C ALA A 633 -0.11 33.63 -13.66
N ILE A 634 0.18 32.38 -13.24
CA ILE A 634 -0.08 31.88 -11.89
C ILE A 634 0.97 32.54 -10.93
N ARG A 635 0.48 33.56 -10.22
CA ARG A 635 1.25 34.37 -9.29
C ARG A 635 1.58 33.63 -8.02
N ASN A 636 2.83 33.71 -7.60
CA ASN A 636 3.36 33.09 -6.38
C ASN A 636 3.24 31.56 -6.29
N GLY A 637 3.67 30.89 -7.35
CA GLY A 637 3.70 29.43 -7.49
C GLY A 637 2.40 28.69 -7.24
N PHE A 638 2.53 27.39 -6.83
CA PHE A 638 1.34 26.61 -6.54
C PHE A 638 0.64 27.07 -5.29
N ALA A 639 1.36 27.57 -4.30
CA ALA A 639 0.76 28.10 -3.06
C ALA A 639 -0.16 29.30 -3.34
N GLY A 640 0.27 30.20 -4.23
CA GLY A 640 -0.51 31.38 -4.65
C GLY A 640 -1.81 30.94 -5.30
N LEU A 641 -1.73 29.87 -6.15
CA LEU A 641 -2.87 29.27 -6.83
C LEU A 641 -3.81 28.66 -5.79
N ILE A 642 -3.31 27.72 -4.96
CA ILE A 642 -4.08 27.01 -3.94
C ILE A 642 -4.76 27.94 -2.91
N ARG A 643 -3.96 28.81 -2.29
CA ARG A 643 -4.39 29.68 -1.20
C ARG A 643 -5.21 30.89 -1.62
N HIS A 644 -4.98 31.44 -2.83
CA HIS A 644 -5.63 32.70 -3.26
C HIS A 644 -6.21 32.76 -4.67
N GLY A 645 -6.03 31.71 -5.47
CA GLY A 645 -6.50 31.64 -6.85
C GLY A 645 -5.86 32.67 -7.74
N ALA A 646 -4.65 33.12 -7.32
CA ALA A 646 -3.76 34.15 -7.86
C ALA A 646 -3.37 34.02 -9.33
N VAL A 647 -4.32 34.19 -10.24
CA VAL A 647 -4.10 34.10 -11.69
C VAL A 647 -4.20 35.53 -12.21
N ARG A 648 -3.29 35.91 -13.10
CA ARG A 648 -3.28 37.26 -13.68
C ARG A 648 -3.10 37.18 -15.19
N GLU A 649 -4.03 37.76 -15.95
CA GLU A 649 -3.89 37.75 -17.41
C GLU A 649 -2.82 38.74 -17.91
N LEU A 650 -2.01 38.30 -18.86
CA LEU A 650 -0.96 39.11 -19.44
C LEU A 650 -1.31 39.62 -20.85
N ASN A 651 -0.88 40.86 -21.17
CA ASN A 651 -1.09 41.55 -22.44
C ASN A 651 0.23 42.16 -22.96
N TRP A 652 0.29 42.55 -24.27
CA TRP A 652 1.52 43.13 -24.88
C TRP A 652 2.20 44.17 -23.98
N ILE A 653 1.41 45.04 -23.37
CA ILE A 653 1.87 46.10 -22.48
C ILE A 653 2.45 45.62 -21.13
N ASP A 654 1.94 44.50 -20.57
CA ASP A 654 2.36 43.95 -19.28
C ASP A 654 3.82 43.49 -19.27
N VAL A 655 4.28 42.97 -20.42
CA VAL A 655 5.60 42.43 -20.70
C VAL A 655 6.74 43.46 -20.57
N GLU A 656 6.42 44.77 -20.67
CA GLU A 656 7.33 45.92 -20.66
C GLU A 656 8.42 46.01 -19.57
N ASP A 657 9.71 46.00 -20.04
CA ASP A 657 11.00 46.10 -19.31
C ASP A 657 11.54 44.79 -18.70
N TRP A 658 10.82 43.66 -18.91
CA TRP A 658 11.10 42.31 -18.39
C TRP A 658 12.38 41.60 -18.93
N HIS A 659 12.89 41.99 -20.13
CA HIS A 659 14.10 41.39 -20.75
C HIS A 659 15.39 41.71 -19.97
N ASN A 660 15.34 42.77 -19.15
CA ASN A 660 16.39 43.37 -18.33
C ASN A 660 16.28 42.99 -16.86
N THR A 661 15.02 42.92 -16.32
CA THR A 661 14.71 42.65 -14.90
C THR A 661 14.99 41.23 -14.39
N GLY A 662 15.54 41.17 -13.19
CA GLY A 662 15.84 39.94 -12.45
C GLY A 662 14.69 39.53 -11.54
N GLY A 663 14.82 38.33 -10.96
CA GLY A 663 13.80 37.75 -10.10
C GLY A 663 12.50 37.43 -10.85
N SER A 664 11.37 37.52 -10.13
CA SER A 664 10.03 37.26 -10.68
C SER A 664 9.05 38.40 -10.43
N GLU A 665 8.30 38.81 -11.47
CA GLU A 665 7.27 39.87 -11.44
C GLU A 665 5.89 39.32 -11.02
N ILE A 666 5.78 37.98 -11.07
CA ILE A 666 4.59 37.20 -10.76
C ILE A 666 4.80 36.41 -9.47
N GLY A 667 6.08 36.22 -9.10
CA GLY A 667 6.47 35.53 -7.88
C GLY A 667 6.91 34.12 -8.13
N THR A 668 7.99 33.71 -7.49
CA THR A 668 8.57 32.35 -7.62
C THR A 668 8.79 31.69 -6.27
N ASN A 669 8.35 30.43 -6.13
CA ASN A 669 8.57 29.67 -4.88
C ASN A 669 8.54 28.17 -5.10
N ARG A 670 9.15 27.42 -4.18
CA ARG A 670 9.28 25.95 -4.26
C ARG A 670 8.05 25.14 -3.75
N SER A 671 6.85 25.76 -3.59
CA SER A 671 5.65 25.02 -3.20
C SER A 671 5.26 24.04 -4.33
N LEU A 672 4.66 22.90 -3.99
CA LEU A 672 4.33 21.87 -4.97
C LEU A 672 2.83 21.64 -5.16
N PRO A 673 2.33 21.19 -6.35
CA PRO A 673 0.89 20.96 -6.50
C PRO A 673 0.34 19.96 -5.48
N SER A 674 1.24 19.11 -4.94
CA SER A 674 1.04 18.10 -3.89
C SER A 674 0.29 18.67 -2.75
N ASP A 675 0.61 19.94 -2.40
CA ASP A 675 0.03 20.70 -1.31
C ASP A 675 -1.50 20.59 -1.28
N ASP A 676 -2.15 20.52 -2.48
CA ASP A 676 -3.59 20.29 -2.71
C ASP A 676 -3.85 20.11 -4.21
N MET A 677 -3.82 18.84 -4.72
CA MET A 677 -4.09 18.61 -6.16
C MET A 677 -5.47 19.06 -6.53
N GLY A 678 -6.45 18.66 -5.72
CA GLY A 678 -7.85 19.00 -5.89
C GLY A 678 -8.07 20.46 -6.19
N THR A 679 -7.41 21.35 -5.38
CA THR A 679 -7.51 22.80 -5.55
C THR A 679 -6.85 23.25 -6.83
N VAL A 680 -5.65 22.70 -7.16
CA VAL A 680 -4.94 23.01 -8.41
C VAL A 680 -5.86 22.62 -9.57
N ALA A 681 -6.41 21.37 -9.52
CA ALA A 681 -7.33 20.83 -10.54
C ALA A 681 -8.63 21.63 -10.69
N TYR A 682 -9.14 22.18 -9.58
CA TYR A 682 -10.34 23.00 -9.59
C TYR A 682 -10.03 24.26 -10.42
N TYR A 683 -8.90 24.91 -10.11
CA TYR A 683 -8.47 26.16 -10.75
C TYR A 683 -8.11 25.99 -12.18
N PHE A 684 -7.49 24.85 -12.54
CA PHE A 684 -7.12 24.61 -13.94
C PHE A 684 -8.41 24.54 -14.77
N GLN A 685 -9.46 23.89 -14.21
CA GLN A 685 -10.77 23.72 -14.83
C GLN A 685 -11.52 25.03 -14.98
N GLN A 686 -11.46 25.90 -13.94
CA GLN A 686 -12.15 27.19 -13.93
C GLN A 686 -11.63 28.11 -15.00
N TYR A 687 -10.28 28.27 -15.05
CA TYR A 687 -9.58 29.09 -16.01
C TYR A 687 -9.40 28.40 -17.34
N LYS A 688 -9.79 27.12 -17.44
CA LYS A 688 -9.79 26.34 -18.68
C LYS A 688 -8.42 26.40 -19.42
N PHE A 689 -7.34 26.04 -18.71
CA PHE A 689 -5.99 26.07 -19.27
C PHE A 689 -5.79 24.95 -20.25
N ASP A 690 -5.24 25.27 -21.42
CA ASP A 690 -5.02 24.29 -22.48
C ASP A 690 -3.53 23.92 -22.63
N GLY A 691 -2.67 24.57 -21.83
CA GLY A 691 -1.22 24.37 -21.84
C GLY A 691 -0.57 25.02 -20.65
N LEU A 692 0.59 24.48 -20.20
CA LEU A 692 1.29 25.01 -19.01
C LEU A 692 2.81 24.99 -19.13
N ILE A 693 3.47 26.11 -18.75
CA ILE A 693 4.93 26.24 -18.73
C ILE A 693 5.38 26.48 -17.30
N ILE A 694 6.10 25.52 -16.74
CA ILE A 694 6.63 25.58 -15.38
C ILE A 694 8.10 25.97 -15.47
N ILE A 695 8.39 27.27 -15.31
CA ILE A 695 9.78 27.77 -15.33
C ILE A 695 10.31 27.64 -13.93
N GLY A 696 11.40 26.91 -13.79
CA GLY A 696 12.05 26.72 -12.50
C GLY A 696 13.08 25.62 -12.43
N GLY A 697 13.37 25.22 -11.20
CA GLY A 697 14.40 24.25 -10.86
C GLY A 697 13.93 22.83 -10.68
N PHE A 698 14.51 22.16 -9.67
CA PHE A 698 14.16 20.79 -9.37
C PHE A 698 12.71 20.66 -8.94
N GLU A 699 12.12 21.70 -8.29
CA GLU A 699 10.71 21.68 -7.90
C GLU A 699 9.78 21.87 -9.12
N ALA A 700 10.25 22.58 -10.17
CA ALA A 700 9.50 22.75 -11.41
C ALA A 700 9.52 21.42 -12.11
N PHE A 701 10.65 20.72 -12.01
CA PHE A 701 10.79 19.38 -12.57
C PHE A 701 9.84 18.44 -11.78
N THR A 702 9.83 18.55 -10.42
CA THR A 702 8.98 17.75 -9.54
C THR A 702 7.50 17.98 -9.82
N ALA A 703 7.07 19.26 -9.91
CA ALA A 703 5.68 19.65 -10.19
C ALA A 703 5.20 19.05 -11.53
N LEU A 704 6.02 19.16 -12.60
CA LEU A 704 5.72 18.58 -13.92
C LEU A 704 5.40 17.08 -13.78
N TYR A 705 6.25 16.36 -13.03
CA TYR A 705 6.08 14.94 -12.76
C TYR A 705 4.78 14.68 -12.02
N GLU A 706 4.55 15.38 -10.90
CA GLU A 706 3.37 15.25 -10.04
C GLU A 706 2.08 15.47 -10.80
N LEU A 707 2.03 16.56 -11.60
CA LEU A 707 0.87 16.90 -12.40
C LEU A 707 0.66 15.88 -13.47
N ASP A 708 1.75 15.37 -14.11
CA ASP A 708 1.69 14.31 -15.11
C ASP A 708 1.10 13.05 -14.51
N ALA A 709 1.55 12.68 -13.32
CA ALA A 709 1.05 11.51 -12.62
C ALA A 709 -0.42 11.67 -12.24
N ALA A 710 -0.83 12.91 -11.89
CA ALA A 710 -2.20 13.22 -11.51
C ALA A 710 -3.24 13.15 -12.67
N ARG A 711 -2.76 13.06 -13.95
CA ARG A 711 -3.60 12.97 -15.17
C ARG A 711 -4.68 11.93 -15.08
N ALA A 712 -4.36 10.81 -14.38
CA ALA A 712 -5.21 9.67 -14.08
C ALA A 712 -6.42 10.15 -13.23
N GLN A 713 -6.14 10.67 -12.01
CA GLN A 713 -7.10 11.19 -11.03
C GLN A 713 -7.85 12.47 -11.51
N TYR A 714 -7.15 13.37 -12.23
CA TYR A 714 -7.77 14.63 -12.67
C TYR A 714 -7.69 14.87 -14.18
N PRO A 715 -8.72 14.43 -14.97
CA PRO A 715 -8.70 14.67 -16.43
C PRO A 715 -8.20 16.03 -16.93
N ILE A 716 -8.44 17.09 -16.17
CA ILE A 716 -8.07 18.45 -16.53
C ILE A 716 -6.57 18.65 -16.76
N PHE A 717 -5.73 17.80 -16.11
CA PHE A 717 -4.27 17.87 -16.21
C PHE A 717 -3.74 17.21 -17.47
N ASN A 718 -4.60 16.55 -18.26
CA ASN A 718 -4.17 15.89 -19.51
C ASN A 718 -4.05 16.91 -20.65
N ILE A 719 -3.21 17.92 -20.42
CA ILE A 719 -2.91 19.01 -21.34
C ILE A 719 -1.41 18.91 -21.63
N PRO A 720 -0.87 19.53 -22.70
CA PRO A 720 0.58 19.54 -22.86
C PRO A 720 1.18 20.43 -21.77
N MET A 721 2.19 19.93 -21.08
CA MET A 721 2.89 20.66 -20.02
C MET A 721 4.36 20.53 -20.21
N CYS A 722 5.10 21.58 -19.86
CA CYS A 722 6.55 21.53 -19.95
C CYS A 722 7.25 22.26 -18.84
N CYS A 723 8.49 21.81 -18.54
CA CYS A 723 9.37 22.41 -17.56
C CYS A 723 10.51 23.10 -18.28
N LEU A 724 10.63 24.40 -18.07
CA LEU A 724 11.72 25.15 -18.66
C LEU A 724 12.71 25.31 -17.49
N PRO A 725 13.82 24.55 -17.56
CA PRO A 725 14.77 24.55 -16.45
C PRO A 725 15.50 25.88 -16.27
N ALA A 726 15.28 26.47 -15.10
CA ALA A 726 15.89 27.70 -14.65
C ALA A 726 16.32 27.50 -13.21
N THR A 727 17.65 27.50 -12.98
CA THR A 727 18.32 27.30 -11.68
C THR A 727 19.79 27.63 -11.75
N VAL A 728 20.32 28.12 -10.67
CA VAL A 728 21.72 28.49 -10.50
C VAL A 728 22.58 27.24 -10.38
N SER A 729 22.06 26.18 -9.73
CA SER A 729 22.69 24.87 -9.44
C SER A 729 23.05 24.02 -10.64
N ASN A 730 22.25 24.12 -11.74
CA ASN A 730 22.31 23.28 -12.95
C ASN A 730 22.01 21.81 -12.55
N ASN A 731 21.07 21.64 -11.62
CA ASN A 731 20.67 20.37 -11.04
C ASN A 731 19.38 19.75 -11.59
N VAL A 732 18.86 20.25 -12.73
CA VAL A 732 17.62 19.71 -13.32
C VAL A 732 17.94 18.65 -14.38
N PRO A 733 17.35 17.44 -14.25
CA PRO A 733 17.56 16.41 -15.29
C PRO A 733 16.88 16.82 -16.60
N GLY A 734 17.40 16.33 -17.72
CA GLY A 734 16.84 16.63 -19.04
C GLY A 734 17.42 17.81 -19.80
N THR A 735 18.43 18.50 -19.21
CA THR A 735 19.18 19.59 -19.83
C THR A 735 20.65 19.63 -19.38
N GLU A 736 21.51 20.25 -20.22
CA GLU A 736 22.92 20.48 -19.88
C GLU A 736 23.04 21.89 -19.35
N TYR A 737 22.03 22.72 -19.63
CA TYR A 737 22.02 24.10 -19.20
C TYR A 737 20.68 24.54 -18.60
N SER A 738 20.75 25.15 -17.43
CA SER A 738 19.60 25.72 -16.74
C SER A 738 19.78 27.24 -16.73
N LEU A 739 18.71 27.94 -17.07
CA LEU A 739 18.68 29.40 -17.15
C LEU A 739 19.02 29.99 -15.80
N GLY A 740 19.87 31.01 -15.83
CA GLY A 740 20.30 31.69 -14.61
C GLY A 740 21.66 31.25 -14.10
N SER A 741 22.17 30.10 -14.60
CA SER A 741 23.47 29.60 -14.17
C SER A 741 24.66 30.45 -14.67
N ASP A 742 24.62 30.95 -15.92
CA ASP A 742 25.69 31.80 -16.42
C ASP A 742 25.76 33.14 -15.69
N THR A 743 24.58 33.70 -15.33
CA THR A 743 24.50 34.94 -14.55
C THR A 743 25.21 34.71 -13.22
N CYS A 744 24.93 33.57 -12.57
CA CYS A 744 25.52 33.19 -11.31
C CYS A 744 27.05 33.09 -11.38
N LEU A 745 27.59 32.40 -12.41
CA LEU A 745 29.03 32.27 -12.59
C LEU A 745 29.68 33.63 -12.77
N ASN A 746 29.02 34.53 -13.51
CA ASN A 746 29.49 35.91 -13.71
C ASN A 746 29.50 36.70 -12.39
N THR A 747 28.45 36.51 -11.58
CA THR A 747 28.29 37.15 -10.28
C THR A 747 29.37 36.67 -9.36
N LEU A 748 29.69 35.35 -9.41
CA LEU A 748 30.71 34.73 -8.57
C LEU A 748 32.11 35.12 -8.90
N SER A 749 32.49 35.08 -10.19
CA SER A 749 33.84 35.48 -10.64
C SER A 749 34.15 36.91 -10.21
N GLY A 750 33.19 37.83 -10.43
CA GLY A 750 33.28 39.23 -10.06
C GLY A 750 33.41 39.37 -8.57
N TYR A 751 32.60 38.62 -7.82
CA TYR A 751 32.61 38.62 -6.37
C TYR A 751 34.00 38.21 -5.87
N CYS A 752 34.57 37.12 -6.42
CA CYS A 752 35.89 36.63 -6.05
C CYS A 752 37.01 37.57 -6.44
N ASP A 753 36.82 38.39 -7.50
CA ASP A 753 37.85 39.34 -7.95
C ASP A 753 38.00 40.39 -6.88
N ALA A 754 36.89 40.75 -6.23
CA ALA A 754 36.85 41.71 -5.14
C ALA A 754 37.43 41.07 -3.87
N VAL A 755 37.27 39.73 -3.73
CA VAL A 755 37.76 38.96 -2.60
C VAL A 755 39.31 38.97 -2.64
N LYS A 756 39.91 38.54 -3.76
CA LYS A 756 41.37 38.48 -3.96
C LYS A 756 42.01 39.86 -3.84
N GLN A 757 41.29 40.94 -4.18
CA GLN A 757 41.79 42.32 -4.05
C GLN A 757 41.84 42.78 -2.57
N SER A 758 40.83 42.38 -1.76
CA SER A 758 40.77 42.67 -0.33
C SER A 758 41.72 41.72 0.46
N ALA A 759 42.24 40.68 -0.25
CA ALA A 759 43.18 39.68 0.22
C ALA A 759 44.64 40.09 -0.15
N SER A 760 44.86 41.40 -0.45
CA SER A 760 46.16 41.97 -0.81
C SER A 760 46.64 42.96 0.26
N SER A 762 46.84 45.10 6.75
CA SER A 762 46.80 44.02 7.75
C SER A 762 45.36 43.54 7.97
N ARG A 763 44.73 43.04 6.88
CA ARG A 763 43.36 42.53 6.88
C ARG A 763 43.24 40.98 6.75
N ARG A 764 43.35 40.42 5.52
CA ARG A 764 43.18 38.98 5.24
C ARG A 764 44.11 38.38 4.15
N ARG A 765 44.34 37.05 4.17
CA ARG A 765 45.19 36.35 3.21
C ARG A 765 44.42 35.32 2.38
N THR A 766 43.87 34.28 3.03
CA THR A 766 43.14 33.19 2.39
C THR A 766 41.64 33.36 2.60
N PHE A 767 40.85 33.04 1.57
CA PHE A 767 39.41 33.16 1.63
C PHE A 767 38.69 31.88 1.28
N VAL A 768 37.72 31.52 2.11
CA VAL A 768 36.91 30.36 1.84
C VAL A 768 35.54 30.91 1.36
N VAL A 769 35.37 30.93 0.04
CA VAL A 769 34.18 31.45 -0.59
C VAL A 769 33.23 30.28 -0.70
N GLU A 770 32.04 30.44 -0.09
CA GLU A 770 31.01 29.41 -0.11
C GLU A 770 30.06 29.60 -1.29
N VAL A 771 30.01 28.57 -2.13
CA VAL A 771 29.18 28.54 -3.32
C VAL A 771 27.93 27.71 -3.04
N GLN A 772 26.76 28.29 -3.29
CA GLN A 772 25.49 27.61 -3.07
C GLN A 772 24.96 27.05 -4.37
N GLY A 773 25.40 25.85 -4.73
CA GLY A 773 24.97 25.17 -5.94
C GLY A 773 24.26 23.85 -5.71
N GLY A 774 23.54 23.75 -4.58
CA GLY A 774 22.79 22.55 -4.21
C GLY A 774 23.64 21.37 -3.79
N TYR A 775 23.26 20.16 -4.24
CA TYR A 775 23.94 18.90 -3.95
C TYR A 775 24.85 18.44 -5.10
N SER A 776 25.03 19.29 -6.10
CA SER A 776 25.83 19.05 -7.28
C SER A 776 27.07 19.95 -7.22
N GLY A 777 28.21 19.39 -7.56
CA GLY A 777 29.45 20.15 -7.56
C GLY A 777 29.76 20.97 -8.78
N TYR A 778 28.82 21.05 -9.77
CA TYR A 778 28.97 21.80 -11.02
C TYR A 778 29.33 23.26 -10.80
N LEU A 779 28.47 23.98 -10.05
CA LEU A 779 28.67 25.41 -9.76
C LEU A 779 30.03 25.63 -9.18
N ALA A 780 30.35 24.94 -8.06
CA ALA A 780 31.64 25.03 -7.37
C ALA A 780 32.81 24.74 -8.30
N SER A 781 32.75 23.64 -9.06
CA SER A 781 33.80 23.23 -9.99
C SER A 781 34.02 24.29 -11.04
N TYR A 782 32.95 24.75 -11.73
CA TYR A 782 33.04 25.80 -12.73
C TYR A 782 33.67 27.05 -12.12
N ALA A 783 33.10 27.52 -10.99
CA ALA A 783 33.54 28.71 -10.27
C ALA A 783 35.02 28.58 -9.93
N GLY A 784 35.46 27.41 -9.47
CA GLY A 784 36.84 27.14 -9.14
C GLY A 784 37.76 27.42 -10.30
N LEU A 785 37.47 26.80 -11.48
CA LEU A 785 38.27 26.97 -12.70
C LEU A 785 38.43 28.45 -13.08
N ILE A 786 37.31 29.17 -13.16
CA ILE A 786 37.27 30.58 -13.55
C ILE A 786 37.80 31.56 -12.51
N THR A 787 37.98 31.14 -11.24
CA THR A 787 38.50 32.10 -10.25
C THR A 787 39.95 31.81 -9.84
N GLY A 788 40.48 30.70 -10.31
CA GLY A 788 41.83 30.26 -9.99
C GLY A 788 41.94 29.89 -8.55
N ALA A 789 40.90 29.16 -8.02
CA ALA A 789 40.84 28.69 -6.62
C ALA A 789 41.89 27.59 -6.41
N LEU A 790 42.54 27.57 -5.22
CA LEU A 790 43.53 26.56 -4.88
C LEU A 790 42.88 25.19 -4.75
N ALA A 791 41.92 25.09 -3.78
CA ALA A 791 41.15 23.90 -3.51
C ALA A 791 39.67 24.19 -3.71
N VAL A 792 38.91 23.17 -4.16
CA VAL A 792 37.45 23.23 -4.37
C VAL A 792 36.81 22.07 -3.61
N TYR A 793 35.91 22.37 -2.65
CA TYR A 793 35.24 21.36 -1.83
C TYR A 793 33.88 21.03 -2.42
N THR A 794 33.65 19.76 -2.77
CA THR A 794 32.40 19.32 -3.40
C THR A 794 31.84 18.02 -2.80
N PRO A 795 30.50 17.76 -2.88
CA PRO A 795 29.95 16.49 -2.35
C PRO A 795 30.48 15.24 -3.05
N GLU A 796 30.86 15.36 -4.33
CA GLU A 796 31.38 14.29 -5.17
C GLU A 796 32.76 13.79 -4.71
N ASN A 797 33.59 14.66 -4.10
CA ASN A 797 34.94 14.31 -3.66
C ASN A 797 35.11 14.36 -2.13
N PRO A 798 35.64 13.25 -1.53
CA PRO A 798 35.74 13.16 -0.07
C PRO A 798 36.60 14.17 0.68
N ILE A 799 36.10 14.63 1.85
CA ILE A 799 36.80 15.57 2.71
C ILE A 799 37.15 14.89 4.03
N ASN A 800 38.44 14.87 4.38
CA ASN A 800 38.94 14.26 5.61
C ASN A 800 40.26 14.89 6.11
N LEU A 801 40.77 14.41 7.28
CA LEU A 801 42.01 14.88 7.88
C LEU A 801 43.21 14.79 6.93
N GLN A 802 43.27 13.72 6.08
CA GLN A 802 44.31 13.60 5.06
C GLN A 802 44.09 14.62 3.92
N THR A 803 42.85 14.68 3.35
CA THR A 803 42.57 15.65 2.28
C THR A 803 42.84 17.10 2.72
N VAL A 804 42.38 17.45 3.94
CA VAL A 804 42.54 18.79 4.54
C VAL A 804 44.01 19.13 4.69
N GLN A 805 44.81 18.17 5.24
CA GLN A 805 46.25 18.32 5.43
C GLN A 805 46.95 18.59 4.11
N GLU A 806 46.51 17.89 3.04
CA GLU A 806 47.00 18.04 1.67
C GLU A 806 46.69 19.46 1.17
N ASP A 807 45.41 19.93 1.35
CA ASP A 807 44.96 21.28 0.98
C ASP A 807 45.83 22.31 1.70
N ILE A 808 46.08 22.12 3.05
CA ILE A 808 46.93 23.02 3.85
C ILE A 808 48.37 23.01 3.27
N GLU A 809 48.91 21.82 2.93
CA GLU A 809 50.25 21.66 2.36
C GLU A 809 50.39 22.47 1.06
N LEU A 810 49.38 22.42 0.16
CA LEU A 810 49.40 23.15 -1.11
C LEU A 810 49.45 24.62 -0.82
N LEU A 811 48.52 25.12 0.03
CA LEU A 811 48.44 26.53 0.47
C LEU A 811 49.77 26.98 1.09
N THR A 812 50.36 26.15 1.96
CA THR A 812 51.63 26.39 2.62
C THR A 812 52.73 26.50 1.56
N ARG A 813 52.88 25.49 0.70
CA ARG A 813 53.89 25.47 -0.35
C ARG A 813 53.71 26.61 -1.38
N THR A 814 52.46 27.06 -1.59
CA THR A 814 52.13 28.15 -2.51
C THR A 814 52.61 29.48 -1.93
N TYR A 815 52.20 29.79 -0.69
CA TYR A 815 52.55 31.02 0.02
C TYR A 815 54.05 31.22 0.24
N GLU A 816 54.82 30.12 0.38
CA GLU A 816 56.26 30.19 0.55
C GLU A 816 57.02 30.23 -0.79
N GLU A 817 56.52 31.06 -1.71
CA GLU A 817 57.05 31.31 -3.06
C GLU A 817 56.66 32.73 -3.48
N ASP A 818 55.43 33.16 -3.08
CA ASP A 818 54.85 34.47 -3.38
C ASP A 818 55.72 35.66 -2.88
N ASP A 819 55.71 36.79 -3.63
CA ASP A 819 56.46 38.01 -3.35
C ASP A 819 55.64 39.27 -3.58
N ARG A 823 51.09 40.59 -7.39
CA ARG A 823 49.70 40.57 -6.94
C ARG A 823 49.37 39.22 -6.33
N SER A 824 48.93 39.19 -5.04
CA SER A 824 48.59 37.97 -4.29
C SER A 824 47.17 37.97 -3.67
N GLY A 825 46.87 36.91 -2.91
CA GLY A 825 45.58 36.66 -2.28
C GLY A 825 44.93 35.40 -2.83
N LYS A 826 44.85 34.32 -2.00
CA LYS A 826 44.33 33.02 -2.42
C LYS A 826 42.90 32.66 -1.99
N ILE A 827 42.22 31.83 -2.81
CA ILE A 827 40.84 31.41 -2.52
C ILE A 827 40.60 29.91 -2.58
N PHE A 828 39.63 29.44 -1.78
CA PHE A 828 39.16 28.06 -1.72
C PHE A 828 37.68 28.12 -2.02
N ILE A 829 37.18 27.20 -2.87
CA ILE A 829 35.75 27.21 -3.16
C ILE A 829 35.05 26.08 -2.45
N HIS A 830 34.19 26.44 -1.51
CA HIS A 830 33.45 25.49 -0.70
C HIS A 830 31.98 25.44 -1.07
N ASN A 831 31.53 24.30 -1.63
CA ASN A 831 30.13 24.13 -1.96
C ASN A 831 29.33 23.95 -0.67
N GLU A 832 28.31 24.81 -0.42
CA GLU A 832 27.45 24.74 0.76
C GLU A 832 27.07 23.32 1.25
N LYS A 833 26.86 22.38 0.33
CA LYS A 833 26.53 21.01 0.69
C LYS A 833 27.65 20.08 0.25
N ALA A 834 28.81 20.14 0.93
CA ALA A 834 29.96 19.29 0.63
C ALA A 834 30.25 18.33 1.80
N SER A 835 30.25 18.83 3.04
CA SER A 835 30.48 18.01 4.25
C SER A 835 29.67 18.59 5.41
N LYS A 836 29.09 17.71 6.26
CA LYS A 836 28.35 18.18 7.42
C LYS A 836 29.35 18.46 8.55
N VAL A 837 30.62 18.07 8.33
CA VAL A 837 31.72 18.25 9.26
C VAL A 837 32.60 19.43 8.81
N TYR A 838 33.32 19.22 7.71
CA TYR A 838 34.25 20.18 7.15
C TYR A 838 33.46 21.17 6.33
N THR A 839 32.86 22.11 7.04
CA THR A 839 32.03 23.20 6.49
C THR A 839 32.94 24.40 6.09
N THR A 840 32.38 25.46 5.43
CA THR A 840 33.13 26.66 5.06
C THR A 840 33.78 27.21 6.32
N ASP A 841 32.99 27.20 7.41
CA ASP A 841 33.43 27.67 8.71
C ASP A 841 34.56 26.82 9.32
N LEU A 842 34.46 25.47 9.25
CA LEU A 842 35.54 24.65 9.81
C LEU A 842 36.81 24.71 8.95
N ILE A 843 36.64 24.64 7.61
CA ILE A 843 37.80 24.71 6.71
C ILE A 843 38.60 26.02 6.97
N ALA A 844 37.89 27.17 7.01
CA ALA A 844 38.48 28.47 7.30
C ALA A 844 39.18 28.45 8.66
N ALA A 845 38.56 27.82 9.67
CA ALA A 845 39.13 27.73 11.01
C ALA A 845 40.43 26.91 11.08
N ILE A 846 40.55 25.87 10.24
CA ILE A 846 41.72 25.00 10.20
C ILE A 846 42.89 25.70 9.49
N ILE A 847 42.61 26.46 8.41
CA ILE A 847 43.57 27.26 7.64
C ILE A 847 44.19 28.31 8.56
N GLY A 848 43.38 28.98 9.37
CA GLY A 848 43.82 29.98 10.34
C GLY A 848 44.85 29.50 11.33
N GLU A 849 44.56 28.35 12.03
CA GLU A 849 45.46 27.71 13.01
C GLU A 849 46.71 27.08 12.33
N ALA A 850 46.66 26.88 10.99
CA ALA A 850 47.73 26.31 10.19
C ALA A 850 48.95 27.23 10.09
N GLY A 851 50.13 26.61 10.24
CA GLY A 851 51.44 27.26 10.24
C GLY A 851 51.68 28.02 11.53
N LYS A 852 51.09 27.50 12.66
CA LYS A 852 51.10 28.08 14.01
C LYS A 852 50.58 29.55 13.96
N GLY A 853 49.52 29.76 13.15
CA GLY A 853 48.94 31.07 12.88
C GLY A 853 49.81 31.78 11.86
N ARG A 854 49.92 31.20 10.65
CA ARG A 854 50.77 31.74 9.59
C ARG A 854 50.03 32.79 8.78
N PHE A 855 48.82 32.46 8.27
CA PHE A 855 47.96 33.30 7.43
C PHE A 855 46.61 33.60 8.11
N GLU A 856 45.94 34.65 7.64
CA GLU A 856 44.63 35.05 8.15
C GLU A 856 43.55 34.49 7.23
N SER A 857 42.81 33.47 7.70
CA SER A 857 41.74 32.88 6.92
C SER A 857 40.43 33.59 7.19
N ARG A 858 39.62 33.76 6.12
CA ARG A 858 38.32 34.44 6.19
C ARG A 858 37.30 33.71 5.34
N THR A 859 36.05 33.72 5.79
CA THR A 859 34.94 33.14 5.06
C THR A 859 34.26 34.27 4.32
N ALA A 860 33.62 33.91 3.19
CA ALA A 860 32.87 34.80 2.33
C ALA A 860 31.65 34.01 1.91
N VAL A 861 30.47 34.60 2.05
CA VAL A 861 29.25 33.92 1.66
C VAL A 861 28.41 34.82 0.74
N PRO A 862 28.70 34.79 -0.59
CA PRO A 862 27.89 35.59 -1.53
C PRO A 862 26.41 35.28 -1.32
N GLY A 863 26.08 33.98 -1.30
CA GLY A 863 24.75 33.48 -0.99
C GLY A 863 23.70 33.84 -1.99
N HIS A 864 22.56 34.38 -1.52
CA HIS A 864 21.43 34.75 -2.38
C HIS A 864 21.71 35.82 -3.43
N VAL A 865 22.92 36.44 -3.36
CA VAL A 865 23.37 37.40 -4.36
C VAL A 865 23.73 36.70 -5.69
N GLN A 866 23.95 35.37 -5.63
CA GLN A 866 24.25 34.49 -6.75
C GLN A 866 23.21 34.59 -7.87
N GLN A 867 21.95 35.01 -7.59
CA GLN A 867 20.96 35.15 -8.67
C GLN A 867 21.21 36.32 -9.62
N GLY A 868 21.92 37.36 -9.17
CA GLY A 868 22.32 38.51 -9.98
C GLY A 868 21.26 39.58 -10.18
N LYS A 869 21.68 40.82 -10.55
CA LYS A 869 20.73 41.92 -10.79
C LYS A 869 20.06 41.79 -12.16
N SER A 870 20.87 41.62 -13.22
CA SER A 870 20.35 41.45 -14.57
C SER A 870 20.84 40.13 -15.20
N PRO A 871 20.00 39.40 -15.99
CA PRO A 871 20.47 38.17 -16.62
C PRO A 871 21.60 38.44 -17.59
N SER A 872 22.56 37.54 -17.69
CA SER A 872 23.66 37.64 -18.63
C SER A 872 23.10 37.50 -20.06
N SER A 873 23.93 37.79 -21.06
CA SER A 873 23.57 37.66 -22.47
C SER A 873 23.30 36.20 -22.84
N ILE A 874 24.14 35.25 -22.33
CA ILE A 874 23.92 33.81 -22.54
C ILE A 874 22.53 33.44 -21.99
N ASP A 875 22.18 33.97 -20.82
CA ASP A 875 20.88 33.72 -20.22
C ASP A 875 19.74 34.30 -21.00
N ARG A 876 19.89 35.56 -21.48
CA ARG A 876 18.92 36.30 -22.30
C ARG A 876 18.69 35.59 -23.64
N VAL A 877 19.78 35.19 -24.33
CA VAL A 877 19.70 34.51 -25.60
C VAL A 877 19.01 33.13 -25.44
N ASN A 878 19.44 32.31 -24.46
CA ASN A 878 18.83 31.00 -24.22
C ASN A 878 17.38 31.05 -23.73
N ALA A 879 17.05 32.02 -22.86
CA ALA A 879 15.70 32.22 -22.35
C ALA A 879 14.74 32.43 -23.49
N CYS A 880 15.21 33.10 -24.51
CA CYS A 880 14.43 33.39 -25.71
C CYS A 880 14.27 32.18 -26.61
N ARG A 881 15.37 31.42 -26.86
CA ARG A 881 15.40 30.20 -27.66
C ARG A 881 14.43 29.16 -27.09
N LEU A 882 14.58 28.88 -25.78
CA LEU A 882 13.79 27.90 -25.07
C LEU A 882 12.34 28.29 -24.84
N ALA A 883 12.07 29.60 -24.55
CA ALA A 883 10.69 30.04 -24.36
C ALA A 883 9.94 29.78 -25.64
N ILE A 884 10.56 30.11 -26.80
CA ILE A 884 10.02 29.90 -28.15
C ILE A 884 9.71 28.41 -28.37
N LYS A 885 10.64 27.54 -27.96
CA LYS A 885 10.48 26.10 -28.10
C LYS A 885 9.38 25.52 -27.19
N CYS A 886 9.19 26.11 -25.99
CA CYS A 886 8.15 25.72 -25.06
C CYS A 886 6.78 25.96 -25.68
N CYS A 887 6.53 27.19 -26.12
CA CYS A 887 5.29 27.62 -26.77
C CYS A 887 5.00 26.78 -28.01
N ASN A 888 6.02 26.53 -28.83
CA ASN A 888 5.85 25.73 -30.00
C ASN A 888 5.37 24.35 -29.66
N PHE A 889 5.81 23.80 -28.52
CA PHE A 889 5.42 22.47 -28.05
C PHE A 889 4.01 22.40 -27.50
N ILE A 890 3.70 23.13 -26.40
CA ILE A 890 2.39 23.12 -25.74
C ILE A 890 1.27 23.58 -26.68
N GLU A 891 1.55 24.63 -27.49
CA GLU A 891 0.59 25.20 -28.43
C GLU A 891 0.52 24.47 -29.79
N ASP A 892 1.22 23.33 -29.91
CA ASP A 892 1.22 22.52 -31.12
C ASP A 892 -0.17 21.94 -31.31
N ALA A 893 -0.72 22.07 -32.52
CA ALA A 893 -2.06 21.58 -32.85
C ALA A 893 -2.19 20.06 -32.71
N ASN A 894 -1.07 19.33 -32.91
CA ASN A 894 -1.03 17.88 -32.81
C ASN A 894 -1.43 17.41 -31.43
N PHE A 895 -1.08 18.17 -30.38
CA PHE A 895 -1.39 17.87 -28.99
C PHE A 895 -2.70 18.52 -28.55
N GLN A 896 -3.35 19.22 -29.47
CA GLN A 896 -4.57 19.93 -29.14
C GLN A 896 -5.78 19.28 -29.74
N VAL A 897 -6.95 19.45 -29.09
CA VAL A 897 -8.27 18.91 -29.47
C VAL A 897 -8.59 19.19 -30.94
N LYS A 898 -9.09 18.20 -31.69
CA LYS A 898 -9.45 18.35 -33.12
C LYS A 898 -10.83 19.01 -33.30
N HIS A 899 -10.91 20.06 -34.13
CA HIS A 899 -12.15 20.81 -34.27
C HIS A 899 -13.19 20.26 -35.23
N ASN A 900 -12.79 19.39 -36.16
CA ASN A 900 -13.76 18.77 -37.05
C ASN A 900 -14.13 17.38 -36.51
N ALA A 901 -14.88 17.39 -35.39
CA ALA A 901 -15.38 16.20 -34.70
C ALA A 901 -16.71 16.51 -33.98
N ASN A 902 -17.68 15.54 -33.90
CA ASN A 902 -18.97 15.71 -33.19
C ASN A 902 -18.67 15.72 -31.67
N LEU A 903 -18.01 16.81 -31.19
CA LEU A 903 -17.60 16.98 -29.80
C LEU A 903 -18.42 18.01 -29.03
N SER A 904 -18.83 17.66 -27.80
CA SER A 904 -19.55 18.56 -26.91
C SER A 904 -18.50 19.46 -26.26
N ALA A 905 -18.93 20.61 -25.72
CA ALA A 905 -17.99 21.53 -25.07
C ALA A 905 -17.22 20.86 -23.92
N ASP A 906 -17.91 19.99 -23.17
CA ASP A 906 -17.34 19.25 -22.04
C ASP A 906 -16.38 18.20 -22.52
N GLU A 907 -16.71 17.55 -23.66
CA GLU A 907 -15.87 16.54 -24.28
C GLU A 907 -14.56 17.21 -24.70
N ARG A 908 -14.64 18.42 -25.30
CA ARG A 908 -13.43 19.16 -25.67
C ARG A 908 -12.57 19.62 -24.48
N HIS A 909 -13.21 19.87 -23.30
CA HIS A 909 -12.54 20.27 -22.04
C HIS A 909 -11.93 19.05 -21.34
N LEU A 910 -12.63 17.90 -21.37
CA LEU A 910 -12.17 16.63 -20.79
C LEU A 910 -11.12 15.96 -21.67
N ARG A 911 -11.08 16.34 -22.96
CA ARG A 911 -10.14 15.87 -23.98
C ARG A 911 -10.30 14.39 -24.34
N PHE A 912 -11.54 13.88 -24.14
CA PHE A 912 -11.98 12.53 -24.47
C PHE A 912 -13.49 12.49 -24.67
N PHE A 913 -13.97 11.51 -25.44
CA PHE A 913 -15.40 11.30 -25.71
C PHE A 913 -15.70 9.81 -25.80
N TYR A 914 -16.93 9.39 -25.50
CA TYR A 914 -17.27 7.97 -25.61
C TYR A 914 -17.95 7.72 -26.96
N ASP A 915 -17.23 7.02 -27.84
CA ASP A 915 -17.73 6.68 -29.17
C ASP A 915 -18.08 5.21 -29.20
N ASP A 916 -19.38 4.90 -29.51
CA ASP A 916 -19.92 3.54 -29.57
C ASP A 916 -19.43 2.66 -28.40
N GLY A 917 -19.47 3.23 -27.20
CA GLY A 917 -19.03 2.58 -25.96
C GLY A 917 -17.57 2.82 -25.62
N VAL A 918 -16.70 2.83 -26.66
CA VAL A 918 -15.23 3.02 -26.52
C VAL A 918 -14.85 4.45 -26.15
N LYS A 919 -14.07 4.62 -25.06
CA LYS A 919 -13.57 5.92 -24.62
C LYS A 919 -12.41 6.30 -25.55
N THR A 920 -12.63 7.32 -26.38
CA THR A 920 -11.71 7.81 -27.39
C THR A 920 -11.14 9.18 -27.02
N SER A 921 -9.86 9.42 -27.36
CA SER A 921 -9.18 10.70 -27.15
C SER A 921 -9.64 11.73 -28.19
N ALA A 922 -10.14 12.89 -27.73
CA ALA A 922 -10.59 13.98 -28.59
C ALA A 922 -9.44 14.63 -29.37
N VAL A 923 -8.20 14.15 -29.14
CA VAL A 923 -6.96 14.62 -29.78
C VAL A 923 -6.45 13.56 -30.78
N SER A 924 -5.93 12.44 -30.26
CA SER A 924 -5.36 11.37 -31.07
C SER A 924 -6.33 10.50 -31.83
N GLY A 925 -7.58 10.46 -31.37
CA GLY A 925 -8.60 9.57 -31.92
C GLY A 925 -8.34 8.14 -31.43
N LYS A 926 -7.28 7.98 -30.62
CA LYS A 926 -6.82 6.72 -30.07
C LYS A 926 -7.63 6.36 -28.84
N SER A 927 -7.68 5.05 -28.50
CA SER A 927 -8.36 4.48 -27.34
C SER A 927 -7.67 4.94 -26.04
N SER A 928 -6.33 5.05 -26.05
CA SER A 928 -5.55 5.51 -24.89
C SER A 928 -5.60 7.02 -24.80
N VAL A 929 -6.41 7.49 -23.85
CA VAL A 929 -6.67 8.91 -23.57
C VAL A 929 -5.43 9.72 -23.15
N ILE A 930 -4.51 9.11 -22.36
CA ILE A 930 -3.29 9.75 -21.82
C ILE A 930 -2.01 9.46 -22.61
N ASP A 931 -1.37 10.53 -23.14
CA ASP A 931 -0.10 10.47 -23.89
C ASP A 931 1.02 10.94 -22.97
N ASP A 932 1.98 10.06 -22.67
CA ASP A 932 3.10 10.40 -21.79
C ASP A 932 4.12 11.39 -22.36
N ASN A 933 4.15 11.52 -23.69
CA ASN A 933 5.03 12.43 -24.40
C ASN A 933 4.61 13.90 -24.27
N THR A 934 3.38 14.17 -23.81
CA THR A 934 2.87 15.53 -23.65
C THR A 934 3.43 16.31 -22.44
N SER A 935 3.97 15.61 -21.40
CA SER A 935 4.59 16.22 -20.22
C SER A 935 6.10 16.09 -20.39
N VAL A 936 6.72 17.13 -20.94
CA VAL A 936 8.12 17.11 -21.35
C VAL A 936 9.03 18.16 -20.67
N VAL A 937 10.34 17.85 -20.53
CA VAL A 937 11.39 18.76 -20.00
C VAL A 937 12.13 19.31 -21.23
N ILE A 938 12.07 20.63 -21.43
CA ILE A 938 12.72 21.27 -22.58
C ILE A 938 14.09 21.79 -22.19
N GLY A 939 15.13 21.11 -22.67
CA GLY A 939 16.50 21.47 -22.36
C GLY A 939 17.48 21.47 -23.53
N ILE A 940 18.75 21.68 -23.22
CA ILE A 940 19.81 21.71 -24.21
C ILE A 940 20.75 20.52 -24.02
N GLN A 941 21.04 19.81 -25.13
CA GLN A 941 21.96 18.68 -25.21
C GLN A 941 22.89 19.05 -26.37
N GLY A 942 24.13 19.46 -26.04
CA GLY A 942 25.11 19.96 -27.00
C GLY A 942 24.76 21.39 -27.38
N SER A 943 24.12 21.56 -28.54
CA SER A 943 23.66 22.84 -29.08
C SER A 943 22.13 22.77 -29.27
N GLU A 944 21.63 21.57 -29.68
CA GLU A 944 20.24 21.21 -29.94
C GLU A 944 19.35 21.27 -28.67
N VAL A 945 18.05 21.66 -28.87
CA VAL A 945 16.98 21.72 -27.85
C VAL A 945 16.32 20.34 -27.83
N THR A 946 16.15 19.75 -26.65
CA THR A 946 15.55 18.41 -26.50
C THR A 946 14.28 18.42 -25.66
N PHE A 947 13.33 17.58 -26.02
CA PHE A 947 12.03 17.43 -25.35
C PHE A 947 12.03 16.05 -24.71
N THR A 948 12.10 15.97 -23.39
CA THR A 948 12.20 14.67 -22.74
C THR A 948 11.06 14.43 -21.74
N PRO A 949 10.31 13.33 -21.86
CA PRO A 949 9.19 13.11 -20.93
C PRO A 949 9.60 12.80 -19.48
N VAL A 950 8.97 13.48 -18.50
CA VAL A 950 9.20 13.31 -17.06
C VAL A 950 9.22 11.89 -16.52
N LYS A 951 8.21 11.05 -16.87
CA LYS A 951 8.09 9.68 -16.35
C LYS A 951 9.43 8.93 -16.41
N GLN A 952 10.08 9.01 -17.59
CA GLN A 952 11.37 8.41 -17.92
C GLN A 952 12.48 9.10 -17.13
N LEU A 953 12.50 10.45 -17.12
CA LEU A 953 13.49 11.22 -16.36
C LEU A 953 13.38 11.00 -14.84
N TRP A 954 12.15 10.78 -14.34
CA TRP A 954 11.91 10.58 -12.92
C TRP A 954 12.42 9.27 -12.35
N GLU A 955 12.50 8.17 -13.16
CA GLU A 955 13.11 6.92 -12.70
C GLU A 955 14.64 7.06 -12.69
N ASN A 956 15.19 7.80 -13.68
CA ASN A 956 16.61 8.06 -13.83
C ASN A 956 17.21 8.91 -12.68
N GLU A 957 16.54 10.02 -12.26
CA GLU A 957 17.01 10.94 -11.20
C GLU A 957 17.21 10.27 -9.83
N THR A 958 18.11 10.89 -8.99
CA THR A 958 18.47 10.48 -7.61
C THR A 958 17.75 11.34 -6.52
N HIS A 959 17.57 10.77 -5.29
CA HIS A 959 16.96 11.47 -4.13
C HIS A 959 17.86 12.61 -3.58
N HIS A 960 19.10 12.73 -4.16
CA HIS A 960 20.11 13.75 -3.88
C HIS A 960 19.96 14.92 -4.89
N LYS A 961 18.72 15.16 -5.35
CA LYS A 961 18.29 16.21 -6.28
C LYS A 961 19.07 16.24 -7.62
N TRP A 962 19.35 15.02 -8.16
CA TRP A 962 20.09 14.74 -9.40
C TRP A 962 21.37 15.58 -9.58
N ASN A 967 25.66 10.22 -12.66
CA ASN A 967 25.28 10.11 -14.07
C ASN A 967 25.91 11.19 -14.97
N VAL A 968 25.92 12.46 -14.50
CA VAL A 968 26.44 13.64 -15.22
C VAL A 968 27.88 14.00 -14.79
N HIS A 969 28.78 14.25 -15.78
CA HIS A 969 30.18 14.58 -15.50
C HIS A 969 30.78 15.82 -16.10
N TRP A 970 31.39 16.62 -15.22
CA TRP A 970 32.11 17.87 -15.46
C TRP A 970 33.53 17.73 -14.88
N GLU A 971 34.08 16.49 -14.88
CA GLU A 971 35.39 16.13 -14.34
C GLU A 971 36.52 17.00 -14.84
N GLN A 972 36.58 17.25 -16.17
CA GLN A 972 37.65 18.04 -16.76
C GLN A 972 37.76 19.50 -16.27
N LEU A 973 36.70 20.03 -15.62
CA LEU A 973 36.74 21.37 -15.03
C LEU A 973 37.73 21.32 -13.87
N ASN A 974 37.57 20.27 -13.04
CA ASN A 974 38.44 19.99 -11.89
C ASN A 974 39.87 19.60 -12.29
N ILE A 975 40.04 18.84 -13.39
CA ILE A 975 41.36 18.42 -13.86
C ILE A 975 42.19 19.63 -14.32
N VAL A 976 41.61 20.48 -15.19
CA VAL A 976 42.26 21.68 -15.70
C VAL A 976 42.59 22.70 -14.58
N SER A 977 41.62 22.95 -13.69
CA SER A 977 41.83 23.85 -12.56
C SER A 977 43.00 23.43 -11.70
N ASP A 978 43.11 22.12 -11.37
CA ASP A 978 44.19 21.54 -10.58
C ASP A 978 45.52 21.59 -11.29
N LEU A 979 45.51 21.52 -12.63
CA LEU A 979 46.74 21.58 -13.40
C LEU A 979 47.30 23.00 -13.25
N LEU A 980 46.43 24.01 -13.48
CA LEU A 980 46.75 25.45 -13.48
C LEU A 980 47.03 26.08 -12.12
N SER A 981 46.40 25.56 -11.02
CA SER A 981 46.74 25.89 -9.63
C SER A 981 47.94 24.96 -9.34
N GLY A 982 48.57 25.06 -8.19
CA GLY A 982 49.68 24.15 -7.92
C GLY A 982 49.33 22.68 -7.73
N ARG A 983 48.03 22.36 -7.40
CA ARG A 983 47.54 21.02 -7.09
C ARG A 983 48.15 19.83 -7.81
N LEU A 984 47.95 19.71 -9.14
CA LEU A 984 48.47 18.58 -9.93
C LEU A 984 50.00 18.45 -9.84
N SER A 985 50.70 19.58 -9.73
CA SER A 985 52.16 19.60 -9.64
C SER A 985 52.62 19.16 -8.26
N ILE A 986 51.89 19.57 -7.19
CA ILE A 986 52.22 19.20 -5.81
C ILE A 986 51.87 17.74 -5.58
N ARG A 987 50.78 17.28 -6.23
CA ARG A 987 50.29 15.92 -6.19
C ARG A 987 51.20 14.91 -6.92
N THR A 988 52.11 15.40 -7.81
CA THR A 988 53.06 14.56 -8.58
C THR A 988 54.58 14.87 -8.35
N THR A 989 54.89 15.94 -7.58
CA THR A 989 56.23 16.47 -7.28
C THR A 989 56.91 16.96 -8.55
N SER B 5 46.12 57.78 68.66
CA SER B 5 46.73 58.98 68.06
C SER B 5 46.56 60.20 68.98
N LEU B 6 47.05 61.36 68.53
CA LEU B 6 46.90 62.64 69.24
C LEU B 6 46.38 63.71 68.31
N PHE B 7 46.73 63.65 67.01
CA PHE B 7 46.18 64.54 65.99
C PHE B 7 44.97 63.75 65.49
N ASN B 8 43.92 63.74 66.32
CA ASN B 8 42.69 62.97 66.13
C ASN B 8 41.82 63.29 64.91
N GLY B 9 41.81 64.54 64.49
CA GLY B 9 41.01 65.00 63.34
C GLY B 9 41.47 66.32 62.80
N THR B 10 40.62 66.96 61.98
CA THR B 10 40.89 68.27 61.36
C THR B 10 39.66 69.16 61.59
N SER B 11 39.78 70.13 62.52
CA SER B 11 38.66 70.99 62.88
C SER B 11 38.32 72.08 61.85
N PHE B 12 39.31 72.97 61.57
CA PHE B 12 39.14 74.10 60.64
C PHE B 12 40.45 74.71 60.18
N ILE B 13 40.40 75.37 59.01
CA ILE B 13 41.50 76.13 58.42
C ILE B 13 41.32 77.61 58.84
N THR B 14 42.39 78.24 59.34
CA THR B 14 42.37 79.63 59.80
C THR B 14 43.13 80.54 58.81
N LEU B 15 42.42 81.53 58.21
CA LEU B 15 43.00 82.47 57.25
C LEU B 15 43.00 83.92 57.76
N PHE B 16 44.15 84.62 57.63
CA PHE B 16 44.33 86.02 58.04
C PHE B 16 44.33 86.94 56.81
N ALA B 17 43.46 87.98 56.83
CA ALA B 17 43.24 88.95 55.76
C ALA B 17 43.93 90.32 56.00
N PRO B 18 44.30 91.09 54.94
CA PRO B 18 44.91 92.42 55.16
C PRO B 18 43.89 93.54 55.37
N ASN B 19 43.85 94.08 56.61
CA ASN B 19 42.96 95.16 57.08
C ASN B 19 41.47 94.85 56.94
N SER B 21 39.12 94.04 53.99
CA SER B 21 39.22 94.67 52.67
C SER B 21 38.83 93.72 51.55
N LEU B 23 39.57 89.99 52.21
CA LEU B 23 38.60 89.67 53.25
C LEU B 23 37.19 89.45 52.69
N GLN B 24 36.68 90.43 51.91
CA GLN B 24 35.36 90.34 51.30
C GLN B 24 35.45 89.62 49.95
N ALA B 25 36.53 89.88 49.19
CA ALA B 25 36.82 89.26 47.89
C ALA B 25 36.91 87.75 48.05
N SER B 26 37.54 87.28 49.15
CA SER B 26 37.66 85.86 49.50
C SER B 26 36.32 85.32 50.01
N ILE B 27 35.59 86.12 50.83
CA ILE B 27 34.26 85.74 51.35
C ILE B 27 33.29 85.44 50.19
N ASP B 28 33.35 86.25 49.10
CA ASP B 28 32.56 86.06 47.89
C ASP B 28 33.00 84.83 47.09
N PHE B 29 34.32 84.53 47.08
CA PHE B 29 34.91 83.40 46.35
C PHE B 29 34.51 82.05 46.93
N TYR B 30 34.85 81.79 48.22
CA TYR B 30 34.56 80.54 48.90
C TYR B 30 33.06 80.22 49.04
N THR B 31 32.18 81.25 48.94
CA THR B 31 30.72 81.07 49.02
C THR B 31 30.11 80.74 47.66
N ASN B 32 30.52 81.45 46.59
CA ASN B 32 30.00 81.23 45.23
C ASN B 32 30.64 80.02 44.56
N PHE B 33 31.97 79.87 44.72
CA PHE B 33 32.76 78.79 44.11
C PHE B 33 32.78 77.47 44.90
N LEU B 34 32.84 77.53 46.23
CA LEU B 34 32.92 76.30 47.04
C LEU B 34 31.64 75.84 47.76
N GLY B 35 30.63 76.72 47.84
CA GLY B 35 29.36 76.41 48.48
C GLY B 35 29.32 76.60 49.98
N PHE B 36 30.17 77.49 50.51
CA PHE B 36 30.23 77.82 51.92
C PHE B 36 29.17 78.87 52.27
N ALA B 37 29.01 79.18 53.57
CA ALA B 37 28.05 80.18 54.07
C ALA B 37 28.55 80.86 55.33
N ILE B 38 28.28 82.17 55.45
CA ILE B 38 28.66 82.96 56.62
C ILE B 38 27.76 82.58 57.80
N ARG B 39 28.37 82.30 58.98
CA ARG B 39 27.63 81.93 60.19
C ARG B 39 26.89 83.13 60.76
N LYS B 40 25.64 82.90 61.24
CA LYS B 40 24.72 83.90 61.80
C LYS B 40 25.28 84.68 62.99
N ASN B 41 25.05 86.01 62.98
CA ASN B 41 25.47 86.98 64.01
C ASN B 41 26.98 86.99 64.29
N SER B 42 27.77 87.59 63.38
CA SER B 42 29.23 87.71 63.48
C SER B 42 29.65 88.67 64.61
N ASN B 43 30.58 88.21 65.48
CA ASN B 43 31.09 88.98 66.63
C ASN B 43 31.83 90.25 66.19
N GLN B 44 32.60 90.18 65.08
CA GLN B 44 33.35 91.29 64.51
C GLN B 44 32.97 91.48 63.04
N LYS B 45 32.22 92.58 62.74
CA LYS B 45 31.72 92.97 61.42
C LYS B 45 30.72 91.99 60.79
N LEU B 49 32.92 82.99 60.58
CA LEU B 49 33.11 81.57 60.31
C LEU B 49 32.37 81.15 59.03
N GLN B 50 33.08 80.48 58.11
CA GLN B 50 32.53 79.98 56.85
C GLN B 50 32.36 78.44 56.92
N LEU B 51 31.12 77.99 57.15
CA LEU B 51 30.75 76.59 57.25
C LEU B 51 30.06 76.15 55.96
N GLU B 52 30.28 74.89 55.54
CA GLU B 52 29.67 74.38 54.32
C GLU B 52 28.18 74.01 54.46
N GLU B 53 27.85 72.92 55.19
CA GLU B 53 26.46 72.46 55.38
C GLU B 53 26.25 71.65 56.67
N ASP B 54 24.97 71.34 57.01
CA ASP B 54 24.55 70.56 58.18
C ASP B 54 25.01 69.09 58.07
N GLN B 55 25.14 68.40 59.23
CA GLN B 55 25.59 66.99 59.38
C GLN B 55 27.02 66.75 58.83
N ASN B 56 27.84 67.83 58.78
CA ASN B 56 29.22 67.83 58.28
C ASN B 56 30.21 68.34 59.34
N ASN B 57 31.45 68.64 58.91
CA ASN B 57 32.55 69.13 59.75
C ASN B 57 33.55 70.03 58.98
N VAL B 58 33.06 70.71 57.94
CA VAL B 58 33.86 71.62 57.11
C VAL B 58 33.75 73.04 57.63
N SER B 59 34.90 73.70 57.86
CA SER B 59 34.97 75.06 58.36
C SER B 59 36.26 75.80 58.00
N ILE B 60 36.12 77.08 57.63
CA ILE B 60 37.23 77.98 57.30
C ILE B 60 37.04 79.29 58.07
N GLN B 61 37.99 79.63 58.97
CA GLN B 61 37.94 80.85 59.80
C GLN B 61 38.66 82.03 59.12
N LEU B 62 37.99 83.19 59.01
CA LEU B 62 38.56 84.39 58.38
C LEU B 62 38.65 85.55 59.38
N ILE B 63 39.87 86.10 59.57
CA ILE B 63 40.16 87.22 60.47
C ILE B 63 40.78 88.39 59.70
N LEU B 64 40.33 89.63 59.99
CA LEU B 64 40.79 90.87 59.32
C LEU B 64 42.02 91.53 59.96
N ASP B 65 42.70 90.82 60.91
CA ASP B 65 43.90 91.30 61.60
C ASP B 65 45.09 91.44 60.66
N PRO B 66 45.84 92.58 60.67
CA PRO B 66 46.99 92.74 59.76
C PRO B 66 48.17 91.83 60.09
N GLU B 67 48.03 90.55 59.71
CA GLU B 67 48.99 89.45 59.87
C GLU B 67 49.48 88.97 58.50
N HIS B 68 48.74 89.27 57.40
CA HIS B 68 49.09 88.93 56.02
C HIS B 68 49.12 90.21 55.19
N ALA B 69 50.25 90.53 54.53
CA ALA B 69 50.42 91.76 53.73
C ALA B 69 49.84 91.71 52.32
N ALA B 70 49.31 92.87 51.83
CA ALA B 70 48.72 93.01 50.50
C ALA B 70 49.76 92.93 49.40
N SER B 71 50.99 93.41 49.66
CA SER B 71 52.11 93.39 48.72
C SER B 71 52.65 91.97 48.52
N VAL B 72 52.82 91.21 49.62
CA VAL B 72 53.33 89.83 49.63
C VAL B 72 52.36 88.89 48.88
N SER B 73 51.06 88.90 49.28
CA SER B 73 49.97 88.11 48.71
C SER B 73 49.78 88.35 47.22
N GLN B 74 49.88 89.63 46.75
CA GLN B 74 49.74 89.99 45.34
C GLN B 74 50.89 89.41 44.52
N ILE B 75 52.13 89.49 45.05
CA ILE B 75 53.35 88.96 44.42
C ILE B 75 53.30 87.43 44.34
N ASP B 76 52.77 86.77 45.39
CA ASP B 76 52.63 85.31 45.45
C ASP B 76 51.63 84.76 44.41
N GLN B 77 50.52 85.52 44.17
CA GLN B 77 49.47 85.16 43.20
C GLN B 77 50.01 85.14 41.78
N ASN B 78 50.77 86.18 41.40
CA ASN B 78 51.42 86.30 40.09
C ASN B 78 52.56 85.29 39.95
N ILE B 79 53.24 84.96 41.08
CA ILE B 79 54.37 84.01 41.14
C ILE B 79 53.92 82.60 40.79
N ARG B 80 52.68 82.25 41.21
CA ARG B 80 52.04 80.97 40.93
C ARG B 80 51.70 80.83 39.44
N ASN B 81 51.54 81.97 38.71
CA ASN B 81 51.26 81.99 37.27
C ASN B 81 52.52 81.61 36.46
N LEU B 82 52.82 80.30 36.52
CA LEU B 82 53.90 79.55 35.88
C LEU B 82 53.41 78.09 35.92
N THR B 83 52.99 77.55 34.74
CA THR B 83 52.44 76.19 34.60
C THR B 83 53.33 75.30 33.72
N ILE B 94 56.09 76.52 44.05
CA ILE B 94 55.69 75.57 45.10
C ILE B 94 55.37 76.32 46.39
N GLN B 95 54.34 75.84 47.10
CA GLN B 95 53.81 76.41 48.34
C GLN B 95 52.95 75.36 49.10
N SER B 96 52.92 75.48 50.45
CA SER B 96 52.11 74.63 51.33
C SER B 96 50.63 74.91 51.07
N ASN B 97 49.82 73.85 51.03
CA ASN B 97 48.40 73.94 50.71
C ASN B 97 47.50 73.01 51.55
N ILE B 98 46.19 73.14 51.31
CA ILE B 98 45.12 72.38 51.94
C ILE B 98 44.26 71.74 50.84
N ALA B 99 44.01 70.43 50.95
CA ALA B 99 43.18 69.71 50.00
C ALA B 99 41.82 69.35 50.60
N PHE B 100 40.78 69.34 49.75
CA PHE B 100 39.41 69.02 50.14
C PHE B 100 38.92 67.75 49.46
N LYS B 101 38.07 66.96 50.16
CA LYS B 101 37.45 65.76 49.57
C LYS B 101 36.21 66.27 48.81
N SER B 102 36.18 66.17 47.47
CA SER B 102 35.05 66.63 46.67
C SER B 102 34.80 65.75 45.46
N SER B 103 33.53 65.29 45.29
CA SER B 103 33.07 64.41 44.19
C SER B 103 32.88 65.22 42.90
N SER B 104 33.12 64.56 41.74
CA SER B 104 33.02 65.13 40.38
C SER B 104 33.71 66.49 40.24
N LEU B 105 35.06 66.45 40.24
CA LEU B 105 35.97 67.59 40.15
C LEU B 105 35.84 68.33 38.82
N SER B 106 35.52 67.58 37.73
CA SER B 106 35.31 68.07 36.37
C SER B 106 34.38 69.30 36.31
N LYS B 107 33.26 69.26 37.08
CA LYS B 107 32.26 70.34 37.18
C LYS B 107 32.80 71.60 37.86
N LEU B 108 33.64 71.44 38.91
CA LEU B 108 34.24 72.56 39.64
C LEU B 108 35.33 73.24 38.81
N VAL B 109 36.14 72.43 38.07
CA VAL B 109 37.24 72.90 37.20
C VAL B 109 36.70 73.85 36.11
N LYS B 110 35.56 73.46 35.49
CA LYS B 110 34.87 74.26 34.46
C LYS B 110 34.35 75.57 35.08
N LEU B 111 33.73 75.48 36.28
CA LEU B 111 33.17 76.61 37.03
C LEU B 111 34.23 77.63 37.45
N LEU B 112 35.46 77.18 37.75
CA LEU B 112 36.60 78.03 38.12
C LEU B 112 37.19 78.69 36.87
N LYS B 113 37.55 77.89 35.83
CA LYS B 113 38.15 78.33 34.57
C LYS B 113 37.30 79.40 33.89
N ASP B 114 35.97 79.16 33.79
CA ASP B 114 34.99 80.09 33.20
C ASP B 114 34.73 81.31 34.10
N GLY B 115 35.02 81.18 35.39
CA GLY B 115 34.90 82.23 36.39
C GLY B 115 36.16 83.09 36.49
N GLY B 116 37.14 82.81 35.64
CA GLY B 116 38.42 83.52 35.55
C GLY B 116 39.48 83.09 36.54
N HIS B 117 39.47 81.82 36.96
CA HIS B 117 40.43 81.25 37.92
C HIS B 117 41.24 80.11 37.30
N PRO B 118 42.59 80.17 37.31
CA PRO B 118 43.37 79.06 36.74
C PRO B 118 43.40 77.84 37.68
N VAL B 119 43.48 76.65 37.06
CA VAL B 119 43.48 75.37 37.79
C VAL B 119 44.57 74.38 37.30
N GLN B 120 45.05 73.51 38.20
CA GLN B 120 46.08 72.47 37.95
C GLN B 120 45.41 71.11 38.21
N GLN B 121 45.61 70.14 37.29
CA GLN B 121 45.01 68.80 37.39
C GLN B 121 45.90 67.65 36.85
N SER B 122 45.53 66.36 37.13
CA SER B 122 46.31 65.20 36.67
C SER B 122 46.13 64.83 35.15
N PRO B 123 45.11 64.07 34.67
CA PRO B 123 45.01 63.83 33.22
C PRO B 123 43.96 64.70 32.50
N ASN B 124 43.43 65.77 33.17
CA ASN B 124 42.34 66.66 32.72
C ASN B 124 41.01 65.87 32.56
N GLU B 125 40.97 64.64 33.14
CA GLU B 125 39.89 63.67 33.13
C GLU B 125 38.96 63.56 34.38
N ILE B 126 39.38 63.83 35.68
CA ILE B 126 40.65 64.31 36.29
C ILE B 126 40.78 63.83 37.76
N SER B 127 42.01 63.85 38.35
CA SER B 127 42.24 63.42 39.75
C SER B 127 42.30 64.58 40.78
N PRO B 128 43.43 65.31 41.09
CA PRO B 128 43.32 66.44 42.03
C PRO B 128 43.24 67.82 41.33
N PHE B 129 42.30 68.69 41.76
CA PHE B 129 42.12 70.05 41.22
C PHE B 129 42.72 71.10 42.18
N GLU B 130 43.48 72.09 41.67
CA GLU B 130 44.12 73.10 42.53
C GLU B 130 44.02 74.55 42.00
N VAL B 131 43.29 75.44 42.70
CA VAL B 131 43.13 76.86 42.34
C VAL B 131 43.68 77.81 43.44
N TYR B 132 43.58 79.15 43.26
CA TYR B 132 44.07 80.15 44.22
C TYR B 132 43.11 81.34 44.41
N THR B 133 43.00 81.84 45.67
CA THR B 133 42.18 82.99 46.09
C THR B 133 43.13 84.11 46.59
N VAL B 134 42.68 84.97 47.53
CA VAL B 134 43.57 85.94 48.20
C VAL B 134 44.44 85.07 49.15
N ASP B 135 43.88 83.87 49.50
CA ASP B 135 44.43 82.74 50.25
C ASP B 135 44.76 81.68 49.17
N PRO B 136 46.01 81.72 48.62
CA PRO B 136 46.35 80.81 47.51
C PRO B 136 46.54 79.34 47.86
N LEU B 137 46.56 78.50 46.79
CA LEU B 137 46.71 77.05 46.80
C LEU B 137 45.63 76.36 47.65
N GLY B 138 44.44 76.31 47.07
CA GLY B 138 43.25 75.66 47.63
C GLY B 138 43.02 74.42 46.80
N SER B 139 43.61 73.31 47.23
CA SER B 139 43.54 72.00 46.54
C SER B 139 42.24 71.25 46.77
N LEU B 140 41.92 70.30 45.88
CA LEU B 140 40.72 69.47 45.94
C LEU B 140 41.03 68.04 45.38
N ILE B 141 40.91 66.97 46.22
CA ILE B 141 41.16 65.56 45.82
C ILE B 141 39.83 64.81 45.73
N GLY B 142 39.71 63.92 44.74
CA GLY B 142 38.47 63.17 44.51
C GLY B 142 38.27 61.86 45.22
N PHE B 143 38.98 61.60 46.36
CA PHE B 143 38.88 60.34 47.15
C PHE B 143 38.35 60.55 48.59
N GLY B 145 41.88 58.94 50.45
CA GLY B 145 43.20 59.13 51.04
C GLY B 145 44.39 58.91 50.13
N PHE B 146 44.43 57.71 49.44
CA PHE B 146 45.45 57.23 48.47
C PHE B 146 44.86 56.70 47.10
N LYS B 147 45.74 56.57 46.06
CA LYS B 147 45.49 56.13 44.66
C LYS B 147 44.51 54.98 44.53
N ASN B 148 43.42 55.15 43.68
CA ASN B 148 42.29 54.20 43.47
C ASN B 148 41.19 54.88 42.59
N PRO B 149 40.25 54.21 41.85
CA PRO B 149 39.16 54.98 41.19
C PRO B 149 38.36 55.78 42.25
N PHE B 150 38.23 57.12 42.02
CA PHE B 150 37.62 58.19 42.81
C PHE B 150 36.27 57.95 43.53
N ALA B 151 35.84 58.95 44.35
CA ALA B 151 34.57 58.97 45.07
C ALA B 151 33.43 59.23 44.06
N VAL B 152 32.36 58.42 44.11
CA VAL B 152 31.19 58.51 43.24
C VAL B 152 30.51 59.89 43.24
N ASN B 153 30.12 60.38 42.04
CA ASN B 153 29.46 61.67 41.81
C ASN B 153 28.05 61.74 42.45
N GLU B 154 27.88 62.62 43.46
CA GLU B 154 26.65 62.83 44.24
C GLU B 154 25.47 63.36 43.43
N ARG B 155 24.24 62.85 43.76
CA ARG B 155 22.94 63.17 43.16
C ARG B 155 22.92 63.08 41.63
N VAL B 180 2.08 73.96 7.45
CA VAL B 180 1.65 73.17 8.59
C VAL B 180 0.69 72.03 8.18
N ARG B 181 -0.40 72.37 7.46
CA ARG B 181 -1.41 71.40 7.03
C ARG B 181 -1.58 71.23 5.49
N LYS B 182 -1.10 72.22 4.73
CA LYS B 182 -1.15 72.36 3.26
C LYS B 182 -0.81 71.15 2.34
N THR B 183 -1.61 70.96 1.26
CA THR B 183 -1.43 69.91 0.23
C THR B 183 -0.28 70.25 -0.75
N ILE B 184 0.69 69.36 -0.85
CA ILE B 184 1.89 69.50 -1.67
C ILE B 184 1.69 68.94 -3.08
N GLY B 185 2.41 69.53 -4.05
CA GLY B 185 2.45 69.10 -5.45
C GLY B 185 3.89 68.95 -5.89
N VAL B 186 4.29 67.76 -6.35
CA VAL B 186 5.65 67.46 -6.86
C VAL B 186 5.64 67.32 -8.35
N MET B 187 6.71 67.80 -8.97
CA MET B 187 6.94 67.68 -10.40
C MET B 187 8.42 67.59 -10.74
N THR B 188 8.74 66.97 -11.87
CA THR B 188 10.11 66.84 -12.36
C THR B 188 10.17 67.53 -13.72
N SER B 189 11.27 68.21 -13.99
CA SER B 189 11.43 68.89 -15.27
C SER B 189 12.82 68.61 -15.84
N GLY B 190 12.95 68.84 -17.16
CA GLY B 190 14.19 68.63 -17.91
C GLY B 190 14.53 67.18 -18.18
N GLY B 191 15.72 66.95 -18.71
CA GLY B 191 16.22 65.62 -19.03
C GLY B 191 16.37 64.72 -17.82
N ASP B 192 16.23 63.39 -18.05
CA ASP B 192 16.32 62.32 -17.05
C ASP B 192 17.61 62.50 -16.26
N SER B 193 17.51 62.44 -14.93
CA SER B 193 18.65 62.61 -14.04
C SER B 193 18.57 61.53 -12.97
N PRO B 194 19.54 60.58 -12.82
CA PRO B 194 19.39 59.56 -11.77
C PRO B 194 19.24 60.16 -10.37
N GLY B 195 18.22 59.71 -9.63
CA GLY B 195 17.96 60.23 -8.29
C GLY B 195 16.67 61.00 -8.19
N MET B 196 15.98 61.20 -9.34
CA MET B 196 14.70 61.90 -9.41
C MET B 196 13.61 61.08 -8.66
N ASN B 197 13.59 59.71 -8.84
CA ASN B 197 12.65 58.79 -8.15
C ASN B 197 12.91 58.82 -6.63
N PRO B 198 14.16 58.57 -6.13
CA PRO B 198 14.44 58.73 -4.70
C PRO B 198 13.95 60.06 -4.11
N PHE B 199 14.13 61.18 -4.85
CA PHE B 199 13.65 62.49 -4.42
C PHE B 199 12.12 62.46 -4.29
N VAL B 200 11.39 62.05 -5.35
CA VAL B 200 9.92 62.03 -5.33
C VAL B 200 9.41 61.10 -4.19
N ARG B 201 10.00 59.89 -4.06
CA ARG B 201 9.69 58.95 -2.97
C ARG B 201 9.71 59.68 -1.63
N ALA B 202 10.81 60.44 -1.37
CA ALA B 202 11.06 61.25 -0.16
C ALA B 202 9.97 62.31 0.05
N VAL B 203 9.64 63.09 -0.99
CA VAL B 203 8.62 64.13 -0.92
C VAL B 203 7.23 63.52 -0.58
N VAL B 204 6.89 62.39 -1.27
CA VAL B 204 5.60 61.73 -1.06
C VAL B 204 5.48 61.27 0.40
N ARG B 205 6.49 60.57 0.92
CA ARG B 205 6.50 60.05 2.28
C ARG B 205 6.61 61.13 3.37
N ALA B 206 7.57 62.08 3.22
CA ALA B 206 7.78 63.18 4.18
C ALA B 206 6.52 63.97 4.37
N GLY B 207 5.88 64.38 3.26
CA GLY B 207 4.63 65.15 3.23
C GLY B 207 3.49 64.41 3.87
N ILE B 208 3.40 63.07 3.58
CA ILE B 208 2.39 62.17 4.16
C ILE B 208 2.55 62.11 5.71
N TYR B 209 3.81 61.86 6.17
CA TYR B 209 4.19 61.82 7.58
C TYR B 209 3.84 63.14 8.29
N LYS B 210 4.14 64.29 7.63
CA LYS B 210 3.82 65.61 8.17
C LYS B 210 2.32 65.93 8.05
N GLY B 211 1.54 64.96 7.65
CA GLY B 211 0.09 65.04 7.60
C GLY B 211 -0.51 65.86 6.48
N CYS B 212 0.06 65.77 5.26
CA CYS B 212 -0.51 66.47 4.13
C CYS B 212 -0.57 65.71 2.81
N LYS B 213 -1.64 65.93 2.01
CA LYS B 213 -1.90 65.26 0.73
C LYS B 213 -0.80 65.57 -0.26
N VAL B 214 -0.21 64.54 -0.86
CA VAL B 214 0.81 64.74 -1.88
C VAL B 214 0.22 64.38 -3.26
N PHE B 215 0.38 65.29 -4.23
CA PHE B 215 -0.03 65.09 -5.61
C PHE B 215 1.21 65.05 -6.51
N CYS B 216 1.29 64.07 -7.40
CA CYS B 216 2.40 63.96 -8.33
C CYS B 216 1.96 64.53 -9.67
N ILE B 217 2.57 65.66 -10.08
CA ILE B 217 2.26 66.32 -11.34
C ILE B 217 3.04 65.64 -12.46
N HIS B 218 2.34 64.76 -13.19
CA HIS B 218 2.87 63.99 -14.30
C HIS B 218 3.13 64.88 -15.50
N GLU B 219 4.24 64.63 -16.17
CA GLU B 219 4.71 65.37 -17.36
C GLU B 219 5.06 66.84 -17.05
N GLY B 220 5.64 67.08 -15.86
CA GLY B 220 6.08 68.39 -15.40
C GLY B 220 5.16 69.56 -15.66
N TYR B 221 5.69 70.61 -16.31
CA TYR B 221 4.93 71.81 -16.66
C TYR B 221 3.75 71.56 -17.57
N GLU B 222 3.87 70.60 -18.51
CA GLU B 222 2.78 70.20 -19.41
C GLU B 222 1.58 69.74 -18.59
N GLY B 223 1.86 68.90 -17.60
CA GLY B 223 0.85 68.37 -16.70
C GLY B 223 0.24 69.43 -15.82
N LEU B 224 1.06 70.42 -15.42
CA LEU B 224 0.67 71.55 -14.59
C LEU B 224 -0.26 72.51 -15.37
N VAL B 225 0.08 72.79 -16.66
CA VAL B 225 -0.69 73.66 -17.54
C VAL B 225 -2.00 72.98 -18.00
N ARG B 226 -1.95 71.68 -18.39
CA ARG B 226 -3.13 70.93 -18.82
C ARG B 226 -4.05 70.63 -17.65
N GLY B 227 -3.47 70.33 -16.50
CA GLY B 227 -4.19 70.01 -15.28
C GLY B 227 -5.05 68.77 -15.34
N GLY B 228 -5.93 68.65 -14.37
CA GLY B 228 -6.86 67.52 -14.28
C GLY B 228 -6.33 66.30 -13.58
N GLU B 229 -7.22 65.31 -13.38
CA GLU B 229 -6.92 64.03 -12.74
C GLU B 229 -5.97 63.27 -13.63
N LYS B 230 -6.02 63.54 -14.95
CA LYS B 230 -5.18 62.93 -15.99
C LYS B 230 -3.68 63.13 -15.69
N TYR B 231 -3.29 64.33 -15.20
CA TYR B 231 -1.90 64.66 -14.90
C TYR B 231 -1.62 64.91 -13.42
N ILE B 232 -2.62 65.32 -12.65
CA ILE B 232 -2.40 65.60 -11.22
C ILE B 232 -3.05 64.54 -10.34
N LYS B 233 -2.28 63.47 -10.05
CA LYS B 233 -2.77 62.34 -9.28
C LYS B 233 -2.34 62.33 -7.83
N GLU B 234 -3.28 61.99 -6.91
CA GLU B 234 -2.97 61.91 -5.49
C GLU B 234 -2.14 60.65 -5.31
N THR B 235 -0.98 60.78 -4.61
CA THR B 235 -0.03 59.69 -4.40
C THR B 235 -0.03 59.24 -2.95
N GLN B 236 -0.03 57.91 -2.74
CA GLN B 236 -0.02 57.24 -1.44
C GLN B 236 1.39 56.79 -1.08
N TRP B 237 1.62 56.44 0.20
CA TRP B 237 2.90 56.01 0.75
C TRP B 237 3.48 54.77 0.04
N HIS B 238 2.63 53.78 -0.26
CA HIS B 238 2.98 52.50 -0.89
C HIS B 238 3.14 52.61 -2.42
N ASP B 239 2.75 53.77 -3.01
CA ASP B 239 2.81 54.03 -4.45
C ASP B 239 4.23 54.37 -4.92
N VAL B 240 5.10 54.75 -3.99
CA VAL B 240 6.46 55.12 -4.32
C VAL B 240 7.43 54.02 -3.84
N ARG B 241 6.89 52.78 -3.71
CA ARG B 241 7.61 51.57 -3.29
C ARG B 241 8.73 51.18 -4.25
N GLY B 242 9.92 51.03 -3.66
CA GLY B 242 11.15 50.61 -4.32
C GLY B 242 11.60 51.54 -5.43
N TRP B 243 11.24 52.80 -5.34
CA TRP B 243 11.62 53.79 -6.33
C TRP B 243 13.09 54.16 -6.21
N LEU B 244 13.74 53.81 -5.07
CA LEU B 244 15.18 54.07 -4.90
C LEU B 244 15.97 53.46 -6.06
N VAL B 245 15.68 52.20 -6.39
CA VAL B 245 16.34 51.46 -7.45
C VAL B 245 15.97 51.97 -8.85
N GLU B 246 14.68 52.32 -9.08
CA GLU B 246 14.19 52.86 -10.35
C GLU B 246 15.00 54.06 -10.91
N GLY B 247 15.31 54.00 -12.20
CA GLY B 247 16.03 55.07 -12.91
C GLY B 247 15.08 56.02 -13.61
N GLY B 248 15.56 57.22 -13.95
CA GLY B 248 14.80 58.28 -14.63
C GLY B 248 13.74 58.90 -13.75
N THR B 249 12.54 59.18 -14.32
CA THR B 249 11.40 59.70 -13.55
C THR B 249 10.09 58.98 -13.81
N ASN B 250 9.56 58.30 -12.78
CA ASN B 250 8.30 57.59 -12.87
C ASN B 250 7.12 58.56 -13.12
N ILE B 251 7.21 59.80 -12.61
CA ILE B 251 6.22 60.88 -12.83
C ILE B 251 6.27 61.33 -14.32
N GLY B 252 7.49 61.56 -14.82
CA GLY B 252 7.72 62.01 -16.17
C GLY B 252 7.98 63.50 -16.27
N THR B 253 8.68 63.92 -17.32
CA THR B 253 9.03 65.30 -17.64
C THR B 253 8.58 65.58 -19.04
N ALA B 254 8.24 66.84 -19.31
CA ALA B 254 7.78 67.32 -20.61
C ALA B 254 8.09 68.81 -20.73
N ARG B 255 8.53 69.21 -21.93
CA ARG B 255 8.83 70.60 -22.24
C ARG B 255 7.54 71.28 -22.62
N CYS B 256 7.09 72.22 -21.77
CA CYS B 256 5.83 72.92 -22.02
C CYS B 256 6.07 74.28 -22.65
N LYS B 257 5.69 74.37 -23.92
CA LYS B 257 5.78 75.54 -24.77
C LYS B 257 4.89 76.68 -24.24
N GLU B 258 3.67 76.33 -23.75
CA GLU B 258 2.67 77.27 -23.25
C GLU B 258 3.11 77.99 -21.97
N PHE B 259 3.79 77.26 -21.04
CA PHE B 259 4.28 77.80 -19.78
C PHE B 259 5.39 78.85 -19.98
N ARG B 260 6.00 78.89 -21.20
CA ARG B 260 7.05 79.85 -21.57
C ARG B 260 6.43 81.24 -21.72
N GLU B 261 5.10 81.29 -21.97
CA GLU B 261 4.27 82.49 -22.14
C GLU B 261 3.36 82.66 -20.91
N ARG B 262 2.80 83.87 -20.73
CA ARG B 262 1.86 84.18 -19.66
C ARG B 262 0.54 83.41 -19.85
N SER B 263 0.30 82.95 -21.09
CA SER B 263 -0.88 82.19 -21.53
C SER B 263 -1.01 80.90 -20.72
N GLY B 264 0.08 80.14 -20.65
CA GLY B 264 0.17 78.89 -19.93
C GLY B 264 0.38 79.07 -18.43
N ARG B 265 1.26 80.02 -18.03
CA ARG B 265 1.56 80.34 -16.63
C ARG B 265 0.28 80.62 -15.82
N LEU B 266 -0.74 81.20 -16.48
CA LEU B 266 -2.03 81.50 -15.87
C LEU B 266 -2.86 80.22 -15.76
N LYS B 267 -2.90 79.40 -16.83
CA LYS B 267 -3.64 78.14 -16.89
C LYS B 267 -3.17 77.19 -15.78
N ALA B 268 -1.83 77.15 -15.56
CA ALA B 268 -1.15 76.35 -14.54
C ALA B 268 -1.56 76.79 -13.13
N CYS B 269 -1.60 78.12 -12.93
CA CYS B 269 -2.01 78.78 -11.69
C CYS B 269 -3.44 78.37 -11.32
N LYS B 270 -4.37 78.37 -12.30
CA LYS B 270 -5.79 77.97 -12.13
C LYS B 270 -5.87 76.53 -11.66
N ASN B 271 -5.15 75.62 -12.37
CA ASN B 271 -5.11 74.18 -12.09
C ASN B 271 -4.66 73.84 -10.68
N MET B 272 -3.76 74.64 -10.10
CA MET B 272 -3.28 74.46 -8.73
C MET B 272 -4.38 74.82 -7.72
N ILE B 273 -5.09 75.94 -7.96
CA ILE B 273 -6.18 76.43 -7.12
C ILE B 273 -7.41 75.49 -7.21
N ASP B 274 -7.62 74.89 -8.40
CA ASP B 274 -8.71 73.93 -8.65
C ASP B 274 -8.42 72.60 -7.95
N MET B 275 -7.16 72.15 -8.00
CA MET B 275 -6.69 70.91 -7.37
C MET B 275 -6.52 71.10 -5.85
N GLY B 276 -6.57 72.36 -5.40
CA GLY B 276 -6.39 72.72 -4.00
C GLY B 276 -4.94 72.63 -3.53
N ILE B 277 -3.98 72.55 -4.49
CA ILE B 277 -2.55 72.50 -4.20
C ILE B 277 -2.07 73.83 -3.62
N ASP B 278 -1.65 73.78 -2.34
CA ASP B 278 -1.20 74.95 -1.62
C ASP B 278 0.31 75.21 -1.76
N ALA B 279 1.06 74.23 -2.28
CA ALA B 279 2.52 74.32 -2.39
C ALA B 279 3.08 73.48 -3.55
N LEU B 280 4.10 74.03 -4.26
CA LEU B 280 4.75 73.36 -5.38
C LEU B 280 6.22 73.03 -5.13
N ILE B 281 6.62 71.82 -5.49
CA ILE B 281 8.00 71.37 -5.36
C ILE B 281 8.47 70.98 -6.76
N VAL B 282 9.42 71.74 -7.29
CA VAL B 282 9.99 71.46 -8.61
C VAL B 282 11.37 70.80 -8.41
N CYS B 283 11.60 69.68 -9.11
CA CYS B 283 12.87 68.99 -9.14
C CYS B 283 13.30 68.95 -10.61
N GLY B 284 14.20 69.83 -10.99
CA GLY B 284 14.68 69.92 -12.36
C GLY B 284 15.94 70.75 -12.50
N GLY B 285 16.24 71.11 -13.74
CA GLY B 285 17.42 71.88 -14.13
C GLY B 285 17.32 73.38 -14.00
N ASP B 286 18.28 74.08 -14.64
CA ASP B 286 18.46 75.53 -14.64
C ASP B 286 17.21 76.29 -15.06
N GLY B 287 16.87 76.25 -16.35
CA GLY B 287 15.68 76.90 -16.91
C GLY B 287 14.39 76.41 -16.29
N SER B 288 14.37 75.10 -16.00
CA SER B 288 13.29 74.38 -15.34
C SER B 288 12.93 75.09 -14.00
N LEU B 289 13.97 75.54 -13.24
CA LEU B 289 13.84 76.30 -11.99
C LEU B 289 13.71 77.83 -12.23
N THR B 290 14.32 78.37 -13.33
CA THR B 290 14.22 79.81 -13.66
C THR B 290 12.75 80.10 -14.02
N GLY B 291 12.11 79.18 -14.76
CA GLY B 291 10.71 79.23 -15.17
C GLY B 291 9.76 79.15 -13.98
N ALA B 292 10.18 78.42 -12.93
CA ALA B 292 9.45 78.28 -11.67
C ALA B 292 9.61 79.59 -10.89
N ASP B 293 10.80 80.22 -10.99
CA ASP B 293 11.13 81.48 -10.34
C ASP B 293 10.32 82.63 -10.95
N ARG B 294 10.19 82.65 -12.30
CA ARG B 294 9.40 83.63 -13.04
C ARG B 294 7.92 83.48 -12.67
N PHE B 295 7.46 82.21 -12.51
CA PHE B 295 6.10 81.85 -12.12
C PHE B 295 5.81 82.34 -10.69
N ARG B 296 6.86 82.40 -9.86
CA ARG B 296 6.80 82.87 -8.47
C ARG B 296 6.53 84.39 -8.43
N SER B 297 7.31 85.18 -9.20
CA SER B 297 7.14 86.63 -9.28
C SER B 297 5.84 87.00 -9.99
N GLU B 298 5.44 86.23 -11.01
CA GLU B 298 4.20 86.43 -11.76
C GLU B 298 2.97 85.87 -11.05
N TRP B 299 3.14 85.17 -9.86
CA TRP B 299 2.03 84.59 -9.08
C TRP B 299 0.88 85.57 -8.83
N PRO B 300 1.13 86.85 -8.44
CA PRO B 300 0.01 87.82 -8.33
C PRO B 300 -0.70 88.09 -9.69
N SER B 301 -1.54 87.10 -10.04
CA SER B 301 -2.43 86.99 -11.18
C SER B 301 -3.80 86.70 -10.53
N LEU B 302 -4.36 87.78 -9.97
CA LEU B 302 -5.64 87.85 -9.27
C LEU B 302 -6.82 87.64 -10.21
N ILE B 303 -6.60 87.99 -11.50
CA ILE B 303 -7.52 87.90 -12.63
C ILE B 303 -9.00 87.63 -12.30
N GLU B 304 -9.78 88.73 -12.37
CA GLU B 304 -11.23 88.77 -12.14
C GLU B 304 -11.88 88.28 -13.42
N GLU B 305 -12.52 87.11 -13.33
CA GLU B 305 -13.22 86.42 -14.41
C GLU B 305 -14.07 85.27 -13.83
N GLN B 314 -14.79 85.75 -3.63
CA GLN B 314 -13.33 85.84 -3.65
C GLN B 314 -12.64 84.64 -2.93
N GLN B 315 -13.44 83.78 -2.25
CA GLN B 315 -13.06 82.60 -1.44
C GLN B 315 -11.73 81.93 -1.78
N GLN B 316 -11.51 81.64 -3.08
CA GLN B 316 -10.29 80.98 -3.58
C GLN B 316 -9.08 81.91 -3.58
N PHE B 317 -9.26 83.17 -4.02
CA PHE B 317 -8.22 84.21 -4.07
C PHE B 317 -7.73 84.58 -2.67
N ASN B 318 -8.61 84.45 -1.67
CA ASN B 318 -8.27 84.72 -0.28
C ASN B 318 -7.37 83.58 0.25
N THR B 319 -7.84 82.30 0.15
CA THR B 319 -7.10 81.12 0.60
C THR B 319 -5.79 80.91 -0.18
N HIS B 320 -5.88 80.71 -1.51
CA HIS B 320 -4.72 80.46 -2.37
C HIS B 320 -4.03 81.75 -2.85
N GLN B 321 -3.78 82.69 -1.93
CA GLN B 321 -3.19 84.01 -2.20
C GLN B 321 -1.68 84.02 -2.45
N ASN B 322 -0.91 83.12 -1.79
CA ASN B 322 0.55 83.04 -1.92
C ASN B 322 1.03 81.72 -2.47
N LEU B 323 2.12 81.76 -3.28
CA LEU B 323 2.73 80.56 -3.85
C LEU B 323 3.88 80.02 -2.99
N ASN B 324 3.65 78.86 -2.36
CA ASN B 324 4.69 78.19 -1.59
C ASN B 324 5.40 77.38 -2.64
N ILE B 325 6.62 77.77 -2.96
CA ILE B 325 7.42 77.06 -3.96
C ILE B 325 8.80 76.70 -3.44
N CYS B 326 9.26 75.50 -3.76
CA CYS B 326 10.59 75.02 -3.39
C CYS B 326 11.21 74.32 -4.58
N GLY B 327 12.51 74.54 -4.74
CA GLY B 327 13.28 73.96 -5.83
C GLY B 327 14.38 73.04 -5.36
N ALA B 328 14.71 72.07 -6.20
CA ALA B 328 15.79 71.09 -5.99
C ALA B 328 16.38 70.83 -7.35
N VAL B 329 17.72 70.83 -7.42
CA VAL B 329 18.32 70.66 -8.73
C VAL B 329 18.43 69.21 -9.19
N GLY B 330 17.65 68.90 -10.21
CA GLY B 330 17.63 67.59 -10.85
C GLY B 330 18.37 67.69 -12.17
N SER B 331 19.72 67.70 -12.12
CA SER B 331 20.60 67.75 -13.29
C SER B 331 21.90 66.96 -13.17
N ILE B 332 22.35 66.40 -14.30
CA ILE B 332 23.60 65.63 -14.43
C ILE B 332 24.78 66.58 -14.66
N ASP B 333 24.48 67.78 -15.22
CA ASP B 333 25.36 68.88 -15.60
C ASP B 333 26.21 69.46 -14.45
N ASN B 334 25.58 69.65 -13.27
CA ASN B 334 26.12 70.33 -12.09
C ASN B 334 26.43 71.83 -12.39
N ASP B 335 25.56 72.40 -13.24
CA ASP B 335 25.62 73.78 -13.71
C ASP B 335 25.06 74.83 -12.73
N MET B 336 24.09 74.45 -11.86
CA MET B 336 23.49 75.35 -10.87
C MET B 336 24.51 75.82 -9.87
N SER B 337 24.55 77.13 -9.70
CA SER B 337 25.57 77.85 -8.93
C SER B 337 25.54 77.83 -7.42
N SER B 338 24.35 77.83 -6.79
CA SER B 338 24.37 77.86 -5.34
C SER B 338 24.51 76.49 -4.59
N THR B 339 24.61 75.38 -5.34
CA THR B 339 24.80 74.03 -4.79
C THR B 339 26.14 73.44 -5.24
N ASP B 340 26.74 72.58 -4.41
CA ASP B 340 28.01 71.96 -4.74
C ASP B 340 27.82 70.80 -5.69
N ALA B 341 26.74 70.02 -5.48
CA ALA B 341 26.37 68.89 -6.30
C ALA B 341 24.84 68.91 -6.60
N THR B 342 24.47 68.73 -7.87
CA THR B 342 23.07 68.65 -8.30
C THR B 342 22.69 67.16 -8.30
N ILE B 343 21.37 66.86 -8.22
CA ILE B 343 20.91 65.46 -8.19
C ILE B 343 21.06 64.82 -9.58
N GLY B 344 21.89 63.78 -9.64
CA GLY B 344 22.21 63.03 -10.84
C GLY B 344 23.65 63.22 -11.34
N ALA B 345 24.31 64.30 -10.88
CA ALA B 345 25.67 64.65 -11.26
C ALA B 345 26.70 63.53 -11.01
N PHE B 346 26.74 62.97 -9.78
CA PHE B 346 27.70 61.90 -9.45
C PHE B 346 27.40 60.56 -10.13
N SER B 347 26.12 60.25 -10.41
CA SER B 347 25.73 59.03 -11.14
C SER B 347 26.20 59.16 -12.59
N SER B 348 25.99 60.37 -13.19
CA SER B 348 26.42 60.65 -14.56
C SER B 348 27.94 60.53 -14.63
N LEU B 349 28.66 61.17 -13.67
CA LEU B 349 30.13 61.11 -13.54
C LEU B 349 30.59 59.65 -13.44
N ASP B 350 29.82 58.81 -12.74
CA ASP B 350 30.08 57.40 -12.56
C ASP B 350 29.97 56.64 -13.88
N ARG B 351 28.95 56.96 -14.72
CA ARG B 351 28.74 56.29 -16.02
C ARG B 351 29.95 56.51 -16.92
N ILE B 352 30.44 57.79 -16.97
CA ILE B 352 31.58 58.27 -17.75
C ILE B 352 32.84 57.51 -17.33
N CYS B 353 33.13 57.49 -16.01
CA CYS B 353 34.29 56.83 -15.48
C CYS B 353 34.25 55.34 -15.70
N ARG B 354 33.04 54.74 -15.68
CA ARG B 354 32.86 53.30 -15.94
C ARG B 354 33.36 52.99 -17.35
N ALA B 355 33.07 53.88 -18.33
CA ALA B 355 33.50 53.70 -19.71
C ALA B 355 35.01 53.89 -19.80
N ILE B 356 35.54 54.99 -19.21
CA ILE B 356 36.99 55.27 -19.25
C ILE B 356 37.79 54.11 -18.64
N ASP B 357 37.28 53.56 -17.52
CA ASP B 357 37.92 52.44 -16.84
C ASP B 357 38.05 51.26 -17.78
N TYR B 358 36.96 50.91 -18.51
CA TYR B 358 36.96 49.84 -19.51
C TYR B 358 37.96 50.14 -20.63
N ILE B 359 38.04 51.41 -21.08
CA ILE B 359 38.98 51.79 -22.14
C ILE B 359 40.42 51.56 -21.66
N ASP B 360 40.77 52.02 -20.43
CA ASP B 360 42.11 51.87 -19.84
C ASP B 360 42.51 50.39 -19.62
N ALA B 361 41.50 49.50 -19.43
CA ALA B 361 41.67 48.06 -19.17
C ALA B 361 42.06 47.23 -20.40
N THR B 362 43.16 47.61 -21.10
CA THR B 362 43.68 46.98 -22.34
C THR B 362 45.19 47.26 -22.50
N ALA B 363 45.78 46.89 -23.69
CA ALA B 363 47.20 47.07 -24.02
C ALA B 363 47.57 48.53 -24.26
N SER B 365 49.68 49.67 -26.27
CA SER B 365 49.83 49.63 -27.72
C SER B 365 50.07 51.02 -28.30
N HIS B 366 51.11 51.17 -29.17
CA HIS B 366 51.45 52.46 -29.77
C HIS B 366 50.45 52.85 -30.87
N SER B 367 50.43 54.16 -31.19
CA SER B 367 49.60 54.85 -32.18
C SER B 367 48.10 54.72 -31.89
N ARG B 368 47.73 54.77 -30.59
CA ARG B 368 46.35 54.67 -30.16
C ARG B 368 45.94 55.85 -29.33
N ALA B 369 44.81 56.45 -29.69
CA ALA B 369 44.21 57.55 -28.97
C ALA B 369 42.73 57.22 -28.77
N PHE B 370 42.14 57.67 -27.66
CA PHE B 370 40.73 57.40 -27.43
C PHE B 370 39.97 58.64 -27.02
N ILE B 371 38.81 58.88 -27.67
CA ILE B 371 37.95 60.05 -27.39
C ILE B 371 36.70 59.64 -26.64
N VAL B 372 36.46 60.29 -25.48
CA VAL B 372 35.27 60.05 -24.71
C VAL B 372 34.41 61.29 -24.82
N GLU B 373 33.34 61.18 -25.62
CA GLU B 373 32.36 62.23 -25.88
C GLU B 373 31.38 62.22 -24.68
N VAL B 374 31.42 63.29 -23.91
CA VAL B 374 30.65 63.48 -22.69
C VAL B 374 29.48 64.47 -22.84
N MET B 375 28.32 64.06 -22.32
CA MET B 375 27.06 64.78 -22.25
C MET B 375 27.19 65.81 -21.12
N GLY B 376 26.71 67.03 -21.35
CA GLY B 376 26.79 68.11 -20.39
C GLY B 376 27.01 69.40 -21.14
N ARG B 377 25.91 70.01 -21.55
CA ARG B 377 25.89 71.20 -22.40
C ARG B 377 26.45 72.52 -21.88
N HIS B 378 26.20 72.85 -20.62
CA HIS B 378 26.60 74.15 -20.09
C HIS B 378 27.84 74.18 -19.24
N CYS B 379 28.04 73.18 -18.41
CA CYS B 379 29.14 73.09 -17.46
C CYS B 379 30.25 72.14 -17.95
N GLY B 380 31.42 72.23 -17.34
CA GLY B 380 32.56 71.36 -17.61
C GLY B 380 32.93 70.51 -16.42
N TRP B 381 32.07 70.48 -15.40
CA TRP B 381 32.26 69.74 -14.17
C TRP B 381 32.45 68.23 -14.47
N LEU B 382 31.55 67.65 -15.28
CA LEU B 382 31.65 66.23 -15.63
C LEU B 382 32.98 65.92 -16.34
N GLY B 383 33.36 66.76 -17.32
CA GLY B 383 34.61 66.63 -18.06
C GLY B 383 35.82 66.71 -17.15
N LEU B 384 35.86 67.75 -16.29
CA LEU B 384 36.92 68.01 -15.34
C LEU B 384 37.07 66.88 -14.32
N LEU B 385 35.96 66.47 -13.67
CA LEU B 385 36.00 65.40 -12.68
C LEU B 385 36.34 64.05 -13.26
N ALA B 386 35.79 63.68 -14.45
CA ALA B 386 36.11 62.44 -15.17
C ALA B 386 37.63 62.45 -15.49
N GLY B 387 38.10 63.58 -16.03
CA GLY B 387 39.49 63.82 -16.36
C GLY B 387 40.41 63.62 -15.18
N LEU B 388 39.98 64.12 -14.01
CA LEU B 388 40.72 64.00 -12.75
C LEU B 388 40.71 62.54 -12.25
N ALA B 389 39.50 61.93 -12.12
CA ALA B 389 39.28 60.55 -11.66
C ALA B 389 39.98 59.49 -12.54
N THR B 390 40.07 59.75 -13.85
CA THR B 390 40.67 58.80 -14.78
C THR B 390 42.02 59.27 -15.34
N SER B 391 42.62 60.33 -14.77
CA SER B 391 43.90 60.92 -15.21
C SER B 391 44.00 61.02 -16.75
N ALA B 392 43.03 61.76 -17.36
CA ALA B 392 42.97 61.95 -18.82
C ALA B 392 44.04 62.91 -19.21
N ASP B 393 44.58 62.76 -20.44
CA ASP B 393 45.67 63.59 -20.98
C ASP B 393 45.24 65.03 -21.23
N TYR B 394 44.12 65.19 -21.94
CA TYR B 394 43.58 66.48 -22.33
C TYR B 394 42.05 66.47 -22.27
N ILE B 395 41.47 67.52 -21.69
CA ILE B 395 40.04 67.72 -21.56
C ILE B 395 39.62 69.00 -22.32
N LEU B 396 38.49 68.92 -23.05
CA LEU B 396 37.93 70.06 -23.76
C LEU B 396 36.65 70.47 -23.08
N ILE B 397 36.75 71.41 -22.11
CA ILE B 397 35.61 71.94 -21.36
C ILE B 397 35.40 73.46 -21.61
N PRO B 398 34.13 73.95 -21.59
CA PRO B 398 33.87 75.37 -21.89
C PRO B 398 34.53 76.44 -21.00
N GLU B 399 34.76 76.14 -19.73
CA GLU B 399 35.38 77.09 -18.79
C GLU B 399 36.86 77.27 -19.06
N LYS B 400 37.55 76.23 -19.58
CA LYS B 400 38.97 76.35 -19.86
C LYS B 400 39.37 76.11 -21.32
N PRO B 401 38.91 76.97 -22.28
CA PRO B 401 39.38 76.81 -23.66
C PRO B 401 40.82 77.33 -23.77
N ALA B 402 41.56 76.87 -24.82
CA ALA B 402 42.95 77.28 -25.09
C ALA B 402 42.94 78.76 -25.34
N SER B 403 43.92 79.48 -24.80
CA SER B 403 43.95 80.94 -24.92
C SER B 403 45.19 81.51 -25.62
N SER B 404 46.40 81.21 -25.09
CA SER B 404 47.67 81.72 -25.60
C SER B 404 48.10 81.06 -26.90
N ARG B 405 47.43 79.95 -27.31
CA ARG B 405 47.71 79.17 -28.53
C ARG B 405 46.48 78.40 -28.95
N GLU B 406 46.43 77.95 -30.24
CA GLU B 406 45.31 77.18 -30.80
C GLU B 406 45.03 75.92 -29.97
N TRP B 407 43.74 75.50 -29.81
CA TRP B 407 43.40 74.27 -29.04
C TRP B 407 44.09 73.00 -29.56
N GLN B 408 44.35 72.97 -30.89
CA GLN B 408 44.98 71.87 -31.57
C GLN B 408 46.43 71.82 -31.15
N ASP B 409 47.11 73.00 -31.13
CA ASP B 409 48.50 73.14 -30.69
C ASP B 409 48.60 72.78 -29.21
N GLN B 410 47.68 73.30 -28.38
CA GLN B 410 47.63 73.01 -26.95
C GLN B 410 47.50 71.49 -26.71
N MET B 411 46.48 70.86 -27.37
CA MET B 411 46.21 69.43 -27.24
C MET B 411 47.40 68.60 -27.63
N CYS B 412 47.92 68.86 -28.84
CA CYS B 412 49.04 68.11 -29.39
C CYS B 412 50.29 68.19 -28.53
N ASP B 413 50.52 69.34 -27.90
CA ASP B 413 51.67 69.57 -27.02
C ASP B 413 51.56 68.71 -25.76
N ILE B 414 50.41 68.80 -25.05
CA ILE B 414 50.10 68.06 -23.84
C ILE B 414 50.13 66.54 -24.13
N VAL B 415 49.36 66.09 -25.16
CA VAL B 415 49.31 64.69 -25.58
C VAL B 415 50.73 64.18 -25.93
N GLY B 416 51.42 64.95 -26.78
CA GLY B 416 52.80 64.66 -27.18
C GLY B 416 53.73 64.45 -26.00
N LYS B 417 53.77 65.41 -25.06
CA LYS B 417 54.60 65.32 -23.84
C LYS B 417 54.34 64.03 -23.06
N HIS B 418 53.07 63.66 -22.90
CA HIS B 418 52.63 62.45 -22.20
C HIS B 418 53.16 61.17 -22.89
N ARG B 419 52.99 61.09 -24.24
CA ARG B 419 53.44 59.94 -25.03
C ARG B 419 54.96 59.83 -24.99
N ALA B 420 55.64 60.98 -25.09
CA ALA B 420 57.09 61.09 -25.06
C ALA B 420 57.68 60.56 -23.75
N ARG B 421 57.02 60.86 -22.60
CA ARG B 421 57.47 60.38 -21.29
C ARG B 421 57.13 58.90 -21.03
N GLY B 422 56.32 58.31 -21.90
CA GLY B 422 55.99 56.89 -21.78
C GLY B 422 54.54 56.48 -21.83
N LYS B 423 53.57 57.37 -21.52
CA LYS B 423 52.14 57.06 -21.50
C LYS B 423 51.59 56.68 -22.91
N ARG B 424 51.27 55.38 -23.12
CA ARG B 424 50.81 54.86 -24.42
C ARG B 424 49.31 54.95 -24.69
N LYS B 425 48.48 55.00 -23.63
CA LYS B 425 47.02 55.09 -23.82
C LYS B 425 46.52 56.51 -23.66
N THR B 426 46.46 57.29 -24.76
CA THR B 426 45.99 58.67 -24.64
C THR B 426 44.47 58.79 -24.65
N ILE B 427 43.91 59.37 -23.57
CA ILE B 427 42.48 59.60 -23.40
C ILE B 427 42.21 61.10 -23.45
N VAL B 428 41.30 61.51 -24.35
CA VAL B 428 40.86 62.88 -24.57
C VAL B 428 39.34 62.93 -24.28
N ILE B 429 38.91 63.82 -23.37
CA ILE B 429 37.51 63.99 -23.01
C ILE B 429 36.95 65.25 -23.66
N VAL B 430 35.88 65.06 -24.43
CA VAL B 430 35.21 66.14 -25.14
C VAL B 430 33.82 66.41 -24.54
N ALA B 431 33.66 67.59 -23.93
CA ALA B 431 32.41 68.04 -23.35
C ALA B 431 31.39 68.38 -24.45
N GLU B 432 30.09 68.34 -24.12
CA GLU B 432 29.02 68.68 -25.07
C GLU B 432 29.19 70.14 -25.41
N GLY B 433 29.57 70.93 -24.38
CA GLY B 433 29.85 72.35 -24.49
C GLY B 433 31.28 72.68 -24.86
N ALA B 434 32.02 71.72 -25.47
CA ALA B 434 33.41 71.90 -25.89
C ALA B 434 33.43 73.06 -26.83
N ILE B 435 34.25 74.06 -26.48
CA ILE B 435 34.30 75.31 -27.22
C ILE B 435 35.72 75.88 -27.31
N SER B 436 35.90 76.80 -28.27
CA SER B 436 37.15 77.52 -28.49
C SER B 436 37.00 78.94 -27.88
N ASN B 437 38.09 79.74 -27.85
CA ASN B 437 38.13 81.12 -27.37
C ASN B 437 36.95 81.90 -27.94
N ASP B 438 36.90 81.99 -29.30
CA ASP B 438 35.92 82.68 -30.13
C ASP B 438 34.56 81.97 -30.14
N LEU B 439 34.25 81.23 -29.07
CA LEU B 439 33.01 80.51 -28.81
C LEU B 439 32.54 79.51 -29.88
N SER B 440 33.46 79.11 -30.78
CA SER B 440 33.17 78.16 -31.82
C SER B 440 33.14 76.78 -31.19
N PRO B 441 32.03 76.04 -31.35
CA PRO B 441 31.95 74.71 -30.75
C PRO B 441 32.93 73.73 -31.40
N ILE B 442 33.64 72.93 -30.56
CA ILE B 442 34.60 71.95 -31.04
C ILE B 442 33.93 70.59 -30.99
N SER B 443 33.79 69.94 -32.16
CA SER B 443 33.17 68.63 -32.30
C SER B 443 34.16 67.49 -32.00
N CYS B 444 33.62 66.26 -31.92
CA CYS B 444 34.43 65.07 -31.69
C CYS B 444 35.27 64.72 -32.88
N ASP B 445 34.68 64.87 -34.09
CA ASP B 445 35.30 64.58 -35.37
C ASP B 445 36.47 65.54 -35.58
N GLN B 446 36.27 66.83 -35.16
CA GLN B 446 37.26 67.90 -35.20
C GLN B 446 38.49 67.43 -34.42
N VAL B 447 38.27 66.99 -33.16
CA VAL B 447 39.26 66.43 -32.24
C VAL B 447 39.90 65.15 -32.82
N LYS B 448 39.06 64.23 -33.39
CA LYS B 448 39.50 62.97 -34.02
C LYS B 448 40.50 63.19 -35.15
N ASP B 449 40.20 64.13 -36.06
CA ASP B 449 41.06 64.43 -37.20
C ASP B 449 42.43 64.98 -36.81
N VAL B 450 42.48 65.78 -35.73
CA VAL B 450 43.73 66.33 -35.21
C VAL B 450 44.63 65.17 -34.71
N LEU B 451 44.03 64.22 -34.00
CA LEU B 451 44.74 63.07 -33.45
C LEU B 451 45.18 62.09 -34.54
N VAL B 452 44.36 61.92 -35.58
CA VAL B 452 44.60 61.04 -36.72
C VAL B 452 45.56 61.69 -37.74
N ASN B 453 45.41 62.99 -38.00
CA ASN B 453 46.25 63.67 -38.99
C ASN B 453 47.47 64.41 -38.48
N ARG B 454 47.36 65.22 -37.39
CA ARG B 454 48.53 65.94 -36.85
C ARG B 454 49.49 64.99 -36.08
N LEU B 455 48.94 63.94 -35.45
CA LEU B 455 49.70 62.88 -34.76
C LEU B 455 49.35 61.57 -35.50
N GLY B 456 50.13 60.52 -35.36
CA GLY B 456 49.81 59.33 -36.15
C GLY B 456 48.88 58.31 -35.51
N LEU B 457 48.02 58.78 -34.60
CA LEU B 457 47.15 57.96 -33.76
C LEU B 457 45.85 57.45 -34.34
N ASP B 458 45.64 56.12 -34.24
CA ASP B 458 44.41 55.44 -34.61
C ASP B 458 43.41 55.73 -33.48
N THR B 459 42.47 56.68 -33.74
CA THR B 459 41.50 57.16 -32.75
C THR B 459 40.14 56.48 -32.83
N ARG B 460 39.70 55.96 -31.69
CA ARG B 460 38.41 55.29 -31.53
C ARG B 460 37.55 56.10 -30.55
N VAL B 461 36.43 56.66 -31.05
CA VAL B 461 35.50 57.46 -30.26
C VAL B 461 34.49 56.60 -29.50
N THR B 462 34.26 56.95 -28.22
CA THR B 462 33.30 56.31 -27.34
C THR B 462 32.37 57.43 -26.93
N THR B 463 31.06 57.26 -27.21
CA THR B 463 30.06 58.27 -26.87
C THR B 463 29.02 57.66 -25.94
N LEU B 464 28.85 58.25 -24.76
CA LEU B 464 27.94 57.75 -23.76
C LEU B 464 26.45 57.92 -24.11
N GLY B 465 26.06 59.12 -24.56
CA GLY B 465 24.68 59.42 -24.90
C GLY B 465 23.77 59.22 -23.70
N HIS B 466 22.58 58.63 -23.92
CA HIS B 466 21.62 58.37 -22.84
C HIS B 466 22.12 57.52 -21.66
N VAL B 467 23.25 56.80 -21.83
CA VAL B 467 23.87 55.99 -20.77
C VAL B 467 24.09 56.88 -19.53
N GLN B 468 24.51 58.14 -19.77
CA GLN B 468 24.78 59.16 -18.76
C GLN B 468 23.56 59.69 -17.95
N ARG B 469 22.34 59.24 -18.29
CA ARG B 469 21.08 59.60 -17.62
C ARG B 469 20.36 58.34 -17.06
N GLY B 470 20.68 57.17 -17.63
CA GLY B 470 20.13 55.90 -17.25
C GLY B 470 20.79 55.28 -16.04
N GLY B 471 20.21 54.18 -15.61
CA GLY B 471 20.65 53.43 -14.43
C GLY B 471 20.15 53.99 -13.12
N THR B 472 20.38 53.22 -12.05
CA THR B 472 19.98 53.58 -10.70
C THR B 472 20.89 54.69 -10.20
N ALA B 473 20.38 55.51 -9.30
CA ALA B 473 21.18 56.54 -8.69
C ALA B 473 22.28 55.91 -7.78
N VAL B 474 23.50 56.43 -7.87
CA VAL B 474 24.66 56.05 -7.05
C VAL B 474 24.31 56.38 -5.59
N ALA B 475 24.91 55.66 -4.60
CA ALA B 475 24.66 55.87 -3.16
C ALA B 475 24.55 57.32 -2.76
N PHE B 476 25.49 58.18 -3.25
CA PHE B 476 25.48 59.62 -2.96
C PHE B 476 24.21 60.27 -3.46
N ASP B 477 23.78 59.95 -4.70
CA ASP B 477 22.57 60.54 -5.24
C ASP B 477 21.33 60.07 -4.48
N ARG B 478 21.26 58.77 -4.11
CA ARG B 478 20.11 58.22 -3.35
C ARG B 478 20.00 58.87 -1.97
N ILE B 479 21.15 58.96 -1.25
CA ILE B 479 21.20 59.55 0.09
C ILE B 479 20.84 61.03 0.07
N TYR B 480 21.47 61.76 -0.84
CA TYR B 480 21.24 63.19 -0.95
C TYR B 480 19.93 63.59 -1.55
N ALA B 481 19.45 62.89 -2.61
CA ALA B 481 18.13 63.18 -3.20
C ALA B 481 17.02 62.97 -2.16
N THR B 482 17.13 61.88 -1.38
CA THR B 482 16.19 61.54 -0.33
C THR B 482 16.13 62.64 0.75
N LEU B 483 17.29 63.03 1.28
CA LEU B 483 17.34 64.07 2.31
C LEU B 483 16.82 65.40 1.79
N GLN B 484 17.13 65.72 0.50
CA GLN B 484 16.66 66.94 -0.18
C GLN B 484 15.11 66.94 -0.28
N GLY B 485 14.53 65.76 -0.58
CA GLY B 485 13.09 65.56 -0.65
C GLY B 485 12.43 65.89 0.67
N VAL B 486 13.03 65.36 1.76
CA VAL B 486 12.59 65.59 3.14
C VAL B 486 12.63 67.09 3.42
N GLU B 487 13.81 67.73 3.17
CA GLU B 487 14.01 69.16 3.39
C GLU B 487 13.04 70.01 2.60
N ALA B 488 12.84 69.69 1.28
CA ALA B 488 11.89 70.39 0.39
C ALA B 488 10.48 70.49 1.01
N VAL B 489 10.00 69.39 1.63
CA VAL B 489 8.71 69.34 2.31
C VAL B 489 8.69 70.32 3.48
N ASN B 490 9.67 70.18 4.42
CA ASN B 490 9.84 71.06 5.60
C ASN B 490 9.91 72.52 5.19
N ALA B 491 10.77 72.86 4.20
CA ALA B 491 10.93 74.21 3.65
C ALA B 491 9.56 74.79 3.22
N VAL B 492 8.82 74.00 2.43
CA VAL B 492 7.50 74.32 1.90
C VAL B 492 6.46 74.57 3.03
N LEU B 493 6.55 73.80 4.14
CA LEU B 493 5.67 73.90 5.31
C LEU B 493 6.06 75.09 6.21
N GLU B 494 7.39 75.28 6.44
CA GLU B 494 7.96 76.35 7.25
C GLU B 494 7.85 77.73 6.59
N CYS B 495 7.54 77.75 5.27
CA CYS B 495 7.43 78.96 4.47
C CYS B 495 6.35 79.90 4.94
N ASP B 496 6.66 81.19 4.87
CA ASP B 496 5.81 82.32 5.23
C ASP B 496 6.03 83.37 4.14
N ALA B 497 4.98 84.16 3.80
CA ALA B 497 5.01 85.20 2.76
C ALA B 497 6.23 86.16 2.75
N ASP B 498 6.85 86.41 3.92
CA ASP B 498 8.03 87.27 4.09
C ASP B 498 9.36 86.52 3.82
N THR B 499 9.28 85.18 3.67
CA THR B 499 10.45 84.33 3.42
C THR B 499 10.63 84.11 1.90
N PRO B 500 11.84 84.42 1.35
CA PRO B 500 12.08 84.19 -0.08
C PRO B 500 12.15 82.72 -0.45
N SER B 501 11.49 82.35 -1.57
CA SER B 501 11.39 80.99 -2.09
C SER B 501 12.72 80.28 -2.11
N PRO B 502 12.82 79.14 -1.42
CA PRO B 502 14.12 78.46 -1.34
C PRO B 502 14.39 77.43 -2.43
N MET B 503 15.65 77.10 -2.55
CA MET B 503 16.15 76.04 -3.38
C MET B 503 16.97 75.19 -2.44
N ILE B 504 16.81 73.86 -2.48
CA ILE B 504 17.60 72.98 -1.62
C ILE B 504 18.97 72.79 -2.27
N ALA B 505 20.03 72.98 -1.50
CA ALA B 505 21.41 72.90 -1.94
C ALA B 505 22.28 72.06 -0.99
N ILE B 506 23.40 71.52 -1.50
CA ILE B 506 24.39 70.80 -0.71
C ILE B 506 25.60 71.72 -0.67
N LYS B 507 26.14 71.95 0.53
CA LYS B 507 27.35 72.75 0.70
C LYS B 507 28.36 72.00 1.58
N GLU B 508 29.30 71.31 0.94
CA GLU B 508 30.34 70.47 1.54
C GLU B 508 29.70 69.42 2.44
N ASP B 509 28.99 68.48 1.80
CA ASP B 509 28.27 67.35 2.41
C ASP B 509 27.19 67.73 3.43
N GLN B 510 26.62 68.95 3.32
CA GLN B 510 25.60 69.43 4.26
C GLN B 510 24.41 70.09 3.54
N ILE B 511 23.19 69.62 3.82
CA ILE B 511 21.97 70.17 3.21
C ILE B 511 21.60 71.55 3.78
N THR B 512 21.47 72.53 2.87
CA THR B 512 21.15 73.91 3.21
C THR B 512 20.01 74.48 2.34
N ARG B 513 19.49 75.65 2.74
CA ARG B 513 18.49 76.37 1.98
C ARG B 513 19.13 77.63 1.45
N VAL B 514 18.97 77.87 0.15
CA VAL B 514 19.52 79.06 -0.50
C VAL B 514 18.39 79.76 -1.32
N PRO B 515 18.31 81.11 -1.37
CA PRO B 515 17.24 81.75 -2.18
C PRO B 515 17.35 81.36 -3.66
N LEU B 516 16.24 80.88 -4.22
CA LEU B 516 16.19 80.44 -5.61
C LEU B 516 16.54 81.55 -6.59
N VAL B 517 16.03 82.79 -6.37
CA VAL B 517 16.34 83.97 -7.22
C VAL B 517 17.83 84.18 -7.35
N ASP B 518 18.56 84.17 -6.21
CA ASP B 518 19.98 84.39 -6.12
C ASP B 518 20.79 83.29 -6.81
N ALA B 519 20.29 82.05 -6.78
CA ALA B 519 20.90 80.89 -7.45
C ALA B 519 20.67 80.96 -8.98
N VAL B 520 19.46 81.36 -9.40
CA VAL B 520 19.08 81.53 -10.80
C VAL B 520 19.95 82.66 -11.41
N GLU B 521 20.06 83.81 -10.69
CA GLU B 521 20.84 84.98 -11.10
C GLU B 521 22.30 84.60 -11.29
N LEU B 522 22.89 83.92 -10.29
CA LEU B 522 24.29 83.51 -10.31
C LEU B 522 24.65 82.58 -11.48
N THR B 523 23.78 81.60 -11.83
CA THR B 523 24.01 80.69 -12.97
C THR B 523 24.05 81.46 -14.27
N GLN B 524 23.18 82.49 -14.39
CA GLN B 524 23.14 83.33 -15.58
C GLN B 524 24.44 84.13 -15.71
N GLN B 525 24.99 84.62 -14.55
CA GLN B 525 26.23 85.38 -14.46
C GLN B 525 27.40 84.60 -15.03
N VAL B 526 27.46 83.27 -14.76
CA VAL B 526 28.47 82.35 -15.27
C VAL B 526 28.32 82.26 -16.80
N ALA B 527 27.10 82.00 -17.30
CA ALA B 527 26.81 81.91 -18.73
C ALA B 527 27.20 83.19 -19.42
N LYS B 528 26.97 84.35 -18.77
CA LYS B 528 27.31 85.68 -19.27
C LYS B 528 28.83 85.81 -19.43
N SER B 529 29.61 85.32 -18.44
CA SER B 529 31.07 85.34 -18.43
C SER B 529 31.66 84.51 -19.57
N ILE B 530 31.05 83.36 -19.87
CA ILE B 530 31.47 82.49 -20.96
C ILE B 530 31.18 83.21 -22.28
N GLU B 531 29.92 83.69 -22.46
CA GLU B 531 29.47 84.41 -23.66
C GLU B 531 30.24 85.73 -23.90
N SER B 532 30.67 86.40 -22.81
CA SER B 532 31.46 87.63 -22.86
C SER B 532 32.97 87.33 -22.92
N ARG B 533 33.30 86.03 -23.08
CA ARG B 533 34.66 85.50 -23.22
C ARG B 533 35.62 85.73 -22.04
N ASN B 534 35.09 85.80 -20.81
CA ASN B 534 35.86 85.94 -19.56
C ASN B 534 35.80 84.59 -18.85
N PHE B 535 36.60 83.62 -19.34
CA PHE B 535 36.66 82.24 -18.87
C PHE B 535 37.28 82.14 -17.49
N LYS B 536 38.36 82.91 -17.24
CA LYS B 536 39.07 83.03 -15.96
C LYS B 536 38.07 83.43 -14.83
N LYS B 537 37.17 84.40 -15.15
CA LYS B 537 36.08 84.96 -14.35
C LYS B 537 35.03 83.87 -14.16
N ALA B 538 34.55 83.25 -15.26
CA ALA B 538 33.58 82.15 -15.25
C ALA B 538 34.00 81.05 -14.28
N ILE B 539 35.29 80.64 -14.31
CA ILE B 539 35.88 79.61 -13.43
C ILE B 539 35.73 80.03 -11.97
N SER B 540 36.09 81.29 -11.61
CA SER B 540 35.99 81.82 -10.24
C SER B 540 34.53 81.92 -9.76
N LEU B 541 33.60 82.19 -10.70
CA LEU B 541 32.17 82.28 -10.43
C LEU B 541 31.56 80.93 -10.05
N ARG B 542 32.16 79.81 -10.51
CA ARG B 542 31.73 78.46 -10.18
C ARG B 542 32.10 78.20 -8.71
N ASP B 543 31.48 77.17 -8.09
CA ASP B 543 31.75 76.84 -6.69
C ASP B 543 33.24 76.64 -6.38
N SER B 544 33.66 76.95 -5.14
CA SER B 544 35.06 76.81 -4.67
C SER B 544 35.69 75.42 -4.94
N GLU B 545 34.87 74.34 -4.93
CA GLU B 545 35.32 72.98 -5.22
C GLU B 545 35.77 72.94 -6.70
N PHE B 546 34.99 73.57 -7.63
CA PHE B 546 35.29 73.61 -9.07
C PHE B 546 36.63 74.28 -9.36
N VAL B 547 36.89 75.40 -8.71
CA VAL B 547 38.11 76.15 -8.89
C VAL B 547 39.32 75.37 -8.35
N GLU B 548 39.11 74.64 -7.23
CA GLU B 548 40.16 73.84 -6.63
C GLU B 548 40.48 72.65 -7.51
N HIS B 549 39.42 71.97 -8.05
CA HIS B 549 39.57 70.81 -8.92
C HIS B 549 40.26 71.16 -10.22
N MET B 550 39.95 72.33 -10.78
CA MET B 550 40.59 72.84 -12.00
C MET B 550 42.09 73.04 -11.77
N LYS B 551 42.47 73.63 -10.62
CA LYS B 551 43.85 73.83 -10.18
C LYS B 551 44.52 72.46 -9.98
N ASN B 552 43.86 71.56 -9.21
CA ASN B 552 44.32 70.20 -8.91
C ASN B 552 44.65 69.42 -10.18
N PHE B 553 43.75 69.47 -11.18
CA PHE B 553 43.89 68.74 -12.44
C PHE B 553 45.06 69.20 -13.26
N ILE B 554 45.17 70.50 -13.51
CA ILE B 554 46.25 70.99 -14.36
C ILE B 554 47.62 70.75 -13.72
N SER B 555 47.73 70.90 -12.38
CA SER B 555 48.99 70.64 -11.66
C SER B 555 49.39 69.14 -11.71
N THR B 556 48.44 68.22 -11.44
CA THR B 556 48.71 66.79 -11.51
C THR B 556 49.00 66.34 -12.93
N ASN B 557 48.38 67.00 -13.95
CA ASN B 557 48.58 66.73 -15.37
C ASN B 557 49.98 67.22 -15.85
N SER B 558 50.48 68.30 -15.23
CA SER B 558 51.76 68.91 -15.51
C SER B 558 52.88 68.39 -14.60
N ASP B 560 55.32 66.90 -13.54
CA ASP B 560 56.62 66.37 -13.86
C ASP B 560 57.20 66.86 -15.21
N HIS B 561 56.38 66.89 -16.29
CA HIS B 561 56.86 67.26 -17.63
C HIS B 561 56.89 68.76 -18.02
N VAL B 562 57.17 69.62 -17.03
CA VAL B 562 57.29 71.08 -17.13
C VAL B 562 58.14 71.55 -15.93
N PRO B 563 58.98 72.60 -16.05
CA PRO B 563 59.83 73.01 -14.91
C PRO B 563 59.07 73.33 -13.62
N PRO B 564 59.60 72.92 -12.44
CA PRO B 564 58.90 73.12 -11.17
C PRO B 564 58.33 74.50 -10.91
N SER B 565 57.18 74.58 -10.22
CA SER B 565 56.52 75.86 -9.91
C SER B 565 57.09 76.61 -8.69
N LEU B 566 58.02 75.99 -7.94
CA LEU B 566 58.63 76.62 -6.75
C LEU B 566 60.13 76.92 -6.96
N PRO B 567 60.72 77.95 -6.28
CA PRO B 567 62.18 78.17 -6.42
C PRO B 567 62.94 77.10 -5.63
N LEU B 568 64.19 76.79 -6.05
CA LEU B 568 65.02 75.74 -5.42
C LEU B 568 64.97 75.66 -3.89
N GLU B 569 65.05 76.83 -3.21
CA GLU B 569 65.01 76.99 -1.76
C GLU B 569 63.72 76.47 -1.15
N LYS B 570 62.57 76.77 -1.76
CA LYS B 570 61.25 76.34 -1.28
C LYS B 570 60.87 74.85 -1.61
N ARG B 571 61.78 74.08 -2.24
CA ARG B 571 61.50 72.69 -2.59
C ARG B 571 61.89 71.74 -1.46
N LYS B 572 60.96 70.82 -1.09
CA LYS B 572 61.09 69.89 0.05
C LYS B 572 61.08 68.37 -0.28
N LYS B 573 61.27 67.53 0.77
CA LYS B 573 61.24 66.06 0.72
C LYS B 573 60.02 65.60 1.51
N ILE B 574 58.91 65.26 0.81
CA ILE B 574 57.68 64.81 1.48
C ILE B 574 57.47 63.30 1.33
N ALA B 575 57.13 62.63 2.43
CA ALA B 575 56.91 61.18 2.44
C ALA B 575 55.45 60.82 2.66
N ILE B 576 55.04 59.66 2.14
CA ILE B 576 53.67 59.18 2.30
C ILE B 576 53.64 57.72 2.79
N ILE B 577 52.69 57.40 3.69
CA ILE B 577 52.48 56.04 4.21
C ILE B 577 51.00 55.73 4.15
N ASN B 578 50.71 54.43 4.14
CA ASN B 578 49.36 53.88 4.22
C ASN B 578 49.30 53.06 5.51
N VAL B 579 48.41 53.41 6.45
CA VAL B 579 48.29 52.70 7.74
C VAL B 579 46.82 52.29 8.03
N GLY B 580 46.62 51.00 8.22
CA GLY B 580 45.32 50.39 8.50
C GLY B 580 44.94 49.41 7.42
N ALA B 581 43.66 49.07 7.33
CA ALA B 581 43.18 48.19 6.27
C ALA B 581 43.02 49.03 4.98
N PRO B 582 43.12 48.41 3.77
CA PRO B 582 42.97 49.20 2.53
C PRO B 582 41.63 49.90 2.37
N ALA B 583 41.62 51.02 1.66
CA ALA B 583 40.43 51.82 1.41
C ALA B 583 40.59 52.53 0.08
N GLY B 584 39.50 52.54 -0.69
CA GLY B 584 39.43 53.19 -2.00
C GLY B 584 39.85 54.65 -1.91
N GLY B 585 40.89 55.01 -2.66
CA GLY B 585 41.40 56.37 -2.67
C GLY B 585 42.79 56.47 -2.07
N MET B 586 43.26 55.37 -1.41
CA MET B 586 44.61 55.29 -0.82
C MET B 586 45.62 55.53 -1.95
N ASN B 587 45.51 54.75 -3.03
CA ASN B 587 46.31 54.84 -4.24
C ASN B 587 46.14 56.16 -5.00
N SER B 588 44.92 56.74 -4.98
CA SER B 588 44.63 58.04 -5.60
C SER B 588 45.33 59.16 -4.84
N ALA B 589 45.31 59.11 -3.49
CA ALA B 589 45.97 60.08 -2.61
C ALA B 589 47.47 60.06 -2.86
N VAL B 590 48.03 58.85 -3.12
CA VAL B 590 49.45 58.67 -3.41
C VAL B 590 49.76 59.22 -4.79
N TYR B 591 48.97 58.81 -5.81
CA TYR B 591 49.11 59.31 -7.19
C TYR B 591 49.11 60.85 -7.26
N SER B 592 48.09 61.48 -6.64
CA SER B 592 47.89 62.94 -6.61
C SER B 592 48.97 63.65 -5.86
N MET B 593 49.41 63.09 -4.71
CA MET B 593 50.48 63.72 -3.94
C MET B 593 51.82 63.69 -4.68
N ALA B 594 52.15 62.55 -5.33
CA ALA B 594 53.41 62.39 -6.06
C ALA B 594 53.48 63.31 -7.27
N THR B 595 52.42 63.33 -8.09
CA THR B 595 52.31 64.18 -9.28
C THR B 595 52.27 65.64 -8.90
N TYR B 596 51.62 65.98 -7.76
CA TYR B 596 51.62 67.38 -7.31
C TYR B 596 53.02 67.79 -6.82
N CYS B 597 53.72 66.87 -6.14
CA CYS B 597 55.08 67.12 -5.66
C CYS B 597 56.01 67.44 -6.82
N MET B 598 55.93 66.65 -7.90
CA MET B 598 56.72 66.82 -9.11
C MET B 598 56.41 68.17 -9.74
N SER B 599 55.10 68.55 -9.73
CA SER B 599 54.60 69.84 -10.23
C SER B 599 55.24 71.04 -9.49
N ARG B 600 55.42 70.91 -8.15
CA ARG B 600 56.03 71.95 -7.33
C ARG B 600 57.57 71.93 -7.34
N GLY B 601 58.14 70.73 -7.51
CA GLY B 601 59.57 70.49 -7.50
C GLY B 601 60.02 69.77 -6.24
N HIS B 602 59.08 69.18 -5.49
CA HIS B 602 59.36 68.41 -4.26
C HIS B 602 59.81 67.01 -4.65
N VAL B 603 60.37 66.27 -3.69
CA VAL B 603 60.79 64.88 -3.92
C VAL B 603 59.83 63.93 -3.18
N PRO B 604 58.89 63.32 -3.92
CA PRO B 604 57.92 62.45 -3.24
C PRO B 604 58.50 61.07 -2.94
N TYR B 605 58.42 60.67 -1.67
CA TYR B 605 58.89 59.38 -1.17
C TYR B 605 57.70 58.57 -0.67
N ALA B 606 57.71 57.25 -0.91
CA ALA B 606 56.66 56.34 -0.48
C ALA B 606 57.22 55.35 0.54
N ILE B 607 56.60 55.27 1.73
CA ILE B 607 57.04 54.33 2.77
C ILE B 607 56.22 53.07 2.61
N HIS B 608 56.85 52.05 2.01
CA HIS B 608 56.16 50.79 1.72
C HIS B 608 55.86 49.95 2.95
N ASN B 609 54.65 49.38 2.98
CA ASN B 609 54.15 48.50 4.04
C ASN B 609 54.25 49.09 5.46
N GLY B 610 53.65 50.27 5.61
CA GLY B 610 53.51 50.98 6.87
C GLY B 610 54.75 51.21 7.70
N PHE B 611 54.57 51.26 9.03
CA PHE B 611 55.66 51.51 9.96
C PHE B 611 56.59 50.30 10.18
N SER B 612 56.03 49.07 10.00
CA SER B 612 56.77 47.82 10.13
C SER B 612 57.81 47.72 9.01
N GLY B 613 57.39 48.07 7.79
CA GLY B 613 58.25 48.08 6.61
C GLY B 613 59.40 49.06 6.74
N LEU B 614 59.14 50.25 7.31
CA LEU B 614 60.17 51.26 7.51
C LEU B 614 61.19 50.81 8.57
N ALA B 615 60.71 50.52 9.80
CA ALA B 615 61.55 50.14 10.96
C ALA B 615 62.36 48.86 10.83
N ARG B 616 61.76 47.78 10.30
CA ARG B 616 62.39 46.47 10.15
C ARG B 616 63.09 46.34 8.80
N HIS B 617 62.67 47.09 7.74
CA HIS B 617 63.23 46.88 6.38
C HIS B 617 63.73 48.08 5.54
N GLU B 618 63.65 49.34 6.04
CA GLU B 618 64.08 50.58 5.33
C GLU B 618 63.31 50.70 3.98
N SER B 619 61.97 50.64 4.08
CA SER B 619 61.08 50.66 2.90
C SER B 619 60.80 52.04 2.25
N VAL B 620 61.77 52.98 2.37
CA VAL B 620 61.67 54.31 1.76
C VAL B 620 61.95 54.10 0.28
N ARG B 621 60.98 54.44 -0.55
CA ARG B 621 61.12 54.28 -1.99
C ARG B 621 60.68 55.52 -2.73
N SER B 622 61.39 55.82 -3.83
CA SER B 622 61.09 56.97 -4.67
C SER B 622 59.88 56.67 -5.52
N ILE B 623 59.21 57.73 -5.99
CA ILE B 623 58.00 57.60 -6.80
C ILE B 623 58.23 58.11 -8.22
N ASN B 624 58.24 57.17 -9.20
CA ASN B 624 58.41 57.51 -10.62
C ASN B 624 57.08 57.65 -11.32
N TRP B 625 56.89 58.77 -12.05
CA TRP B 625 55.64 59.08 -12.77
C TRP B 625 55.13 57.94 -13.63
N LEU B 626 56.02 57.30 -14.40
CA LEU B 626 55.59 56.20 -15.27
C LEU B 626 55.15 54.97 -14.48
N ASP B 627 55.78 54.69 -13.31
CA ASP B 627 55.46 53.55 -12.44
C ASP B 627 54.08 53.68 -11.77
N ILE B 628 53.66 54.92 -11.50
CA ILE B 628 52.36 55.22 -10.88
C ILE B 628 51.21 55.42 -11.89
N GLU B 629 51.42 55.02 -13.15
CA GLU B 629 50.42 55.12 -14.23
C GLU B 629 49.21 54.26 -13.91
N GLY B 630 48.07 54.94 -13.81
CA GLY B 630 46.79 54.31 -13.52
C GLY B 630 46.49 54.04 -12.06
N TRP B 631 47.34 54.55 -11.15
CA TRP B 631 47.19 54.36 -9.72
C TRP B 631 45.96 54.98 -9.14
N GLY B 632 45.54 56.12 -9.67
CA GLY B 632 44.35 56.83 -9.24
C GLY B 632 43.07 56.01 -9.39
N SER B 633 43.10 55.02 -10.29
CA SER B 633 41.94 54.16 -10.58
C SER B 633 42.06 52.79 -9.91
N LEU B 634 43.21 52.47 -9.31
CA LEU B 634 43.43 51.17 -8.67
C LEU B 634 42.91 51.09 -7.23
N GLY B 635 42.36 49.93 -6.90
CA GLY B 635 41.87 49.64 -5.57
C GLY B 635 42.97 49.14 -4.65
N GLY B 636 42.71 49.24 -3.35
CA GLY B 636 43.63 48.84 -2.29
C GLY B 636 44.73 49.84 -2.06
N SER B 637 45.94 49.33 -1.72
CA SER B 637 47.17 50.07 -1.44
C SER B 637 48.39 49.45 -2.18
N GLU B 638 48.89 50.17 -3.20
CA GLU B 638 50.04 49.73 -4.00
C GLU B 638 51.30 49.80 -3.18
N ILE B 639 51.37 50.83 -2.31
CA ILE B 639 52.47 51.07 -1.39
C ILE B 639 52.55 49.91 -0.36
N GLY B 640 51.39 49.45 0.07
CA GLY B 640 51.28 48.42 1.09
C GLY B 640 50.84 49.08 2.39
N THR B 641 49.79 48.54 2.98
CA THR B 641 49.27 49.05 4.24
C THR B 641 49.16 47.92 5.26
N ASN B 642 49.28 48.29 6.54
CA ASN B 642 49.10 47.37 7.67
C ASN B 642 48.61 48.11 8.88
N ARG B 643 48.23 47.38 9.93
CA ARG B 643 47.69 47.99 11.15
C ARG B 643 48.77 48.25 12.19
N THR B 644 50.07 47.95 11.87
CA THR B 644 51.24 48.13 12.75
C THR B 644 51.43 49.60 13.12
N LEU B 645 51.45 49.90 14.44
CA LEU B 645 51.64 51.22 15.00
C LEU B 645 53.14 51.62 15.13
N PRO B 646 53.48 52.94 15.07
CA PRO B 646 54.89 53.34 15.21
C PRO B 646 55.58 52.79 16.46
N ASN B 647 54.84 52.56 17.53
CA ASN B 647 55.43 52.06 18.77
C ASN B 647 55.50 50.54 18.81
N ASP B 648 54.71 49.87 17.93
CA ASP B 648 54.69 48.40 17.76
C ASP B 648 55.77 48.00 16.73
N ALA B 649 56.27 48.99 15.98
CA ALA B 649 57.40 48.94 15.08
C ALA B 649 58.41 49.79 15.89
N ASP B 650 59.70 49.90 15.49
CA ASP B 650 60.63 50.71 16.31
C ASP B 650 60.47 52.19 16.09
N ILE B 651 59.97 52.95 17.10
CA ILE B 651 59.79 54.42 16.99
C ILE B 651 61.15 55.13 16.76
N GLY B 652 62.20 54.59 17.37
CA GLY B 652 63.56 55.09 17.21
C GLY B 652 64.06 54.88 15.78
N MET B 653 63.70 53.73 15.19
CA MET B 653 64.09 53.40 13.82
C MET B 653 63.35 54.23 12.78
N ILE B 654 62.06 54.54 13.04
CA ILE B 654 61.22 55.40 12.19
C ILE B 654 61.90 56.77 12.18
N ALA B 655 62.23 57.28 13.38
CA ALA B 655 62.92 58.55 13.61
C ALA B 655 64.29 58.60 12.94
N TYR B 656 65.05 57.49 12.99
CA TYR B 656 66.37 57.39 12.36
C TYR B 656 66.25 57.58 10.82
N PHE B 657 65.32 56.83 10.17
CA PHE B 657 65.10 56.91 8.72
C PHE B 657 64.54 58.23 8.25
N PHE B 658 63.75 58.89 9.13
CA PHE B 658 63.19 60.24 8.91
C PHE B 658 64.32 61.24 8.80
N GLU B 659 65.39 61.08 9.63
CA GLU B 659 66.56 61.95 9.59
C GLU B 659 67.56 61.52 8.51
N LYS B 660 67.67 60.19 8.22
CA LYS B 660 68.57 59.66 7.20
C LYS B 660 68.13 60.19 5.83
N TYR B 661 66.82 60.14 5.58
CA TYR B 661 66.27 60.62 4.32
C TYR B 661 65.86 62.11 4.35
N GLY B 662 65.97 62.71 5.54
CA GLY B 662 65.69 64.12 5.78
C GLY B 662 64.34 64.59 5.30
N PHE B 663 63.26 63.91 5.73
CA PHE B 663 61.89 64.26 5.37
C PHE B 663 61.46 65.59 5.97
N ASP B 664 60.89 66.44 5.13
CA ASP B 664 60.40 67.77 5.52
C ASP B 664 58.93 67.72 5.93
N GLY B 665 58.29 66.58 5.74
CA GLY B 665 56.89 66.35 6.10
C GLY B 665 56.41 64.93 5.87
N LEU B 666 55.27 64.57 6.48
CA LEU B 666 54.69 63.24 6.33
C LEU B 666 53.16 63.26 6.12
N ILE B 667 52.70 62.46 5.14
CA ILE B 667 51.28 62.30 4.85
C ILE B 667 50.88 60.87 5.15
N LEU B 668 49.97 60.71 6.12
CA LEU B 668 49.42 59.42 6.53
C LEU B 668 48.08 59.28 5.85
N VAL B 669 47.87 58.18 5.12
CA VAL B 669 46.60 57.87 4.47
C VAL B 669 46.12 56.58 5.10
N GLY B 670 45.08 56.66 5.90
CA GLY B 670 44.58 55.49 6.59
C GLY B 670 43.59 55.76 7.70
N GLY B 671 43.09 54.68 8.27
CA GLY B 671 42.07 54.69 9.32
C GLY B 671 42.54 55.03 10.71
N PHE B 672 41.86 54.47 11.71
CA PHE B 672 42.13 54.70 13.13
C PHE B 672 43.55 54.39 13.57
N GLU B 673 44.21 53.37 12.95
CA GLU B 673 45.60 53.02 13.31
C GLU B 673 46.53 54.16 12.90
N ALA B 674 46.25 54.78 11.71
CA ALA B 674 46.99 55.94 11.20
C ALA B 674 46.70 57.17 12.10
N PHE B 675 45.51 57.20 12.76
CA PHE B 675 45.10 58.23 13.72
C PHE B 675 45.96 58.10 14.95
N ILE B 676 46.04 56.88 15.53
CA ILE B 676 46.88 56.61 16.71
C ILE B 676 48.34 56.92 16.35
N SER B 677 48.78 56.46 15.14
CA SER B 677 50.12 56.67 14.60
C SER B 677 50.56 58.12 14.69
N LEU B 678 49.68 59.06 14.29
CA LEU B 678 49.91 60.52 14.31
C LEU B 678 50.24 60.91 15.76
N HIS B 679 49.36 60.54 16.70
CA HIS B 679 49.52 60.86 18.10
C HIS B 679 50.85 60.29 18.69
N GLN B 680 51.20 59.03 18.34
CA GLN B 680 52.42 58.33 18.74
C GLN B 680 53.66 59.03 18.17
N LEU B 681 53.57 59.53 16.93
CA LEU B 681 54.68 60.27 16.29
C LEU B 681 54.80 61.65 16.88
N GLU B 682 53.64 62.31 17.16
CA GLU B 682 53.59 63.64 17.78
C GLU B 682 54.20 63.59 19.20
N ARG B 683 53.79 62.61 20.03
CA ARG B 683 54.30 62.48 21.39
C ARG B 683 55.78 62.10 21.47
N ALA B 684 56.36 61.52 20.41
CA ALA B 684 57.77 61.12 20.39
C ALA B 684 58.71 62.27 19.98
N ARG B 685 58.12 63.41 19.52
CA ARG B 685 58.83 64.63 19.10
C ARG B 685 59.87 65.11 20.14
N ILE B 686 59.56 64.98 21.44
CA ILE B 686 60.46 65.36 22.55
C ILE B 686 61.76 64.57 22.50
N ASN B 687 61.69 63.30 22.13
CA ASN B 687 62.87 62.44 22.02
C ASN B 687 63.61 62.65 20.71
N TYR B 688 62.86 62.76 19.59
CA TYR B 688 63.43 62.82 18.25
C TYR B 688 63.18 64.11 17.48
N PRO B 689 64.26 64.92 17.24
CA PRO B 689 64.09 66.14 16.42
C PRO B 689 63.59 65.84 15.00
N SER B 690 63.93 64.64 14.48
CA SER B 690 63.55 64.12 13.16
C SER B 690 62.06 64.08 12.91
N LEU B 691 61.28 64.02 13.99
CA LEU B 691 59.80 63.99 13.93
C LEU B 691 59.16 65.39 14.04
N ARG B 692 59.96 66.42 14.36
CA ARG B 692 59.50 67.80 14.49
C ARG B 692 59.35 68.46 13.11
N ILE B 693 58.43 67.89 12.31
CA ILE B 693 58.05 68.29 10.94
C ILE B 693 56.52 68.16 10.82
N PRO B 694 55.85 68.84 9.85
CA PRO B 694 54.38 68.68 9.73
C PRO B 694 53.96 67.24 9.45
N LEU B 695 53.02 66.73 10.26
CA LEU B 695 52.48 65.38 10.11
C LEU B 695 50.99 65.54 9.80
N VAL B 696 50.54 65.06 8.62
CA VAL B 696 49.15 65.23 8.15
C VAL B 696 48.49 63.88 7.90
N LEU B 697 47.25 63.70 8.43
CA LEU B 697 46.47 62.48 8.22
C LEU B 697 45.26 62.73 7.34
N ILE B 698 45.14 61.92 6.29
CA ILE B 698 44.01 61.94 5.37
C ILE B 698 43.23 60.67 5.69
N PRO B 699 42.13 60.79 6.48
CA PRO B 699 41.39 59.58 6.88
C PRO B 699 40.92 58.70 5.72
N ALA B 700 41.28 57.40 5.78
CA ALA B 700 40.93 56.37 4.80
C ALA B 700 40.51 55.04 5.49
N THR B 701 39.18 54.87 5.61
CA THR B 701 38.50 53.71 6.23
C THR B 701 37.16 53.57 5.58
N ILE B 702 36.70 52.32 5.42
CA ILE B 702 35.37 52.09 4.87
C ILE B 702 34.35 52.36 5.98
N SER B 703 34.82 52.30 7.24
CA SER B 703 34.09 52.45 8.49
C SER B 703 33.62 53.87 8.81
N ASN B 704 34.51 54.89 8.59
CA ASN B 704 34.38 56.32 8.93
C ASN B 704 34.41 56.54 10.45
N ASN B 705 35.32 55.82 11.13
CA ASN B 705 35.51 55.87 12.57
C ASN B 705 36.55 56.88 13.03
N VAL B 706 37.23 57.55 12.09
CA VAL B 706 38.28 58.49 12.45
C VAL B 706 37.74 59.89 12.77
N PRO B 707 37.95 60.42 14.02
CA PRO B 707 37.50 61.81 14.30
C PRO B 707 38.35 62.86 13.58
N GLY B 708 37.73 63.97 13.22
CA GLY B 708 38.37 65.05 12.48
C GLY B 708 37.72 65.35 11.15
N THR B 709 37.19 64.29 10.49
CA THR B 709 36.45 64.32 9.21
C THR B 709 35.04 63.78 9.43
N GLU B 710 34.15 64.11 8.47
CA GLU B 710 32.80 63.57 8.39
C GLU B 710 32.81 62.64 7.20
N TYR B 711 33.91 62.71 6.42
CA TYR B 711 34.13 61.83 5.27
C TYR B 711 35.51 61.20 5.26
N SER B 712 35.53 59.86 5.34
CA SER B 712 36.75 59.09 5.22
C SER B 712 36.81 58.47 3.80
N LEU B 713 38.01 58.47 3.19
CA LEU B 713 38.28 57.92 1.87
C LEU B 713 37.93 56.44 1.83
N GLY B 714 37.15 56.06 0.83
CA GLY B 714 36.75 54.69 0.65
C GLY B 714 35.37 54.34 1.16
N SER B 715 34.76 55.23 1.97
CA SER B 715 33.43 55.00 2.50
C SER B 715 32.38 55.05 1.37
N ASP B 716 32.51 55.96 0.36
CA ASP B 716 31.59 55.96 -0.79
C ASP B 716 31.79 54.72 -1.67
N THR B 717 33.05 54.24 -1.84
CA THR B 717 33.31 53.05 -2.64
C THR B 717 32.60 51.89 -2.00
N CYS B 718 32.81 51.74 -0.67
CA CYS B 718 32.22 50.70 0.18
C CYS B 718 30.71 50.76 0.19
N LEU B 719 30.14 51.95 0.48
CA LEU B 719 28.70 52.22 0.52
C LEU B 719 28.01 51.79 -0.79
N ASN B 720 28.60 52.17 -1.92
CA ASN B 720 28.08 51.82 -3.21
C ASN B 720 28.14 50.31 -3.47
N SER B 721 29.22 49.59 -3.06
CA SER B 721 29.30 48.14 -3.31
C SER B 721 28.26 47.37 -2.49
N PHE B 722 28.05 47.79 -1.22
CA PHE B 722 27.09 47.22 -0.28
C PHE B 722 25.68 47.55 -0.73
N MET B 723 25.45 48.77 -1.25
CA MET B 723 24.18 49.23 -1.79
C MET B 723 23.77 48.36 -3.01
N GLU B 724 24.73 48.00 -3.86
CA GLU B 724 24.51 47.16 -5.02
C GLU B 724 24.19 45.73 -4.55
N TYR B 725 24.84 45.28 -3.48
CA TYR B 725 24.63 43.95 -2.89
C TYR B 725 23.20 43.88 -2.28
N CYS B 726 22.82 44.88 -1.49
CA CYS B 726 21.53 44.95 -0.83
C CYS B 726 20.36 45.02 -1.80
N ASP B 727 20.57 45.67 -2.95
CA ASP B 727 19.57 45.78 -4.00
C ASP B 727 19.21 44.40 -4.53
N VAL B 728 20.24 43.60 -4.84
CA VAL B 728 20.06 42.23 -5.32
C VAL B 728 19.35 41.36 -4.26
N ILE B 729 19.71 41.56 -2.97
CA ILE B 729 19.10 40.79 -1.86
C ILE B 729 17.63 41.14 -1.67
N LYS B 730 17.30 42.43 -1.72
CA LYS B 730 15.91 42.93 -1.59
C LYS B 730 15.09 42.47 -2.78
N GLN B 731 15.70 42.46 -4.00
CA GLN B 731 15.06 42.03 -5.26
C GLN B 731 14.70 40.57 -5.11
N SER B 732 15.61 39.77 -4.50
CA SER B 732 15.41 38.36 -4.24
C SER B 732 14.28 38.13 -3.23
N ALA B 733 14.19 39.00 -2.20
CA ALA B 733 13.17 38.92 -1.18
C ALA B 733 11.82 39.21 -1.83
N ALA B 734 11.80 40.18 -2.78
CA ALA B 734 10.63 40.63 -3.57
C ALA B 734 10.10 39.54 -4.46
N ALA B 735 10.97 38.61 -4.92
CA ALA B 735 10.57 37.47 -5.75
C ALA B 735 9.89 36.37 -4.95
N THR B 736 10.27 36.13 -3.67
CA THR B 736 9.69 35.07 -2.83
C THR B 736 8.76 35.52 -1.69
N ASN B 738 7.16 36.86 0.60
CA ASN B 738 6.98 36.80 2.05
C ASN B 738 8.29 36.34 2.69
N ARG B 739 9.31 37.17 2.56
CA ARG B 739 10.64 36.87 3.11
C ARG B 739 11.36 38.14 3.51
N VAL B 740 12.19 38.01 4.56
CA VAL B 740 13.05 39.07 5.07
C VAL B 740 14.48 38.60 4.93
N PHE B 741 15.42 39.54 4.84
CA PHE B 741 16.84 39.22 4.84
C PHE B 741 17.54 39.97 5.96
N VAL B 742 18.31 39.25 6.78
CA VAL B 742 19.13 39.92 7.80
C VAL B 742 20.52 40.00 7.15
N VAL B 743 20.92 41.24 6.77
CA VAL B 743 22.18 41.50 6.06
C VAL B 743 23.25 42.01 7.03
N GLU B 744 24.31 41.17 7.31
CA GLU B 744 25.43 41.57 8.18
C GLU B 744 26.26 42.68 7.50
N VAL B 745 26.44 43.79 8.22
CA VAL B 745 27.17 44.96 7.74
C VAL B 745 28.55 45.07 8.41
N GLN B 746 29.57 45.55 7.68
CA GLN B 746 30.95 45.80 8.14
C GLN B 746 31.05 47.19 8.92
N GLY B 747 32.23 47.83 8.90
CA GLY B 747 32.46 49.12 9.57
C GLY B 747 32.83 49.06 11.05
N GLY B 748 32.91 47.85 11.60
CA GLY B 748 33.29 47.61 13.00
C GLY B 748 32.36 48.20 14.06
N ASN B 749 32.97 48.99 14.98
CA ASN B 749 32.25 49.67 16.08
C ASN B 749 31.56 50.96 15.62
N SER B 750 31.77 51.34 14.32
CA SER B 750 31.17 52.49 13.67
C SER B 750 29.91 52.04 12.91
N GLY B 751 28.77 52.65 13.24
CA GLY B 751 27.48 52.36 12.62
C GLY B 751 27.14 53.19 11.40
N TYR B 752 28.13 53.93 10.88
CA TYR B 752 28.00 54.83 9.74
C TYR B 752 27.52 54.12 8.47
N ILE B 753 28.15 52.99 8.09
CA ILE B 753 27.79 52.34 6.82
C ILE B 753 26.39 51.73 6.79
N ALA B 754 25.96 51.08 7.90
CA ALA B 754 24.63 50.49 8.02
C ALA B 754 23.55 51.56 8.02
N THR B 755 23.85 52.74 8.61
CA THR B 755 22.94 53.89 8.66
C THR B 755 22.61 54.34 7.24
N HIS B 756 23.67 54.58 6.46
CA HIS B 756 23.59 55.08 5.10
C HIS B 756 23.07 54.07 4.11
N ALA B 757 23.42 52.78 4.30
CA ALA B 757 22.94 51.68 3.46
C ALA B 757 21.43 51.49 3.67
N GLN B 758 20.92 51.74 4.92
CA GLN B 758 19.52 51.63 5.25
C GLN B 758 18.77 52.68 4.47
N LEU B 759 19.28 53.92 4.45
CA LEU B 759 18.67 55.00 3.71
C LEU B 759 18.66 54.74 2.18
N ALA B 760 19.83 54.41 1.62
CA ALA B 760 20.01 54.16 0.19
C ALA B 760 19.28 52.92 -0.37
N CYS B 761 19.03 51.89 0.45
CA CYS B 761 18.40 50.64 0.00
C CYS B 761 16.98 50.48 0.38
N GLY B 762 16.52 51.28 1.32
CA GLY B 762 15.17 51.16 1.81
C GLY B 762 15.00 50.00 2.77
N ALA B 763 15.98 49.79 3.66
CA ALA B 763 15.92 48.71 4.65
C ALA B 763 14.93 49.13 5.71
N GLN B 764 14.16 48.18 6.26
CA GLN B 764 13.15 48.49 7.28
C GLN B 764 13.75 48.86 8.60
N ILE B 765 14.89 48.20 8.97
CA ILE B 765 15.66 48.38 10.22
C ILE B 765 17.18 48.29 9.93
N SER B 766 18.00 48.98 10.74
CA SER B 766 19.45 48.89 10.72
C SER B 766 19.85 48.88 12.19
N TYR B 767 20.52 47.79 12.60
CA TYR B 767 21.01 47.55 13.94
C TYR B 767 22.47 47.99 13.98
N VAL B 768 22.73 48.98 14.81
CA VAL B 768 23.98 49.70 14.94
C VAL B 768 24.73 49.53 16.31
N PRO B 769 26.09 49.53 16.29
CA PRO B 769 26.86 49.26 17.52
C PRO B 769 26.72 50.26 18.65
N GLU B 770 26.37 51.49 18.31
CA GLU B 770 26.18 52.62 19.22
C GLU B 770 24.91 52.41 20.04
N GLU B 771 23.88 51.77 19.47
CA GLU B 771 22.59 51.53 20.11
C GLU B 771 22.50 50.12 20.69
N GLY B 772 23.06 49.15 19.95
CA GLY B 772 22.98 47.73 20.31
C GLY B 772 21.66 47.18 19.85
N ILE B 773 21.30 45.95 20.29
CA ILE B 773 20.04 45.28 19.96
C ILE B 773 19.43 44.72 21.27
N SER B 774 18.32 45.33 21.69
CA SER B 774 17.59 44.91 22.88
C SER B 774 16.57 43.88 22.46
N LEU B 775 16.19 42.97 23.41
CA LEU B 775 15.18 41.94 23.14
C LEU B 775 13.84 42.61 22.89
N ALA B 776 13.53 43.68 23.65
CA ALA B 776 12.30 44.43 23.52
C ALA B 776 12.19 45.06 22.13
N GLN B 777 13.27 45.69 21.64
CA GLN B 777 13.30 46.26 20.29
C GLN B 777 13.19 45.16 19.28
N LEU B 778 13.86 44.02 19.52
CA LEU B 778 13.83 42.91 18.59
C LEU B 778 12.40 42.36 18.46
N GLU B 779 11.71 42.19 19.61
CA GLU B 779 10.33 41.70 19.61
C GLU B 779 9.41 42.71 18.87
N MET B 780 9.56 44.01 19.20
CA MET B 780 8.80 45.08 18.56
C MET B 780 9.01 45.04 17.04
N ASP B 781 10.29 45.02 16.58
CA ASP B 781 10.65 44.96 15.17
C ASP B 781 10.15 43.70 14.49
N ILE B 782 10.17 42.54 15.19
CA ILE B 782 9.63 41.33 14.59
C ILE B 782 8.10 41.50 14.37
N ASN B 783 7.38 42.07 15.39
CA ASN B 783 5.94 42.29 15.25
C ASN B 783 5.59 43.25 14.11
N SER B 784 6.54 44.18 13.81
CA SER B 784 6.46 45.15 12.73
C SER B 784 6.42 44.37 11.41
N LEU B 785 7.37 43.44 11.22
CA LEU B 785 7.50 42.53 10.07
C LEU B 785 6.20 41.74 9.88
N LYS B 786 5.70 41.16 10.99
CA LYS B 786 4.44 40.41 11.05
C LYS B 786 3.30 41.20 10.45
N GLU B 787 3.19 42.50 10.85
CA GLU B 787 2.18 43.45 10.36
C GLU B 787 2.44 43.89 8.94
N SER B 788 3.72 44.16 8.60
CA SER B 788 4.16 44.57 7.27
C SER B 788 3.70 43.57 6.21
N PHE B 789 3.95 42.27 6.42
CA PHE B 789 3.55 41.22 5.50
C PHE B 789 2.03 41.02 5.45
N ALA B 790 1.33 41.29 6.58
CA ALA B 790 -0.14 41.16 6.65
C ALA B 790 -0.80 42.28 5.82
N ASN B 791 -0.07 43.39 5.61
CA ASN B 791 -0.52 44.56 4.87
C ASN B 791 0.00 44.64 3.43
N ASP B 792 0.80 43.66 2.99
CA ASP B 792 1.34 43.60 1.64
C ASP B 792 0.28 43.22 0.64
N GLN B 793 -0.85 42.68 1.14
CA GLN B 793 -2.02 42.28 0.36
C GLN B 793 -2.53 43.49 -0.39
N GLY B 794 -2.16 43.58 -1.66
CA GLY B 794 -2.56 44.66 -2.55
C GLY B 794 -1.45 45.55 -3.07
N LYS B 795 -0.46 45.90 -2.23
CA LYS B 795 0.66 46.79 -2.61
C LYS B 795 1.77 46.11 -3.43
N THR B 796 2.79 46.92 -3.86
CA THR B 796 3.97 46.46 -4.60
C THR B 796 4.81 45.53 -3.72
N LYS B 797 5.34 44.46 -4.33
CA LYS B 797 6.19 43.57 -3.56
C LYS B 797 7.61 44.01 -3.88
N SER B 798 8.15 44.87 -2.98
CA SER B 798 9.50 45.44 -3.11
C SER B 798 10.60 44.67 -2.29
N GLY B 799 10.19 43.81 -1.35
CA GLY B 799 11.12 43.02 -0.55
C GLY B 799 11.51 43.74 0.71
N ARG B 800 11.96 42.98 1.73
CA ARG B 800 12.32 43.51 3.06
C ARG B 800 13.71 43.17 3.52
N LEU B 801 14.42 44.18 4.05
CA LEU B 801 15.77 44.06 4.58
C LEU B 801 15.89 44.56 5.99
N ILE B 802 16.75 43.92 6.75
CA ILE B 802 17.19 44.32 8.07
C ILE B 802 18.72 44.29 7.94
N LEU B 803 19.36 45.42 8.24
CA LEU B 803 20.81 45.54 8.18
C LEU B 803 21.34 45.46 9.60
N LYS B 804 22.25 44.51 9.88
CA LYS B 804 22.80 44.32 11.21
C LYS B 804 24.32 44.45 11.18
N SER B 805 24.87 45.54 11.76
CA SER B 805 26.32 45.73 11.87
C SER B 805 26.81 44.62 12.75
N GLU B 806 27.86 43.90 12.34
CA GLU B 806 28.37 42.78 13.14
C GLU B 806 28.52 43.15 14.64
N ASN B 807 29.01 44.37 14.92
CA ASN B 807 29.23 44.82 16.30
C ASN B 807 27.99 45.22 17.12
N ALA B 808 26.79 45.25 16.51
CA ALA B 808 25.55 45.61 17.21
C ALA B 808 25.22 44.68 18.39
N SER B 809 25.52 43.39 18.26
CA SER B 809 25.33 42.39 19.30
C SER B 809 26.24 41.19 19.07
N LYS B 810 26.93 40.76 20.12
CA LYS B 810 27.82 39.59 20.07
C LYS B 810 26.99 38.32 20.24
N VAL B 811 25.86 38.41 20.94
CA VAL B 811 24.95 37.33 21.27
C VAL B 811 23.90 37.22 20.15
N LEU B 812 23.14 38.31 19.91
CA LEU B 812 22.12 38.36 18.87
C LEU B 812 22.82 38.64 17.55
N THR B 813 23.29 37.57 16.93
CA THR B 813 24.04 37.62 15.68
C THR B 813 23.10 37.52 14.48
N THR B 814 23.57 37.89 13.29
CA THR B 814 22.81 37.80 12.05
C THR B 814 22.04 36.50 11.96
N GLU B 815 22.73 35.38 12.18
CA GLU B 815 22.19 34.02 12.12
C GLU B 815 21.18 33.75 13.23
N VAL B 816 21.46 34.20 14.48
CA VAL B 816 20.57 34.05 15.65
C VAL B 816 19.29 34.86 15.43
N ILE B 817 19.44 36.15 15.06
CA ILE B 817 18.34 37.08 14.79
C ILE B 817 17.35 36.46 13.80
N SER B 818 17.88 35.95 12.66
CA SER B 818 17.09 35.34 11.60
C SER B 818 16.32 34.09 12.08
N THR B 819 16.93 33.28 12.96
CA THR B 819 16.24 32.09 13.48
C THR B 819 15.10 32.47 14.41
N ILE B 820 15.25 33.59 15.15
CA ILE B 820 14.24 34.14 16.03
C ILE B 820 13.08 34.65 15.17
N ILE B 821 13.37 35.33 14.03
CA ILE B 821 12.34 35.80 13.10
C ILE B 821 11.50 34.63 12.60
N ASP B 822 12.13 33.53 12.18
CA ASP B 822 11.41 32.35 11.72
C ASP B 822 10.54 31.77 12.83
N ASP B 823 11.09 31.68 14.05
CA ASP B 823 10.37 31.14 15.20
C ASP B 823 9.10 31.94 15.42
N GLU B 824 9.25 33.27 15.50
CA GLU B 824 8.17 34.19 15.78
C GLU B 824 7.19 34.38 14.63
N ALA B 825 7.66 34.20 13.36
CA ALA B 825 6.86 34.39 12.13
C ALA B 825 5.68 33.45 12.01
N SER B 826 5.78 32.26 12.66
CA SER B 826 4.75 31.21 12.69
C SER B 826 4.20 30.87 11.27
N GLY B 827 5.15 30.61 10.36
CA GLY B 827 4.91 30.26 8.97
C GLY B 827 4.32 31.33 8.08
N ARG B 828 4.10 32.54 8.59
CA ARG B 828 3.51 33.61 7.77
C ARG B 828 4.48 34.24 6.77
N PHE B 829 5.78 34.02 7.00
CA PHE B 829 6.91 34.50 6.23
C PHE B 829 8.15 33.87 6.81
N ASP B 830 9.25 33.92 6.07
CA ASP B 830 10.52 33.36 6.52
C ASP B 830 11.62 34.38 6.51
N SER B 831 12.73 34.03 7.11
CA SER B 831 13.87 34.90 7.22
C SER B 831 15.06 34.12 6.78
N LYS B 832 15.93 34.81 6.05
CA LYS B 832 17.19 34.27 5.55
C LYS B 832 18.26 35.32 5.81
N THR B 833 19.50 34.87 6.06
CA THR B 833 20.62 35.78 6.28
C THR B 833 21.32 36.07 4.93
N ALA B 834 22.16 37.13 4.93
CA ALA B 834 23.01 37.57 3.84
C ALA B 834 24.30 38.06 4.51
N ILE B 835 25.35 37.22 4.51
CA ILE B 835 26.61 37.57 5.14
C ILE B 835 27.72 37.65 4.06
N PRO B 836 27.89 38.84 3.41
CA PRO B 836 28.90 38.96 2.34
C PRO B 836 30.35 38.86 2.84
N GLY B 837 30.65 39.40 4.01
CA GLY B 837 31.99 39.32 4.56
C GLY B 837 32.83 40.55 4.35
N HIS B 838 34.11 40.50 4.80
CA HIS B 838 35.08 41.59 4.72
C HIS B 838 35.63 41.79 3.28
N VAL B 839 34.74 41.67 2.29
CA VAL B 839 34.98 41.83 0.85
C VAL B 839 34.49 43.23 0.42
N GLN B 840 33.56 43.83 1.25
CA GLN B 840 32.91 45.15 1.09
C GLN B 840 33.83 46.31 0.71
N GLN B 841 35.18 46.13 0.91
CA GLN B 841 36.24 47.10 0.57
C GLN B 841 35.96 47.61 -0.86
N GLY B 842 35.95 46.70 -1.83
CA GLY B 842 35.70 46.99 -3.24
C GLY B 842 36.99 47.26 -4.00
N GLY B 843 36.96 46.95 -5.28
CA GLY B 843 38.10 47.17 -6.17
C GLY B 843 38.20 48.62 -6.54
N ILE B 844 37.96 48.89 -7.83
CA ILE B 844 37.97 50.18 -8.50
C ILE B 844 37.30 51.25 -7.63
N PRO B 845 38.04 52.25 -7.07
CA PRO B 845 37.39 53.24 -6.20
C PRO B 845 36.39 54.14 -6.92
N SER B 846 35.38 54.62 -6.18
CA SER B 846 34.34 55.48 -6.75
C SER B 846 34.94 56.79 -7.30
N PRO B 847 34.39 57.35 -8.42
CA PRO B 847 34.91 58.64 -8.92
C PRO B 847 35.02 59.70 -7.82
N MET B 848 34.06 59.71 -6.86
CA MET B 848 34.05 60.61 -5.71
C MET B 848 35.32 60.39 -4.87
N ASP B 849 35.62 59.12 -4.52
CA ASP B 849 36.81 58.77 -3.76
C ASP B 849 38.10 59.20 -4.48
N ARG B 850 38.20 58.92 -5.81
CA ARG B 850 39.36 59.28 -6.63
C ARG B 850 39.56 60.80 -6.60
N VAL B 851 38.47 61.55 -6.74
CA VAL B 851 38.42 63.01 -6.76
C VAL B 851 38.73 63.61 -5.37
N ARG B 852 37.99 63.23 -4.32
CA ARG B 852 38.23 63.70 -2.96
C ARG B 852 39.70 63.44 -2.51
N ALA B 853 40.26 62.24 -2.81
CA ALA B 853 41.65 61.85 -2.46
C ALA B 853 42.64 62.79 -3.09
N SER B 854 42.40 63.21 -4.36
CA SER B 854 43.25 64.15 -5.08
C SER B 854 43.31 65.51 -4.36
N ARG B 855 42.11 66.06 -4.06
CA ARG B 855 41.86 67.32 -3.36
C ARG B 855 42.58 67.36 -2.01
N PHE B 856 42.40 66.30 -1.20
CA PHE B 856 42.97 66.18 0.13
C PHE B 856 44.47 66.01 0.10
N ALA B 857 45.01 65.19 -0.85
CA ALA B 857 46.46 64.95 -0.97
C ALA B 857 47.17 66.28 -1.23
N ILE B 858 46.59 67.13 -2.11
CA ILE B 858 47.12 68.45 -2.47
C ILE B 858 47.07 69.43 -1.26
N ARG B 859 45.95 69.43 -0.49
CA ARG B 859 45.77 70.29 0.68
C ARG B 859 46.79 69.89 1.76
N ALA B 860 47.14 68.59 1.81
CA ALA B 860 48.13 68.02 2.72
C ALA B 860 49.53 68.53 2.39
N VAL B 861 49.92 68.46 1.09
CA VAL B 861 51.23 68.93 0.58
C VAL B 861 51.35 70.44 0.86
N SER B 862 50.28 71.17 0.56
CA SER B 862 50.22 72.61 0.76
C SER B 862 50.36 73.06 2.20
N PHE B 863 49.86 72.23 3.16
CA PHE B 863 49.97 72.47 4.61
C PHE B 863 51.43 72.28 5.03
N ILE B 864 52.06 71.18 4.55
CA ILE B 864 53.46 70.86 4.82
C ILE B 864 54.34 71.99 4.34
N GLU B 865 54.02 72.57 3.14
CA GLU B 865 54.73 73.71 2.55
C GLU B 865 54.72 74.90 3.54
N ARG B 866 53.52 75.25 4.06
CA ARG B 866 53.25 76.36 4.98
C ARG B 866 53.94 76.25 6.34
N HIS B 867 53.91 75.04 6.93
CA HIS B 867 54.41 74.80 8.28
C HIS B 867 55.87 74.36 8.45
N SER B 868 56.52 73.89 7.37
CA SER B 868 57.91 73.43 7.38
C SER B 868 58.91 74.43 7.94
N ASP B 869 58.77 75.74 7.59
CA ASP B 869 59.68 76.79 8.06
C ASP B 869 59.68 76.94 9.59
N ARG B 870 58.47 76.94 10.20
CA ARG B 870 58.26 77.04 11.66
C ARG B 870 58.88 75.84 12.40
N CYS B 871 58.70 74.61 11.85
CA CYS B 871 59.18 73.33 12.38
C CYS B 871 60.68 73.22 12.49
N GLN B 872 61.41 73.69 11.47
CA GLN B 872 62.87 73.65 11.42
C GLN B 872 63.58 74.41 12.57
N THR B 873 62.82 75.21 13.33
CA THR B 873 63.30 75.93 14.52
C THR B 873 63.43 74.93 15.67
N PHE B 874 62.43 74.04 15.83
CA PHE B 874 62.32 72.98 16.83
C PHE B 874 63.21 71.80 16.44
N LYS B 875 63.38 71.57 15.13
CA LYS B 875 64.16 70.49 14.54
C LYS B 875 65.66 70.68 14.83
N ASN B 876 66.19 71.86 14.49
CA ASN B 876 67.60 72.19 14.65
C ASN B 876 67.97 72.49 16.10
N SER B 877 66.98 72.53 17.00
CA SER B 877 67.24 72.85 18.40
C SER B 877 66.90 71.74 19.38
N ILE B 878 67.76 71.59 20.41
CA ILE B 878 67.55 70.70 21.57
C ILE B 878 66.64 71.58 22.50
N SER B 879 66.62 71.36 23.83
CA SER B 879 65.79 72.15 24.77
C SER B 879 64.34 72.39 24.28
N PHE B 880 63.82 71.42 23.50
CA PHE B 880 62.47 71.43 22.94
C PHE B 880 61.51 71.10 24.07
N ARG B 881 60.75 72.09 24.53
CA ARG B 881 59.85 71.91 25.66
C ARG B 881 58.40 71.52 25.25
N GLN B 882 58.18 71.19 23.94
CA GLN B 882 56.89 70.74 23.36
C GLN B 882 55.77 71.80 23.44
N THR B 883 56.02 72.98 22.80
CA THR B 883 55.11 74.14 22.78
C THR B 883 53.80 73.94 21.99
N ASP B 884 53.02 75.04 21.85
CA ASP B 884 51.74 75.06 21.13
C ASP B 884 51.96 75.28 19.61
N GLU B 885 53.05 75.97 19.23
CA GLU B 885 53.41 76.26 17.85
C GLU B 885 53.75 74.97 17.09
N ILE B 886 54.35 73.99 17.82
CA ILE B 886 54.74 72.70 17.27
C ILE B 886 53.62 71.65 17.25
N THR B 887 52.80 71.58 18.33
CA THR B 887 51.68 70.62 18.40
C THR B 887 50.65 70.84 17.28
N SER B 888 50.58 72.06 16.75
CA SER B 888 49.67 72.46 15.68
C SER B 888 50.02 71.81 14.34
N THR B 889 51.30 71.41 14.15
CA THR B 889 51.79 70.79 12.91
C THR B 889 51.41 69.32 12.71
N ALA B 890 51.09 68.61 13.80
CA ALA B 890 50.63 67.23 13.79
C ALA B 890 49.11 67.37 13.76
N VAL B 891 48.54 67.22 12.56
CA VAL B 891 47.15 67.54 12.28
C VAL B 891 46.35 66.45 11.49
N VAL B 892 45.00 66.52 11.56
CA VAL B 892 44.08 65.64 10.83
C VAL B 892 43.26 66.50 9.84
N LEU B 893 43.39 66.23 8.52
CA LEU B 893 42.65 66.93 7.47
C LEU B 893 41.20 66.42 7.49
N GLY B 894 40.23 67.33 7.55
CA GLY B 894 38.85 66.90 7.61
C GLY B 894 37.74 67.81 7.15
N ILE B 895 36.58 67.21 6.85
CA ILE B 895 35.36 67.91 6.47
C ILE B 895 34.56 68.11 7.75
N HIS B 896 34.14 69.36 8.02
CA HIS B 896 33.30 69.74 9.15
C HIS B 896 32.27 70.83 8.79
N LYS B 897 31.01 70.39 8.47
CA LYS B 897 29.84 71.17 8.06
C LYS B 897 29.97 71.76 6.65
N GLN B 899 32.92 73.04 5.75
CA GLN B 899 34.28 73.53 5.93
C GLN B 899 35.31 72.40 5.93
N LEU B 900 36.40 72.58 5.13
CA LEU B 900 37.53 71.66 5.08
C LEU B 900 38.62 72.24 6.01
N ARG B 901 38.87 71.59 7.16
CA ARG B 901 39.80 72.07 8.18
C ARG B 901 40.83 71.02 8.68
N PHE B 902 42.00 71.52 9.11
CA PHE B 902 43.07 70.74 9.72
C PHE B 902 42.90 70.89 11.22
N THR B 903 42.73 69.77 11.94
CA THR B 903 42.52 69.78 13.38
C THR B 903 43.72 69.16 14.11
N PRO B 904 44.37 69.88 15.07
CA PRO B 904 45.53 69.28 15.76
C PRO B 904 45.15 67.97 16.43
N ILE B 905 45.99 66.93 16.22
CA ILE B 905 45.77 65.58 16.76
C ILE B 905 45.45 65.58 18.28
N ARG B 906 46.08 66.48 19.07
CA ARG B 906 45.89 66.58 20.50
C ARG B 906 44.43 66.67 20.93
N GLN B 907 43.64 67.61 20.38
CA GLN B 907 42.22 67.79 20.74
C GLN B 907 41.29 66.66 20.35
N LEU B 908 41.59 65.98 19.23
CA LEU B 908 40.76 64.86 18.75
C LEU B 908 41.04 63.56 19.50
N TYR B 909 42.30 63.35 19.92
CA TYR B 909 42.71 62.14 20.62
C TYR B 909 42.26 62.18 22.07
N ASP B 910 42.60 63.26 22.77
CA ASP B 910 42.26 63.42 24.17
C ASP B 910 40.75 63.56 24.38
N PHE B 911 40.06 64.36 23.53
CA PHE B 911 38.65 64.68 23.72
C PHE B 911 37.60 64.09 22.79
N GLU B 912 37.91 63.93 21.50
CA GLU B 912 36.94 63.46 20.52
C GLU B 912 36.95 61.95 20.17
N SER B 913 37.74 61.12 20.89
CA SER B 913 37.79 59.70 20.53
C SER B 913 37.74 58.67 21.66
N ASP B 914 37.21 57.45 21.34
CA ASP B 914 37.24 56.28 22.22
C ASP B 914 38.53 55.56 21.84
N VAL B 915 39.64 56.19 22.26
CA VAL B 915 41.05 55.82 22.10
C VAL B 915 41.25 54.31 22.30
N PRO B 916 40.41 53.77 23.22
CA PRO B 916 40.52 52.36 23.63
C PRO B 916 40.02 51.38 22.56
N ARG B 917 39.88 50.11 22.96
CA ARG B 917 39.46 48.98 22.12
C ARG B 917 38.28 49.25 21.17
N ARG B 918 37.44 50.30 21.47
CA ARG B 918 36.30 50.63 20.62
C ARG B 918 36.72 51.26 19.29
N MET B 919 37.69 52.18 19.32
CA MET B 919 38.23 52.90 18.16
C MET B 919 37.11 53.65 17.40
N ARG B 920 36.59 54.74 18.03
CA ARG B 920 35.50 55.59 17.52
C ARG B 920 35.39 56.93 18.26
N ASN B 922 31.71 60.21 19.37
CA ASN B 922 30.35 60.76 19.22
C ASN B 922 29.93 60.94 17.75
N ILE B 923 28.81 60.30 17.35
CA ILE B 923 28.33 60.26 15.95
C ILE B 923 27.67 61.55 15.46
N PHE B 924 27.60 61.75 14.14
CA PHE B 924 26.93 62.91 13.56
C PHE B 924 25.65 62.51 12.84
N TRP B 925 25.62 61.30 12.26
CA TRP B 925 24.52 60.72 11.48
C TRP B 925 23.16 60.45 12.17
N SER B 926 22.95 60.96 13.39
CA SER B 926 21.71 60.82 14.18
C SER B 926 20.45 61.23 13.39
N ASN B 927 20.47 62.36 12.66
CA ASN B 927 19.34 62.81 11.85
C ASN B 927 19.03 61.85 10.70
N VAL B 928 20.08 61.35 9.98
CA VAL B 928 19.95 60.39 8.86
C VAL B 928 19.18 59.20 9.34
N ARG B 929 19.54 58.70 10.54
CA ARG B 929 18.90 57.57 11.23
C ARG B 929 17.40 57.79 11.43
N GLU B 930 17.02 58.97 11.97
CA GLU B 930 15.64 59.39 12.25
C GLU B 930 14.80 59.35 10.98
N ILE B 931 15.34 59.91 9.88
CA ILE B 931 14.69 59.97 8.58
C ILE B 931 14.51 58.57 7.98
N SER B 932 15.53 57.68 8.10
CA SER B 932 15.39 56.34 7.52
C SER B 932 14.40 55.50 8.28
N ASP B 933 14.18 55.80 9.58
CA ASP B 933 13.18 55.08 10.36
C ASP B 933 11.80 55.61 9.98
N MET B 934 11.70 56.95 9.73
CA MET B 934 10.49 57.64 9.29
C MET B 934 10.01 57.05 7.98
N LEU B 935 10.90 56.96 6.99
CA LEU B 935 10.62 56.48 5.64
C LEU B 935 10.25 55.01 5.54
N SER B 936 10.57 54.23 6.58
CA SER B 936 10.29 52.80 6.63
C SER B 936 9.25 52.41 7.68
N GLY B 937 8.77 53.40 8.43
CA GLY B 937 7.77 53.16 9.46
C GLY B 937 8.25 52.46 10.71
N ARG B 938 9.55 52.61 11.04
CA ARG B 938 10.12 51.99 12.24
C ARG B 938 9.74 52.75 13.50
N THR B 939 9.38 51.98 14.55
CA THR B 939 9.01 52.45 15.89
C THR B 939 10.09 52.00 16.90
N SER B 940 10.86 52.96 17.42
CA SER B 940 11.93 52.72 18.41
C SER B 940 11.37 52.65 19.85
N LEU B 941 12.27 52.56 20.88
CA LEU B 941 11.88 52.51 22.29
C LEU B 941 12.61 53.53 23.19
N SER C 5 30.32 70.73 46.44
CA SER C 5 30.00 69.47 47.10
C SER C 5 31.24 68.81 47.78
N ILE C 6 32.01 69.61 48.56
CA ILE C 6 33.19 69.18 49.31
C ILE C 6 32.75 68.57 50.65
N SER C 7 33.08 67.28 50.89
CA SER C 7 32.74 66.54 52.11
C SER C 7 33.42 67.11 53.37
N ASP C 8 34.76 67.16 53.37
CA ASP C 8 35.60 67.66 54.47
C ASP C 8 36.96 68.12 53.90
N LEU C 9 38.04 68.02 54.71
CA LEU C 9 39.41 68.34 54.31
C LEU C 9 40.14 66.99 54.13
N SER C 10 40.84 66.83 53.00
CA SER C 10 41.58 65.62 52.66
C SER C 10 42.89 65.53 53.42
N PHE C 11 43.76 66.55 53.27
CA PHE C 11 45.06 66.63 53.94
C PHE C 11 45.66 68.03 53.84
N THR C 12 46.74 68.29 54.61
CA THR C 12 47.47 69.55 54.51
C THR C 12 48.83 69.21 53.93
N SER C 13 49.33 70.06 53.01
CA SER C 13 50.64 69.86 52.38
C SER C 13 51.60 70.93 52.81
N PHE C 14 52.83 70.56 53.20
CA PHE C 14 53.87 71.53 53.60
C PHE C 14 55.09 71.33 52.71
N VAL C 15 55.41 72.33 51.85
CA VAL C 15 56.54 72.24 50.92
C VAL C 15 57.76 73.03 51.43
N THR C 16 58.97 72.44 51.36
CA THR C 16 60.23 73.06 51.78
C THR C 16 61.35 72.86 50.74
N ASN C 17 62.33 73.76 50.72
CA ASN C 17 63.50 73.72 49.83
C ASN C 17 64.66 73.06 50.58
N ASP C 18 64.77 73.35 51.89
CA ASP C 18 65.80 72.86 52.79
C ASP C 18 65.49 71.44 53.25
N ASP C 19 66.41 70.50 52.95
CA ASP C 19 66.27 69.09 53.35
C ASP C 19 66.41 68.93 54.85
N ASN C 20 67.31 69.71 55.48
CA ASN C 20 67.55 69.72 56.92
C ASN C 20 66.27 70.10 57.65
N LEU C 21 65.52 71.09 57.10
CA LEU C 21 64.22 71.53 57.63
C LEU C 21 63.17 70.45 57.44
N PHE C 22 63.19 69.78 56.26
CA PHE C 22 62.27 68.71 55.89
C PHE C 22 62.35 67.53 56.85
N GLU C 23 63.57 67.00 57.09
CA GLU C 23 63.81 65.85 57.97
C GLU C 23 63.48 66.15 59.41
N GLU C 24 63.79 67.39 59.88
CA GLU C 24 63.50 67.83 61.24
C GLU C 24 61.98 67.98 61.49
N THR C 25 61.21 68.29 60.41
CA THR C 25 59.75 68.42 60.45
C THR C 25 59.14 67.03 60.55
N PHE C 26 59.69 66.07 59.77
CA PHE C 26 59.29 64.67 59.75
C PHE C 26 59.43 64.08 61.16
N ASN C 27 60.63 64.23 61.77
CA ASN C 27 60.92 63.75 63.13
C ASN C 27 60.04 64.40 64.19
N PHE C 28 59.61 65.67 63.96
CA PHE C 28 58.73 66.44 64.84
C PHE C 28 57.36 65.80 64.94
N TYR C 29 56.72 65.51 63.80
CA TYR C 29 55.41 64.86 63.78
C TYR C 29 55.49 63.39 64.14
N THR C 30 56.66 62.75 63.90
CA THR C 30 56.93 61.34 64.24
C THR C 30 56.80 61.16 65.77
N LYS C 31 57.36 62.11 66.54
CA LYS C 31 57.29 62.17 68.01
C LYS C 31 55.86 62.49 68.48
N LEU C 32 55.06 63.17 67.62
CA LEU C 32 53.68 63.57 67.90
C LEU C 32 52.56 62.56 67.52
N GLY C 33 52.95 61.36 67.13
CA GLY C 33 51.97 60.33 66.80
C GLY C 33 51.73 60.06 65.34
N PHE C 34 52.55 60.63 64.45
CA PHE C 34 52.41 60.39 63.03
C PHE C 34 53.20 59.19 62.57
N HIS C 35 52.67 58.50 61.56
CA HIS C 35 53.24 57.31 60.97
C HIS C 35 53.39 57.53 59.49
N ALA C 36 54.59 57.28 58.94
CA ALA C 36 54.84 57.44 57.52
C ALA C 36 54.24 56.26 56.78
N THR C 37 53.16 56.51 56.03
CA THR C 37 52.45 55.49 55.27
C THR C 37 52.96 55.35 53.83
N ARG C 38 53.45 56.47 53.23
CA ARG C 38 54.01 56.48 51.88
C ARG C 38 55.26 57.36 51.77
N SER C 39 56.29 56.88 51.02
CA SER C 39 57.55 57.59 50.78
C SER C 39 57.95 57.65 49.32
N TYR C 40 58.62 58.75 48.92
CA TYR C 40 59.12 58.98 47.55
C TYR C 40 60.52 59.60 47.55
N VAL C 41 61.33 59.28 46.52
CA VAL C 41 62.68 59.80 46.22
C VAL C 41 62.98 59.72 44.69
N LYS C 42 63.92 60.55 44.19
CA LYS C 42 64.34 60.61 42.78
C LYS C 42 64.68 59.25 42.12
N ASN C 44 66.02 55.12 40.08
CA ASN C 44 64.99 54.10 40.28
C ASN C 44 63.65 54.42 39.57
N ARG C 45 63.20 53.52 38.68
CA ARG C 45 61.94 53.68 37.93
C ARG C 45 60.73 52.96 38.57
N SER C 46 60.99 52.13 39.60
CA SER C 46 59.97 51.34 40.29
C SER C 46 58.92 52.16 41.09
N ASP C 47 59.32 53.31 41.69
CA ASP C 47 58.45 54.20 42.49
C ASP C 47 57.14 54.56 41.77
N PHE C 48 56.00 54.49 42.50
CA PHE C 48 54.67 54.84 42.00
C PHE C 48 54.49 56.36 42.13
N GLU C 49 53.89 57.01 41.13
CA GLU C 49 53.68 58.46 41.19
C GLU C 49 52.19 58.80 41.20
N LEU C 50 51.73 59.50 42.25
CA LEU C 50 50.34 59.94 42.41
C LEU C 50 50.34 61.43 42.70
N THR C 51 51.36 61.87 43.45
CA THR C 51 51.65 63.27 43.78
C THR C 51 53.16 63.53 43.65
N GLY C 52 53.50 64.67 43.03
CA GLY C 52 54.88 65.10 42.80
C GLY C 52 55.06 66.50 42.22
N ILE C 53 53.98 67.32 42.24
CA ILE C 53 53.91 68.71 41.74
C ILE C 53 52.62 69.40 42.30
N SER C 54 52.69 70.67 42.84
CA SER C 54 53.85 71.57 42.95
C SER C 54 54.04 72.11 44.38
N ASP C 56 59.05 70.05 40.31
CA ASP C 56 58.56 68.84 40.99
C ASP C 56 59.12 68.68 42.44
N SER C 57 59.12 67.44 42.99
CA SER C 57 59.62 67.13 44.33
C SER C 57 60.70 66.03 44.30
N ILE C 58 61.81 66.21 45.05
CA ILE C 58 62.91 65.24 45.14
C ILE C 58 62.63 64.14 46.14
N LYS C 59 61.98 64.48 47.28
CA LYS C 59 61.53 63.58 48.33
C LYS C 59 60.13 63.98 48.80
N GLU C 60 59.32 63.00 49.23
CA GLU C 60 57.97 63.20 49.74
C GLU C 60 57.62 62.12 50.76
N ILE C 61 57.21 62.53 51.96
CA ILE C 61 56.80 61.60 53.01
C ILE C 61 55.37 61.90 53.41
N TRP C 62 54.49 60.89 53.30
CA TRP C 62 53.09 61.00 53.66
C TRP C 62 52.85 60.40 55.04
N LEU C 63 52.62 61.28 56.03
CA LEU C 63 52.38 60.89 57.42
C LEU C 63 50.87 60.85 57.71
N GLU C 64 50.45 59.88 58.55
CA GLU C 64 49.07 59.71 58.97
C GLU C 64 48.98 59.47 60.48
N SER C 65 48.13 60.27 61.15
CA SER C 65 47.78 60.12 62.56
C SER C 65 46.40 59.47 62.40
N PHE C 66 46.37 58.11 62.47
CA PHE C 66 45.20 57.27 62.25
C PHE C 66 43.97 57.64 63.09
N PRO C 67 42.74 57.51 62.52
CA PRO C 67 41.52 57.84 63.28
C PRO C 67 41.33 56.98 64.51
N LEU C 68 40.49 57.43 65.45
CA LEU C 68 40.23 56.65 66.67
C LEU C 68 39.03 55.72 66.51
N SER C 69 39.24 54.41 66.76
CA SER C 69 38.21 53.38 66.65
C SER C 69 37.98 52.71 68.02
N GLU C 70 36.91 51.90 68.16
CA GLU C 70 36.55 51.25 69.42
C GLU C 70 37.37 50.02 69.87
N VAL C 71 38.51 50.24 70.52
CA VAL C 71 39.45 49.21 71.00
C VAL C 71 38.87 47.91 71.62
N VAL C 72 39.45 46.76 71.21
CA VAL C 72 39.12 45.40 71.64
C VAL C 72 39.94 44.97 72.87
N GLU C 73 39.23 44.50 73.90
CA GLU C 73 39.72 44.07 75.21
C GLU C 73 40.87 43.04 75.20
N ALA C 74 40.60 41.78 74.75
CA ALA C 74 41.57 40.69 74.74
C ALA C 74 42.58 40.80 73.60
N GLY C 77 42.77 39.25 81.34
CA GLY C 77 42.72 40.24 80.26
C GLY C 77 44.11 40.71 79.86
N ARG C 78 44.47 40.50 78.56
CA ARG C 78 45.77 40.88 77.97
C ARG C 78 45.87 42.39 77.67
N GLU C 79 46.57 42.78 76.60
CA GLU C 79 46.71 44.19 76.22
C GLU C 79 45.84 44.58 75.01
N LEU C 80 45.29 45.80 75.09
CA LEU C 80 44.33 46.43 74.17
C LEU C 80 44.82 46.62 72.73
N ARG C 81 43.99 46.13 71.75
CA ARG C 81 44.22 46.22 70.30
C ARG C 81 43.00 46.83 69.58
N LYS C 82 43.23 47.45 68.40
CA LYS C 82 42.19 48.09 67.56
C LYS C 82 41.09 47.14 67.09
N PRO C 83 39.81 47.59 66.94
CA PRO C 83 38.77 46.66 66.46
C PRO C 83 38.81 46.56 64.95
N LEU C 84 37.68 46.20 64.34
CA LEU C 84 37.51 46.10 62.90
C LEU C 84 36.35 47.01 62.57
N GLN C 85 35.69 46.81 61.43
CA GLN C 85 34.49 47.59 61.15
C GLN C 85 33.30 46.64 61.31
N GLU C 86 33.27 46.09 62.53
CA GLU C 86 32.34 45.21 63.21
C GLU C 86 32.00 46.05 64.45
N SER C 87 32.59 47.26 64.50
CA SER C 87 32.47 48.31 65.50
C SER C 87 31.02 48.81 65.65
N VAL C 88 30.79 49.60 66.73
CA VAL C 88 29.50 50.15 67.19
C VAL C 88 28.58 50.83 66.17
N GLY C 89 29.01 51.96 65.63
CA GLY C 89 28.18 52.71 64.69
C GLY C 89 28.61 52.62 63.23
N TYR C 90 29.35 51.56 62.87
CA TYR C 90 29.82 51.43 61.49
C TYR C 90 28.69 51.11 60.54
N GLU C 91 28.47 52.02 59.58
CA GLU C 91 27.46 51.89 58.54
C GLU C 91 28.21 51.80 57.22
N SER C 92 28.20 50.63 56.59
CA SER C 92 28.87 50.37 55.31
C SER C 92 28.22 51.15 54.18
N GLU C 93 29.02 51.86 53.36
CA GLU C 93 28.54 52.65 52.22
C GLU C 93 28.86 51.98 50.87
N ALA C 94 28.63 52.72 49.74
CA ALA C 94 28.92 52.26 48.39
C ALA C 94 30.44 52.05 48.26
N LEU C 95 31.22 52.97 48.87
CA LEU C 95 32.66 52.89 49.00
C LEU C 95 32.91 52.41 50.43
N LEU C 96 33.61 53.18 51.25
CA LEU C 96 33.84 52.74 52.61
C LEU C 96 32.76 53.41 53.48
N GLY C 97 32.46 52.86 54.67
CA GLY C 97 31.39 53.36 55.53
C GLY C 97 31.60 54.51 56.50
N TYR C 98 30.82 54.49 57.64
CA TYR C 98 30.80 55.47 58.75
C TYR C 98 30.94 54.74 60.10
N PRO C 100 34.05 56.80 65.22
CA PRO C 100 35.33 56.87 64.49
C PRO C 100 35.85 58.30 64.23
N TYR C 101 36.77 58.75 65.07
CA TYR C 101 37.28 60.11 64.97
C TYR C 101 38.32 60.25 63.87
N GLN C 102 37.85 60.47 62.62
CA GLN C 102 38.67 60.66 61.41
C GLN C 102 39.87 61.60 61.57
N GLY C 104 43.61 62.25 60.73
CA GLY C 104 44.29 63.41 60.18
C GLY C 104 45.65 63.12 59.54
N GLY C 105 45.73 63.30 58.21
CA GLY C 105 46.94 63.08 57.42
C GLY C 105 47.56 64.38 56.93
N VAL C 106 48.91 64.47 57.00
CA VAL C 106 49.69 65.64 56.56
C VAL C 106 50.82 65.22 55.60
N VAL C 107 50.73 65.66 54.33
CA VAL C 107 51.69 65.34 53.27
C VAL C 107 52.90 66.31 53.31
N ILE C 108 54.12 65.78 53.54
CA ILE C 108 55.33 66.62 53.56
C ILE C 108 56.07 66.44 52.23
N LYS C 109 56.24 67.55 51.48
CA LYS C 109 56.88 67.60 50.16
C LYS C 109 58.24 68.36 50.17
N LEU C 110 59.24 67.86 49.41
CA LEU C 110 60.58 68.47 49.34
C LEU C 110 61.00 68.84 47.91
N ARG C 111 61.08 70.15 47.62
CA ARG C 111 61.49 70.69 46.34
C ARG C 111 63.03 70.65 46.17
N LEU C 112 63.53 70.89 44.94
CA LEU C 112 64.96 70.88 44.57
C LEU C 112 65.78 71.98 45.28
N SER C 113 67.07 72.11 44.90
CA SER C 113 68.03 73.11 45.40
C SER C 113 67.51 74.56 45.16
N ASN C 114 66.91 74.78 43.95
CA ASN C 114 66.31 76.03 43.53
C ASN C 114 64.78 75.94 43.53
N GLU C 118 61.20 79.06 41.04
CA GLU C 118 62.00 78.12 41.84
C GLU C 118 61.18 77.56 43.00
N LYS C 119 60.66 78.44 43.91
CA LYS C 119 59.82 78.12 45.09
C LYS C 119 59.32 79.39 45.80
N ASN C 120 58.01 79.45 46.09
CA ASN C 120 57.37 80.58 46.77
C ASN C 120 57.63 80.57 48.28
N ASN C 121 57.51 81.75 48.91
CA ASN C 121 57.68 81.94 50.34
C ASN C 121 56.36 81.63 51.04
N ASP C 122 56.46 81.12 52.28
CA ASP C 122 55.33 80.73 53.12
C ASP C 122 54.43 81.92 53.52
N LEU C 123 53.12 81.74 53.27
CA LEU C 123 52.04 82.69 53.57
C LEU C 123 51.45 82.43 54.98
N PRO C 124 50.56 83.33 55.42
CA PRO C 124 50.40 83.55 56.87
C PRO C 124 49.42 82.58 57.54
N GLY C 125 48.52 81.99 56.75
CA GLY C 125 47.48 81.06 57.19
C GLY C 125 47.91 79.89 58.05
N GLU C 126 46.96 79.31 58.83
CA GLU C 126 47.17 78.19 59.75
C GLU C 126 46.03 77.16 59.75
N VAL C 127 46.32 75.93 60.24
CA VAL C 127 45.34 74.82 60.34
C VAL C 127 45.13 74.48 61.81
N THR C 128 43.86 74.20 62.18
CA THR C 128 43.52 73.82 63.55
C THR C 128 43.01 72.39 63.53
N PHE C 129 43.71 71.50 64.25
CA PHE C 129 43.40 70.09 64.35
C PHE C 129 42.69 69.76 65.64
N PHE C 130 41.90 68.67 65.64
CA PHE C 130 41.18 68.22 66.81
C PHE C 130 41.96 67.18 67.62
N THR C 131 41.95 67.34 68.96
CA THR C 131 42.56 66.42 69.92
C THR C 131 41.67 66.18 71.15
N ALA C 132 41.42 64.89 71.46
CA ALA C 132 40.65 64.44 72.61
C ALA C 132 41.58 64.21 73.81
N SER C 133 42.84 64.68 73.69
CA SER C 133 43.91 64.55 74.69
C SER C 133 44.72 65.87 74.79
N ILE C 134 44.02 67.04 74.88
CA ILE C 134 44.61 68.40 74.94
C ILE C 134 45.82 68.56 75.87
N ASP C 135 45.76 67.94 77.06
CA ASP C 135 46.82 67.99 78.07
C ASP C 135 47.95 67.01 77.75
N LYS C 136 47.62 65.83 77.19
CA LYS C 136 48.60 64.82 76.78
C LYS C 136 49.47 65.35 75.64
N LEU C 137 48.87 66.12 74.72
CA LEU C 137 49.54 66.77 73.59
C LEU C 137 50.43 67.92 74.09
N LYS C 138 49.90 68.73 75.03
CA LYS C 138 50.56 69.86 75.68
C LYS C 138 51.86 69.33 76.33
N ALA C 139 51.77 68.17 77.02
CA ALA C 139 52.89 67.50 77.70
C ALA C 139 54.00 67.01 76.75
N LYS C 140 53.65 66.50 75.55
CA LYS C 140 54.63 66.04 74.55
C LYS C 140 55.32 67.25 73.95
N LEU C 141 54.56 68.33 73.74
CA LEU C 141 55.08 69.58 73.19
C LEU C 141 56.08 70.21 74.15
N ILE C 142 55.78 70.23 75.47
CA ILE C 142 56.75 70.72 76.46
C ILE C 142 57.96 69.75 76.54
N GLU C 143 57.71 68.44 76.30
CA GLU C 143 58.76 67.41 76.25
C GLU C 143 59.59 67.52 74.96
N ILE C 144 59.05 68.20 73.93
CA ILE C 144 59.73 68.39 72.65
C ILE C 144 60.01 69.87 72.34
N GLY C 145 59.06 70.55 71.69
CA GLY C 145 59.16 71.95 71.23
C GLY C 145 58.54 73.04 72.07
N ALA C 146 57.82 73.98 71.40
CA ALA C 146 57.20 75.17 72.01
C ALA C 146 55.67 75.17 72.06
N GLU C 147 55.10 75.92 73.03
CA GLU C 147 53.64 76.03 73.24
C GLU C 147 53.12 77.48 73.23
N ILE C 148 52.66 77.92 72.05
CA ILE C 148 52.11 79.26 71.81
C ILE C 148 50.74 79.40 72.51
N ILE C 149 50.46 80.59 73.02
CA ILE C 149 49.24 80.95 73.74
C ILE C 149 48.08 81.18 72.72
N PRO C 150 46.80 80.86 73.06
CA PRO C 150 45.73 80.98 72.05
C PRO C 150 44.96 82.30 71.93
N SER C 151 44.26 82.44 70.79
CA SER C 151 43.36 83.53 70.41
C SER C 151 42.14 82.89 69.69
N LYS C 152 40.92 83.41 69.93
CA LYS C 152 39.62 82.96 69.41
C LYS C 152 39.14 81.65 70.03
N LEU C 155 37.83 78.86 69.03
CA LEU C 155 37.83 77.51 69.59
C LEU C 155 39.23 77.01 70.04
N VAL C 156 40.31 77.58 69.43
CA VAL C 156 41.70 77.23 69.66
C VAL C 156 42.15 77.21 71.13
N GLU C 157 42.64 76.03 71.58
CA GLU C 157 43.11 75.77 72.96
C GLU C 157 44.51 76.32 73.19
N PHE C 158 45.39 76.15 72.18
CA PHE C 158 46.77 76.64 72.12
C PHE C 158 47.30 76.50 70.68
N SER C 159 48.60 76.80 70.49
CA SER C 159 49.25 76.73 69.19
C SER C 159 50.70 76.28 69.37
N THR C 160 51.35 75.87 68.28
CA THR C 160 52.75 75.43 68.26
C THR C 160 53.44 75.75 66.92
N ARG C 161 54.75 75.45 66.82
CA ARG C 161 55.52 75.69 65.61
C ARG C 161 56.68 74.72 65.36
N ASP C 162 57.15 74.76 64.10
CA ASP C 162 58.30 74.10 63.45
C ASP C 162 58.56 75.12 62.26
N PRO C 163 59.16 74.87 61.05
CA PRO C 163 59.13 75.95 60.03
C PRO C 163 57.67 76.36 59.75
N MET C 164 56.71 75.49 60.19
CA MET C 164 55.24 75.58 60.09
C MET C 164 54.53 75.78 61.44
N GLY C 165 53.73 76.85 61.51
CA GLY C 165 52.94 77.19 62.69
C GLY C 165 51.56 76.57 62.62
N ASP C 166 51.16 75.84 63.69
CA ASP C 166 49.86 75.14 63.73
C ASP C 166 49.07 75.35 65.00
N VAL C 167 47.74 75.34 64.87
CA VAL C 167 46.78 75.51 65.96
C VAL C 167 46.12 74.18 66.34
N ILE C 168 45.54 74.09 67.56
CA ILE C 168 44.93 72.87 68.11
C ILE C 168 43.63 73.21 68.93
N SER C 169 42.54 72.39 68.79
CA SER C 169 41.26 72.55 69.51
C SER C 169 40.40 71.26 69.53
N PHE C 170 39.06 71.41 69.48
CA PHE C 170 38.07 70.32 69.41
C PHE C 170 37.32 70.42 68.06
N SER C 171 36.88 69.28 67.45
CA SER C 171 36.20 69.20 66.13
C SER C 171 34.84 69.92 66.05
N SER C 172 34.05 69.72 64.96
CA SER C 172 32.73 70.37 64.79
C SER C 172 31.65 69.92 65.80
N TYR C 173 31.90 68.78 66.51
CA TYR C 173 31.07 68.20 67.56
C TYR C 173 31.17 69.05 68.87
N PRO C 174 30.38 68.81 69.95
CA PRO C 174 30.50 69.68 71.14
C PRO C 174 31.76 69.59 72.00
N SER C 175 32.28 68.37 72.28
CA SER C 175 33.44 68.21 73.17
C SER C 175 34.51 67.17 72.76
N LEU C 176 35.67 67.21 73.46
CA LEU C 176 36.83 66.32 73.24
C LEU C 176 37.05 65.38 74.45
N SER C 178 38.18 61.13 76.02
CA SER C 178 38.65 60.48 74.79
C SER C 178 38.04 59.03 74.52
N LYS C 179 36.77 58.78 74.93
CA LYS C 179 36.04 57.51 74.76
C LYS C 179 36.00 57.05 73.31
N LYS C 180 37.06 56.24 72.95
CA LYS C 180 37.36 55.53 71.70
C LYS C 180 36.42 54.35 71.60
N ILE C 181 36.20 53.63 72.74
CA ILE C 181 35.26 52.51 72.94
C ILE C 181 33.85 53.09 73.22
N THR C 182 32.94 53.04 72.23
CA THR C 182 31.62 53.66 72.32
C THR C 182 30.51 52.84 72.95
N SER C 183 29.47 53.54 73.45
CA SER C 183 28.28 52.96 74.11
C SER C 183 27.28 52.39 73.07
N PRO C 184 27.07 51.05 73.01
CA PRO C 184 26.13 50.48 72.00
C PRO C 184 24.68 50.86 72.23
N ASP C 185 23.98 51.29 71.16
CA ASP C 185 22.58 51.75 71.21
C ASP C 185 21.54 50.69 71.59
N PHE C 186 20.34 51.16 72.02
CA PHE C 186 19.20 50.32 72.43
C PHE C 186 18.13 50.34 71.35
N GLU C 208 -1.88 43.01 64.73
CA GLU C 208 -1.14 42.29 63.68
C GLU C 208 -2.11 41.88 62.56
N GLY C 209 -1.88 42.36 61.35
CA GLY C 209 -2.73 42.12 60.19
C GLY C 209 -2.77 40.70 59.66
N LYS C 210 -1.58 40.07 59.49
CA LYS C 210 -1.42 38.73 58.92
C LYS C 210 -1.63 37.56 59.90
N LYS C 211 -1.52 36.33 59.38
CA LYS C 211 -1.66 35.07 60.11
C LYS C 211 -0.26 34.59 60.52
N LYS C 212 -0.07 34.26 61.79
CA LYS C 212 1.23 33.80 62.29
C LYS C 212 1.30 32.26 62.38
N ILE C 213 1.96 31.62 61.42
CA ILE C 213 2.11 30.16 61.42
C ILE C 213 3.47 29.79 62.07
N ALA C 214 3.47 28.93 63.11
CA ALA C 214 4.70 28.47 63.74
C ALA C 214 5.13 27.10 63.22
N ILE C 215 6.44 26.95 62.94
CA ILE C 215 7.00 25.71 62.43
C ILE C 215 7.99 25.15 63.44
N ILE C 216 7.82 23.88 63.82
CA ILE C 216 8.72 23.20 64.76
C ILE C 216 9.25 21.89 64.18
N THR C 217 10.58 21.67 64.31
CA THR C 217 11.22 20.39 63.94
C THR C 217 11.63 19.76 65.25
N SER C 218 10.94 18.66 65.63
CA SER C 218 11.12 17.93 66.88
C SER C 218 11.50 16.50 66.58
N GLY C 219 12.10 15.84 67.55
CA GLY C 219 12.51 14.46 67.45
C GLY C 219 13.87 14.28 66.81
N GLY C 220 14.19 13.03 66.47
CA GLY C 220 15.47 12.72 65.83
C GLY C 220 15.59 13.34 64.46
N ASP C 221 16.82 13.67 64.03
CA ASP C 221 17.09 14.25 62.70
C ASP C 221 16.59 13.32 61.59
N ALA C 222 16.18 13.91 60.47
CA ALA C 222 15.70 13.23 59.28
C ALA C 222 16.01 14.15 58.13
N PRO C 223 16.83 13.70 57.16
CA PRO C 223 17.18 14.57 56.01
C PRO C 223 15.94 14.89 55.14
N GLY C 224 15.62 16.18 55.07
CA GLY C 224 14.45 16.70 54.39
C GLY C 224 13.70 17.68 55.28
N MET C 225 13.99 17.67 56.59
CA MET C 225 13.42 18.61 57.54
C MET C 225 13.65 20.05 57.09
N ASN C 226 14.87 20.38 56.58
CA ASN C 226 15.19 21.71 56.04
C ASN C 226 14.34 22.04 54.81
N ALA C 227 14.18 21.07 53.87
CA ALA C 227 13.34 21.23 52.67
C ALA C 227 11.90 21.51 53.11
N ALA C 228 11.42 20.83 54.19
CA ALA C 228 10.08 21.00 54.75
C ALA C 228 9.92 22.41 55.32
N VAL C 229 10.92 22.89 56.09
CA VAL C 229 10.94 24.24 56.69
C VAL C 229 10.92 25.31 55.59
N ARG C 230 11.70 25.12 54.50
CA ARG C 230 11.78 26.03 53.35
C ARG C 230 10.43 26.12 52.62
N ALA C 231 9.75 24.98 52.43
CA ALA C 231 8.43 24.92 51.79
C ALA C 231 7.34 25.54 52.68
N VAL C 232 7.39 25.28 54.00
CA VAL C 232 6.41 25.84 54.94
C VAL C 232 6.55 27.37 54.96
N THR C 233 7.78 27.87 55.17
CA THR C 233 8.10 29.29 55.20
C THR C 233 7.64 30.02 53.94
N ARG C 234 8.25 29.68 52.78
CA ARG C 234 7.98 30.32 51.50
C ARG C 234 6.51 30.26 51.03
N ALA C 235 5.81 29.11 51.27
CA ALA C 235 4.39 28.97 50.94
C ALA C 235 3.54 29.89 51.87
N GLY C 236 3.90 29.95 53.15
CA GLY C 236 3.25 30.78 54.14
C GLY C 236 3.31 32.25 53.77
N ILE C 237 4.50 32.71 53.35
CA ILE C 237 4.72 34.09 52.93
C ILE C 237 3.85 34.42 51.70
N PHE C 238 3.91 33.53 50.67
CA PHE C 238 3.15 33.62 49.41
C PHE C 238 1.66 33.74 49.65
N TYR C 239 1.13 32.96 50.60
CA TYR C 239 -0.28 33.00 50.93
C TYR C 239 -0.67 34.17 51.87
N GLY C 240 0.30 35.04 52.14
CA GLY C 240 0.13 36.24 52.95
C GLY C 240 0.15 36.03 54.45
N CYS C 241 1.05 35.17 54.93
CA CYS C 241 1.21 34.92 56.36
C CYS C 241 2.62 35.33 56.75
N LYS C 242 2.86 35.35 58.07
CA LYS C 242 4.17 35.59 58.66
C LYS C 242 4.57 34.26 59.32
N VAL C 243 5.69 33.67 58.87
CA VAL C 243 6.14 32.36 59.39
C VAL C 243 7.14 32.54 60.53
N TYR C 244 6.83 31.98 61.70
CA TYR C 244 7.69 32.07 62.89
C TYR C 244 8.34 30.72 63.19
N ALA C 245 9.66 30.70 63.32
CA ALA C 245 10.42 29.51 63.68
C ALA C 245 10.40 29.38 65.20
N CYS C 246 10.16 28.16 65.68
CA CYS C 246 10.19 27.85 67.10
C CYS C 246 11.38 26.91 67.25
N TYR C 247 12.50 27.48 67.74
CA TYR C 247 13.80 26.82 67.88
C TYR C 247 13.87 25.72 68.91
N GLU C 248 14.71 24.69 68.65
CA GLU C 248 14.94 23.52 69.51
C GLU C 248 13.65 22.82 69.94
N GLY C 249 12.91 22.26 68.97
CA GLY C 249 11.66 21.53 69.15
C GLY C 249 10.64 22.15 70.07
N TYR C 250 10.00 21.32 70.91
CA TYR C 250 9.01 21.81 71.88
C TYR C 250 9.59 22.69 72.97
N THR C 251 10.92 22.57 73.28
CA THR C 251 11.61 23.36 74.31
C THR C 251 11.49 24.85 74.03
N GLY C 252 11.63 25.22 72.76
CA GLY C 252 11.51 26.60 72.31
C GLY C 252 10.07 27.08 72.38
N LEU C 253 9.09 26.15 72.26
CA LEU C 253 7.66 26.47 72.38
C LEU C 253 7.29 26.65 73.86
N VAL C 254 7.97 25.91 74.77
CA VAL C 254 7.74 26.01 76.21
C VAL C 254 8.40 27.25 76.78
N LYS C 255 9.68 27.52 76.41
CA LYS C 255 10.40 28.71 76.86
C LYS C 255 10.31 29.85 75.84
N GLY C 256 9.24 29.81 75.05
CA GLY C 256 8.92 30.74 73.98
C GLY C 256 9.02 32.22 74.29
N GLY C 257 10.13 32.80 73.85
CA GLY C 257 10.38 34.22 73.99
C GLY C 257 11.23 34.64 72.81
N ASP C 258 12.54 34.56 73.01
CA ASP C 258 13.54 34.81 72.00
C ASP C 258 13.66 33.52 71.16
N MET C 259 13.04 32.43 71.65
CA MET C 259 12.99 31.10 71.02
C MET C 259 12.00 31.07 69.85
N LEU C 260 11.12 32.08 69.77
CA LEU C 260 10.15 32.29 68.71
C LEU C 260 10.65 33.46 67.90
N LYS C 261 11.22 33.18 66.71
CA LYS C 261 11.76 34.21 65.80
C LYS C 261 11.15 34.05 64.41
N GLU C 262 10.85 35.16 63.73
CA GLU C 262 10.29 35.11 62.37
C GLU C 262 11.30 34.64 61.34
N LEU C 263 10.79 33.99 60.29
CA LEU C 263 11.59 33.53 59.13
C LEU C 263 11.18 34.31 57.89
N GLN C 264 12.18 34.81 57.15
CA GLN C 264 12.02 35.57 55.91
C GLN C 264 12.26 34.68 54.69
N TRP C 265 11.68 35.05 53.55
CA TRP C 265 11.81 34.33 52.29
C TRP C 265 13.28 33.95 51.95
N GLN C 266 14.23 34.79 52.36
CA GLN C 266 15.67 34.65 52.11
C GLN C 266 16.36 33.75 53.15
N ASP C 267 15.76 33.63 54.36
CA ASP C 267 16.31 32.83 55.47
C ASP C 267 16.40 31.35 55.13
N VAL C 268 15.46 30.86 54.34
CA VAL C 268 15.36 29.46 53.94
C VAL C 268 16.05 29.16 52.58
N ARG C 269 16.97 30.06 52.12
CA ARG C 269 17.73 29.86 50.89
C ARG C 269 18.54 28.56 50.99
N GLY C 270 18.61 27.83 49.89
CA GLY C 270 19.37 26.59 49.72
C GLY C 270 19.16 25.44 50.68
N LEU C 271 18.03 25.46 51.45
CA LEU C 271 17.70 24.42 52.44
C LEU C 271 17.34 23.07 51.84
N LEU C 272 17.07 23.02 50.54
CA LEU C 272 16.72 21.76 49.93
C LEU C 272 17.87 20.78 49.72
N SER C 273 19.12 21.28 49.88
CA SER C 273 20.35 20.50 49.79
C SER C 273 21.12 20.44 51.15
N ILE C 274 20.46 20.82 52.25
CA ILE C 274 21.05 20.86 53.57
C ILE C 274 20.75 19.67 54.48
N GLY C 275 19.79 19.78 55.40
CA GLY C 275 19.51 18.76 56.41
C GLY C 275 20.59 18.73 57.50
N GLY C 276 20.25 18.48 58.76
CA GLY C 276 18.94 18.20 59.31
C GLY C 276 18.04 19.43 59.37
N THR C 277 18.10 20.19 60.47
CA THR C 277 17.22 21.35 60.64
C THR C 277 17.93 22.60 61.11
N ILE C 278 17.59 23.75 60.50
CA ILE C 278 18.19 25.05 60.88
C ILE C 278 17.50 25.68 62.09
N ILE C 279 16.28 25.21 62.37
CA ILE C 279 15.42 25.57 63.48
C ILE C 279 15.94 24.83 64.73
N GLY C 280 16.59 23.69 64.49
CA GLY C 280 17.14 22.86 65.56
C GLY C 280 16.07 21.97 66.14
N THR C 281 16.48 20.80 66.64
CA THR C 281 15.60 19.83 67.25
C THR C 281 15.90 19.54 68.73
N ALA C 282 14.93 18.92 69.44
CA ALA C 282 15.01 18.60 70.85
C ALA C 282 14.06 17.47 71.20
N ARG C 283 14.46 16.65 72.21
CA ARG C 283 13.65 15.53 72.71
C ARG C 283 12.43 16.00 73.52
N CYS C 284 11.29 15.29 73.35
CA CYS C 284 10.01 15.52 74.02
C CYS C 284 10.24 15.17 75.49
N LYS C 285 10.33 16.20 76.38
CA LYS C 285 10.65 15.96 77.79
C LYS C 285 9.82 16.75 78.76
N GLU C 286 9.81 18.09 78.59
CA GLU C 286 9.03 18.99 79.45
C GLU C 286 7.59 19.08 78.93
N PHE C 287 7.40 18.75 77.63
CA PHE C 287 6.11 18.70 76.91
C PHE C 287 5.39 17.38 77.22
N ARG C 288 5.98 16.54 78.10
CA ARG C 288 5.42 15.28 78.59
C ARG C 288 4.56 15.58 79.83
N GLU C 289 4.78 16.77 80.44
CA GLU C 289 4.07 17.30 81.60
C GLU C 289 3.07 18.40 81.20
N ARG C 290 1.85 18.38 81.81
CA ARG C 290 0.76 19.33 81.54
C ARG C 290 1.14 20.80 81.74
N TRP C 291 1.95 21.13 82.79
CA TRP C 291 2.38 22.51 83.09
C TRP C 291 3.31 23.04 82.03
N GLY C 292 3.93 22.11 81.29
CA GLY C 292 4.83 22.39 80.17
C GLY C 292 4.02 22.72 78.94
N ARG C 293 2.94 21.95 78.71
CA ARG C 293 2.02 22.13 77.58
C ARG C 293 1.20 23.40 77.76
N LEU C 294 0.88 23.75 79.04
CA LEU C 294 0.14 24.95 79.43
C LEU C 294 0.94 26.18 79.04
N GLN C 295 2.26 26.16 79.36
CA GLN C 295 3.20 27.25 79.06
C GLN C 295 3.38 27.40 77.54
N ALA C 296 3.45 26.26 76.81
CA ALA C 296 3.57 26.21 75.36
C ALA C 296 2.35 26.87 74.73
N CYS C 297 1.18 26.66 75.36
CA CYS C 297 -0.06 27.28 74.92
C CYS C 297 -0.02 28.79 75.13
N TYR C 298 0.32 29.23 76.37
CA TYR C 298 0.42 30.65 76.70
C TYR C 298 1.25 31.40 75.65
N ASN C 299 2.48 30.93 75.40
CA ASN C 299 3.42 31.49 74.45
C ASN C 299 2.81 31.66 73.07
N MET C 300 1.99 30.69 72.61
CA MET C 300 1.33 30.80 71.31
C MET C 300 0.32 31.93 71.30
N VAL C 301 -0.59 31.95 72.28
CA VAL C 301 -1.61 32.99 72.43
C VAL C 301 -0.96 34.40 72.58
N SER C 302 0.03 34.54 73.49
CA SER C 302 0.79 35.78 73.77
C SER C 302 1.50 36.32 72.54
N ASN C 303 2.17 35.43 71.77
CA ASN C 303 2.89 35.82 70.57
C ASN C 303 1.97 35.89 69.35
N GLY C 304 0.65 35.75 69.57
CA GLY C 304 -0.36 35.80 68.53
C GLY C 304 -0.25 34.70 67.48
N ILE C 305 0.33 33.54 67.88
CA ILE C 305 0.48 32.37 67.03
C ILE C 305 -0.86 31.66 66.98
N ASP C 306 -1.41 31.56 65.78
CA ASP C 306 -2.72 30.97 65.50
C ASP C 306 -2.64 29.58 64.86
N ALA C 307 -1.44 29.20 64.39
CA ALA C 307 -1.22 27.91 63.74
C ALA C 307 0.12 27.33 64.09
N LEU C 308 0.15 25.99 64.20
CA LEU C 308 1.36 25.24 64.51
C LEU C 308 1.59 24.11 63.51
N VAL C 309 2.82 24.01 63.02
CA VAL C 309 3.22 22.95 62.10
C VAL C 309 4.37 22.20 62.77
N VAL C 310 4.10 20.92 63.11
CA VAL C 310 5.01 20.02 63.79
C VAL C 310 5.60 19.03 62.79
N CYS C 311 6.91 19.12 62.53
CA CYS C 311 7.59 18.17 61.66
C CYS C 311 8.43 17.29 62.53
N GLY C 312 7.96 16.08 62.78
CA GLY C 312 8.69 15.13 63.62
C GLY C 312 8.26 13.70 63.46
N GLY C 313 8.84 12.85 64.29
CA GLY C 313 8.54 11.41 64.34
C GLY C 313 7.36 11.08 65.21
N ASP C 314 7.20 9.77 65.53
CA ASP C 314 6.09 9.21 66.32
C ASP C 314 5.85 9.94 67.64
N GLY C 315 6.92 10.11 68.41
CA GLY C 315 6.90 10.80 69.70
C GLY C 315 6.47 12.25 69.62
N SER C 316 6.98 12.98 68.59
CA SER C 316 6.65 14.39 68.39
C SER C 316 5.20 14.57 68.01
N LEU C 317 4.65 13.61 67.22
CA LEU C 317 3.26 13.65 66.75
C LEU C 317 2.25 13.22 67.81
N THR C 318 2.70 12.31 68.71
CA THR C 318 1.91 11.85 69.84
C THR C 318 1.71 13.06 70.76
N GLY C 319 2.76 13.89 70.85
CA GLY C 319 2.76 15.13 71.62
C GLY C 319 1.84 16.18 71.02
N ALA C 320 1.93 16.35 69.68
CA ALA C 320 1.09 17.30 68.91
C ALA C 320 -0.38 16.94 69.07
N ASP C 321 -0.69 15.62 68.99
CA ASP C 321 -2.02 15.05 69.18
C ASP C 321 -2.55 15.31 70.60
N LEU C 322 -1.68 15.16 71.62
CA LEU C 322 -2.07 15.39 73.02
C LEU C 322 -2.28 16.88 73.31
N PHE C 323 -1.51 17.75 72.63
CA PHE C 323 -1.61 19.21 72.75
C PHE C 323 -2.92 19.66 72.15
N ARG C 324 -3.35 19.06 71.02
CA ARG C 324 -4.63 19.42 70.42
C ARG C 324 -5.84 18.96 71.22
N LYS C 325 -5.73 17.77 71.84
CA LYS C 325 -6.78 17.22 72.72
C LYS C 325 -6.93 18.12 73.97
N GLU C 326 -5.79 18.56 74.56
CA GLU C 326 -5.75 19.40 75.78
C GLU C 326 -5.89 20.92 75.56
N TRP C 327 -5.91 21.36 74.27
CA TRP C 327 -6.04 22.79 73.94
C TRP C 327 -7.39 23.41 74.39
N PRO C 328 -8.59 22.79 74.16
CA PRO C 328 -9.83 23.42 74.62
C PRO C 328 -9.83 23.80 76.10
N GLU C 329 -8.78 23.34 76.84
CA GLU C 329 -8.57 23.67 78.25
C GLU C 329 -7.61 24.86 78.36
N LEU C 330 -8.24 26.04 78.52
CA LEU C 330 -7.63 27.35 78.65
C LEU C 330 -8.04 27.96 80.01
N ILE C 331 -7.05 28.00 80.90
CA ILE C 331 -7.11 28.57 82.23
C ILE C 331 -7.04 30.13 82.08
N LYS C 332 -7.85 30.83 82.92
CA LYS C 332 -7.95 32.30 82.93
C LYS C 332 -7.68 32.96 84.29
N GLU C 333 -6.86 34.03 84.24
CA GLU C 333 -6.33 34.83 85.36
C GLU C 333 -6.99 36.22 85.43
N LYS C 342 -10.07 37.86 78.28
CA LYS C 342 -9.27 38.54 77.27
C LYS C 342 -9.69 38.12 75.88
N GLU C 343 -9.73 39.10 74.94
CA GLU C 343 -10.09 38.90 73.51
C GLU C 343 -9.21 37.80 72.89
N GLN C 344 -8.01 37.61 73.48
CA GLN C 344 -7.01 36.58 73.17
C GLN C 344 -7.70 35.20 73.17
N TYR C 345 -8.62 34.93 74.15
CA TYR C 345 -9.37 33.68 74.28
C TYR C 345 -10.22 33.36 73.07
N GLU C 346 -11.10 34.28 72.66
CA GLU C 346 -11.99 34.08 71.51
C GLU C 346 -11.22 33.99 70.21
N THR C 347 -10.12 34.77 70.13
CA THR C 347 -9.26 34.79 68.96
C THR C 347 -8.59 33.41 68.85
N HIS C 348 -7.73 33.04 69.83
CA HIS C 348 -6.99 31.79 69.83
C HIS C 348 -7.68 30.64 70.58
N ARG C 349 -8.99 30.46 70.35
CA ARG C 349 -9.85 29.43 70.97
C ARG C 349 -9.74 28.10 70.24
N ASN C 350 -9.53 28.15 68.89
CA ASN C 350 -9.45 26.95 68.07
C ASN C 350 -8.05 26.77 67.50
N LEU C 351 -7.34 25.77 68.02
CA LEU C 351 -5.99 25.45 67.59
C LEU C 351 -6.00 24.92 66.18
N THR C 352 -5.11 25.47 65.35
CA THR C 352 -4.93 24.99 64.00
C THR C 352 -3.59 24.28 64.05
N ILE C 353 -3.60 22.95 64.01
CA ILE C 353 -2.37 22.17 64.07
C ILE C 353 -2.27 21.16 62.92
N VAL C 354 -1.15 21.19 62.21
CA VAL C 354 -0.87 20.28 61.10
C VAL C 354 0.42 19.50 61.41
N GLY C 355 0.48 18.23 61.06
CA GLY C 355 1.66 17.41 61.28
C GLY C 355 2.35 16.88 60.04
N LEU C 356 3.69 16.99 60.00
CA LEU C 356 4.51 16.44 58.90
C LEU C 356 5.35 15.33 59.52
N VAL C 357 5.50 14.19 58.79
CA VAL C 357 6.29 13.11 59.39
C VAL C 357 7.72 13.16 58.97
N GLY C 358 8.56 13.73 59.84
CA GLY C 358 10.00 13.79 59.69
C GLY C 358 10.58 12.63 60.47
N SER C 359 10.77 11.47 59.81
CA SER C 359 11.24 10.25 60.46
C SER C 359 12.02 9.29 59.54
N ILE C 360 13.23 8.89 59.95
CA ILE C 360 14.04 7.94 59.19
C ILE C 360 13.45 6.52 59.32
N ASP C 361 12.75 6.26 60.44
CA ASP C 361 12.08 5.02 60.88
C ASP C 361 11.17 4.37 59.81
N ASN C 362 10.26 5.20 59.28
CA ASN C 362 9.12 4.92 58.42
C ASN C 362 8.03 4.14 59.19
N ASP C 363 7.93 4.42 60.51
CA ASP C 363 6.98 3.78 61.43
C ASP C 363 5.55 4.29 61.31
N MET C 364 5.35 5.62 61.18
CA MET C 364 4.04 6.24 61.07
C MET C 364 3.06 5.59 60.10
N CYS C 365 1.84 5.34 60.61
CA CYS C 365 0.71 4.76 59.89
C CYS C 365 0.03 5.79 59.01
N GLY C 366 -0.60 5.30 57.94
CA GLY C 366 -1.35 6.14 57.02
C GLY C 366 -0.55 6.74 55.90
N THR C 367 0.77 6.73 56.02
CA THR C 367 1.66 7.28 55.00
C THR C 367 2.54 6.17 54.50
N ASP C 368 2.71 6.11 53.18
CA ASP C 368 3.50 5.08 52.56
C ASP C 368 4.96 5.27 52.84
N SER C 369 5.40 6.53 53.02
CA SER C 369 6.78 6.89 53.36
C SER C 369 6.86 8.22 54.12
N THR C 370 7.78 8.30 55.08
CA THR C 370 8.01 9.48 55.90
C THR C 370 9.26 10.24 55.42
N ILE C 371 9.32 11.57 55.69
CA ILE C 371 10.45 12.43 55.30
C ILE C 371 11.69 11.99 56.03
N GLY C 372 12.70 11.58 55.27
CA GLY C 372 13.99 11.13 55.78
C GLY C 372 14.25 9.65 55.59
N ALA C 373 13.17 8.84 55.50
CA ALA C 373 13.24 7.38 55.35
C ALA C 373 14.10 6.91 54.15
N TYR C 374 13.81 7.41 52.93
CA TYR C 374 14.61 6.99 51.79
C TYR C 374 16.04 7.48 51.87
N SER C 375 16.26 8.70 52.41
CA SER C 375 17.59 9.28 52.56
C SER C 375 18.42 8.44 53.49
N SER C 376 17.84 8.02 54.63
CA SER C 376 18.49 7.18 55.63
C SER C 376 18.87 5.84 54.98
N LEU C 377 17.93 5.27 54.18
CA LEU C 377 18.12 4.03 53.43
C LEU C 377 19.31 4.15 52.48
N GLU C 378 19.45 5.32 51.83
CA GLU C 378 20.53 5.64 50.93
C GLU C 378 21.85 5.59 51.65
N ARG C 379 21.93 6.12 52.92
CA ARG C 379 23.16 6.12 53.73
C ARG C 379 23.64 4.68 54.01
N ILE C 380 22.69 3.75 54.35
CA ILE C 380 22.94 2.31 54.61
C ILE C 380 23.55 1.73 53.36
N ILE C 381 22.85 1.88 52.20
CA ILE C 381 23.25 1.43 50.88
C ILE C 381 24.64 1.94 50.51
N GLU C 382 24.91 3.23 50.78
CA GLU C 382 26.20 3.88 50.57
C GLU C 382 27.34 3.04 51.21
N LEU C 383 27.13 2.61 52.45
CA LEU C 383 28.09 1.85 53.22
C LEU C 383 28.22 0.40 52.77
N VAL C 384 27.08 -0.30 52.63
CA VAL C 384 27.08 -1.69 52.20
C VAL C 384 27.66 -1.82 50.79
N ASP C 385 27.54 -0.74 49.98
CA ASP C 385 28.12 -0.72 48.63
C ASP C 385 29.63 -0.80 48.67
N TYR C 386 30.27 -0.18 49.69
CA TYR C 386 31.73 -0.24 49.88
C TYR C 386 32.11 -1.66 50.26
N ILE C 387 31.42 -2.24 51.24
CA ILE C 387 31.64 -3.60 51.68
C ILE C 387 31.60 -4.55 50.44
N ASP C 388 30.57 -4.41 49.59
CA ASP C 388 30.40 -5.22 48.39
C ASP C 388 31.48 -4.95 47.33
N ALA C 389 31.99 -3.69 47.26
CA ALA C 389 33.00 -3.30 46.27
C ALA C 389 34.45 -3.68 46.57
N THR C 390 34.67 -4.97 46.78
CA THR C 390 35.99 -5.59 46.99
C THR C 390 35.88 -6.93 46.27
N ALA C 391 37.00 -7.47 45.77
CA ALA C 391 36.98 -8.78 45.12
C ALA C 391 36.81 -9.76 46.24
N ALA C 392 35.81 -10.66 46.11
CA ALA C 392 35.42 -11.67 47.11
C ALA C 392 36.53 -12.53 47.62
N SER C 393 36.48 -12.86 48.93
CA SER C 393 37.44 -13.73 49.65
C SER C 393 36.73 -15.03 50.03
N HIS C 394 37.49 -16.11 50.20
CA HIS C 394 36.95 -17.45 50.42
C HIS C 394 36.03 -17.75 51.63
N SER C 395 36.29 -17.14 52.81
CA SER C 395 35.43 -17.40 53.99
C SER C 395 35.14 -16.15 54.82
N ARG C 396 34.48 -15.15 54.16
CA ARG C 396 34.15 -13.84 54.74
C ARG C 396 32.67 -13.63 54.94
N ALA C 397 32.33 -12.85 56.00
CA ALA C 397 30.97 -12.47 56.40
C ALA C 397 30.92 -11.01 56.89
N PHE C 398 29.78 -10.34 56.70
CA PHE C 398 29.61 -8.94 57.12
C PHE C 398 28.28 -8.69 57.83
N VAL C 399 28.32 -8.00 58.98
CA VAL C 399 27.12 -7.66 59.73
C VAL C 399 26.90 -6.15 59.72
N VAL C 400 25.71 -5.71 59.26
CA VAL C 400 25.38 -4.29 59.21
C VAL C 400 24.28 -3.90 60.23
N GLU C 401 24.69 -3.21 61.30
CA GLU C 401 23.80 -2.72 62.34
C GLU C 401 23.24 -1.39 61.84
N VAL C 402 21.98 -1.45 61.43
CA VAL C 402 21.16 -0.40 60.84
C VAL C 402 20.27 0.21 61.96
N MET C 403 20.02 1.53 61.88
CA MET C 403 19.16 2.25 62.83
C MET C 403 17.66 2.19 62.43
N GLY C 404 16.79 2.60 63.35
CA GLY C 404 15.35 2.54 63.17
C GLY C 404 14.77 1.72 64.29
N ARG C 405 14.42 2.41 65.40
CA ARG C 405 13.95 1.83 66.64
C ARG C 405 12.61 1.10 66.61
N HIS C 406 11.60 1.66 65.91
CA HIS C 406 10.23 1.13 65.93
C HIS C 406 9.68 0.38 64.73
N CYS C 407 10.43 0.36 63.60
CA CYS C 407 9.93 -0.26 62.39
C CYS C 407 11.03 -0.96 61.58
N GLY C 408 10.70 -2.14 61.06
CA GLY C 408 11.61 -2.97 60.27
C GLY C 408 11.74 -2.60 58.80
N TRP C 409 11.16 -1.47 58.38
CA TRP C 409 11.20 -0.99 57.00
C TRP C 409 12.63 -0.79 56.49
N LEU C 410 13.48 -0.08 57.24
CA LEU C 410 14.87 0.14 56.81
C LEU C 410 15.62 -1.17 56.66
N GLY C 411 15.47 -2.07 57.64
CA GLY C 411 16.08 -3.40 57.63
C GLY C 411 15.70 -4.20 56.41
N LEU C 412 14.38 -4.23 56.13
CA LEU C 412 13.76 -4.90 54.99
C LEU C 412 14.29 -4.35 53.67
N MET C 413 14.11 -3.04 53.46
CA MET C 413 14.49 -2.37 52.22
C MET C 413 15.97 -2.50 51.94
N SER C 414 16.82 -2.43 52.99
CA SER C 414 18.26 -2.63 52.90
C SER C 414 18.52 -4.08 52.44
N GLY C 415 17.73 -5.01 52.96
CA GLY C 415 17.82 -6.43 52.60
C GLY C 415 17.64 -6.60 51.10
N ILE C 416 16.53 -6.04 50.55
CA ILE C 416 16.25 -6.07 49.11
C ILE C 416 17.37 -5.34 48.38
N ALA C 417 17.51 -4.02 48.60
CA ALA C 417 18.53 -3.17 48.00
C ALA C 417 19.97 -3.71 48.01
N THR C 418 20.38 -4.52 49.01
CA THR C 418 21.75 -5.06 49.09
C THR C 418 21.90 -6.60 48.82
N GLY C 419 20.77 -7.29 48.68
CA GLY C 419 20.78 -8.74 48.47
C GLY C 419 21.31 -9.46 49.69
N ALA C 420 20.83 -9.05 50.87
CA ALA C 420 21.24 -9.62 52.15
C ALA C 420 20.80 -11.10 52.28
N ASP C 421 21.60 -11.92 52.98
CA ASP C 421 21.29 -13.32 53.23
C ASP C 421 20.14 -13.45 54.21
N TYR C 422 20.27 -12.73 55.34
CA TYR C 422 19.33 -12.72 56.45
C TYR C 422 19.13 -11.28 56.94
N ILE C 423 17.94 -10.98 57.48
CA ILE C 423 17.60 -9.69 58.10
C ILE C 423 16.89 -9.92 59.44
N PHE C 424 17.03 -8.95 60.36
CA PHE C 424 16.37 -9.01 61.65
C PHE C 424 15.43 -7.83 61.76
N ILE C 425 14.09 -8.09 61.83
CA ILE C 425 13.06 -7.05 61.93
C ILE C 425 12.09 -7.33 63.09
N PRO C 426 11.67 -6.29 63.86
CA PRO C 426 10.75 -6.51 65.00
C PRO C 426 9.39 -7.11 64.65
N GLU C 427 8.90 -6.87 63.41
CA GLU C 427 7.61 -7.36 62.91
C GLU C 427 7.55 -8.86 62.73
N ARG C 428 8.63 -9.50 62.24
CA ARG C 428 8.65 -10.96 62.17
C ARG C 428 9.92 -11.59 62.80
N PRO C 429 9.98 -11.61 64.16
CA PRO C 429 11.19 -12.09 64.84
C PRO C 429 11.39 -13.59 64.82
N PRO C 430 12.64 -14.10 64.87
CA PRO C 430 12.82 -15.56 64.85
C PRO C 430 12.66 -16.16 66.25
N SER C 431 12.61 -17.50 66.34
CA SER C 431 12.46 -18.20 67.61
C SER C 431 13.68 -17.96 68.49
N GLU C 432 13.51 -17.87 69.82
CA GLU C 432 14.66 -17.72 70.70
C GLU C 432 15.47 -19.02 70.66
N SER C 433 14.74 -20.16 70.55
CA SER C 433 15.25 -21.52 70.48
C SER C 433 16.19 -21.83 69.30
N ASN C 434 15.82 -21.47 68.05
CA ASN C 434 16.67 -21.83 66.91
C ASN C 434 16.96 -20.75 65.85
N TRP C 435 17.10 -19.45 66.24
CA TRP C 435 17.42 -18.41 65.26
C TRP C 435 18.83 -18.54 64.74
N LYS C 436 19.75 -18.94 65.64
CA LYS C 436 21.16 -19.14 65.34
C LYS C 436 21.31 -20.28 64.34
N ASP C 437 20.58 -21.37 64.54
CA ASP C 437 20.61 -22.52 63.65
C ASP C 437 19.95 -22.26 62.29
N ASP C 438 18.93 -21.37 62.26
CA ASP C 438 18.28 -21.00 61.01
C ASP C 438 19.17 -20.03 60.22
N LEU C 439 19.89 -19.12 60.93
CA LEU C 439 20.85 -18.18 60.36
C LEU C 439 21.90 -18.98 59.62
N LYS C 440 22.48 -19.98 60.30
CA LYS C 440 23.51 -20.88 59.77
C LYS C 440 23.05 -21.57 58.48
N LYS C 441 21.84 -22.17 58.52
CA LYS C 441 21.21 -22.86 57.39
C LYS C 441 21.22 -21.97 56.13
N VAL C 442 20.45 -20.84 56.18
CA VAL C 442 20.28 -19.81 55.14
C VAL C 442 21.60 -19.40 54.50
N CYS C 443 22.58 -19.02 55.34
CA CYS C 443 23.91 -18.55 54.91
C CYS C 443 24.70 -19.58 54.14
N LEU C 444 24.83 -20.77 54.74
CA LEU C 444 25.57 -21.88 54.15
C LEU C 444 24.92 -22.38 52.88
N ARG C 445 23.57 -22.24 52.75
CA ARG C 445 22.81 -22.61 51.57
C ARG C 445 23.25 -21.75 50.39
N HIS C 446 23.34 -20.42 50.62
CA HIS C 446 23.77 -19.45 49.62
C HIS C 446 25.24 -19.65 49.30
N ARG C 447 26.07 -19.88 50.33
CA ARG C 447 27.51 -20.12 50.19
C ARG C 447 27.77 -21.33 49.30
N GLU C 448 26.91 -22.37 49.44
CA GLU C 448 26.91 -23.61 48.65
C GLU C 448 26.65 -23.28 47.18
N LYS C 449 25.67 -22.39 46.93
CA LYS C 449 25.28 -21.96 45.59
C LYS C 449 26.26 -20.97 44.91
N GLY C 450 27.33 -20.56 45.61
CA GLY C 450 28.35 -19.67 45.05
C GLY C 450 28.64 -18.36 45.77
N ARG C 451 27.73 -17.92 46.66
CA ARG C 451 27.87 -16.67 47.42
C ARG C 451 29.13 -16.67 48.31
N ARG C 452 29.96 -15.62 48.18
CA ARG C 452 31.19 -15.45 48.97
C ARG C 452 31.15 -14.17 49.82
N LYS C 453 30.08 -13.35 49.63
CA LYS C 453 29.85 -12.06 50.29
C LYS C 453 28.59 -12.10 51.22
N THR C 454 28.65 -13.01 52.23
CA THR C 454 27.58 -13.21 53.22
C THR C 454 27.33 -11.93 54.01
N THR C 455 26.12 -11.36 53.84
CA THR C 455 25.69 -10.11 54.48
C THR C 455 24.42 -10.30 55.30
N VAL C 456 24.47 -9.88 56.58
CA VAL C 456 23.33 -9.94 57.49
C VAL C 456 23.04 -8.51 57.93
N ILE C 457 21.75 -8.17 58.02
CA ILE C 457 21.31 -6.82 58.42
C ILE C 457 20.52 -6.88 59.73
N VAL C 458 21.04 -6.20 60.74
CA VAL C 458 20.44 -6.17 62.07
C VAL C 458 19.85 -4.79 62.33
N ALA C 459 18.52 -4.72 62.52
CA ALA C 459 17.83 -3.47 62.82
C ALA C 459 18.11 -3.03 64.27
N GLU C 460 17.93 -1.72 64.54
CA GLU C 460 18.10 -1.13 65.87
C GLU C 460 17.21 -1.86 66.90
N GLY C 461 15.97 -2.14 66.52
CA GLY C 461 14.99 -2.82 67.36
C GLY C 461 14.90 -4.32 67.23
N ALA C 462 15.89 -4.97 66.57
CA ALA C 462 15.94 -6.43 66.35
C ALA C 462 15.76 -7.21 67.64
N ILE C 463 14.85 -8.20 67.59
CA ILE C 463 14.46 -9.06 68.71
C ILE C 463 14.18 -10.49 68.26
N ASP C 464 14.01 -11.41 69.24
CA ASP C 464 13.56 -12.77 69.00
C ASP C 464 12.11 -12.81 69.47
N ASP C 465 11.35 -13.86 69.08
CA ASP C 465 9.93 -14.03 69.44
C ASP C 465 9.59 -13.99 70.96
N GLN C 466 10.62 -14.02 71.81
CA GLN C 466 10.46 -13.91 73.26
C GLN C 466 10.85 -12.50 73.76
N LEU C 467 10.85 -11.51 72.82
CA LEU C 467 11.16 -10.09 73.04
C LEU C 467 12.61 -9.74 73.38
N ASN C 468 13.50 -10.75 73.46
CA ASN C 468 14.92 -10.55 73.77
C ASN C 468 15.61 -9.85 72.59
N PRO C 469 16.38 -8.78 72.84
CA PRO C 469 17.08 -8.12 71.73
C PRO C 469 18.17 -9.00 71.10
N ILE C 470 18.44 -8.75 69.82
CA ILE C 470 19.47 -9.48 69.06
C ILE C 470 20.53 -8.46 68.67
N THR C 471 21.69 -8.52 69.35
CA THR C 471 22.79 -7.60 69.05
C THR C 471 23.54 -8.08 67.83
N SER C 472 24.24 -7.17 67.15
CA SER C 472 25.03 -7.51 65.97
C SER C 472 26.22 -8.36 66.38
N GLU C 473 26.67 -8.20 67.65
CA GLU C 473 27.75 -8.98 68.21
C GLU C 473 27.31 -10.44 68.35
N GLU C 474 26.05 -10.67 68.76
CA GLU C 474 25.43 -11.99 68.90
C GLU C 474 25.47 -12.68 67.54
N VAL C 475 25.02 -11.95 66.50
CA VAL C 475 24.96 -12.40 65.10
C VAL C 475 26.37 -12.73 64.55
N LYS C 476 27.36 -11.87 64.84
CA LYS C 476 28.78 -12.03 64.44
C LYS C 476 29.29 -13.39 64.95
N ASP C 477 29.08 -13.66 66.26
CA ASP C 477 29.46 -14.90 66.93
C ASP C 477 28.87 -16.15 66.25
N VAL C 478 27.61 -16.08 65.78
CA VAL C 478 26.93 -17.17 65.07
C VAL C 478 27.71 -17.50 63.79
N LEU C 479 27.95 -16.46 62.95
CA LEU C 479 28.65 -16.60 61.66
C LEU C 479 30.11 -17.01 61.80
N VAL C 480 30.75 -16.58 62.90
CA VAL C 480 32.14 -16.92 63.19
C VAL C 480 32.27 -18.43 63.46
N GLU C 481 31.28 -19.02 64.18
CA GLU C 481 31.27 -20.46 64.46
C GLU C 481 30.89 -21.34 63.24
N ILE C 482 30.63 -20.69 62.10
CA ILE C 482 30.35 -21.32 60.81
C ILE C 482 31.64 -21.25 59.94
N GLY C 483 32.71 -20.71 60.53
CA GLY C 483 34.03 -20.58 59.94
C GLY C 483 34.23 -19.38 59.05
N LEU C 484 33.46 -18.30 59.32
CA LEU C 484 33.50 -17.06 58.54
C LEU C 484 34.09 -15.92 59.33
N ASP C 485 35.04 -15.19 58.72
CA ASP C 485 35.65 -14.00 59.32
C ASP C 485 34.63 -12.84 59.18
N THR C 486 33.88 -12.59 60.27
CA THR C 486 32.79 -11.61 60.34
C THR C 486 33.23 -10.23 60.81
N ARG C 487 32.68 -9.20 60.18
CA ARG C 487 32.95 -7.78 60.46
C ARG C 487 31.69 -6.93 60.66
N ILE C 488 31.51 -6.40 61.90
CA ILE C 488 30.37 -5.53 62.17
C ILE C 488 30.62 -4.12 61.57
N THR C 489 29.56 -3.51 61.03
CA THR C 489 29.55 -2.15 60.51
C THR C 489 28.31 -1.50 61.11
N ARG C 490 28.51 -0.64 62.09
CA ARG C 490 27.45 0.12 62.72
C ARG C 490 27.35 1.51 62.03
N LEU C 491 26.21 1.77 61.37
CA LEU C 491 25.93 3.01 60.65
C LEU C 491 25.88 4.20 61.61
N GLY C 492 25.24 4.03 62.76
CA GLY C 492 25.13 5.07 63.76
C GLY C 492 24.48 6.33 63.27
N HIS C 493 24.94 7.48 63.75
CA HIS C 493 24.41 8.78 63.38
C HIS C 493 24.55 9.16 61.89
N VAL C 494 25.37 8.42 61.11
CA VAL C 494 25.53 8.57 59.64
C VAL C 494 24.13 8.54 58.94
N GLN C 495 23.23 7.68 59.41
CA GLN C 495 21.89 7.50 58.88
C GLN C 495 20.93 8.70 59.10
N ARG C 496 21.33 9.75 59.83
CA ARG C 496 20.46 10.90 60.08
C ARG C 496 20.96 12.21 59.40
N GLY C 497 22.23 12.22 59.00
CA GLY C 497 22.85 13.37 58.37
C GLY C 497 22.99 13.31 56.88
N GLY C 498 23.32 14.47 56.29
CA GLY C 498 23.54 14.63 54.86
C GLY C 498 22.36 15.25 54.14
N ALA C 499 22.56 15.61 52.85
CA ALA C 499 21.53 16.24 52.04
C ALA C 499 20.42 15.22 51.76
N PRO C 500 19.12 15.64 51.74
CA PRO C 500 18.06 14.65 51.43
C PRO C 500 18.19 14.07 50.01
N CYS C 501 17.74 12.84 49.79
CA CYS C 501 17.76 12.25 48.45
C CYS C 501 16.70 12.92 47.57
N ALA C 502 16.71 12.60 46.28
CA ALA C 502 15.81 13.17 45.27
C ALA C 502 14.36 13.09 45.71
N PHE C 503 13.90 11.89 46.12
CA PHE C 503 12.53 11.66 46.57
C PHE C 503 12.18 12.49 47.82
N ASP C 504 13.05 12.49 48.86
CA ASP C 504 12.82 13.27 50.07
C ASP C 504 12.69 14.79 49.78
N ARG C 505 13.55 15.32 48.87
CA ARG C 505 13.50 16.73 48.45
C ARG C 505 12.12 17.03 47.89
N PHE C 506 11.62 16.12 47.03
CA PHE C 506 10.27 16.24 46.50
C PHE C 506 9.22 16.12 47.64
N LEU C 507 9.29 15.02 48.42
CA LEU C 507 8.35 14.69 49.49
C LEU C 507 8.17 15.79 50.53
N ALA C 508 9.26 16.36 51.00
CA ALA C 508 9.21 17.40 52.00
C ALA C 508 8.70 18.74 51.44
N THR C 509 9.10 19.07 50.20
CA THR C 509 8.71 20.33 49.58
C THR C 509 7.19 20.35 49.30
N VAL C 510 6.69 19.25 48.71
CA VAL C 510 5.30 19.05 48.36
C VAL C 510 4.39 18.96 49.60
N GLN C 511 4.76 18.12 50.61
CA GLN C 511 3.99 17.98 51.86
C GLN C 511 4.03 19.30 52.65
N GLY C 512 5.15 20.02 52.57
CA GLY C 512 5.35 21.31 53.22
C GLY C 512 4.40 22.38 52.73
N VAL C 513 4.20 22.42 51.39
CA VAL C 513 3.28 23.36 50.73
C VAL C 513 1.86 23.01 51.14
N ASP C 514 1.53 21.70 51.09
CA ASP C 514 0.21 21.24 51.51
C ASP C 514 -0.08 21.55 52.99
N ALA C 515 0.94 21.45 53.88
CA ALA C 515 0.80 21.75 55.30
C ALA C 515 0.28 23.18 55.47
N VAL C 516 0.89 24.15 54.73
CA VAL C 516 0.49 25.56 54.74
C VAL C 516 -0.95 25.69 54.24
N ARG C 517 -1.28 24.97 53.14
CA ARG C 517 -2.64 24.95 52.57
C ARG C 517 -3.65 24.40 53.60
N ALA C 518 -3.33 23.25 54.20
CA ALA C 518 -4.12 22.59 55.23
C ALA C 518 -4.44 23.54 56.41
N VAL C 519 -3.50 24.49 56.72
CA VAL C 519 -3.67 25.49 57.79
C VAL C 519 -4.76 26.45 57.35
N LEU C 520 -4.61 27.01 56.14
CA LEU C 520 -5.55 27.98 55.56
C LEU C 520 -6.93 27.38 55.34
N GLU C 521 -6.98 26.18 54.74
CA GLU C 521 -8.18 25.40 54.44
C GLU C 521 -8.91 24.83 55.72
N SER C 522 -8.42 25.20 56.93
CA SER C 522 -8.97 24.72 58.20
C SER C 522 -10.17 25.49 58.73
N THR C 523 -10.95 24.81 59.61
CA THR C 523 -12.12 25.21 60.39
C THR C 523 -12.22 24.20 61.55
N PRO C 524 -12.86 24.51 62.70
CA PRO C 524 -12.95 23.52 63.79
C PRO C 524 -13.66 22.20 63.42
N ALA C 525 -14.52 22.24 62.38
CA ALA C 525 -15.26 21.08 61.87
C ALA C 525 -14.31 20.12 61.15
N ILE C 526 -13.32 20.65 60.41
CA ILE C 526 -12.35 19.82 59.71
C ILE C 526 -11.17 19.39 60.62
N PRO C 527 -11.05 18.06 60.91
CA PRO C 527 -10.02 17.59 61.85
C PRO C 527 -8.56 17.83 61.48
N SER C 528 -7.72 18.05 62.53
CA SER C 528 -6.27 18.31 62.46
C SER C 528 -5.59 17.17 61.73
N PRO C 529 -4.92 17.45 60.59
CA PRO C 529 -4.34 16.36 59.79
C PRO C 529 -2.87 16.07 60.01
N VAL C 530 -2.41 15.02 59.33
CA VAL C 530 -1.03 14.56 59.19
C VAL C 530 -0.86 14.54 57.67
N ILE C 531 0.03 15.37 57.14
CA ILE C 531 0.24 15.34 55.70
C ILE C 531 0.98 14.04 55.41
N SER C 532 0.31 13.16 54.69
CA SER C 532 0.77 11.82 54.32
C SER C 532 0.84 11.66 52.82
N ILE C 533 1.45 10.54 52.37
CA ILE C 533 1.57 10.15 50.96
C ILE C 533 1.00 8.76 50.83
N LEU C 534 0.15 8.54 49.83
CA LEU C 534 -0.40 7.20 49.60
C LEU C 534 -0.10 6.58 48.23
N GLU C 535 -0.92 6.75 47.21
CA GLU C 535 -0.48 6.09 45.97
C GLU C 535 0.24 7.07 45.05
N ASN C 536 1.33 7.68 45.60
CA ASN C 536 2.16 8.76 45.04
C ASN C 536 1.38 10.08 45.10
N LYS C 537 0.25 10.05 45.83
CA LYS C 537 -0.67 11.15 46.00
C LYS C 537 -0.58 11.60 47.45
N ILE C 538 -0.47 12.93 47.65
CA ILE C 538 -0.42 13.56 48.96
C ILE C 538 -1.83 13.50 49.49
N VAL C 539 -1.99 13.05 50.72
CA VAL C 539 -3.27 12.84 51.38
C VAL C 539 -3.20 13.51 52.77
N ARG C 540 -4.35 13.95 53.29
CA ARG C 540 -4.40 14.54 54.62
C ARG C 540 -5.12 13.56 55.55
N GLN C 541 -4.35 12.78 56.30
CA GLN C 541 -4.90 11.79 57.24
C GLN C 541 -5.14 12.46 58.56
N PRO C 542 -6.09 11.98 59.40
CA PRO C 542 -6.27 12.61 60.72
C PRO C 542 -5.19 12.20 61.72
N LEU C 543 -4.57 13.18 62.42
CA LEU C 543 -3.52 13.01 63.46
C LEU C 543 -3.93 12.02 64.52
N VAL C 544 -5.21 12.10 64.94
CA VAL C 544 -5.81 11.26 65.96
C VAL C 544 -5.69 9.80 65.58
N GLU C 545 -6.16 9.44 64.36
CA GLU C 545 -6.16 8.09 63.84
C GLU C 545 -4.77 7.54 63.62
N SER C 546 -3.86 8.37 63.05
CA SER C 546 -2.50 7.98 62.69
C SER C 546 -1.62 7.64 63.89
N VAL C 547 -1.77 8.43 65.00
CA VAL C 547 -1.04 8.24 66.25
C VAL C 547 -1.59 6.98 66.94
N ALA C 548 -2.92 6.80 66.88
CA ALA C 548 -3.64 5.67 67.45
C ALA C 548 -3.23 4.36 66.78
N GLN C 549 -3.21 4.35 65.44
CA GLN C 549 -2.85 3.17 64.65
C GLN C 549 -1.40 2.77 64.92
N THR C 550 -0.50 3.76 64.97
CA THR C 550 0.94 3.56 65.20
C THR C 550 1.23 2.99 66.57
N LYS C 551 0.39 3.34 67.60
CA LYS C 551 0.49 2.85 68.98
C LYS C 551 0.10 1.37 69.04
N THR C 552 -0.90 0.96 68.23
CA THR C 552 -1.37 -0.43 68.16
C THR C 552 -0.32 -1.39 67.59
N VAL C 553 0.63 -0.91 66.73
CA VAL C 553 1.71 -1.78 66.22
C VAL C 553 2.71 -2.03 67.35
N SER C 554 3.07 -0.94 68.09
CA SER C 554 3.98 -0.95 69.23
C SER C 554 3.42 -1.87 70.31
N ALA C 555 2.08 -1.80 70.54
CA ALA C 555 1.34 -2.63 71.47
C ALA C 555 1.42 -4.11 71.06
N ALA C 556 1.13 -4.41 69.78
CA ALA C 556 1.18 -5.77 69.21
C ALA C 556 2.54 -6.46 69.46
N ILE C 557 3.65 -5.76 69.14
CA ILE C 557 5.02 -6.25 69.36
C ILE C 557 5.21 -6.53 70.86
N GLU C 558 4.93 -5.53 71.73
CA GLU C 558 5.03 -5.62 73.19
C GLU C 558 4.23 -6.79 73.76
N ALA C 559 3.09 -7.09 73.11
CA ALA C 559 2.17 -8.17 73.48
C ALA C 559 2.55 -9.51 72.86
N LYS C 560 3.74 -9.59 72.24
CA LYS C 560 4.28 -10.78 71.57
C LYS C 560 3.38 -11.33 70.44
N ASP C 561 2.47 -10.48 69.90
CA ASP C 561 1.59 -10.85 68.78
C ASP C 561 2.10 -10.14 67.54
N PHE C 562 3.16 -10.72 66.98
CA PHE C 562 3.86 -10.17 65.81
C PHE C 562 3.06 -10.33 64.51
N ASP C 563 2.02 -11.17 64.53
CA ASP C 563 1.16 -11.36 63.38
C ASP C 563 0.31 -10.13 63.18
N LYS C 564 -0.32 -9.62 64.28
CA LYS C 564 -1.15 -8.41 64.28
C LYS C 564 -0.33 -7.22 63.77
N ALA C 565 0.95 -7.12 64.22
CA ALA C 565 1.91 -6.08 63.86
C ALA C 565 2.23 -6.10 62.37
N LEU C 566 2.63 -7.28 61.81
CA LEU C 566 2.92 -7.38 60.39
C LEU C 566 1.67 -7.07 59.57
N GLN C 567 0.50 -7.57 60.01
CA GLN C 567 -0.80 -7.33 59.34
C GLN C 567 -1.13 -5.83 59.36
N LEU C 568 -0.74 -5.13 60.46
CA LEU C 568 -0.96 -3.70 60.68
C LEU C 568 -0.09 -2.78 59.83
N ARG C 569 0.84 -3.35 59.02
CA ARG C 569 1.75 -2.60 58.13
C ARG C 569 1.15 -2.51 56.75
N ASP C 570 1.38 -1.38 56.06
CA ASP C 570 0.84 -1.17 54.70
C ASP C 570 1.28 -2.20 53.68
N GLN C 571 0.55 -2.28 52.55
CA GLN C 571 0.84 -3.22 51.47
C GLN C 571 2.27 -3.08 50.95
N GLU C 572 2.79 -1.83 50.97
CA GLU C 572 4.16 -1.48 50.58
C GLU C 572 5.14 -2.36 51.38
N PHE C 573 4.97 -2.41 52.72
CA PHE C 573 5.77 -3.21 53.64
C PHE C 573 5.57 -4.69 53.38
N ALA C 574 4.30 -5.10 53.21
CA ALA C 574 3.89 -6.49 52.99
C ALA C 574 4.48 -7.10 51.71
N THR C 575 4.32 -6.39 50.58
CA THR C 575 4.77 -6.83 49.26
C THR C 575 6.29 -6.93 49.20
N SER C 576 6.99 -5.98 49.88
CA SER C 576 8.46 -5.91 49.98
C SER C 576 9.02 -7.08 50.80
N TYR C 577 8.36 -7.41 51.93
CA TYR C 577 8.77 -8.51 52.78
C TYR C 577 8.61 -9.83 52.07
N GLU C 578 7.47 -9.98 51.34
CA GLU C 578 7.14 -11.16 50.53
C GLU C 578 8.20 -11.38 49.44
N ASN C 579 8.65 -10.29 48.82
CA ASN C 579 9.68 -10.29 47.79
C ASN C 579 11.05 -10.70 48.32
N PHE C 580 11.43 -10.19 49.50
CA PHE C 580 12.71 -10.51 50.13
C PHE C 580 12.72 -11.98 50.49
N LEU C 581 11.63 -12.45 51.10
CA LEU C 581 11.47 -13.85 51.49
C LEU C 581 11.49 -14.81 50.28
N SER C 582 10.88 -14.39 49.15
CA SER C 582 10.85 -15.15 47.91
C SER C 582 12.28 -15.36 47.41
N VAL C 583 12.97 -14.26 47.06
CA VAL C 583 14.33 -14.27 46.54
C VAL C 583 15.30 -15.07 47.43
N SER C 584 15.19 -14.90 48.76
CA SER C 584 16.03 -15.63 49.71
C SER C 584 15.85 -17.13 49.54
N LYS C 585 14.60 -17.57 49.42
CA LYS C 585 14.21 -18.97 49.28
C LYS C 585 14.33 -19.54 47.84
N TYR C 586 14.87 -18.79 46.85
CA TYR C 586 15.02 -19.33 45.47
C TYR C 586 15.99 -20.53 45.41
N ASP C 587 16.99 -20.58 46.31
CA ASP C 587 17.99 -21.64 46.43
C ASP C 587 17.38 -22.95 46.95
N ASP C 588 16.20 -22.90 47.63
CA ASP C 588 15.52 -24.06 48.22
C ASP C 588 15.36 -25.21 47.26
N GLY C 589 14.81 -24.89 46.10
CA GLY C 589 14.43 -25.85 45.07
C GLY C 589 12.94 -26.09 45.21
N SER C 590 12.28 -25.30 46.07
CA SER C 590 10.85 -25.36 46.32
C SER C 590 10.11 -24.73 45.15
N TYR C 591 10.79 -23.84 44.41
CA TYR C 591 10.27 -23.13 43.24
C TYR C 591 10.29 -23.96 41.95
N LEU C 592 11.06 -25.06 41.98
CA LEU C 592 11.28 -26.04 40.92
C LEU C 592 9.99 -26.62 40.38
N VAL C 593 9.86 -26.65 39.05
CA VAL C 593 8.67 -27.12 38.32
C VAL C 593 8.99 -28.39 37.49
N PRO C 594 8.00 -29.29 37.18
CA PRO C 594 8.31 -30.52 36.40
C PRO C 594 9.10 -30.30 35.10
N GLU C 595 9.96 -31.28 34.74
CA GLU C 595 10.82 -31.25 33.54
C GLU C 595 10.09 -30.78 32.28
N SER C 596 8.87 -31.28 32.05
CA SER C 596 8.01 -30.93 30.93
C SER C 596 7.68 -29.43 30.93
N SER C 597 7.42 -28.86 32.12
CA SER C 597 7.07 -27.45 32.31
C SER C 597 8.26 -26.46 32.28
N ARG C 598 9.50 -26.96 32.11
CA ARG C 598 10.68 -26.08 32.05
C ARG C 598 10.79 -25.40 30.67
N LEU C 599 11.18 -24.11 30.65
CA LEU C 599 11.25 -23.28 29.45
C LEU C 599 12.61 -22.63 29.27
N ASN C 600 12.83 -21.99 28.09
CA ASN C 600 14.02 -21.25 27.73
C ASN C 600 13.64 -19.78 27.65
N ILE C 601 14.14 -19.00 28.63
CA ILE C 601 13.79 -17.58 28.77
C ILE C 601 14.86 -16.66 28.23
N ALA C 602 14.47 -15.67 27.43
CA ALA C 602 15.41 -14.72 26.86
C ALA C 602 15.28 -13.34 27.51
N ILE C 603 16.40 -12.70 27.84
CA ILE C 603 16.45 -11.34 28.38
C ILE C 603 17.30 -10.48 27.41
N ILE C 604 16.77 -9.32 27.02
CA ILE C 604 17.44 -8.39 26.13
C ILE C 604 17.38 -6.96 26.70
N HIS C 605 18.46 -6.18 26.49
CA HIS C 605 18.52 -4.79 26.94
C HIS C 605 18.44 -3.89 25.71
N VAL C 606 17.26 -3.27 25.51
CA VAL C 606 16.98 -2.38 24.39
C VAL C 606 16.86 -0.91 24.83
N GLY C 607 17.81 -0.09 24.40
CA GLY C 607 17.84 1.32 24.72
C GLY C 607 19.16 1.78 25.30
N ALA C 608 19.23 3.06 25.67
CA ALA C 608 20.40 3.66 26.30
C ALA C 608 20.59 3.10 27.73
N PRO C 609 21.82 3.13 28.27
CA PRO C 609 22.04 2.53 29.59
C PRO C 609 21.41 3.25 30.77
N THR C 610 21.05 2.49 31.77
CA THR C 610 20.55 2.92 33.09
C THR C 610 21.22 1.99 34.12
N SER C 611 21.45 2.50 35.31
CA SER C 611 22.11 1.72 36.34
C SER C 611 21.23 0.54 36.80
N ALA C 612 19.90 0.69 36.63
CA ALA C 612 18.84 -0.26 36.98
C ALA C 612 18.80 -1.56 36.17
N LEU C 613 19.53 -1.61 35.04
CA LEU C 613 19.55 -2.79 34.18
C LEU C 613 20.08 -4.05 34.83
N ASN C 614 21.33 -4.05 35.39
CA ASN C 614 21.86 -5.28 36.01
C ASN C 614 21.06 -5.80 37.21
N PRO C 615 20.66 -4.96 38.20
CA PRO C 615 19.81 -5.47 39.30
C PRO C 615 18.52 -6.14 38.84
N ALA C 616 17.81 -5.52 37.88
CA ALA C 616 16.57 -6.08 37.29
C ALA C 616 16.83 -7.45 36.62
N THR C 617 17.93 -7.58 35.83
CA THR C 617 18.32 -8.81 35.13
C THR C 617 18.69 -9.90 36.12
N ARG C 618 19.34 -9.51 37.23
CA ARG C 618 19.74 -10.40 38.30
C ARG C 618 18.50 -11.11 38.84
N VAL C 619 17.53 -10.35 39.41
CA VAL C 619 16.29 -10.86 40.00
C VAL C 619 15.51 -11.74 39.03
N ALA C 620 15.41 -11.31 37.76
CA ALA C 620 14.74 -12.07 36.70
C ALA C 620 15.43 -13.41 36.44
N THR C 621 16.78 -13.45 36.42
CA THR C 621 17.55 -14.67 36.19
C THR C 621 17.37 -15.65 37.34
N LEU C 622 17.48 -15.19 38.59
CA LEU C 622 17.33 -16.01 39.80
C LEU C 622 15.91 -16.58 39.88
N ASN C 623 14.90 -15.72 39.66
CA ASN C 623 13.50 -16.13 39.67
C ASN C 623 13.28 -17.28 38.69
N SER C 624 13.77 -17.13 37.46
CA SER C 624 13.64 -18.12 36.40
C SER C 624 14.41 -19.41 36.67
N LEU C 625 15.69 -19.31 37.10
CA LEU C 625 16.55 -20.45 37.41
C LEU C 625 15.98 -21.29 38.56
N ALA C 626 15.34 -20.61 39.55
CA ALA C 626 14.70 -21.23 40.72
C ALA C 626 13.64 -22.24 40.32
N LYS C 627 12.97 -21.99 39.19
CA LYS C 627 11.90 -22.84 38.64
C LYS C 627 12.44 -23.95 37.71
N GLY C 628 13.73 -23.88 37.38
CA GLY C 628 14.35 -24.85 36.48
C GLY C 628 14.38 -24.42 35.03
N HIS C 629 14.02 -23.17 34.76
CA HIS C 629 14.04 -22.63 33.40
C HIS C 629 15.47 -22.30 33.04
N ARG C 630 15.76 -22.21 31.73
CA ARG C 630 17.11 -21.85 31.26
C ARG C 630 17.08 -20.40 30.84
N VAL C 631 18.02 -19.60 31.37
CA VAL C 631 18.10 -18.16 31.11
C VAL C 631 19.19 -17.86 30.08
N PHE C 632 18.80 -17.17 28.99
CA PHE C 632 19.65 -16.79 27.86
C PHE C 632 19.60 -15.29 27.69
N ALA C 633 20.78 -14.66 27.76
CA ALA C 633 20.89 -13.23 27.63
C ALA C 633 21.37 -12.85 26.26
N ILE C 634 20.50 -12.16 25.47
CA ILE C 634 20.79 -11.63 24.13
C ILE C 634 21.72 -10.38 24.34
N ARG C 635 23.00 -10.62 24.07
CA ARG C 635 24.06 -9.65 24.24
C ARG C 635 24.06 -8.62 23.14
N ASN C 636 24.17 -7.34 23.56
CA ASN C 636 24.25 -6.19 22.65
C ASN C 636 23.02 -5.98 21.76
N GLY C 637 21.84 -6.00 22.39
CA GLY C 637 20.53 -5.78 21.77
C GLY C 637 20.20 -6.64 20.56
N PHE C 638 19.30 -6.12 19.71
CA PHE C 638 18.92 -6.85 18.51
C PHE C 638 20.02 -6.91 17.49
N ALA C 639 20.86 -5.86 17.40
CA ALA C 639 22.01 -5.86 16.50
C ALA C 639 23.01 -7.02 16.81
N GLY C 640 23.27 -7.25 18.12
CA GLY C 640 24.15 -8.32 18.60
C GLY C 640 23.63 -9.66 18.16
N LEU C 641 22.27 -9.83 18.27
CA LEU C 641 21.55 -11.03 17.86
C LEU C 641 21.68 -11.23 16.35
N ILE C 642 21.24 -10.25 15.56
CA ILE C 642 21.28 -10.28 14.10
C ILE C 642 22.69 -10.51 13.51
N ARG C 643 23.64 -9.67 13.88
CA ARG C 643 25.01 -9.65 13.35
C ARG C 643 25.92 -10.75 13.83
N HIS C 644 25.74 -11.25 15.09
CA HIS C 644 26.65 -12.23 15.69
C HIS C 644 26.05 -13.43 16.41
N GLY C 645 24.71 -13.47 16.54
CA GLY C 645 23.99 -14.54 17.23
C GLY C 645 24.35 -14.63 18.69
N ALA C 646 24.79 -13.46 19.24
CA ALA C 646 25.28 -13.16 20.57
C ALA C 646 24.35 -13.52 21.72
N VAL C 647 24.13 -14.80 21.96
CA VAL C 647 23.30 -15.33 23.04
C VAL C 647 24.27 -15.91 24.09
N ARG C 648 24.02 -15.62 25.36
CA ARG C 648 24.85 -16.13 26.44
C ARG C 648 23.98 -16.75 27.54
N GLU C 649 24.22 -18.03 27.89
CA GLU C 649 23.45 -18.67 28.95
C GLU C 649 23.89 -18.20 30.33
N LEU C 650 22.92 -17.91 31.19
CA LEU C 650 23.19 -17.46 32.54
C LEU C 650 22.93 -18.56 33.59
N ASN C 651 23.77 -18.59 34.65
CA ASN C 651 23.70 -19.52 35.77
C ASN C 651 23.80 -18.78 37.11
N TRP C 652 23.46 -19.45 38.26
CA TRP C 652 23.49 -18.85 39.61
C TRP C 652 24.74 -18.02 39.85
N ILE C 653 25.90 -18.54 39.42
CA ILE C 653 27.19 -17.89 39.58
C ILE C 653 27.40 -16.62 38.70
N ASP C 654 26.79 -16.57 37.49
CA ASP C 654 26.95 -15.45 36.55
C ASP C 654 26.39 -14.14 37.08
N VAL C 655 25.30 -14.24 37.85
CA VAL C 655 24.52 -13.16 38.45
C VAL C 655 25.32 -12.33 39.47
N GLU C 656 26.41 -12.88 40.03
CA GLU C 656 27.27 -12.32 41.08
C GLU C 656 27.78 -10.87 40.92
N ASP C 657 27.38 -10.00 41.89
CA ASP C 657 27.69 -8.56 42.07
C ASP C 657 26.85 -7.55 41.26
N TRP C 658 25.87 -8.08 40.48
CA TRP C 658 24.95 -7.33 39.60
C TRP C 658 23.91 -6.38 40.28
N HIS C 659 23.56 -6.62 41.56
CA HIS C 659 22.60 -5.80 42.32
C HIS C 659 23.13 -4.37 42.60
N ASN C 660 24.45 -4.20 42.52
CA ASN C 660 25.24 -3.00 42.78
C ASN C 660 25.68 -2.28 41.50
N THR C 661 26.04 -3.07 40.45
CA THR C 661 26.59 -2.59 39.17
C THR C 661 25.62 -1.84 38.26
N GLY C 662 26.12 -0.74 37.68
CA GLY C 662 25.43 0.12 36.73
C GLY C 662 25.70 -0.32 35.30
N GLY C 663 24.94 0.27 34.37
CA GLY C 663 25.03 -0.06 32.94
C GLY C 663 24.54 -1.48 32.66
N SER C 664 25.13 -2.10 31.62
CA SER C 664 24.77 -3.45 31.20
C SER C 664 26.00 -4.36 31.07
N GLU C 665 25.89 -5.60 31.62
CA GLU C 665 26.92 -6.66 31.59
C GLU C 665 26.79 -7.51 30.32
N ILE C 666 25.64 -7.38 29.65
CA ILE C 666 25.29 -8.08 28.42
C ILE C 666 25.26 -7.10 27.23
N GLY C 667 25.18 -5.81 27.53
CA GLY C 667 25.18 -4.75 26.53
C GLY C 667 23.79 -4.25 26.23
N THR C 668 23.65 -2.91 26.15
CA THR C 668 22.36 -2.27 25.86
C THR C 668 22.47 -1.28 24.69
N ASN C 669 21.54 -1.36 23.73
CA ASN C 669 21.52 -0.41 22.60
C ASN C 669 20.12 -0.28 22.01
N ARG C 670 19.88 0.83 21.28
CA ARG C 670 18.56 1.16 20.70
C ARG C 670 18.25 0.48 19.34
N SER C 671 19.02 -0.55 18.89
CA SER C 671 18.73 -1.25 17.64
C SER C 671 17.39 -1.95 17.74
N LEU C 672 16.67 -2.06 16.60
CA LEU C 672 15.35 -2.68 16.60
C LEU C 672 15.24 -4.02 15.85
N PRO C 673 14.29 -4.93 16.18
CA PRO C 673 14.19 -6.19 15.42
C PRO C 673 13.94 -5.96 13.95
N SER C 674 13.40 -4.77 13.60
CA SER C 674 13.12 -4.23 12.26
C SER C 674 14.30 -4.41 11.37
N ASP C 675 15.51 -4.21 11.93
CA ASP C 675 16.81 -4.31 11.26
C ASP C 675 16.92 -5.59 10.43
N ASP C 676 16.29 -6.71 10.88
CA ASP C 676 16.15 -7.99 10.19
C ASP C 676 15.25 -8.94 11.01
N MET C 677 13.92 -8.93 10.79
CA MET C 677 13.03 -9.82 11.51
C MET C 677 13.39 -11.26 11.27
N GLY C 678 13.57 -11.61 9.99
CA GLY C 678 13.93 -12.96 9.56
C GLY C 678 15.05 -13.57 10.37
N THR C 679 16.14 -12.81 10.58
CA THR C 679 17.29 -13.23 11.37
C THR C 679 16.94 -13.36 12.84
N VAL C 680 16.16 -12.41 13.41
CA VAL C 680 15.68 -12.46 14.80
C VAL C 680 14.86 -13.75 14.95
N ALA C 681 13.90 -13.98 14.01
CA ALA C 681 13.02 -15.15 13.98
C ALA C 681 13.77 -16.47 13.82
N TYR C 682 14.86 -16.47 13.04
CA TYR C 682 15.71 -17.66 12.84
C TYR C 682 16.31 -18.02 14.22
N TYR C 683 16.90 -17.01 14.90
CA TYR C 683 17.58 -17.21 16.19
C TYR C 683 16.63 -17.57 17.29
N PHE C 684 15.40 -17.01 17.30
CA PHE C 684 14.43 -17.34 18.33
C PHE C 684 14.07 -18.83 18.22
N GLN C 685 13.92 -19.31 16.95
CA GLN C 685 13.64 -20.71 16.64
C GLN C 685 14.79 -21.67 17.02
N GLN C 686 16.04 -21.24 16.78
CA GLN C 686 17.23 -22.07 17.06
C GLN C 686 17.39 -22.31 18.52
N TYR C 687 17.34 -21.22 19.31
CA TYR C 687 17.46 -21.25 20.77
C TYR C 687 16.15 -21.65 21.44
N LYS C 688 15.06 -21.80 20.66
CA LYS C 688 13.76 -22.27 21.13
C LYS C 688 13.28 -21.50 22.40
N PHE C 689 13.22 -20.17 22.30
CA PHE C 689 12.80 -19.30 23.39
C PHE C 689 11.33 -19.42 23.63
N ASP C 690 10.95 -19.61 24.89
CA ASP C 690 9.54 -19.78 25.25
C ASP C 690 8.95 -18.53 25.95
N GLY C 691 9.81 -17.51 26.13
CA GLY C 691 9.47 -16.25 26.77
C GLY C 691 10.56 -15.21 26.58
N LEU C 692 10.20 -13.91 26.61
CA LEU C 692 11.15 -12.81 26.41
C LEU C 692 10.88 -11.59 27.25
N ILE C 693 11.94 -11.04 27.88
CA ILE C 693 11.88 -9.81 28.70
C ILE C 693 12.77 -8.76 28.05
N ILE C 694 12.16 -7.69 27.53
CA ILE C 694 12.85 -6.58 26.88
C ILE C 694 12.96 -5.45 27.90
N ILE C 695 14.12 -5.35 28.58
CA ILE C 695 14.36 -4.29 29.57
C ILE C 695 14.90 -3.11 28.80
N GLY C 696 14.22 -1.98 28.92
CA GLY C 696 14.64 -0.76 28.25
C GLY C 696 13.61 0.35 28.16
N GLY C 697 13.87 1.28 27.25
CA GLY C 697 13.07 2.50 27.08
C GLY C 697 12.03 2.45 25.99
N PHE C 698 11.90 3.56 25.26
CA PHE C 698 10.93 3.66 24.18
C PHE C 698 11.21 2.66 23.07
N GLU C 699 12.50 2.30 22.84
CA GLU C 699 12.87 1.32 21.83
C GLU C 699 12.53 -0.11 22.29
N ALA C 700 12.55 -0.36 23.62
CA ALA C 700 12.14 -1.66 24.19
C ALA C 700 10.64 -1.76 24.01
N PHE C 701 9.95 -0.62 24.17
CA PHE C 701 8.52 -0.53 23.95
C PHE C 701 8.24 -0.77 22.46
N THR C 702 9.03 -0.12 21.57
CA THR C 702 8.91 -0.25 20.11
C THR C 702 9.13 -1.70 19.66
N ALA C 703 10.22 -2.34 20.12
CA ALA C 703 10.58 -3.71 19.80
C ALA C 703 9.43 -4.68 20.19
N LEU C 704 8.86 -4.54 21.42
CA LEU C 704 7.76 -5.36 21.91
C LEU C 704 6.60 -5.28 20.92
N TYR C 705 6.27 -4.06 20.48
CA TYR C 705 5.21 -3.84 19.50
C TYR C 705 5.53 -4.51 18.15
N GLU C 706 6.73 -4.26 17.59
CA GLU C 706 7.22 -4.81 16.33
C GLU C 706 7.17 -6.33 16.31
N LEU C 707 7.69 -6.97 17.38
CA LEU C 707 7.72 -8.41 17.53
C LEU C 707 6.29 -8.95 17.64
N ASP C 708 5.41 -8.25 18.39
CA ASP C 708 4.00 -8.63 18.53
C ASP C 708 3.33 -8.59 17.18
N ALA C 709 3.58 -7.54 16.39
CA ALA C 709 3.01 -7.41 15.06
C ALA C 709 3.52 -8.49 14.12
N ALA C 710 4.81 -8.89 14.29
CA ALA C 710 5.43 -9.92 13.47
C ALA C 710 4.90 -11.36 13.71
N ARG C 711 4.11 -11.59 14.81
CA ARG C 711 3.51 -12.89 15.17
C ARG C 711 2.80 -13.56 14.03
N ALA C 712 2.17 -12.74 13.17
CA ALA C 712 1.45 -13.12 11.94
C ALA C 712 2.45 -13.81 10.96
N GLN C 713 3.49 -13.07 10.51
CA GLN C 713 4.56 -13.48 9.61
C GLN C 713 5.49 -14.58 10.21
N TYR C 714 5.79 -14.52 11.51
CA TYR C 714 6.72 -15.48 12.12
C TYR C 714 6.13 -16.22 13.34
N PRO C 715 5.50 -17.41 13.15
CA PRO C 715 4.92 -18.15 14.29
C PRO C 715 5.75 -18.24 15.58
N ILE C 716 7.09 -18.24 15.43
CA ILE C 716 8.01 -18.35 16.55
C ILE C 716 7.88 -17.21 17.59
N PHE C 717 7.38 -16.02 17.15
CA PHE C 717 7.19 -14.86 18.00
C PHE C 717 5.93 -14.91 18.82
N ASN C 718 5.06 -15.92 18.60
CA ASN C 718 3.83 -16.08 19.37
C ASN C 718 4.10 -16.73 20.75
N ILE C 719 4.98 -16.09 21.51
CA ILE C 719 5.37 -16.49 22.85
C ILE C 719 4.97 -15.34 23.78
N PRO C 720 4.88 -15.54 25.11
CA PRO C 720 4.61 -14.38 25.98
C PRO C 720 5.85 -13.48 25.97
N MET C 721 5.65 -12.19 25.74
CA MET C 721 6.72 -11.20 25.72
C MET C 721 6.34 -10.01 26.55
N CYS C 722 7.33 -9.40 27.21
CA CYS C 722 7.07 -8.21 28.00
C CYS C 722 8.18 -7.21 27.96
N CYS C 723 7.80 -5.91 28.16
CA CYS C 723 8.71 -4.80 28.22
C CYS C 723 8.79 -4.30 29.64
N LEU C 724 9.99 -4.35 30.22
CA LEU C 724 10.20 -3.84 31.56
C LEU C 724 10.79 -2.45 31.35
N PRO C 725 9.98 -1.40 31.59
CA PRO C 725 10.43 -0.04 31.33
C PRO C 725 11.55 0.43 32.22
N ALA C 726 12.68 0.70 31.58
CA ALA C 726 13.89 1.23 32.21
C ALA C 726 14.43 2.36 31.32
N THR C 727 14.35 3.60 31.85
CA THR C 727 14.77 4.83 31.20
C THR C 727 14.83 5.99 32.16
N VAL C 728 15.77 6.89 31.93
CA VAL C 728 15.98 8.09 32.71
C VAL C 728 14.85 9.11 32.44
N SER C 729 14.36 9.18 31.18
CA SER C 729 13.33 10.08 30.65
C SER C 729 11.94 9.95 31.24
N ASN C 730 11.56 8.70 31.65
CA ASN C 730 10.23 8.28 32.12
C ASN C 730 9.22 8.48 30.97
N ASN C 731 9.68 8.20 29.73
CA ASN C 731 8.95 8.39 28.48
C ASN C 731 8.29 7.12 27.89
N VAL C 732 8.24 6.01 28.66
CA VAL C 732 7.59 4.78 28.18
C VAL C 732 6.08 4.73 28.56
N PRO C 733 5.17 4.53 27.57
CA PRO C 733 3.75 4.37 27.90
C PRO C 733 3.54 3.08 28.69
N GLY C 734 2.49 3.03 29.51
CA GLY C 734 2.17 1.83 30.26
C GLY C 734 2.71 1.75 31.68
N THR C 735 3.42 2.79 32.14
CA THR C 735 3.96 2.91 33.50
C THR C 735 4.04 4.37 33.98
N GLU C 736 4.02 4.59 35.30
CA GLU C 736 4.20 5.91 35.92
C GLU C 736 5.67 6.00 36.34
N TYR C 737 6.35 4.85 36.41
CA TYR C 737 7.74 4.80 36.78
C TYR C 737 8.57 3.89 35.90
N SER C 738 9.70 4.42 35.40
CA SER C 738 10.67 3.69 34.61
C SER C 738 11.93 3.57 35.44
N LEU C 739 12.48 2.36 35.47
CA LEU C 739 13.69 2.04 36.23
C LEU C 739 14.85 2.90 35.77
N GLY C 740 15.61 3.41 36.72
CA GLY C 740 16.75 4.28 36.42
C GLY C 740 16.46 5.77 36.56
N SER C 741 15.16 6.15 36.60
CA SER C 741 14.79 7.56 36.73
C SER C 741 15.12 8.17 38.09
N ASP C 742 14.92 7.42 39.20
CA ASP C 742 15.26 7.94 40.54
C ASP C 742 16.77 8.12 40.72
N THR C 743 17.57 7.19 40.16
CA THR C 743 19.04 7.29 40.16
C THR C 743 19.44 8.61 39.49
N CYS C 744 18.82 8.88 38.33
CA CYS C 744 19.08 10.09 37.55
C CYS C 744 18.78 11.35 38.34
N LEU C 745 17.61 11.41 39.00
CA LEU C 745 17.23 12.59 39.78
C LEU C 745 18.22 12.82 40.92
N ASN C 746 18.68 11.73 41.56
CA ASN C 746 19.68 11.78 42.63
C ASN C 746 21.02 12.28 42.10
N THR C 747 21.42 11.81 40.88
CA THR C 747 22.65 12.21 40.21
C THR C 747 22.57 13.70 39.88
N LEU C 748 21.39 14.18 39.42
CA LEU C 748 21.19 15.57 39.04
C LEU C 748 21.18 16.52 40.22
N SER C 749 20.43 16.20 41.29
CA SER C 749 20.38 17.05 42.49
C SER C 749 21.78 17.27 43.07
N GLY C 750 22.56 16.18 43.18
CA GLY C 750 23.94 16.17 43.65
C GLY C 750 24.81 17.00 42.75
N TYR C 751 24.65 16.83 41.45
CA TYR C 751 25.39 17.58 40.43
C TYR C 751 25.11 19.09 40.58
N CYS C 752 23.85 19.47 40.72
CA CYS C 752 23.48 20.86 40.90
C CYS C 752 23.92 21.44 42.25
N ASP C 753 24.12 20.60 43.27
CA ASP C 753 24.57 21.06 44.59
C ASP C 753 25.97 21.56 44.45
N ALA C 754 26.74 20.88 43.60
CA ALA C 754 28.12 21.23 43.29
C ALA C 754 28.15 22.46 42.40
N VAL C 755 27.13 22.64 41.56
CA VAL C 755 27.00 23.77 40.65
C VAL C 755 26.80 25.04 41.48
N LYS C 756 25.77 25.07 42.36
CA LYS C 756 25.45 26.22 43.20
C LYS C 756 26.60 26.60 44.15
N GLN C 757 27.43 25.61 44.56
CA GLN C 757 28.60 25.86 45.41
C GLN C 757 29.74 26.57 44.62
N SER C 758 29.94 26.18 43.33
CA SER C 758 30.94 26.79 42.44
C SER C 758 30.42 28.15 41.91
N ALA C 759 29.12 28.42 42.15
CA ALA C 759 28.39 29.65 41.82
C ALA C 759 28.35 30.62 43.03
N SER C 760 29.29 30.42 44.01
CA SER C 760 29.44 31.25 45.21
C SER C 760 30.80 31.97 45.20
N SER C 762 36.31 34.99 41.70
CA SER C 762 35.69 35.66 40.55
C SER C 762 35.50 34.65 39.40
N ARG C 763 34.57 33.68 39.63
CA ARG C 763 34.26 32.60 38.68
C ARG C 763 32.90 32.72 37.95
N ARG C 764 31.77 32.31 38.59
CA ARG C 764 30.42 32.28 37.98
C ARG C 764 29.24 32.63 38.91
N ARG C 765 28.08 33.07 38.35
CA ARG C 765 26.88 33.44 39.10
C ARG C 765 25.66 32.58 38.80
N THR C 766 25.19 32.61 37.54
CA THR C 766 24.01 31.86 37.06
C THR C 766 24.46 30.67 36.23
N PHE C 767 23.75 29.53 36.39
CA PHE C 767 24.05 28.32 35.65
C PHE C 767 22.86 27.77 34.90
N VAL C 768 23.09 27.41 33.64
CA VAL C 768 22.07 26.78 32.82
C VAL C 768 22.45 25.29 32.72
N VAL C 769 21.81 24.49 33.57
CA VAL C 769 22.06 23.06 33.66
C VAL C 769 21.15 22.40 32.65
N GLU C 770 21.75 21.67 31.70
CA GLU C 770 21.00 20.97 30.66
C GLU C 770 20.67 19.55 31.08
N VAL C 771 19.38 19.27 31.13
CA VAL C 771 18.82 17.99 31.51
C VAL C 771 18.42 17.21 30.25
N GLN C 772 18.93 16.00 30.12
CA GLN C 772 18.62 15.18 28.96
C GLN C 772 17.53 14.16 29.32
N GLY C 773 16.27 14.58 29.22
CA GLY C 773 15.13 13.73 29.50
C GLY C 773 14.20 13.46 28.31
N GLY C 774 14.78 13.45 27.12
CA GLY C 774 14.04 13.20 25.89
C GLY C 774 13.16 14.35 25.45
N TYR C 775 11.94 14.01 24.98
CA TYR C 775 10.94 14.98 24.49
C TYR C 775 9.85 15.25 25.52
N SER C 776 10.02 14.73 26.72
CA SER C 776 9.11 14.87 27.86
C SER C 776 9.78 15.78 28.89
N GLY C 777 9.01 16.70 29.43
CA GLY C 777 9.50 17.64 30.44
C GLY C 777 9.54 17.13 31.87
N TYR C 778 9.19 15.83 32.11
CA TYR C 778 9.17 15.20 33.45
C TYR C 778 10.48 15.35 34.20
N LEU C 779 11.58 14.86 33.60
CA LEU C 779 12.92 14.92 34.18
C LEU C 779 13.24 16.35 34.60
N ALA C 780 13.19 17.30 33.63
CA ALA C 780 13.47 18.70 33.86
C ALA C 780 12.59 19.31 34.96
N SER C 781 11.27 19.07 34.93
CA SER C 781 10.33 19.57 35.90
C SER C 781 10.68 19.05 37.28
N TYR C 782 10.84 17.71 37.43
CA TYR C 782 11.21 17.09 38.71
C TYR C 782 12.52 17.72 39.22
N ALA C 783 13.57 17.68 38.36
CA ALA C 783 14.87 18.24 38.68
C ALA C 783 14.76 19.69 39.15
N GLY C 784 13.95 20.49 38.47
CA GLY C 784 13.74 21.87 38.83
C GLY C 784 13.24 22.02 40.26
N LEU C 785 12.15 21.30 40.63
CA LEU C 785 11.56 21.33 41.97
C LEU C 785 12.62 21.01 43.04
N ILE C 786 13.33 19.88 42.88
CA ILE C 786 14.33 19.40 43.82
C ILE C 786 15.63 20.18 43.86
N THR C 787 15.89 21.06 42.89
CA THR C 787 17.15 21.83 42.93
C THR C 787 16.93 23.31 43.26
N GLY C 788 15.68 23.72 43.31
CA GLY C 788 15.32 25.10 43.57
C GLY C 788 15.72 26.01 42.42
N ALA C 789 15.50 25.54 41.16
CA ALA C 789 15.81 26.26 39.92
C ALA C 789 14.88 27.44 39.75
N LEU C 790 15.40 28.60 39.27
CA LEU C 790 14.60 29.81 39.02
C LEU C 790 13.59 29.56 37.90
N ALA C 791 14.12 29.25 36.67
CA ALA C 791 13.33 28.94 35.49
C ALA C 791 13.65 27.53 35.01
N VAL C 792 12.65 26.85 34.41
CA VAL C 792 12.79 25.48 33.86
C VAL C 792 12.27 25.50 32.41
N TYR C 793 13.13 25.16 31.44
CA TYR C 793 12.76 25.16 30.03
C TYR C 793 12.35 23.78 29.57
N THR C 794 11.11 23.65 29.06
CA THR C 794 10.56 22.36 28.64
C THR C 794 9.84 22.41 27.27
N PRO C 795 9.74 21.28 26.53
CA PRO C 795 9.02 21.31 25.25
C PRO C 795 7.53 21.63 25.38
N GLU C 796 6.94 21.28 26.53
CA GLU C 796 5.53 21.50 26.84
C GLU C 796 5.16 22.99 26.95
N ASN C 797 6.09 23.85 27.39
CA ASN C 797 5.86 25.30 27.58
C ASN C 797 6.70 26.18 26.63
N PRO C 798 6.03 27.09 25.91
CA PRO C 798 6.73 27.93 24.90
C PRO C 798 7.84 28.86 25.35
N ILE C 799 8.90 28.96 24.52
CA ILE C 799 10.06 29.80 24.75
C ILE C 799 10.14 30.87 23.67
N ASN C 800 10.14 32.16 24.07
CA ASN C 800 10.19 33.29 23.16
C ASN C 800 10.81 34.55 23.81
N LEU C 801 10.95 35.66 23.02
CA LEU C 801 11.51 36.92 23.48
C LEU C 801 10.82 37.48 24.71
N GLN C 802 9.47 37.30 24.82
CA GLN C 802 8.71 37.70 26.01
C GLN C 802 9.00 36.77 27.19
N THR C 803 8.92 35.43 26.99
CA THR C 803 9.21 34.49 28.07
C THR C 803 10.62 34.67 28.62
N VAL C 804 11.63 34.81 27.71
CA VAL C 804 13.05 34.99 28.03
C VAL C 804 13.23 36.27 28.85
N GLN C 805 12.62 37.39 28.40
CA GLN C 805 12.66 38.68 29.07
C GLN C 805 12.12 38.58 30.51
N GLU C 806 11.03 37.80 30.67
CA GLU C 806 10.39 37.54 31.95
C GLU C 806 11.35 36.77 32.86
N ASP C 807 11.99 35.68 32.31
CA ASP C 807 13.00 34.87 33.01
C ASP C 807 14.15 35.79 33.47
N ILE C 808 14.66 36.69 32.56
CA ILE C 808 15.73 37.65 32.89
C ILE C 808 15.27 38.58 34.04
N GLU C 809 14.03 39.10 33.96
CA GLU C 809 13.44 39.98 34.98
C GLU C 809 13.43 39.32 36.35
N LEU C 810 13.03 38.01 36.43
CA LEU C 810 13.00 37.26 37.68
C LEU C 810 14.39 37.20 38.25
N LEU C 811 15.36 36.73 37.43
CA LEU C 811 16.78 36.62 37.79
C LEU C 811 17.33 37.98 38.26
N THR C 812 17.01 39.05 37.54
CA THR C 812 17.40 40.41 37.87
C THR C 812 16.81 40.80 39.24
N ARG C 813 15.48 40.68 39.41
CA ARG C 813 14.80 41.02 40.66
C ARG C 813 15.25 40.15 41.83
N THR C 814 15.67 38.90 41.56
CA THR C 814 16.18 37.96 42.57
C THR C 814 17.54 38.40 43.09
N TYR C 815 18.50 38.63 42.16
CA TYR C 815 19.86 39.07 42.47
C TYR C 815 19.94 40.40 43.22
N GLU C 816 18.99 41.33 42.96
CA GLU C 816 18.95 42.62 43.63
C GLU C 816 18.19 42.59 44.97
N GLU C 817 18.47 41.54 45.75
CA GLU C 817 17.93 41.27 47.09
C GLU C 817 18.94 40.46 47.88
N ASP C 818 19.70 39.58 47.19
CA ASP C 818 20.72 38.69 47.77
C ASP C 818 21.86 39.46 48.45
N ASP C 819 22.41 38.87 49.55
CA ASP C 819 23.49 39.47 50.36
C ASP C 819 24.54 38.41 50.76
N ARG C 823 24.34 32.35 51.68
CA ARG C 823 24.76 31.45 50.60
C ARG C 823 23.91 31.68 49.34
N SER C 824 24.59 31.99 48.21
CA SER C 824 23.95 32.28 46.90
C SER C 824 24.43 31.38 45.73
N GLY C 825 23.95 31.70 44.53
CA GLY C 825 24.24 30.96 43.30
C GLY C 825 22.96 30.39 42.72
N LYS C 826 22.49 30.92 41.56
CA LYS C 826 21.24 30.50 40.93
C LYS C 826 21.34 29.58 39.73
N ILE C 827 20.30 28.74 39.52
CA ILE C 827 20.25 27.78 38.40
C ILE C 827 18.96 27.82 37.56
N PHE C 828 19.10 27.50 36.27
CA PHE C 828 18.01 27.38 35.30
C PHE C 828 18.09 25.95 34.77
N ILE C 829 16.94 25.28 34.63
CA ILE C 829 16.96 23.92 34.12
C ILE C 829 16.46 23.86 32.70
N HIS C 830 17.37 23.51 31.79
CA HIS C 830 17.07 23.46 30.36
C HIS C 830 17.00 22.04 29.84
N ASN C 831 15.81 21.58 29.44
CA ASN C 831 15.67 20.27 28.85
C ASN C 831 16.28 20.25 27.44
N GLU C 832 17.27 19.36 27.18
CA GLU C 832 17.94 19.23 25.87
C GLU C 832 17.03 19.42 24.62
N LYS C 833 15.77 18.93 24.67
CA LYS C 833 14.83 19.06 23.56
C LYS C 833 13.69 19.97 24.00
N ALA C 834 13.96 21.29 24.14
CA ALA C 834 12.94 22.27 24.52
C ALA C 834 12.69 23.25 23.35
N SER C 835 13.77 23.77 22.72
CA SER C 835 13.70 24.72 21.59
C SER C 835 14.89 24.52 20.67
N LYS C 836 14.67 24.62 19.34
CA LYS C 836 15.78 24.51 18.39
C LYS C 836 16.47 25.87 18.27
N VAL C 837 15.86 26.89 18.88
CA VAL C 837 16.35 28.26 18.89
C VAL C 837 16.98 28.57 20.25
N TYR C 838 16.13 28.65 21.28
CA TYR C 838 16.55 28.97 22.64
C TYR C 838 17.07 27.72 23.29
N THR C 839 18.32 27.41 22.97
CA THR C 839 19.05 26.25 23.47
C THR C 839 19.76 26.59 24.80
N THR C 840 20.36 25.60 25.50
CA THR C 840 21.09 25.85 26.77
C THR C 840 22.16 26.92 26.51
N ASP C 841 22.82 26.81 25.32
CA ASP C 841 23.83 27.74 24.89
C ASP C 841 23.31 29.13 24.63
N LEU C 842 22.15 29.27 23.91
CA LEU C 842 21.57 30.61 23.68
C LEU C 842 21.02 31.24 24.98
N ILE C 843 20.29 30.45 25.79
CA ILE C 843 19.74 30.97 27.04
C ILE C 843 20.88 31.54 27.93
N ALA C 844 21.96 30.73 28.11
CA ALA C 844 23.13 31.16 28.88
C ALA C 844 23.74 32.42 28.29
N ALA C 845 23.83 32.52 26.95
CA ALA C 845 24.36 33.68 26.24
C ALA C 845 23.55 34.96 26.47
N ILE C 846 22.22 34.83 26.59
CA ILE C 846 21.31 35.96 26.79
C ILE C 846 21.42 36.49 28.23
N ILE C 847 21.53 35.57 29.21
CA ILE C 847 21.69 35.86 30.64
C ILE C 847 22.98 36.67 30.85
N GLY C 848 24.06 36.25 30.20
CA GLY C 848 25.36 36.91 30.26
C GLY C 848 25.35 38.37 29.83
N GLU C 849 24.80 38.67 28.63
CA GLU C 849 24.68 40.03 28.08
C GLU C 849 23.65 40.87 28.88
N ALA C 850 22.78 40.20 29.70
CA ALA C 850 21.74 40.85 30.52
C ALA C 850 22.31 41.67 31.65
N GLY C 851 21.73 42.85 31.83
CA GLY C 851 22.11 43.86 32.81
C GLY C 851 23.40 44.56 32.42
N LYS C 852 23.63 44.71 31.08
CA LYS C 852 24.82 45.27 30.44
C LYS C 852 26.10 44.53 30.94
N GLY C 853 25.98 43.20 31.08
CA GLY C 853 27.01 42.33 31.63
C GLY C 853 26.97 42.43 33.14
N ARG C 854 25.83 42.04 33.74
CA ARG C 854 25.63 42.14 35.18
C ARG C 854 26.18 40.92 35.92
N PHE C 855 25.78 39.71 35.48
CA PHE C 855 26.17 38.41 36.06
C PHE C 855 26.91 37.55 35.04
N GLU C 856 27.64 36.54 35.54
CA GLU C 856 28.40 35.63 34.72
C GLU C 856 27.57 34.35 34.54
N SER C 857 27.06 34.14 33.34
CA SER C 857 26.27 32.95 33.02
C SER C 857 27.17 31.84 32.54
N ARG C 858 26.87 30.60 32.95
CA ARG C 858 27.63 29.40 32.59
C ARG C 858 26.69 28.24 32.29
N THR C 859 27.09 27.39 31.32
CA THR C 859 26.34 26.20 30.97
C THR C 859 27.00 25.04 31.70
N ALA C 860 26.19 24.03 32.00
CA ALA C 860 26.57 22.79 32.66
C ALA C 860 25.83 21.68 31.91
N VAL C 861 26.56 20.65 31.50
CA VAL C 861 25.94 19.55 30.78
C VAL C 861 26.34 18.20 31.42
N PRO C 862 25.60 17.79 32.51
CA PRO C 862 25.90 16.49 33.15
C PRO C 862 25.94 15.39 32.07
N GLY C 863 24.90 15.37 31.24
CA GLY C 863 24.80 14.49 30.09
C GLY C 863 24.72 13.03 30.43
N HIS C 864 25.58 12.20 29.81
CA HIS C 864 25.60 10.73 30.00
C HIS C 864 25.90 10.25 31.40
N VAL C 865 26.29 11.18 32.29
CA VAL C 865 26.52 10.92 33.70
C VAL C 865 25.17 10.70 34.43
N GLN C 866 24.05 11.14 33.82
CA GLN C 866 22.69 11.02 34.31
C GLN C 866 22.32 9.58 34.62
N GLN C 867 22.97 8.56 33.98
CA GLN C 867 22.68 7.15 34.31
C GLN C 867 23.15 6.69 35.69
N GLY C 868 24.15 7.34 36.25
CA GLY C 868 24.64 7.06 37.60
C GLY C 868 25.59 5.89 37.72
N LYS C 869 26.39 5.85 38.82
CA LYS C 869 27.33 4.76 39.03
C LYS C 869 26.61 3.52 39.58
N SER C 870 25.81 3.70 40.64
CA SER C 870 25.04 2.61 41.23
C SER C 870 23.54 2.93 41.25
N PRO C 871 22.63 1.95 41.03
CA PRO C 871 21.20 2.25 41.11
C PRO C 871 20.79 2.65 42.50
N SER C 872 19.85 3.60 42.62
CA SER C 872 19.31 4.04 43.90
C SER C 872 18.55 2.89 44.53
N SER C 873 18.18 3.03 45.80
CA SER C 873 17.40 2.03 46.54
C SER C 873 16.00 1.91 45.94
N ILE C 874 15.35 3.05 45.55
CA ILE C 874 14.04 3.03 44.87
C ILE C 874 14.16 2.18 43.58
N ASP C 875 15.26 2.37 42.85
CA ASP C 875 15.51 1.62 41.63
C ASP C 875 15.74 0.15 41.88
N ARG C 876 16.56 -0.20 42.90
CA ARG C 876 16.88 -1.56 43.34
C ARG C 876 15.62 -2.28 43.79
N VAL C 877 14.81 -1.64 44.65
CA VAL C 877 13.58 -2.21 45.18
C VAL C 877 12.56 -2.50 44.03
N ASN C 878 12.31 -1.50 43.18
CA ASN C 878 11.38 -1.66 42.05
C ASN C 878 11.84 -2.64 41.00
N ALA C 879 13.16 -2.66 40.68
CA ALA C 879 13.76 -3.60 39.72
C ALA C 879 13.48 -5.01 40.14
N CYS C 880 13.47 -5.25 41.44
CA CYS C 880 13.20 -6.56 42.02
C CYS C 880 11.70 -6.93 41.95
N ARG C 881 10.81 -6.00 42.32
CA ARG C 881 9.35 -6.13 42.28
C ARG C 881 8.89 -6.47 40.86
N LEU C 882 9.30 -5.65 39.89
CA LEU C 882 8.95 -5.79 38.48
C LEU C 882 9.59 -6.98 37.76
N ALA C 883 10.86 -7.30 38.07
CA ALA C 883 11.51 -8.46 37.46
C ALA C 883 10.70 -9.69 37.83
N ILE C 884 10.32 -9.78 39.13
CA ILE C 884 9.51 -10.88 39.68
C ILE C 884 8.18 -10.97 38.92
N LYS C 885 7.54 -9.81 38.68
CA LYS C 885 6.27 -9.76 37.99
C LYS C 885 6.37 -10.13 36.50
N CYS C 886 7.53 -9.80 35.86
CA CYS C 886 7.81 -10.16 34.46
C CYS C 886 7.85 -11.67 34.31
N CYS C 887 8.71 -12.33 35.11
CA CYS C 887 8.88 -13.78 35.14
C CYS C 887 7.56 -14.49 35.41
N ASN C 888 6.80 -13.97 36.37
CA ASN C 888 5.54 -14.57 36.72
C ASN C 888 4.60 -14.56 35.54
N PHE C 889 4.67 -13.50 34.72
CA PHE C 889 3.83 -13.37 33.52
C PHE C 889 4.23 -14.30 32.36
N ILE C 890 5.45 -14.13 31.79
CA ILE C 890 5.96 -14.93 30.68
C ILE C 890 6.00 -16.44 30.98
N GLU C 891 6.44 -16.79 32.20
CA GLU C 891 6.55 -18.17 32.67
C GLU C 891 5.24 -18.76 33.20
N ASP C 892 4.13 -18.01 33.09
CA ASP C 892 2.80 -18.46 33.55
C ASP C 892 2.38 -19.64 32.69
N ALA C 893 1.93 -20.73 33.34
CA ALA C 893 1.50 -21.95 32.66
C ALA C 893 0.33 -21.72 31.74
N ASN C 894 -0.54 -20.74 32.07
CA ASN C 894 -1.72 -20.39 31.29
C ASN C 894 -1.36 -19.99 29.87
N PHE C 895 -0.21 -19.31 29.70
CA PHE C 895 0.30 -18.83 28.41
C PHE C 895 1.24 -19.83 27.78
N GLN C 896 1.45 -20.95 28.45
CA GLN C 896 2.36 -21.97 27.96
C GLN C 896 1.63 -23.20 27.42
N VAL C 897 2.27 -23.90 26.47
CA VAL C 897 1.77 -25.12 25.80
C VAL C 897 1.32 -26.19 26.80
N LYS C 898 0.13 -26.81 26.57
CA LYS C 898 -0.41 -27.84 27.46
C LYS C 898 0.19 -29.20 27.19
N HIS C 899 0.67 -29.90 28.22
CA HIS C 899 1.37 -31.18 28.03
C HIS C 899 0.51 -32.42 27.89
N ASN C 900 -0.77 -32.34 28.29
CA ASN C 900 -1.71 -33.45 28.12
C ASN C 900 -2.53 -33.23 26.85
N ALA C 901 -1.86 -33.36 25.69
CA ALA C 901 -2.43 -33.19 24.35
C ALA C 901 -1.63 -34.00 23.34
N ASN C 902 -2.30 -34.55 22.26
CA ASN C 902 -1.67 -35.33 21.18
C ASN C 902 -0.85 -34.35 20.30
N LEU C 903 0.23 -33.77 20.87
CA LEU C 903 1.08 -32.76 20.23
C LEU C 903 2.44 -33.25 19.80
N SER C 904 2.84 -32.92 18.55
CA SER C 904 4.15 -33.25 18.02
C SER C 904 5.13 -32.20 18.55
N ALA C 905 6.44 -32.50 18.54
CA ALA C 905 7.43 -31.54 19.02
C ALA C 905 7.36 -30.20 18.27
N ASP C 906 7.09 -30.25 16.95
CA ASP C 906 6.96 -29.09 16.08
C ASP C 906 5.69 -28.35 16.38
N GLU C 907 4.61 -29.08 16.68
CA GLU C 907 3.33 -28.49 17.06
C GLU C 907 3.50 -27.70 18.37
N ARG C 908 4.25 -28.27 19.34
CA ARG C 908 4.52 -27.55 20.58
C ARG C 908 5.42 -26.31 20.41
N HIS C 909 6.32 -26.31 19.38
CA HIS C 909 7.21 -25.18 19.04
C HIS C 909 6.45 -24.10 18.26
N LEU C 910 5.52 -24.53 17.35
CA LEU C 910 4.68 -23.63 16.56
C LEU C 910 3.56 -23.05 17.39
N ARG C 911 3.21 -23.74 18.51
CA ARG C 911 2.19 -23.35 19.49
C ARG C 911 0.76 -23.42 18.94
N PHE C 912 0.58 -24.28 17.92
CA PHE C 912 -0.69 -24.57 17.25
C PHE C 912 -0.63 -25.94 16.58
N PHE C 913 -1.81 -26.55 16.39
CA PHE C 913 -1.94 -27.85 15.75
C PHE C 913 -3.21 -27.87 14.92
N TYR C 914 -3.26 -28.70 13.85
CA TYR C 914 -4.48 -28.78 13.04
C TYR C 914 -5.30 -29.96 13.51
N ASP C 915 -6.44 -29.68 14.13
CA ASP C 915 -7.34 -30.71 14.63
C ASP C 915 -8.56 -30.76 13.73
N ASP C 916 -8.81 -31.94 13.11
CA ASP C 916 -9.93 -32.18 12.21
C ASP C 916 -10.13 -31.03 11.19
N GLY C 917 -9.01 -30.55 10.64
CA GLY C 917 -8.99 -29.46 9.68
C GLY C 917 -8.82 -28.09 10.33
N VAL C 918 -9.45 -27.88 11.50
CA VAL C 918 -9.40 -26.62 12.25
C VAL C 918 -8.03 -26.36 12.92
N LYS C 919 -7.43 -25.18 12.66
CA LYS C 919 -6.16 -24.78 13.26
C LYS C 919 -6.45 -24.33 14.69
N THR C 920 -5.99 -25.11 15.66
CA THR C 920 -6.21 -24.90 17.10
C THR C 920 -4.94 -24.51 17.81
N SER C 921 -5.05 -23.63 18.82
CA SER C 921 -3.94 -23.18 19.66
C SER C 921 -3.55 -24.28 20.67
N ALA C 922 -2.28 -24.69 20.66
CA ALA C 922 -1.73 -25.71 21.56
C ALA C 922 -1.71 -25.25 23.03
N VAL C 923 -2.16 -24.02 23.28
CA VAL C 923 -2.22 -23.38 24.59
C VAL C 923 -3.70 -23.25 25.03
N SER C 924 -4.44 -22.29 24.40
CA SER C 924 -5.84 -21.97 24.70
C SER C 924 -6.84 -23.00 24.28
N GLY C 925 -6.51 -23.83 23.30
CA GLY C 925 -7.44 -24.77 22.72
C GLY C 925 -8.42 -24.03 21.81
N LYS C 926 -8.25 -22.71 21.71
CA LYS C 926 -9.08 -21.84 20.91
C LYS C 926 -8.66 -21.86 19.46
N SER C 927 -9.60 -21.50 18.55
CA SER C 927 -9.38 -21.42 17.10
C SER C 927 -8.40 -20.27 16.76
N SER C 928 -8.49 -19.15 17.50
CA SER C 928 -7.59 -18.00 17.32
C SER C 928 -6.25 -18.27 17.99
N VAL C 929 -5.27 -18.60 17.15
CA VAL C 929 -3.89 -18.95 17.53
C VAL C 929 -3.13 -17.83 18.26
N ILE C 930 -3.34 -16.55 17.85
CA ILE C 930 -2.65 -15.36 18.39
C ILE C 930 -3.48 -14.61 19.47
N ASP C 931 -2.92 -14.51 20.70
CA ASP C 931 -3.53 -13.82 21.83
C ASP C 931 -2.79 -12.51 22.02
N ASP C 932 -3.49 -11.39 21.87
CA ASP C 932 -2.89 -10.07 21.99
C ASP C 932 -2.48 -9.68 23.39
N ASN C 933 -3.07 -10.34 24.39
CA ASN C 933 -2.76 -10.11 25.79
C ASN C 933 -1.40 -10.67 26.23
N THR C 934 -0.78 -11.52 25.40
CA THR C 934 0.52 -12.12 25.71
C THR C 934 1.73 -11.16 25.55
N SER C 935 1.60 -10.08 24.77
CA SER C 935 2.65 -9.07 24.56
C SER C 935 2.27 -7.86 25.39
N VAL C 936 2.79 -7.79 26.60
CA VAL C 936 2.41 -6.79 27.59
C VAL C 936 3.53 -5.85 28.10
N VAL C 937 3.18 -4.63 28.54
CA VAL C 937 4.10 -3.64 29.15
C VAL C 937 3.85 -3.72 30.67
N ILE C 938 4.89 -4.11 31.43
CA ILE C 938 4.77 -4.25 32.88
C ILE C 938 5.23 -2.99 33.58
N GLY C 939 4.28 -2.22 34.13
CA GLY C 939 4.59 -0.97 34.81
C GLY C 939 3.88 -0.74 36.12
N ILE C 940 4.08 0.46 36.68
CA ILE C 940 3.44 0.87 37.95
C ILE C 940 2.40 1.96 37.70
N GLN C 941 1.20 1.78 38.27
CA GLN C 941 0.07 2.73 38.25
C GLN C 941 -0.33 2.87 39.72
N GLY C 942 0.05 3.99 40.33
CA GLY C 942 -0.18 4.23 41.76
C GLY C 942 0.89 3.51 42.55
N SER C 943 0.52 2.35 43.11
CA SER C 943 1.40 1.46 43.87
C SER C 943 1.42 0.07 43.18
N GLU C 944 0.27 -0.31 42.62
CA GLU C 944 0.00 -1.56 41.88
C GLU C 944 0.81 -1.68 40.58
N VAL C 945 1.17 -2.95 40.22
CA VAL C 945 1.88 -3.36 38.99
C VAL C 945 0.82 -3.64 37.95
N THR C 946 0.96 -3.08 36.75
CA THR C 946 -0.02 -3.27 35.67
C THR C 946 0.57 -3.93 34.44
N PHE C 947 -0.23 -4.78 33.78
CA PHE C 947 0.15 -5.52 32.57
C PHE C 947 -0.69 -4.96 31.45
N THR C 948 -0.08 -4.24 30.52
CA THR C 948 -0.86 -3.59 29.48
C THR C 948 -0.43 -4.03 28.07
N PRO C 949 -1.34 -4.52 27.22
CA PRO C 949 -0.93 -4.97 25.88
C PRO C 949 -0.50 -3.84 24.93
N VAL C 950 0.65 -4.02 24.26
CA VAL C 950 1.24 -3.06 23.29
C VAL C 950 0.30 -2.53 22.23
N LYS C 951 -0.47 -3.42 21.51
CA LYS C 951 -1.35 -3.01 20.42
C LYS C 951 -2.19 -1.77 20.76
N GLN C 952 -2.81 -1.82 21.94
CA GLN C 952 -3.64 -0.78 22.53
C GLN C 952 -2.79 0.44 22.89
N LEU C 953 -1.64 0.21 23.57
CA LEU C 953 -0.72 1.30 23.95
C LEU C 953 -0.12 2.00 22.73
N TRP C 954 0.10 1.26 21.63
CA TRP C 954 0.70 1.78 20.42
C TRP C 954 -0.17 2.75 19.63
N GLU C 955 -1.52 2.60 19.68
CA GLU C 955 -2.40 3.58 19.04
C GLU C 955 -2.48 4.86 19.91
N ASN C 956 -2.45 4.69 21.25
CA ASN C 956 -2.48 5.77 22.23
C ASN C 956 -1.23 6.69 22.20
N GLU C 957 0.00 6.14 22.09
CA GLU C 957 1.25 6.91 22.07
C GLU C 957 1.37 7.90 20.88
N THR C 958 2.22 8.97 21.07
CA THR C 958 2.51 10.04 20.08
C THR C 958 3.89 9.82 19.36
N HIS C 959 4.07 10.41 18.14
CA HIS C 959 5.31 10.34 17.34
C HIS C 959 6.44 11.16 17.99
N HIS C 960 6.12 11.89 19.09
CA HIS C 960 7.02 12.70 19.93
C HIS C 960 7.52 11.85 21.13
N LYS C 961 7.64 10.51 20.91
CA LYS C 961 8.10 9.49 21.85
C LYS C 961 7.34 9.49 23.21
N TRP C 962 6.00 9.67 23.15
CA TRP C 962 5.03 9.73 24.26
C TRP C 962 5.50 10.56 25.46
N ASN C 967 -0.99 13.59 27.07
CA ASN C 967 -1.79 12.60 27.81
C ASN C 967 -1.43 12.51 29.32
N VAL C 968 -0.12 12.49 29.64
CA VAL C 968 0.44 12.37 31.00
C VAL C 968 0.77 13.76 31.64
N HIS C 969 0.36 13.97 32.92
CA HIS C 969 0.61 15.24 33.61
C HIS C 969 1.29 15.25 34.96
N TRP C 970 2.33 16.09 35.06
CA TRP C 970 3.19 16.36 36.21
C TRP C 970 3.17 17.88 36.48
N GLU C 971 2.04 18.54 36.15
CA GLU C 971 1.83 20.00 36.26
C GLU C 971 2.19 20.58 37.61
N GLN C 972 1.74 19.92 38.71
CA GLN C 972 1.97 20.38 40.07
C GLN C 972 3.45 20.46 40.49
N LEU C 973 4.36 19.79 39.76
CA LEU C 973 5.80 19.89 40.04
C LEU C 973 6.20 21.30 39.69
N ASN C 974 5.78 21.78 38.50
CA ASN C 974 6.02 23.13 38.02
C ASN C 974 5.30 24.22 38.85
N ILE C 975 4.07 23.95 39.32
CA ILE C 975 3.31 24.91 40.14
C ILE C 975 4.00 25.15 41.48
N VAL C 976 4.36 24.07 42.20
CA VAL C 976 5.04 24.15 43.50
C VAL C 976 6.43 24.80 43.38
N SER C 977 7.21 24.39 42.36
CA SER C 977 8.54 24.97 42.14
C SER C 977 8.48 26.48 41.94
N ASP C 978 7.52 26.95 41.13
CA ASP C 978 7.31 28.36 40.85
C ASP C 978 6.82 29.13 42.06
N LEU C 979 6.08 28.46 42.95
CA LEU C 979 5.61 29.11 44.16
C LEU C 979 6.81 29.38 45.06
N LEU C 980 7.66 28.35 45.28
CA LEU C 980 8.85 28.34 46.13
C LEU C 980 10.06 29.15 45.63
N SER C 981 10.24 29.25 44.28
CA SER C 981 11.20 30.17 43.66
C SER C 981 10.43 31.51 43.62
N GLY C 982 11.06 32.57 43.18
CA GLY C 982 10.30 33.84 43.11
C GLY C 982 9.19 33.92 42.06
N ARG C 983 9.23 33.06 41.00
CA ARG C 983 8.32 33.04 39.87
C ARG C 983 6.87 33.41 40.10
N LEU C 984 6.11 32.61 40.87
CA LEU C 984 4.70 32.88 41.13
C LEU C 984 4.46 34.24 41.79
N SER C 985 5.38 34.67 42.63
CA SER C 985 5.29 35.95 43.33
C SER C 985 5.57 37.12 42.40
N ILE C 986 6.55 36.97 41.48
CA ILE C 986 6.90 38.00 40.49
C ILE C 986 5.85 38.07 39.43
N ARG C 987 5.27 36.91 39.09
CA ARG C 987 4.19 36.78 38.11
C ARG C 987 2.85 37.37 38.59
N THR C 988 2.68 37.59 39.92
CA THR C 988 1.44 38.15 40.52
C THR C 988 1.62 39.48 41.32
N THR C 989 2.88 39.94 41.50
CA THR C 989 3.32 41.11 42.28
C THR C 989 2.96 40.92 43.75
N SER D 5 78.52 63.07 4.95
CA SER D 5 79.16 63.09 6.27
C SER D 5 80.68 63.18 6.14
N LEU D 6 81.39 63.17 7.28
CA LEU D 6 82.85 63.19 7.35
C LEU D 6 83.37 62.09 8.24
N PHE D 7 82.64 61.77 9.32
CA PHE D 7 82.96 60.63 10.19
C PHE D 7 82.17 59.48 9.53
N ASN D 8 82.70 59.00 8.40
CA ASN D 8 82.09 58.00 7.53
C ASN D 8 81.93 56.59 8.10
N GLY D 9 82.82 56.19 9.01
CA GLY D 9 82.77 54.87 9.63
C GLY D 9 83.57 54.77 10.90
N THR D 10 83.81 53.53 11.38
CA THR D 10 84.57 53.24 12.60
C THR D 10 85.57 52.13 12.27
N SER D 11 86.85 52.49 12.12
CA SER D 11 87.90 51.56 11.74
C SER D 11 88.32 50.58 12.84
N PHE D 12 88.81 51.10 13.99
CA PHE D 12 89.29 50.29 15.10
C PHE D 12 89.41 51.06 16.40
N ILE D 13 89.36 50.32 17.51
CA ILE D 13 89.53 50.82 18.88
C ILE D 13 91.01 50.62 19.25
N THR D 14 91.66 51.66 19.78
CA THR D 14 93.07 51.63 20.17
C THR D 14 93.21 51.62 21.70
N LEU D 15 93.81 50.54 22.26
CA LEU D 15 94.00 50.38 23.71
C LEU D 15 95.48 50.36 24.07
N PHE D 16 95.85 51.15 25.11
CA PHE D 16 97.21 51.26 25.61
C PHE D 16 97.38 50.48 26.93
N ALA D 17 98.39 49.59 26.99
CA ALA D 17 98.71 48.70 28.12
C ALA D 17 99.90 49.16 28.96
N PRO D 18 99.98 48.80 30.28
CA PRO D 18 101.14 49.20 31.10
C PRO D 18 102.33 48.25 30.98
N ASN D 19 103.44 48.76 30.36
CA ASN D 19 104.70 48.08 30.10
C ASN D 19 104.59 46.79 29.27
N SER D 21 102.67 43.45 29.61
CA SER D 21 102.57 42.73 30.88
C SER D 21 101.23 41.98 31.01
N LEU D 23 98.23 43.61 29.16
CA LEU D 23 98.61 43.38 27.77
C LEU D 23 98.32 41.94 27.34
N GLN D 24 98.81 40.94 28.09
CA GLN D 24 98.58 39.54 27.79
C GLN D 24 97.27 39.06 28.41
N ALA D 25 96.96 39.56 29.63
CA ALA D 25 95.74 39.25 30.38
C ALA D 25 94.51 39.66 29.56
N SER D 26 94.60 40.83 28.89
CA SER D 26 93.57 41.36 28.01
C SER D 26 93.54 40.58 26.69
N ILE D 27 94.74 40.23 26.13
CA ILE D 27 94.86 39.44 24.90
C ILE D 27 94.11 38.10 25.06
N ASP D 28 94.23 37.45 26.24
CA ASP D 28 93.54 36.20 26.58
C ASP D 28 92.03 36.41 26.75
N PHE D 29 91.60 37.57 27.29
CA PHE D 29 90.20 37.92 27.53
C PHE D 29 89.40 38.13 26.24
N TYR D 30 89.81 39.09 25.40
CA TYR D 30 89.14 39.42 24.14
C TYR D 30 89.14 38.27 23.12
N THR D 31 90.07 37.29 23.25
CA THR D 31 90.14 36.12 22.35
C THR D 31 89.23 34.99 22.81
N ASN D 32 89.22 34.67 24.12
CA ASN D 32 88.40 33.60 24.69
C ASN D 32 86.94 34.02 24.87
N PHE D 33 86.72 35.26 25.37
CA PHE D 33 85.40 35.80 25.66
C PHE D 33 84.69 36.47 24.47
N LEU D 34 85.43 37.18 23.59
CA LEU D 34 84.81 37.86 22.45
C LEU D 34 84.96 37.23 21.05
N GLY D 35 85.86 36.26 20.93
CA GLY D 35 86.08 35.54 19.67
C GLY D 35 87.04 36.22 18.70
N PHE D 36 87.96 37.04 19.23
CA PHE D 36 88.98 37.74 18.44
C PHE D 36 90.17 36.81 18.18
N ALA D 37 91.13 37.26 17.36
CA ALA D 37 92.34 36.51 17.03
C ALA D 37 93.52 37.44 16.73
N ILE D 38 94.71 37.02 17.16
CA ILE D 38 95.95 37.77 16.95
C ILE D 38 96.35 37.67 15.47
N ARG D 39 96.66 38.82 14.83
CA ARG D 39 97.07 38.88 13.43
C ARG D 39 98.46 38.24 13.24
N LYS D 40 98.64 37.46 12.15
CA LYS D 40 99.86 36.72 11.80
C LYS D 40 101.09 37.60 11.64
N ASN D 41 102.25 37.15 12.20
CA ASN D 41 103.57 37.81 12.21
C ASN D 41 103.55 39.24 12.75
N SER D 42 103.48 39.38 14.10
CA SER D 42 103.42 40.66 14.81
C SER D 42 104.70 41.49 14.67
N ASN D 43 104.55 42.78 14.29
CA ASN D 43 105.65 43.74 14.10
C ASN D 43 106.44 43.99 15.39
N GLN D 44 105.74 44.10 16.54
CA GLN D 44 106.33 44.31 17.85
C GLN D 44 105.84 43.21 18.82
N LYS D 45 106.76 42.30 19.21
CA LYS D 45 106.56 41.16 20.10
C LYS D 45 105.57 40.10 19.57
N LEU D 49 97.52 43.35 16.49
CA LEU D 49 96.16 43.64 16.04
C LEU D 49 95.23 42.45 16.31
N GLN D 50 94.09 42.73 16.98
CA GLN D 50 93.07 41.73 17.29
C GLN D 50 91.84 41.91 16.39
N LEU D 51 91.74 41.05 15.35
CA LEU D 51 90.65 41.04 14.38
C LEU D 51 89.69 39.90 14.70
N GLU D 52 88.38 40.10 14.48
CA GLU D 52 87.39 39.07 14.75
C GLU D 52 87.33 37.95 13.70
N GLU D 53 86.82 38.26 12.47
CA GLU D 53 86.69 37.30 11.37
C GLU D 53 86.72 37.95 9.96
N ASP D 54 86.83 37.09 8.91
CA ASP D 54 86.87 37.48 7.49
C ASP D 54 85.54 38.08 7.03
N GLN D 55 85.58 38.90 5.95
CA GLN D 55 84.44 39.62 5.34
C GLN D 55 83.73 40.58 6.32
N ASN D 56 84.49 41.06 7.33
CA ASN D 56 84.02 41.96 8.38
C ASN D 56 84.86 43.25 8.46
N ASN D 57 84.73 44.00 9.58
CA ASN D 57 85.43 45.27 9.82
C ASN D 57 85.66 45.52 11.34
N VAL D 58 85.76 44.43 12.13
CA VAL D 58 86.00 44.52 13.57
C VAL D 58 87.48 44.42 13.88
N SER D 59 88.02 45.39 14.65
CA SER D 59 89.43 45.45 15.01
C SER D 59 89.70 46.23 16.30
N ILE D 60 90.60 45.70 17.14
CA ILE D 60 91.03 46.30 18.40
C ILE D 60 92.56 46.29 18.44
N GLN D 61 93.19 47.47 18.51
CA GLN D 61 94.64 47.60 18.54
C GLN D 61 95.16 47.68 19.98
N LEU D 62 96.14 46.82 20.32
CA LEU D 62 96.75 46.77 21.65
C LEU D 62 98.24 47.14 21.57
N ILE D 63 98.64 48.20 22.30
CA ILE D 63 100.01 48.71 22.37
C ILE D 63 100.54 48.67 23.80
N LEU D 64 101.80 48.21 23.98
CA LEU D 64 102.45 48.06 25.29
C LEU D 64 103.18 49.32 25.79
N ASP D 65 102.96 50.48 25.12
CA ASP D 65 103.57 51.77 25.46
C ASP D 65 103.05 52.29 26.81
N PRO D 66 103.95 52.74 27.74
CA PRO D 66 103.48 53.23 29.05
C PRO D 66 102.71 54.55 28.98
N GLU D 67 101.44 54.44 28.56
CA GLU D 67 100.47 55.53 28.41
C GLU D 67 99.28 55.33 29.39
N HIS D 68 99.11 54.10 29.94
CA HIS D 68 98.07 53.78 30.93
C HIS D 68 98.74 53.15 32.16
N ALA D 69 98.52 53.72 33.37
CA ALA D 69 99.15 53.25 34.63
C ALA D 69 98.44 52.06 35.29
N ALA D 70 99.23 51.17 35.93
CA ALA D 70 98.75 49.96 36.61
C ALA D 70 97.95 50.30 37.86
N SER D 71 98.35 51.38 38.57
CA SER D 71 97.69 51.87 39.80
C SER D 71 96.32 52.48 39.50
N VAL D 72 96.24 53.32 38.43
CA VAL D 72 95.02 54.01 38.00
C VAL D 72 93.95 52.99 37.53
N SER D 73 94.34 52.08 36.60
CA SER D 73 93.52 51.02 36.02
C SER D 73 92.94 50.07 37.09
N GLN D 74 93.76 49.68 38.09
CA GLN D 74 93.35 48.80 39.19
C GLN D 74 92.29 49.49 40.05
N ILE D 75 92.47 50.79 40.36
CA ILE D 75 91.54 51.61 41.15
C ILE D 75 90.23 51.81 40.40
N ASP D 76 90.28 51.99 39.07
CA ASP D 76 89.09 52.17 38.22
C ASP D 76 88.21 50.89 38.17
N GLN D 77 88.85 49.70 38.12
CA GLN D 77 88.18 48.39 38.10
C GLN D 77 87.37 48.15 39.36
N ASN D 78 87.97 48.43 40.54
CA ASN D 78 87.32 48.31 41.85
C ASN D 78 86.25 49.39 42.03
N ILE D 79 86.46 50.59 41.42
CA ILE D 79 85.56 51.75 41.48
C ILE D 79 84.23 51.43 40.81
N ARG D 80 84.30 50.65 39.71
CA ARG D 80 83.15 50.19 38.94
C ARG D 80 82.31 49.18 39.75
N ASN D 81 82.92 48.48 40.73
CA ASN D 81 82.23 47.52 41.59
C ASN D 81 81.35 48.24 42.64
N LEU D 82 80.25 48.78 42.12
CA LEU D 82 79.18 49.51 42.77
C LEU D 82 78.01 49.50 41.76
N THR D 83 76.98 48.68 42.04
CA THR D 83 75.82 48.49 41.14
C THR D 83 74.53 49.01 41.79
N ILE D 94 80.10 56.18 36.66
CA ILE D 94 79.90 56.39 35.22
C ILE D 94 81.26 56.51 34.53
N GLN D 95 81.35 55.99 33.28
CA GLN D 95 82.58 56.00 32.48
C GLN D 95 82.29 55.87 30.97
N SER D 96 83.12 56.53 30.12
CA SER D 96 83.04 56.47 28.66
C SER D 96 83.39 55.04 28.21
N ASN D 97 82.66 54.52 27.23
CA ASN D 97 82.78 53.15 26.75
C ASN D 97 82.56 52.97 25.24
N ILE D 98 82.68 51.71 24.78
CA ILE D 98 82.49 51.28 23.41
C ILE D 98 81.50 50.11 23.39
N ALA D 99 80.48 50.19 22.54
CA ALA D 99 79.47 49.14 22.39
C ALA D 99 79.63 48.35 21.09
N PHE D 100 79.33 47.05 21.14
CA PHE D 100 79.44 46.13 20.00
C PHE D 100 78.07 45.60 19.59
N LYS D 101 77.87 45.37 18.28
CA LYS D 101 76.64 44.78 17.76
C LYS D 101 76.84 43.27 17.91
N SER D 102 76.06 42.60 18.79
CA SER D 102 76.16 41.15 18.98
C SER D 102 74.82 40.50 19.21
N SER D 103 74.51 39.44 18.44
CA SER D 103 73.27 38.65 18.51
C SER D 103 73.32 37.67 19.69
N SER D 104 72.14 37.40 20.31
CA SER D 104 71.96 36.51 21.48
C SER D 104 72.96 36.80 22.62
N LEU D 105 72.73 37.94 23.30
CA LEU D 105 73.53 38.46 24.40
C LEU D 105 73.49 37.57 25.61
N SER D 106 72.35 36.86 25.80
CA SER D 106 72.09 35.90 26.89
C SER D 106 73.24 34.89 27.07
N LYS D 107 73.77 34.34 25.95
CA LYS D 107 74.87 33.37 25.89
C LYS D 107 76.20 33.97 26.36
N LEU D 108 76.49 35.23 25.99
CA LEU D 108 77.72 35.92 26.38
C LEU D 108 77.72 36.30 27.86
N VAL D 109 76.55 36.73 28.39
CA VAL D 109 76.34 37.14 29.78
C VAL D 109 76.64 35.96 30.73
N LYS D 110 76.15 34.75 30.37
CA LYS D 110 76.38 33.51 31.14
C LYS D 110 77.88 33.15 31.11
N LEU D 111 78.51 33.25 29.91
CA LEU D 111 79.93 32.97 29.68
C LEU D 111 80.86 33.90 30.47
N LEU D 112 80.46 35.17 30.67
CA LEU D 112 81.21 36.16 31.44
C LEU D 112 81.05 35.91 32.94
N LYS D 113 79.79 35.83 33.44
CA LYS D 113 79.40 35.62 34.84
C LYS D 113 80.07 34.38 35.42
N ASP D 114 80.00 33.25 34.66
CA ASP D 114 80.61 31.98 35.04
C ASP D 114 82.15 31.98 34.91
N GLY D 115 82.66 32.91 34.10
CA GLY D 115 84.10 33.11 33.88
C GLY D 115 84.71 34.07 34.89
N GLY D 116 83.89 34.53 35.86
CA GLY D 116 84.27 35.43 36.93
C GLY D 116 84.29 36.91 36.58
N HIS D 117 83.43 37.33 35.62
CA HIS D 117 83.34 38.72 35.18
C HIS D 117 81.95 39.31 35.45
N PRO D 118 81.84 40.46 36.16
CA PRO D 118 80.51 41.05 36.40
C PRO D 118 79.94 41.73 35.15
N VAL D 119 78.60 41.71 35.01
CA VAL D 119 77.89 42.28 33.87
C VAL D 119 76.68 43.14 34.28
N GLN D 120 76.32 44.15 33.45
CA GLN D 120 75.18 45.06 33.61
C GLN D 120 74.24 44.83 32.43
N GLN D 121 72.92 44.67 32.69
CA GLN D 121 71.90 44.44 31.65
C GLN D 121 70.54 45.10 31.91
N SER D 122 69.64 45.20 30.89
CA SER D 122 68.32 45.81 31.04
C SER D 122 67.25 44.94 31.80
N PRO D 123 66.50 43.96 31.20
CA PRO D 123 65.54 43.17 32.01
C PRO D 123 66.05 41.76 32.38
N ASN D 124 67.38 41.48 32.18
CA ASN D 124 68.05 40.17 32.36
C ASN D 124 67.46 39.11 31.37
N GLU D 125 66.75 39.61 30.34
CA GLU D 125 66.07 38.87 29.27
C GLU D 125 66.76 38.77 27.86
N ILE D 126 67.62 39.73 27.35
CA ILE D 126 68.16 41.02 27.86
C ILE D 126 68.48 41.98 26.68
N SER D 127 68.62 43.31 26.94
CA SER D 127 68.93 44.30 25.88
C SER D 127 70.45 44.66 25.78
N PRO D 128 71.08 45.63 26.51
CA PRO D 128 72.54 45.83 26.37
C PRO D 128 73.36 45.15 27.50
N PHE D 129 74.44 44.43 27.15
CA PHE D 129 75.34 43.78 28.11
C PHE D 129 76.65 44.57 28.27
N GLU D 130 77.12 44.80 29.52
CA GLU D 130 78.33 45.60 29.77
C GLU D 130 79.29 44.99 30.82
N VAL D 131 80.51 44.57 30.41
CA VAL D 131 81.55 44.01 31.30
C VAL D 131 82.85 44.87 31.28
N TYR D 132 83.90 44.45 32.05
CA TYR D 132 85.20 45.16 32.14
C TYR D 132 86.43 44.22 32.12
N THR D 133 87.52 44.68 31.42
CA THR D 133 88.82 44.00 31.28
C THR D 133 89.90 44.87 31.97
N VAL D 134 91.17 44.80 31.52
CA VAL D 134 92.21 45.73 32.00
C VAL D 134 91.87 47.10 31.37
N ASP D 135 91.10 47.01 30.23
CA ASP D 135 90.45 48.05 29.42
C ASP D 135 88.95 47.98 29.82
N PRO D 136 88.53 48.75 30.85
CA PRO D 136 87.15 48.63 31.35
C PRO D 136 86.06 49.20 30.47
N LEU D 137 84.80 48.83 30.78
CA LEU D 137 83.55 49.21 30.11
C LEU D 137 83.55 48.83 28.62
N GLY D 138 83.37 47.54 28.38
CA GLY D 138 83.26 46.94 27.07
C GLY D 138 81.81 46.55 26.90
N SER D 139 81.01 47.46 26.33
CA SER D 139 79.57 47.29 26.13
C SER D 139 79.22 46.45 24.91
N LEU D 140 77.99 45.89 24.90
CA LEU D 140 77.46 45.06 23.81
C LEU D 140 75.92 45.28 23.64
N ILE D 141 75.46 45.81 22.47
CA ILE D 141 74.03 46.07 22.17
C ILE D 141 73.50 45.06 21.17
N GLY D 142 72.26 44.64 21.34
CA GLY D 142 71.66 43.62 20.49
C GLY D 142 70.93 44.02 19.22
N PHE D 143 71.19 45.25 18.66
CA PHE D 143 70.58 45.79 17.44
C PHE D 143 71.60 46.04 16.30
N GLY D 145 70.58 50.22 15.95
CA GLY D 145 70.80 51.63 16.28
C GLY D 145 69.99 52.21 17.42
N PHE D 146 68.61 52.06 17.31
CA PHE D 146 67.56 52.50 18.26
C PHE D 146 66.52 51.39 18.64
N LYS D 147 65.72 51.63 19.74
CA LYS D 147 64.71 50.74 20.37
C LYS D 147 63.81 50.03 19.38
N ASN D 148 63.71 48.66 19.47
CA ASN D 148 62.97 47.75 18.53
C ASN D 148 63.26 46.26 18.94
N PRO D 149 62.46 45.19 18.59
CA PRO D 149 62.93 43.82 18.90
C PRO D 149 64.28 43.56 18.20
N PHE D 150 65.30 43.13 18.98
CA PHE D 150 66.71 42.86 18.66
C PHE D 150 67.08 42.13 17.34
N ALA D 151 68.40 42.02 17.06
CA ALA D 151 68.99 41.33 15.91
C ALA D 151 68.83 39.82 16.14
N VAL D 152 68.32 39.07 15.13
CA VAL D 152 68.08 37.63 15.20
C VAL D 152 69.33 36.81 15.54
N ASN D 153 69.17 35.79 16.42
CA ASN D 153 70.24 34.88 16.88
C ASN D 153 70.79 34.00 15.75
N GLU D 154 72.09 34.21 15.41
CA GLU D 154 72.84 33.54 14.33
C GLU D 154 72.94 32.01 14.45
N ARG D 155 72.83 31.30 13.28
CA ARG D 155 72.92 29.83 13.14
C ARG D 155 72.03 29.04 14.09
N VAL D 180 66.27 -7.84 32.57
CA VAL D 180 66.27 -7.49 31.15
C VAL D 180 65.18 -8.30 30.38
N ARG D 181 65.25 -9.65 30.46
CA ARG D 181 64.31 -10.53 29.75
C ARG D 181 63.39 -11.40 30.65
N LYS D 182 63.80 -11.57 31.93
CA LYS D 182 63.17 -12.34 33.01
C LYS D 182 61.64 -12.29 33.23
N THR D 183 61.01 -13.45 33.48
CA THR D 183 59.58 -13.62 33.76
C THR D 183 59.23 -13.20 35.21
N ILE D 184 58.28 -12.27 35.34
CA ILE D 184 57.84 -11.68 36.62
C ILE D 184 56.67 -12.45 37.22
N GLY D 185 56.59 -12.43 38.55
CA GLY D 185 55.51 -13.01 39.34
C GLY D 185 54.97 -12.00 40.33
N VAL D 186 53.66 -11.64 40.23
CA VAL D 186 52.98 -10.71 41.14
C VAL D 186 52.09 -11.43 42.11
N MET D 187 52.05 -10.92 43.35
CA MET D 187 51.18 -11.41 44.39
C MET D 187 50.74 -10.28 45.32
N THR D 188 49.59 -10.47 45.98
CA THR D 188 49.08 -9.54 46.97
C THR D 188 48.96 -10.30 48.29
N SER D 189 49.28 -9.63 49.39
CA SER D 189 49.19 -10.24 50.71
C SER D 189 48.48 -9.31 51.69
N GLY D 190 47.99 -9.90 52.79
CA GLY D 190 47.29 -9.15 53.83
C GLY D 190 45.87 -8.75 53.46
N GLY D 191 45.26 -7.93 54.32
CA GLY D 191 43.88 -7.48 54.15
C GLY D 191 43.72 -6.60 52.95
N ASP D 192 42.48 -6.61 52.39
CA ASP D 192 42.06 -5.83 51.22
C ASP D 192 42.45 -4.37 51.41
N SER D 193 43.11 -3.78 50.42
CA SER D 193 43.57 -2.41 50.48
C SER D 193 43.21 -1.74 49.14
N PRO D 194 42.36 -0.68 49.07
CA PRO D 194 42.05 -0.09 47.76
C PRO D 194 43.32 0.37 47.02
N GLY D 195 43.44 -0.02 45.75
CA GLY D 195 44.62 0.32 44.97
C GLY D 195 45.47 -0.88 44.59
N MET D 196 45.12 -2.06 45.13
CA MET D 196 45.84 -3.30 44.85
C MET D 196 45.65 -3.71 43.37
N ASN D 197 44.40 -3.57 42.81
CA ASN D 197 44.09 -3.85 41.39
C ASN D 197 44.85 -2.89 40.47
N PRO D 198 44.75 -1.53 40.66
CA PRO D 198 45.59 -0.60 39.88
C PRO D 198 47.09 -0.95 39.87
N PHE D 199 47.63 -1.39 41.02
CA PHE D 199 49.01 -1.83 41.12
C PHE D 199 49.23 -3.04 40.22
N VAL D 200 48.44 -4.12 40.37
CA VAL D 200 48.60 -5.33 39.58
C VAL D 200 48.45 -5.03 38.08
N ARG D 201 47.45 -4.25 37.70
CA ARG D 201 47.26 -3.79 36.32
C ARG D 201 48.58 -3.22 35.75
N ALA D 202 49.22 -2.33 36.53
CA ALA D 202 50.50 -1.66 36.22
C ALA D 202 51.61 -2.66 36.04
N VAL D 203 51.78 -3.60 36.99
CA VAL D 203 52.81 -4.62 36.91
C VAL D 203 52.64 -5.51 35.66
N VAL D 204 51.37 -5.94 35.38
CA VAL D 204 51.07 -6.80 34.24
C VAL D 204 51.43 -6.09 32.92
N ARG D 205 50.98 -4.85 32.74
CA ARG D 205 51.26 -4.08 31.54
C ARG D 205 52.70 -3.65 31.37
N ALA D 206 53.32 -3.07 32.45
CA ALA D 206 54.72 -2.62 32.46
C ALA D 206 55.65 -3.74 32.06
N GLY D 207 55.49 -4.92 32.70
CA GLY D 207 56.28 -6.13 32.47
C GLY D 207 56.13 -6.64 31.06
N ILE D 208 54.87 -6.59 30.53
CA ILE D 208 54.53 -7.00 29.16
C ILE D 208 55.25 -6.10 28.14
N TYR D 209 55.14 -4.76 28.34
CA TYR D 209 55.77 -3.71 27.55
C TYR D 209 57.30 -3.88 27.53
N LYS D 210 57.89 -4.20 28.71
CA LYS D 210 59.32 -4.43 28.85
C LYS D 210 59.74 -5.80 28.30
N GLY D 211 58.79 -6.48 27.69
CA GLY D 211 59.02 -7.75 27.01
C GLY D 211 59.20 -8.97 27.88
N CYS D 212 58.44 -9.08 28.98
CA CYS D 212 58.53 -10.27 29.82
C CYS D 212 57.21 -10.83 30.33
N LYS D 213 57.13 -12.19 30.44
CA LYS D 213 55.95 -12.94 30.88
C LYS D 213 55.57 -12.55 32.30
N VAL D 214 54.30 -12.16 32.49
CA VAL D 214 53.81 -11.83 33.82
C VAL D 214 52.87 -12.95 34.30
N PHE D 215 53.13 -13.46 35.50
CA PHE D 215 52.30 -14.48 36.17
C PHE D 215 51.66 -13.86 37.41
N CYS D 216 50.35 -14.06 37.59
CA CYS D 216 49.65 -13.56 38.76
C CYS D 216 49.50 -14.69 39.75
N ILE D 217 50.16 -14.58 40.91
CA ILE D 217 50.12 -15.59 41.98
C ILE D 217 48.87 -15.37 42.81
N HIS D 218 47.84 -16.16 42.51
CA HIS D 218 46.54 -16.15 43.18
C HIS D 218 46.65 -16.68 44.59
N GLU D 219 45.95 -16.02 45.51
CA GLU D 219 45.92 -16.34 46.94
C GLU D 219 47.29 -16.16 47.65
N GLY D 220 48.03 -15.13 47.23
CA GLY D 220 49.34 -14.76 47.79
C GLY D 220 50.30 -15.88 48.09
N TYR D 221 50.79 -15.93 49.34
CA TYR D 221 51.73 -16.97 49.79
C TYR D 221 51.20 -18.38 49.67
N GLU D 222 49.89 -18.59 49.93
CA GLU D 222 49.22 -19.88 49.79
C GLU D 222 49.39 -20.39 48.37
N GLY D 223 49.16 -19.52 47.41
CA GLY D 223 49.29 -19.83 46.00
C GLY D 223 50.72 -20.11 45.60
N LEU D 224 51.66 -19.37 46.22
CA LEU D 224 53.10 -19.50 46.00
C LEU D 224 53.62 -20.86 46.55
N VAL D 225 53.15 -21.26 47.76
CA VAL D 225 53.53 -22.52 48.42
C VAL D 225 52.87 -23.73 47.71
N ARG D 226 51.58 -23.64 47.38
CA ARG D 226 50.86 -24.73 46.70
C ARG D 226 51.32 -24.88 45.26
N GLY D 227 51.59 -23.75 44.61
CA GLY D 227 52.04 -23.69 43.22
C GLY D 227 51.05 -24.23 42.21
N GLY D 228 51.55 -24.47 41.01
CA GLY D 228 50.76 -25.02 39.93
C GLY D 228 50.03 -24.00 39.10
N GLU D 229 49.40 -24.50 38.00
CA GLU D 229 48.61 -23.68 37.08
C GLU D 229 47.38 -23.18 37.80
N LYS D 230 46.94 -23.92 38.84
CA LYS D 230 45.79 -23.60 39.69
C LYS D 230 45.93 -22.22 40.34
N TYR D 231 47.14 -21.86 40.80
CA TYR D 231 47.42 -20.60 41.48
C TYR D 231 48.36 -19.67 40.71
N ILE D 232 49.23 -20.22 39.86
CA ILE D 232 50.16 -19.36 39.12
C ILE D 232 49.77 -19.28 37.64
N LYS D 233 48.91 -18.30 37.31
CA LYS D 233 48.41 -18.13 35.94
C LYS D 233 49.09 -17.03 35.14
N GLU D 234 49.40 -17.31 33.86
CA GLU D 234 50.00 -16.32 32.98
C GLU D 234 48.93 -15.28 32.65
N THR D 235 49.25 -13.99 32.84
CA THR D 235 48.32 -12.87 32.64
C THR D 235 48.70 -12.07 31.41
N GLN D 236 47.67 -11.70 30.61
CA GLN D 236 47.75 -10.93 29.38
C GLN D 236 47.40 -9.50 29.64
N TRP D 237 47.73 -8.58 28.69
CA TRP D 237 47.49 -7.14 28.76
C TRP D 237 46.00 -6.78 28.93
N HIS D 238 45.10 -7.48 28.22
CA HIS D 238 43.66 -7.27 28.22
C HIS D 238 42.95 -7.93 29.42
N ASP D 239 43.68 -8.75 30.19
CA ASP D 239 43.16 -9.45 31.35
C ASP D 239 43.03 -8.55 32.57
N VAL D 240 43.71 -7.41 32.55
CA VAL D 240 43.70 -6.48 33.68
C VAL D 240 42.89 -5.23 33.32
N ARG D 241 41.96 -5.39 32.33
CA ARG D 241 41.07 -4.34 31.82
C ARG D 241 40.10 -3.80 32.86
N GLY D 242 40.11 -2.47 33.00
CA GLY D 242 39.27 -1.71 33.90
C GLY D 242 39.44 -2.05 35.36
N TRP D 243 40.61 -2.55 35.73
CA TRP D 243 40.93 -2.90 37.11
C TRP D 243 41.12 -1.67 37.96
N LEU D 244 41.33 -0.47 37.35
CA LEU D 244 41.47 0.78 38.10
C LEU D 244 40.27 0.98 39.03
N VAL D 245 39.06 0.77 38.48
CA VAL D 245 37.82 0.94 39.19
C VAL D 245 37.61 -0.16 40.24
N GLU D 246 37.92 -1.43 39.91
CA GLU D 246 37.77 -2.59 40.81
C GLU D 246 38.39 -2.41 42.19
N GLY D 247 37.61 -2.80 43.21
CA GLY D 247 37.99 -2.77 44.63
C GLY D 247 38.60 -4.10 45.08
N GLY D 248 39.40 -4.03 46.16
CA GLY D 248 40.08 -5.18 46.77
C GLY D 248 41.18 -5.75 45.90
N THR D 249 41.29 -7.12 45.83
CA THR D 249 42.25 -7.79 44.95
C THR D 249 41.66 -8.90 44.10
N ASN D 250 41.67 -8.70 42.77
CA ASN D 250 41.17 -9.69 41.83
C ASN D 250 42.00 -10.98 41.87
N ILE D 251 43.32 -10.88 42.16
CA ILE D 251 44.24 -12.02 42.34
C ILE D 251 43.84 -12.80 43.63
N GLY D 252 43.65 -12.05 44.73
CA GLY D 252 43.31 -12.60 46.02
C GLY D 252 44.50 -12.70 46.95
N THR D 253 44.22 -12.69 48.26
CA THR D 253 45.19 -12.82 49.35
C THR D 253 44.77 -13.97 50.22
N ALA D 254 45.75 -14.62 50.86
CA ALA D 254 45.55 -15.74 51.76
C ALA D 254 46.69 -15.80 52.76
N ARG D 255 46.35 -16.06 54.03
CA ARG D 255 47.34 -16.19 55.09
C ARG D 255 47.89 -17.63 55.04
N CYS D 256 49.17 -17.76 54.66
CA CYS D 256 49.80 -19.06 54.54
C CYS D 256 50.60 -19.40 55.78
N LYS D 257 50.07 -20.37 56.52
CA LYS D 257 50.62 -20.92 57.74
C LYS D 257 51.97 -21.62 57.47
N GLU D 258 52.07 -22.36 56.36
CA GLU D 258 53.25 -23.12 55.94
C GLU D 258 54.45 -22.25 55.63
N PHE D 259 54.23 -21.09 54.97
CA PHE D 259 55.28 -20.14 54.60
C PHE D 259 55.95 -19.50 55.84
N ARG D 260 55.28 -19.57 57.03
CA ARG D 260 55.78 -19.04 58.30
C ARG D 260 56.96 -19.92 58.79
N GLU D 261 57.02 -21.18 58.30
CA GLU D 261 58.04 -22.18 58.58
C GLU D 261 58.92 -22.39 57.33
N ARG D 262 60.11 -23.00 57.52
CA ARG D 262 61.04 -23.33 56.45
C ARG D 262 60.44 -24.42 55.54
N SER D 263 59.43 -25.15 56.05
CA SER D 263 58.70 -26.23 55.36
C SER D 263 58.05 -25.70 54.08
N GLY D 264 57.32 -24.58 54.22
CA GLY D 264 56.62 -23.90 53.14
C GLY D 264 57.52 -23.03 52.29
N ARG D 265 58.43 -22.27 52.95
CA ARG D 265 59.39 -21.38 52.28
C ARG D 265 60.19 -22.10 51.19
N LEU D 266 60.47 -23.40 51.41
CA LEU D 266 61.19 -24.26 50.48
C LEU D 266 60.28 -24.67 49.32
N LYS D 267 59.03 -25.08 49.64
CA LYS D 267 58.02 -25.52 48.67
C LYS D 267 57.73 -24.39 47.67
N ALA D 268 57.63 -23.13 48.18
CA ALA D 268 57.41 -21.90 47.42
C ALA D 268 58.55 -21.63 46.47
N CYS D 269 59.79 -21.80 46.96
CA CYS D 269 61.03 -21.63 46.21
C CYS D 269 61.05 -22.58 45.01
N LYS D 270 60.66 -23.87 45.22
CA LYS D 270 60.60 -24.92 44.18
C LYS D 270 59.64 -24.49 43.08
N ASN D 271 58.41 -24.10 43.49
CA ASN D 271 57.33 -23.67 42.61
C ASN D 271 57.71 -22.54 41.67
N MET D 272 58.57 -21.61 42.14
CA MET D 272 59.06 -20.48 41.34
C MET D 272 60.02 -20.96 40.25
N ILE D 273 60.93 -21.89 40.61
CA ILE D 273 61.92 -22.47 39.71
C ILE D 273 61.24 -23.40 38.67
N ASP D 274 60.15 -24.06 39.08
CA ASP D 274 59.36 -24.94 38.22
C ASP D 274 58.54 -24.12 37.21
N MET D 275 57.97 -23.00 37.67
CA MET D 275 57.19 -22.07 36.85
C MET D 275 58.10 -21.19 35.98
N GLY D 276 59.39 -21.23 36.27
CA GLY D 276 60.40 -20.44 35.57
C GLY D 276 60.40 -18.97 35.95
N ILE D 277 59.72 -18.62 37.07
CA ILE D 277 59.64 -17.25 37.59
C ILE D 277 60.99 -16.78 38.08
N ASP D 278 61.55 -15.78 37.39
CA ASP D 278 62.88 -15.25 37.69
C ASP D 278 62.84 -14.08 38.68
N ALA D 279 61.64 -13.51 38.94
CA ALA D 279 61.48 -12.36 39.82
C ALA D 279 60.12 -12.31 40.51
N LEU D 280 60.09 -11.90 41.80
CA LEU D 280 58.86 -11.80 42.59
C LEU D 280 58.53 -10.37 43.01
N ILE D 281 57.27 -9.99 42.87
CA ILE D 281 56.79 -8.68 43.27
C ILE D 281 55.68 -8.89 44.30
N VAL D 282 55.94 -8.47 45.53
CA VAL D 282 54.96 -8.59 46.62
C VAL D 282 54.35 -7.24 46.88
N CYS D 283 53.01 -7.19 46.93
CA CYS D 283 52.24 -6.00 47.25
C CYS D 283 51.38 -6.35 48.47
N GLY D 284 51.82 -5.91 49.64
CA GLY D 284 51.13 -6.22 50.88
C GLY D 284 51.60 -5.38 52.03
N GLY D 285 51.26 -5.82 53.23
CA GLY D 285 51.56 -5.16 54.50
C GLY D 285 52.92 -5.44 55.10
N ASP D 286 53.07 -5.07 56.38
CA ASP D 286 54.28 -5.18 57.21
C ASP D 286 54.87 -6.60 57.24
N GLY D 287 54.21 -7.52 57.93
CA GLY D 287 54.62 -8.91 58.05
C GLY D 287 54.69 -9.60 56.71
N SER D 288 53.74 -9.25 55.84
CA SER D 288 53.59 -9.70 54.45
C SER D 288 54.93 -9.47 53.70
N LEU D 289 55.57 -8.28 53.94
CA LEU D 289 56.88 -7.90 53.38
C LEU D 289 58.06 -8.39 54.24
N THR D 290 57.89 -8.53 55.59
CA THR D 290 58.94 -9.05 56.49
C THR D 290 59.20 -10.53 56.13
N GLY D 291 58.11 -11.27 55.85
CA GLY D 291 58.11 -12.66 55.42
C GLY D 291 58.76 -12.86 54.07
N ALA D 292 58.64 -11.84 53.19
CA ALA D 292 59.25 -11.80 51.87
C ALA D 292 60.74 -11.52 52.04
N ASP D 293 61.08 -10.67 53.04
CA ASP D 293 62.44 -10.29 53.37
C ASP D 293 63.22 -11.49 53.96
N ARG D 294 62.56 -12.28 54.84
CA ARG D 294 63.10 -13.50 55.44
C ARG D 294 63.34 -14.53 54.34
N PHE D 295 62.40 -14.62 53.37
CA PHE D 295 62.45 -15.51 52.21
C PHE D 295 63.63 -15.13 51.31
N ARG D 296 63.98 -13.84 51.30
CA ARG D 296 65.10 -13.29 50.53
C ARG D 296 66.44 -13.77 51.10
N SER D 297 66.63 -13.63 52.44
CA SER D 297 67.85 -14.08 53.13
C SER D 297 67.97 -15.59 53.12
N GLU D 298 66.83 -16.31 53.26
CA GLU D 298 66.78 -17.77 53.26
C GLU D 298 66.81 -18.36 51.83
N TRP D 299 66.80 -17.49 50.77
CA TRP D 299 66.83 -17.94 49.36
C TRP D 299 67.94 -18.97 49.08
N PRO D 300 69.20 -18.81 49.56
CA PRO D 300 70.21 -19.87 49.36
C PRO D 300 69.81 -21.21 50.04
N SER D 301 68.88 -21.90 49.36
CA SER D 301 68.31 -23.21 49.63
C SER D 301 68.53 -23.97 48.32
N LEU D 302 69.80 -24.38 48.16
CA LEU D 302 70.36 -25.12 47.03
C LEU D 302 69.80 -26.54 46.98
N ILE D 303 69.44 -27.07 48.17
CA ILE D 303 68.90 -28.40 48.45
C ILE D 303 68.94 -29.43 47.30
N GLU D 304 69.95 -30.34 47.39
CA GLU D 304 70.19 -31.45 46.49
C GLU D 304 69.24 -32.57 46.94
N GLU D 305 68.25 -32.90 46.09
CA GLU D 305 67.20 -33.90 46.33
C GLU D 305 66.41 -34.17 45.05
N GLN D 314 72.62 -29.62 37.18
CA GLN D 314 72.54 -28.42 38.01
C GLN D 314 71.83 -27.25 37.32
N GLN D 315 71.55 -27.38 35.99
CA GLN D 315 70.91 -26.41 35.08
C GLN D 315 70.01 -25.35 35.71
N GLN D 316 69.07 -25.77 36.57
CA GLN D 316 68.11 -24.91 37.25
C GLN D 316 68.76 -24.08 38.36
N PHE D 317 69.63 -24.72 39.19
CA PHE D 317 70.36 -24.07 40.29
C PHE D 317 71.34 -23.01 39.78
N ASN D 318 71.84 -23.19 38.55
CA ASN D 318 72.75 -22.25 37.91
C ASN D 318 71.94 -21.00 37.48
N THR D 319 70.86 -21.19 36.67
CA THR D 319 69.98 -20.10 36.20
C THR D 319 69.25 -19.39 37.34
N HIS D 320 68.41 -20.13 38.09
CA HIS D 320 67.61 -19.57 39.19
C HIS D 320 68.39 -19.49 40.52
N GLN D 321 69.64 -18.98 40.47
CA GLN D 321 70.53 -18.86 41.63
C GLN D 321 70.23 -17.72 42.59
N ASN D 322 69.72 -16.57 42.06
CA ASN D 322 69.39 -15.37 42.85
C ASN D 322 67.93 -14.99 42.81
N LEU D 323 67.41 -14.47 43.95
CA LEU D 323 66.03 -14.04 44.06
C LEU D 323 65.86 -12.55 43.78
N ASN D 324 65.21 -12.23 42.65
CA ASN D 324 64.91 -10.84 42.31
C ASN D 324 63.60 -10.61 43.01
N ILE D 325 63.62 -9.77 44.04
CA ILE D 325 62.41 -9.48 44.80
C ILE D 325 62.21 -7.97 44.96
N CYS D 326 60.95 -7.53 44.89
CA CYS D 326 60.58 -6.15 45.06
C CYS D 326 59.31 -6.09 45.86
N GLY D 327 59.26 -5.10 46.76
CA GLY D 327 58.11 -4.86 47.63
C GLY D 327 57.42 -3.54 47.38
N ALA D 328 56.14 -3.50 47.66
CA ALA D 328 55.28 -2.32 47.59
C ALA D 328 54.29 -2.46 48.73
N VAL D 329 54.06 -1.36 49.44
CA VAL D 329 53.18 -1.48 50.57
C VAL D 329 51.71 -1.34 50.21
N GLY D 330 51.00 -2.46 50.37
CA GLY D 330 49.56 -2.54 50.17
C GLY D 330 48.87 -2.63 51.51
N SER D 331 48.76 -1.45 52.19
CA SER D 331 48.10 -1.32 53.49
C SER D 331 47.34 -0.01 53.69
N ILE D 332 46.23 -0.10 54.45
CA ILE D 332 45.34 1.01 54.81
C ILE D 332 45.92 1.72 56.03
N ASP D 333 46.69 0.97 56.85
CA ASP D 333 47.31 1.31 58.12
C ASP D 333 48.27 2.50 58.06
N ASN D 334 49.13 2.53 57.02
CA ASN D 334 50.25 3.44 56.80
C ASN D 334 51.32 3.28 57.90
N ASP D 335 51.49 2.01 58.33
CA ASP D 335 52.41 1.60 59.39
C ASP D 335 53.87 1.44 58.94
N MET D 336 54.11 1.11 57.65
CA MET D 336 55.46 0.94 57.11
C MET D 336 56.24 2.22 57.15
N SER D 337 57.45 2.11 57.70
CA SER D 337 58.32 3.23 58.03
C SER D 337 59.07 3.96 56.95
N SER D 338 59.53 3.28 55.89
CA SER D 338 60.29 4.02 54.90
C SER D 338 59.51 4.76 53.79
N THR D 339 58.17 4.64 53.79
CA THR D 339 57.26 5.35 52.87
C THR D 339 56.37 6.37 53.59
N ASP D 340 56.00 7.45 52.89
CA ASP D 340 55.14 8.48 53.48
C ASP D 340 53.68 8.05 53.46
N ALA D 341 53.26 7.36 52.38
CA ALA D 341 51.91 6.83 52.22
C ALA D 341 51.97 5.42 51.64
N THR D 342 51.22 4.49 52.24
CA THR D 342 51.11 3.11 51.76
C THR D 342 49.89 3.05 50.83
N ILE D 343 49.83 2.04 49.93
CA ILE D 343 48.72 1.94 48.98
C ILE D 343 47.46 1.47 49.72
N GLY D 344 46.43 2.32 49.68
CA GLY D 344 45.14 2.12 50.32
C GLY D 344 44.86 3.05 51.49
N ALA D 345 45.94 3.65 52.08
CA ALA D 345 45.89 4.56 53.22
C ALA D 345 44.95 5.77 53.01
N PHE D 346 45.09 6.52 51.89
CA PHE D 346 44.23 7.67 51.64
C PHE D 346 42.77 7.33 51.29
N SER D 347 42.52 6.15 50.64
CA SER D 347 41.15 5.67 50.35
C SER D 347 40.46 5.30 51.67
N SER D 348 41.20 4.61 52.57
CA SER D 348 40.69 4.24 53.89
C SER D 348 40.36 5.50 54.66
N LEU D 349 41.31 6.49 54.68
CA LEU D 349 41.16 7.79 55.33
C LEU D 349 39.90 8.49 54.80
N ASP D 350 39.65 8.34 53.49
CA ASP D 350 38.50 8.90 52.79
C ASP D 350 37.19 8.31 53.27
N ARG D 351 37.15 6.96 53.49
CA ARG D 351 35.93 6.26 53.94
C ARG D 351 35.51 6.81 55.30
N ILE D 352 36.51 6.96 56.22
CA ILE D 352 36.39 7.45 57.61
C ILE D 352 35.81 8.86 57.59
N CYS D 353 36.43 9.74 56.79
CA CYS D 353 36.01 11.13 56.71
C CYS D 353 34.65 11.28 56.12
N ARG D 354 34.29 10.36 55.19
CA ARG D 354 32.95 10.35 54.56
C ARG D 354 31.90 10.12 55.65
N ALA D 355 32.20 9.22 56.62
CA ALA D 355 31.29 8.93 57.72
C ALA D 355 31.22 10.11 58.65
N ILE D 356 32.38 10.64 59.10
CA ILE D 356 32.42 11.80 60.00
C ILE D 356 31.67 13.01 59.41
N ASP D 357 31.86 13.27 58.09
CA ASP D 357 31.18 14.34 57.40
C ASP D 357 29.66 14.18 57.53
N TYR D 358 29.13 12.95 57.28
CA TYR D 358 27.71 12.65 57.44
C TYR D 358 27.26 12.87 58.89
N ILE D 359 28.11 12.51 59.88
CA ILE D 359 27.78 12.70 61.29
C ILE D 359 27.64 14.19 61.59
N ASP D 360 28.63 15.03 61.15
CA ASP D 360 28.64 16.49 61.35
C ASP D 360 27.44 17.19 60.67
N ALA D 361 26.91 16.59 59.58
CA ALA D 361 25.80 17.13 58.76
C ALA D 361 24.42 16.99 59.41
N THR D 362 24.24 17.52 60.65
CA THR D 362 23.01 17.45 61.47
C THR D 362 22.99 18.60 62.52
N ALA D 363 22.02 18.58 63.47
CA ALA D 363 21.83 19.58 64.52
C ALA D 363 22.90 19.48 65.62
N SER D 365 22.50 20.02 68.67
CA SER D 365 21.71 19.38 69.71
C SER D 365 22.58 19.06 70.96
N HIS D 366 22.13 19.47 72.17
CA HIS D 366 22.87 19.22 73.41
C HIS D 366 22.79 17.77 73.84
N SER D 367 23.74 17.36 74.71
CA SER D 367 23.92 16.04 75.32
C SER D 367 24.15 14.95 74.28
N ARG D 368 24.90 15.27 73.20
CA ARG D 368 25.21 14.33 72.14
C ARG D 368 26.69 14.18 71.94
N ALA D 369 27.15 12.96 71.88
CA ALA D 369 28.54 12.61 71.61
C ALA D 369 28.54 11.53 70.55
N PHE D 370 29.55 11.51 69.67
CA PHE D 370 29.62 10.49 68.65
C PHE D 370 30.97 9.82 68.57
N ILE D 371 30.99 8.47 68.56
CA ILE D 371 32.23 7.67 68.51
C ILE D 371 32.42 7.06 67.15
N VAL D 372 33.58 7.33 66.53
CA VAL D 372 33.93 6.75 65.25
C VAL D 372 35.02 5.73 65.48
N GLU D 373 34.64 4.44 65.44
CA GLU D 373 35.53 3.30 65.62
C GLU D 373 36.24 3.06 64.29
N VAL D 374 37.54 3.30 64.30
CA VAL D 374 38.42 3.22 63.15
C VAL D 374 39.32 1.98 63.13
N MET D 375 39.35 1.33 61.96
CA MET D 375 40.14 0.16 61.62
C MET D 375 41.58 0.65 61.38
N GLY D 376 42.57 -0.10 61.89
CA GLY D 376 43.98 0.25 61.80
C GLY D 376 44.67 -0.16 63.08
N ARG D 377 45.12 -1.42 63.10
CA ARG D 377 45.69 -2.08 64.27
C ARG D 377 47.00 -1.60 64.86
N HIS D 378 47.98 -1.23 64.02
CA HIS D 378 49.32 -0.86 64.50
C HIS D 378 49.63 0.62 64.58
N CYS D 379 49.18 1.39 63.61
CA CYS D 379 49.46 2.81 63.49
C CYS D 379 48.27 3.66 63.94
N GLY D 380 48.53 4.95 64.17
CA GLY D 380 47.50 5.94 64.53
C GLY D 380 47.35 7.02 63.47
N TRP D 381 47.96 6.80 62.30
CA TRP D 381 47.93 7.71 61.16
C TRP D 381 46.47 7.99 60.72
N LEU D 382 45.66 6.93 60.53
CA LEU D 382 44.27 7.11 60.13
C LEU D 382 43.47 7.94 61.15
N GLY D 383 43.63 7.59 62.44
CA GLY D 383 42.99 8.30 63.53
C GLY D 383 43.37 9.76 63.58
N LEU D 384 44.70 10.03 63.52
CA LEU D 384 45.30 11.37 63.54
C LEU D 384 44.84 12.23 62.33
N LEU D 385 44.95 11.69 61.11
CA LEU D 385 44.54 12.41 59.93
C LEU D 385 43.03 12.65 59.81
N ALA D 386 42.19 11.66 60.20
CA ALA D 386 40.73 11.81 60.24
C ALA D 386 40.40 12.92 61.28
N GLY D 387 41.04 12.84 62.44
CA GLY D 387 40.90 13.81 63.52
C GLY D 387 41.23 15.21 63.07
N LEU D 388 42.30 15.35 62.28
CA LEU D 388 42.75 16.62 61.72
C LEU D 388 41.77 17.12 60.67
N ALA D 389 41.45 16.30 59.64
CA ALA D 389 40.54 16.60 58.51
C ALA D 389 39.11 16.94 58.96
N THR D 390 38.64 16.29 60.04
CA THR D 390 37.29 16.52 60.54
C THR D 390 37.24 17.30 61.86
N SER D 391 38.37 17.91 62.30
CA SER D 391 38.49 18.63 63.57
C SER D 391 37.75 17.92 64.74
N ALA D 392 38.19 16.66 65.03
CA ALA D 392 37.62 15.84 66.10
C ALA D 392 38.11 16.39 67.41
N ASP D 393 37.29 16.26 68.46
CA ASP D 393 37.57 16.76 69.81
C ASP D 393 38.70 16.01 70.49
N TYR D 394 38.62 14.66 70.47
CA TYR D 394 39.58 13.77 71.10
C TYR D 394 39.79 12.54 70.26
N ILE D 395 41.06 12.15 70.07
CA ILE D 395 41.47 10.95 69.33
C ILE D 395 42.21 9.98 70.28
N LEU D 396 41.90 8.67 70.18
CA LEU D 396 42.56 7.63 70.96
C LEU D 396 43.39 6.80 70.02
N ILE D 397 44.69 7.19 69.86
CA ILE D 397 45.66 6.51 68.99
C ILE D 397 46.83 5.92 69.82
N PRO D 398 47.42 4.76 69.39
CA PRO D 398 48.50 4.13 70.17
C PRO D 398 49.78 4.93 70.44
N GLU D 399 50.16 5.84 69.52
CA GLU D 399 51.39 6.62 69.67
C GLU D 399 51.24 7.70 70.72
N LYS D 400 50.02 8.23 70.92
CA LYS D 400 49.81 9.28 71.92
C LYS D 400 48.79 8.93 73.01
N PRO D 401 49.04 7.88 73.84
CA PRO D 401 48.13 7.61 74.95
C PRO D 401 48.36 8.68 76.05
N ALA D 402 47.37 8.86 76.95
CA ALA D 402 47.43 9.84 78.06
C ALA D 402 48.56 9.43 78.93
N SER D 403 49.35 10.38 79.44
CA SER D 403 50.53 10.05 80.24
C SER D 403 50.51 10.63 81.69
N SER D 404 50.37 11.96 81.83
CA SER D 404 50.39 12.67 83.11
C SER D 404 49.09 12.50 83.91
N ARG D 405 48.05 11.93 83.29
CA ARG D 405 46.72 11.70 83.90
C ARG D 405 45.99 10.59 83.13
N GLU D 406 44.96 9.99 83.76
CA GLU D 406 44.13 8.94 83.18
C GLU D 406 43.52 9.40 81.85
N TRP D 407 43.38 8.49 80.84
CA TRP D 407 42.78 8.83 79.51
C TRP D 407 41.37 9.37 79.62
N GLN D 408 40.63 8.92 80.68
CA GLN D 408 39.26 9.33 80.94
C GLN D 408 39.25 10.78 81.38
N ASP D 409 40.20 11.13 82.30
CA ASP D 409 40.38 12.49 82.79
C ASP D 409 40.81 13.40 81.64
N GLN D 410 41.79 12.94 80.84
CA GLN D 410 42.28 13.68 79.68
C GLN D 410 41.13 13.97 78.69
N MET D 411 40.39 12.90 78.29
CA MET D 411 39.29 12.99 77.35
C MET D 411 38.24 13.94 77.84
N CYS D 412 37.77 13.75 79.08
CA CYS D 412 36.72 14.55 79.67
C CYS D 412 37.06 16.02 79.74
N ASP D 413 38.34 16.33 79.99
CA ASP D 413 38.84 17.70 80.08
C ASP D 413 38.75 18.39 78.72
N ILE D 414 39.35 17.75 77.70
CA ILE D 414 39.37 18.23 76.31
C ILE D 414 37.94 18.37 75.79
N VAL D 415 37.13 17.29 75.87
CA VAL D 415 35.70 17.28 75.45
C VAL D 415 34.92 18.38 76.17
N GLY D 416 35.05 18.42 77.50
CA GLY D 416 34.43 19.42 78.36
C GLY D 416 34.74 20.83 77.92
N LYS D 417 36.03 21.17 77.78
CA LYS D 417 36.46 22.50 77.32
C LYS D 417 35.79 22.92 75.99
N HIS D 418 35.70 21.98 75.05
CA HIS D 418 35.10 22.19 73.74
C HIS D 418 33.61 22.51 73.83
N ARG D 419 32.86 21.73 74.66
CA ARG D 419 31.43 21.91 74.87
C ARG D 419 31.16 23.23 75.56
N ALA D 420 32.00 23.55 76.57
CA ALA D 420 31.92 24.77 77.36
C ALA D 420 32.06 26.02 76.45
N ARG D 421 33.00 25.99 75.48
CA ARG D 421 33.22 27.11 74.56
C ARG D 421 32.15 27.22 73.46
N GLY D 422 31.30 26.21 73.35
CA GLY D 422 30.20 26.25 72.40
C GLY D 422 29.99 25.06 71.50
N LYS D 423 31.04 24.25 71.22
CA LYS D 423 30.96 23.09 70.30
C LYS D 423 29.97 22.00 70.80
N ARG D 424 28.81 21.86 70.12
CA ARG D 424 27.74 20.92 70.52
C ARG D 424 27.86 19.50 69.99
N LYS D 425 28.55 19.32 68.85
CA LYS D 425 28.71 17.98 68.27
C LYS D 425 30.08 17.40 68.59
N THR D 426 30.20 16.65 69.73
CA THR D 426 31.49 16.07 70.10
C THR D 426 31.76 14.78 69.36
N ILE D 427 32.89 14.74 68.63
CA ILE D 427 33.34 13.58 67.85
C ILE D 427 34.62 13.05 68.49
N VAL D 428 34.60 11.75 68.85
CA VAL D 428 35.71 11.02 69.46
C VAL D 428 36.09 9.87 68.52
N ILE D 429 37.36 9.81 68.11
CA ILE D 429 37.85 8.78 67.21
C ILE D 429 38.64 7.73 67.98
N VAL D 430 38.21 6.47 67.89
CA VAL D 430 38.84 5.34 68.55
C VAL D 430 39.55 4.44 67.53
N ALA D 431 40.89 4.35 67.64
CA ALA D 431 41.72 3.53 66.80
C ALA D 431 41.57 2.06 67.18
N GLU D 432 41.86 1.14 66.24
CA GLU D 432 41.79 -0.30 66.50
C GLU D 432 42.86 -0.60 67.54
N GLY D 433 43.99 0.09 67.42
CA GLY D 433 45.10 -0.01 68.35
C GLY D 433 45.00 0.94 69.53
N ALA D 434 43.78 1.45 69.87
CA ALA D 434 43.56 2.37 70.98
C ALA D 434 44.05 1.69 72.21
N ILE D 435 44.98 2.36 72.89
CA ILE D 435 45.67 1.81 74.04
C ILE D 435 45.94 2.83 75.14
N SER D 436 46.21 2.35 76.35
CA SER D 436 46.56 3.16 77.52
C SER D 436 48.10 3.07 77.69
N ASN D 437 48.66 3.86 78.64
CA ASN D 437 50.09 3.88 79.02
C ASN D 437 50.61 2.46 79.18
N ASP D 438 50.01 1.71 80.12
CA ASP D 438 50.30 0.33 80.52
C ASP D 438 49.85 -0.70 79.48
N LEU D 439 49.78 -0.27 78.20
CA LEU D 439 49.44 -1.06 77.01
C LEU D 439 48.11 -1.81 77.04
N SER D 440 47.21 -1.41 77.95
CA SER D 440 45.89 -1.99 78.06
C SER D 440 45.03 -1.45 76.92
N PRO D 441 44.47 -2.34 76.07
CA PRO D 441 43.63 -1.86 74.96
C PRO D 441 42.34 -1.17 75.43
N ILE D 442 42.01 -0.01 74.85
CA ILE D 442 40.82 0.75 75.21
C ILE D 442 39.77 0.47 74.15
N SER D 443 38.62 -0.09 74.58
CA SER D 443 37.50 -0.43 73.70
C SER D 443 36.57 0.75 73.44
N CYS D 444 35.62 0.56 72.51
CA CYS D 444 34.64 1.58 72.19
C CYS D 444 33.64 1.78 73.31
N ASP D 445 33.21 0.65 73.91
CA ASP D 445 32.25 0.60 75.01
C ASP D 445 32.84 1.28 76.22
N GLN D 446 34.15 1.09 76.44
CA GLN D 446 34.93 1.70 77.52
C GLN D 446 34.77 3.22 77.38
N VAL D 447 35.07 3.76 76.16
CA VAL D 447 34.97 5.16 75.76
C VAL D 447 33.51 5.65 75.87
N LYS D 448 32.53 4.82 75.38
CA LYS D 448 31.08 5.12 75.42
C LYS D 448 30.58 5.38 76.83
N ASP D 449 30.94 4.50 77.79
CA ASP D 449 30.50 4.61 79.18
C ASP D 449 31.01 5.86 79.88
N VAL D 450 32.22 6.30 79.54
CA VAL D 450 32.82 7.51 80.10
C VAL D 450 31.98 8.73 79.65
N LEU D 451 31.63 8.76 78.37
CA LEU D 451 30.84 9.84 77.79
C LEU D 451 29.40 9.85 78.29
N VAL D 452 28.82 8.67 78.49
CA VAL D 452 27.44 8.47 78.97
C VAL D 452 27.35 8.65 80.52
N ASN D 453 28.36 8.15 81.27
CA ASN D 453 28.32 8.26 82.72
C ASN D 453 29.08 9.42 83.36
N ARG D 454 30.32 9.72 82.92
CA ARG D 454 31.08 10.85 83.51
C ARG D 454 30.58 12.22 82.99
N LEU D 455 30.05 12.25 81.76
CA LEU D 455 29.43 13.42 81.15
C LEU D 455 27.97 13.00 80.83
N GLY D 456 27.06 13.93 80.61
CA GLY D 456 25.68 13.49 80.41
C GLY D 456 25.25 13.18 79.00
N LEU D 457 26.22 12.83 78.14
CA LEU D 457 26.07 12.65 76.69
C LEU D 457 25.49 11.35 76.18
N ASP D 458 24.44 11.46 75.35
CA ASP D 458 23.84 10.33 74.65
C ASP D 458 24.79 10.00 73.47
N THR D 459 25.58 8.92 73.64
CA THR D 459 26.60 8.50 72.69
C THR D 459 26.16 7.43 71.71
N ARG D 460 26.35 7.72 70.43
CA ARG D 460 26.02 6.84 69.33
C ARG D 460 27.31 6.46 68.60
N VAL D 461 27.67 5.16 68.64
CA VAL D 461 28.87 4.63 67.99
C VAL D 461 28.62 4.30 66.52
N THR D 462 29.61 4.66 65.69
CA THR D 462 29.64 4.41 64.25
C THR D 462 30.90 3.61 64.03
N THR D 463 30.76 2.40 63.49
CA THR D 463 31.91 1.52 63.20
C THR D 463 31.97 1.23 61.70
N LEU D 464 33.09 1.60 61.06
CA LEU D 464 33.25 1.44 59.62
C LEU D 464 33.40 -0.01 59.17
N GLY D 465 34.23 -0.81 59.88
CA GLY D 465 34.47 -2.21 59.53
C GLY D 465 35.03 -2.33 58.13
N HIS D 466 34.54 -3.31 57.34
CA HIS D 466 35.00 -3.54 55.97
C HIS D 466 34.85 -2.38 54.99
N VAL D 467 34.03 -1.36 55.35
CA VAL D 467 33.84 -0.14 54.55
C VAL D 467 35.21 0.48 54.26
N GLN D 468 36.10 0.48 55.27
CA GLN D 468 37.46 1.01 55.23
C GLN D 468 38.47 0.29 54.31
N ARG D 469 38.06 -0.83 53.67
CA ARG D 469 38.87 -1.62 52.73
C ARG D 469 38.19 -1.72 51.34
N GLY D 470 36.88 -1.53 51.32
CA GLY D 470 36.09 -1.59 50.12
C GLY D 470 36.09 -0.31 49.32
N GLY D 471 35.43 -0.39 48.17
CA GLY D 471 35.33 0.71 47.22
C GLY D 471 36.54 0.84 46.32
N THR D 472 36.41 1.70 45.31
CA THR D 472 37.47 2.00 44.36
C THR D 472 38.56 2.83 45.06
N ALA D 473 39.77 2.73 44.57
CA ALA D 473 40.85 3.52 45.08
C ALA D 473 40.64 5.01 44.69
N VAL D 474 40.90 5.91 45.63
CA VAL D 474 40.85 7.36 45.46
C VAL D 474 41.93 7.74 44.43
N ALA D 475 41.76 8.86 43.70
CA ALA D 475 42.71 9.34 42.68
C ALA D 475 44.17 9.18 43.07
N PHE D 476 44.52 9.57 44.31
CA PHE D 476 45.90 9.43 44.82
C PHE D 476 46.34 8.00 44.84
N ASP D 477 45.49 7.09 45.31
CA ASP D 477 45.84 5.68 45.35
C ASP D 477 45.98 5.09 43.95
N ARG D 478 45.10 5.44 43.02
CA ARG D 478 45.15 4.97 41.62
C ARG D 478 46.43 5.43 40.92
N ILE D 479 46.75 6.76 41.05
CA ILE D 479 47.93 7.35 40.42
C ILE D 479 49.19 6.77 40.98
N TYR D 480 49.28 6.73 42.32
CA TYR D 480 50.44 6.21 42.99
C TYR D 480 50.66 4.73 42.91
N ALA D 481 49.59 3.91 43.08
CA ALA D 481 49.71 2.45 42.95
C ALA D 481 50.18 2.06 41.55
N THR D 482 49.65 2.76 40.53
CA THR D 482 50.02 2.54 39.13
C THR D 482 51.49 2.80 38.91
N LEU D 483 51.97 3.99 39.32
CA LEU D 483 53.38 4.36 39.13
C LEU D 483 54.32 3.44 39.90
N GLN D 484 53.89 3.01 41.11
CA GLN D 484 54.62 2.04 41.94
C GLN D 484 54.75 0.66 41.22
N GLY D 485 53.68 0.25 40.55
CA GLY D 485 53.65 -0.98 39.75
C GLY D 485 54.69 -0.93 38.64
N VAL D 486 54.73 0.22 37.93
CA VAL D 486 55.68 0.51 36.85
C VAL D 486 57.10 0.42 37.43
N GLU D 487 57.37 1.18 38.53
CA GLU D 487 58.66 1.19 39.18
C GLU D 487 59.09 -0.18 39.66
N ALA D 488 58.19 -0.95 40.32
CA ALA D 488 58.45 -2.32 40.81
C ALA D 488 59.00 -3.22 39.69
N VAL D 489 58.44 -3.11 38.46
CA VAL D 489 58.89 -3.87 37.30
C VAL D 489 60.34 -3.48 36.96
N ASN D 490 60.59 -2.16 36.74
CA ASN D 490 61.92 -1.59 36.42
C ASN D 490 62.94 -2.00 37.47
N ALA D 491 62.61 -1.82 38.76
CA ALA D 491 63.47 -2.19 39.89
C ALA D 491 63.89 -3.68 39.78
N VAL D 492 62.90 -4.56 39.59
CA VAL D 492 63.06 -6.01 39.44
C VAL D 492 63.98 -6.37 38.24
N LEU D 493 63.88 -5.62 37.12
CA LEU D 493 64.68 -5.80 35.90
C LEU D 493 66.10 -5.24 36.05
N GLU D 494 66.23 -4.05 36.67
CA GLU D 494 67.50 -3.34 36.92
C GLU D 494 68.33 -4.02 38.02
N CYS D 495 67.71 -4.92 38.79
CA CYS D 495 68.32 -5.64 39.90
C CYS D 495 69.49 -6.51 39.49
N ASP D 496 70.51 -6.53 40.34
CA ASP D 496 71.75 -7.28 40.22
C ASP D 496 72.07 -7.81 41.62
N ALA D 497 72.71 -8.99 41.72
CA ALA D 497 73.09 -9.65 42.99
C ALA D 497 73.76 -8.76 44.07
N ASP D 498 74.47 -7.69 43.67
CA ASP D 498 75.14 -6.72 44.56
C ASP D 498 74.20 -5.59 45.03
N THR D 499 72.98 -5.54 44.47
CA THR D 499 71.97 -4.54 44.82
C THR D 499 70.98 -5.11 45.88
N PRO D 500 70.83 -4.41 47.04
CA PRO D 500 69.87 -4.89 48.05
C PRO D 500 68.41 -4.73 47.59
N SER D 501 67.60 -5.77 47.87
CA SER D 501 66.19 -5.87 47.48
C SER D 501 65.44 -4.61 47.82
N PRO D 502 64.82 -3.97 46.82
CA PRO D 502 64.13 -2.72 47.09
C PRO D 502 62.65 -2.84 47.48
N MET D 503 62.14 -1.76 48.05
CA MET D 503 60.76 -1.59 48.38
C MET D 503 60.43 -0.26 47.74
N ILE D 504 59.31 -0.19 47.02
CA ILE D 504 58.90 1.07 46.38
C ILE D 504 58.22 1.93 47.45
N ALA D 505 58.67 3.19 47.57
CA ALA D 505 58.20 4.13 48.56
C ALA D 505 57.88 5.50 47.95
N ILE D 506 56.99 6.27 48.62
CA ILE D 506 56.68 7.63 48.22
C ILE D 506 57.33 8.50 49.28
N LYS D 507 58.08 9.52 48.85
CA LYS D 507 58.70 10.49 49.76
C LYS D 507 58.41 11.92 49.29
N GLU D 508 57.35 12.52 49.89
CA GLU D 508 56.83 13.85 49.58
C GLU D 508 56.50 13.95 48.09
N ASP D 509 55.45 13.18 47.71
CA ASP D 509 54.88 13.08 46.37
C ASP D 509 55.85 12.61 45.28
N GLN D 510 56.91 11.87 45.66
CA GLN D 510 57.92 11.40 44.72
C GLN D 510 58.27 9.91 44.93
N ILE D 511 58.16 9.10 43.87
CA ILE D 511 58.46 7.67 43.92
C ILE D 511 59.98 7.39 44.00
N THR D 512 60.36 6.64 45.04
CA THR D 512 61.75 6.30 45.32
C THR D 512 61.92 4.81 45.59
N ARG D 513 63.16 4.36 45.63
CA ARG D 513 63.50 3.00 46.00
C ARG D 513 64.22 3.06 47.35
N VAL D 514 63.78 2.24 48.29
CA VAL D 514 64.38 2.16 49.62
C VAL D 514 64.69 0.68 49.95
N PRO D 515 65.85 0.33 50.58
CA PRO D 515 66.09 -1.09 50.91
C PRO D 515 65.02 -1.67 51.82
N LEU D 516 64.43 -2.81 51.40
CA LEU D 516 63.35 -3.45 52.13
C LEU D 516 63.78 -3.85 53.56
N VAL D 517 65.01 -4.41 53.75
CA VAL D 517 65.55 -4.78 55.08
C VAL D 517 65.49 -3.61 56.04
N ASP D 518 65.97 -2.44 55.60
CA ASP D 518 66.04 -1.22 56.39
C ASP D 518 64.65 -0.69 56.77
N ALA D 519 63.65 -0.88 55.87
CA ALA D 519 62.24 -0.49 56.08
C ALA D 519 61.57 -1.47 57.06
N VAL D 520 61.86 -2.77 56.93
CA VAL D 520 61.35 -3.84 57.80
C VAL D 520 61.91 -3.60 59.23
N GLU D 521 63.24 -3.32 59.35
CA GLU D 521 63.94 -3.06 60.61
C GLU D 521 63.35 -1.86 61.31
N LEU D 522 63.18 -0.75 60.59
CA LEU D 522 62.63 0.49 61.13
C LEU D 522 61.21 0.37 61.68
N THR D 523 60.30 -0.39 60.98
CA THR D 523 58.92 -0.62 61.46
C THR D 523 58.95 -1.40 62.77
N GLN D 524 59.87 -2.35 62.91
CA GLN D 524 60.02 -3.14 64.12
C GLN D 524 60.44 -2.24 65.28
N GLN D 525 61.36 -1.28 65.01
CA GLN D 525 61.88 -0.29 65.96
C GLN D 525 60.75 0.52 66.59
N VAL D 526 59.75 0.92 65.76
CA VAL D 526 58.58 1.69 66.19
C VAL D 526 57.75 0.80 67.12
N ALA D 527 57.44 -0.44 66.69
CA ALA D 527 56.66 -1.40 67.47
C ALA D 527 57.33 -1.64 68.80
N LYS D 528 58.69 -1.72 68.81
CA LYS D 528 59.52 -1.91 70.01
C LYS D 528 59.32 -0.75 70.98
N SER D 529 59.32 0.49 70.45
CA SER D 529 59.14 1.73 71.23
C SER D 529 57.78 1.80 71.91
N ILE D 530 56.72 1.36 71.21
CA ILE D 530 55.37 1.30 71.73
C ILE D 530 55.33 0.25 72.84
N GLU D 531 55.79 -0.98 72.55
CA GLU D 531 55.84 -2.10 73.50
C GLU D 531 56.72 -1.82 74.73
N SER D 532 57.80 -1.03 74.56
CA SER D 532 58.73 -0.63 75.62
C SER D 532 58.25 0.67 76.30
N ARG D 533 57.04 1.12 75.93
CA ARG D 533 56.33 2.27 76.47
C ARG D 533 57.00 3.64 76.28
N ASN D 534 57.78 3.81 75.19
CA ASN D 534 58.44 5.06 74.81
C ASN D 534 57.69 5.62 73.61
N PHE D 535 56.51 6.21 73.89
CA PHE D 535 55.57 6.77 72.91
C PHE D 535 56.13 8.02 72.26
N LYS D 536 56.77 8.91 73.03
CA LYS D 536 57.45 10.14 72.57
C LYS D 536 58.50 9.80 71.45
N LYS D 537 59.26 8.70 71.70
CA LYS D 537 60.28 8.08 70.84
C LYS D 537 59.57 7.50 69.61
N ALA D 538 58.54 6.66 69.82
CA ALA D 538 57.74 6.04 68.76
C ALA D 538 57.25 7.08 67.75
N ILE D 539 56.72 8.24 68.26
CA ILE D 539 56.24 9.36 67.45
C ILE D 539 57.35 9.90 66.55
N SER D 540 58.56 10.14 67.11
CA SER D 540 59.73 10.66 66.37
C SER D 540 60.24 9.65 65.33
N LEU D 541 60.10 8.35 65.63
CA LEU D 541 60.50 7.27 64.74
C LEU D 541 59.62 7.16 63.49
N ARG D 542 58.37 7.65 63.57
CA ARG D 542 57.44 7.68 62.44
C ARG D 542 57.91 8.77 61.48
N ASP D 543 57.41 8.74 60.22
CA ASP D 543 57.82 9.72 59.20
C ASP D 543 57.62 11.18 59.65
N SER D 544 58.48 12.10 59.16
CA SER D 544 58.45 13.54 59.48
C SER D 544 57.05 14.19 59.30
N GLU D 545 56.24 13.69 58.33
CA GLU D 545 54.88 14.18 58.11
C GLU D 545 54.03 13.84 59.35
N PHE D 546 54.18 12.61 59.91
CA PHE D 546 53.43 12.12 61.09
C PHE D 546 53.69 12.99 62.32
N VAL D 547 54.95 13.32 62.54
CA VAL D 547 55.36 14.15 63.68
C VAL D 547 54.84 15.57 63.53
N GLU D 548 54.83 16.09 62.30
CA GLU D 548 54.31 17.43 62.01
C GLU D 548 52.79 17.46 62.21
N HIS D 549 52.07 16.43 61.70
CA HIS D 549 50.62 16.32 61.82
C HIS D 549 50.19 16.19 63.26
N MET D 550 50.94 15.43 64.07
CA MET D 550 50.68 15.27 65.50
C MET D 550 50.78 16.60 66.22
N LYS D 551 51.83 17.39 65.91
CA LYS D 551 52.07 18.74 66.42
C LYS D 551 50.92 19.67 65.94
N ASN D 552 50.61 19.65 64.61
CA ASN D 552 49.56 20.45 63.98
C ASN D 552 48.20 20.22 64.65
N PHE D 553 47.85 18.94 64.90
CA PHE D 553 46.56 18.56 65.50
C PHE D 553 46.41 19.04 66.92
N ILE D 554 47.38 18.76 67.80
CA ILE D 554 47.23 19.18 69.19
C ILE D 554 47.19 20.70 69.34
N SER D 555 47.97 21.44 68.52
CA SER D 555 47.97 22.91 68.56
C SER D 555 46.64 23.50 68.07
N THR D 556 46.09 22.99 66.95
CA THR D 556 44.80 23.45 66.41
C THR D 556 43.66 23.06 67.33
N ASN D 557 43.79 21.91 68.05
CA ASN D 557 42.79 21.42 69.02
C ASN D 557 42.77 22.27 70.28
N SER D 558 43.96 22.80 70.67
CA SER D 558 44.18 23.65 71.83
C SER D 558 44.05 25.16 71.49
N ASP D 560 43.04 28.02 71.30
CA ASP D 560 42.25 29.05 71.95
C ASP D 560 41.89 28.77 73.42
N HIS D 561 41.46 27.53 73.75
CA HIS D 561 41.02 27.18 75.11
C HIS D 561 42.10 26.73 76.13
N VAL D 562 43.31 27.30 76.03
CA VAL D 562 44.49 27.09 76.89
C VAL D 562 45.39 28.33 76.74
N PRO D 563 46.13 28.79 77.78
CA PRO D 563 46.94 30.01 77.62
C PRO D 563 47.94 29.97 76.45
N PRO D 564 48.11 31.09 75.71
CA PRO D 564 49.03 31.10 74.56
C PRO D 564 50.42 30.53 74.78
N SER D 565 50.98 29.88 73.75
CA SER D 565 52.32 29.27 73.83
C SER D 565 53.51 30.23 73.64
N LEU D 566 53.25 31.51 73.30
CA LEU D 566 54.30 32.52 73.10
C LEU D 566 54.24 33.63 74.17
N PRO D 567 55.39 34.27 74.54
CA PRO D 567 55.33 35.38 75.51
C PRO D 567 54.74 36.62 74.84
N LEU D 568 54.10 37.51 75.62
CA LEU D 568 53.44 38.73 75.11
C LEU D 568 54.16 39.47 73.98
N GLU D 569 55.49 39.67 74.12
CA GLU D 569 56.36 40.36 73.17
C GLU D 569 56.36 39.68 71.81
N LYS D 570 56.46 38.33 71.80
CA LYS D 570 56.52 37.52 70.58
C LYS D 570 55.15 37.29 69.87
N ARG D 571 54.06 37.88 70.38
CA ARG D 571 52.72 37.73 69.79
C ARG D 571 52.44 38.79 68.73
N LYS D 572 51.99 38.34 67.53
CA LYS D 572 51.78 39.18 66.33
C LYS D 572 50.32 39.28 65.80
N LYS D 573 50.12 40.13 64.77
CA LYS D 573 48.85 40.35 64.08
C LYS D 573 49.02 39.80 62.64
N ILE D 574 48.49 38.57 62.39
CA ILE D 574 48.63 37.95 61.08
C ILE D 574 47.29 37.99 60.31
N ALA D 575 47.33 38.38 59.03
CA ALA D 575 46.14 38.45 58.20
C ALA D 575 46.13 37.39 57.10
N ILE D 576 44.95 36.98 56.67
CA ILE D 576 44.79 36.01 55.61
C ILE D 576 43.81 36.48 54.52
N ILE D 577 44.13 36.19 53.24
CA ILE D 577 43.27 36.52 52.09
C ILE D 577 43.17 35.32 51.20
N ASN D 578 42.10 35.27 50.42
CA ASN D 578 41.86 34.27 49.40
C ASN D 578 41.80 35.03 48.07
N VAL D 579 42.70 34.70 47.11
CA VAL D 579 42.76 35.37 45.82
C VAL D 579 42.74 34.37 44.67
N GLY D 580 41.77 34.54 43.79
CA GLY D 580 41.55 33.70 42.62
C GLY D 580 40.20 33.01 42.69
N ALA D 581 40.03 31.94 41.92
CA ALA D 581 38.81 31.17 41.98
C ALA D 581 38.88 30.25 43.22
N PRO D 582 37.74 29.83 43.79
CA PRO D 582 37.79 28.93 44.97
C PRO D 582 38.48 27.59 44.69
N ALA D 583 39.05 27.00 45.74
CA ALA D 583 39.76 25.73 45.68
C ALA D 583 39.64 25.07 47.05
N GLY D 584 39.39 23.75 47.03
CA GLY D 584 39.25 22.94 48.23
C GLY D 584 40.49 23.05 49.09
N GLY D 585 40.29 23.48 50.33
CA GLY D 585 41.38 23.67 51.28
C GLY D 585 41.61 25.11 51.64
N MET D 586 40.97 26.04 50.89
CA MET D 586 41.04 27.49 51.15
C MET D 586 40.52 27.72 52.55
N ASN D 587 39.31 27.20 52.86
CA ASN D 587 38.65 27.26 54.16
C ASN D 587 39.42 26.51 55.26
N SER D 588 40.08 25.39 54.89
CA SER D 588 40.90 24.59 55.82
C SER D 588 42.15 25.36 56.22
N ALA D 589 42.80 26.03 55.25
CA ALA D 589 44.00 26.85 55.47
C ALA D 589 43.66 28.00 56.42
N VAL D 590 42.43 28.57 56.29
CA VAL D 590 41.93 29.64 57.13
C VAL D 590 41.67 29.09 58.54
N TYR D 591 40.91 27.97 58.62
CA TYR D 591 40.60 27.32 59.89
C TYR D 591 41.87 27.01 60.71
N SER D 592 42.86 26.33 60.07
CA SER D 592 44.12 25.92 60.67
C SER D 592 44.97 27.08 61.05
N MET D 593 45.03 28.13 60.20
CA MET D 593 45.83 29.31 60.52
C MET D 593 45.27 30.08 61.74
N ALA D 594 43.94 30.24 61.80
CA ALA D 594 43.29 30.97 62.88
C ALA D 594 43.45 30.25 64.21
N THR D 595 43.18 28.92 64.23
CA THR D 595 43.30 28.09 65.43
C THR D 595 44.75 27.97 65.87
N TYR D 596 45.69 27.95 64.92
CA TYR D 596 47.11 27.91 65.28
C TYR D 596 47.54 29.27 65.87
N CYS D 597 47.01 30.37 65.32
CA CYS D 597 47.29 31.73 65.81
C CYS D 597 46.85 31.88 67.26
N MET D 598 45.63 31.40 67.57
CA MET D 598 45.05 31.43 68.91
C MET D 598 45.93 30.59 69.84
N SER D 599 46.43 29.43 69.35
CA SER D 599 47.33 28.53 70.07
C SER D 599 48.63 29.25 70.48
N ARG D 600 49.18 30.10 69.58
CA ARG D 600 50.41 30.85 69.85
C ARG D 600 50.17 32.15 70.63
N GLY D 601 49.00 32.74 70.45
CA GLY D 601 48.64 34.01 71.07
C GLY D 601 48.60 35.16 70.08
N HIS D 602 48.60 34.85 68.78
CA HIS D 602 48.54 35.81 67.70
C HIS D 602 47.09 36.25 67.51
N VAL D 603 46.87 37.36 66.77
CA VAL D 603 45.52 37.83 66.48
C VAL D 603 45.23 37.57 65.00
N PRO D 604 44.47 36.49 64.70
CA PRO D 604 44.19 36.19 63.30
C PRO D 604 43.11 37.08 62.72
N TYR D 605 43.43 37.74 61.59
CA TYR D 605 42.52 38.61 60.85
C TYR D 605 42.25 38.02 59.48
N ALA D 606 41.01 38.15 59.01
CA ALA D 606 40.58 37.63 57.70
C ALA D 606 40.20 38.80 56.80
N ILE D 607 40.82 38.87 55.60
CA ILE D 607 40.51 39.95 54.64
C ILE D 607 39.45 39.40 53.72
N HIS D 608 38.20 39.81 53.95
CA HIS D 608 37.06 39.32 53.18
C HIS D 608 37.00 39.85 51.77
N ASN D 609 36.67 38.94 50.84
CA ASN D 609 36.54 39.22 49.40
C ASN D 609 37.76 39.89 48.75
N GLY D 610 38.92 39.25 48.93
CA GLY D 610 40.20 39.62 48.34
C GLY D 610 40.67 41.05 48.51
N PHE D 611 41.42 41.56 47.51
CA PHE D 611 41.97 42.90 47.54
C PHE D 611 40.94 44.00 47.27
N SER D 612 39.90 43.67 46.50
CA SER D 612 38.79 44.59 46.18
C SER D 612 37.99 44.90 47.45
N GLY D 613 37.72 43.88 48.27
CA GLY D 613 37.02 44.03 49.53
C GLY D 613 37.78 44.89 50.53
N LEU D 614 39.12 44.74 50.58
CA LEU D 614 39.95 45.53 51.48
C LEU D 614 39.97 47.01 51.03
N ALA D 615 40.43 47.27 49.79
CA ALA D 615 40.60 48.62 49.22
C ALA D 615 39.35 49.45 49.10
N ARG D 616 38.24 48.88 48.60
CA ARG D 616 36.96 49.57 48.38
C ARG D 616 36.07 49.53 49.63
N HIS D 617 36.21 48.51 50.53
CA HIS D 617 35.27 48.35 51.66
C HIS D 617 35.80 48.14 53.10
N GLU D 618 37.14 48.12 53.34
CA GLU D 618 37.77 47.89 54.67
C GLU D 618 37.29 46.54 55.27
N SER D 619 37.46 45.46 54.49
CA SER D 619 37.00 44.11 54.85
C SER D 619 37.88 43.30 55.83
N VAL D 620 38.60 44.01 56.73
CA VAL D 620 39.43 43.36 57.77
C VAL D 620 38.46 42.91 58.82
N ARG D 621 38.43 41.60 59.07
CA ARG D 621 37.52 41.02 60.04
C ARG D 621 38.21 40.04 60.94
N SER D 622 37.80 40.03 62.22
CA SER D 622 38.38 39.14 63.22
C SER D 622 37.85 37.74 63.03
N ILE D 623 38.61 36.75 63.53
CA ILE D 623 38.25 35.34 63.41
C ILE D 623 37.95 34.72 64.78
N ASN D 624 36.67 34.39 65.01
CA ASN D 624 36.20 33.76 66.25
C ASN D 624 36.13 32.26 66.09
N TRP D 625 36.72 31.53 67.02
CA TRP D 625 36.78 30.06 67.05
C TRP D 625 35.43 29.39 66.81
N LEU D 626 34.37 29.89 67.50
CA LEU D 626 33.04 29.32 67.34
C LEU D 626 32.46 29.53 65.94
N ASP D 627 32.75 30.70 65.32
CA ASP D 627 32.27 31.07 63.98
C ASP D 627 32.89 30.22 62.89
N ILE D 628 34.13 29.76 63.09
CA ILE D 628 34.85 28.94 62.11
C ILE D 628 34.63 27.43 62.30
N GLU D 629 33.61 27.04 63.09
CA GLU D 629 33.29 25.64 63.38
C GLU D 629 32.86 24.94 62.09
N GLY D 630 33.62 23.93 61.75
CA GLY D 630 33.36 23.11 60.56
C GLY D 630 33.91 23.65 59.27
N TRP D 631 34.71 24.74 59.33
CA TRP D 631 35.31 25.36 58.18
C TRP D 631 36.31 24.49 57.44
N GLY D 632 37.05 23.68 58.16
CA GLY D 632 38.02 22.76 57.57
C GLY D 632 37.39 21.76 56.61
N SER D 633 36.09 21.49 56.79
CA SER D 633 35.36 20.53 55.95
C SER D 633 34.51 21.22 54.85
N LEU D 634 34.41 22.54 54.87
CA LEU D 634 33.62 23.29 53.89
C LEU D 634 34.35 23.60 52.58
N GLY D 635 33.60 23.51 51.50
CA GLY D 635 34.11 23.81 50.17
C GLY D 635 34.02 25.29 49.87
N GLY D 636 34.81 25.70 48.86
CA GLY D 636 34.90 27.09 48.41
C GLY D 636 35.73 27.96 49.33
N SER D 637 35.31 29.23 49.49
CA SER D 637 35.94 30.26 50.32
C SER D 637 34.88 31.02 51.14
N GLU D 638 34.87 30.81 52.47
CA GLU D 638 33.93 31.44 53.39
C GLU D 638 34.28 32.91 53.53
N ILE D 639 35.58 33.23 53.50
CA ILE D 639 36.14 34.59 53.55
C ILE D 639 35.67 35.38 52.29
N GLY D 640 35.67 34.71 51.16
CA GLY D 640 35.34 35.32 49.90
C GLY D 640 36.61 35.50 49.11
N THR D 641 36.59 35.01 47.86
CA THR D 641 37.73 35.12 46.98
C THR D 641 37.30 35.77 45.66
N ASN D 642 38.26 36.44 44.99
CA ASN D 642 38.08 37.00 43.65
C ASN D 642 39.40 37.05 42.93
N ARG D 643 39.37 37.41 41.64
CA ARG D 643 40.57 37.45 40.80
C ARG D 643 41.22 38.84 40.77
N THR D 644 40.63 39.83 41.53
CA THR D 644 41.11 41.22 41.62
C THR D 644 42.50 41.27 42.20
N LEU D 645 43.43 41.90 41.45
CA LEU D 645 44.84 42.12 41.81
C LEU D 645 45.06 43.38 42.68
N PRO D 646 46.10 43.39 43.55
CA PRO D 646 46.32 44.58 44.39
C PRO D 646 46.42 45.89 43.62
N ASN D 647 46.87 45.86 42.38
CA ASN D 647 47.00 47.07 41.58
C ASN D 647 45.72 47.42 40.83
N ASP D 648 44.79 46.43 40.70
CA ASP D 648 43.45 46.59 40.09
C ASP D 648 42.46 47.06 41.17
N ALA D 649 42.85 46.91 42.44
CA ALA D 649 42.21 47.41 43.64
C ALA D 649 43.22 48.52 44.03
N ASP D 650 42.94 49.41 45.00
CA ASP D 650 43.92 50.46 45.31
C ASP D 650 45.10 49.93 46.13
N ILE D 651 46.32 49.89 45.54
CA ILE D 651 47.52 49.42 46.27
C ILE D 651 47.85 50.34 47.48
N GLY D 652 47.56 51.63 47.33
CA GLY D 652 47.72 52.62 48.40
C GLY D 652 46.77 52.35 49.52
N MET D 653 45.52 51.95 49.19
CA MET D 653 44.49 51.64 50.18
C MET D 653 44.77 50.34 50.92
N ILE D 654 45.33 49.33 50.22
CA ILE D 654 45.72 48.05 50.82
C ILE D 654 46.79 48.36 51.84
N ALA D 655 47.80 49.14 51.43
CA ALA D 655 48.91 49.62 52.26
C ALA D 655 48.43 50.44 53.47
N TYR D 656 47.42 51.33 53.28
CA TYR D 656 46.84 52.14 54.34
C TYR D 656 46.23 51.24 55.45
N PHE D 657 45.39 50.25 55.05
CA PHE D 657 44.74 49.32 55.99
C PHE D 657 45.70 48.36 56.68
N PHE D 658 46.80 48.01 55.99
CA PHE D 658 47.88 47.18 56.52
C PHE D 658 48.54 47.90 57.67
N GLU D 659 48.70 49.26 57.58
CA GLU D 659 49.27 50.07 58.64
C GLU D 659 48.24 50.44 59.70
N LYS D 660 46.96 50.65 59.28
CA LYS D 660 45.87 51.00 60.20
C LYS D 660 45.65 49.87 61.18
N TYR D 661 45.66 48.61 60.67
CA TYR D 661 45.49 47.42 61.50
C TYR D 661 46.81 46.83 62.00
N GLY D 662 47.92 47.39 61.54
CA GLY D 662 49.26 47.02 61.92
C GLY D 662 49.59 45.55 61.80
N PHE D 663 49.34 44.97 60.61
CA PHE D 663 49.63 43.56 60.31
C PHE D 663 51.13 43.27 60.32
N ASP D 664 51.48 42.19 61.03
CA ASP D 664 52.86 41.75 61.16
C ASP D 664 53.22 40.71 60.09
N GLY D 665 52.23 40.28 59.32
CA GLY D 665 52.41 39.33 58.22
C GLY D 665 51.16 39.07 57.42
N LEU D 666 51.30 38.47 56.23
CA LEU D 666 50.18 38.14 55.36
C LEU D 666 50.28 36.76 54.72
N ILE D 667 49.15 36.01 54.76
CA ILE D 667 49.04 34.69 54.16
C ILE D 667 48.03 34.76 53.02
N LEU D 668 48.52 34.52 51.79
CA LEU D 668 47.70 34.51 50.58
C LEU D 668 47.40 33.05 50.29
N VAL D 669 46.13 32.70 50.14
CA VAL D 669 45.70 31.35 49.77
C VAL D 669 44.99 31.50 48.45
N GLY D 670 45.61 31.04 47.39
CA GLY D 670 45.03 31.18 46.07
C GLY D 670 45.95 30.84 44.92
N GLY D 671 45.38 30.90 43.73
CA GLY D 671 46.04 30.56 42.47
C GLY D 671 46.98 31.61 41.90
N PHE D 672 47.10 31.63 40.57
CA PHE D 672 48.00 32.52 39.86
C PHE D 672 47.77 34.01 40.13
N GLU D 673 46.52 34.44 40.40
CA GLU D 673 46.24 35.85 40.70
C GLU D 673 46.87 36.22 42.04
N ALA D 674 46.83 35.29 43.02
CA ALA D 674 47.47 35.44 44.34
C ALA D 674 49.00 35.43 44.17
N PHE D 675 49.50 34.75 43.10
CA PHE D 675 50.92 34.69 42.74
C PHE D 675 51.35 36.07 42.26
N ILE D 676 50.61 36.65 41.29
CA ILE D 676 50.88 38.00 40.78
C ILE D 676 50.76 38.98 41.94
N SER D 677 49.71 38.83 42.77
CA SER D 677 49.43 39.65 43.96
C SER D 677 50.65 39.81 44.87
N LEU D 678 51.34 38.69 45.16
CA LEU D 678 52.57 38.65 45.96
C LEU D 678 53.60 39.58 45.34
N HIS D 679 53.88 39.38 44.05
CA HIS D 679 54.85 40.16 43.31
C HIS D 679 54.50 41.68 43.32
N GLN D 680 53.21 42.02 43.12
CA GLN D 680 52.67 43.38 43.13
C GLN D 680 52.82 44.01 44.51
N LEU D 681 52.61 43.24 45.59
CA LEU D 681 52.76 43.72 46.97
C LEU D 681 54.24 43.88 47.32
N GLU D 682 55.08 42.92 46.86
CA GLU D 682 56.53 42.95 47.06
C GLU D 682 57.14 44.20 46.36
N ARG D 683 56.78 44.44 45.10
CA ARG D 683 57.29 45.57 44.34
C ARG D 683 56.84 46.95 44.86
N ALA D 684 55.72 46.99 45.61
CA ALA D 684 55.18 48.25 46.16
C ALA D 684 55.84 48.64 47.51
N ARG D 685 56.65 47.71 48.09
CA ARG D 685 57.36 47.87 49.36
C ARG D 685 58.19 49.18 49.43
N ILE D 686 58.79 49.61 48.30
CA ILE D 686 59.56 50.85 48.20
C ILE D 686 58.71 52.08 48.53
N ASN D 687 57.45 52.06 48.11
CA ASN D 687 56.51 53.14 48.37
C ASN D 687 55.90 53.07 49.77
N TYR D 688 55.52 51.86 50.19
CA TYR D 688 54.82 51.65 51.45
C TYR D 688 55.54 50.80 52.50
N PRO D 689 55.98 51.43 53.64
CA PRO D 689 56.63 50.67 54.72
C PRO D 689 55.71 49.57 55.30
N SER D 690 54.38 49.82 55.25
CA SER D 690 53.31 48.94 55.72
C SER D 690 53.34 47.54 55.09
N LEU D 691 53.93 47.44 53.89
CA LEU D 691 54.04 46.17 53.15
C LEU D 691 55.36 45.43 53.44
N ARG D 692 56.31 46.09 54.14
CA ARG D 692 57.62 45.51 54.49
C ARG D 692 57.49 44.56 55.69
N ILE D 693 56.71 43.48 55.49
CA ILE D 693 56.40 42.39 56.43
C ILE D 693 56.41 41.08 55.65
N PRO D 694 56.57 39.89 56.31
CA PRO D 694 56.58 38.64 55.53
C PRO D 694 55.25 38.38 54.78
N LEU D 695 55.36 38.11 53.49
CA LEU D 695 54.22 37.82 52.64
C LEU D 695 54.38 36.37 52.15
N VAL D 696 53.41 35.49 52.49
CA VAL D 696 53.49 34.06 52.17
C VAL D 696 52.31 33.60 51.34
N LEU D 697 52.59 32.87 50.24
CA LEU D 697 51.55 32.32 49.37
C LEU D 697 51.46 30.81 49.48
N ILE D 698 50.25 30.32 49.76
CA ILE D 698 49.95 28.89 49.82
C ILE D 698 49.13 28.63 48.55
N PRO D 699 49.76 28.05 47.49
CA PRO D 699 49.03 27.86 46.23
C PRO D 699 47.74 27.06 46.35
N ALA D 700 46.62 27.62 45.84
CA ALA D 700 45.30 27.01 45.84
C ALA D 700 44.58 27.25 44.48
N THR D 701 44.65 26.21 43.63
CA THR D 701 44.05 26.16 42.28
C THR D 701 43.76 24.72 41.96
N ILE D 702 42.69 24.47 41.22
CA ILE D 702 42.36 23.12 40.80
C ILE D 702 43.29 22.75 39.63
N SER D 703 43.81 23.79 38.94
CA SER D 703 44.68 23.75 37.76
C SER D 703 46.11 23.28 38.01
N ASN D 704 46.75 23.73 39.12
CA ASN D 704 48.15 23.52 39.52
C ASN D 704 49.11 24.27 38.59
N ASN D 705 48.73 25.51 38.23
CA ASN D 705 49.48 26.41 37.37
C ASN D 705 50.47 27.33 38.11
N VAL D 706 50.49 27.30 39.44
CA VAL D 706 51.36 28.21 40.18
C VAL D 706 52.77 27.67 40.36
N PRO D 707 53.84 28.36 39.86
CA PRO D 707 55.21 27.89 40.12
C PRO D 707 55.63 28.06 41.60
N GLY D 708 56.46 27.15 42.07
CA GLY D 708 56.93 27.12 43.47
C GLY D 708 56.57 25.84 44.21
N THR D 709 55.40 25.25 43.86
CA THR D 709 54.87 23.99 44.39
C THR D 709 54.68 23.01 43.23
N GLU D 710 54.58 21.73 43.59
CA GLU D 710 54.25 20.63 42.68
C GLU D 710 52.83 20.21 43.07
N TYR D 711 52.35 20.73 44.22
CA TYR D 711 51.00 20.49 44.69
C TYR D 711 50.28 21.77 45.10
N SER D 712 49.18 22.08 44.41
CA SER D 712 48.31 23.20 44.74
C SER D 712 47.06 22.66 45.45
N LEU D 713 46.60 23.37 46.48
CA LEU D 713 45.43 23.02 47.28
C LEU D 713 44.18 22.97 46.39
N GLY D 714 43.44 21.88 46.50
CA GLY D 714 42.22 21.71 45.73
C GLY D 714 42.37 20.86 44.48
N SER D 715 43.62 20.57 44.07
CA SER D 715 43.87 19.74 42.89
C SER D 715 43.45 18.27 43.14
N ASP D 716 43.68 17.72 44.36
CA ASP D 716 43.20 16.37 44.68
C ASP D 716 41.68 16.32 44.77
N THR D 717 41.03 17.39 45.32
CA THR D 717 39.56 17.43 45.41
C THR D 717 39.00 17.37 44.02
N CYS D 718 39.55 18.23 43.12
CA CYS D 718 39.17 18.34 41.71
C CYS D 718 39.41 17.05 40.95
N LEU D 719 40.64 16.48 41.07
CA LEU D 719 41.06 15.23 40.43
C LEU D 719 40.09 14.10 40.74
N ASN D 720 39.75 13.97 42.01
CA ASN D 720 38.83 12.97 42.47
C ASN D 720 37.42 13.15 41.92
N SER D 721 36.91 14.40 41.84
CA SER D 721 35.54 14.62 41.32
C SER D 721 35.41 14.29 39.84
N PHE D 722 36.45 14.67 39.06
CA PHE D 722 36.55 14.42 37.63
C PHE D 722 36.76 12.92 37.36
N MET D 723 37.55 12.25 38.22
CA MET D 723 37.83 10.83 38.16
C MET D 723 36.53 10.04 38.35
N GLU D 724 35.67 10.50 39.28
CA GLU D 724 34.39 9.88 39.56
C GLU D 724 33.47 10.08 38.37
N TYR D 725 33.54 11.26 37.72
CA TYR D 725 32.75 11.62 36.52
C TYR D 725 33.16 10.74 35.33
N CYS D 726 34.46 10.61 35.08
CA CYS D 726 35.02 9.84 33.98
C CYS D 726 34.71 8.34 34.10
N ASP D 727 34.67 7.82 35.34
CA ASP D 727 34.34 6.44 35.61
C ASP D 727 32.93 6.14 35.11
N VAL D 728 31.95 6.98 35.49
CA VAL D 728 30.56 6.86 35.06
C VAL D 728 30.45 6.93 33.51
N ILE D 729 31.23 7.86 32.86
CA ILE D 729 31.21 8.03 31.42
C ILE D 729 31.79 6.80 30.70
N LYS D 730 32.93 6.25 31.19
CA LYS D 730 33.57 5.05 30.65
C LYS D 730 32.65 3.85 30.81
N GLN D 731 31.96 3.73 31.99
CA GLN D 731 31.02 2.66 32.32
C GLN D 731 29.89 2.69 31.31
N SER D 732 29.40 3.91 30.98
CA SER D 732 28.35 4.13 29.99
C SER D 732 28.84 3.74 28.56
N ALA D 733 30.10 4.03 28.22
CA ALA D 733 30.70 3.70 26.95
C ALA D 733 30.78 2.17 26.84
N ALA D 734 31.13 1.51 27.97
CA ALA D 734 31.26 0.06 28.11
C ALA D 734 29.93 -0.66 27.90
N ALA D 735 28.80 -0.01 28.22
CA ALA D 735 27.47 -0.56 28.03
C ALA D 735 27.03 -0.54 26.57
N THR D 736 27.44 0.49 25.77
CA THR D 736 27.01 0.63 24.35
C THR D 736 28.07 0.28 23.27
N ASN D 738 30.75 -0.19 21.63
CA ASN D 738 31.37 0.41 20.44
C ASN D 738 31.16 1.92 20.45
N ARG D 739 31.67 2.58 21.48
CA ARG D 739 31.52 4.01 21.63
C ARG D 739 32.72 4.62 22.35
N VAL D 740 33.04 5.88 21.99
CA VAL D 740 34.10 6.68 22.60
C VAL D 740 33.44 7.90 23.19
N PHE D 741 34.09 8.49 24.21
CA PHE D 741 33.64 9.73 24.78
C PHE D 741 34.78 10.75 24.76
N VAL D 742 34.52 11.92 24.21
CA VAL D 742 35.51 13.00 24.26
C VAL D 742 35.09 13.84 25.48
N VAL D 743 35.87 13.77 26.56
CA VAL D 743 35.59 14.43 27.83
C VAL D 743 36.39 15.73 27.97
N GLU D 744 35.70 16.91 27.91
CA GLU D 744 36.35 18.23 28.06
C GLU D 744 36.84 18.41 29.52
N VAL D 745 38.15 18.70 29.68
CA VAL D 745 38.80 18.87 30.98
C VAL D 745 39.08 20.36 31.26
N GLN D 746 38.99 20.78 32.55
CA GLN D 746 39.26 22.13 33.07
C GLN D 746 40.80 22.36 33.28
N GLY D 747 41.19 23.22 34.24
CA GLY D 747 42.61 23.51 34.50
C GLY D 747 43.29 24.59 33.64
N GLY D 748 42.55 25.14 32.69
CA GLY D 748 43.01 26.20 31.79
C GLY D 748 44.16 25.84 30.87
N ASN D 749 45.23 26.67 30.93
CA ASN D 749 46.47 26.49 30.14
C ASN D 749 47.41 25.43 30.77
N SER D 750 47.02 24.90 31.96
CA SER D 750 47.74 23.84 32.66
C SER D 750 47.13 22.47 32.32
N GLY D 751 47.96 21.58 31.82
CA GLY D 751 47.56 20.22 31.42
C GLY D 751 47.69 19.17 32.50
N TYR D 752 47.94 19.62 33.75
CA TYR D 752 48.12 18.77 34.92
C TYR D 752 46.91 17.88 35.20
N ILE D 753 45.68 18.45 35.23
CA ILE D 753 44.51 17.63 35.60
C ILE D 753 44.15 16.53 34.59
N ALA D 754 44.22 16.83 33.28
CA ALA D 754 43.93 15.87 32.22
C ALA D 754 44.99 14.76 32.19
N THR D 755 46.25 15.09 32.53
CA THR D 755 47.37 14.13 32.58
C THR D 755 47.07 13.06 33.61
N HIS D 756 46.75 13.52 34.82
CA HIS D 756 46.47 12.69 35.98
C HIS D 756 45.15 11.94 35.88
N ALA D 757 44.13 12.58 35.29
CA ALA D 757 42.81 11.95 35.07
C ALA D 757 42.94 10.81 34.06
N GLN D 758 43.86 10.96 33.05
CA GLN D 758 44.12 9.95 32.04
C GLN D 758 44.68 8.73 32.72
N LEU D 759 45.65 8.93 33.60
CA LEU D 759 46.27 7.82 34.33
C LEU D 759 45.23 7.13 35.27
N ALA D 760 44.53 7.91 36.11
CA ALA D 760 43.55 7.41 37.07
C ALA D 760 42.34 6.73 36.49
N CYS D 761 41.91 7.11 35.26
CA CYS D 761 40.67 6.57 34.64
C CYS D 761 40.89 5.57 33.56
N GLY D 762 42.11 5.51 33.05
CA GLY D 762 42.47 4.63 31.95
C GLY D 762 41.99 5.18 30.63
N ALA D 763 42.13 6.50 30.41
CA ALA D 763 41.74 7.14 29.15
C ALA D 763 42.77 6.78 28.10
N GLN D 764 42.33 6.56 26.87
CA GLN D 764 43.23 6.16 25.77
C GLN D 764 44.18 7.28 25.37
N ILE D 765 43.67 8.53 25.36
CA ILE D 765 44.37 9.78 24.98
C ILE D 765 43.96 10.93 25.93
N SER D 766 44.87 11.88 26.12
CA SER D 766 44.60 13.11 26.85
C SER D 766 45.29 14.20 26.04
N TYR D 767 44.49 15.16 25.55
CA TYR D 767 44.91 16.29 24.75
C TYR D 767 45.12 17.47 25.70
N VAL D 768 46.37 17.93 25.74
CA VAL D 768 46.89 18.92 26.66
C VAL D 768 47.35 20.26 26.01
N PRO D 769 47.18 21.40 26.74
CA PRO D 769 47.51 22.71 26.16
C PRO D 769 48.97 22.98 25.80
N GLU D 770 49.87 22.27 26.48
CA GLU D 770 51.32 22.36 26.31
C GLU D 770 51.72 21.72 24.98
N GLU D 771 51.00 20.66 24.53
CA GLU D 771 51.27 19.97 23.27
C GLU D 771 50.40 20.47 22.12
N GLY D 772 49.13 20.77 22.42
CA GLY D 772 48.14 21.14 21.43
C GLY D 772 47.56 19.88 20.80
N ILE D 773 46.82 20.02 19.67
CA ILE D 773 46.23 18.91 18.91
C ILE D 773 46.51 19.13 17.45
N SER D 774 47.38 18.29 16.86
CA SER D 774 47.70 18.35 15.44
C SER D 774 46.73 17.47 14.68
N LEU D 775 46.48 17.79 13.38
CA LEU D 775 45.60 16.98 12.52
C LEU D 775 46.20 15.60 12.32
N ALA D 776 47.54 15.53 12.16
CA ALA D 776 48.25 14.28 11.99
C ALA D 776 48.09 13.40 13.22
N GLN D 777 48.25 13.97 14.43
CA GLN D 777 48.03 13.20 15.68
C GLN D 777 46.57 12.82 15.82
N LEU D 778 45.65 13.72 15.42
CA LEU D 778 44.23 13.42 15.51
C LEU D 778 43.88 12.25 14.58
N GLU D 779 44.41 12.26 13.33
CA GLU D 779 44.16 11.17 12.38
C GLU D 779 44.76 9.86 12.92
N MET D 780 46.00 9.92 13.42
CA MET D 780 46.68 8.76 14.00
C MET D 780 45.87 8.18 15.15
N ASP D 781 45.45 9.03 16.10
CA ASP D 781 44.64 8.62 17.24
C ASP D 781 43.27 8.09 16.84
N ILE D 782 42.65 8.65 15.79
CA ILE D 782 41.37 8.11 15.32
C ILE D 782 41.59 6.69 14.76
N ASN D 783 42.67 6.49 13.98
CA ASN D 783 42.99 5.16 13.44
C ASN D 783 43.27 4.14 14.54
N SER D 784 43.78 4.61 15.69
CA SER D 784 44.04 3.82 16.89
C SER D 784 42.72 3.27 17.41
N LEU D 785 41.69 4.15 17.56
CA LEU D 785 40.31 3.85 17.99
C LEU D 785 39.71 2.81 17.03
N LYS D 786 39.85 3.04 15.71
CA LYS D 786 39.38 2.15 14.65
C LYS D 786 39.89 0.74 14.88
N GLU D 787 41.21 0.61 15.18
CA GLU D 787 41.87 -0.66 15.46
C GLU D 787 41.49 -1.22 16.82
N SER D 788 41.37 -0.36 17.84
CA SER D 788 40.97 -0.73 19.20
C SER D 788 39.65 -1.47 19.20
N PHE D 789 38.63 -0.91 18.53
CA PHE D 789 37.30 -1.54 18.42
C PHE D 789 37.31 -2.80 17.57
N ALA D 790 38.19 -2.88 16.58
CA ALA D 790 38.32 -4.05 15.72
C ALA D 790 38.92 -5.24 16.51
N ASN D 791 39.66 -4.91 17.61
CA ASN D 791 40.32 -5.88 18.48
C ASN D 791 39.58 -6.18 19.76
N ASP D 792 38.45 -5.54 19.98
CA ASP D 792 37.63 -5.75 21.18
C ASP D 792 36.92 -7.10 21.15
N GLN D 793 36.87 -7.70 19.96
CA GLN D 793 36.25 -9.01 19.70
C GLN D 793 36.97 -10.04 20.56
N GLY D 794 36.34 -10.38 21.68
CA GLY D 794 36.86 -11.35 22.63
C GLY D 794 37.20 -10.84 24.01
N LYS D 795 37.78 -9.62 24.10
CA LYS D 795 38.20 -9.04 25.38
C LYS D 795 37.05 -8.39 26.21
N THR D 796 37.41 -7.87 27.42
CA THR D 796 36.48 -7.17 28.32
C THR D 796 36.03 -5.87 27.68
N LYS D 797 34.76 -5.54 27.84
CA LYS D 797 34.29 -4.28 27.32
C LYS D 797 34.35 -3.28 28.47
N SER D 798 35.48 -2.54 28.53
CA SER D 798 35.72 -1.55 29.59
C SER D 798 35.36 -0.08 29.20
N GLY D 799 35.12 0.19 27.92
CA GLY D 799 34.77 1.51 27.42
C GLY D 799 35.98 2.34 27.11
N ARG D 800 35.83 3.38 26.28
CA ARG D 800 36.93 4.23 25.82
C ARG D 800 36.71 5.70 26.05
N LEU D 801 37.77 6.37 26.55
CA LEU D 801 37.77 7.80 26.81
C LEU D 801 38.91 8.51 26.15
N ILE D 802 38.64 9.75 25.73
CA ILE D 802 39.62 10.70 25.24
C ILE D 802 39.35 11.93 26.12
N LEU D 803 40.39 12.41 26.81
CA LEU D 803 40.29 13.58 27.65
C LEU D 803 40.88 14.77 26.88
N LYS D 804 40.09 15.85 26.69
CA LYS D 804 40.57 17.01 25.96
C LYS D 804 40.46 18.26 26.83
N SER D 805 41.62 18.81 27.26
CA SER D 805 41.66 20.07 28.04
C SER D 805 41.12 21.13 27.11
N GLU D 806 40.14 21.95 27.58
CA GLU D 806 39.56 22.99 26.73
C GLU D 806 40.63 23.80 25.94
N ASN D 807 41.77 24.11 26.63
CA ASN D 807 42.84 24.91 26.00
C ASN D 807 43.74 24.20 25.00
N ALA D 808 43.57 22.87 24.81
CA ALA D 808 44.40 22.11 23.86
C ALA D 808 44.27 22.63 22.41
N SER D 809 43.07 23.02 22.01
CA SER D 809 42.79 23.57 20.68
C SER D 809 41.53 24.45 20.71
N LYS D 810 41.64 25.63 20.11
CA LYS D 810 40.53 26.57 20.02
C LYS D 810 39.62 26.19 18.84
N VAL D 811 40.20 25.56 17.81
CA VAL D 811 39.55 25.14 16.59
C VAL D 811 39.00 23.72 16.78
N LEU D 812 39.90 22.76 17.09
CA LEU D 812 39.53 21.35 17.31
C LEU D 812 39.02 21.25 18.73
N THR D 813 37.73 21.53 18.89
CA THR D 813 37.04 21.50 20.17
C THR D 813 36.45 20.11 20.44
N THR D 814 36.07 19.85 21.69
CA THR D 814 35.46 18.59 22.12
C THR D 814 34.41 18.13 21.14
N GLU D 815 33.48 19.02 20.80
CA GLU D 815 32.36 18.80 19.89
C GLU D 815 32.83 18.56 18.46
N VAL D 816 33.82 19.33 17.96
CA VAL D 816 34.40 19.19 16.61
C VAL D 816 35.14 17.85 16.51
N ILE D 817 36.04 17.57 17.47
CA ILE D 817 36.82 16.34 17.55
C ILE D 817 35.91 15.11 17.42
N SER D 818 34.82 15.07 18.23
CA SER D 818 33.86 13.98 18.26
C SER D 818 33.15 13.80 16.93
N THR D 819 32.82 14.90 16.22
CA THR D 819 32.16 14.81 14.91
C THR D 819 33.10 14.24 13.85
N ILE D 820 34.41 14.53 13.99
CA ILE D 820 35.47 14.00 13.13
C ILE D 820 35.58 12.50 13.36
N ILE D 821 35.54 12.05 14.62
CA ILE D 821 35.59 10.63 14.98
C ILE D 821 34.45 9.88 14.33
N ASP D 822 33.22 10.43 14.39
CA ASP D 822 32.07 9.80 13.75
C ASP D 822 32.24 9.73 12.25
N ASP D 823 32.71 10.81 11.62
CA ASP D 823 32.94 10.87 10.20
C ASP D 823 33.90 9.76 9.79
N GLU D 824 35.05 9.70 10.47
CA GLU D 824 36.12 8.75 10.19
C GLU D 824 35.78 7.30 10.56
N ALA D 825 34.94 7.10 11.61
CA ALA D 825 34.56 5.77 12.13
C ALA D 825 33.84 4.89 11.13
N SER D 826 33.16 5.52 10.13
CA SER D 826 32.38 4.88 9.08
C SER D 826 31.40 3.80 9.60
N GLY D 827 30.60 4.20 10.59
CA GLY D 827 29.60 3.36 11.24
C GLY D 827 30.09 2.20 12.09
N ARG D 828 31.40 2.03 12.23
CA ARG D 828 31.94 0.92 13.01
C ARG D 828 31.85 1.13 14.54
N PHE D 829 31.67 2.38 14.95
CA PHE D 829 31.56 2.85 16.32
C PHE D 829 31.19 4.33 16.24
N ASP D 830 30.73 4.88 17.38
CA ASP D 830 30.34 6.28 17.44
C ASP D 830 31.05 7.00 18.51
N SER D 831 30.93 8.31 18.48
CA SER D 831 31.58 9.18 19.44
C SER D 831 30.56 10.12 19.97
N LYS D 832 30.65 10.36 21.28
CA LYS D 832 29.79 11.28 22.02
C LYS D 832 30.66 12.13 22.93
N THR D 833 30.29 13.38 23.15
CA THR D 833 31.04 14.28 24.03
C THR D 833 30.51 14.15 25.47
N ALA D 834 31.28 14.69 26.45
CA ALA D 834 30.98 14.78 27.87
C ALA D 834 31.61 16.11 28.31
N ILE D 835 30.78 17.15 28.45
CA ILE D 835 31.26 18.48 28.84
C ILE D 835 30.66 18.89 30.21
N PRO D 836 31.28 18.49 31.32
CA PRO D 836 30.69 18.78 32.64
C PRO D 836 30.66 20.26 33.02
N GLY D 837 31.70 21.01 32.63
CA GLY D 837 31.77 22.44 32.89
C GLY D 837 32.62 22.82 34.08
N HIS D 838 32.62 24.13 34.41
CA HIS D 838 33.39 24.72 35.52
C HIS D 838 32.77 24.43 36.91
N VAL D 839 32.28 23.19 37.07
CA VAL D 839 31.65 22.65 38.27
C VAL D 839 32.67 21.75 39.00
N GLN D 840 33.71 21.28 38.24
CA GLN D 840 34.83 20.40 38.66
C GLN D 840 35.51 20.79 39.98
N GLN D 841 35.31 22.06 40.45
CA GLN D 841 35.83 22.60 41.72
C GLN D 841 35.58 21.56 42.83
N GLY D 842 34.30 21.22 43.04
CA GLY D 842 33.86 20.25 44.03
C GLY D 842 33.55 20.89 45.36
N GLY D 843 32.62 20.27 46.09
CA GLY D 843 32.20 20.74 47.39
C GLY D 843 33.22 20.38 48.44
N ILE D 844 32.79 19.50 49.35
CA ILE D 844 33.52 18.95 50.46
C ILE D 844 34.97 18.60 50.05
N PRO D 845 36.02 19.34 50.55
CA PRO D 845 37.39 19.06 50.09
C PRO D 845 37.90 17.68 50.53
N SER D 846 38.81 17.11 49.73
CA SER D 846 39.37 15.79 50.00
C SER D 846 40.13 15.78 51.34
N PRO D 847 40.12 14.64 52.11
CA PRO D 847 40.88 14.60 53.37
C PRO D 847 42.32 15.07 53.19
N MET D 848 42.93 14.75 52.03
CA MET D 848 44.29 15.14 51.66
C MET D 848 44.39 16.67 51.64
N ASP D 849 43.45 17.32 50.93
CA ASP D 849 43.39 18.79 50.85
C ASP D 849 43.24 19.44 52.22
N ARG D 850 42.30 18.93 53.05
CA ARG D 850 42.05 19.42 54.41
C ARG D 850 43.33 19.33 55.26
N VAL D 851 44.03 18.18 55.16
CA VAL D 851 45.26 17.87 55.87
C VAL D 851 46.44 18.71 55.36
N ARG D 852 46.73 18.68 54.05
CA ARG D 852 47.82 19.48 53.47
C ARG D 852 47.68 20.99 53.78
N ALA D 853 46.43 21.55 53.69
CA ALA D 853 46.11 22.96 53.97
C ALA D 853 46.46 23.31 55.39
N SER D 854 46.21 22.39 56.36
CA SER D 854 46.52 22.57 57.78
C SER D 854 48.04 22.74 57.96
N ARG D 855 48.81 21.78 57.41
CA ARG D 855 50.26 21.70 57.42
C ARG D 855 50.89 22.99 56.88
N PHE D 856 50.44 23.43 55.70
CA PHE D 856 50.95 24.60 55.01
C PHE D 856 50.60 25.89 55.71
N ALA D 857 49.36 26.01 56.27
CA ALA D 857 48.91 27.22 56.99
C ALA D 857 49.81 27.45 58.20
N ILE D 858 50.16 26.35 58.92
CA ILE D 858 51.04 26.39 60.10
C ILE D 858 52.49 26.77 59.72
N ARG D 859 53.00 26.22 58.60
CA ARG D 859 54.36 26.53 58.11
C ARG D 859 54.45 28.00 57.72
N ALA D 860 53.32 28.54 57.22
CA ALA D 860 53.17 29.94 56.82
C ALA D 860 53.27 30.87 58.04
N VAL D 861 52.50 30.55 59.12
CA VAL D 861 52.49 31.32 60.38
C VAL D 861 53.88 31.29 60.99
N SER D 862 54.49 30.10 61.01
CA SER D 862 55.83 29.87 61.55
C SER D 862 56.94 30.65 60.83
N PHE D 863 56.78 30.86 59.50
CA PHE D 863 57.71 31.65 58.66
C PHE D 863 57.57 33.12 59.05
N ILE D 864 56.33 33.62 59.17
CA ILE D 864 56.01 34.99 59.54
C ILE D 864 56.61 35.28 60.92
N GLU D 865 56.53 34.30 61.86
CA GLU D 865 57.12 34.41 63.21
C GLU D 865 58.63 34.69 63.12
N ARG D 866 59.36 33.87 62.31
CA ARG D 866 60.80 33.91 62.06
C ARG D 866 61.29 35.19 61.41
N HIS D 867 60.57 35.68 60.39
CA HIS D 867 60.98 36.82 59.59
C HIS D 867 60.50 38.21 60.02
N SER D 868 59.48 38.30 60.89
CA SER D 868 58.92 39.57 61.37
C SER D 868 59.94 40.50 62.01
N ASP D 869 60.88 39.97 62.82
CA ASP D 869 61.90 40.79 63.49
C ASP D 869 62.81 41.53 62.50
N ARG D 870 63.26 40.83 61.44
CA ARG D 870 64.11 41.36 60.36
C ARG D 870 63.41 42.47 59.58
N CYS D 871 62.12 42.26 59.26
CA CYS D 871 61.24 43.17 58.50
C CYS D 871 61.03 44.52 59.16
N GLN D 872 60.81 44.53 60.50
CA GLN D 872 60.57 45.74 61.27
C GLN D 872 61.70 46.78 61.22
N THR D 873 62.87 46.37 60.70
CA THR D 873 64.02 47.25 60.48
C THR D 873 63.75 48.13 59.26
N PHE D 874 63.20 47.52 58.19
CA PHE D 874 62.85 48.15 56.92
C PHE D 874 61.53 48.92 57.05
N LYS D 875 60.64 48.44 57.94
CA LYS D 875 59.32 48.99 58.22
C LYS D 875 59.45 50.36 58.90
N ASN D 876 60.20 50.41 60.00
CA ASN D 876 60.39 51.64 60.78
C ASN D 876 61.37 52.62 60.14
N SER D 877 61.99 52.25 59.02
CA SER D 877 62.95 53.11 58.35
C SER D 877 62.55 53.53 56.94
N ILE D 878 62.86 54.79 56.60
CA ILE D 878 62.71 55.36 55.25
C ILE D 878 64.06 54.93 54.56
N SER D 879 64.53 55.61 53.50
CA SER D 879 65.78 55.26 52.78
C SER D 879 65.91 53.73 52.49
N PHE D 880 64.76 53.06 52.30
CA PHE D 880 64.66 51.66 51.99
C PHE D 880 65.08 51.47 50.55
N ARG D 881 66.26 50.87 50.33
CA ARG D 881 66.81 50.71 48.98
C ARG D 881 66.43 49.35 48.32
N GLN D 882 65.51 48.55 48.96
CA GLN D 882 64.99 47.26 48.47
C GLN D 882 66.07 46.18 48.35
N THR D 883 66.71 45.84 49.49
CA THR D 883 67.81 44.86 49.61
C THR D 883 67.41 43.40 49.37
N ASP D 884 68.35 42.47 49.63
CA ASP D 884 68.17 41.03 49.48
C ASP D 884 67.55 40.42 50.74
N GLU D 885 67.79 41.03 51.91
CA GLU D 885 67.26 40.58 53.21
C GLU D 885 65.74 40.70 53.25
N ILE D 886 65.21 41.74 52.58
CA ILE D 886 63.78 42.03 52.50
C ILE D 886 63.04 41.27 51.39
N THR D 887 63.65 41.13 50.19
CA THR D 887 63.03 40.41 49.08
C THR D 887 62.77 38.93 49.41
N SER D 888 63.54 38.37 50.36
CA SER D 888 63.43 36.99 50.81
C SER D 888 62.14 36.72 51.59
N THR D 889 61.54 37.78 52.19
CA THR D 889 60.32 37.68 53.00
C THR D 889 59.02 37.53 52.21
N ALA D 890 59.03 37.95 50.95
CA ALA D 890 57.91 37.80 50.03
C ALA D 890 58.21 36.48 49.31
N VAL D 891 57.54 35.41 49.77
CA VAL D 891 57.82 34.03 49.40
C VAL D 891 56.60 33.16 48.99
N VAL D 892 56.87 32.03 48.28
CA VAL D 892 55.85 31.03 47.87
C VAL D 892 56.18 29.69 48.57
N LEU D 893 55.25 29.19 49.43
CA LEU D 893 55.39 27.91 50.12
C LEU D 893 55.15 26.78 49.09
N GLY D 894 56.06 25.83 49.00
CA GLY D 894 55.90 24.76 48.03
C GLY D 894 56.57 23.42 48.23
N ILE D 895 56.05 22.41 47.53
CA ILE D 895 56.60 21.05 47.52
C ILE D 895 57.55 20.98 46.31
N HIS D 896 58.80 20.53 46.56
CA HIS D 896 59.80 20.30 45.52
C HIS D 896 60.68 19.06 45.79
N LYS D 897 60.31 17.93 45.14
CA LYS D 897 60.93 16.59 45.22
C LYS D 897 60.68 15.86 46.56
N GLN D 899 60.89 17.65 49.34
CA GLN D 899 61.23 18.83 50.16
C GLN D 899 60.13 19.90 50.13
N LEU D 900 59.76 20.41 51.32
CA LEU D 900 58.81 21.51 51.45
C LEU D 900 59.66 22.79 51.66
N ARG D 901 59.63 23.71 50.69
CA ARG D 901 60.46 24.91 50.70
C ARG D 901 59.70 26.23 50.36
N PHE D 902 60.20 27.34 50.93
CA PHE D 902 59.73 28.70 50.68
C PHE D 902 60.66 29.29 49.61
N THR D 903 60.09 29.73 48.47
CA THR D 903 60.87 30.27 47.36
C THR D 903 60.56 31.75 47.18
N PRO D 904 61.59 32.66 47.20
CA PRO D 904 61.30 34.10 47.02
C PRO D 904 60.57 34.37 45.71
N ILE D 905 59.48 35.16 45.76
CA ILE D 905 58.64 35.50 44.61
C ILE D 905 59.44 35.97 43.40
N ARG D 906 60.53 36.74 43.63
CA ARG D 906 61.39 37.28 42.58
C ARG D 906 61.87 36.23 41.57
N GLN D 907 62.49 35.12 42.03
CA GLN D 907 62.99 34.06 41.13
C GLN D 907 61.94 33.27 40.36
N LEU D 908 60.76 33.10 40.94
CA LEU D 908 59.67 32.36 40.29
C LEU D 908 58.91 33.22 39.27
N TYR D 909 58.79 34.53 39.53
CA TYR D 909 58.06 35.42 38.64
C TYR D 909 58.90 35.76 37.42
N ASP D 910 60.15 36.20 37.65
CA ASP D 910 61.06 36.59 36.59
C ASP D 910 61.49 35.40 35.73
N PHE D 911 61.78 34.24 36.35
CA PHE D 911 62.34 33.08 35.65
C PHE D 911 61.50 31.84 35.47
N GLU D 912 60.66 31.49 36.44
CA GLU D 912 59.86 30.26 36.38
C GLU D 912 58.41 30.36 35.88
N SER D 913 57.99 31.54 35.37
CA SER D 913 56.59 31.66 34.94
C SER D 913 56.30 32.35 33.60
N ASP D 914 55.16 31.97 32.95
CA ASP D 914 54.62 32.63 31.77
C ASP D 914 53.66 33.66 32.35
N VAL D 915 54.28 34.72 32.93
CA VAL D 915 53.69 35.89 33.59
C VAL D 915 52.48 36.41 32.82
N PRO D 916 52.60 36.25 31.47
CA PRO D 916 51.60 36.80 30.56
C PRO D 916 50.28 36.01 30.55
N ARG D 917 49.43 36.31 29.56
CA ARG D 917 48.11 35.73 29.32
C ARG D 917 48.01 34.21 29.52
N ARG D 918 49.15 33.46 29.43
CA ARG D 918 49.13 32.01 29.60
C ARG D 918 48.91 31.59 31.05
N MET D 919 49.60 32.28 32.00
CA MET D 919 49.53 32.03 33.45
C MET D 919 49.93 30.58 33.77
N ARG D 920 51.24 30.26 33.60
CA ARG D 920 51.82 28.92 33.82
C ARG D 920 53.36 28.96 33.91
N ASN D 922 57.18 25.80 32.96
CA ASN D 922 57.71 24.46 32.68
C ASN D 922 57.11 23.35 33.58
N ILE D 923 56.49 22.33 32.94
CA ILE D 923 55.84 21.17 33.57
C ILE D 923 56.80 20.14 34.17
N PHE D 924 56.30 19.36 35.15
CA PHE D 924 57.04 18.28 35.80
C PHE D 924 56.48 16.91 35.44
N TRP D 925 55.17 16.84 35.21
CA TRP D 925 54.40 15.63 34.88
C TRP D 925 54.69 14.87 33.55
N SER D 926 55.80 15.20 32.86
CA SER D 926 56.24 14.56 31.62
C SER D 926 56.32 13.04 31.71
N ASN D 927 56.89 12.50 32.80
CA ASN D 927 56.98 11.04 33.00
C ASN D 927 55.58 10.38 33.14
N VAL D 928 54.69 10.98 33.94
CA VAL D 928 53.32 10.49 34.16
C VAL D 928 52.66 10.32 32.81
N ARG D 929 52.82 11.32 31.91
CA ARG D 929 52.30 11.33 30.53
C ARG D 929 52.79 10.13 29.72
N GLU D 930 54.11 9.85 29.77
CA GLU D 930 54.76 8.76 29.05
C GLU D 930 54.18 7.42 29.45
N ILE D 931 54.03 7.21 30.78
CA ILE D 931 53.47 5.99 31.38
C ILE D 931 52.00 5.79 31.00
N SER D 932 51.18 6.88 31.01
CA SER D 932 49.77 6.73 30.66
C SER D 932 49.57 6.43 29.21
N ASP D 933 50.53 6.84 28.34
CA ASP D 933 50.44 6.52 26.92
C ASP D 933 50.84 5.06 26.73
N MET D 934 51.86 4.61 27.50
CA MET D 934 52.37 3.24 27.50
C MET D 934 51.23 2.27 27.88
N LEU D 935 50.53 2.56 28.99
CA LEU D 935 49.47 1.73 29.54
C LEU D 935 48.21 1.64 28.69
N SER D 936 48.05 2.58 27.74
CA SER D 936 46.89 2.63 26.86
C SER D 936 47.23 2.36 25.39
N GLY D 937 48.50 2.15 25.11
CA GLY D 937 48.94 1.86 23.75
C GLY D 937 48.95 3.04 22.80
N ARG D 938 49.13 4.27 23.32
CA ARG D 938 49.13 5.47 22.47
C ARG D 938 50.45 5.64 21.77
N THR D 939 50.37 6.01 20.48
CA THR D 939 51.51 6.28 19.59
C THR D 939 51.53 7.78 19.22
N SER D 940 52.53 8.53 19.72
CA SER D 940 52.69 9.96 19.44
C SER D 940 53.46 10.22 18.11
N LEU D 941 53.78 11.49 17.80
CA LEU D 941 54.54 11.88 16.60
C LEU D 941 55.76 12.80 16.89
N SER E 5 -61.52 -65.64 -1.59
CA SER E 5 -61.92 -64.25 -1.34
C SER E 5 -62.84 -63.70 -2.46
N ILE E 6 -63.92 -64.44 -2.78
CA ILE E 6 -64.92 -64.03 -3.78
C ILE E 6 -65.96 -63.12 -3.11
N SER E 7 -66.13 -61.87 -3.60
CA SER E 7 -67.07 -60.89 -3.06
C SER E 7 -68.54 -61.30 -3.22
N ASP E 8 -68.98 -61.54 -4.47
CA ASP E 8 -70.34 -61.98 -4.83
C ASP E 8 -70.30 -62.65 -6.22
N LEU E 9 -71.41 -62.59 -6.96
CA LEU E 9 -71.55 -63.13 -8.32
C LEU E 9 -71.60 -61.92 -9.26
N SER E 10 -70.80 -61.96 -10.34
CA SER E 10 -70.72 -60.86 -11.31
C SER E 10 -71.92 -60.85 -12.26
N PHE E 11 -72.19 -61.97 -12.96
CA PHE E 11 -73.27 -62.08 -13.94
C PHE E 11 -73.54 -63.54 -14.30
N THR E 12 -74.64 -63.79 -15.02
CA THR E 12 -74.95 -65.12 -15.54
C THR E 12 -74.83 -65.05 -17.05
N SER E 13 -74.23 -66.08 -17.67
CA SER E 13 -74.05 -66.14 -19.12
C SER E 13 -74.91 -67.25 -19.71
N PHE E 14 -75.63 -66.95 -20.80
CA PHE E 14 -76.46 -67.95 -21.48
C PHE E 14 -76.01 -68.04 -22.93
N VAL E 15 -75.46 -69.19 -23.34
CA VAL E 15 -74.95 -69.39 -24.70
C VAL E 15 -75.93 -70.22 -25.56
N THR E 16 -76.21 -69.77 -26.81
CA THR E 16 -77.11 -70.43 -27.76
C THR E 16 -76.48 -70.54 -29.16
N ASN E 17 -76.90 -71.56 -29.93
CA ASN E 17 -76.45 -71.81 -31.30
C ASN E 17 -77.46 -71.17 -32.27
N ASP E 18 -78.75 -71.24 -31.92
CA ASP E 18 -79.87 -70.73 -32.70
C ASP E 18 -80.02 -69.23 -32.51
N ASP E 19 -79.94 -68.46 -33.62
CA ASP E 19 -80.09 -67.00 -33.59
C ASP E 19 -81.53 -66.61 -33.26
N ASN E 20 -82.49 -67.38 -33.79
CA ASN E 20 -83.93 -67.16 -33.56
C ASN E 20 -84.24 -67.28 -32.07
N LEU E 21 -83.59 -68.24 -31.38
CA LEU E 21 -83.71 -68.44 -29.93
C LEU E 21 -83.03 -67.30 -29.18
N PHE E 22 -81.87 -66.85 -29.68
CA PHE E 22 -81.08 -65.76 -29.10
C PHE E 22 -81.89 -64.45 -29.06
N GLU E 23 -82.44 -64.02 -30.22
CA GLU E 23 -83.21 -62.77 -30.34
C GLU E 23 -84.48 -62.81 -29.51
N GLU E 24 -85.16 -63.97 -29.46
CA GLU E 24 -86.39 -64.17 -28.69
C GLU E 24 -86.11 -64.12 -27.18
N THR E 25 -84.89 -64.50 -26.75
CA THR E 25 -84.47 -64.46 -25.35
C THR E 25 -84.21 -63.02 -24.95
N PHE E 26 -83.56 -62.27 -25.86
CA PHE E 26 -83.25 -60.85 -25.70
C PHE E 26 -84.56 -60.06 -25.49
N ASN E 27 -85.54 -60.25 -26.40
CA ASN E 27 -86.85 -59.60 -26.33
C ASN E 27 -87.64 -59.99 -25.07
N PHE E 28 -87.43 -61.22 -24.54
CA PHE E 28 -88.05 -61.74 -23.32
C PHE E 28 -87.65 -60.93 -22.11
N TYR E 29 -86.32 -60.74 -21.91
CA TYR E 29 -85.80 -59.97 -20.78
C TYR E 29 -85.99 -58.48 -20.97
N THR E 30 -86.08 -58.02 -22.24
CA THR E 30 -86.33 -56.62 -22.62
C THR E 30 -87.69 -56.18 -22.05
N LYS E 31 -88.71 -57.06 -22.19
CA LYS E 31 -90.07 -56.87 -21.67
C LYS E 31 -90.08 -56.94 -20.12
N LEU E 32 -89.08 -57.65 -19.53
CA LEU E 32 -88.94 -57.85 -18.08
C LEU E 32 -88.11 -56.79 -17.32
N GLY E 33 -87.72 -55.72 -17.98
CA GLY E 33 -86.97 -54.63 -17.35
C GLY E 33 -85.47 -54.57 -17.62
N PHE E 34 -84.98 -55.37 -18.58
CA PHE E 34 -83.56 -55.35 -18.93
C PHE E 34 -83.26 -54.34 -20.00
N HIS E 35 -82.06 -53.79 -19.94
CA HIS E 35 -81.54 -52.77 -20.84
C HIS E 35 -80.24 -53.25 -21.41
N ALA E 36 -80.10 -53.22 -22.73
CA ALA E 36 -78.86 -53.62 -23.39
C ALA E 36 -77.84 -52.50 -23.23
N THR E 37 -76.80 -52.78 -22.43
CA THR E 37 -75.73 -51.82 -22.15
C THR E 37 -74.56 -51.97 -23.13
N ARG E 38 -74.30 -53.20 -23.60
CA ARG E 38 -73.23 -53.49 -24.55
C ARG E 38 -73.64 -54.50 -25.62
N SER E 39 -73.23 -54.26 -26.89
CA SER E 39 -73.50 -55.14 -28.04
C SER E 39 -72.25 -55.48 -28.86
N TYR E 40 -72.22 -56.71 -29.43
CA TYR E 40 -71.12 -57.21 -30.27
C TYR E 40 -71.63 -57.98 -31.49
N VAL E 41 -70.87 -57.92 -32.61
CA VAL E 41 -71.10 -58.63 -33.88
C VAL E 41 -69.77 -58.84 -34.65
N LYS E 42 -69.70 -59.85 -35.56
CA LYS E 42 -68.53 -60.19 -36.38
C LYS E 42 -67.83 -58.99 -37.09
N ASN E 44 -65.90 -55.39 -39.72
CA ASN E 44 -65.67 -54.20 -38.88
C ASN E 44 -64.60 -54.40 -37.77
N ARG E 45 -63.56 -53.54 -37.76
CA ARG E 45 -62.45 -53.58 -36.80
C ARG E 45 -62.64 -52.65 -35.58
N SER E 46 -63.66 -51.78 -35.62
CA SER E 46 -63.96 -50.79 -34.57
C SER E 46 -64.38 -51.38 -33.21
N ASP E 47 -65.13 -52.51 -33.21
CA ASP E 47 -65.65 -53.20 -32.03
C ASP E 47 -64.57 -53.50 -30.97
N PHE E 48 -64.88 -53.22 -29.68
CA PHE E 48 -63.99 -53.51 -28.54
C PHE E 48 -64.25 -54.94 -28.08
N GLU E 49 -63.20 -55.70 -27.76
CA GLU E 49 -63.34 -57.09 -27.30
C GLU E 49 -62.87 -57.23 -25.86
N LEU E 50 -63.76 -57.70 -24.98
CA LEU E 50 -63.48 -57.95 -23.55
C LEU E 50 -63.91 -59.37 -23.23
N THR E 51 -65.01 -59.83 -23.89
CA THR E 51 -65.56 -61.17 -23.83
C THR E 51 -65.98 -61.62 -25.24
N GLY E 52 -65.63 -62.87 -25.58
CA GLY E 52 -65.93 -63.50 -26.86
C GLY E 52 -65.63 -64.99 -26.99
N ILE E 53 -65.43 -65.69 -25.84
CA ILE E 53 -65.12 -67.12 -25.69
C ILE E 53 -65.33 -67.55 -24.19
N SER E 54 -66.00 -68.70 -23.89
CA SER E 54 -66.57 -69.71 -24.81
C SER E 54 -68.01 -70.08 -24.41
N ASP E 56 -65.52 -69.25 -30.80
CA ASP E 56 -65.87 -67.93 -30.28
C ASP E 56 -67.39 -67.62 -30.38
N SER E 57 -67.79 -66.32 -30.39
CA SER E 57 -69.19 -65.85 -30.46
C SER E 57 -69.37 -64.88 -31.65
N ILE E 58 -70.45 -65.06 -32.43
CA ILE E 58 -70.78 -64.21 -33.59
C ILE E 58 -71.49 -62.91 -33.17
N LYS E 59 -72.37 -63.00 -32.16
CA LYS E 59 -73.11 -61.88 -31.57
C LYS E 59 -73.15 -62.04 -30.04
N GLU E 60 -73.20 -60.92 -29.31
CA GLU E 60 -73.26 -60.86 -27.85
C GLU E 60 -73.97 -59.60 -27.38
N ILE E 61 -75.02 -59.76 -26.56
CA ILE E 61 -75.78 -58.64 -25.99
C ILE E 61 -75.71 -58.71 -24.46
N TRP E 62 -75.20 -57.64 -23.85
CA TRP E 62 -75.08 -57.54 -22.40
C TRP E 62 -76.23 -56.70 -21.83
N LEU E 63 -77.18 -57.38 -21.17
CA LEU E 63 -78.36 -56.76 -20.56
C LEU E 63 -78.14 -56.49 -19.07
N GLU E 64 -78.66 -55.37 -18.58
CA GLU E 64 -78.58 -54.98 -17.17
C GLU E 64 -79.93 -54.49 -16.65
N SER E 65 -80.38 -55.08 -15.53
CA SER E 65 -81.56 -54.66 -14.80
C SER E 65 -80.90 -53.89 -13.64
N PHE E 66 -80.81 -52.56 -13.81
CA PHE E 66 -80.14 -51.62 -12.91
C PHE E 66 -80.56 -51.71 -11.45
N PRO E 67 -79.60 -51.52 -10.49
CA PRO E 67 -79.94 -51.59 -9.07
C PRO E 67 -80.94 -50.53 -8.64
N LEU E 68 -81.60 -50.74 -7.49
CA LEU E 68 -82.57 -49.76 -7.01
C LEU E 68 -81.92 -48.78 -6.04
N SER E 69 -82.05 -47.48 -6.33
CA SER E 69 -81.50 -46.39 -5.52
C SER E 69 -82.64 -45.51 -4.98
N GLU E 70 -82.33 -44.57 -4.05
CA GLU E 70 -83.35 -43.73 -3.41
C GLU E 70 -83.90 -42.55 -4.23
N VAL E 71 -84.92 -42.79 -5.08
CA VAL E 71 -85.56 -41.81 -5.97
C VAL E 71 -85.82 -40.39 -5.40
N VAL E 72 -85.49 -39.37 -6.23
CA VAL E 72 -85.63 -37.93 -5.94
C VAL E 72 -86.99 -37.41 -6.40
N GLU E 73 -87.70 -36.74 -5.48
CA GLU E 73 -89.05 -36.16 -5.63
C GLU E 73 -89.24 -35.20 -6.82
N ALA E 74 -88.57 -34.02 -6.82
CA ALA E 74 -88.68 -33.00 -7.87
C ALA E 74 -87.88 -33.37 -9.11
N GLY E 77 -94.64 -30.17 -7.54
CA GLY E 77 -93.89 -31.43 -7.65
C GLY E 77 -94.04 -32.09 -9.02
N ARG E 78 -92.92 -32.22 -9.75
CA ARG E 78 -92.85 -32.82 -11.10
C ARG E 78 -92.87 -34.37 -11.05
N GLU E 79 -92.12 -35.05 -11.95
CA GLU E 79 -92.06 -36.50 -11.97
C GLU E 79 -90.75 -37.06 -11.43
N LEU E 80 -90.85 -38.21 -10.72
CA LEU E 80 -89.77 -38.92 -10.03
C LEU E 80 -88.59 -39.39 -10.88
N ARG E 81 -87.35 -39.02 -10.44
CA ARG E 81 -86.07 -39.36 -11.08
C ARG E 81 -85.10 -39.98 -10.07
N LYS E 82 -84.13 -40.80 -10.57
CA LYS E 82 -83.11 -41.49 -9.76
C LYS E 82 -82.19 -40.49 -9.00
N PRO E 83 -81.68 -40.83 -7.79
CA PRO E 83 -80.78 -39.89 -7.09
C PRO E 83 -79.36 -40.03 -7.64
N LEU E 84 -78.38 -39.63 -6.83
CA LEU E 84 -76.97 -39.74 -7.17
C LEU E 84 -76.36 -40.55 -6.04
N GLN E 85 -75.06 -40.46 -5.83
CA GLN E 85 -74.47 -41.12 -4.67
C GLN E 85 -74.12 -40.03 -3.64
N GLU E 86 -75.21 -39.31 -3.33
CA GLU E 86 -75.45 -38.24 -2.37
C GLU E 86 -76.61 -38.84 -1.55
N SER E 87 -76.94 -40.10 -1.88
CA SER E 87 -77.96 -40.99 -1.30
C SER E 87 -77.68 -41.29 0.16
N VAL E 88 -78.69 -41.89 0.85
CA VAL E 88 -78.74 -42.19 2.28
C VAL E 88 -77.54 -42.89 2.94
N GLY E 89 -77.27 -44.13 2.54
CA GLY E 89 -76.18 -44.91 3.12
C GLY E 89 -74.97 -45.10 2.24
N TYR E 90 -74.77 -44.20 1.27
CA TYR E 90 -73.63 -44.33 0.38
C TYR E 90 -72.32 -44.03 1.08
N GLU E 91 -71.45 -45.03 1.15
CA GLU E 91 -70.13 -44.93 1.76
C GLU E 91 -69.12 -45.12 0.65
N SER E 92 -68.39 -44.05 0.28
CA SER E 92 -67.38 -44.06 -0.78
C SER E 92 -66.18 -44.94 -0.40
N GLU E 93 -65.75 -45.84 -1.32
CA GLU E 93 -64.60 -46.74 -1.11
C GLU E 93 -63.37 -46.32 -1.95
N ALA E 94 -62.30 -47.16 -1.97
CA ALA E 94 -61.09 -46.91 -2.77
C ALA E 94 -61.46 -46.95 -4.26
N LEU E 95 -62.39 -47.87 -4.61
CA LEU E 95 -62.99 -47.97 -5.94
C LEU E 95 -64.36 -47.28 -5.82
N LEU E 96 -65.44 -47.98 -6.08
CA LEU E 96 -66.76 -47.38 -5.93
C LEU E 96 -67.28 -47.77 -4.54
N GLY E 97 -68.22 -47.01 -3.98
CA GLY E 97 -68.73 -47.23 -2.62
C GLY E 97 -69.83 -48.25 -2.35
N TYR E 98 -70.65 -47.98 -1.29
CA TYR E 98 -71.80 -48.77 -0.79
C TYR E 98 -73.04 -47.88 -0.63
N PRO E 100 -79.05 -49.47 -1.70
CA PRO E 100 -78.85 -49.82 -3.12
C PRO E 100 -78.98 -51.32 -3.43
N TYR E 101 -80.16 -51.72 -3.95
CA TYR E 101 -80.40 -53.14 -4.27
C TYR E 101 -79.75 -53.58 -5.56
N GLN E 102 -78.45 -53.94 -5.48
CA GLN E 102 -77.57 -54.40 -6.56
C GLN E 102 -78.20 -55.37 -7.55
N GLY E 104 -78.77 -56.60 -11.12
CA GLY E 104 -78.57 -57.90 -11.74
C GLY E 104 -78.38 -57.87 -13.25
N GLY E 105 -77.18 -58.25 -13.70
CA GLY E 105 -76.81 -58.29 -15.11
C GLY E 105 -76.68 -59.69 -15.67
N VAL E 106 -77.21 -59.93 -16.90
CA VAL E 106 -77.17 -61.23 -17.59
C VAL E 106 -76.61 -61.10 -19.01
N VAL E 107 -75.46 -61.71 -19.26
CA VAL E 107 -74.74 -61.68 -20.53
C VAL E 107 -75.29 -62.77 -21.51
N ILE E 108 -75.84 -62.36 -22.67
CA ILE E 108 -76.35 -63.31 -23.66
C ILE E 108 -75.34 -63.44 -24.80
N LYS E 109 -74.82 -64.67 -25.01
CA LYS E 109 -73.79 -65.01 -26.01
C LYS E 109 -74.34 -65.90 -27.15
N LEU E 110 -73.90 -65.64 -28.41
CA LEU E 110 -74.35 -66.41 -29.58
C LEU E 110 -73.19 -67.06 -30.36
N ARG E 111 -73.13 -68.41 -30.31
CA ARG E 111 -72.11 -69.20 -31.00
C ARG E 111 -72.47 -69.37 -32.50
N LEU E 112 -71.51 -69.88 -33.32
CA LEU E 112 -71.63 -70.10 -34.76
C LEU E 112 -72.71 -71.14 -35.14
N SER E 113 -72.80 -71.50 -36.45
CA SER E 113 -73.72 -72.49 -37.02
C SER E 113 -73.52 -73.88 -36.38
N ASN E 114 -72.24 -74.24 -36.14
CA ASN E 114 -71.81 -75.50 -35.52
C ASN E 114 -71.27 -75.22 -34.10
N GLU E 118 -68.12 -78.30 -31.10
CA GLU E 118 -69.05 -77.37 -31.72
C GLU E 118 -69.80 -76.54 -30.66
N LYS E 119 -70.55 -77.21 -29.74
CA LYS E 119 -71.32 -76.62 -28.63
C LYS E 119 -71.87 -77.70 -27.67
N ASN E 120 -71.71 -77.49 -26.34
CA ASN E 120 -72.19 -78.42 -25.31
C ASN E 120 -73.68 -78.31 -25.08
N ASN E 121 -74.26 -79.37 -24.50
CA ASN E 121 -75.68 -79.44 -24.17
C ASN E 121 -75.95 -78.74 -22.83
N ASP E 122 -77.16 -78.19 -22.68
CA ASP E 122 -77.59 -77.49 -21.46
C ASP E 122 -77.76 -78.44 -20.25
N LEU E 123 -77.11 -78.08 -19.14
CA LEU E 123 -77.11 -78.83 -17.87
C LEU E 123 -78.27 -78.38 -16.94
N PRO E 124 -78.40 -79.05 -15.77
CA PRO E 124 -79.65 -78.99 -15.02
C PRO E 124 -79.78 -77.78 -14.08
N GLY E 125 -78.66 -77.15 -13.74
CA GLY E 125 -78.58 -75.99 -12.85
C GLY E 125 -79.43 -74.80 -13.20
N GLU E 126 -79.76 -73.97 -12.18
CA GLU E 126 -80.59 -72.75 -12.28
C GLU E 126 -80.09 -71.62 -11.36
N VAL E 127 -80.53 -70.38 -11.64
CA VAL E 127 -80.20 -69.18 -10.85
C VAL E 127 -81.48 -68.60 -10.23
N THR E 128 -81.38 -68.14 -8.97
CA THR E 128 -82.50 -67.52 -8.28
C THR E 128 -82.19 -66.04 -8.03
N PHE E 129 -83.01 -65.16 -8.61
CA PHE E 129 -82.84 -63.71 -8.52
C PHE E 129 -83.79 -63.11 -7.48
N PHE E 130 -83.40 -61.95 -6.93
CA PHE E 130 -84.21 -61.24 -5.94
C PHE E 130 -85.11 -60.18 -6.59
N THR E 131 -86.38 -60.12 -6.13
CA THR E 131 -87.37 -59.13 -6.56
C THR E 131 -88.20 -58.61 -5.38
N ALA E 132 -88.27 -57.28 -5.26
CA ALA E 132 -89.06 -56.58 -4.23
C ALA E 132 -90.49 -56.30 -4.76
N SER E 133 -90.85 -56.92 -5.90
CA SER E 133 -92.14 -56.78 -6.59
C SER E 133 -92.62 -58.15 -7.12
N ILE E 134 -92.57 -59.20 -6.26
CA ILE E 134 -92.96 -60.60 -6.59
C ILE E 134 -94.25 -60.76 -7.39
N ASP E 135 -95.29 -59.98 -7.05
CA ASP E 135 -96.60 -60.01 -7.70
C ASP E 135 -96.59 -59.23 -9.02
N LYS E 136 -95.84 -58.11 -9.07
CA LYS E 136 -95.69 -57.28 -10.27
C LYS E 136 -94.97 -58.06 -11.38
N LEU E 137 -93.97 -58.88 -10.99
CA LEU E 137 -93.21 -59.75 -11.89
C LEU E 137 -94.08 -60.92 -12.37
N LYS E 138 -94.86 -61.52 -11.44
CA LYS E 138 -95.81 -62.61 -11.66
C LYS E 138 -96.80 -62.17 -12.73
N ALA E 139 -97.31 -60.92 -12.62
CA ALA E 139 -98.26 -60.30 -13.55
C ALA E 139 -97.73 -60.10 -14.96
N LYS E 140 -96.44 -59.71 -15.13
CA LYS E 140 -95.81 -59.53 -16.44
C LYS E 140 -95.59 -60.87 -17.09
N LEU E 141 -95.21 -61.88 -16.27
CA LEU E 141 -94.97 -63.24 -16.73
C LEU E 141 -96.26 -63.86 -17.25
N ILE E 142 -97.39 -63.69 -16.51
CA ILE E 142 -98.69 -64.17 -16.99
C ILE E 142 -99.12 -63.37 -18.24
N GLU E 143 -98.72 -62.07 -18.31
CA GLU E 143 -98.98 -61.20 -19.46
C GLU E 143 -98.09 -61.56 -20.65
N ILE E 144 -96.97 -62.28 -20.39
CA ILE E 144 -96.03 -62.70 -21.43
C ILE E 144 -95.94 -64.24 -21.56
N GLY E 145 -95.04 -64.86 -20.77
CA GLY E 145 -94.73 -66.30 -20.80
C GLY E 145 -95.39 -67.20 -19.78
N ALA E 146 -94.60 -68.13 -19.18
CA ALA E 146 -95.08 -69.14 -18.22
C ALA E 146 -94.63 -68.95 -16.77
N GLU E 147 -95.42 -69.47 -15.80
CA GLU E 147 -95.15 -69.36 -14.36
C GLU E 147 -95.10 -70.73 -13.65
N ILE E 148 -93.88 -71.30 -13.53
CA ILE E 148 -93.60 -72.60 -12.88
C ILE E 148 -93.83 -72.48 -11.37
N ILE E 149 -94.32 -73.57 -10.77
CA ILE E 149 -94.64 -73.68 -9.35
C ILE E 149 -93.35 -73.89 -8.51
N PRO E 150 -93.25 -73.36 -7.26
CA PRO E 150 -91.99 -73.51 -6.50
C PRO E 150 -91.85 -74.73 -5.57
N SER E 151 -90.59 -74.97 -5.15
CA SER E 151 -90.13 -75.97 -4.19
C SER E 151 -89.02 -75.31 -3.35
N LYS E 152 -89.00 -75.58 -2.02
CA LYS E 152 -88.06 -75.06 -1.01
C LYS E 152 -88.27 -73.58 -0.69
N LEU E 155 -86.45 -70.94 -0.31
CA LEU E 155 -86.79 -69.52 -0.41
C LEU E 155 -87.56 -69.14 -1.67
N VAL E 156 -87.40 -69.93 -2.77
CA VAL E 156 -88.01 -69.72 -4.10
C VAL E 156 -89.54 -69.52 -4.08
N GLU E 157 -90.00 -68.36 -4.59
CA GLU E 157 -91.41 -67.96 -4.64
C GLU E 157 -92.15 -68.63 -5.79
N PHE E 158 -91.47 -68.72 -6.95
CA PHE E 158 -91.92 -69.36 -8.20
C PHE E 158 -90.73 -69.50 -9.15
N SER E 159 -91.00 -69.95 -10.38
CA SER E 159 -89.99 -70.14 -11.41
C SER E 159 -90.58 -69.83 -12.78
N THR E 160 -89.72 -69.66 -13.81
CA THR E 160 -90.13 -69.39 -15.20
C THR E 160 -89.15 -69.98 -16.22
N ARG E 161 -89.46 -69.84 -17.52
CA ARG E 161 -88.62 -70.36 -18.59
C ARG E 161 -88.67 -69.58 -19.92
N ASP E 162 -87.65 -69.84 -20.74
CA ASP E 162 -87.37 -69.44 -22.13
C ASP E 162 -86.44 -70.62 -22.58
N PRO E 163 -85.50 -70.64 -23.58
CA PRO E 163 -84.64 -71.84 -23.70
C PRO E 163 -83.92 -72.13 -22.37
N MET E 164 -83.93 -71.11 -21.45
CA MET E 164 -83.36 -71.06 -20.10
C MET E 164 -84.40 -70.98 -18.97
N GLY E 165 -84.32 -71.92 -18.03
CA GLY E 165 -85.18 -71.99 -16.86
C GLY E 165 -84.59 -71.23 -15.69
N ASP E 166 -85.37 -70.31 -15.08
CA ASP E 166 -84.91 -69.48 -13.97
C ASP E 166 -85.86 -69.41 -12.78
N VAL E 167 -85.28 -69.27 -11.58
CA VAL E 167 -86.03 -69.18 -10.32
C VAL E 167 -86.03 -67.73 -9.79
N ILE E 168 -86.97 -67.40 -8.86
CA ILE E 168 -87.17 -66.05 -8.30
C ILE E 168 -87.53 -66.12 -6.79
N SER E 169 -86.98 -65.19 -5.94
CA SER E 169 -87.24 -65.10 -4.48
C SER E 169 -86.84 -63.73 -3.88
N PHE E 170 -86.37 -63.73 -2.62
CA PHE E 170 -85.85 -62.56 -1.89
C PHE E 170 -84.34 -62.80 -1.58
N SER E 171 -83.50 -61.74 -1.54
CA SER E 171 -82.03 -61.79 -1.33
C SER E 171 -81.59 -62.36 0.05
N SER E 172 -80.29 -62.23 0.40
CA SER E 172 -79.73 -62.73 1.67
C SER E 172 -80.27 -62.01 2.94
N TYR E 173 -80.89 -60.84 2.74
CA TYR E 173 -81.52 -60.00 3.76
C TYR E 173 -82.88 -60.64 4.22
N PRO E 174 -83.59 -60.13 5.26
CA PRO E 174 -84.84 -60.79 5.66
C PRO E 174 -86.05 -60.71 4.72
N SER E 175 -86.35 -59.52 4.14
CA SER E 175 -87.55 -59.35 3.29
C SER E 175 -87.41 -58.52 1.99
N LEU E 176 -88.47 -58.57 1.14
CA LEU E 176 -88.56 -57.87 -0.14
C LEU E 176 -89.64 -56.78 -0.13
N SER E 178 -91.17 -52.54 -1.44
CA SER E 178 -90.11 -52.15 -2.36
C SER E 178 -89.49 -50.74 -2.09
N LYS E 179 -89.28 -50.40 -0.80
CA LYS E 179 -88.69 -49.15 -0.31
C LYS E 179 -87.32 -48.85 -0.90
N LYS E 180 -87.32 -48.17 -2.09
CA LYS E 180 -86.19 -47.68 -2.87
C LYS E 180 -85.65 -46.45 -2.16
N ILE E 181 -86.57 -45.57 -1.66
CA ILE E 181 -86.31 -44.36 -0.87
C ILE E 181 -86.15 -44.78 0.61
N THR E 182 -84.89 -44.76 1.13
CA THR E 182 -84.56 -45.23 2.48
C THR E 182 -84.69 -44.23 3.60
N SER E 183 -84.85 -44.73 4.85
CA SER E 183 -85.01 -43.95 6.08
C SER E 183 -83.68 -43.35 6.56
N PRO E 184 -83.51 -41.99 6.53
CA PRO E 184 -82.23 -41.39 6.95
C PRO E 184 -81.94 -41.53 8.44
N ASP E 185 -80.68 -41.90 8.75
CA ASP E 185 -80.17 -42.11 10.10
C ASP E 185 -80.15 -40.88 11.01
N PHE E 186 -80.03 -41.12 12.33
CA PHE E 186 -79.98 -40.07 13.37
C PHE E 186 -78.56 -39.91 13.90
N GLU E 208 -64.50 -31.70 29.69
CA GLU E 208 -63.70 -31.19 28.57
C GLU E 208 -62.29 -30.85 29.06
N GLY E 209 -61.28 -31.55 28.53
CA GLY E 209 -59.90 -31.40 28.94
C GLY E 209 -59.22 -30.08 28.61
N LYS E 210 -59.34 -29.62 27.35
CA LYS E 210 -58.70 -28.42 26.83
C LYS E 210 -59.41 -27.08 27.13
N LYS E 211 -58.81 -25.97 26.66
CA LYS E 211 -59.30 -24.59 26.79
C LYS E 211 -60.12 -24.23 25.53
N LYS E 212 -61.35 -23.72 25.72
CA LYS E 212 -62.21 -23.33 24.61
C LYS E 212 -62.15 -21.82 24.30
N ILE E 213 -61.41 -21.44 23.26
CA ILE E 213 -61.29 -20.02 22.88
C ILE E 213 -62.29 -19.70 21.76
N ALA E 214 -63.15 -18.68 21.97
CA ALA E 214 -64.15 -18.26 20.96
C ALA E 214 -63.67 -17.06 20.17
N ILE E 215 -63.84 -17.11 18.85
CA ILE E 215 -63.41 -16.05 17.95
C ILE E 215 -64.63 -15.45 17.26
N ILE E 216 -64.78 -14.13 17.34
CA ILE E 216 -65.89 -13.42 16.71
C ILE E 216 -65.38 -12.30 15.80
N THR E 217 -65.94 -12.21 14.58
CA THR E 217 -65.69 -11.09 13.67
C THR E 217 -67.00 -10.29 13.62
N SER E 218 -66.99 -9.08 14.22
CA SER E 218 -68.13 -8.18 14.34
C SER E 218 -67.82 -6.86 13.65
N GLY E 219 -68.87 -6.12 13.31
CA GLY E 219 -68.75 -4.82 12.66
C GLY E 219 -68.61 -4.93 11.15
N GLY E 220 -68.26 -3.82 10.51
CA GLY E 220 -68.08 -3.75 9.07
C GLY E 220 -66.91 -4.60 8.62
N ASP E 221 -66.97 -5.13 7.38
CA ASP E 221 -65.90 -5.94 6.80
C ASP E 221 -64.59 -5.15 6.73
N ALA E 222 -63.47 -5.87 6.86
CA ALA E 222 -62.12 -5.34 6.80
C ALA E 222 -61.25 -6.47 6.28
N PRO E 223 -60.58 -6.27 5.12
CA PRO E 223 -59.74 -7.36 4.58
C PRO E 223 -58.55 -7.67 5.48
N GLY E 224 -58.52 -8.90 5.97
CA GLY E 224 -57.53 -9.37 6.91
C GLY E 224 -58.19 -10.10 8.06
N MET E 225 -59.51 -9.94 8.19
CA MET E 225 -60.29 -10.62 9.22
C MET E 225 -60.12 -12.12 9.08
N ASN E 226 -60.11 -12.66 7.84
CA ASN E 226 -59.87 -14.10 7.59
C ASN E 226 -58.47 -14.53 8.02
N ALA E 227 -57.42 -13.71 7.70
CA ALA E 227 -56.04 -13.96 8.13
C ALA E 227 -55.96 -14.01 9.65
N ALA E 228 -56.73 -13.10 10.34
CA ALA E 228 -56.80 -13.03 11.79
C ALA E 228 -57.42 -14.31 12.36
N VAL E 229 -58.54 -14.77 11.75
CA VAL E 229 -59.26 -15.98 12.15
C VAL E 229 -58.36 -17.21 12.00
N ARG E 230 -57.59 -17.29 10.89
CA ARG E 230 -56.66 -18.38 10.59
C ARG E 230 -55.52 -18.44 11.63
N ALA E 231 -54.98 -17.27 12.01
CA ALA E 231 -53.90 -17.15 13.01
C ALA E 231 -54.42 -17.50 14.41
N VAL E 232 -55.64 -17.02 14.77
CA VAL E 232 -56.24 -17.32 16.07
C VAL E 232 -56.50 -18.84 16.21
N THR E 233 -57.16 -19.43 15.21
CA THR E 233 -57.47 -20.87 15.16
C THR E 233 -56.23 -21.73 15.30
N ARG E 234 -55.32 -21.65 14.30
CA ARG E 234 -54.10 -22.46 14.24
C ARG E 234 -53.16 -22.31 15.43
N ALA E 235 -53.01 -21.07 15.97
CA ALA E 235 -52.19 -20.82 17.17
C ALA E 235 -52.84 -21.47 18.40
N GLY E 236 -54.17 -21.34 18.51
CA GLY E 236 -54.97 -21.93 19.58
C GLY E 236 -54.82 -23.42 19.65
N ILE E 237 -54.91 -24.10 18.49
CA ILE E 237 -54.74 -25.54 18.36
C ILE E 237 -53.33 -25.95 18.81
N PHE E 238 -52.29 -25.25 18.27
CA PHE E 238 -50.87 -25.47 18.57
C PHE E 238 -50.57 -25.39 20.04
N TYR E 239 -51.18 -24.40 20.73
CA TYR E 239 -50.98 -24.23 22.15
C TYR E 239 -51.83 -25.16 23.02
N GLY E 240 -52.55 -26.09 22.37
CA GLY E 240 -53.37 -27.09 23.02
C GLY E 240 -54.76 -26.65 23.46
N CYS E 241 -55.42 -25.85 22.63
CA CYS E 241 -56.79 -25.39 22.90
C CYS E 241 -57.69 -25.90 21.79
N LYS E 242 -59.00 -25.74 21.98
CA LYS E 242 -60.04 -26.04 21.00
C LYS E 242 -60.63 -24.67 20.61
N VAL E 243 -60.55 -24.29 19.32
CA VAL E 243 -61.04 -22.99 18.85
C VAL E 243 -62.47 -23.10 18.33
N TYR E 244 -63.39 -22.32 18.91
CA TYR E 244 -64.80 -22.29 18.52
C TYR E 244 -65.16 -21.01 17.80
N ALA E 245 -65.76 -21.13 16.61
CA ALA E 245 -66.23 -19.99 15.83
C ALA E 245 -67.61 -19.60 16.33
N CYS E 246 -67.83 -18.30 16.49
CA CYS E 246 -69.12 -17.75 16.88
C CYS E 246 -69.59 -16.95 15.67
N TYR E 247 -70.50 -17.56 14.89
CA TYR E 247 -71.00 -17.06 13.61
C TYR E 247 -71.88 -15.80 13.71
N GLU E 248 -71.81 -14.93 12.69
CA GLU E 248 -72.55 -13.67 12.57
C GLU E 248 -72.42 -12.77 13.79
N GLY E 249 -71.20 -12.28 14.06
CA GLY E 249 -70.85 -11.39 15.15
C GLY E 249 -71.43 -11.73 16.51
N TYR E 250 -71.90 -10.70 17.25
CA TYR E 250 -72.50 -10.90 18.56
C TYR E 250 -73.84 -11.64 18.55
N THR E 251 -74.55 -11.64 17.39
CA THR E 251 -75.85 -12.31 17.21
C THR E 251 -75.73 -13.82 17.48
N GLY E 252 -74.64 -14.41 16.98
CA GLY E 252 -74.31 -15.81 17.19
C GLY E 252 -73.92 -16.12 18.61
N LEU E 253 -73.39 -15.10 19.34
CA LEU E 253 -73.03 -15.23 20.76
C LEU E 253 -74.30 -15.11 21.62
N VAL E 254 -75.28 -14.32 21.17
CA VAL E 254 -76.54 -14.15 21.89
C VAL E 254 -77.45 -15.36 21.65
N LYS E 255 -77.59 -15.82 20.38
CA LYS E 255 -78.40 -17.01 20.06
C LYS E 255 -77.56 -18.30 20.00
N GLY E 256 -76.43 -18.26 20.72
CA GLY E 256 -75.42 -19.31 20.81
C GLY E 256 -75.91 -20.71 21.07
N GLY E 257 -75.97 -21.49 20.00
CA GLY E 257 -76.37 -22.90 20.03
C GLY E 257 -75.62 -23.61 18.93
N ASP E 258 -76.25 -23.63 17.75
CA ASP E 258 -75.67 -24.17 16.52
C ASP E 258 -74.78 -23.05 15.92
N MET E 259 -74.89 -21.83 16.49
CA MET E 259 -74.14 -20.63 16.12
C MET E 259 -72.70 -20.69 16.65
N LEU E 260 -72.45 -21.59 17.61
CA LEU E 260 -71.15 -21.86 18.20
C LEU E 260 -70.69 -23.21 17.66
N LYS E 261 -69.74 -23.19 16.70
CA LYS E 261 -69.20 -24.41 16.07
C LYS E 261 -67.67 -24.40 16.14
N GLU E 262 -67.06 -25.57 16.39
CA GLU E 262 -65.59 -25.69 16.45
C GLU E 262 -64.93 -25.51 15.09
N LEU E 263 -63.69 -24.99 15.09
CA LEU E 263 -62.87 -24.82 13.91
C LEU E 263 -61.67 -25.74 14.01
N GLN E 264 -61.37 -26.45 12.90
CA GLN E 264 -60.25 -27.38 12.78
C GLN E 264 -59.08 -26.72 12.02
N TRP E 265 -57.86 -27.22 12.25
CA TRP E 265 -56.64 -26.71 11.60
C TRP E 265 -56.77 -26.57 10.06
N GLN E 266 -57.58 -27.45 9.44
CA GLN E 266 -57.84 -27.49 8.00
C GLN E 266 -58.95 -26.51 7.55
N ASP E 267 -59.86 -26.14 8.47
CA ASP E 267 -60.98 -25.23 8.20
C ASP E 267 -60.52 -23.84 7.78
N VAL E 268 -59.40 -23.39 8.33
CA VAL E 268 -58.83 -22.08 8.05
C VAL E 268 -57.78 -22.08 6.92
N ARG E 269 -57.77 -23.14 6.06
CA ARG E 269 -56.86 -23.22 4.91
C ARG E 269 -57.09 -22.03 3.98
N GLY E 270 -56.00 -21.48 3.45
CA GLY E 270 -55.96 -20.38 2.49
C GLY E 270 -56.69 -19.08 2.79
N LEU E 271 -57.01 -18.85 4.07
CA LEU E 271 -57.71 -17.64 4.52
C LEU E 271 -56.88 -16.35 4.44
N LEU E 272 -55.56 -16.49 4.27
CA LEU E 272 -54.71 -15.30 4.19
C LEU E 272 -54.80 -14.51 2.87
N SER E 273 -55.45 -15.12 1.85
CA SER E 273 -55.70 -14.51 0.53
C SER E 273 -57.22 -14.34 0.26
N ILE E 274 -58.07 -14.45 1.32
CA ILE E 274 -59.52 -14.35 1.21
C ILE E 274 -60.14 -13.00 1.58
N GLY E 275 -60.69 -12.86 2.78
CA GLY E 275 -61.42 -11.66 3.20
C GLY E 275 -62.82 -11.62 2.56
N GLY E 276 -63.86 -11.13 3.25
CA GLY E 276 -63.84 -10.59 4.61
C GLY E 276 -63.72 -11.64 5.68
N THR E 277 -64.85 -12.22 6.11
CA THR E 277 -64.84 -13.23 7.16
C THR E 277 -65.68 -14.46 6.84
N ILE E 278 -65.12 -15.65 7.12
CA ILE E 278 -65.83 -16.92 6.90
C ILE E 278 -66.79 -17.29 8.06
N ILE E 279 -66.56 -16.63 9.22
CA ILE E 279 -67.33 -16.72 10.44
C ILE E 279 -68.59 -15.85 10.25
N GLY E 280 -68.47 -14.84 9.39
CA GLY E 280 -69.55 -13.91 9.11
C GLY E 280 -69.63 -12.83 10.15
N THR E 281 -70.12 -11.65 9.74
CA THR E 281 -70.26 -10.49 10.61
C THR E 281 -71.71 -10.01 10.78
N ALA E 282 -71.95 -9.18 11.81
CA ALA E 282 -73.27 -8.62 12.15
C ALA E 282 -73.13 -7.34 12.96
N ARG E 283 -74.11 -6.42 12.79
CA ARG E 283 -74.18 -5.15 13.51
C ARG E 283 -74.53 -5.34 15.00
N CYS E 284 -73.87 -4.53 15.88
CA CYS E 284 -74.08 -4.52 17.34
C CYS E 284 -75.50 -3.96 17.56
N LYS E 285 -76.46 -4.82 17.94
CA LYS E 285 -77.85 -4.38 18.08
C LYS E 285 -78.55 -4.90 19.33
N GLU E 286 -78.57 -6.22 19.51
CA GLU E 286 -79.19 -6.87 20.67
C GLU E 286 -78.20 -6.88 21.84
N PHE E 287 -76.88 -6.76 21.52
CA PHE E 287 -75.75 -6.69 22.45
C PHE E 287 -75.59 -5.26 23.01
N ARG E 288 -76.52 -4.35 22.62
CA ARG E 288 -76.63 -2.97 23.09
C ARG E 288 -77.49 -2.97 24.37
N GLU E 289 -78.27 -4.05 24.57
CA GLU E 289 -79.16 -4.27 25.72
C GLU E 289 -78.58 -5.31 26.68
N ARG E 290 -78.70 -5.05 28.02
CA ARG E 290 -78.19 -5.90 29.10
C ARG E 290 -78.67 -7.34 29.07
N TRP E 291 -79.97 -7.57 28.74
CA TRP E 291 -80.56 -8.92 28.66
C TRP E 291 -79.99 -9.74 27.51
N GLY E 292 -79.44 -9.02 26.53
CA GLY E 292 -78.76 -9.58 25.36
C GLY E 292 -77.37 -10.03 25.74
N ARG E 293 -76.68 -9.20 26.54
CA ARG E 293 -75.32 -9.47 27.04
C ARG E 293 -75.35 -10.60 28.08
N LEU E 294 -76.45 -10.70 28.86
CA LEU E 294 -76.70 -11.73 29.88
C LEU E 294 -76.77 -13.08 29.18
N GLN E 295 -77.55 -13.16 28.06
CA GLN E 295 -77.72 -14.36 27.25
C GLN E 295 -76.41 -14.79 26.61
N ALA E 296 -75.62 -13.81 26.10
CA ALA E 296 -74.31 -14.02 25.51
C ALA E 296 -73.37 -14.65 26.54
N CYS E 297 -73.51 -14.21 27.80
CA CYS E 297 -72.74 -14.75 28.91
C CYS E 297 -73.16 -16.19 29.18
N TYR E 298 -74.47 -16.47 29.34
CA TYR E 298 -74.98 -17.81 29.59
C TYR E 298 -74.39 -18.80 28.59
N ASN E 299 -74.53 -18.52 27.30
CA ASN E 299 -74.04 -19.34 26.21
C ASN E 299 -72.56 -19.67 26.33
N MET E 300 -71.74 -18.71 26.79
CA MET E 300 -70.30 -18.94 26.98
C MET E 300 -70.07 -19.95 28.09
N VAL E 301 -70.66 -19.70 29.27
CA VAL E 301 -70.56 -20.58 30.44
C VAL E 301 -71.08 -22.00 30.12
N SER E 302 -72.31 -22.10 29.51
CA SER E 302 -72.97 -23.36 29.12
C SER E 302 -72.12 -24.17 28.14
N ASN E 303 -71.56 -23.52 27.11
CA ASN E 303 -70.73 -24.17 26.11
C ASN E 303 -69.28 -24.32 26.55
N GLY E 304 -69.01 -24.00 27.83
CA GLY E 304 -67.69 -24.09 28.43
C GLY E 304 -66.64 -23.19 27.81
N ILE E 305 -67.08 -22.07 27.21
CA ILE E 305 -66.21 -21.08 26.59
C ILE E 305 -65.61 -20.24 27.72
N ASP E 306 -64.27 -20.28 27.81
CA ASP E 306 -63.49 -19.60 28.85
C ASP E 306 -62.78 -18.34 28.35
N ALA E 307 -62.68 -18.20 27.03
CA ALA E 307 -62.01 -17.07 26.40
C ALA E 307 -62.73 -16.58 25.17
N LEU E 308 -62.69 -15.26 24.96
CA LEU E 308 -63.31 -14.61 23.82
C LEU E 308 -62.32 -13.69 23.10
N VAL E 309 -62.28 -13.81 21.76
CA VAL E 309 -61.47 -12.97 20.93
C VAL E 309 -62.42 -12.26 19.96
N VAL E 310 -62.48 -10.92 20.11
CA VAL E 310 -63.34 -10.05 19.34
C VAL E 310 -62.50 -9.29 18.30
N CYS E 311 -62.74 -9.57 17.02
CA CYS E 311 -62.05 -8.86 15.95
C CYS E 311 -63.08 -7.95 15.30
N GLY E 312 -63.00 -6.67 15.65
CA GLY E 312 -63.93 -5.70 15.09
C GLY E 312 -63.45 -4.27 15.18
N GLY E 313 -64.34 -3.37 14.79
CA GLY E 313 -64.14 -1.92 14.82
C GLY E 313 -64.48 -1.32 16.17
N ASP E 314 -64.55 0.02 16.21
CA ASP E 314 -64.82 0.84 17.39
C ASP E 314 -66.04 0.37 18.18
N GLY E 315 -67.15 0.20 17.48
CA GLY E 315 -68.42 -0.24 18.04
C GLY E 315 -68.35 -1.63 18.66
N SER E 316 -67.68 -2.56 17.96
CA SER E 316 -67.53 -3.95 18.42
C SER E 316 -66.67 -4.02 19.67
N LEU E 317 -65.65 -3.16 19.76
CA LEU E 317 -64.74 -3.13 20.91
C LEU E 317 -65.29 -2.40 22.12
N THR E 318 -66.18 -1.40 21.87
CA THR E 318 -66.90 -0.67 22.90
C THR E 318 -67.82 -1.69 23.59
N GLY E 319 -68.37 -2.61 22.78
CA GLY E 319 -69.23 -3.70 23.24
C GLY E 319 -68.47 -4.72 24.06
N ALA E 320 -67.28 -5.12 23.56
CA ALA E 320 -66.41 -6.08 24.23
C ALA E 320 -65.97 -5.54 25.61
N ASP E 321 -65.64 -4.23 25.65
CA ASP E 321 -65.26 -3.49 26.85
C ASP E 321 -66.44 -3.44 27.84
N LEU E 322 -67.66 -3.21 27.35
CA LEU E 322 -68.85 -3.17 28.21
C LEU E 322 -69.23 -4.55 28.75
N PHE E 323 -68.96 -5.61 27.95
CA PHE E 323 -69.22 -7.00 28.31
C PHE E 323 -68.26 -7.40 29.42
N ARG E 324 -66.99 -6.94 29.34
CA ARG E 324 -66.05 -7.27 30.41
C ARG E 324 -66.32 -6.54 31.71
N LYS E 325 -66.79 -5.28 31.62
CA LYS E 325 -67.17 -4.48 32.79
C LYS E 325 -68.40 -5.13 33.50
N GLU E 326 -69.39 -5.60 32.71
CA GLU E 326 -70.64 -6.21 33.19
C GLU E 326 -70.57 -7.74 33.46
N TRP E 327 -69.42 -8.38 33.16
CA TRP E 327 -69.23 -9.82 33.39
C TRP E 327 -69.27 -10.20 34.89
N PRO E 328 -68.59 -9.49 35.85
CA PRO E 328 -68.68 -9.88 37.26
C PRO E 328 -70.11 -10.01 37.78
N GLU E 329 -71.09 -9.60 36.95
CA GLU E 329 -72.52 -9.72 37.24
C GLU E 329 -73.06 -11.00 36.59
N LEU E 330 -73.13 -12.05 37.42
CA LEU E 330 -73.60 -13.40 37.10
C LEU E 330 -74.78 -13.74 38.03
N ILE E 331 -75.97 -13.77 37.42
CA ILE E 331 -77.24 -14.08 38.05
C ILE E 331 -77.34 -15.62 38.17
N LYS E 332 -77.92 -16.11 39.29
CA LYS E 332 -78.03 -17.54 39.57
C LYS E 332 -79.46 -18.04 39.86
N GLU E 333 -79.78 -19.20 39.27
CA GLU E 333 -81.04 -19.92 39.29
C GLU E 333 -80.98 -21.21 40.13
N LYS E 342 -73.61 -23.48 40.95
CA LYS E 342 -73.02 -24.39 39.97
C LYS E 342 -71.52 -24.17 39.86
N GLU E 343 -70.74 -25.28 39.74
CA GLU E 343 -69.27 -25.27 39.58
C GLU E 343 -68.88 -24.37 38.40
N GLN E 344 -69.83 -24.22 37.44
CA GLN E 344 -69.75 -23.36 36.26
C GLN E 344 -69.34 -21.94 36.67
N TYR E 345 -69.92 -21.43 37.80
CA TYR E 345 -69.62 -20.09 38.34
C TYR E 345 -68.16 -19.89 38.69
N GLU E 346 -67.58 -20.77 39.52
CA GLU E 346 -66.18 -20.66 39.95
C GLU E 346 -65.23 -20.87 38.79
N THR E 347 -65.61 -21.77 37.87
CA THR E 347 -64.84 -22.07 36.67
C THR E 347 -64.80 -20.80 35.80
N HIS E 348 -65.96 -20.37 35.27
CA HIS E 348 -66.08 -19.22 34.37
C HIS E 348 -66.41 -17.89 35.09
N ARG E 349 -65.71 -17.61 36.22
CA ARG E 349 -65.88 -16.41 37.05
C ARG E 349 -65.08 -15.22 36.50
N ASN E 350 -63.93 -15.50 35.89
CA ASN E 350 -63.06 -14.45 35.37
C ASN E 350 -62.98 -14.52 33.84
N LEU E 351 -63.59 -13.53 33.18
CA LEU E 351 -63.63 -13.43 31.74
C LEU E 351 -62.25 -13.15 31.18
N THR E 352 -61.85 -13.94 30.19
CA THR E 352 -60.61 -13.73 29.47
C THR E 352 -61.04 -13.19 28.11
N ILE E 353 -60.86 -11.88 27.90
CA ILE E 353 -61.25 -11.24 26.64
C ILE E 353 -60.11 -10.45 26.00
N VAL E 354 -59.85 -10.73 24.71
CA VAL E 354 -58.81 -10.04 23.94
C VAL E 354 -59.46 -9.39 22.72
N GLY E 355 -59.01 -8.19 22.36
CA GLY E 355 -59.54 -7.49 21.21
C GLY E 355 -58.57 -7.25 20.07
N LEU E 356 -59.02 -7.52 18.83
CA LEU E 356 -58.23 -7.25 17.62
C LEU E 356 -58.96 -6.17 16.87
N VAL E 357 -58.23 -5.20 16.31
CA VAL E 357 -58.93 -4.14 15.58
C VAL E 357 -59.04 -4.43 14.09
N GLY E 358 -60.21 -4.94 13.71
CA GLY E 358 -60.57 -5.18 12.32
C GLY E 358 -61.37 -3.99 11.86
N SER E 359 -60.70 -2.98 11.26
CA SER E 359 -61.33 -1.73 10.83
C SER E 359 -60.64 -1.04 9.66
N ILE E 360 -61.40 -0.71 8.60
CA ILE E 360 -60.89 0.01 7.42
C ILE E 360 -60.64 1.50 7.78
N ASP E 361 -61.40 2.01 8.76
CA ASP E 361 -61.43 3.36 9.33
C ASP E 361 -60.05 3.92 9.73
N ASN E 362 -59.33 3.12 10.54
CA ASN E 362 -58.09 3.38 11.27
C ASN E 362 -58.35 4.41 12.40
N ASP E 363 -59.57 4.35 12.98
CA ASP E 363 -60.01 5.25 14.04
C ASP E 363 -59.44 4.92 15.43
N MET E 364 -59.37 3.62 15.78
CA MET E 364 -58.88 3.14 17.08
C MET E 364 -57.57 3.74 17.56
N CYS E 365 -57.59 4.21 18.82
CA CYS E 365 -56.47 4.80 19.54
C CYS E 365 -55.54 3.72 20.06
N GLY E 366 -54.27 4.09 20.22
CA GLY E 366 -53.25 3.20 20.76
C GLY E 366 -52.57 2.32 19.74
N THR E 367 -53.14 2.21 18.55
CA THR E 367 -52.55 1.42 17.47
C THR E 367 -52.26 2.34 16.31
N ASP E 368 -51.08 2.16 15.70
CA ASP E 368 -50.67 2.97 14.57
C ASP E 368 -51.47 2.66 13.33
N SER E 369 -51.95 1.41 13.20
CA SER E 369 -52.79 0.93 12.09
C SER E 369 -53.68 -0.25 12.50
N THR E 370 -54.88 -0.30 11.95
CA THR E 370 -55.87 -1.35 12.21
C THR E 370 -55.95 -2.31 11.02
N ILE E 371 -56.37 -3.57 11.28
CA ILE E 371 -56.48 -4.59 10.23
C ILE E 371 -57.55 -4.19 9.23
N GLY E 372 -57.14 -4.04 7.97
CA GLY E 372 -58.03 -3.65 6.88
C GLY E 372 -57.78 -2.28 6.32
N ALA E 373 -57.24 -1.36 7.16
CA ALA E 373 -56.97 0.04 6.81
C ALA E 373 -56.10 0.22 5.53
N TYR E 374 -54.91 -0.42 5.48
CA TYR E 374 -54.07 -0.30 4.30
C TYR E 374 -54.69 -0.94 3.06
N SER E 375 -55.40 -2.09 3.22
CA SER E 375 -56.09 -2.79 2.13
C SER E 375 -57.16 -1.90 1.54
N SER E 376 -57.96 -1.23 2.41
CA SER E 376 -59.02 -0.31 1.98
C SER E 376 -58.40 0.84 1.19
N LEU E 377 -57.28 1.38 1.71
CA LEU E 377 -56.50 2.46 1.09
C LEU E 377 -56.03 2.05 -0.31
N GLU E 378 -55.61 0.77 -0.45
CA GLU E 378 -55.21 0.20 -1.71
C GLU E 378 -56.34 0.23 -2.73
N ARG E 379 -57.59 -0.11 -2.30
CA ARG E 379 -58.78 -0.10 -3.17
C ARG E 379 -59.06 1.29 -3.73
N ILE E 380 -58.92 2.37 -2.89
CA ILE E 380 -59.08 3.79 -3.26
C ILE E 380 -58.08 4.09 -4.37
N ILE E 381 -56.78 3.83 -4.07
CA ILE E 381 -55.64 4.04 -4.95
C ILE E 381 -55.84 3.30 -6.28
N GLU E 382 -56.31 2.05 -6.23
CA GLU E 382 -56.63 1.22 -7.40
C GLU E 382 -57.51 2.01 -8.37
N LEU E 383 -58.57 2.65 -7.86
CA LEU E 383 -59.54 3.42 -8.62
C LEU E 383 -59.01 4.76 -9.13
N VAL E 384 -58.41 5.55 -8.24
CA VAL E 384 -57.86 6.85 -8.62
C VAL E 384 -56.72 6.67 -9.63
N ASP E 385 -56.05 5.51 -9.61
CA ASP E 385 -54.99 5.21 -10.55
C ASP E 385 -55.52 5.12 -11.97
N TYR E 386 -56.74 4.60 -12.15
CA TYR E 386 -57.38 4.51 -13.47
C TYR E 386 -57.69 5.92 -13.94
N ILE E 387 -58.35 6.72 -13.07
CA ILE E 387 -58.68 8.13 -13.33
C ILE E 387 -57.42 8.86 -13.84
N ASP E 388 -56.28 8.71 -13.13
CA ASP E 388 -55.01 9.34 -13.48
C ASP E 388 -54.41 8.80 -14.79
N ALA E 389 -54.63 7.50 -15.08
CA ALA E 389 -54.06 6.88 -16.27
C ALA E 389 -54.79 7.12 -17.60
N THR E 390 -54.95 8.40 -17.95
CA THR E 390 -55.54 8.88 -19.21
C THR E 390 -54.71 10.08 -19.56
N ALA E 391 -54.57 10.39 -20.87
CA ALA E 391 -53.83 11.59 -21.26
C ALA E 391 -54.73 12.76 -20.94
N ALA E 392 -54.20 13.73 -20.19
CA ALA E 392 -54.87 14.91 -19.67
C ALA E 392 -55.67 15.70 -20.70
N SER E 393 -56.84 16.24 -20.27
CA SER E 393 -57.76 17.06 -21.06
C SER E 393 -57.74 18.47 -20.47
N HIS E 394 -58.06 19.50 -21.30
CA HIS E 394 -57.93 20.91 -20.92
C HIS E 394 -58.69 21.46 -19.71
N SER E 395 -59.94 21.02 -19.44
CA SER E 395 -60.70 21.54 -18.31
C SER E 395 -61.49 20.46 -17.56
N ARG E 396 -60.76 19.46 -17.03
CA ARG E 396 -61.33 18.33 -16.30
C ARG E 396 -61.02 18.32 -14.80
N ALA E 397 -61.96 17.76 -14.01
CA ALA E 397 -61.89 17.61 -12.55
C ALA E 397 -62.50 16.28 -12.10
N PHE E 398 -61.98 15.71 -10.99
CA PHE E 398 -62.46 14.43 -10.48
C PHE E 398 -62.66 14.45 -8.96
N VAL E 399 -63.83 13.98 -8.50
CA VAL E 399 -64.16 13.91 -7.07
C VAL E 399 -64.26 12.45 -6.63
N VAL E 400 -63.49 12.08 -5.60
CA VAL E 400 -63.48 10.72 -5.08
C VAL E 400 -64.10 10.64 -3.68
N GLU E 401 -65.31 10.08 -3.60
CA GLU E 401 -66.02 9.86 -2.33
C GLU E 401 -65.50 8.54 -1.76
N VAL E 402 -64.65 8.69 -0.74
CA VAL E 402 -63.94 7.66 0.01
C VAL E 402 -64.74 7.34 1.30
N MET E 403 -64.72 6.08 1.73
CA MET E 403 -65.40 5.63 2.95
C MET E 403 -64.52 5.81 4.20
N GLY E 404 -65.12 5.65 5.38
CA GLY E 404 -64.45 5.82 6.65
C GLY E 404 -65.21 6.87 7.44
N ARG E 405 -66.18 6.40 8.21
CA ARG E 405 -67.12 7.21 8.97
C ARG E 405 -66.53 8.07 10.11
N HIS E 406 -65.58 7.51 10.90
CA HIS E 406 -65.06 8.18 12.10
C HIS E 406 -63.67 8.79 12.08
N CYS E 407 -62.88 8.56 11.02
CA CYS E 407 -61.50 9.03 10.97
C CYS E 407 -61.07 9.46 9.57
N GLY E 408 -60.34 10.58 9.50
CA GLY E 408 -59.82 11.15 8.27
C GLY E 408 -58.54 10.53 7.72
N TRP E 409 -58.07 9.43 8.32
CA TRP E 409 -56.85 8.73 7.91
C TRP E 409 -56.88 8.29 6.46
N LEU E 410 -57.96 7.62 6.01
CA LEU E 410 -58.07 7.16 4.62
C LEU E 410 -58.03 8.33 3.64
N GLY E 411 -58.79 9.41 3.97
CA GLY E 411 -58.87 10.63 3.18
C GLY E 411 -57.50 11.26 3.00
N LEU E 412 -56.78 11.40 4.12
CA LEU E 412 -55.43 11.94 4.22
C LEU E 412 -54.44 11.14 3.38
N MET E 413 -54.31 9.84 3.69
CA MET E 413 -53.39 8.93 3.04
C MET E 413 -53.63 8.84 1.54
N SER E 414 -54.91 8.86 1.12
CA SER E 414 -55.31 8.88 -0.30
C SER E 414 -54.80 10.18 -0.91
N GLY E 415 -54.91 11.29 -0.16
CA GLY E 415 -54.44 12.60 -0.59
C GLY E 415 -52.97 12.56 -0.95
N ILE E 416 -52.14 12.04 -0.02
CA ILE E 416 -50.71 11.88 -0.24
C ILE E 416 -50.50 10.92 -1.41
N ALA E 417 -50.92 9.65 -1.26
CA ALA E 417 -50.80 8.60 -2.26
C ALA E 417 -51.23 8.96 -3.69
N THR E 418 -52.22 9.86 -3.86
CA THR E 418 -52.71 10.26 -5.20
C THR E 418 -52.33 11.68 -5.67
N GLY E 419 -51.71 12.47 -4.79
CA GLY E 419 -51.34 13.85 -5.08
C GLY E 419 -52.57 14.71 -5.29
N ALA E 420 -53.58 14.54 -4.41
CA ALA E 420 -54.84 15.27 -4.45
C ALA E 420 -54.65 16.77 -4.25
N ASP E 421 -55.49 17.60 -4.90
CA ASP E 421 -55.44 19.05 -4.75
C ASP E 421 -55.95 19.47 -3.37
N TYR E 422 -57.10 18.93 -3.00
CA TYR E 422 -57.79 19.22 -1.74
C TYR E 422 -58.35 17.91 -1.17
N ILE E 423 -58.50 17.83 0.17
CA ILE E 423 -59.10 16.71 0.90
C ILE E 423 -60.09 17.22 1.95
N PHE E 424 -61.09 16.41 2.29
CA PHE E 424 -62.06 16.75 3.32
C PHE E 424 -61.99 15.72 4.43
N ILE E 425 -61.56 16.13 5.63
CA ILE E 425 -61.43 15.26 6.79
C ILE E 425 -62.14 15.82 8.04
N PRO E 426 -62.83 14.97 8.85
CA PRO E 426 -63.53 15.49 10.04
C PRO E 426 -62.65 16.17 11.10
N GLU E 427 -61.35 15.79 11.18
CA GLU E 427 -60.38 16.33 12.15
C GLU E 427 -60.03 17.79 11.91
N ARG E 428 -59.88 18.21 10.64
CA ARG E 428 -59.66 19.62 10.34
C ARG E 428 -60.63 20.19 9.27
N PRO E 429 -61.90 20.42 9.67
CA PRO E 429 -62.90 20.87 8.70
C PRO E 429 -62.77 22.33 8.27
N PRO E 430 -63.17 22.70 7.04
CA PRO E 430 -63.04 24.11 6.65
C PRO E 430 -64.20 24.95 7.16
N SER E 431 -64.10 26.28 7.03
CA SER E 431 -65.15 27.19 7.45
C SER E 431 -66.42 26.97 6.64
N GLU E 432 -67.59 27.14 7.25
CA GLU E 432 -68.83 27.01 6.49
C GLU E 432 -68.91 28.20 5.51
N SER E 433 -68.40 29.36 5.97
CA SER E 433 -68.34 30.63 5.24
C SER E 433 -67.52 30.62 3.94
N ASN E 434 -66.27 30.08 3.93
CA ASN E 434 -65.45 30.13 2.72
C ASN E 434 -64.71 28.87 2.26
N TRP E 435 -65.29 27.66 2.47
CA TRP E 435 -64.62 26.43 2.02
C TRP E 435 -64.62 26.32 0.51
N LYS E 436 -65.72 26.75 -0.12
CA LYS E 436 -65.93 26.74 -1.57
C LYS E 436 -64.92 27.66 -2.23
N ASP E 437 -64.73 28.86 -1.65
CA ASP E 437 -63.77 29.85 -2.17
C ASP E 437 -62.32 29.45 -1.96
N ASP E 438 -62.03 28.69 -0.88
CA ASP E 438 -60.68 28.18 -0.63
C ASP E 438 -60.39 27.01 -1.57
N LEU E 439 -61.41 26.15 -1.86
CA LEU E 439 -61.32 25.02 -2.79
C LEU E 439 -60.92 25.57 -4.15
N LYS E 440 -61.65 26.60 -4.63
CA LYS E 440 -61.42 27.29 -5.89
C LYS E 440 -59.99 27.79 -6.01
N LYS E 441 -59.51 28.52 -4.96
CA LYS E 441 -58.16 29.08 -4.87
C LYS E 441 -57.11 27.99 -5.16
N VAL E 442 -57.04 26.97 -4.26
CA VAL E 442 -56.13 25.82 -4.27
C VAL E 442 -56.06 25.17 -5.64
N CYS E 443 -57.20 24.80 -6.21
CA CYS E 443 -57.31 24.14 -7.51
C CYS E 443 -56.78 24.94 -8.66
N LEU E 444 -57.25 26.19 -8.79
CA LEU E 444 -56.83 27.11 -9.84
C LEU E 444 -55.36 27.46 -9.74
N ARG E 445 -54.80 27.48 -8.51
CA ARG E 445 -53.38 27.74 -8.26
C ARG E 445 -52.54 26.64 -8.92
N HIS E 446 -52.93 25.36 -8.70
CA HIS E 446 -52.26 24.19 -9.26
C HIS E 446 -52.46 24.16 -10.77
N ARG E 447 -53.68 24.45 -11.24
CA ARG E 447 -54.04 24.52 -12.67
C ARG E 447 -53.16 25.52 -13.40
N GLU E 448 -52.87 26.66 -12.74
CA GLU E 448 -51.99 27.73 -13.21
C GLU E 448 -50.57 27.18 -13.39
N LYS E 449 -50.10 26.41 -12.40
CA LYS E 449 -48.75 25.80 -12.40
C LYS E 449 -48.59 24.61 -13.35
N GLY E 450 -49.66 24.22 -14.08
CA GLY E 450 -49.62 23.14 -15.07
C GLY E 450 -50.54 21.95 -14.91
N ARG E 451 -51.09 21.75 -13.70
CA ARG E 451 -51.99 20.64 -13.38
C ARG E 451 -53.27 20.65 -14.24
N ARG E 452 -53.56 19.51 -14.90
CA ARG E 452 -54.75 19.34 -15.74
C ARG E 452 -55.67 18.20 -15.21
N LYS E 453 -55.21 17.51 -14.14
CA LYS E 453 -55.87 16.38 -13.48
C LYS E 453 -56.27 16.73 -12.03
N THR E 454 -57.13 17.75 -11.89
CA THR E 454 -57.64 18.23 -10.61
C THR E 454 -58.43 17.13 -9.88
N THR E 455 -57.92 16.69 -8.72
CA THR E 455 -58.51 15.63 -7.92
C THR E 455 -58.81 16.08 -6.49
N VAL E 456 -60.05 15.87 -6.04
CA VAL E 456 -60.50 16.20 -4.69
C VAL E 456 -60.97 14.90 -4.03
N ILE E 457 -60.66 14.72 -2.74
CA ILE E 457 -61.03 13.54 -1.99
C ILE E 457 -61.97 13.90 -0.84
N VAL E 458 -63.17 13.34 -0.86
CA VAL E 458 -64.20 13.59 0.14
C VAL E 458 -64.41 12.34 0.99
N ALA E 459 -64.14 12.45 2.30
CA ALA E 459 -64.31 11.36 3.26
C ALA E 459 -65.80 11.12 3.53
N GLU E 460 -66.15 9.91 4.02
CA GLU E 460 -67.52 9.52 4.38
C GLU E 460 -68.08 10.50 5.42
N GLY E 461 -67.26 10.88 6.41
CA GLY E 461 -67.65 11.80 7.48
C GLY E 461 -67.32 13.27 7.28
N ALA E 462 -66.98 13.68 6.03
CA ALA E 462 -66.62 15.06 5.67
C ALA E 462 -67.66 16.08 6.14
N ILE E 463 -67.18 17.13 6.81
CA ILE E 463 -67.99 18.20 7.40
C ILE E 463 -67.30 19.56 7.29
N ASP E 464 -68.03 20.64 7.60
CA ASP E 464 -67.50 22.00 7.74
C ASP E 464 -67.41 22.27 9.25
N ASP E 465 -66.67 23.32 9.66
CA ASP E 465 -66.49 23.69 11.08
C ASP E 465 -67.79 23.94 11.88
N GLN E 466 -68.94 23.99 11.21
CA GLN E 466 -70.24 24.15 11.85
C GLN E 466 -71.00 22.81 11.88
N LEU E 467 -70.25 21.68 11.72
CA LEU E 467 -70.74 20.29 11.73
C LEU E 467 -71.61 19.86 10.54
N ASN E 468 -71.86 20.77 9.57
CA ASN E 468 -72.67 20.48 8.38
C ASN E 468 -71.90 19.53 7.45
N PRO E 469 -72.54 18.43 6.98
CA PRO E 469 -71.82 17.52 6.09
C PRO E 469 -71.51 18.13 4.72
N ILE E 470 -70.41 17.66 4.10
CA ILE E 470 -69.99 18.12 2.78
C ILE E 470 -70.11 16.93 1.83
N THR E 471 -71.12 16.95 0.97
CA THR E 471 -71.32 15.87 0.01
C THR E 471 -70.40 16.06 -1.17
N SER E 472 -70.09 14.97 -1.89
CA SER E 472 -69.24 15.02 -3.08
C SER E 472 -69.95 15.79 -4.19
N GLU E 473 -71.30 15.79 -4.16
CA GLU E 473 -72.11 16.52 -5.12
C GLU E 473 -71.93 18.01 -4.89
N GLU E 474 -71.83 18.45 -3.61
CA GLU E 474 -71.59 19.85 -3.22
C GLU E 474 -70.28 20.31 -3.80
N VAL E 475 -69.23 19.48 -3.61
CA VAL E 475 -67.85 19.69 -4.09
C VAL E 475 -67.80 19.76 -5.62
N LYS E 476 -68.52 18.85 -6.32
CA LYS E 476 -68.63 18.78 -7.78
C LYS E 476 -69.11 20.14 -8.32
N ASP E 477 -70.22 20.65 -7.74
CA ASP E 477 -70.84 21.92 -8.08
C ASP E 477 -69.87 23.10 -7.97
N VAL E 478 -68.98 23.09 -6.93
CA VAL E 478 -67.96 24.13 -6.71
C VAL E 478 -67.01 24.16 -7.91
N LEU E 479 -66.42 22.98 -8.25
CA LEU E 479 -65.46 22.81 -9.35
C LEU E 479 -66.06 23.07 -10.72
N VAL E 480 -67.37 22.76 -10.88
CA VAL E 480 -68.09 22.99 -12.13
C VAL E 480 -68.22 24.49 -12.41
N GLU E 481 -68.46 25.30 -11.36
CA GLU E 481 -68.54 26.76 -11.49
C GLU E 481 -67.16 27.45 -11.68
N ILE E 482 -66.10 26.64 -11.72
CA ILE E 482 -64.72 27.06 -11.98
C ILE E 482 -64.38 26.70 -13.46
N GLY E 483 -65.38 26.18 -14.18
CA GLY E 483 -65.32 25.79 -15.59
C GLY E 483 -64.74 24.43 -15.85
N LEU E 484 -64.81 23.52 -14.85
CA LEU E 484 -64.25 22.18 -14.95
C LEU E 484 -65.33 21.11 -15.05
N ASP E 485 -65.18 20.18 -16.02
CA ASP E 485 -66.09 19.05 -16.18
C ASP E 485 -65.72 18.01 -15.10
N THR E 486 -66.49 18.03 -13.99
CA THR E 486 -66.28 17.22 -12.81
C THR E 486 -67.02 15.88 -12.82
N ARG E 487 -66.35 14.82 -12.35
CA ARG E 487 -66.85 13.46 -12.29
C ARG E 487 -66.71 12.79 -10.91
N ILE E 488 -67.85 12.51 -10.25
CA ILE E 488 -67.81 11.84 -8.94
C ILE E 488 -67.52 10.35 -9.14
N THR E 489 -66.70 9.78 -8.24
CA THR E 489 -66.37 8.37 -8.18
C THR E 489 -66.58 7.97 -6.73
N ARG E 490 -67.66 7.22 -6.47
CA ARG E 490 -67.98 6.71 -5.16
C ARG E 490 -67.46 5.26 -5.05
N LEU E 491 -66.47 5.03 -4.15
CA LEU E 491 -65.85 3.70 -3.93
C LEU E 491 -66.85 2.68 -3.41
N GLY E 492 -67.69 3.09 -2.45
CA GLY E 492 -68.70 2.24 -1.84
C GLY E 492 -68.13 0.99 -1.21
N HIS E 493 -68.86 -0.13 -1.31
CA HIS E 493 -68.46 -1.40 -0.71
C HIS E 493 -67.15 -2.00 -1.24
N VAL E 494 -66.63 -1.50 -2.39
CA VAL E 494 -65.36 -1.91 -3.00
C VAL E 494 -64.21 -1.81 -1.95
N GLN E 495 -64.24 -0.77 -1.09
CA GLN E 495 -63.26 -0.53 -0.05
C GLN E 495 -63.23 -1.55 1.10
N ARG E 496 -64.17 -2.51 1.14
CA ARG E 496 -64.23 -3.51 2.22
C ARG E 496 -63.93 -4.95 1.76
N GLY E 497 -64.00 -5.16 0.45
CA GLY E 497 -63.78 -6.46 -0.18
C GLY E 497 -62.43 -6.68 -0.81
N GLY E 498 -62.14 -7.95 -1.10
CA GLY E 498 -60.90 -8.38 -1.72
C GLY E 498 -59.90 -8.95 -0.74
N ALA E 499 -58.81 -9.53 -1.29
CA ALA E 499 -57.72 -10.14 -0.52
C ALA E 499 -56.97 -9.06 0.24
N PRO E 500 -56.55 -9.30 1.51
CA PRO E 500 -55.80 -8.26 2.22
C PRO E 500 -54.46 -7.94 1.55
N CYS E 501 -53.96 -6.72 1.70
CA CYS E 501 -52.66 -6.35 1.14
C CYS E 501 -51.54 -7.02 1.94
N ALA E 502 -50.30 -6.93 1.44
CA ALA E 502 -49.11 -7.53 2.06
C ALA E 502 -49.01 -7.21 3.54
N PHE E 503 -49.11 -5.92 3.90
CA PHE E 503 -49.01 -5.49 5.28
C PHE E 503 -50.14 -6.05 6.17
N ASP E 504 -51.41 -6.01 5.70
CA ASP E 504 -52.55 -6.54 6.44
C ASP E 504 -52.40 -8.04 6.73
N ARG E 505 -51.94 -8.81 5.73
CA ARG E 505 -51.66 -10.25 5.86
C ARG E 505 -50.68 -10.47 7.01
N PHE E 506 -49.61 -9.65 7.06
CA PHE E 506 -48.64 -9.71 8.14
C PHE E 506 -49.30 -9.30 9.46
N LEU E 507 -49.95 -8.09 9.48
CA LEU E 507 -50.55 -7.50 10.66
C LEU E 507 -51.58 -8.38 11.35
N ALA E 508 -52.47 -9.00 10.57
CA ALA E 508 -53.51 -9.87 11.11
C ALA E 508 -52.97 -11.20 11.63
N THR E 509 -52.00 -11.76 10.89
CA THR E 509 -51.40 -13.04 11.25
C THR E 509 -50.60 -12.94 12.59
N VAL E 510 -49.77 -11.90 12.67
CA VAL E 510 -48.93 -11.60 13.83
C VAL E 510 -49.76 -11.19 15.07
N GLN E 511 -50.73 -10.25 14.91
CA GLN E 511 -51.61 -9.83 16.02
C GLN E 511 -52.50 -11.01 16.47
N GLY E 512 -52.91 -11.85 15.51
CA GLY E 512 -53.73 -13.04 15.75
C GLY E 512 -53.04 -14.06 16.63
N VAL E 513 -51.74 -14.29 16.39
CA VAL E 513 -50.92 -15.22 17.17
C VAL E 513 -50.77 -14.64 18.58
N ASP E 514 -50.48 -13.33 18.67
CA ASP E 514 -50.35 -12.67 19.96
C ASP E 514 -51.65 -12.68 20.76
N ALA E 515 -52.81 -12.55 20.08
CA ALA E 515 -54.13 -12.61 20.73
C ALA E 515 -54.28 -13.93 21.49
N VAL E 516 -53.91 -15.07 20.84
CA VAL E 516 -53.95 -16.40 21.45
C VAL E 516 -52.99 -16.44 22.63
N ARG E 517 -51.78 -15.88 22.48
CA ARG E 517 -50.77 -15.81 23.54
C ARG E 517 -51.31 -14.98 24.73
N ALA E 518 -51.87 -13.79 24.44
CA ALA E 518 -52.47 -12.91 25.41
C ALA E 518 -53.57 -13.61 26.24
N VAL E 519 -54.30 -14.58 25.62
CA VAL E 519 -55.34 -15.37 26.28
C VAL E 519 -54.67 -16.27 27.32
N LEU E 520 -53.64 -17.03 26.87
CA LEU E 520 -52.89 -17.97 27.71
C LEU E 520 -52.13 -17.27 28.84
N GLU E 521 -51.43 -16.17 28.49
CA GLU E 521 -50.64 -15.32 29.40
C GLU E 521 -51.51 -14.50 30.41
N SER E 522 -52.84 -14.69 30.40
CA SER E 522 -53.78 -13.97 31.26
C SER E 522 -53.97 -14.51 32.66
N THR E 523 -54.44 -13.60 33.57
CA THR E 523 -54.81 -13.72 34.98
C THR E 523 -55.73 -12.52 35.28
N PRO E 524 -56.62 -12.55 36.31
CA PRO E 524 -57.49 -11.37 36.56
C PRO E 524 -56.74 -10.06 36.87
N ALA E 525 -55.50 -10.17 37.35
CA ALA E 525 -54.61 -9.06 37.69
C ALA E 525 -54.15 -8.33 36.42
N ILE E 526 -53.86 -9.11 35.34
CA ILE E 526 -53.42 -8.53 34.08
C ILE E 526 -54.63 -8.10 33.21
N PRO E 527 -54.77 -6.78 32.95
CA PRO E 527 -55.97 -6.27 32.25
C PRO E 527 -56.20 -6.76 30.83
N SER E 528 -57.49 -6.88 30.44
CA SER E 528 -57.96 -7.31 29.12
C SER E 528 -57.37 -6.37 28.05
N PRO E 529 -56.59 -6.90 27.10
CA PRO E 529 -55.93 -6.03 26.12
C PRO E 529 -56.62 -5.87 24.77
N VAL E 530 -56.01 -5.01 23.96
CA VAL E 530 -56.31 -4.74 22.55
C VAL E 530 -54.96 -4.98 21.89
N ILE E 531 -54.87 -5.97 21.01
CA ILE E 531 -53.60 -6.20 20.33
C ILE E 531 -53.45 -5.06 19.33
N SER E 532 -52.44 -4.24 19.58
CA SER E 532 -52.11 -3.04 18.82
C SER E 532 -50.71 -3.13 18.22
N ILE E 533 -50.39 -2.18 17.33
CA ILE E 533 -49.08 -2.03 16.69
C ILE E 533 -48.60 -0.62 16.96
N LEU E 534 -47.34 -0.46 17.36
CA LEU E 534 -46.78 0.87 17.59
C LEU E 534 -45.55 1.20 16.76
N GLU E 535 -44.33 0.97 17.23
CA GLU E 535 -43.23 1.34 16.33
C GLU E 535 -42.73 0.16 15.52
N ASN E 536 -43.69 -0.48 14.78
CA ASN E 536 -43.57 -1.73 14.01
C ASN E 536 -43.50 -2.91 14.98
N LYS E 537 -43.78 -2.62 16.26
CA LYS E 537 -43.77 -3.54 17.35
C LYS E 537 -45.21 -3.77 17.81
N ILE E 538 -45.58 -5.03 17.97
CA ILE E 538 -46.89 -5.45 18.46
C ILE E 538 -46.90 -5.16 19.95
N VAL E 539 -47.94 -4.49 20.41
CA VAL E 539 -48.10 -4.01 21.78
C VAL E 539 -49.46 -4.46 22.27
N ARG E 540 -49.61 -4.69 23.58
CA ARG E 540 -50.90 -5.05 24.18
C ARG E 540 -51.41 -3.86 24.99
N GLN E 541 -52.27 -3.05 24.38
CA GLN E 541 -52.85 -1.87 25.03
C GLN E 541 -54.08 -2.27 25.81
N PRO E 542 -54.47 -1.55 26.89
CA PRO E 542 -55.68 -1.96 27.62
C PRO E 542 -56.94 -1.51 26.88
N LEU E 543 -57.92 -2.45 26.72
CA LEU E 543 -59.22 -2.25 26.05
C LEU E 543 -59.96 -1.03 26.61
N VAL E 544 -59.91 -0.90 27.94
CA VAL E 544 -60.54 0.17 28.71
C VAL E 544 -60.08 1.53 28.21
N GLU E 545 -58.75 1.73 28.17
CA GLU E 545 -58.12 2.97 27.77
C GLU E 545 -58.34 3.31 26.30
N SER E 546 -58.22 2.29 25.42
CA SER E 546 -58.34 2.43 23.97
C SER E 546 -59.71 2.85 23.49
N VAL E 547 -60.77 2.29 24.12
CA VAL E 547 -62.17 2.60 23.83
C VAL E 547 -62.47 4.01 24.35
N ALA E 548 -61.95 4.34 25.55
CA ALA E 548 -62.11 5.63 26.20
C ALA E 548 -61.47 6.74 25.39
N GLN E 549 -60.22 6.54 24.93
CA GLN E 549 -59.47 7.51 24.13
C GLN E 549 -60.18 7.78 22.81
N THR E 550 -60.66 6.69 22.14
CA THR E 550 -61.37 6.76 20.87
C THR E 550 -62.69 7.51 20.96
N LYS E 551 -63.38 7.43 22.12
CA LYS E 551 -64.64 8.13 22.41
C LYS E 551 -64.39 9.63 22.54
N THR E 552 -63.24 10.01 23.13
CA THR E 552 -62.87 11.42 23.32
C THR E 552 -62.60 12.16 22.00
N VAL E 553 -62.17 11.44 20.91
CA VAL E 553 -61.99 12.08 19.60
C VAL E 553 -63.37 12.39 18.98
N SER E 554 -64.31 11.40 19.08
CA SER E 554 -65.69 11.48 18.60
C SER E 554 -66.39 12.62 19.34
N ALA E 555 -66.15 12.73 20.67
CA ALA E 555 -66.69 13.77 21.54
C ALA E 555 -66.17 15.13 21.10
N ALA E 556 -64.83 15.28 20.88
CA ALA E 556 -64.18 16.52 20.44
C ALA E 556 -64.81 17.08 19.17
N ILE E 557 -64.97 16.22 18.13
CA ILE E 557 -65.61 16.58 16.86
C ILE E 557 -67.04 17.07 17.12
N GLU E 558 -67.86 16.25 17.83
CA GLU E 558 -69.24 16.56 18.20
C GLU E 558 -69.36 17.89 18.97
N ALA E 559 -68.32 18.20 19.77
CA ALA E 559 -68.22 19.42 20.59
C ALA E 559 -67.62 20.61 19.79
N LYS E 560 -67.45 20.44 18.46
CA LYS E 560 -66.89 21.46 17.54
C LYS E 560 -65.47 21.92 17.91
N ASP E 561 -64.74 21.12 18.73
CA ASP E 561 -63.36 21.40 19.13
C ASP E 561 -62.46 20.44 18.36
N PHE E 562 -62.25 20.78 17.08
CA PHE E 562 -61.47 19.99 16.14
C PHE E 562 -59.96 20.03 16.42
N ASP E 563 -59.53 20.99 17.27
CA ASP E 563 -58.13 21.11 17.68
C ASP E 563 -57.78 19.96 18.60
N LYS E 564 -58.64 19.70 19.62
CA LYS E 564 -58.48 18.61 20.59
C LYS E 564 -58.41 17.28 19.85
N ALA E 565 -59.28 17.10 18.83
CA ALA E 565 -59.39 15.92 17.97
C ALA E 565 -58.13 15.65 17.18
N LEU E 566 -57.62 16.67 16.45
CA LEU E 566 -56.38 16.50 15.69
C LEU E 566 -55.21 16.23 16.62
N GLN E 567 -55.15 16.94 17.78
CA GLN E 567 -54.11 16.75 18.79
C GLN E 567 -54.17 15.33 19.36
N LEU E 568 -55.39 14.77 19.48
CA LEU E 568 -55.67 13.42 19.99
C LEU E 568 -55.28 12.27 19.05
N ARG E 569 -54.80 12.60 17.82
CA ARG E 569 -54.38 11.61 16.81
C ARG E 569 -52.88 11.38 16.91
N ASP E 570 -52.44 10.13 16.67
CA ASP E 570 -51.02 9.74 16.74
C ASP E 570 -50.11 10.53 15.82
N GLN E 571 -48.79 10.50 16.09
CA GLN E 571 -47.78 11.21 15.31
C GLN E 571 -47.83 10.83 13.85
N GLU E 572 -48.16 9.55 13.57
CA GLU E 572 -48.33 9.00 12.23
C GLU E 572 -49.33 9.87 11.44
N PHE E 573 -50.51 10.15 12.03
CA PHE E 573 -51.55 10.99 11.46
C PHE E 573 -51.07 12.44 11.34
N ALA E 574 -50.43 12.96 12.39
CA ALA E 574 -49.93 14.33 12.48
C ALA E 574 -48.87 14.66 11.43
N THR E 575 -47.84 13.80 11.30
CA THR E 575 -46.73 13.96 10.35
C THR E 575 -47.20 13.88 8.91
N SER E 576 -48.20 12.98 8.63
CA SER E 576 -48.81 12.75 7.33
C SER E 576 -49.63 13.96 6.89
N TYR E 577 -50.41 14.53 7.83
CA TYR E 577 -51.24 15.70 7.55
C TYR E 577 -50.37 16.91 7.24
N GLU E 578 -49.29 17.10 8.04
CA GLU E 578 -48.30 18.16 7.90
C GLU E 578 -47.63 18.09 6.54
N ASN E 579 -47.30 16.86 6.08
CA ASN E 579 -46.69 16.59 4.79
C ASN E 579 -47.62 16.90 3.61
N PHE E 580 -48.91 16.52 3.72
CA PHE E 580 -49.92 16.79 2.70
C PHE E 580 -50.10 18.30 2.56
N LEU E 581 -50.25 18.98 3.70
CA LEU E 581 -50.41 20.43 3.75
C LEU E 581 -49.20 21.18 3.17
N SER E 582 -47.98 20.68 3.47
CA SER E 582 -46.73 21.23 2.95
C SER E 582 -46.74 21.19 1.44
N VAL E 583 -46.76 19.97 0.85
CA VAL E 583 -46.76 19.74 -0.59
C VAL E 583 -47.82 20.55 -1.33
N SER E 584 -49.04 20.61 -0.77
CA SER E 584 -50.12 21.37 -1.37
C SER E 584 -49.76 22.85 -1.50
N LYS E 585 -49.18 23.41 -0.43
CA LYS E 585 -48.77 24.81 -0.36
C LYS E 585 -47.40 25.13 -1.02
N TYR E 586 -46.74 24.17 -1.72
CA TYR E 586 -45.45 24.46 -2.38
C TYR E 586 -45.58 25.52 -3.50
N ASP E 587 -46.76 25.57 -4.15
CA ASP E 587 -47.09 26.53 -5.23
C ASP E 587 -47.22 27.98 -4.73
N ASP E 588 -47.45 28.17 -3.40
CA ASP E 588 -47.62 29.48 -2.75
C ASP E 588 -46.53 30.48 -3.12
N GLY E 589 -45.30 30.05 -2.92
CA GLY E 589 -44.12 30.87 -3.05
C GLY E 589 -43.72 31.31 -1.65
N SER E 590 -44.40 30.75 -0.64
CA SER E 590 -44.14 31.02 0.78
C SER E 590 -42.86 30.31 1.21
N TYR E 591 -42.50 29.23 0.50
CA TYR E 591 -41.30 28.41 0.73
C TYR E 591 -40.02 29.03 0.15
N LEU E 592 -40.19 30.01 -0.75
CA LEU E 592 -39.17 30.77 -1.46
C LEU E 592 -38.17 31.42 -0.52
N VAL E 593 -36.86 31.27 -0.83
CA VAL E 593 -35.73 31.76 -0.04
C VAL E 593 -34.92 32.84 -0.82
N PRO E 594 -34.20 33.80 -0.16
CA PRO E 594 -33.43 34.82 -0.92
C PRO E 594 -32.50 34.27 -2.01
N GLU E 595 -32.32 35.06 -3.10
CA GLU E 595 -31.50 34.73 -4.26
C GLU E 595 -30.14 34.16 -3.91
N SER E 596 -29.45 34.78 -2.94
CA SER E 596 -28.15 34.35 -2.42
C SER E 596 -28.19 32.93 -1.83
N SER E 597 -29.29 32.60 -1.13
CA SER E 597 -29.51 31.30 -0.49
C SER E 597 -29.99 30.17 -1.45
N ARG E 598 -30.22 30.47 -2.74
CA ARG E 598 -30.66 29.45 -3.70
C ARG E 598 -29.50 28.54 -4.14
N LEU E 599 -29.77 27.23 -4.31
CA LEU E 599 -28.77 26.20 -4.62
C LEU E 599 -29.13 25.40 -5.85
N ASN E 600 -28.18 24.58 -6.32
CA ASN E 600 -28.33 23.65 -7.45
C ASN E 600 -28.29 22.24 -6.89
N ILE E 601 -29.46 21.57 -6.88
CA ILE E 601 -29.64 20.24 -6.30
C ILE E 601 -29.62 19.13 -7.35
N ALA E 602 -28.84 18.07 -7.10
CA ALA E 602 -28.72 16.96 -8.02
C ALA E 602 -29.42 15.73 -7.48
N ILE E 603 -30.16 15.03 -8.34
CA ILE E 603 -30.86 13.77 -8.01
C ILE E 603 -30.35 12.69 -8.97
N ILE E 604 -29.94 11.55 -8.42
CA ILE E 604 -29.45 10.41 -9.21
C ILE E 604 -30.12 9.11 -8.72
N HIS E 605 -30.37 8.20 -9.67
CA HIS E 605 -30.96 6.87 -9.38
C HIS E 605 -29.89 5.81 -9.56
N VAL E 606 -29.35 5.31 -8.42
CA VAL E 606 -28.29 4.29 -8.41
C VAL E 606 -28.82 2.92 -7.92
N GLY E 607 -28.83 1.95 -8.83
CA GLY E 607 -29.29 0.60 -8.55
C GLY E 607 -30.35 0.10 -9.53
N ALA E 608 -30.86 -1.12 -9.28
CA ALA E 608 -31.93 -1.75 -10.06
C ALA E 608 -33.26 -1.00 -9.88
N PRO E 609 -34.21 -1.09 -10.83
CA PRO E 609 -35.46 -0.32 -10.69
C PRO E 609 -36.41 -0.77 -9.60
N THR E 610 -37.14 0.20 -9.05
CA THR E 610 -38.24 0.04 -8.08
C THR E 610 -39.32 1.03 -8.50
N SER E 611 -40.57 0.69 -8.26
CA SER E 611 -41.69 1.55 -8.65
C SER E 611 -41.68 2.86 -7.85
N ALA E 612 -41.08 2.84 -6.65
CA ALA E 612 -40.94 3.94 -5.71
C ALA E 612 -40.03 5.08 -6.14
N LEU E 613 -39.21 4.88 -7.19
CA LEU E 613 -38.27 5.90 -7.67
C LEU E 613 -38.91 7.21 -8.14
N ASN E 614 -39.87 7.16 -9.11
CA ASN E 614 -40.51 8.40 -9.62
C ASN E 614 -41.28 9.19 -8.56
N PRO E 615 -42.17 8.55 -7.72
CA PRO E 615 -42.84 9.32 -6.66
C PRO E 615 -41.87 10.03 -5.71
N ALA E 616 -40.81 9.37 -5.27
CA ALA E 616 -39.78 9.95 -4.40
C ALA E 616 -39.09 11.17 -5.07
N THR E 617 -38.70 11.06 -6.37
CA THR E 617 -38.06 12.12 -7.15
C THR E 617 -38.99 13.29 -7.35
N ARG E 618 -40.29 13.00 -7.54
CA ARG E 618 -41.33 14.01 -7.69
C ARG E 618 -41.33 14.93 -6.46
N VAL E 619 -41.60 14.38 -5.25
CA VAL E 619 -41.67 15.10 -3.98
C VAL E 619 -40.40 15.90 -3.70
N ALA E 620 -39.23 15.29 -3.97
CA ALA E 620 -37.93 15.94 -3.81
C ALA E 620 -37.78 17.17 -4.73
N THR E 621 -38.21 17.05 -6.01
CA THR E 621 -38.15 18.14 -6.99
C THR E 621 -39.06 19.30 -6.59
N LEU E 622 -40.32 19.01 -6.20
CA LEU E 622 -41.30 20.01 -5.79
C LEU E 622 -40.83 20.75 -4.54
N ASN E 623 -40.36 19.99 -3.53
CA ASN E 623 -39.86 20.58 -2.29
C ASN E 623 -38.76 21.57 -2.58
N SER E 624 -37.79 21.19 -3.42
CA SER E 624 -36.64 22.00 -3.79
C SER E 624 -37.02 23.22 -4.63
N LEU E 625 -37.86 23.03 -5.67
CA LEU E 625 -38.32 24.11 -6.56
C LEU E 625 -39.10 25.18 -5.79
N ALA E 626 -39.90 24.75 -4.77
CA ALA E 626 -40.70 25.62 -3.90
C ALA E 626 -39.84 26.66 -3.20
N LYS E 627 -38.58 26.31 -2.90
CA LYS E 627 -37.62 27.19 -2.22
C LYS E 627 -36.82 28.07 -3.20
N GLY E 628 -36.96 27.81 -4.49
CA GLY E 628 -36.22 28.53 -5.52
C GLY E 628 -34.92 27.87 -5.94
N HIS E 629 -34.68 26.64 -5.48
CA HIS E 629 -33.49 25.90 -5.84
C HIS E 629 -33.67 25.34 -7.24
N ARG E 630 -32.56 25.01 -7.92
CA ARG E 630 -32.62 24.44 -9.27
C ARG E 630 -32.38 22.95 -9.16
N VAL E 631 -33.32 22.16 -9.74
CA VAL E 631 -33.24 20.69 -9.69
C VAL E 631 -32.69 20.11 -10.99
N PHE E 632 -31.61 19.32 -10.86
CA PHE E 632 -30.89 18.68 -11.97
C PHE E 632 -30.88 17.20 -11.76
N ALA E 633 -31.41 16.46 -12.74
CA ALA E 633 -31.50 15.00 -12.70
C ALA E 633 -30.40 14.38 -13.53
N ILE E 634 -29.46 13.67 -12.86
CA ILE E 634 -28.37 12.92 -13.48
C ILE E 634 -29.01 11.65 -14.08
N ARG E 635 -29.18 11.70 -15.40
CA ARG E 635 -29.80 10.64 -16.19
C ARG E 635 -28.89 9.45 -16.38
N ASN E 636 -29.45 8.25 -16.17
CA ASN E 636 -28.77 6.97 -16.33
C ASN E 636 -27.54 6.77 -15.42
N GLY E 637 -27.74 7.03 -14.12
CA GLY E 637 -26.74 6.88 -13.07
C GLY E 637 -25.39 7.55 -13.27
N PHE E 638 -24.34 7.00 -12.64
CA PHE E 638 -23.02 7.58 -12.79
C PHE E 638 -22.44 7.38 -14.17
N ALA E 639 -22.77 6.24 -14.82
CA ALA E 639 -22.31 5.98 -16.18
C ALA E 639 -22.81 7.05 -17.17
N GLY E 640 -24.08 7.45 -17.03
CA GLY E 640 -24.72 8.47 -17.84
C GLY E 640 -24.00 9.79 -17.68
N LEU E 641 -23.60 10.12 -16.43
CA LEU E 641 -22.85 11.32 -16.08
C LEU E 641 -21.47 11.26 -16.72
N ILE E 642 -20.67 10.22 -16.42
CA ILE E 642 -19.30 10.00 -16.94
C ILE E 642 -19.22 9.96 -18.48
N ARG E 643 -20.00 9.08 -19.10
CA ARG E 643 -19.96 8.83 -20.54
C ARG E 643 -20.62 9.88 -21.43
N HIS E 644 -21.67 10.59 -20.91
CA HIS E 644 -22.43 11.54 -21.73
C HIS E 644 -22.77 12.90 -21.12
N GLY E 645 -22.42 13.11 -19.84
CA GLY E 645 -22.70 14.36 -19.15
C GLY E 645 -24.18 14.63 -19.01
N ALA E 646 -24.96 13.54 -19.05
CA ALA E 646 -26.41 13.41 -19.04
C ALA E 646 -27.13 14.04 -17.85
N VAL E 647 -27.10 15.37 -17.78
CA VAL E 647 -27.78 16.15 -16.73
C VAL E 647 -28.99 16.80 -17.37
N ARG E 648 -30.15 16.74 -16.69
CA ARG E 648 -31.39 17.31 -17.21
C ARG E 648 -32.07 18.15 -16.12
N GLU E 649 -32.35 19.42 -16.43
CA GLU E 649 -33.02 20.28 -15.46
C GLU E 649 -34.52 19.96 -15.35
N LEU E 650 -35.02 19.92 -14.12
CA LEU E 650 -36.42 19.64 -13.86
C LEU E 650 -37.19 20.90 -13.45
N ASN E 651 -38.46 21.00 -13.91
CA ASN E 651 -39.40 22.09 -13.63
C ASN E 651 -40.76 21.55 -13.17
N TRP E 652 -41.63 22.41 -12.57
CA TRP E 652 -42.96 22.03 -12.07
C TRP E 652 -43.72 21.12 -13.04
N ILE E 653 -43.66 21.45 -14.34
CA ILE E 653 -44.32 20.70 -15.41
C ILE E 653 -43.71 19.30 -15.69
N ASP E 654 -42.38 19.13 -15.51
CA ASP E 654 -41.67 17.87 -15.79
C ASP E 654 -42.11 16.72 -14.88
N VAL E 655 -42.44 17.06 -13.63
CA VAL E 655 -42.87 16.19 -12.54
C VAL E 655 -44.18 15.44 -12.81
N GLU E 656 -45.01 15.95 -13.76
CA GLU E 656 -46.34 15.45 -14.13
C GLU E 656 -46.51 13.95 -14.44
N ASP E 657 -47.37 13.29 -13.62
CA ASP E 657 -47.79 11.88 -13.63
C ASP E 657 -46.87 10.87 -12.93
N TRP E 658 -45.75 11.36 -12.34
CA TRP E 658 -44.70 10.60 -11.65
C TRP E 658 -45.07 9.91 -10.32
N HIS E 659 -46.13 10.37 -9.62
CA HIS E 659 -46.61 9.79 -8.34
C HIS E 659 -47.20 8.38 -8.51
N ASN E 660 -47.61 8.06 -9.75
CA ASN E 660 -48.27 6.83 -10.22
C ASN E 660 -47.31 5.88 -10.95
N THR E 661 -46.36 6.44 -11.73
CA THR E 661 -45.40 5.71 -12.58
C THR E 661 -44.29 4.96 -11.84
N GLY E 662 -44.03 3.74 -12.32
CA GLY E 662 -42.98 2.84 -11.84
C GLY E 662 -41.69 3.00 -12.63
N GLY E 663 -40.63 2.37 -12.13
CA GLY E 663 -39.30 2.45 -12.73
C GLY E 663 -38.71 3.84 -12.59
N SER E 664 -37.88 4.23 -13.58
CA SER E 664 -37.21 5.53 -13.61
C SER E 664 -37.42 6.27 -14.93
N GLU E 665 -37.76 7.58 -14.85
CA GLU E 665 -37.98 8.47 -16.00
C GLU E 665 -36.67 9.12 -16.46
N ILE E 666 -35.63 9.03 -15.59
CA ILE E 666 -34.30 9.58 -15.79
C ILE E 666 -33.29 8.43 -15.98
N GLY E 667 -33.69 7.21 -15.62
CA GLY E 667 -32.86 6.03 -15.75
C GLY E 667 -32.16 5.64 -14.46
N THR E 668 -32.17 4.35 -14.14
CA THR E 668 -31.54 3.82 -12.93
C THR E 668 -30.58 2.67 -13.26
N ASN E 669 -29.37 2.70 -12.71
CA ASN E 669 -28.41 1.61 -12.91
C ASN E 669 -27.38 1.53 -11.78
N ARG E 670 -26.74 0.35 -11.64
CA ARG E 670 -25.78 0.08 -10.57
C ARG E 670 -24.34 0.54 -10.83
N SER E 671 -24.10 1.46 -11.81
CA SER E 671 -22.74 1.98 -12.07
C SER E 671 -22.28 2.81 -10.89
N LEU E 672 -20.99 2.84 -10.62
CA LEU E 672 -20.47 3.57 -9.48
C LEU E 672 -19.58 4.79 -9.84
N PRO E 673 -19.47 5.84 -8.97
CA PRO E 673 -18.59 6.98 -9.32
C PRO E 673 -17.14 6.55 -9.52
N SER E 674 -16.77 5.38 -8.95
CA SER E 674 -15.48 4.67 -9.03
C SER E 674 -15.03 4.59 -10.44
N ASP E 675 -15.99 4.34 -11.36
CA ASP E 675 -15.79 4.20 -12.81
C ASP E 675 -14.87 5.29 -13.37
N ASP E 676 -14.98 6.54 -12.84
CA ASP E 676 -14.13 7.72 -13.11
C ASP E 676 -14.48 8.87 -12.14
N MET E 677 -13.81 8.95 -10.99
CA MET E 677 -14.08 10.04 -10.04
C MET E 677 -13.84 11.38 -10.67
N GLY E 678 -12.67 11.52 -11.32
CA GLY E 678 -12.25 12.75 -11.99
C GLY E 678 -13.34 13.34 -12.86
N THR E 679 -13.99 12.49 -13.70
CA THR E 679 -15.08 12.89 -14.59
C THR E 679 -16.32 13.29 -13.81
N VAL E 680 -16.68 12.52 -12.74
CA VAL E 680 -17.80 12.86 -11.86
C VAL E 680 -17.51 14.24 -11.23
N ALA E 681 -16.29 14.42 -10.68
CA ALA E 681 -15.83 15.66 -10.05
C ALA E 681 -15.80 16.83 -11.00
N TYR E 682 -15.44 16.60 -12.28
CA TYR E 682 -15.44 17.64 -13.32
C TYR E 682 -16.90 18.15 -13.49
N TYR E 683 -17.82 17.20 -13.65
CA TYR E 683 -19.23 17.50 -13.88
C TYR E 683 -19.88 18.15 -12.70
N PHE E 684 -19.52 17.74 -11.47
CA PHE E 684 -20.12 18.34 -10.28
C PHE E 684 -19.74 19.82 -10.23
N GLN E 685 -18.46 20.12 -10.58
CA GLN E 685 -17.90 21.47 -10.64
C GLN E 685 -18.55 22.33 -11.74
N GLN E 686 -18.81 21.73 -12.92
CA GLN E 686 -19.40 22.45 -14.06
C GLN E 686 -20.81 22.90 -13.76
N TYR E 687 -21.65 21.96 -13.29
CA TYR E 687 -23.02 22.21 -12.94
C TYR E 687 -23.16 22.85 -11.58
N LYS E 688 -22.04 23.00 -10.84
CA LYS E 688 -21.99 23.68 -9.55
C LYS E 688 -23.08 23.18 -8.56
N PHE E 689 -23.12 21.85 -8.34
CA PHE E 689 -24.08 21.21 -7.43
C PHE E 689 -23.77 21.55 -6.01
N ASP E 690 -24.77 21.98 -5.26
CA ASP E 690 -24.61 22.35 -3.86
C ASP E 690 -25.19 21.29 -2.90
N GLY E 691 -25.80 20.23 -3.47
CA GLY E 691 -26.41 19.13 -2.74
C GLY E 691 -26.73 17.96 -3.64
N LEU E 692 -26.74 16.73 -3.09
CA LEU E 692 -27.00 15.52 -3.89
C LEU E 692 -27.86 14.47 -3.18
N ILE E 693 -28.87 13.90 -3.89
CA ILE E 693 -29.75 12.83 -3.40
C ILE E 693 -29.56 11.61 -4.27
N ILE E 694 -28.98 10.55 -3.69
CA ILE E 694 -28.75 9.27 -4.38
C ILE E 694 -29.86 8.31 -3.99
N ILE E 695 -30.91 8.20 -4.83
CA ILE E 695 -32.01 7.27 -4.56
C ILE E 695 -31.62 5.91 -5.14
N GLY E 696 -31.63 4.89 -4.30
CA GLY E 696 -31.30 3.54 -4.72
C GLY E 696 -30.99 2.57 -3.62
N GLY E 697 -30.31 1.49 -4.00
CA GLY E 697 -30.02 0.38 -3.11
C GLY E 697 -28.64 0.35 -2.52
N PHE E 698 -28.04 -0.85 -2.48
CA PHE E 698 -26.70 -1.02 -1.92
C PHE E 698 -25.64 -0.24 -2.69
N GLU E 699 -25.82 -0.07 -4.02
CA GLU E 699 -24.89 0.72 -4.84
C GLU E 699 -25.07 2.22 -4.58
N ALA E 700 -26.29 2.67 -4.20
CA ALA E 700 -26.54 4.08 -3.84
C ALA E 700 -25.86 4.32 -2.51
N PHE E 701 -25.89 3.31 -1.65
CA PHE E 701 -25.21 3.35 -0.38
C PHE E 701 -23.69 3.39 -0.64
N THR E 702 -23.20 2.52 -1.56
CA THR E 702 -21.78 2.44 -1.93
C THR E 702 -21.27 3.77 -2.54
N ALA E 703 -22.04 4.35 -3.50
CA ALA E 703 -21.72 5.62 -4.15
C ALA E 703 -21.57 6.75 -3.11
N LEU E 704 -22.54 6.87 -2.15
CA LEU E 704 -22.51 7.87 -1.08
C LEU E 704 -21.18 7.75 -0.31
N TYR E 705 -20.78 6.53 0.04
CA TYR E 705 -19.54 6.26 0.73
C TYR E 705 -18.33 6.67 -0.10
N GLU E 706 -18.27 6.23 -1.36
CA GLU E 706 -17.20 6.52 -2.32
C GLU E 706 -16.99 8.01 -2.51
N LEU E 707 -18.08 8.74 -2.75
CA LEU E 707 -18.06 10.19 -2.93
C LEU E 707 -17.61 10.88 -1.67
N ASP E 708 -18.10 10.41 -0.49
CA ASP E 708 -17.72 10.94 0.83
C ASP E 708 -16.22 10.76 1.02
N ALA E 709 -15.69 9.58 0.71
CA ALA E 709 -14.28 9.31 0.83
C ALA E 709 -13.45 10.17 -0.13
N ALA E 710 -13.98 10.46 -1.34
CA ALA E 710 -13.31 11.25 -2.35
C ALA E 710 -13.21 12.75 -1.99
N ARG E 711 -13.95 13.24 -0.95
CA ARG E 711 -13.95 14.64 -0.47
C ARG E 711 -12.55 15.20 -0.27
N ALA E 712 -11.62 14.32 0.14
CA ALA E 712 -10.19 14.58 0.34
C ALA E 712 -9.55 15.00 -1.00
N GLN E 713 -9.55 14.07 -1.99
CA GLN E 713 -9.01 14.23 -3.35
C GLN E 713 -9.77 15.27 -4.19
N TYR E 714 -11.10 15.40 -4.04
CA TYR E 714 -11.89 16.34 -4.84
C TYR E 714 -12.74 17.32 -4.01
N PRO E 715 -12.19 18.52 -3.67
CA PRO E 715 -12.96 19.51 -2.88
C PRO E 715 -14.43 19.72 -3.23
N ILE E 716 -14.78 19.56 -4.54
CA ILE E 716 -16.12 19.75 -5.04
C ILE E 716 -17.17 18.81 -4.41
N PHE E 717 -16.73 17.64 -3.92
CA PHE E 717 -17.61 16.65 -3.30
C PHE E 717 -17.94 16.99 -1.84
N ASN E 718 -17.33 18.06 -1.28
CA ASN E 718 -17.61 18.43 0.10
C ASN E 718 -18.90 19.24 0.21
N ILE E 719 -19.98 18.64 -0.25
CA ILE E 719 -21.33 19.19 -0.25
C ILE E 719 -22.17 18.26 0.61
N PRO E 720 -23.38 18.66 1.10
CA PRO E 720 -24.21 17.69 1.82
C PRO E 720 -24.73 16.68 0.79
N MET E 721 -24.60 15.40 1.11
CA MET E 721 -25.06 14.31 0.26
C MET E 721 -25.86 13.33 1.07
N CYS E 722 -26.87 12.71 0.46
CA CYS E 722 -27.63 11.68 1.13
C CYS E 722 -28.09 10.56 0.23
N CYS E 723 -28.29 9.38 0.85
CA CYS E 723 -28.79 8.19 0.18
C CYS E 723 -30.20 7.92 0.66
N LEU E 724 -31.14 7.91 -0.27
CA LEU E 724 -32.53 7.60 0.03
C LEU E 724 -32.69 6.13 -0.37
N PRO E 725 -32.73 5.23 0.63
CA PRO E 725 -32.78 3.80 0.33
C PRO E 725 -34.05 3.35 -0.35
N ALA E 726 -33.89 2.86 -1.57
CA ALA E 726 -34.94 2.31 -2.41
C ALA E 726 -34.41 1.00 -3.01
N THR E 727 -35.01 -0.12 -2.57
CA THR E 727 -34.68 -1.49 -3.00
C THR E 727 -35.75 -2.47 -2.55
N VAL E 728 -35.95 -3.49 -3.37
CA VAL E 728 -36.88 -4.58 -3.14
C VAL E 728 -36.36 -5.50 -1.99
N SER E 729 -35.04 -5.71 -1.93
CA SER E 729 -34.31 -6.56 -1.00
C SER E 729 -34.37 -6.17 0.47
N ASN E 730 -34.45 -4.86 0.76
CA ASN E 730 -34.38 -4.24 2.09
C ASN E 730 -33.00 -4.50 2.66
N ASN E 731 -31.97 -4.47 1.79
CA ASN E 731 -30.57 -4.77 2.10
C ASN E 731 -29.65 -3.54 2.32
N VAL E 732 -30.22 -2.33 2.48
CA VAL E 732 -29.42 -1.12 2.71
C VAL E 732 -29.24 -0.83 4.20
N PRO E 733 -27.97 -0.67 4.67
CA PRO E 733 -27.76 -0.32 6.09
C PRO E 733 -28.27 1.09 6.36
N GLY E 734 -28.66 1.36 7.60
CA GLY E 734 -29.13 2.69 7.98
C GLY E 734 -30.63 2.93 7.96
N THR E 735 -31.42 1.90 7.58
CA THR E 735 -32.88 1.94 7.55
C THR E 735 -33.51 0.57 7.86
N GLU E 736 -34.76 0.57 8.34
CA GLU E 736 -35.54 -0.65 8.57
C GLU E 736 -36.46 -0.83 7.37
N TYR E 737 -36.63 0.23 6.58
CA TYR E 737 -37.46 0.19 5.38
C TYR E 737 -36.81 0.86 4.18
N SER E 738 -36.80 0.13 3.06
CA SER E 738 -36.33 0.62 1.77
C SER E 738 -37.53 0.73 0.85
N LEU E 739 -37.63 1.87 0.16
CA LEU E 739 -38.70 2.17 -0.78
C LEU E 739 -38.77 1.12 -1.88
N GLY E 740 -39.97 0.68 -2.20
CA GLY E 740 -40.19 -0.35 -3.21
C GLY E 740 -40.39 -1.74 -2.66
N SER E 741 -40.02 -1.98 -1.39
CA SER E 741 -40.16 -3.31 -0.78
C SER E 741 -41.62 -3.70 -0.53
N ASP E 742 -42.49 -2.76 -0.08
CA ASP E 742 -43.91 -3.11 0.13
C ASP E 742 -44.63 -3.42 -1.20
N THR E 743 -44.27 -2.70 -2.29
CA THR E 743 -44.80 -2.96 -3.62
C THR E 743 -44.45 -4.41 -4.00
N CYS E 744 -43.20 -4.81 -3.77
CA CYS E 744 -42.70 -6.14 -4.06
C CYS E 744 -43.45 -7.22 -3.31
N LEU E 745 -43.67 -7.03 -2.00
CA LEU E 745 -44.40 -8.01 -1.19
C LEU E 745 -45.84 -8.16 -1.69
N ASN E 746 -46.47 -7.04 -2.11
CA ASN E 746 -47.81 -7.02 -2.67
C ASN E 746 -47.85 -7.76 -4.01
N THR E 747 -46.82 -7.54 -4.84
CA THR E 747 -46.67 -8.18 -6.15
C THR E 747 -46.50 -9.69 -5.94
N LEU E 748 -45.71 -10.09 -4.93
CA LEU E 748 -45.45 -11.50 -4.62
C LEU E 748 -46.65 -12.24 -4.07
N SER E 749 -47.35 -11.67 -3.06
CA SER E 749 -48.54 -12.30 -2.49
C SER E 749 -49.60 -12.58 -3.57
N GLY E 750 -49.84 -11.58 -4.43
CA GLY E 750 -50.75 -11.65 -5.56
C GLY E 750 -50.32 -12.73 -6.54
N TYR E 751 -49.02 -12.74 -6.85
CA TYR E 751 -48.42 -13.73 -7.75
C TYR E 751 -48.66 -15.14 -7.20
N CYS E 752 -48.37 -15.36 -5.91
CA CYS E 752 -48.57 -16.65 -5.27
C CYS E 752 -50.04 -17.05 -5.16
N ASP E 753 -50.96 -16.07 -5.12
CA ASP E 753 -52.40 -16.36 -5.04
C ASP E 753 -52.82 -17.03 -6.32
N ALA E 754 -52.21 -16.59 -7.44
CA ALA E 754 -52.45 -17.14 -8.77
C ALA E 754 -51.77 -18.51 -8.89
N VAL E 755 -50.66 -18.69 -8.16
CA VAL E 755 -49.89 -19.94 -8.13
C VAL E 755 -50.75 -21.04 -7.47
N LYS E 756 -51.22 -20.80 -6.22
CA LYS E 756 -52.03 -21.74 -5.46
C LYS E 756 -53.33 -22.09 -6.15
N GLN E 757 -53.89 -21.15 -6.95
CA GLN E 757 -55.13 -21.38 -7.73
C GLN E 757 -54.89 -22.33 -8.93
N SER E 758 -53.73 -22.20 -9.61
CA SER E 758 -53.33 -23.07 -10.73
C SER E 758 -52.82 -24.43 -10.20
N ALA E 759 -52.60 -24.50 -8.85
CA ALA E 759 -52.18 -25.67 -8.09
C ALA E 759 -53.40 -26.41 -7.48
N SER E 760 -54.61 -26.17 -8.04
CA SER E 760 -55.89 -26.79 -7.63
C SER E 760 -56.45 -27.70 -8.73
N SER E 762 -55.41 -31.94 -14.31
CA SER E 762 -54.18 -32.68 -14.09
C SER E 762 -52.95 -31.84 -14.54
N ARG E 763 -52.72 -30.72 -13.81
CA ARG E 763 -51.63 -29.77 -14.06
C ARG E 763 -50.46 -29.82 -13.05
N ARG E 764 -50.63 -29.17 -11.85
CA ARG E 764 -49.58 -29.07 -10.81
C ARG E 764 -50.09 -29.12 -9.35
N ARG E 765 -49.21 -29.53 -8.40
CA ARG E 765 -49.55 -29.63 -6.98
C ARG E 765 -48.73 -28.69 -6.09
N THR E 766 -47.38 -28.89 -6.05
CA THR E 766 -46.44 -28.10 -5.25
C THR E 766 -45.69 -27.11 -6.12
N PHE E 767 -45.48 -25.89 -5.60
CA PHE E 767 -44.75 -24.86 -6.32
C PHE E 767 -43.57 -24.29 -5.57
N VAL E 768 -42.45 -24.18 -6.26
CA VAL E 768 -41.26 -23.58 -5.68
C VAL E 768 -41.12 -22.18 -6.29
N VAL E 769 -41.60 -21.18 -5.55
CA VAL E 769 -41.61 -19.80 -5.97
C VAL E 769 -40.28 -19.21 -5.56
N GLU E 770 -39.51 -18.72 -6.55
CA GLU E 770 -38.20 -18.12 -6.31
C GLU E 770 -38.30 -16.63 -6.10
N VAL E 771 -37.87 -16.20 -4.91
CA VAL E 771 -37.90 -14.81 -4.49
C VAL E 771 -36.51 -14.20 -4.66
N GLN E 772 -36.43 -13.08 -5.37
CA GLN E 772 -35.16 -12.41 -5.61
C GLN E 772 -35.00 -11.24 -4.65
N GLY E 773 -34.51 -11.53 -3.44
CA GLY E 773 -34.28 -10.52 -2.41
C GLY E 773 -32.84 -10.37 -1.98
N GLY E 774 -31.91 -10.60 -2.92
CA GLY E 774 -30.47 -10.47 -2.69
C GLY E 774 -29.89 -11.56 -1.82
N TYR E 775 -28.99 -11.18 -0.89
CA TYR E 775 -28.31 -12.09 0.04
C TYR E 775 -28.92 -12.06 1.44
N SER E 776 -30.06 -11.39 1.58
CA SER E 776 -30.80 -11.24 2.83
C SER E 776 -32.09 -12.05 2.70
N GLY E 777 -32.43 -12.76 3.78
CA GLY E 777 -33.63 -13.56 3.81
C GLY E 777 -34.92 -12.84 4.16
N TYR E 778 -34.89 -11.49 4.34
CA TYR E 778 -36.05 -10.66 4.69
C TYR E 778 -37.21 -10.83 3.72
N LEU E 779 -36.97 -10.59 2.42
CA LEU E 779 -38.00 -10.69 1.38
C LEU E 779 -38.66 -12.06 1.45
N ALA E 780 -37.85 -13.14 1.33
CA ALA E 780 -38.33 -14.51 1.38
C ALA E 780 -39.12 -14.82 2.66
N SER E 781 -38.58 -14.44 3.83
CA SER E 781 -39.22 -14.67 5.12
C SER E 781 -40.56 -13.98 5.18
N TYR E 782 -40.61 -12.66 4.86
CA TYR E 782 -41.85 -11.88 4.83
C TYR E 782 -42.84 -12.55 3.88
N ALA E 783 -42.42 -12.79 2.62
CA ALA E 783 -43.24 -13.42 1.59
C ALA E 783 -43.81 -14.76 2.09
N GLY E 784 -42.97 -15.57 2.74
CA GLY E 784 -43.37 -16.85 3.30
C GLY E 784 -44.53 -16.71 4.26
N LEU E 785 -44.41 -15.82 5.27
CA LEU E 785 -45.46 -15.56 6.27
C LEU E 785 -46.79 -15.19 5.62
N ILE E 786 -46.76 -14.19 4.72
CA ILE E 786 -47.94 -13.68 4.01
C ILE E 786 -48.54 -14.61 2.94
N THR E 787 -47.82 -15.63 2.50
CA THR E 787 -48.39 -16.53 1.48
C THR E 787 -48.79 -17.90 2.02
N GLY E 788 -48.43 -18.16 3.28
CA GLY E 788 -48.70 -19.43 3.92
C GLY E 788 -47.87 -20.54 3.30
N ALA E 789 -46.58 -20.25 3.00
CA ALA E 789 -45.63 -21.20 2.42
C ALA E 789 -45.27 -22.29 3.43
N LEU E 790 -45.12 -23.56 2.97
CA LEU E 790 -44.75 -24.69 3.81
C LEU E 790 -43.33 -24.53 4.32
N ALA E 791 -42.36 -24.48 3.38
CA ALA E 791 -40.95 -24.26 3.68
C ALA E 791 -40.45 -22.99 3.01
N VAL E 792 -39.48 -22.30 3.64
CA VAL E 792 -38.85 -21.09 3.11
C VAL E 792 -37.34 -21.31 3.13
N TYR E 793 -36.68 -21.20 1.97
CA TYR E 793 -35.23 -21.41 1.84
C TYR E 793 -34.51 -20.09 1.85
N THR E 794 -33.59 -19.89 2.81
CA THR E 794 -32.87 -18.62 2.98
C THR E 794 -31.36 -18.80 3.23
N PRO E 795 -30.51 -17.78 2.90
CA PRO E 795 -29.06 -17.93 3.16
C PRO E 795 -28.70 -18.04 4.64
N GLU E 796 -29.53 -17.46 5.50
CA GLU E 796 -29.37 -17.46 6.96
C GLU E 796 -29.50 -18.87 7.58
N ASN E 797 -30.32 -19.76 6.97
CA ASN E 797 -30.57 -21.11 7.48
C ASN E 797 -30.04 -22.21 6.57
N PRO E 798 -29.29 -23.18 7.14
CA PRO E 798 -28.68 -24.24 6.31
C PRO E 798 -29.60 -25.19 5.56
N ILE E 799 -29.20 -25.53 4.32
CA ILE E 799 -29.94 -26.46 3.45
C ILE E 799 -29.06 -27.70 3.20
N ASN E 800 -29.59 -28.88 3.55
CA ASN E 800 -28.88 -30.14 3.37
C ASN E 800 -29.83 -31.33 3.20
N LEU E 801 -29.25 -32.55 3.00
CA LEU E 801 -30.01 -33.79 2.82
C LEU E 801 -30.98 -34.06 3.95
N GLN E 802 -30.61 -33.72 5.22
CA GLN E 802 -31.52 -33.86 6.35
C GLN E 802 -32.62 -32.80 6.30
N THR E 803 -32.26 -31.51 6.11
CA THR E 803 -33.27 -30.44 6.04
C THR E 803 -34.28 -30.69 4.92
N VAL E 804 -33.78 -31.08 3.72
CA VAL E 804 -34.58 -31.39 2.52
C VAL E 804 -35.56 -32.54 2.80
N GLN E 805 -35.04 -33.65 3.41
CA GLN E 805 -35.83 -34.82 3.81
C GLN E 805 -36.98 -34.44 4.76
N GLU E 806 -36.68 -33.52 5.70
CA GLU E 806 -37.63 -32.96 6.67
C GLU E 806 -38.70 -32.16 5.94
N ASP E 807 -38.29 -31.28 4.97
CA ASP E 807 -39.19 -30.48 4.12
C ASP E 807 -40.12 -31.44 3.34
N ILE E 808 -39.56 -32.52 2.74
CA ILE E 808 -40.35 -33.54 2.01
C ILE E 808 -41.35 -34.19 2.97
N GLU E 809 -40.90 -34.58 4.19
CA GLU E 809 -41.75 -35.20 5.22
C GLU E 809 -42.96 -34.32 5.56
N LEU E 810 -42.74 -33.00 5.73
CA LEU E 810 -43.81 -32.05 6.05
C LEU E 810 -44.81 -32.04 4.94
N LEU E 811 -44.34 -31.85 3.70
CA LEU E 811 -45.15 -31.84 2.49
C LEU E 811 -45.95 -33.14 2.35
N THR E 812 -45.28 -34.28 2.58
CA THR E 812 -45.87 -35.61 2.54
C THR E 812 -46.98 -35.71 3.59
N ARG E 813 -46.66 -35.40 4.88
CA ARG E 813 -47.64 -35.46 5.98
C ARG E 813 -48.79 -34.46 5.80
N THR E 814 -48.53 -33.32 5.12
CA THR E 814 -49.54 -32.29 4.84
C THR E 814 -50.56 -32.81 3.80
N TYR E 815 -50.06 -33.29 2.65
CA TYR E 815 -50.87 -33.82 1.56
C TYR E 815 -51.73 -35.02 1.93
N GLU E 816 -51.26 -35.85 2.88
CA GLU E 816 -52.02 -37.01 3.37
C GLU E 816 -52.99 -36.67 4.50
N GLU E 817 -53.72 -35.55 4.32
CA GLU E 817 -54.75 -35.00 5.21
C GLU E 817 -55.75 -34.19 4.39
N ASP E 818 -55.25 -33.49 3.33
CA ASP E 818 -56.05 -32.67 2.42
C ASP E 818 -57.19 -33.44 1.71
N ASP E 819 -58.33 -32.75 1.47
CA ASP E 819 -59.53 -33.30 0.83
C ASP E 819 -60.16 -32.32 -0.17
N ARG E 823 -60.21 -26.16 -0.56
CA ARG E 823 -59.25 -25.51 -1.45
C ARG E 823 -57.80 -25.88 -1.07
N SER E 824 -57.03 -26.43 -2.03
CA SER E 824 -55.65 -26.88 -1.84
C SER E 824 -54.61 -26.25 -2.82
N GLY E 825 -53.36 -26.72 -2.73
CA GLY E 825 -52.23 -26.24 -3.53
C GLY E 825 -51.18 -25.62 -2.64
N LYS E 826 -50.01 -26.29 -2.50
CA LYS E 826 -48.94 -25.83 -1.61
C LYS E 826 -47.74 -25.13 -2.24
N ILE E 827 -47.10 -24.21 -1.48
CA ILE E 827 -45.93 -23.45 -1.97
C ILE E 827 -44.71 -23.47 -1.05
N PHE E 828 -43.54 -23.36 -1.65
CA PHE E 828 -42.24 -23.29 -0.98
C PHE E 828 -41.61 -21.98 -1.46
N ILE E 829 -41.00 -21.22 -0.55
CA ILE E 829 -40.38 -19.97 -0.95
C ILE E 829 -38.87 -20.10 -0.96
N HIS E 830 -38.29 -20.01 -2.14
CA HIS E 830 -36.85 -20.16 -2.33
C HIS E 830 -36.19 -18.83 -2.68
N ASN E 831 -35.35 -18.33 -1.77
CA ASN E 831 -34.60 -17.11 -2.04
C ASN E 831 -33.48 -17.40 -3.07
N GLU E 832 -33.47 -16.68 -4.22
CA GLU E 832 -32.48 -16.84 -5.30
C GLU E 832 -31.02 -17.11 -4.82
N LYS E 833 -30.60 -16.48 -3.72
CA LYS E 833 -29.27 -16.69 -3.18
C LYS E 833 -29.36 -17.37 -1.80
N ALA E 834 -29.73 -18.67 -1.78
CA ALA E 834 -29.84 -19.44 -0.54
C ALA E 834 -28.82 -20.58 -0.53
N SER E 835 -28.68 -21.32 -1.65
CA SER E 835 -27.73 -22.43 -1.80
C SER E 835 -27.26 -22.50 -3.25
N LYS E 836 -25.97 -22.77 -3.48
CA LYS E 836 -25.46 -22.90 -4.84
C LYS E 836 -25.71 -24.35 -5.31
N VAL E 837 -26.16 -25.20 -4.36
CA VAL E 837 -26.49 -26.61 -4.59
C VAL E 837 -28.01 -26.78 -4.68
N TYR E 838 -28.69 -26.63 -3.55
CA TYR E 838 -30.12 -26.78 -3.44
C TYR E 838 -30.79 -25.51 -3.90
N THR E 839 -30.88 -25.37 -5.24
CA THR E 839 -31.48 -24.25 -5.95
C THR E 839 -32.99 -24.47 -6.09
N THR E 840 -33.75 -23.45 -6.57
CA THR E 840 -35.21 -23.55 -6.82
C THR E 840 -35.45 -24.78 -7.73
N ASP E 841 -34.58 -24.92 -8.74
CA ASP E 841 -34.61 -26.00 -9.70
C ASP E 841 -34.33 -27.37 -9.08
N LEU E 842 -33.30 -27.50 -8.19
CA LEU E 842 -33.03 -28.78 -7.54
C LEU E 842 -34.12 -29.13 -6.52
N ILE E 843 -34.54 -28.16 -5.70
CA ILE E 843 -35.58 -28.40 -4.68
C ILE E 843 -36.84 -28.94 -5.37
N ALA E 844 -37.30 -28.24 -6.43
CA ALA E 844 -38.47 -28.65 -7.22
C ALA E 844 -38.28 -30.06 -7.79
N ALA E 845 -37.07 -30.38 -8.29
CA ALA E 845 -36.74 -31.68 -8.84
C ALA E 845 -36.81 -32.82 -7.80
N ILE E 846 -36.44 -32.52 -6.54
CA ILE E 846 -36.44 -33.50 -5.45
C ILE E 846 -37.87 -33.81 -4.99
N ILE E 847 -38.72 -32.76 -4.92
CA ILE E 847 -40.14 -32.83 -4.54
C ILE E 847 -40.88 -33.72 -5.55
N GLY E 848 -40.61 -33.54 -6.84
CA GLY E 848 -41.19 -34.32 -7.93
C GLY E 848 -40.97 -35.82 -7.82
N GLU E 849 -39.69 -36.24 -7.64
CA GLU E 849 -39.28 -37.65 -7.48
C GLU E 849 -39.74 -38.24 -6.12
N ALA E 850 -40.13 -37.36 -5.16
CA ALA E 850 -40.60 -37.73 -3.83
C ALA E 850 -41.98 -38.42 -3.85
N GLY E 851 -42.07 -39.49 -3.06
CA GLY E 851 -43.24 -40.34 -2.94
C GLY E 851 -43.39 -41.24 -4.14
N LYS E 852 -42.24 -41.62 -4.77
CA LYS E 852 -42.13 -42.42 -6.00
C LYS E 852 -42.94 -41.75 -7.15
N GLY E 853 -42.89 -40.42 -7.20
CA GLY E 853 -43.66 -39.59 -8.13
C GLY E 853 -45.07 -39.45 -7.59
N ARG E 854 -45.18 -38.83 -6.40
CA ARG E 854 -46.47 -38.67 -5.72
C ARG E 854 -47.20 -37.42 -6.20
N PHE E 855 -46.52 -36.26 -6.15
CA PHE E 855 -47.03 -34.92 -6.52
C PHE E 855 -46.25 -34.34 -7.69
N GLU E 856 -46.86 -33.36 -8.37
CA GLU E 856 -46.25 -32.67 -9.50
C GLU E 856 -45.66 -31.35 -8.99
N SER E 857 -44.33 -31.29 -8.94
CA SER E 857 -43.62 -30.08 -8.49
C SER E 857 -43.35 -29.19 -9.68
N ARG E 858 -43.48 -27.87 -9.46
CA ARG E 858 -43.26 -26.84 -10.48
C ARG E 858 -42.51 -25.65 -9.90
N THR E 859 -41.66 -25.02 -10.72
CA THR E 859 -40.93 -23.82 -10.33
C THR E 859 -41.71 -22.64 -10.88
N ALA E 860 -41.58 -21.51 -10.19
CA ALA E 860 -42.19 -20.23 -10.55
C ALA E 860 -41.12 -19.17 -10.28
N VAL E 861 -40.85 -18.33 -11.29
CA VAL E 861 -39.85 -17.28 -11.12
C VAL E 861 -40.42 -15.91 -11.47
N PRO E 862 -41.12 -15.24 -10.51
CA PRO E 862 -41.67 -13.90 -10.79
C PRO E 862 -40.57 -13.00 -11.36
N GLY E 863 -39.43 -12.99 -10.67
CA GLY E 863 -38.23 -12.30 -11.11
C GLY E 863 -38.35 -10.80 -11.15
N HIS E 864 -37.96 -10.19 -12.30
CA HIS E 864 -37.98 -8.74 -12.47
C HIS E 864 -39.36 -8.07 -12.39
N VAL E 865 -40.42 -8.89 -12.30
CA VAL E 865 -41.80 -8.42 -12.12
C VAL E 865 -42.00 -7.92 -10.66
N GLN E 866 -41.09 -8.32 -9.75
CA GLN E 866 -41.06 -7.95 -8.34
C GLN E 866 -41.07 -6.45 -8.14
N GLN E 867 -40.59 -5.63 -9.11
CA GLN E 867 -40.61 -4.17 -8.97
C GLN E 867 -42.00 -3.54 -9.02
N GLY E 868 -42.96 -4.21 -9.67
CA GLY E 868 -44.35 -3.78 -9.76
C GLY E 868 -44.64 -2.70 -10.79
N LYS E 869 -45.94 -2.56 -11.18
CA LYS E 869 -46.30 -1.51 -12.16
C LYS E 869 -46.44 -0.16 -11.49
N SER E 870 -47.18 -0.09 -10.39
CA SER E 870 -47.36 1.14 -9.65
C SER E 870 -46.90 0.98 -8.18
N PRO E 871 -46.28 2.02 -7.56
CA PRO E 871 -45.90 1.89 -6.15
C PRO E 871 -47.11 1.73 -5.24
N SER E 872 -46.99 0.94 -4.17
CA SER E 872 -48.05 0.77 -3.19
C SER E 872 -48.25 2.10 -2.44
N SER E 873 -49.33 2.20 -1.66
CA SER E 873 -49.64 3.38 -0.85
C SER E 873 -48.57 3.57 0.24
N ILE E 874 -48.08 2.46 0.87
CA ILE E 874 -47.01 2.51 1.88
C ILE E 874 -45.77 3.13 1.22
N ASP E 875 -45.48 2.71 -0.02
CA ASP E 875 -44.35 3.22 -0.77
C ASP E 875 -44.50 4.68 -1.12
N ARG E 876 -45.71 5.08 -1.59
CA ARG E 876 -46.08 6.46 -1.97
C ARG E 876 -45.98 7.38 -0.76
N VAL E 877 -46.57 6.98 0.37
CA VAL E 877 -46.55 7.75 1.62
C VAL E 877 -45.11 7.94 2.15
N ASN E 878 -44.32 6.85 2.25
CA ASN E 878 -42.95 6.95 2.72
C ASN E 878 -42.02 7.70 1.79
N ALA E 879 -42.19 7.51 0.44
CA ALA E 879 -41.38 8.21 -0.59
C ALA E 879 -41.50 9.71 -0.39
N CYS E 880 -42.68 10.15 0.01
CA CYS E 880 -42.98 11.53 0.25
C CYS E 880 -42.35 12.06 1.55
N ARG E 881 -42.50 11.29 2.64
CA ARG E 881 -41.94 11.60 3.98
C ARG E 881 -40.42 11.77 3.90
N LEU E 882 -39.74 10.77 3.33
CA LEU E 882 -38.30 10.71 3.18
C LEU E 882 -37.72 11.70 2.17
N ALA E 883 -38.41 11.93 1.04
CA ALA E 883 -37.92 12.90 0.05
C ALA E 883 -37.86 14.27 0.71
N ILE E 884 -38.91 14.60 1.48
CA ILE E 884 -39.04 15.84 2.24
C ILE E 884 -37.86 15.96 3.23
N LYS E 885 -37.56 14.88 3.93
CA LYS E 885 -36.50 14.87 4.91
C LYS E 885 -35.08 14.97 4.26
N CYS E 886 -34.92 14.44 3.03
CA CYS E 886 -33.68 14.53 2.27
C CYS E 886 -33.40 16.00 1.96
N CYS E 887 -34.37 16.68 1.31
CA CYS E 887 -34.30 18.09 0.93
C CYS E 887 -34.03 18.97 2.13
N ASN E 888 -34.74 18.70 3.24
CA ASN E 888 -34.55 19.46 4.44
C ASN E 888 -33.13 19.39 4.93
N PHE E 889 -32.49 18.22 4.78
CA PHE E 889 -31.09 17.98 5.19
C PHE E 889 -30.05 18.67 4.28
N ILE E 890 -29.98 18.28 2.98
CA ILE E 890 -29.02 18.83 2.00
C ILE E 890 -29.16 20.35 1.82
N GLU E 891 -30.41 20.84 1.78
CA GLU E 891 -30.72 22.27 1.60
C GLU E 891 -30.68 23.08 2.90
N ASP E 892 -30.27 22.44 4.02
CA ASP E 892 -30.16 23.09 5.33
C ASP E 892 -29.09 24.17 5.25
N ALA E 893 -29.41 25.38 5.72
CA ALA E 893 -28.49 26.52 5.70
C ALA E 893 -27.23 26.30 6.53
N ASN E 894 -27.34 25.47 7.59
CA ASN E 894 -26.24 25.13 8.48
C ASN E 894 -25.10 24.46 7.74
N PHE E 895 -25.43 23.63 6.73
CA PHE E 895 -24.47 22.92 5.90
C PHE E 895 -24.10 23.70 4.65
N GLN E 896 -24.66 24.88 4.50
CA GLN E 896 -24.40 25.70 3.34
C GLN E 896 -23.50 26.90 3.65
N VAL E 897 -22.74 27.36 2.64
CA VAL E 897 -21.80 28.50 2.69
C VAL E 897 -22.46 29.76 3.28
N LYS E 898 -21.78 30.43 4.22
CA LYS E 898 -22.28 31.65 4.86
C LYS E 898 -22.08 32.90 4.00
N HIS E 899 -23.16 33.67 3.79
CA HIS E 899 -23.09 34.84 2.91
C HIS E 899 -22.51 36.12 3.53
N ASN E 900 -22.42 36.19 4.87
CA ASN E 900 -21.82 37.35 5.54
C ASN E 900 -20.36 37.04 5.87
N ALA E 901 -19.53 36.91 4.81
CA ALA E 901 -18.10 36.62 4.91
C ALA E 901 -17.33 37.18 3.69
N ASN E 902 -16.05 37.63 3.88
CA ASN E 902 -15.19 38.17 2.80
C ASN E 902 -14.79 36.98 1.88
N LEU E 903 -15.77 36.39 1.14
CA LEU E 903 -15.56 35.21 0.30
C LEU E 903 -15.55 35.48 -1.20
N SER E 904 -14.58 34.89 -1.92
CA SER E 904 -14.48 34.99 -3.38
C SER E 904 -15.42 33.94 -3.95
N ALA E 905 -15.84 34.08 -5.21
CA ALA E 905 -16.75 33.12 -5.82
C ALA E 905 -16.19 31.69 -5.81
N ASP E 906 -14.86 31.55 -6.01
CA ASP E 906 -14.14 30.28 -5.99
C ASP E 906 -14.06 29.72 -4.59
N GLU E 907 -13.87 30.62 -3.57
CA GLU E 907 -13.82 30.25 -2.16
C GLU E 907 -15.18 29.66 -1.78
N ARG E 908 -16.29 30.31 -2.24
CA ARG E 908 -17.63 29.77 -1.98
C ARG E 908 -17.92 28.45 -2.68
N HIS E 909 -17.27 28.17 -3.85
CA HIS E 909 -17.39 26.92 -4.61
C HIS E 909 -16.53 25.82 -3.98
N LEU E 910 -15.32 26.19 -3.50
CA LEU E 910 -14.39 25.26 -2.83
C LEU E 910 -14.83 24.94 -1.41
N ARG E 911 -15.68 25.82 -0.83
CA ARG E 911 -16.28 25.70 0.50
C ARG E 911 -15.26 25.84 1.63
N PHE E 912 -14.15 26.54 1.33
CA PHE E 912 -13.05 26.85 2.24
C PHE E 912 -12.28 28.06 1.75
N PHE E 913 -11.64 28.76 2.71
CA PHE E 913 -10.86 29.94 2.42
C PHE E 913 -9.63 29.96 3.32
N TYR E 914 -8.52 30.58 2.86
CA TYR E 914 -7.33 30.67 3.70
C TYR E 914 -7.37 32.01 4.41
N ASP E 915 -7.58 31.97 5.74
CA ASP E 915 -7.61 33.17 6.56
C ASP E 915 -6.33 33.23 7.35
N ASP E 916 -5.55 34.33 7.18
CA ASP E 916 -4.27 34.57 7.86
C ASP E 916 -3.39 33.30 7.93
N GLY E 917 -3.31 32.59 6.81
CA GLY E 917 -2.55 31.35 6.69
C GLY E 917 -3.37 30.11 6.96
N VAL E 918 -4.27 30.17 7.98
CA VAL E 918 -5.13 29.06 8.39
C VAL E 918 -6.24 28.72 7.36
N LYS E 919 -6.33 27.44 6.92
CA LYS E 919 -7.38 27.00 6.01
C LYS E 919 -8.65 26.81 6.84
N THR E 920 -9.65 27.66 6.59
CA THR E 920 -10.93 27.71 7.30
C THR E 920 -12.08 27.31 6.41
N SER E 921 -13.10 26.63 6.98
CA SER E 921 -14.32 26.21 6.28
C SER E 921 -15.26 27.40 6.08
N ALA E 922 -15.64 27.66 4.82
CA ALA E 922 -16.55 28.76 4.46
C ALA E 922 -17.98 28.54 4.98
N VAL E 923 -18.21 27.41 5.66
CA VAL E 923 -19.48 27.02 6.26
C VAL E 923 -19.38 27.14 7.81
N SER E 924 -18.68 26.17 8.43
CA SER E 924 -18.52 26.06 9.87
C SER E 924 -17.65 27.10 10.54
N GLY E 925 -16.75 27.70 9.77
CA GLY E 925 -15.77 28.65 10.30
C GLY E 925 -14.67 27.89 11.02
N LYS E 926 -14.82 26.55 11.05
CA LYS E 926 -13.91 25.63 11.71
C LYS E 926 -12.67 25.38 10.84
N SER E 927 -11.55 24.99 11.47
CA SER E 927 -10.28 24.68 10.83
C SER E 927 -10.42 23.39 10.00
N SER E 928 -11.21 22.41 10.50
CA SER E 928 -11.48 21.16 9.79
C SER E 928 -12.53 21.38 8.69
N VAL E 929 -12.04 21.46 7.45
CA VAL E 929 -12.83 21.71 6.24
C VAL E 929 -13.91 20.65 5.94
N ILE E 930 -13.61 19.35 6.21
CA ILE E 930 -14.50 18.20 5.96
C ILE E 930 -15.30 17.73 7.19
N ASP E 931 -16.65 17.79 7.08
CA ASP E 931 -17.58 17.35 8.12
C ASP E 931 -18.14 16.02 7.70
N ASP E 932 -17.89 14.97 8.49
CA ASP E 932 -18.37 13.62 8.18
C ASP E 932 -19.88 13.42 8.30
N ASN E 933 -20.54 14.29 9.07
CA ASN E 933 -21.97 14.25 9.28
C ASN E 933 -22.77 14.73 8.07
N THR E 934 -22.12 15.36 7.08
CA THR E 934 -22.80 15.87 5.89
C THR E 934 -23.18 14.79 4.87
N SER E 935 -22.53 13.61 4.89
CA SER E 935 -22.82 12.47 4.00
C SER E 935 -23.60 11.46 4.81
N VAL E 936 -24.93 11.54 4.75
CA VAL E 936 -25.81 10.75 5.57
C VAL E 936 -26.78 9.78 4.82
N VAL E 937 -27.18 8.65 5.47
CA VAL E 937 -28.18 7.69 4.96
C VAL E 937 -29.50 8.02 5.67
N ILE E 938 -30.53 8.42 4.90
CA ILE E 938 -31.83 8.79 5.47
C ILE E 938 -32.77 7.59 5.46
N GLY E 939 -33.03 7.03 6.63
CA GLY E 939 -33.92 5.88 6.76
C GLY E 939 -34.90 5.93 7.90
N ILE E 940 -35.61 4.81 8.11
CA ILE E 940 -36.62 4.69 9.17
C ILE E 940 -36.16 3.70 10.22
N GLN E 941 -36.25 4.10 11.50
CA GLN E 941 -35.93 3.29 12.69
C GLN E 941 -37.17 3.43 13.57
N GLY E 942 -37.99 2.40 13.61
CA GLY E 942 -39.26 2.42 14.33
C GLY E 942 -40.29 3.15 13.49
N SER E 943 -40.55 4.43 13.86
CA SER E 943 -41.48 5.33 13.18
C SER E 943 -40.68 6.55 12.67
N GLU E 944 -39.72 6.99 13.50
CA GLU E 944 -38.81 8.11 13.31
C GLU E 944 -37.86 7.94 12.08
N VAL E 945 -37.53 9.07 11.44
CA VAL E 945 -36.61 9.18 10.31
C VAL E 945 -35.23 9.43 10.92
N THR E 946 -34.21 8.67 10.46
CA THR E 946 -32.85 8.77 10.98
C THR E 946 -31.85 9.17 9.92
N PHE E 947 -30.87 9.99 10.31
CA PHE E 947 -29.80 10.49 9.46
C PHE E 947 -28.52 9.84 9.98
N THR E 948 -27.94 8.93 9.23
CA THR E 948 -26.78 8.21 9.71
C THR E 948 -25.58 8.37 8.78
N PRO E 949 -24.42 8.82 9.27
CA PRO E 949 -23.27 9.02 8.37
C PRO E 949 -22.65 7.73 7.83
N VAL E 950 -22.39 7.68 6.50
CA VAL E 950 -21.80 6.53 5.78
C VAL E 950 -20.53 5.92 6.38
N LYS E 951 -19.52 6.76 6.75
CA LYS E 951 -18.23 6.27 7.28
C LYS E 951 -18.42 5.21 8.36
N GLN E 952 -19.31 5.51 9.31
CA GLN E 952 -19.71 4.68 10.44
C GLN E 952 -20.48 3.46 9.95
N LEU E 953 -21.47 3.68 9.06
CA LEU E 953 -22.24 2.56 8.47
C LEU E 953 -21.39 1.61 7.63
N TRP E 954 -20.35 2.15 6.97
CA TRP E 954 -19.48 1.35 6.12
C TRP E 954 -18.56 0.37 6.84
N GLU E 955 -18.17 0.66 8.10
CA GLU E 955 -17.41 -0.31 8.90
C GLU E 955 -18.35 -1.42 9.44
N ASN E 956 -19.59 -1.03 9.77
CA ASN E 956 -20.64 -1.92 10.26
C ASN E 956 -21.11 -2.98 9.24
N GLU E 957 -21.35 -2.59 7.96
CA GLU E 957 -21.81 -3.48 6.88
C GLU E 957 -20.85 -4.65 6.55
N THR E 958 -21.43 -5.76 5.99
CA THR E 958 -20.72 -7.00 5.55
C THR E 958 -20.51 -7.07 4.02
N HIS E 959 -19.49 -7.85 3.55
CA HIS E 959 -19.18 -8.05 2.12
C HIS E 959 -20.27 -8.89 1.39
N HIS E 960 -21.26 -9.39 2.19
CA HIS E 960 -22.44 -10.15 1.76
C HIS E 960 -23.64 -9.19 1.56
N LYS E 961 -23.32 -7.93 1.16
CA LYS E 961 -24.26 -6.83 0.87
C LYS E 961 -25.26 -6.52 2.02
N TRP E 962 -24.75 -6.55 3.28
CA TRP E 962 -25.46 -6.31 4.55
C TRP E 962 -26.83 -6.99 4.65
N ASN E 967 -26.37 -8.82 11.69
CA ASN E 967 -26.68 -7.67 12.55
C ASN E 967 -28.20 -7.41 12.74
N VAL E 968 -28.99 -7.48 11.64
CA VAL E 968 -30.44 -7.22 11.58
C VAL E 968 -31.26 -8.52 11.68
N HIS E 969 -32.33 -8.51 12.52
CA HIS E 969 -33.19 -9.68 12.72
C HIS E 969 -34.69 -9.54 12.54
N TRP E 970 -35.24 -10.46 11.72
CA TRP E 970 -36.64 -10.64 11.36
C TRP E 970 -37.05 -12.10 11.70
N GLU E 971 -36.42 -12.67 12.75
CA GLU E 971 -36.60 -14.05 13.23
C GLU E 971 -38.05 -14.47 13.43
N GLN E 972 -38.83 -13.61 14.11
CA GLN E 972 -40.24 -13.88 14.40
C GLN E 972 -41.16 -14.05 13.18
N LEU E 973 -40.73 -13.60 11.99
CA LEU E 973 -41.49 -13.82 10.76
C LEU E 973 -41.46 -15.31 10.48
N ASN E 974 -40.27 -15.91 10.57
CA ASN E 974 -40.04 -17.35 10.39
C ASN E 974 -40.68 -18.21 11.50
N ILE E 975 -40.66 -17.73 12.77
CA ILE E 975 -41.25 -18.46 13.89
C ILE E 975 -42.77 -18.58 13.72
N VAL E 976 -43.45 -17.44 13.45
CA VAL E 976 -44.90 -17.39 13.28
C VAL E 976 -45.35 -18.19 12.06
N SER E 977 -44.65 -18.04 10.91
CA SER E 977 -44.96 -18.79 9.70
C SER E 977 -44.92 -20.30 9.93
N ASP E 978 -43.88 -20.80 10.63
CA ASP E 978 -43.71 -22.22 10.97
C ASP E 978 -44.76 -22.72 11.95
N LEU E 979 -45.25 -21.84 12.82
CA LEU E 979 -46.28 -22.21 13.77
C LEU E 979 -47.57 -22.45 12.99
N LEU E 980 -47.94 -21.48 12.11
CA LEU E 980 -49.15 -21.48 11.29
C LEU E 980 -49.22 -22.50 10.14
N SER E 981 -48.05 -22.85 9.55
CA SER E 981 -47.91 -23.94 8.58
C SER E 981 -47.75 -25.18 9.50
N GLY E 982 -47.70 -26.38 8.96
CA GLY E 982 -47.51 -27.55 9.81
C GLY E 982 -46.16 -27.67 10.51
N ARG E 983 -45.09 -27.01 9.97
CA ARG E 983 -43.71 -27.08 10.45
C ARG E 983 -43.47 -27.24 11.96
N LEU E 984 -43.83 -26.23 12.80
CA LEU E 984 -43.61 -26.30 14.25
C LEU E 984 -44.29 -27.47 14.91
N SER E 985 -45.47 -27.86 14.40
CA SER E 985 -46.24 -28.99 14.91
C SER E 985 -45.62 -30.32 14.51
N ILE E 986 -45.08 -30.43 13.27
CA ILE E 986 -44.43 -31.64 12.78
C ILE E 986 -43.07 -31.79 13.44
N ARG E 987 -42.41 -30.66 13.69
CA ARG E 987 -41.11 -30.58 14.37
C ARG E 987 -41.18 -30.95 15.86
N THR E 988 -42.40 -30.93 16.48
CA THR E 988 -42.62 -31.26 17.91
C THR E 988 -43.61 -32.43 18.19
N THR E 989 -44.23 -32.99 17.12
CA THR E 989 -45.25 -34.06 17.14
C THR E 989 -46.49 -33.62 17.93
N SER F 5 -38.75 -70.14 -61.70
CA SER F 5 -40.19 -70.03 -61.89
C SER F 5 -40.61 -70.36 -63.33
N LEU F 6 -41.93 -70.29 -63.62
CA LEU F 6 -42.49 -70.49 -64.95
C LEU F 6 -43.41 -69.37 -65.34
N PHE F 7 -44.13 -68.79 -64.38
CA PHE F 7 -44.93 -67.58 -64.58
C PHE F 7 -43.94 -66.44 -64.24
N ASN F 8 -43.01 -66.19 -65.18
CA ASN F 8 -41.90 -65.27 -65.05
C ASN F 8 -42.22 -63.79 -64.88
N GLY F 9 -43.30 -63.33 -65.50
CA GLY F 9 -43.69 -61.92 -65.43
C GLY F 9 -45.15 -61.69 -65.76
N THR F 10 -45.52 -60.41 -65.96
CA THR F 10 -46.89 -59.99 -66.30
C THR F 10 -46.82 -59.06 -67.51
N SER F 11 -47.21 -59.55 -68.70
CA SER F 11 -47.13 -58.81 -69.94
C SER F 11 -48.20 -57.74 -70.10
N PHE F 12 -49.50 -58.14 -70.14
CA PHE F 12 -50.63 -57.24 -70.35
C PHE F 12 -51.97 -57.81 -69.92
N ILE F 13 -52.92 -56.91 -69.64
CA ILE F 13 -54.32 -57.22 -69.28
C ILE F 13 -55.14 -57.12 -70.58
N THR F 14 -55.96 -58.13 -70.85
CA THR F 14 -56.80 -58.20 -72.06
C THR F 14 -58.28 -57.98 -71.69
N LEU F 15 -58.90 -56.90 -72.24
CA LEU F 15 -60.31 -56.55 -71.99
C LEU F 15 -61.15 -56.66 -73.26
N PHE F 16 -62.32 -57.32 -73.15
CA PHE F 16 -63.27 -57.50 -74.26
C PHE F 16 -64.47 -56.56 -74.10
N ALA F 17 -64.79 -55.78 -75.16
CA ALA F 17 -65.85 -54.78 -75.20
C ALA F 17 -67.13 -55.24 -75.96
N PRO F 18 -68.33 -54.71 -75.61
CA PRO F 18 -69.55 -55.12 -76.35
C PRO F 18 -69.77 -54.32 -77.64
N ASN F 19 -69.64 -55.00 -78.81
CA ASN F 19 -69.78 -54.48 -80.18
C ASN F 19 -68.83 -53.31 -80.51
N SER F 21 -68.21 -49.83 -78.99
CA SER F 21 -69.26 -48.93 -78.55
C SER F 21 -68.82 -48.03 -77.40
N LEU F 23 -66.14 -49.59 -75.10
CA LEU F 23 -64.96 -49.61 -75.97
C LEU F 23 -64.30 -48.23 -76.07
N GLN F 24 -65.09 -47.19 -76.42
CA GLN F 24 -64.59 -45.83 -76.55
C GLN F 24 -64.65 -45.12 -75.20
N ALA F 25 -65.71 -45.38 -74.42
CA ALA F 25 -65.94 -44.82 -73.07
C ALA F 25 -64.80 -45.23 -72.16
N SER F 26 -64.33 -46.49 -72.28
CA SER F 26 -63.20 -47.02 -71.53
C SER F 26 -61.87 -46.46 -72.07
N ILE F 27 -61.74 -46.34 -73.42
CA ILE F 27 -60.56 -45.76 -74.08
C ILE F 27 -60.31 -44.34 -73.55
N ASP F 28 -61.38 -43.54 -73.36
CA ASP F 28 -61.32 -42.18 -72.81
C ASP F 28 -60.98 -42.18 -71.31
N PHE F 29 -61.45 -43.20 -70.57
CA PHE F 29 -61.21 -43.34 -69.12
C PHE F 29 -59.76 -43.64 -68.77
N TYR F 30 -59.22 -44.76 -69.30
CA TYR F 30 -57.84 -45.20 -69.04
C TYR F 30 -56.77 -44.22 -69.55
N THR F 31 -57.12 -43.35 -70.53
CA THR F 31 -56.20 -42.33 -71.07
C THR F 31 -56.18 -41.04 -70.24
N ASN F 32 -57.39 -40.53 -69.85
CA ASN F 32 -57.52 -39.30 -69.07
C ASN F 32 -57.22 -39.52 -67.59
N PHE F 33 -57.73 -40.64 -67.02
CA PHE F 33 -57.59 -41.00 -65.61
C PHE F 33 -56.31 -41.74 -65.23
N LEU F 34 -55.83 -42.65 -66.10
CA LEU F 34 -54.62 -43.43 -65.79
C LEU F 34 -53.31 -43.00 -66.49
N GLY F 35 -53.40 -42.17 -67.52
CA GLY F 35 -52.24 -41.68 -68.26
C GLY F 35 -51.74 -42.61 -69.34
N PHE F 36 -52.62 -43.44 -69.90
CA PHE F 36 -52.29 -44.37 -70.99
C PHE F 36 -52.38 -43.63 -72.34
N ALA F 37 -51.98 -44.31 -73.43
CA ALA F 37 -52.01 -43.77 -74.79
C ALA F 37 -52.26 -44.85 -75.83
N ILE F 38 -53.04 -44.51 -76.87
CA ILE F 38 -53.35 -45.44 -77.97
C ILE F 38 -52.11 -45.61 -78.84
N ARG F 39 -51.73 -46.87 -79.12
CA ARG F 39 -50.56 -47.20 -79.95
C ARG F 39 -50.80 -46.83 -81.42
N LYS F 40 -49.76 -46.29 -82.08
CA LYS F 40 -49.78 -45.86 -83.48
C LYS F 40 -50.13 -46.97 -84.48
N ASN F 41 -50.99 -46.65 -85.47
CA ASN F 41 -51.49 -47.54 -86.53
C ASN F 41 -52.16 -48.83 -86.01
N SER F 42 -53.41 -48.69 -85.51
CA SER F 42 -54.22 -49.78 -84.97
C SER F 42 -54.67 -50.76 -86.07
N ASN F 43 -54.45 -52.07 -85.85
CA ASN F 43 -54.81 -53.16 -86.77
C ASN F 43 -56.33 -53.25 -87.00
N GLN F 44 -57.13 -53.04 -85.94
CA GLN F 44 -58.59 -53.06 -85.99
C GLN F 44 -59.15 -51.74 -85.43
N LYS F 45 -59.72 -50.91 -86.32
CA LYS F 45 -60.31 -49.59 -86.05
C LYS F 45 -59.31 -48.55 -85.53
N LEU F 49 -54.07 -51.13 -78.69
CA LEU F 49 -53.22 -51.34 -77.52
C LEU F 49 -53.00 -50.04 -76.74
N GLN F 50 -53.25 -50.08 -75.43
CA GLN F 50 -53.08 -48.94 -74.53
C GLN F 50 -51.83 -49.11 -73.65
N LEU F 51 -50.73 -48.42 -74.03
CA LEU F 51 -49.44 -48.43 -73.33
C LEU F 51 -49.29 -47.14 -72.52
N GLU F 52 -48.64 -47.22 -71.35
CA GLU F 52 -48.46 -46.06 -70.49
C GLU F 52 -47.34 -45.11 -70.94
N GLU F 53 -46.05 -45.51 -70.79
CA GLU F 53 -44.89 -44.68 -71.15
C GLU F 53 -43.63 -45.50 -71.52
N ASP F 54 -42.59 -44.80 -72.03
CA ASP F 54 -41.30 -45.34 -72.45
C ASP F 54 -40.50 -45.95 -71.29
N GLN F 55 -39.61 -46.93 -71.61
CA GLN F 55 -38.73 -47.68 -70.69
C GLN F 55 -39.51 -48.41 -69.57
N ASN F 56 -40.79 -48.76 -69.85
CA ASN F 56 -41.69 -49.43 -68.93
C ASN F 56 -42.21 -50.77 -69.49
N ASN F 57 -43.25 -51.34 -68.86
CA ASN F 57 -43.86 -52.62 -69.25
C ASN F 57 -45.37 -52.69 -68.93
N VAL F 58 -46.05 -51.53 -68.92
CA VAL F 58 -47.50 -51.43 -68.66
C VAL F 58 -48.27 -51.45 -69.98
N SER F 59 -49.26 -52.35 -70.07
CA SER F 59 -50.10 -52.51 -71.27
C SER F 59 -51.48 -53.11 -70.98
N ILE F 60 -52.51 -52.57 -71.64
CA ILE F 60 -53.90 -53.02 -71.54
C ILE F 60 -54.46 -53.17 -72.97
N GLN F 61 -54.86 -54.39 -73.34
CA GLN F 61 -55.41 -54.68 -74.67
C GLN F 61 -56.94 -54.60 -74.70
N LEU F 62 -57.52 -53.82 -75.64
CA LEU F 62 -58.96 -53.66 -75.79
C LEU F 62 -59.45 -54.19 -77.15
N ILE F 63 -60.39 -55.15 -77.13
CA ILE F 63 -60.98 -55.79 -78.32
C ILE F 63 -62.50 -55.57 -78.36
N LEU F 64 -63.06 -55.22 -79.54
CA LEU F 64 -64.49 -54.95 -79.73
C LEU F 64 -65.36 -56.19 -80.06
N ASP F 65 -64.79 -57.40 -79.93
CA ASP F 65 -65.48 -58.66 -80.20
C ASP F 65 -66.58 -58.93 -79.16
N PRO F 66 -67.81 -59.34 -79.59
CA PRO F 66 -68.89 -59.59 -78.63
C PRO F 66 -68.68 -60.81 -77.73
N GLU F 67 -67.80 -60.62 -76.72
CA GLU F 67 -67.41 -61.59 -75.69
C GLU F 67 -67.88 -61.15 -74.29
N HIS F 68 -68.23 -59.85 -74.12
CA HIS F 68 -68.75 -59.29 -72.87
C HIS F 68 -70.06 -58.56 -73.15
N ALA F 69 -71.16 -58.90 -72.42
CA ALA F 69 -72.51 -58.32 -72.62
C ALA F 69 -72.74 -56.97 -71.94
N ALA F 70 -73.53 -56.08 -72.61
CA ALA F 70 -73.88 -54.74 -72.13
C ALA F 70 -74.79 -54.77 -70.91
N SER F 71 -75.70 -55.77 -70.86
CA SER F 71 -76.64 -55.98 -69.76
C SER F 71 -75.95 -56.47 -68.48
N VAL F 72 -75.00 -57.44 -68.63
CA VAL F 72 -74.24 -58.03 -67.52
C VAL F 72 -73.33 -56.97 -66.87
N SER F 73 -72.51 -56.26 -67.70
CA SER F 73 -71.58 -55.21 -67.29
C SER F 73 -72.27 -54.05 -66.56
N GLN F 74 -73.46 -53.62 -67.05
CA GLN F 74 -74.24 -52.55 -66.43
C GLN F 74 -74.72 -52.96 -65.03
N ILE F 75 -75.20 -54.22 -64.89
CA ILE F 75 -75.70 -54.80 -63.64
C ILE F 75 -74.55 -54.96 -62.62
N ASP F 76 -73.36 -55.34 -63.10
CA ASP F 76 -72.16 -55.50 -62.26
C ASP F 76 -71.66 -54.16 -61.68
N GLN F 77 -71.75 -53.07 -62.47
CA GLN F 77 -71.35 -51.71 -62.07
C GLN F 77 -72.19 -51.19 -60.91
N ASN F 78 -73.53 -51.37 -61.00
CA ASN F 78 -74.49 -51.00 -59.97
C ASN F 78 -74.36 -51.92 -58.73
N ILE F 79 -73.99 -53.21 -58.96
CA ILE F 79 -73.80 -54.23 -57.92
C ILE F 79 -72.63 -53.87 -56.99
N ARG F 80 -71.56 -53.25 -57.58
CA ARG F 80 -70.37 -52.78 -56.87
C ARG F 80 -70.71 -51.58 -55.97
N ASN F 81 -71.80 -50.83 -56.28
CA ASN F 81 -72.26 -49.70 -55.48
C ASN F 81 -72.92 -50.19 -54.16
N LEU F 82 -72.03 -50.66 -53.27
CA LEU F 82 -72.27 -51.19 -51.94
C LEU F 82 -70.91 -51.09 -51.21
N THR F 83 -70.79 -50.12 -50.28
CA THR F 83 -69.58 -49.84 -49.50
C THR F 83 -69.83 -50.03 -47.99
N ILE F 94 -68.17 -58.24 -53.95
CA ILE F 94 -66.84 -58.81 -54.15
C ILE F 94 -66.67 -59.31 -55.60
N GLN F 95 -65.44 -59.10 -56.16
CA GLN F 95 -65.09 -59.46 -57.53
C GLN F 95 -63.56 -59.55 -57.73
N SER F 96 -63.11 -60.44 -58.66
CA SER F 96 -61.71 -60.63 -59.03
C SER F 96 -61.24 -59.37 -59.77
N ASN F 97 -60.00 -58.93 -59.48
CA ASN F 97 -59.46 -57.67 -60.00
C ASN F 97 -57.98 -57.70 -60.34
N ILE F 98 -57.48 -56.55 -60.82
CA ILE F 98 -56.08 -56.29 -61.18
C ILE F 98 -55.58 -55.04 -60.43
N ALA F 99 -54.44 -55.16 -59.74
CA ALA F 99 -53.85 -54.04 -59.02
C ALA F 99 -52.61 -53.48 -59.74
N PHE F 100 -52.41 -52.16 -59.62
CA PHE F 100 -51.28 -51.46 -60.24
C PHE F 100 -50.35 -50.86 -59.17
N LYS F 101 -49.05 -50.82 -59.45
CA LYS F 101 -48.07 -50.18 -58.58
C LYS F 101 -48.09 -48.69 -58.96
N SER F 102 -48.55 -47.79 -58.06
CA SER F 102 -48.62 -46.35 -58.34
C SER F 102 -48.32 -45.50 -57.11
N SER F 103 -47.39 -44.52 -57.27
CA SER F 103 -46.95 -43.58 -56.24
C SER F 103 -47.98 -42.47 -56.01
N SER F 104 -48.09 -41.99 -54.75
CA SER F 104 -49.02 -40.95 -54.28
C SER F 104 -50.46 -41.15 -54.79
N LEU F 105 -51.13 -42.14 -54.19
CA LEU F 105 -52.49 -42.57 -54.50
C LEU F 105 -53.52 -41.48 -54.21
N SER F 106 -53.24 -40.64 -53.20
CA SER F 106 -54.04 -39.50 -52.76
C SER F 106 -54.48 -38.60 -53.94
N LYS F 107 -53.55 -38.31 -54.88
CA LYS F 107 -53.78 -37.49 -56.08
C LYS F 107 -54.73 -38.16 -57.10
N LEU F 108 -54.63 -39.50 -57.27
CA LEU F 108 -55.49 -40.25 -58.18
C LEU F 108 -56.91 -40.39 -57.64
N VAL F 109 -57.04 -40.60 -56.31
CA VAL F 109 -58.32 -40.75 -55.59
C VAL F 109 -59.16 -39.46 -55.74
N LYS F 110 -58.53 -38.28 -55.59
CA LYS F 110 -59.18 -36.98 -55.77
C LYS F 110 -59.62 -36.80 -57.22
N LEU F 111 -58.74 -37.15 -58.19
CA LEU F 111 -58.99 -37.09 -59.64
C LEU F 111 -60.17 -37.97 -60.09
N LEU F 112 -60.35 -39.14 -59.44
CA LEU F 112 -61.45 -40.06 -59.72
C LEU F 112 -62.77 -39.57 -59.10
N LYS F 113 -62.76 -39.27 -57.77
CA LYS F 113 -63.90 -38.80 -56.99
C LYS F 113 -64.53 -37.55 -57.63
N ASP F 114 -63.69 -36.56 -57.99
CA ASP F 114 -64.12 -35.31 -58.64
C ASP F 114 -64.54 -35.52 -60.10
N GLY F 115 -64.09 -36.63 -60.71
CA GLY F 115 -64.43 -37.02 -62.06
C GLY F 115 -65.70 -37.87 -62.13
N GLY F 116 -66.33 -38.07 -60.97
CA GLY F 116 -67.56 -38.83 -60.82
C GLY F 116 -67.41 -40.33 -60.70
N HIS F 117 -66.25 -40.80 -60.18
CA HIS F 117 -65.95 -42.22 -60.01
C HIS F 117 -65.77 -42.60 -58.53
N PRO F 118 -66.51 -43.60 -58.00
CA PRO F 118 -66.33 -43.97 -56.59
C PRO F 118 -65.04 -44.77 -56.39
N VAL F 119 -64.44 -44.60 -55.19
CA VAL F 119 -63.19 -45.26 -54.80
C VAL F 119 -63.22 -45.86 -53.39
N GLN F 120 -62.48 -46.98 -53.18
CA GLN F 120 -62.36 -47.71 -51.92
C GLN F 120 -60.90 -47.62 -51.47
N GLN F 121 -60.67 -47.30 -50.19
CA GLN F 121 -59.31 -47.14 -49.62
C GLN F 121 -59.15 -47.60 -48.16
N SER F 122 -57.89 -47.72 -47.66
CA SER F 122 -57.64 -48.15 -46.27
C SER F 122 -57.89 -47.06 -45.15
N PRO F 123 -56.99 -46.11 -44.80
CA PRO F 123 -57.36 -45.10 -43.78
C PRO F 123 -57.74 -43.71 -44.36
N ASN F 124 -57.97 -43.61 -45.71
CA ASN F 124 -58.22 -42.38 -46.48
C ASN F 124 -57.00 -41.42 -46.43
N GLU F 125 -55.83 -41.97 -46.00
CA GLU F 125 -54.52 -41.33 -45.82
C GLU F 125 -53.43 -41.51 -46.92
N ILE F 126 -53.34 -42.64 -47.74
CA ILE F 126 -54.13 -43.89 -47.90
C ILE F 126 -53.25 -45.03 -48.46
N SER F 127 -53.67 -46.32 -48.30
CA SER F 127 -52.91 -47.47 -48.80
C SER F 127 -53.37 -48.04 -50.19
N PRO F 128 -54.37 -48.96 -50.37
CA PRO F 128 -54.77 -49.35 -51.73
C PRO F 128 -56.03 -48.62 -52.24
N PHE F 129 -56.01 -48.12 -53.49
CA PHE F 129 -57.15 -47.42 -54.09
C PHE F 129 -57.84 -48.31 -55.13
N GLU F 130 -59.19 -48.39 -55.10
CA GLU F 130 -59.94 -49.28 -56.02
C GLU F 130 -61.18 -48.61 -56.68
N VAL F 131 -61.18 -48.41 -58.02
CA VAL F 131 -62.30 -47.82 -58.80
C VAL F 131 -62.84 -48.80 -59.87
N TYR F 132 -63.85 -48.39 -60.67
CA TYR F 132 -64.47 -49.21 -61.73
C TYR F 132 -64.78 -48.44 -63.02
N THR F 133 -64.57 -49.10 -64.20
CA THR F 133 -64.81 -48.58 -65.56
C THR F 133 -65.93 -49.43 -66.20
N VAL F 134 -65.95 -49.58 -67.56
CA VAL F 134 -66.86 -50.51 -68.22
C VAL F 134 -66.28 -51.92 -67.90
N ASP F 135 -64.96 -51.92 -67.57
CA ASP F 135 -64.08 -53.00 -67.08
C ASP F 135 -63.92 -52.72 -65.57
N PRO F 136 -64.82 -53.29 -64.73
CA PRO F 136 -64.79 -52.95 -63.29
C PRO F 136 -63.64 -53.55 -62.47
N LEU F 137 -63.47 -53.00 -61.24
CA LEU F 137 -62.46 -53.34 -60.23
C LEU F 137 -61.04 -53.22 -60.78
N GLY F 138 -60.61 -51.96 -60.87
CA GLY F 138 -59.28 -51.56 -61.30
C GLY F 138 -58.59 -51.05 -60.07
N SER F 139 -57.87 -51.95 -59.37
CA SER F 139 -57.16 -51.66 -58.13
C SER F 139 -55.81 -50.98 -58.34
N LEU F 140 -55.31 -50.30 -57.29
CA LEU F 140 -54.03 -49.59 -57.29
C LEU F 140 -53.36 -49.67 -55.88
N ILE F 141 -52.16 -50.30 -55.76
CA ILE F 141 -51.40 -50.42 -54.48
C ILE F 141 -50.20 -49.52 -54.51
N GLY F 142 -49.87 -48.93 -53.37
CA GLY F 142 -48.76 -47.99 -53.28
C GLY F 142 -47.36 -48.51 -52.96
N PHE F 143 -47.09 -49.83 -53.18
CA PHE F 143 -45.79 -50.49 -52.91
C PHE F 143 -45.12 -51.05 -54.19
N GLY F 145 -45.10 -55.11 -52.67
CA GLY F 145 -45.71 -56.43 -52.54
C GLY F 145 -46.50 -56.68 -51.26
N PHE F 146 -45.86 -56.38 -50.07
CA PHE F 146 -46.38 -56.51 -48.68
C PHE F 146 -46.18 -55.22 -47.79
N LYS F 147 -46.92 -55.16 -46.65
CA LYS F 147 -47.01 -54.08 -45.65
C LYS F 147 -45.67 -53.46 -45.28
N ASN F 148 -45.57 -52.09 -45.36
CA ASN F 148 -44.37 -51.24 -45.14
C ASN F 148 -44.70 -49.75 -45.52
N PRO F 149 -44.01 -48.66 -45.07
CA PRO F 149 -44.32 -47.33 -45.65
C PRO F 149 -44.08 -47.35 -47.19
N PHE F 150 -45.11 -46.92 -47.95
CA PHE F 150 -45.27 -46.89 -49.41
C PHE F 150 -44.10 -46.45 -50.33
N ALA F 151 -44.27 -46.58 -51.66
CA ALA F 151 -43.33 -46.16 -52.69
C ALA F 151 -43.31 -44.62 -52.74
N VAL F 152 -42.10 -44.02 -52.75
CA VAL F 152 -41.90 -42.56 -52.74
C VAL F 152 -42.63 -41.80 -53.85
N ASN F 153 -43.28 -40.67 -53.50
CA ASN F 153 -44.02 -39.80 -54.44
C ASN F 153 -43.08 -39.10 -55.43
N GLU F 154 -43.29 -39.39 -56.74
CA GLU F 154 -42.52 -38.91 -57.91
C GLU F 154 -42.47 -37.38 -58.08
N ARG F 155 -41.28 -36.88 -58.53
CA ARG F 155 -40.96 -35.46 -58.78
C ARG F 155 -41.27 -34.53 -57.61
N VAL F 180 -52.41 4.79 -52.48
CA VAL F 180 -51.11 4.21 -52.85
C VAL F 180 -49.95 5.04 -52.27
N ARG F 181 -49.90 6.37 -52.57
CA ARG F 181 -48.82 7.28 -52.13
C ARG F 181 -49.23 8.38 -51.12
N LYS F 182 -50.54 8.70 -51.08
CA LYS F 182 -51.24 9.72 -50.29
C LYS F 182 -50.91 9.90 -48.77
N THR F 183 -50.79 11.17 -48.31
CA THR F 183 -50.53 11.54 -46.90
C THR F 183 -51.79 11.40 -46.03
N ILE F 184 -51.70 10.62 -44.95
CA ILE F 184 -52.79 10.32 -44.02
C ILE F 184 -52.86 11.32 -42.86
N GLY F 185 -54.07 11.53 -42.34
CA GLY F 185 -54.36 12.36 -41.18
C GLY F 185 -55.22 11.60 -40.17
N VAL F 186 -54.73 11.43 -38.92
CA VAL F 186 -55.45 10.75 -37.83
C VAL F 186 -55.95 11.71 -36.81
N MET F 187 -57.13 11.40 -36.27
CA MET F 187 -57.75 12.18 -35.20
C MET F 187 -58.61 11.30 -34.30
N THR F 188 -58.79 11.75 -33.06
CA THR F 188 -59.65 11.08 -32.09
C THR F 188 -60.73 12.05 -31.67
N SER F 189 -61.94 11.54 -31.48
CA SER F 189 -63.06 12.38 -31.05
C SER F 189 -63.84 11.71 -29.92
N GLY F 190 -64.63 12.52 -29.21
CA GLY F 190 -65.44 12.08 -28.08
C GLY F 190 -64.67 11.79 -26.81
N GLY F 191 -65.36 11.19 -25.84
CA GLY F 191 -64.79 10.84 -24.54
C GLY F 191 -63.69 9.81 -24.63
N ASP F 192 -62.74 9.88 -23.65
CA ASP F 192 -61.59 8.97 -23.52
C ASP F 192 -62.08 7.52 -23.59
N SER F 193 -61.42 6.71 -24.41
CA SER F 193 -61.79 5.31 -24.59
C SER F 193 -60.50 4.49 -24.59
N PRO F 194 -60.27 3.53 -23.64
CA PRO F 194 -59.00 2.76 -23.68
C PRO F 194 -58.80 2.05 -25.02
N GLY F 195 -57.63 2.20 -25.64
CA GLY F 195 -57.35 1.59 -26.93
C GLY F 195 -57.16 2.61 -28.03
N MET F 196 -57.40 3.90 -27.73
CA MET F 196 -57.25 5.00 -28.70
C MET F 196 -55.76 5.17 -29.10
N ASN F 197 -54.83 5.11 -28.10
CA ASN F 197 -53.38 5.18 -28.33
C ASN F 197 -52.90 3.99 -29.17
N PRO F 198 -53.18 2.70 -28.78
CA PRO F 198 -52.85 1.56 -29.66
C PRO F 198 -53.31 1.73 -31.12
N PHE F 199 -54.55 2.28 -31.31
CA PHE F 199 -55.08 2.55 -32.64
C PHE F 199 -54.19 3.57 -33.37
N VAL F 200 -53.95 4.75 -32.75
CA VAL F 200 -53.12 5.78 -33.39
C VAL F 200 -51.70 5.27 -33.71
N ARG F 201 -51.07 4.56 -32.75
CA ARG F 201 -49.75 3.92 -32.93
C ARG F 201 -49.75 3.11 -34.25
N ALA F 202 -50.82 2.28 -34.43
CA ALA F 202 -51.03 1.41 -35.60
C ALA F 202 -51.15 2.21 -36.88
N VAL F 203 -51.99 3.27 -36.89
CA VAL F 203 -52.17 4.13 -38.07
C VAL F 203 -50.85 4.82 -38.47
N VAL F 204 -50.11 5.36 -37.47
CA VAL F 204 -48.84 6.04 -37.70
C VAL F 204 -47.83 5.09 -38.35
N ARG F 205 -47.64 3.90 -37.77
CA ARG F 205 -46.71 2.91 -38.29
C ARG F 205 -47.11 2.28 -39.61
N ALA F 206 -48.38 1.82 -39.73
CA ALA F 206 -48.92 1.21 -40.96
C ALA F 206 -48.77 2.13 -42.16
N GLY F 207 -49.18 3.39 -42.01
CA GLY F 207 -49.08 4.42 -43.02
C GLY F 207 -47.65 4.71 -43.43
N ILE F 208 -46.74 4.76 -42.43
CA ILE F 208 -45.29 4.96 -42.63
C ILE F 208 -44.70 3.81 -43.46
N TYR F 209 -45.01 2.56 -43.07
CA TYR F 209 -44.61 1.31 -43.73
C TYR F 209 -45.11 1.31 -45.18
N LYS F 210 -46.36 1.71 -45.41
CA LYS F 210 -46.96 1.79 -46.75
C LYS F 210 -46.43 3.01 -47.53
N GLY F 211 -45.44 3.68 -46.97
CA GLY F 211 -44.74 4.79 -47.61
C GLY F 211 -45.48 6.09 -47.72
N CYS F 212 -46.22 6.48 -46.68
CA CYS F 212 -46.90 7.77 -46.68
C CYS F 212 -46.85 8.56 -45.37
N LYS F 213 -46.74 9.90 -45.47
CA LYS F 213 -46.66 10.84 -44.35
C LYS F 213 -47.90 10.76 -43.48
N VAL F 214 -47.69 10.58 -42.17
CA VAL F 214 -48.79 10.53 -41.21
C VAL F 214 -48.79 11.80 -40.38
N PHE F 215 -49.95 12.46 -40.29
CA PHE F 215 -50.16 13.66 -39.49
C PHE F 215 -51.15 13.35 -38.39
N CYS F 216 -50.83 13.75 -37.15
CA CYS F 216 -51.74 13.55 -36.03
C CYS F 216 -52.46 14.84 -35.75
N ILE F 217 -53.79 14.84 -35.97
CA ILE F 217 -54.64 16.01 -35.76
C ILE F 217 -55.01 16.09 -34.27
N HIS F 218 -54.28 16.95 -33.55
CA HIS F 218 -54.46 17.19 -32.12
C HIS F 218 -55.73 17.94 -31.85
N GLU F 219 -56.43 17.54 -30.78
CA GLU F 219 -57.72 18.10 -30.33
C GLU F 219 -58.86 17.87 -31.34
N GLY F 220 -58.85 16.70 -31.99
CA GLY F 220 -59.86 16.26 -32.96
C GLY F 220 -60.33 17.31 -33.95
N TYR F 221 -61.65 17.53 -34.00
CA TYR F 221 -62.26 18.49 -34.92
C TYR F 221 -61.83 19.92 -34.70
N GLU F 222 -61.60 20.32 -33.43
CA GLU F 222 -61.09 21.65 -33.07
C GLU F 222 -59.75 21.89 -33.79
N GLY F 223 -58.89 20.89 -33.73
CA GLY F 223 -57.58 20.94 -34.37
C GLY F 223 -57.67 20.97 -35.87
N LEU F 224 -58.66 20.25 -36.42
CA LEU F 224 -58.93 20.16 -37.85
C LEU F 224 -59.45 21.51 -38.40
N VAL F 225 -60.36 22.17 -37.65
CA VAL F 225 -60.94 23.47 -38.00
C VAL F 225 -59.93 24.61 -37.82
N ARG F 226 -59.19 24.62 -36.69
CA ARG F 226 -58.19 25.66 -36.43
C ARG F 226 -56.97 25.52 -37.36
N GLY F 227 -56.59 24.27 -37.61
CA GLY F 227 -55.47 23.91 -38.48
C GLY F 227 -54.12 24.40 -38.00
N GLY F 228 -53.16 24.36 -38.90
CA GLY F 228 -51.79 24.79 -38.67
C GLY F 228 -50.89 23.75 -38.05
N GLU F 229 -49.60 24.11 -37.91
CA GLU F 229 -48.57 23.26 -37.32
C GLU F 229 -48.88 23.04 -35.85
N LYS F 230 -49.61 24.01 -35.24
CA LYS F 230 -50.04 23.98 -33.85
C LYS F 230 -50.86 22.72 -33.53
N TYR F 231 -51.76 22.31 -34.46
CA TYR F 231 -52.63 21.15 -34.27
C TYR F 231 -52.36 20.00 -35.22
N ILE F 232 -51.81 20.28 -36.40
CA ILE F 232 -51.56 19.22 -37.36
C ILE F 232 -50.06 18.93 -37.49
N LYS F 233 -49.56 18.03 -36.64
CA LYS F 233 -48.14 17.69 -36.60
C LYS F 233 -47.78 16.40 -37.32
N GLU F 234 -46.66 16.43 -38.06
CA GLU F 234 -46.17 15.24 -38.76
C GLU F 234 -45.61 14.32 -37.69
N THR F 235 -46.05 13.06 -37.71
CA THR F 235 -45.67 12.04 -36.73
C THR F 235 -44.74 11.01 -37.33
N GLN F 236 -43.68 10.66 -36.58
CA GLN F 236 -42.65 9.71 -36.92
C GLN F 236 -42.93 8.38 -36.24
N TRP F 237 -42.28 7.31 -36.71
CA TRP F 237 -42.42 5.93 -36.21
C TRP F 237 -42.11 5.80 -34.69
N HIS F 238 -41.04 6.48 -34.22
CA HIS F 238 -40.56 6.47 -32.83
C HIS F 238 -41.37 7.40 -31.92
N ASP F 239 -42.26 8.23 -32.49
CA ASP F 239 -43.10 9.18 -31.75
C ASP F 239 -44.30 8.51 -31.06
N VAL F 240 -44.64 7.30 -31.50
CA VAL F 240 -45.77 6.57 -30.96
C VAL F 240 -45.28 5.39 -30.11
N ARG F 241 -44.02 5.53 -29.59
CA ARG F 241 -43.35 4.55 -28.73
C ARG F 241 -44.05 4.30 -27.41
N GLY F 242 -44.32 3.02 -27.17
CA GLY F 242 -44.96 2.49 -25.97
C GLY F 242 -46.35 2.99 -25.71
N TRP F 243 -47.04 3.40 -26.77
CA TRP F 243 -48.39 3.92 -26.66
C TRP F 243 -49.40 2.83 -26.33
N LEU F 244 -49.04 1.54 -26.52
CA LEU F 244 -49.93 0.43 -26.19
C LEU F 244 -50.39 0.51 -24.74
N VAL F 245 -49.42 0.76 -23.82
CA VAL F 245 -49.68 0.88 -22.39
C VAL F 245 -50.42 2.16 -22.02
N GLU F 246 -50.09 3.30 -22.68
CA GLU F 246 -50.74 4.61 -22.44
C GLU F 246 -52.26 4.58 -22.51
N GLY F 247 -52.91 5.21 -21.52
CA GLY F 247 -54.37 5.33 -21.43
C GLY F 247 -54.86 6.64 -22.03
N GLY F 248 -56.15 6.70 -22.39
CA GLY F 248 -56.81 7.85 -23.01
C GLY F 248 -56.34 8.13 -24.43
N THR F 249 -56.14 9.42 -24.78
CA THR F 249 -55.59 9.84 -26.07
C THR F 249 -54.46 10.86 -25.99
N ASN F 250 -53.26 10.45 -26.41
CA ASN F 250 -52.09 11.31 -26.44
C ASN F 250 -52.28 12.48 -27.43
N ILE F 251 -53.02 12.26 -28.54
CA ILE F 251 -53.36 13.28 -29.54
C ILE F 251 -54.33 14.30 -28.89
N GLY F 252 -55.36 13.80 -28.22
CA GLY F 252 -56.39 14.59 -27.56
C GLY F 252 -57.65 14.71 -28.38
N THR F 253 -58.77 14.96 -27.68
CA THR F 253 -60.11 15.14 -28.24
C THR F 253 -60.64 16.47 -27.76
N ALA F 254 -61.50 17.09 -28.58
CA ALA F 254 -62.15 18.37 -28.30
C ALA F 254 -63.45 18.48 -29.05
N ARG F 255 -64.47 19.02 -28.38
CA ARG F 255 -65.80 19.24 -28.96
C ARG F 255 -65.77 20.54 -29.75
N CYS F 256 -65.87 20.43 -31.09
CA CYS F 256 -65.81 21.60 -31.95
C CYS F 256 -67.19 22.06 -32.36
N LYS F 257 -67.59 23.21 -31.80
CA LYS F 257 -68.85 23.90 -32.02
C LYS F 257 -68.98 24.38 -33.48
N GLU F 258 -67.87 24.88 -34.07
CA GLU F 258 -67.79 25.41 -35.43
C GLU F 258 -68.02 24.34 -36.49
N PHE F 259 -67.47 23.13 -36.30
CA PHE F 259 -67.60 22.00 -37.23
C PHE F 259 -69.05 21.50 -37.34
N ARG F 260 -69.93 21.86 -36.35
CA ARG F 260 -71.35 21.51 -36.32
C ARG F 260 -72.09 22.29 -37.42
N GLU F 261 -71.50 23.44 -37.85
CA GLU F 261 -71.99 24.34 -38.90
C GLU F 261 -71.11 24.22 -40.14
N ARG F 262 -71.62 24.71 -41.29
CA ARG F 262 -70.90 24.73 -42.56
C ARG F 262 -69.69 25.69 -42.48
N SER F 263 -69.73 26.63 -41.51
CA SER F 263 -68.72 27.65 -41.23
C SER F 263 -67.37 26.99 -40.95
N GLY F 264 -67.39 26.02 -40.02
CA GLY F 264 -66.22 25.26 -39.60
C GLY F 264 -65.85 24.14 -40.55
N ARG F 265 -66.86 23.39 -41.05
CA ARG F 265 -66.67 22.29 -42.01
C ARG F 265 -65.84 22.71 -43.24
N LEU F 266 -65.99 23.98 -43.66
CA LEU F 266 -65.28 24.56 -44.78
C LEU F 266 -63.84 24.88 -44.36
N LYS F 267 -63.66 25.51 -43.17
CA LYS F 267 -62.36 25.88 -42.61
C LYS F 267 -61.46 24.66 -42.48
N ALA F 268 -62.04 23.53 -42.01
CA ALA F 268 -61.41 22.22 -41.82
C ALA F 268 -60.95 21.65 -43.15
N CYS F 269 -61.81 21.76 -44.19
CA CYS F 269 -61.57 21.31 -45.55
C CYS F 269 -60.35 22.04 -46.12
N LYS F 270 -60.24 23.39 -45.90
CA LYS F 270 -59.13 24.24 -46.36
C LYS F 270 -57.83 23.75 -45.73
N ASN F 271 -57.83 23.57 -44.39
CA ASN F 271 -56.70 23.12 -43.60
C ASN F 271 -56.10 21.80 -44.07
N MET F 272 -56.94 20.89 -44.55
CA MET F 272 -56.51 19.58 -45.09
C MET F 272 -55.79 19.76 -46.43
N ILE F 273 -56.31 20.62 -47.30
CA ILE F 273 -55.73 20.92 -48.62
C ILE F 273 -54.43 21.71 -48.47
N ASP F 274 -54.35 22.57 -47.43
CA ASP F 274 -53.16 23.36 -47.12
C ASP F 274 -52.05 22.47 -46.56
N MET F 275 -52.43 21.52 -45.70
CA MET F 275 -51.52 20.56 -45.08
C MET F 275 -51.14 19.44 -46.07
N GLY F 276 -51.84 19.38 -47.19
CA GLY F 276 -51.63 18.37 -48.22
C GLY F 276 -52.18 17.01 -47.85
N ILE F 277 -53.03 16.93 -46.80
CA ILE F 277 -53.66 15.69 -46.32
C ILE F 277 -54.65 15.16 -47.35
N ASP F 278 -54.33 14.01 -47.95
CA ASP F 278 -55.15 13.38 -48.99
C ASP F 278 -56.17 12.39 -48.40
N ALA F 279 -56.07 12.04 -47.10
CA ALA F 279 -56.97 11.07 -46.47
C ALA F 279 -57.13 11.31 -44.97
N LEU F 280 -58.35 11.12 -44.44
CA LEU F 280 -58.67 11.30 -43.02
C LEU F 280 -59.15 10.02 -42.33
N ILE F 281 -58.61 9.77 -41.14
CA ILE F 281 -58.98 8.61 -40.33
C ILE F 281 -59.51 9.14 -39.00
N VAL F 282 -60.80 8.92 -38.77
CA VAL F 282 -61.45 9.35 -37.52
C VAL F 282 -61.65 8.14 -36.61
N CYS F 283 -61.25 8.27 -35.35
CA CYS F 283 -61.43 7.26 -34.30
C CYS F 283 -62.21 7.92 -33.18
N GLY F 284 -63.49 7.64 -33.14
CA GLY F 284 -64.38 8.21 -32.13
C GLY F 284 -65.72 7.54 -32.05
N GLY F 285 -66.65 8.22 -31.40
CA GLY F 285 -68.00 7.76 -31.16
C GLY F 285 -69.00 7.99 -32.28
N ASP F 286 -70.28 7.85 -31.93
CA ASP F 286 -71.47 7.95 -32.78
C ASP F 286 -71.53 9.25 -33.59
N GLY F 287 -71.83 10.36 -32.91
CA GLY F 287 -71.89 11.70 -33.50
C GLY F 287 -70.58 12.13 -34.12
N SER F 288 -69.48 11.74 -33.45
CA SER F 288 -68.09 11.96 -33.84
C SER F 288 -67.88 11.45 -35.30
N LEU F 289 -68.46 10.26 -35.61
CA LEU F 289 -68.44 9.64 -36.95
C LEU F 289 -69.58 10.14 -37.86
N THR F 290 -70.76 10.54 -37.28
CA THR F 290 -71.89 11.08 -38.07
C THR F 290 -71.46 12.42 -38.69
N GLY F 291 -70.74 13.22 -37.89
CA GLY F 291 -70.18 14.51 -38.28
C GLY F 291 -69.12 14.38 -39.37
N ALA F 292 -68.39 13.25 -39.36
CA ALA F 292 -67.37 12.90 -40.35
C ALA F 292 -68.09 12.48 -41.63
N ASP F 293 -69.22 11.78 -41.48
CA ASP F 293 -70.07 11.30 -42.56
C ASP F 293 -70.72 12.48 -43.31
N ARG F 294 -71.22 13.49 -42.55
CA ARG F 294 -71.81 14.71 -43.09
C ARG F 294 -70.73 15.51 -43.85
N PHE F 295 -69.50 15.53 -43.31
CA PHE F 295 -68.34 16.20 -43.89
C PHE F 295 -67.94 15.53 -45.22
N ARG F 296 -68.21 14.22 -45.32
CA ARG F 296 -67.95 13.40 -46.51
C ARG F 296 -68.89 13.79 -47.66
N SER F 297 -70.21 13.88 -47.37
CA SER F 297 -71.21 14.28 -48.36
C SER F 297 -71.05 15.75 -48.76
N GLU F 298 -70.69 16.61 -47.78
CA GLU F 298 -70.48 18.05 -47.99
C GLU F 298 -69.11 18.36 -48.61
N TRP F 299 -68.21 17.33 -48.77
CA TRP F 299 -66.87 17.53 -49.35
C TRP F 299 -66.84 18.35 -50.63
N PRO F 300 -67.72 18.10 -51.64
CA PRO F 300 -67.71 18.96 -52.84
C PRO F 300 -68.07 20.43 -52.54
N SER F 301 -67.06 21.12 -51.99
CA SER F 301 -66.98 22.52 -51.59
C SER F 301 -65.77 23.07 -52.34
N LEU F 302 -66.04 23.33 -53.63
CA LEU F 302 -65.12 23.85 -54.65
C LEU F 302 -64.70 25.27 -54.35
N ILE F 303 -65.61 26.03 -53.69
CA ILE F 303 -65.50 27.43 -53.27
C ILE F 303 -64.27 28.21 -53.78
N GLU F 304 -64.51 29.08 -54.78
CA GLU F 304 -63.52 29.96 -55.39
C GLU F 304 -63.36 31.17 -54.45
N GLU F 305 -62.19 31.26 -53.77
CA GLU F 305 -61.84 32.28 -52.79
C GLU F 305 -60.34 32.20 -52.51
N GLN F 314 -56.22 26.38 -60.46
CA GLN F 314 -57.10 25.33 -59.96
C GLN F 314 -56.32 24.15 -59.35
N GLN F 315 -54.97 24.11 -59.52
CA GLN F 315 -54.01 23.09 -59.07
C GLN F 315 -54.41 22.24 -57.87
N GLN F 316 -54.86 22.88 -56.78
CA GLN F 316 -55.28 22.25 -55.55
C GLN F 316 -56.63 21.53 -55.67
N PHE F 317 -57.61 22.18 -56.32
CA PHE F 317 -58.96 21.63 -56.54
C PHE F 317 -58.92 20.40 -57.46
N ASN F 318 -57.93 20.34 -58.35
CA ASN F 318 -57.72 19.21 -59.26
C ASN F 318 -57.18 18.01 -58.45
N THR F 319 -56.05 18.20 -57.71
CA THR F 319 -55.43 17.16 -56.90
C THR F 319 -56.34 16.70 -55.75
N HIS F 320 -56.68 17.62 -54.83
CA HIS F 320 -57.51 17.34 -53.64
C HIS F 320 -59.03 17.38 -53.93
N GLN F 321 -59.44 16.71 -55.03
CA GLN F 321 -60.83 16.65 -55.48
C GLN F 321 -61.77 15.74 -54.68
N ASN F 322 -61.27 14.59 -54.17
CA ASN F 322 -62.05 13.62 -53.40
C ASN F 322 -61.56 13.39 -51.98
N LEU F 323 -62.49 13.15 -51.04
CA LEU F 323 -62.17 12.88 -49.62
C LEU F 323 -62.10 11.40 -49.31
N ASN F 324 -60.88 10.94 -49.05
CA ASN F 324 -60.65 9.57 -48.62
C ASN F 324 -60.85 9.61 -47.12
N ILE F 325 -61.92 8.99 -46.65
CA ILE F 325 -62.25 8.98 -45.24
C ILE F 325 -62.51 7.57 -44.71
N CYS F 326 -62.06 7.29 -43.50
CA CYS F 326 -62.25 6.01 -42.84
C CYS F 326 -62.56 6.23 -41.37
N GLY F 327 -63.49 5.44 -40.85
CA GLY F 327 -63.91 5.49 -39.47
C GLY F 327 -63.60 4.23 -38.68
N ALA F 328 -63.44 4.40 -37.36
CA ALA F 328 -63.22 3.34 -36.39
C ALA F 328 -63.92 3.78 -35.12
N VAL F 329 -64.66 2.87 -34.50
CA VAL F 329 -65.39 3.27 -33.31
C VAL F 329 -64.57 3.26 -32.03
N GLY F 330 -64.32 4.47 -31.52
CA GLY F 330 -63.61 4.70 -30.28
C GLY F 330 -64.61 5.07 -29.20
N SER F 331 -65.34 4.05 -28.66
CA SER F 331 -66.32 4.23 -27.58
C SER F 331 -66.40 3.06 -26.58
N ILE F 332 -66.69 3.40 -25.32
CA ILE F 332 -66.84 2.46 -24.19
C ILE F 332 -68.25 1.90 -24.16
N ASP F 333 -69.20 2.69 -24.72
CA ASP F 333 -70.65 2.48 -24.82
C ASP F 333 -71.06 1.19 -25.54
N ASN F 334 -70.39 0.90 -26.68
CA ASN F 334 -70.68 -0.17 -27.64
C ASN F 334 -72.08 0.05 -28.29
N ASP F 335 -72.39 1.35 -28.50
CA ASP F 335 -73.63 1.85 -29.08
C ASP F 335 -73.70 1.75 -30.61
N MET F 336 -72.55 1.80 -31.31
CA MET F 336 -72.49 1.70 -32.77
C MET F 336 -72.98 0.37 -33.27
N SER F 337 -73.91 0.43 -34.22
CA SER F 337 -74.66 -0.69 -34.76
C SER F 337 -74.00 -1.67 -35.70
N SER F 338 -73.09 -1.24 -36.58
CA SER F 338 -72.52 -2.21 -37.52
C SER F 338 -71.30 -3.04 -37.03
N THR F 339 -70.83 -2.78 -35.80
CA THR F 339 -69.71 -3.50 -35.18
C THR F 339 -70.17 -4.26 -33.94
N ASP F 340 -69.51 -5.40 -33.63
CA ASP F 340 -69.87 -6.21 -32.47
C ASP F 340 -69.28 -5.63 -31.18
N ALA F 341 -68.08 -5.06 -31.27
CA ALA F 341 -67.38 -4.43 -30.17
C ALA F 341 -66.70 -3.16 -30.65
N THR F 342 -66.90 -2.06 -29.92
CA THR F 342 -66.27 -0.77 -30.21
C THR F 342 -64.97 -0.72 -29.41
N ILE F 343 -64.00 0.12 -29.82
CA ILE F 343 -62.71 0.20 -29.12
C ILE F 343 -62.89 0.92 -27.79
N GLY F 344 -62.60 0.20 -26.70
CA GLY F 344 -62.71 0.66 -25.32
C GLY F 344 -63.81 -0.01 -24.51
N ALA F 345 -64.79 -0.64 -25.22
CA ALA F 345 -65.93 -1.32 -24.65
C ALA F 345 -65.57 -2.42 -23.62
N PHE F 346 -64.66 -3.36 -24.00
CA PHE F 346 -64.26 -4.44 -23.10
C PHE F 346 -63.39 -3.99 -21.92
N SER F 347 -62.58 -2.91 -22.09
CA SER F 347 -61.77 -2.34 -20.99
C SER F 347 -62.72 -1.70 -19.99
N SER F 348 -63.74 -0.95 -20.48
CA SER F 348 -64.73 -0.31 -19.62
C SER F 348 -65.49 -1.39 -18.85
N LEU F 349 -65.96 -2.44 -19.57
CA LEU F 349 -66.66 -3.61 -19.00
C LEU F 349 -65.79 -4.26 -17.90
N ASP F 350 -64.47 -4.30 -18.12
CA ASP F 350 -63.48 -4.83 -17.19
C ASP F 350 -63.41 -4.01 -15.91
N ARG F 351 -63.44 -2.66 -16.02
CA ARG F 351 -63.37 -1.75 -14.86
C ARG F 351 -64.55 -2.03 -13.93
N ILE F 352 -65.77 -2.14 -14.53
CA ILE F 352 -67.05 -2.38 -13.86
C ILE F 352 -67.00 -3.70 -13.11
N CYS F 353 -66.59 -4.78 -13.80
CA CYS F 353 -66.51 -6.11 -13.21
C CYS F 353 -65.49 -6.18 -12.12
N ARG F 354 -64.38 -5.41 -12.25
CA ARG F 354 -63.36 -5.35 -11.22
C ARG F 354 -63.99 -4.81 -9.91
N ALA F 355 -64.89 -3.81 -10.01
CA ALA F 355 -65.56 -3.24 -8.85
C ALA F 355 -66.53 -4.25 -8.26
N ILE F 356 -67.40 -4.84 -9.11
CA ILE F 356 -68.38 -5.83 -8.65
C ILE F 356 -67.71 -7.01 -7.96
N ASP F 357 -66.58 -7.48 -8.53
CA ASP F 357 -65.81 -8.57 -7.96
C ASP F 357 -65.39 -8.24 -6.52
N TYR F 358 -64.86 -7.01 -6.30
CA TYR F 358 -64.48 -6.52 -4.96
C TYR F 358 -65.69 -6.48 -4.04
N ILE F 359 -66.86 -6.05 -4.55
CA ILE F 359 -68.07 -6.00 -3.75
C ILE F 359 -68.47 -7.40 -3.29
N ASP F 360 -68.49 -8.40 -4.24
CA ASP F 360 -68.85 -9.79 -3.95
C ASP F 360 -67.88 -10.46 -2.93
N ALA F 361 -66.61 -10.00 -2.90
CA ALA F 361 -65.55 -10.54 -2.06
C ALA F 361 -65.64 -10.14 -0.57
N THR F 362 -66.80 -10.40 0.06
CA THR F 362 -67.13 -10.09 1.48
C THR F 362 -68.19 -11.11 2.03
N ALA F 363 -68.74 -10.85 3.24
CA ALA F 363 -69.73 -11.69 3.91
C ALA F 363 -71.12 -11.54 3.25
N SER F 365 -73.91 -11.62 4.67
CA SER F 365 -74.54 -10.77 5.67
C SER F 365 -75.94 -10.33 5.21
N HIS F 366 -76.96 -10.50 6.09
CA HIS F 366 -78.33 -10.13 5.76
C HIS F 366 -78.52 -8.61 5.76
N SER F 367 -79.61 -8.16 5.13
CA SER F 367 -80.07 -6.79 4.98
C SER F 367 -79.06 -5.90 4.27
N ARG F 368 -78.37 -6.47 3.25
CA ARG F 368 -77.39 -5.74 2.47
C ARG F 368 -77.71 -5.82 0.99
N ALA F 369 -77.71 -4.66 0.36
CA ALA F 369 -77.91 -4.50 -1.08
C ALA F 369 -76.80 -3.59 -1.61
N PHE F 370 -76.37 -3.80 -2.85
CA PHE F 370 -75.32 -2.95 -3.40
C PHE F 370 -75.66 -2.44 -4.78
N ILE F 371 -75.51 -1.11 -5.01
CA ILE F 371 -75.79 -0.46 -6.30
C ILE F 371 -74.52 -0.09 -7.05
N VAL F 372 -74.41 -0.54 -8.28
CA VAL F 372 -73.27 -0.22 -9.12
C VAL F 372 -73.76 0.71 -10.22
N GLU F 373 -73.45 2.00 -10.10
CA GLU F 373 -73.80 3.05 -11.05
C GLU F 373 -72.78 2.98 -12.20
N VAL F 374 -73.27 2.62 -13.37
CA VAL F 374 -72.48 2.40 -14.58
C VAL F 374 -72.63 3.51 -15.62
N MET F 375 -71.49 3.95 -16.15
CA MET F 375 -71.31 4.95 -17.20
C MET F 375 -71.68 4.28 -18.52
N GLY F 376 -72.43 4.98 -19.36
CA GLY F 376 -72.89 4.47 -20.63
C GLY F 376 -74.27 5.04 -20.89
N ARG F 377 -74.28 6.23 -21.49
CA ARG F 377 -75.48 7.01 -21.73
C ARG F 377 -76.53 6.48 -22.71
N HIS F 378 -76.10 5.88 -23.84
CA HIS F 378 -77.02 5.46 -24.90
C HIS F 378 -77.37 4.00 -24.93
N CYS F 379 -76.38 3.13 -24.70
CA CYS F 379 -76.52 1.69 -24.76
C CYS F 379 -76.62 1.05 -23.35
N GLY F 380 -77.08 -0.19 -23.30
CA GLY F 380 -77.18 -0.97 -22.07
C GLY F 380 -76.28 -2.19 -22.12
N TRP F 381 -75.38 -2.26 -23.12
CA TRP F 381 -74.44 -3.34 -23.33
C TRP F 381 -73.56 -3.54 -22.09
N LEU F 382 -72.95 -2.46 -21.56
CA LEU F 382 -72.11 -2.52 -20.37
C LEU F 382 -72.88 -3.06 -19.16
N GLY F 383 -74.10 -2.55 -18.95
CA GLY F 383 -74.99 -2.99 -17.87
C GLY F 383 -75.35 -4.46 -17.97
N LEU F 384 -75.77 -4.88 -19.18
CA LEU F 384 -76.14 -6.26 -19.51
C LEU F 384 -74.95 -7.25 -19.35
N LEU F 385 -73.79 -6.91 -19.95
CA LEU F 385 -72.63 -7.77 -19.85
C LEU F 385 -72.02 -7.85 -18.46
N ALA F 386 -71.96 -6.73 -17.72
CA ALA F 386 -71.51 -6.71 -16.32
C ALA F 386 -72.46 -7.60 -15.48
N GLY F 387 -73.78 -7.42 -15.69
CA GLY F 387 -74.84 -8.19 -15.06
C GLY F 387 -74.67 -9.67 -15.32
N LEU F 388 -74.34 -10.04 -16.55
CA LEU F 388 -74.11 -11.43 -16.96
C LEU F 388 -72.83 -11.98 -16.32
N ALA F 389 -71.67 -11.28 -16.49
CA ALA F 389 -70.35 -11.66 -15.96
C ALA F 389 -70.31 -11.76 -14.44
N THR F 390 -71.08 -10.92 -13.74
CA THR F 390 -71.10 -10.90 -12.28
C THR F 390 -72.39 -11.46 -11.68
N SER F 391 -73.25 -12.11 -12.51
CA SER F 391 -74.56 -12.68 -12.10
C SER F 391 -75.32 -11.72 -11.14
N ALA F 392 -75.58 -10.48 -11.62
CA ALA F 392 -76.31 -9.47 -10.87
C ALA F 392 -77.78 -9.87 -10.80
N ASP F 393 -78.46 -9.48 -9.71
CA ASP F 393 -79.87 -9.80 -9.46
C ASP F 393 -80.79 -9.06 -10.43
N TYR F 394 -80.58 -7.74 -10.56
CA TYR F 394 -81.41 -6.86 -11.36
C TYR F 394 -80.57 -5.78 -12.04
N ILE F 395 -80.83 -5.55 -13.33
CA ILE F 395 -80.16 -4.52 -14.14
C ILE F 395 -81.18 -3.50 -14.65
N LEU F 396 -80.82 -2.21 -14.60
CA LEU F 396 -81.68 -1.12 -15.11
C LEU F 396 -81.01 -0.53 -16.34
N ILE F 397 -81.35 -1.08 -17.52
CA ILE F 397 -80.81 -0.63 -18.82
C ILE F 397 -81.92 -0.03 -19.74
N PRO F 398 -81.58 0.99 -20.60
CA PRO F 398 -82.61 1.63 -21.45
C PRO F 398 -83.41 0.74 -22.42
N GLU F 399 -82.79 -0.33 -22.96
CA GLU F 399 -83.43 -1.23 -23.91
C GLU F 399 -84.48 -2.11 -23.24
N LYS F 400 -84.30 -2.45 -21.96
CA LYS F 400 -85.25 -3.32 -21.27
C LYS F 400 -85.88 -2.69 -20.01
N PRO F 401 -86.66 -1.58 -20.14
CA PRO F 401 -87.36 -1.05 -18.96
C PRO F 401 -88.55 -1.95 -18.63
N ALA F 402 -89.05 -1.90 -17.37
CA ALA F 402 -90.19 -2.70 -16.91
C ALA F 402 -91.39 -2.31 -17.72
N SER F 403 -92.20 -3.30 -18.14
CA SER F 403 -93.32 -3.04 -19.02
C SER F 403 -94.69 -3.45 -18.46
N SER F 404 -94.83 -4.74 -18.05
CA SER F 404 -96.08 -5.28 -17.52
C SER F 404 -96.43 -4.82 -16.09
N ARG F 405 -95.46 -4.20 -15.39
CA ARG F 405 -95.56 -3.72 -14.01
C ARG F 405 -94.50 -2.64 -13.75
N GLU F 406 -94.68 -1.85 -12.68
CA GLU F 406 -93.75 -0.79 -12.25
C GLU F 406 -92.33 -1.35 -12.05
N TRP F 407 -91.26 -0.57 -12.39
CA TRP F 407 -89.85 -1.03 -12.24
C TRP F 407 -89.50 -1.41 -10.79
N GLN F 408 -90.17 -0.74 -9.83
CA GLN F 408 -89.97 -0.95 -8.41
C GLN F 408 -90.53 -2.31 -8.04
N ASP F 409 -91.74 -2.62 -8.55
CA ASP F 409 -92.40 -3.90 -8.35
C ASP F 409 -91.58 -5.01 -9.01
N GLN F 410 -91.13 -4.78 -10.26
CA GLN F 410 -90.29 -5.73 -11.00
C GLN F 410 -89.02 -6.03 -10.22
N MET F 411 -88.28 -4.98 -9.81
CA MET F 411 -87.03 -5.08 -9.07
C MET F 411 -87.23 -5.85 -7.78
N CYS F 412 -88.19 -5.41 -6.95
CA CYS F 412 -88.46 -6.01 -5.66
C CYS F 412 -88.82 -7.48 -5.75
N ASP F 413 -89.55 -7.87 -6.81
CA ASP F 413 -89.98 -9.25 -7.05
C ASP F 413 -88.76 -10.12 -7.33
N ILE F 414 -87.92 -9.72 -8.32
CA ILE F 414 -86.70 -10.42 -8.74
C ILE F 414 -85.73 -10.51 -7.55
N VAL F 415 -85.40 -9.35 -6.92
CA VAL F 415 -84.52 -9.27 -5.75
C VAL F 415 -85.05 -10.16 -4.61
N GLY F 416 -86.33 -10.00 -4.30
CA GLY F 416 -87.04 -10.77 -3.27
C GLY F 416 -86.90 -12.27 -3.49
N LYS F 417 -87.26 -12.76 -4.69
CA LYS F 417 -87.14 -14.18 -5.06
C LYS F 417 -85.74 -14.72 -4.81
N HIS F 418 -84.70 -13.95 -5.20
CA HIS F 418 -83.29 -14.29 -5.04
C HIS F 418 -82.89 -14.43 -3.56
N ARG F 419 -83.29 -13.45 -2.72
CA ARG F 419 -83.02 -13.45 -1.27
C ARG F 419 -83.73 -14.61 -0.60
N ALA F 420 -84.99 -14.84 -0.98
CA ALA F 420 -85.83 -15.92 -0.49
C ALA F 420 -85.20 -17.30 -0.72
N ARG F 421 -84.63 -17.53 -1.92
CA ARG F 421 -83.99 -18.80 -2.25
C ARG F 421 -82.61 -18.97 -1.59
N GLY F 422 -82.08 -17.90 -0.99
CA GLY F 422 -80.82 -17.97 -0.27
C GLY F 422 -79.76 -16.93 -0.56
N LYS F 423 -79.77 -16.29 -1.76
CA LYS F 423 -78.77 -15.28 -2.16
C LYS F 423 -78.76 -14.02 -1.26
N ARG F 424 -77.72 -13.87 -0.40
CA ARG F 424 -77.59 -12.77 0.57
C ARG F 424 -76.96 -11.48 0.04
N LYS F 425 -76.11 -11.55 -1.01
CA LYS F 425 -75.48 -10.34 -1.55
C LYS F 425 -76.19 -9.86 -2.81
N THR F 426 -77.19 -8.95 -2.65
CA THR F 426 -77.91 -8.46 -3.83
C THR F 426 -77.18 -7.32 -4.52
N ILE F 427 -76.90 -7.51 -5.81
CA ILE F 427 -76.22 -6.52 -6.65
C ILE F 427 -77.19 -6.03 -7.71
N VAL F 428 -77.37 -4.70 -7.78
CA VAL F 428 -78.24 -3.99 -8.73
C VAL F 428 -77.37 -3.04 -9.56
N ILE F 429 -77.44 -3.17 -10.89
CA ILE F 429 -76.66 -2.35 -11.81
C ILE F 429 -77.56 -1.29 -12.44
N VAL F 430 -77.16 -0.01 -12.31
CA VAL F 430 -77.90 1.12 -12.83
C VAL F 430 -77.11 1.79 -13.95
N ALA F 431 -77.67 1.76 -15.15
CA ALA F 431 -77.09 2.36 -16.33
C ALA F 431 -77.23 3.89 -16.27
N GLU F 432 -76.35 4.62 -17.00
CA GLU F 432 -76.40 6.08 -17.08
C GLU F 432 -77.71 6.44 -17.75
N GLY F 433 -78.09 5.64 -18.76
CA GLY F 433 -79.34 5.78 -19.48
C GLY F 433 -80.51 5.02 -18.87
N ALA F 434 -80.44 4.67 -17.54
CA ALA F 434 -81.50 3.96 -16.82
C ALA F 434 -82.76 4.76 -16.96
N ILE F 435 -83.79 4.11 -17.52
CA ILE F 435 -85.05 4.77 -17.83
C ILE F 435 -86.27 3.88 -17.57
N SER F 436 -87.46 4.50 -17.49
CA SER F 436 -88.75 3.83 -17.31
C SER F 436 -89.46 3.78 -18.67
N ASN F 437 -90.62 3.09 -18.77
CA ASN F 437 -91.46 2.99 -19.98
C ASN F 437 -91.65 4.36 -20.62
N ASP F 438 -92.25 5.29 -19.85
CA ASP F 438 -92.58 6.67 -20.18
C ASP F 438 -91.35 7.58 -20.25
N LEU F 439 -90.18 6.99 -20.55
CA LEU F 439 -88.88 7.63 -20.74
C LEU F 439 -88.36 8.50 -19.60
N SER F 440 -88.94 8.32 -18.39
CA SER F 440 -88.52 9.04 -17.19
C SER F 440 -87.21 8.43 -16.72
N PRO F 441 -86.15 9.24 -16.59
CA PRO F 441 -84.86 8.69 -16.13
C PRO F 441 -84.93 8.21 -14.68
N ILE F 442 -84.35 7.01 -14.41
CA ILE F 442 -84.33 6.44 -13.07
C ILE F 442 -82.94 6.67 -12.48
N SER F 443 -82.88 7.39 -11.36
CA SER F 443 -81.63 7.73 -10.68
C SER F 443 -81.18 6.63 -9.72
N CYS F 444 -79.96 6.76 -9.18
CA CYS F 444 -79.41 5.81 -8.23
C CYS F 444 -80.09 5.91 -6.88
N ASP F 445 -80.38 7.13 -6.44
CA ASP F 445 -81.05 7.46 -5.18
C ASP F 445 -82.47 6.91 -5.22
N GLN F 446 -83.14 7.00 -6.39
CA GLN F 446 -84.48 6.46 -6.66
C GLN F 446 -84.45 4.97 -6.35
N VAL F 447 -83.48 4.24 -6.95
CA VAL F 447 -83.22 2.80 -6.77
C VAL F 447 -82.85 2.50 -5.30
N LYS F 448 -81.98 3.33 -4.69
CA LYS F 448 -81.54 3.19 -3.29
C LYS F 448 -82.69 3.22 -2.30
N ASP F 449 -83.63 4.19 -2.45
CA ASP F 449 -84.78 4.34 -1.57
C ASP F 449 -85.75 3.17 -1.61
N VAL F 450 -85.92 2.57 -2.80
CA VAL F 450 -86.78 1.39 -2.98
C VAL F 450 -86.18 0.20 -2.18
N LEU F 451 -84.85 0.01 -2.27
CA LEU F 451 -84.15 -1.06 -1.57
C LEU F 451 -84.10 -0.84 -0.06
N VAL F 452 -83.97 0.42 0.37
CA VAL F 452 -83.91 0.83 1.78
C VAL F 452 -85.31 0.89 2.39
N ASN F 453 -86.31 1.40 1.66
CA ASN F 453 -87.66 1.52 2.22
C ASN F 453 -88.65 0.40 1.91
N ARG F 454 -88.73 -0.09 0.64
CA ARG F 454 -89.66 -1.19 0.30
C ARG F 454 -89.15 -2.55 0.80
N LEU F 455 -87.83 -2.73 0.88
CA LEU F 455 -87.17 -3.92 1.44
C LEU F 455 -86.31 -3.39 2.62
N GLY F 456 -85.90 -4.23 3.56
CA GLY F 456 -85.16 -3.69 4.71
C GLY F 456 -83.66 -3.58 4.55
N LEU F 457 -83.17 -3.47 3.30
CA LEU F 457 -81.76 -3.50 2.94
C LEU F 457 -80.93 -2.23 3.10
N ASP F 458 -79.80 -2.35 3.81
CA ASP F 458 -78.82 -1.28 3.96
C ASP F 458 -78.03 -1.25 2.62
N THR F 459 -78.34 -0.24 1.79
CA THR F 459 -77.77 -0.09 0.45
C THR F 459 -76.59 0.87 0.36
N ARG F 460 -75.50 0.37 -0.21
CA ARG F 460 -74.26 1.11 -0.42
C ARG F 460 -73.99 1.25 -1.93
N VAL F 461 -74.01 2.49 -2.44
CA VAL F 461 -73.78 2.82 -3.85
C VAL F 461 -72.29 2.95 -4.18
N THR F 462 -71.90 2.39 -5.32
CA THR F 462 -70.55 2.42 -5.86
C THR F 462 -70.70 3.00 -7.25
N THR F 463 -70.02 4.14 -7.51
CA THR F 463 -70.07 4.79 -8.82
C THR F 463 -68.68 4.85 -9.44
N LEU F 464 -68.53 4.29 -10.66
CA LEU F 464 -67.23 4.21 -11.33
C LEU F 464 -66.71 5.54 -11.87
N GLY F 465 -67.56 6.32 -12.54
CA GLY F 465 -67.15 7.61 -13.08
C GLY F 465 -66.05 7.46 -14.10
N HIS F 466 -65.05 8.38 -14.08
CA HIS F 466 -63.92 8.33 -15.02
C HIS F 466 -63.07 7.04 -14.99
N VAL F 467 -63.19 6.22 -13.92
CA VAL F 467 -62.51 4.92 -13.78
C VAL F 467 -62.77 4.08 -15.05
N GLN F 468 -64.02 4.14 -15.57
CA GLN F 468 -64.51 3.45 -16.75
C GLN F 468 -63.92 3.88 -18.09
N ARG F 469 -63.05 4.92 -18.11
CA ARG F 469 -62.37 5.44 -19.31
C ARG F 469 -60.85 5.40 -19.16
N GLY F 470 -60.40 5.37 -17.90
CA GLY F 470 -58.99 5.34 -17.55
C GLY F 470 -58.38 3.96 -17.64
N GLY F 471 -57.07 3.92 -17.47
CA GLY F 471 -56.29 2.70 -17.50
C GLY F 471 -55.87 2.27 -18.88
N THR F 472 -54.97 1.27 -18.93
CA THR F 472 -54.47 0.70 -20.17
C THR F 472 -55.58 -0.13 -20.81
N ALA F 473 -55.52 -0.26 -22.14
CA ALA F 473 -56.47 -1.08 -22.84
C ALA F 473 -56.22 -2.57 -22.54
N VAL F 474 -57.30 -3.32 -22.29
CA VAL F 474 -57.30 -4.77 -22.07
C VAL F 474 -56.76 -5.44 -23.36
N ALA F 475 -56.15 -6.65 -23.26
CA ALA F 475 -55.58 -7.39 -24.40
C ALA F 475 -56.43 -7.33 -25.65
N PHE F 476 -57.77 -7.55 -25.50
CA PHE F 476 -58.70 -7.51 -26.63
C PHE F 476 -58.70 -6.14 -27.28
N ASP F 477 -58.75 -5.06 -26.47
CA ASP F 477 -58.76 -3.72 -27.04
C ASP F 477 -57.45 -3.38 -27.73
N ARG F 478 -56.30 -3.80 -27.15
CA ARG F 478 -54.97 -3.57 -27.75
C ARG F 478 -54.81 -4.28 -29.08
N ILE F 479 -55.19 -5.58 -29.12
CA ILE F 479 -55.07 -6.41 -30.31
C ILE F 479 -55.96 -5.90 -31.39
N TYR F 480 -57.24 -5.65 -31.05
CA TYR F 480 -58.22 -5.17 -32.01
C TYR F 480 -58.05 -3.76 -32.48
N ALA F 481 -57.73 -2.80 -31.58
CA ALA F 481 -57.48 -1.42 -31.96
C ALA F 481 -56.29 -1.33 -32.92
N THR F 482 -55.23 -2.12 -32.65
CA THR F 482 -54.03 -2.17 -33.48
C THR F 482 -54.37 -2.67 -34.89
N LEU F 483 -55.05 -3.81 -34.99
CA LEU F 483 -55.42 -4.38 -36.28
C LEU F 483 -56.34 -3.46 -37.04
N GLN F 484 -57.28 -2.78 -36.33
CA GLN F 484 -58.19 -1.80 -36.91
C GLN F 484 -57.42 -0.61 -37.49
N GLY F 485 -56.36 -0.16 -36.79
CA GLY F 485 -55.47 0.90 -37.25
C GLY F 485 -54.81 0.53 -38.57
N VAL F 486 -54.30 -0.71 -38.65
CA VAL F 486 -53.67 -1.27 -39.84
C VAL F 486 -54.68 -1.29 -40.97
N GLU F 487 -55.88 -1.89 -40.73
CA GLU F 487 -56.95 -1.96 -41.71
C GLU F 487 -57.39 -0.58 -42.19
N ALA F 488 -57.58 0.39 -41.27
CA ALA F 488 -57.97 1.78 -41.58
C ALA F 488 -57.05 2.40 -42.62
N VAL F 489 -55.73 2.15 -42.49
CA VAL F 489 -54.72 2.65 -43.43
C VAL F 489 -54.93 2.02 -44.81
N ASN F 490 -54.98 0.67 -44.89
CA ASN F 490 -55.22 -0.10 -46.12
C ASN F 490 -56.51 0.35 -46.80
N ALA F 491 -57.63 0.43 -46.04
CA ALA F 491 -58.94 0.89 -46.52
C ALA F 491 -58.82 2.26 -47.20
N VAL F 492 -58.19 3.22 -46.50
CA VAL F 492 -57.93 4.59 -46.95
C VAL F 492 -57.10 4.63 -48.27
N LEU F 493 -56.11 3.71 -48.42
CA LEU F 493 -55.24 3.59 -49.59
C LEU F 493 -55.94 2.88 -50.75
N GLU F 494 -56.71 1.80 -50.47
CA GLU F 494 -57.46 1.00 -51.42
C GLU F 494 -58.71 1.74 -51.94
N CYS F 495 -59.10 2.84 -51.28
CA CYS F 495 -60.26 3.65 -51.61
C CYS F 495 -60.18 4.28 -53.01
N ASP F 496 -61.34 4.35 -53.67
CA ASP F 496 -61.58 4.92 -54.98
C ASP F 496 -62.93 5.63 -54.91
N ALA F 497 -63.11 6.73 -55.68
CA ALA F 497 -64.34 7.57 -55.71
C ALA F 497 -65.69 6.81 -55.79
N ASP F 498 -65.71 5.60 -56.41
CA ASP F 498 -66.90 4.75 -56.55
C ASP F 498 -67.14 3.84 -55.33
N THR F 499 -66.17 3.80 -54.39
CA THR F 499 -66.24 2.99 -53.18
C THR F 499 -66.81 3.82 -52.01
N PRO F 500 -67.90 3.33 -51.35
CA PRO F 500 -68.47 4.08 -50.22
C PRO F 500 -67.56 4.07 -49.00
N SER F 501 -67.42 5.25 -48.34
CA SER F 501 -66.56 5.47 -47.18
C SER F 501 -66.74 4.39 -46.12
N PRO F 502 -65.66 3.67 -45.77
CA PRO F 502 -65.81 2.57 -44.82
C PRO F 502 -65.64 2.93 -43.36
N MET F 503 -66.13 2.05 -42.52
CA MET F 503 -65.96 2.09 -41.10
C MET F 503 -65.39 0.72 -40.79
N ILE F 504 -64.32 0.67 -39.96
CA ILE F 504 -63.75 -0.63 -39.59
C ILE F 504 -64.61 -1.20 -38.44
N ALA F 505 -65.02 -2.46 -38.60
CA ALA F 505 -65.88 -3.16 -37.68
C ALA F 505 -65.35 -4.55 -37.35
N ILE F 506 -65.75 -5.09 -36.18
CA ILE F 506 -65.42 -6.46 -35.79
C ILE F 506 -66.73 -7.22 -35.89
N LYS F 507 -66.71 -8.37 -36.57
CA LYS F 507 -67.87 -9.23 -36.69
C LYS F 507 -67.50 -10.68 -36.37
N GLU F 508 -67.75 -11.06 -35.09
CA GLU F 508 -67.43 -12.35 -34.48
C GLU F 508 -65.94 -12.65 -34.65
N ASP F 509 -65.13 -11.84 -33.92
CA ASP F 509 -63.67 -11.90 -33.86
C ASP F 509 -62.95 -11.72 -35.20
N GLN F 510 -63.58 -11.05 -36.17
CA GLN F 510 -62.99 -10.85 -37.48
C GLN F 510 -63.16 -9.41 -37.97
N ILE F 511 -62.04 -8.77 -38.36
CA ILE F 511 -62.04 -7.40 -38.85
C ILE F 511 -62.62 -7.30 -40.28
N THR F 512 -63.66 -6.46 -40.42
CA THR F 512 -64.38 -6.25 -41.68
C THR F 512 -64.55 -4.76 -42.00
N ARG F 513 -64.97 -4.47 -43.23
CA ARG F 513 -65.27 -3.13 -43.67
C ARG F 513 -66.77 -3.04 -43.90
N VAL F 514 -67.40 -2.03 -43.30
CA VAL F 514 -68.84 -1.79 -43.42
C VAL F 514 -69.08 -0.31 -43.83
N PRO F 515 -70.05 0.00 -44.71
CA PRO F 515 -70.27 1.42 -45.07
C PRO F 515 -70.65 2.26 -43.85
N LEU F 516 -69.91 3.36 -43.64
CA LEU F 516 -70.12 4.27 -42.52
C LEU F 516 -71.54 4.86 -42.49
N VAL F 517 -72.08 5.28 -43.67
CA VAL F 517 -73.45 5.83 -43.80
C VAL F 517 -74.48 4.88 -43.21
N ASP F 518 -74.39 3.60 -43.60
CA ASP F 518 -75.31 2.54 -43.20
C ASP F 518 -75.24 2.24 -41.70
N ALA F 519 -74.03 2.38 -41.11
CA ALA F 519 -73.77 2.20 -39.67
C ALA F 519 -74.31 3.39 -38.87
N VAL F 520 -74.11 4.62 -39.39
CA VAL F 520 -74.60 5.88 -38.80
C VAL F 520 -76.14 5.85 -38.78
N GLU F 521 -76.76 5.47 -39.93
CA GLU F 521 -78.22 5.36 -40.11
C GLU F 521 -78.82 4.38 -39.10
N LEU F 522 -78.24 3.19 -39.02
CA LEU F 522 -78.70 2.13 -38.13
C LEU F 522 -78.68 2.49 -36.64
N THR F 523 -77.62 3.20 -36.16
CA THR F 523 -77.54 3.65 -34.76
C THR F 523 -78.65 4.64 -34.44
N GLN F 524 -78.98 5.51 -35.40
CA GLN F 524 -80.06 6.48 -35.24
C GLN F 524 -81.40 5.77 -35.10
N GLN F 525 -81.60 4.70 -35.90
CA GLN F 525 -82.81 3.84 -35.92
C GLN F 525 -83.09 3.27 -34.54
N VAL F 526 -82.04 2.84 -33.82
CA VAL F 526 -82.12 2.29 -32.46
C VAL F 526 -82.58 3.40 -31.50
N ALA F 527 -81.91 4.56 -31.54
CA ALA F 527 -82.24 5.72 -30.71
C ALA F 527 -83.69 6.14 -30.93
N LYS F 528 -84.16 6.07 -32.20
CA LYS F 528 -85.52 6.38 -32.60
C LYS F 528 -86.52 5.43 -31.94
N SER F 529 -86.20 4.11 -31.93
CA SER F 529 -87.02 3.04 -31.33
C SER F 529 -87.19 3.23 -29.83
N ILE F 530 -86.12 3.65 -29.14
CA ILE F 530 -86.15 3.92 -27.71
C ILE F 530 -87.05 5.14 -27.46
N GLU F 531 -86.78 6.25 -28.16
CA GLU F 531 -87.54 7.50 -28.06
C GLU F 531 -89.03 7.34 -28.45
N SER F 532 -89.33 6.43 -29.41
CA SER F 532 -90.69 6.12 -29.87
C SER F 532 -91.31 5.00 -29.01
N ARG F 533 -90.62 4.62 -27.92
CA ARG F 533 -91.02 3.62 -26.92
C ARG F 533 -91.23 2.19 -27.41
N ASN F 534 -90.49 1.78 -28.46
CA ASN F 534 -90.52 0.43 -29.00
C ASN F 534 -89.20 -0.25 -28.60
N PHE F 535 -89.14 -0.67 -27.32
CA PHE F 535 -87.96 -1.28 -26.68
C PHE F 535 -87.68 -2.67 -27.23
N LYS F 536 -88.75 -3.48 -27.44
CA LYS F 536 -88.69 -4.82 -28.04
C LYS F 536 -87.98 -4.78 -29.42
N LYS F 537 -88.33 -3.74 -30.22
CA LYS F 537 -87.82 -3.38 -31.54
C LYS F 537 -86.38 -2.95 -31.39
N ALA F 538 -86.10 -1.98 -30.49
CA ALA F 538 -84.76 -1.46 -30.19
C ALA F 538 -83.77 -2.62 -29.90
N ILE F 539 -84.21 -3.62 -29.07
CA ILE F 539 -83.41 -4.80 -28.71
C ILE F 539 -83.02 -5.61 -29.96
N SER F 540 -84.00 -5.88 -30.85
CA SER F 540 -83.78 -6.62 -32.10
C SER F 540 -82.86 -5.87 -33.07
N LEU F 541 -82.94 -4.51 -33.04
CA LEU F 541 -82.12 -3.63 -33.87
C LEU F 541 -80.64 -3.66 -33.49
N ARG F 542 -80.33 -4.00 -32.21
CA ARG F 542 -78.96 -4.12 -31.72
C ARG F 542 -78.36 -5.39 -32.32
N ASP F 543 -77.00 -5.52 -32.29
CA ASP F 543 -76.30 -6.69 -32.85
C ASP F 543 -76.82 -8.01 -32.30
N SER F 544 -76.77 -9.09 -33.12
CA SER F 544 -77.23 -10.44 -32.76
C SER F 544 -76.63 -10.97 -31.43
N GLU F 545 -75.39 -10.55 -31.07
CA GLU F 545 -74.75 -10.93 -29.81
C GLU F 545 -75.55 -10.28 -28.65
N PHE F 546 -75.98 -9.00 -28.79
CA PHE F 546 -76.77 -8.27 -27.77
C PHE F 546 -78.09 -8.95 -27.47
N VAL F 547 -78.79 -9.37 -28.52
CA VAL F 547 -80.08 -10.05 -28.40
C VAL F 547 -79.90 -11.41 -27.74
N GLU F 548 -78.80 -12.11 -28.07
CA GLU F 548 -78.49 -13.43 -27.49
C GLU F 548 -78.14 -13.28 -26.02
N HIS F 549 -77.32 -12.26 -25.67
CA HIS F 549 -76.91 -11.99 -24.29
C HIS F 549 -78.07 -11.59 -23.42
N MET F 550 -79.00 -10.79 -23.97
CA MET F 550 -80.23 -10.38 -23.27
C MET F 550 -81.07 -11.60 -22.93
N LYS F 551 -81.23 -12.54 -23.89
CA LYS F 551 -81.93 -13.81 -23.74
C LYS F 551 -81.20 -14.66 -22.69
N ASN F 552 -79.86 -14.83 -22.85
CA ASN F 552 -78.99 -15.60 -21.95
C ASN F 552 -79.11 -15.13 -20.49
N PHE F 553 -79.07 -13.80 -20.27
CA PHE F 553 -79.14 -13.20 -18.95
C PHE F 553 -80.47 -13.43 -18.26
N ILE F 554 -81.59 -13.10 -18.91
CA ILE F 554 -82.90 -13.28 -18.28
C ILE F 554 -83.21 -14.75 -17.96
N SER F 555 -82.80 -15.69 -18.85
CA SER F 555 -83.00 -17.13 -18.62
C SER F 555 -82.16 -17.66 -17.44
N THR F 556 -80.86 -17.29 -17.38
CA THR F 556 -79.98 -17.69 -16.29
C THR F 556 -80.41 -17.07 -14.97
N ASN F 557 -80.98 -15.84 -15.02
CA ASN F 557 -81.48 -15.09 -13.85
C ASN F 557 -82.75 -15.72 -13.30
N SER F 558 -83.57 -16.31 -14.20
CA SER F 558 -84.84 -16.95 -13.90
C SER F 558 -84.70 -18.46 -13.72
N ASP F 560 -84.50 -21.21 -12.38
CA ASP F 560 -84.94 -22.04 -11.27
C ASP F 560 -86.15 -21.49 -10.49
N HIS F 561 -86.16 -20.17 -10.18
CA HIS F 561 -87.23 -19.57 -9.37
C HIS F 561 -88.50 -19.07 -10.11
N VAL F 562 -88.87 -19.77 -11.19
CA VAL F 562 -90.03 -19.53 -12.04
C VAL F 562 -90.34 -20.86 -12.78
N PRO F 563 -91.63 -21.20 -13.06
CA PRO F 563 -91.90 -22.48 -13.73
C PRO F 563 -91.17 -22.70 -15.06
N PRO F 564 -90.69 -23.96 -15.30
CA PRO F 564 -89.92 -24.26 -16.53
C PRO F 564 -90.54 -23.78 -17.85
N SER F 565 -89.69 -23.37 -18.81
CA SER F 565 -90.12 -22.90 -20.12
C SER F 565 -90.47 -24.01 -21.15
N LEU F 566 -90.23 -25.29 -20.82
CA LEU F 566 -90.52 -26.43 -21.69
C LEU F 566 -91.64 -27.33 -21.14
N PRO F 567 -92.45 -28.03 -21.99
CA PRO F 567 -93.45 -28.97 -21.45
C PRO F 567 -92.76 -30.23 -20.91
N LEU F 568 -93.38 -30.92 -19.92
CA LEU F 568 -92.83 -32.11 -19.26
C LEU F 568 -92.12 -33.11 -20.18
N GLU F 569 -92.74 -33.42 -21.34
CA GLU F 569 -92.23 -34.34 -22.37
C GLU F 569 -90.87 -33.91 -22.92
N LYS F 570 -90.72 -32.60 -23.21
CA LYS F 570 -89.50 -32.01 -23.81
C LYS F 570 -88.35 -31.76 -22.80
N ARG F 571 -88.53 -32.15 -21.52
CA ARG F 571 -87.50 -31.96 -20.48
C ARG F 571 -86.55 -33.16 -20.41
N LYS F 572 -85.22 -32.87 -20.44
CA LYS F 572 -84.14 -33.87 -20.49
C LYS F 572 -83.17 -33.90 -19.29
N LYS F 573 -82.21 -34.87 -19.30
CA LYS F 573 -81.15 -35.07 -18.31
C LYS F 573 -79.81 -34.76 -19.00
N ILE F 574 -79.26 -33.56 -18.77
CA ILE F 574 -77.99 -33.17 -19.40
C ILE F 574 -76.84 -33.17 -18.39
N ALA F 575 -75.69 -33.78 -18.77
CA ALA F 575 -74.51 -33.86 -17.92
C ALA F 575 -73.36 -33.00 -18.41
N ILE F 576 -72.51 -32.55 -17.50
CA ILE F 576 -71.35 -31.73 -17.84
C ILE F 576 -70.07 -32.26 -17.19
N ILE F 577 -68.94 -32.21 -17.94
CA ILE F 577 -67.61 -32.62 -17.45
C ILE F 577 -66.62 -31.56 -17.83
N ASN F 578 -65.51 -31.53 -17.09
CA ASN F 578 -64.35 -30.69 -17.34
C ASN F 578 -63.19 -31.63 -17.61
N VAL F 579 -62.56 -31.55 -18.80
CA VAL F 579 -61.44 -32.42 -19.19
C VAL F 579 -60.24 -31.61 -19.68
N GLY F 580 -59.12 -31.81 -19.02
CA GLY F 580 -57.85 -31.14 -19.32
C GLY F 580 -57.39 -30.30 -18.14
N ALA F 581 -56.49 -29.36 -18.40
CA ALA F 581 -56.03 -28.46 -17.33
C ALA F 581 -57.10 -27.36 -17.17
N PRO F 582 -57.22 -26.73 -15.98
CA PRO F 582 -58.22 -25.67 -15.80
C PRO F 582 -58.04 -24.48 -16.75
N ALA F 583 -59.14 -23.81 -17.08
CA ALA F 583 -59.18 -22.64 -17.94
C ALA F 583 -60.34 -21.75 -17.53
N GLY F 584 -60.08 -20.45 -17.51
CA GLY F 584 -61.06 -19.43 -17.14
C GLY F 584 -62.31 -19.53 -17.99
N GLY F 585 -63.45 -19.73 -17.34
CA GLY F 585 -64.73 -19.89 -18.02
C GLY F 585 -65.30 -21.27 -17.88
N MET F 586 -64.50 -22.25 -17.38
CA MET F 586 -64.93 -23.63 -17.13
C MET F 586 -66.11 -23.58 -16.15
N ASN F 587 -65.92 -22.88 -15.00
CA ASN F 587 -66.91 -22.67 -13.96
C ASN F 587 -68.10 -21.83 -14.43
N SER F 588 -67.86 -20.85 -15.34
CA SER F 588 -68.92 -20.01 -15.92
C SER F 588 -69.81 -20.84 -16.85
N ALA F 589 -69.20 -21.73 -17.67
CA ALA F 589 -69.90 -22.64 -18.57
C ALA F 589 -70.80 -23.57 -17.79
N VAL F 590 -70.32 -24.02 -16.61
CA VAL F 590 -71.06 -24.90 -15.71
C VAL F 590 -72.22 -24.12 -15.08
N TYR F 591 -71.92 -22.92 -14.50
CA TYR F 591 -72.92 -22.05 -13.90
C TYR F 591 -74.09 -21.76 -14.87
N SER F 592 -73.75 -21.30 -16.10
CA SER F 592 -74.70 -20.94 -17.15
C SER F 592 -75.48 -22.12 -17.65
N MET F 593 -74.82 -23.29 -17.83
CA MET F 593 -75.52 -24.48 -18.29
C MET F 593 -76.54 -24.98 -17.25
N ALA F 594 -76.16 -25.00 -15.95
CA ALA F 594 -77.04 -25.46 -14.88
C ALA F 594 -78.26 -24.57 -14.71
N THR F 595 -78.03 -23.24 -14.65
CA THR F 595 -79.09 -22.24 -14.51
C THR F 595 -79.98 -22.21 -15.73
N TYR F 596 -79.41 -22.43 -16.94
CA TYR F 596 -80.23 -22.50 -18.15
C TYR F 596 -81.09 -23.77 -18.16
N CYS F 597 -80.51 -24.90 -17.68
CA CYS F 597 -81.23 -26.17 -17.58
C CYS F 597 -82.45 -26.04 -16.69
N MET F 598 -82.27 -25.39 -15.51
CA MET F 598 -83.34 -25.13 -14.53
C MET F 598 -84.41 -24.25 -15.17
N SER F 599 -83.98 -23.25 -15.98
CA SER F 599 -84.84 -22.33 -16.73
C SER F 599 -85.75 -23.09 -17.72
N ARG F 600 -85.20 -24.13 -18.39
CA ARG F 600 -85.95 -24.93 -19.36
C ARG F 600 -86.77 -26.05 -18.69
N GLY F 601 -86.27 -26.57 -17.58
CA GLY F 601 -86.88 -27.66 -16.83
C GLY F 601 -86.10 -28.94 -16.93
N HIS F 602 -84.84 -28.86 -17.41
CA HIS F 602 -83.94 -30.00 -17.54
C HIS F 602 -83.32 -30.31 -16.18
N VAL F 603 -82.68 -31.49 -16.05
CA VAL F 603 -81.99 -31.86 -14.81
C VAL F 603 -80.49 -31.80 -15.04
N PRO F 604 -79.82 -30.72 -14.58
CA PRO F 604 -78.38 -30.62 -14.82
C PRO F 604 -77.56 -31.47 -13.84
N TYR F 605 -76.70 -32.32 -14.41
CA TYR F 605 -75.80 -33.21 -13.66
C TYR F 605 -74.35 -32.81 -13.92
N ALA F 606 -73.51 -32.87 -12.88
CA ALA F 606 -72.08 -32.52 -12.98
C ALA F 606 -71.23 -33.77 -12.72
N ILE F 607 -70.35 -34.11 -13.66
CA ILE F 607 -69.47 -35.27 -13.51
C ILE F 607 -68.17 -34.76 -12.91
N HIS F 608 -68.01 -35.00 -11.59
CA HIS F 608 -66.84 -34.52 -10.86
C HIS F 608 -65.55 -35.24 -11.20
N ASN F 609 -64.47 -34.49 -11.34
CA ASN F 609 -63.12 -34.97 -11.64
C ASN F 609 -63.00 -35.86 -12.87
N GLY F 610 -63.46 -35.33 -13.99
CA GLY F 610 -63.38 -35.94 -15.31
C GLY F 610 -63.89 -37.36 -15.47
N PHE F 611 -63.27 -38.10 -16.40
CA PHE F 611 -63.65 -39.47 -16.72
C PHE F 611 -63.18 -40.49 -15.68
N SER F 612 -62.05 -40.18 -14.99
CA SER F 612 -61.49 -41.01 -13.92
C SER F 612 -62.46 -41.03 -12.72
N GLY F 613 -63.01 -39.86 -12.36
CA GLY F 613 -63.97 -39.72 -11.28
C GLY F 613 -65.25 -40.49 -11.54
N LEU F 614 -65.73 -40.48 -12.80
CA LEU F 614 -66.94 -41.21 -13.16
C LEU F 614 -66.72 -42.74 -13.11
N ALA F 615 -65.74 -43.24 -13.88
CA ALA F 615 -65.43 -44.67 -14.02
C ALA F 615 -64.99 -45.39 -12.73
N ARG F 616 -64.07 -44.78 -11.96
CA ARG F 616 -63.52 -45.34 -10.73
C ARG F 616 -64.39 -45.01 -9.50
N HIS F 617 -65.16 -43.89 -9.51
CA HIS F 617 -65.88 -43.47 -8.30
C HIS F 617 -67.38 -43.10 -8.36
N GLU F 618 -68.04 -43.15 -9.56
CA GLU F 618 -69.48 -42.79 -9.75
C GLU F 618 -69.72 -41.30 -9.30
N SER F 619 -68.90 -40.37 -9.86
CA SER F 619 -68.93 -38.95 -9.51
C SER F 619 -70.05 -38.08 -10.13
N VAL F 620 -71.22 -38.71 -10.42
CA VAL F 620 -72.40 -38.02 -10.95
C VAL F 620 -73.00 -37.28 -9.78
N ARG F 621 -73.07 -35.95 -9.89
CA ARG F 621 -73.62 -35.13 -8.83
C ARG F 621 -74.62 -34.13 -9.37
N SER F 622 -75.69 -33.89 -8.61
CA SER F 622 -76.72 -32.93 -8.97
C SER F 622 -76.20 -31.52 -8.75
N ILE F 623 -76.79 -30.54 -9.45
CA ILE F 623 -76.37 -29.14 -9.35
C ILE F 623 -77.45 -28.29 -8.69
N ASN F 624 -77.16 -27.79 -7.47
CA ASN F 624 -78.06 -26.94 -6.70
C ASN F 624 -77.70 -25.48 -6.94
N TRP F 625 -78.71 -24.67 -7.30
CA TRP F 625 -78.58 -23.24 -7.57
C TRP F 625 -77.80 -22.48 -6.49
N LEU F 626 -78.12 -22.74 -5.20
CA LEU F 626 -77.45 -22.07 -4.09
C LEU F 626 -75.98 -22.46 -3.97
N ASP F 627 -75.63 -23.72 -4.28
CA ASP F 627 -74.25 -24.24 -4.23
C ASP F 627 -73.34 -23.61 -5.28
N ILE F 628 -73.93 -23.29 -6.44
CA ILE F 628 -73.20 -22.68 -7.56
C ILE F 628 -73.14 -21.15 -7.54
N GLU F 629 -73.47 -20.53 -6.39
CA GLU F 629 -73.48 -19.08 -6.18
C GLU F 629 -72.08 -18.52 -6.36
N GLY F 630 -71.95 -17.63 -7.34
CA GLY F 630 -70.70 -16.96 -7.67
C GLY F 630 -69.70 -17.76 -8.48
N TRP F 631 -70.15 -18.91 -9.04
CA TRP F 631 -69.30 -19.78 -9.85
C TRP F 631 -68.85 -19.14 -11.14
N GLY F 632 -69.70 -18.31 -11.74
CA GLY F 632 -69.37 -17.59 -12.97
C GLY F 632 -68.15 -16.70 -12.85
N SER F 633 -67.82 -16.27 -11.62
CA SER F 633 -66.67 -15.39 -11.35
C SER F 633 -65.46 -16.15 -10.82
N LEU F 634 -65.60 -17.43 -10.50
CA LEU F 634 -64.50 -18.24 -9.96
C LEU F 634 -63.57 -18.83 -11.02
N GLY F 635 -62.29 -18.83 -10.69
CA GLY F 635 -61.26 -19.40 -11.54
C GLY F 635 -61.12 -20.90 -11.36
N GLY F 636 -60.53 -21.55 -12.37
CA GLY F 636 -60.29 -22.98 -12.37
C GLY F 636 -61.53 -23.79 -12.69
N SER F 637 -61.64 -24.97 -12.04
CA SER F 637 -62.75 -25.94 -12.19
C SER F 637 -63.22 -26.44 -10.80
N GLU F 638 -64.44 -26.01 -10.41
CA GLU F 638 -65.06 -26.38 -9.14
C GLU F 638 -65.45 -27.84 -9.18
N ILE F 639 -65.91 -28.32 -10.36
CA ILE F 639 -66.30 -29.70 -10.65
C ILE F 639 -65.08 -30.63 -10.49
N GLY F 640 -63.93 -30.14 -10.94
CA GLY F 640 -62.71 -30.91 -10.94
C GLY F 640 -62.42 -31.35 -12.35
N THR F 641 -61.22 -31.07 -12.81
CA THR F 641 -60.78 -31.44 -14.14
C THR F 641 -59.48 -32.23 -14.08
N ASN F 642 -59.28 -33.11 -15.07
CA ASN F 642 -58.04 -33.85 -15.25
C ASN F 642 -57.79 -34.17 -16.69
N ARG F 643 -56.60 -34.68 -17.03
CA ARG F 643 -56.25 -35.00 -18.41
C ARG F 643 -56.59 -36.44 -18.80
N THR F 644 -57.19 -37.24 -17.84
CA THR F 644 -57.60 -38.64 -18.05
C THR F 644 -58.63 -38.76 -19.16
N LEU F 645 -58.32 -39.60 -20.16
CA LEU F 645 -59.15 -39.90 -21.33
C LEU F 645 -60.19 -41.02 -21.07
N PRO F 646 -61.38 -41.01 -21.75
CA PRO F 646 -62.36 -42.07 -21.52
C PRO F 646 -61.83 -43.49 -21.65
N ASN F 647 -60.80 -43.70 -22.49
CA ASN F 647 -60.23 -45.02 -22.67
C ASN F 647 -59.15 -45.34 -21.64
N ASP F 648 -58.60 -44.30 -20.98
CA ASP F 648 -57.61 -44.41 -19.90
C ASP F 648 -58.33 -44.59 -18.56
N ALA F 649 -59.63 -44.28 -18.54
CA ALA F 649 -60.59 -44.54 -17.47
C ALA F 649 -61.43 -45.68 -18.14
N ASP F 650 -62.37 -46.34 -17.43
CA ASP F 650 -63.10 -47.43 -18.09
C ASP F 650 -64.20 -46.93 -19.00
N ILE F 651 -64.05 -47.10 -20.34
CA ILE F 651 -65.08 -46.65 -21.30
C ILE F 651 -66.43 -47.39 -21.08
N GLY F 652 -66.34 -48.65 -20.68
CA GLY F 652 -67.51 -49.47 -20.35
C GLY F 652 -68.23 -48.93 -19.13
N MET F 653 -67.45 -48.46 -18.12
CA MET F 653 -67.99 -47.90 -16.89
C MET F 653 -68.63 -46.53 -17.11
N ILE F 654 -68.04 -45.71 -18.02
CA ILE F 654 -68.57 -44.39 -18.39
C ILE F 654 -69.94 -44.65 -19.00
N ALA F 655 -69.99 -45.61 -19.97
CA ALA F 655 -71.19 -46.06 -20.67
C ALA F 655 -72.25 -46.60 -19.71
N TYR F 656 -71.84 -47.39 -18.70
CA TYR F 656 -72.74 -47.96 -17.69
C TYR F 656 -73.44 -46.84 -16.90
N PHE F 657 -72.68 -45.85 -16.38
CA PHE F 657 -73.22 -44.73 -15.61
C PHE F 657 -74.07 -43.78 -16.44
N PHE F 658 -73.77 -43.66 -17.75
CA PHE F 658 -74.53 -42.88 -18.72
C PHE F 658 -75.92 -43.48 -18.86
N GLU F 659 -76.04 -44.83 -18.82
CA GLU F 659 -77.31 -45.53 -18.90
C GLU F 659 -78.00 -45.62 -17.52
N LYS F 660 -77.21 -45.74 -16.44
CA LYS F 660 -77.73 -45.83 -15.07
C LYS F 660 -78.45 -44.54 -14.74
N TYR F 661 -77.84 -43.39 -15.09
CA TYR F 661 -78.42 -42.08 -14.86
C TYR F 661 -79.26 -41.56 -16.04
N GLY F 662 -79.25 -42.31 -17.14
CA GLY F 662 -80.02 -42.03 -18.35
C GLY F 662 -79.85 -40.64 -18.92
N PHE F 663 -78.58 -40.24 -19.16
CA PHE F 663 -78.24 -38.93 -19.73
C PHE F 663 -78.72 -38.78 -21.17
N ASP F 664 -79.39 -37.65 -21.45
CA ASP F 664 -79.93 -37.34 -22.77
C ASP F 664 -78.93 -36.54 -23.62
N GLY F 665 -77.82 -36.12 -23.00
CA GLY F 665 -76.74 -35.38 -23.65
C GLY F 665 -75.55 -35.11 -22.75
N LEU F 666 -74.41 -34.73 -23.37
CA LEU F 666 -73.19 -34.43 -22.64
C LEU F 666 -72.45 -33.18 -23.15
N ILE F 667 -72.04 -32.33 -22.21
CA ILE F 667 -71.27 -31.13 -22.49
C ILE F 667 -69.87 -31.27 -21.89
N LEU F 668 -68.86 -31.28 -22.77
CA LEU F 668 -67.46 -31.37 -22.41
C LEU F 668 -66.90 -29.95 -22.46
N VAL F 669 -66.30 -29.49 -21.36
CA VAL F 669 -65.66 -28.18 -21.28
C VAL F 669 -64.20 -28.47 -21.01
N GLY F 670 -63.36 -28.24 -22.01
CA GLY F 670 -61.94 -28.50 -21.86
C GLY F 670 -61.15 -28.46 -23.15
N GLY F 671 -59.84 -28.65 -22.98
CA GLY F 671 -58.85 -28.60 -24.04
C GLY F 671 -58.78 -29.81 -24.97
N PHE F 672 -57.59 -30.05 -25.50
CA PHE F 672 -57.31 -31.14 -26.44
C PHE F 672 -57.66 -32.54 -25.91
N GLU F 673 -57.53 -32.78 -24.58
CA GLU F 673 -57.88 -34.08 -23.99
C GLU F 673 -59.39 -34.29 -24.10
N ALA F 674 -60.19 -33.22 -23.89
CA ALA F 674 -61.65 -33.23 -24.05
C ALA F 674 -62.01 -33.42 -25.52
N PHE F 675 -61.11 -32.96 -26.44
CA PHE F 675 -61.25 -33.13 -27.90
C PHE F 675 -61.11 -34.60 -28.23
N ILE F 676 -60.01 -35.24 -27.76
CA ILE F 676 -59.77 -36.67 -27.97
C ILE F 676 -60.94 -37.45 -27.32
N SER F 677 -61.34 -37.05 -26.09
CA SER F 677 -62.45 -37.63 -25.33
C SER F 677 -63.72 -37.79 -26.16
N LEU F 678 -64.10 -36.72 -26.89
CA LEU F 678 -65.26 -36.68 -27.78
C LEU F 678 -65.13 -37.81 -28.79
N HIS F 679 -63.99 -37.84 -29.51
CA HIS F 679 -63.71 -38.85 -30.53
C HIS F 679 -63.77 -40.30 -29.97
N GLN F 680 -63.19 -40.51 -28.78
CA GLN F 680 -63.18 -41.79 -28.06
C GLN F 680 -64.59 -42.22 -27.66
N LEU F 681 -65.44 -41.26 -27.24
CA LEU F 681 -66.83 -41.53 -26.86
C LEU F 681 -67.65 -41.78 -28.11
N GLU F 682 -67.40 -41.02 -29.20
CA GLU F 682 -68.07 -41.16 -30.50
C GLU F 682 -67.79 -42.56 -31.09
N ARG F 683 -66.50 -42.97 -31.13
CA ARG F 683 -66.10 -44.25 -31.68
C ARG F 683 -66.60 -45.47 -30.87
N ALA F 684 -66.91 -45.29 -29.57
CA ALA F 684 -67.43 -46.35 -28.70
C ALA F 684 -68.95 -46.58 -28.83
N ARG F 685 -69.65 -45.66 -29.54
CA ARG F 685 -71.09 -45.70 -29.79
C ARG F 685 -71.58 -47.05 -30.33
N ILE F 686 -70.78 -47.72 -31.20
CA ILE F 686 -71.09 -49.05 -31.77
C ILE F 686 -71.26 -50.10 -30.68
N ASN F 687 -70.43 -50.01 -29.62
CA ASN F 687 -70.47 -50.93 -28.49
C ASN F 687 -71.58 -50.58 -27.50
N TYR F 688 -71.72 -49.29 -27.20
CA TYR F 688 -72.64 -48.81 -26.17
C TYR F 688 -73.76 -47.89 -26.64
N PRO F 689 -75.03 -48.37 -26.59
CA PRO F 689 -76.17 -47.51 -26.96
C PRO F 689 -76.28 -46.27 -26.09
N SER F 690 -75.82 -46.38 -24.82
CA SER F 690 -75.79 -45.31 -23.80
C SER F 690 -75.06 -44.04 -24.24
N LEU F 691 -74.12 -44.19 -25.19
CA LEU F 691 -73.33 -43.08 -25.73
C LEU F 691 -73.94 -42.45 -26.99
N ARG F 692 -74.99 -43.08 -27.56
CA ARG F 692 -75.71 -42.61 -28.75
C ARG F 692 -76.68 -41.47 -28.39
N ILE F 693 -76.11 -40.36 -27.90
CA ILE F 693 -76.76 -39.12 -27.48
C ILE F 693 -75.88 -37.93 -27.93
N PRO F 694 -76.42 -36.68 -28.07
CA PRO F 694 -75.55 -35.58 -28.51
C PRO F 694 -74.39 -35.31 -27.54
N LEU F 695 -73.17 -35.26 -28.08
CA LEU F 695 -71.95 -34.99 -27.33
C LEU F 695 -71.39 -33.66 -27.87
N VAL F 696 -71.29 -32.63 -27.00
CA VAL F 696 -70.86 -31.29 -27.40
C VAL F 696 -69.63 -30.86 -26.61
N LEU F 697 -68.62 -30.34 -27.33
CA LEU F 697 -67.39 -29.83 -26.73
C LEU F 697 -67.28 -28.31 -26.85
N ILE F 698 -67.09 -27.65 -25.70
CA ILE F 698 -66.86 -26.22 -25.63
C ILE F 698 -65.37 -26.08 -25.30
N PRO F 699 -64.52 -25.77 -26.32
CA PRO F 699 -63.08 -25.69 -26.07
C PRO F 699 -62.68 -24.71 -24.97
N ALA F 700 -61.90 -25.22 -24.00
CA ALA F 700 -61.37 -24.48 -22.85
C ALA F 700 -59.87 -24.85 -22.58
N THR F 701 -58.98 -23.99 -23.11
CA THR F 701 -57.52 -24.06 -23.01
C THR F 701 -56.96 -22.67 -23.08
N ILE F 702 -55.86 -22.43 -22.34
CA ILE F 702 -55.19 -21.14 -22.39
C ILE F 702 -54.37 -21.08 -23.68
N SER F 703 -54.05 -22.27 -24.22
CA SER F 703 -53.24 -22.53 -25.42
C SER F 703 -53.90 -22.19 -26.76
N ASN F 704 -55.21 -22.52 -26.91
CA ASN F 704 -56.04 -22.41 -28.12
C ASN F 704 -55.58 -23.41 -29.20
N ASN F 705 -55.27 -24.63 -28.75
CA ASN F 705 -54.81 -25.73 -29.60
C ASN F 705 -55.94 -26.61 -30.13
N VAL F 706 -57.18 -26.38 -29.70
CA VAL F 706 -58.28 -27.25 -30.13
C VAL F 706 -58.88 -26.84 -31.48
N PRO F 707 -58.85 -27.72 -32.53
CA PRO F 707 -59.51 -27.36 -33.81
C PRO F 707 -61.04 -27.35 -33.69
N GLY F 708 -61.67 -26.47 -34.45
CA GLY F 708 -63.12 -26.29 -34.43
C GLY F 708 -63.53 -24.87 -34.07
N THR F 709 -62.74 -24.21 -33.19
CA THR F 709 -62.90 -22.83 -32.72
C THR F 709 -61.67 -22.03 -33.08
N GLU F 710 -61.82 -20.71 -33.08
CA GLU F 710 -60.74 -19.75 -33.26
C GLU F 710 -60.54 -19.10 -31.89
N TYR F 711 -61.51 -19.38 -30.97
CA TYR F 711 -61.48 -18.91 -29.59
C TYR F 711 -61.76 -20.01 -28.59
N SER F 712 -60.77 -20.29 -27.74
CA SER F 712 -60.91 -21.25 -26.65
C SER F 712 -61.10 -20.46 -25.33
N LEU F 713 -61.98 -20.95 -24.46
CA LEU F 713 -62.29 -20.34 -23.16
C LEU F 713 -61.04 -20.30 -22.30
N GLY F 714 -60.75 -19.14 -21.75
CA GLY F 714 -59.59 -18.95 -20.89
C GLY F 714 -58.38 -18.33 -21.56
N SER F 715 -58.39 -18.26 -22.91
CA SER F 715 -57.29 -17.67 -23.67
C SER F 715 -57.21 -16.15 -23.43
N ASP F 716 -58.37 -15.43 -23.35
CA ASP F 716 -58.36 -13.99 -23.02
C ASP F 716 -57.92 -13.75 -21.57
N THR F 717 -58.33 -14.62 -20.62
CA THR F 717 -57.91 -14.47 -19.22
C THR F 717 -56.41 -14.58 -19.16
N CYS F 718 -55.85 -15.64 -19.81
CA CYS F 718 -54.42 -15.93 -19.90
C CYS F 718 -53.65 -14.81 -20.58
N LEU F 719 -54.11 -14.40 -21.78
CA LEU F 719 -53.51 -13.33 -22.59
C LEU F 719 -53.37 -12.06 -21.79
N ASN F 720 -54.42 -11.67 -21.08
CA ASN F 720 -54.42 -10.50 -20.25
C ASN F 720 -53.44 -10.59 -19.06
N SER F 721 -53.33 -11.76 -18.39
CA SER F 721 -52.41 -11.89 -17.25
C SER F 721 -50.94 -11.81 -17.69
N PHE F 722 -50.62 -12.43 -18.84
CA PHE F 722 -49.29 -12.43 -19.45
C PHE F 722 -48.96 -11.03 -19.98
N MET F 723 -49.96 -10.33 -20.55
CA MET F 723 -49.84 -8.98 -21.06
C MET F 723 -49.49 -8.03 -19.91
N GLU F 724 -50.10 -8.22 -18.74
CA GLU F 724 -49.85 -7.41 -17.55
C GLU F 724 -48.45 -7.70 -17.05
N TYR F 725 -47.99 -8.96 -17.13
CA TYR F 725 -46.65 -9.41 -16.72
C TYR F 725 -45.60 -8.77 -17.63
N CYS F 726 -45.81 -8.84 -18.96
CA CYS F 726 -44.91 -8.30 -19.97
C CYS F 726 -44.76 -6.80 -19.90
N ASP F 727 -45.82 -6.10 -19.50
CA ASP F 727 -45.82 -4.65 -19.35
C ASP F 727 -44.84 -4.26 -18.26
N VAL F 728 -44.92 -4.94 -17.10
CA VAL F 728 -44.01 -4.70 -15.98
C VAL F 728 -42.55 -5.00 -16.40
N ILE F 729 -42.33 -6.09 -17.17
CA ILE F 729 -41.01 -6.48 -17.64
C ILE F 729 -40.41 -5.46 -18.63
N LYS F 730 -41.22 -4.97 -19.58
CA LYS F 730 -40.82 -3.96 -20.56
C LYS F 730 -40.54 -2.63 -19.87
N GLN F 731 -41.36 -2.28 -18.84
CA GLN F 731 -41.23 -1.05 -18.05
C GLN F 731 -39.89 -1.10 -17.34
N SER F 732 -39.53 -2.30 -16.81
CA SER F 732 -38.26 -2.55 -16.12
C SER F 732 -37.08 -2.42 -17.08
N ALA F 733 -37.23 -2.90 -18.31
CA ALA F 733 -36.21 -2.82 -19.36
C ALA F 733 -35.98 -1.35 -19.71
N ALA F 734 -37.09 -0.56 -19.77
CA ALA F 734 -37.13 0.87 -20.06
C ALA F 734 -36.42 1.69 -19.00
N ALA F 735 -36.40 1.22 -17.75
CA ALA F 735 -35.72 1.90 -16.66
C ALA F 735 -34.19 1.73 -16.70
N THR F 736 -33.67 0.57 -17.20
CA THR F 736 -32.23 0.26 -17.24
C THR F 736 -31.59 0.31 -18.67
N ASN F 738 -30.76 0.14 -21.67
CA ASN F 738 -30.01 -0.67 -22.62
C ASN F 738 -30.09 -2.13 -22.18
N ARG F 739 -31.30 -2.68 -22.22
CA ARG F 739 -31.55 -4.06 -21.79
C ARG F 739 -32.70 -4.67 -22.58
N VAL F 740 -32.61 -5.99 -22.79
CA VAL F 740 -33.62 -6.81 -23.43
C VAL F 740 -34.09 -7.86 -22.42
N PHE F 741 -35.32 -8.35 -22.60
CA PHE F 741 -35.84 -9.43 -21.78
C PHE F 741 -36.29 -10.58 -22.68
N VAL F 742 -35.83 -11.81 -22.40
CA VAL F 742 -36.32 -12.97 -23.13
C VAL F 742 -37.39 -13.56 -22.19
N VAL F 743 -38.67 -13.42 -22.57
CA VAL F 743 -39.81 -13.85 -21.78
C VAL F 743 -40.34 -15.20 -22.26
N GLU F 744 -40.19 -16.29 -21.43
CA GLU F 744 -40.69 -17.64 -21.76
C GLU F 744 -42.24 -17.65 -21.72
N VAL F 745 -42.86 -18.08 -22.83
CA VAL F 745 -44.32 -18.11 -22.98
C VAL F 745 -44.86 -19.55 -22.90
N GLN F 746 -46.07 -19.73 -22.32
CA GLN F 746 -46.81 -21.00 -22.18
C GLN F 746 -47.56 -21.38 -23.52
N GLY F 747 -48.68 -22.12 -23.44
CA GLY F 747 -49.45 -22.52 -24.61
C GLY F 747 -48.99 -23.79 -25.34
N GLY F 748 -47.87 -24.38 -24.86
CA GLY F 748 -47.29 -25.62 -25.39
C GLY F 748 -46.80 -25.55 -26.82
N ASN F 749 -47.31 -26.48 -27.67
CA ASN F 749 -46.99 -26.58 -29.10
C ASN F 749 -47.77 -25.56 -29.94
N SER F 750 -48.71 -24.82 -29.30
CA SER F 750 -49.51 -23.77 -29.91
C SER F 750 -48.83 -22.41 -29.69
N GLY F 751 -48.54 -21.72 -30.79
CA GLY F 751 -47.90 -20.41 -30.79
C GLY F 751 -48.84 -19.23 -30.73
N TYR F 752 -50.14 -19.50 -30.47
CA TYR F 752 -51.20 -18.51 -30.39
C TYR F 752 -50.96 -17.44 -29.34
N ILE F 753 -50.62 -17.83 -28.09
CA ILE F 753 -50.47 -16.83 -27.02
C ILE F 753 -49.29 -15.89 -27.21
N ALA F 754 -48.13 -16.40 -27.65
CA ALA F 754 -46.93 -15.58 -27.90
C ALA F 754 -47.13 -14.63 -29.08
N THR F 755 -47.91 -15.05 -30.10
CA THR F 755 -48.24 -14.24 -31.28
C THR F 755 -49.00 -12.99 -30.83
N HIS F 756 -50.06 -13.20 -30.05
CA HIS F 756 -50.96 -12.18 -29.55
C HIS F 756 -50.35 -11.32 -28.47
N ALA F 757 -49.51 -11.91 -27.61
CA ALA F 757 -48.80 -11.17 -26.57
C ALA F 757 -47.78 -10.21 -27.21
N GLN F 758 -47.16 -10.64 -28.36
CA GLN F 758 -46.19 -9.83 -29.10
C GLN F 758 -46.89 -8.59 -29.60
N LEU F 759 -48.09 -8.77 -30.18
CA LEU F 759 -48.88 -7.66 -30.70
C LEU F 759 -49.33 -6.72 -29.55
N ALA F 760 -49.95 -7.27 -28.49
CA ALA F 760 -50.45 -6.50 -27.35
C ALA F 760 -49.39 -5.77 -26.51
N CYS F 761 -48.14 -6.29 -26.45
CA CYS F 761 -47.10 -5.70 -25.62
C CYS F 761 -46.05 -4.90 -26.34
N GLY F 762 -46.00 -5.09 -27.66
CA GLY F 762 -45.00 -4.43 -28.50
C GLY F 762 -43.65 -5.10 -28.39
N ALA F 763 -43.63 -6.44 -28.37
CA ALA F 763 -42.39 -7.21 -28.31
C ALA F 763 -41.73 -7.15 -29.69
N GLN F 764 -40.39 -7.08 -29.71
CA GLN F 764 -39.66 -6.96 -30.96
C GLN F 764 -39.70 -8.25 -31.80
N ILE F 765 -39.68 -9.43 -31.11
CA ILE F 765 -39.70 -10.80 -31.66
C ILE F 765 -40.57 -11.71 -30.78
N SER F 766 -41.15 -12.74 -31.38
CA SER F 766 -41.86 -13.82 -30.72
C SER F 766 -41.46 -15.09 -31.45
N TYR F 767 -40.83 -16.00 -30.69
CA TYR F 767 -40.34 -17.29 -31.15
C TYR F 767 -41.40 -18.32 -30.85
N VAL F 768 -41.91 -18.91 -31.93
CA VAL F 768 -43.06 -19.80 -31.97
C VAL F 768 -42.77 -21.27 -32.36
N PRO F 769 -43.51 -22.25 -31.77
CA PRO F 769 -43.21 -23.68 -32.02
C PRO F 769 -43.41 -24.16 -33.44
N GLU F 770 -44.28 -23.48 -34.18
CA GLU F 770 -44.64 -23.78 -35.56
C GLU F 770 -43.49 -23.43 -36.50
N GLU F 771 -42.68 -22.40 -36.16
CA GLU F 771 -41.52 -21.94 -36.95
C GLU F 771 -40.22 -22.51 -36.42
N GLY F 772 -40.08 -22.59 -35.10
CA GLY F 772 -38.85 -22.98 -34.41
C GLY F 772 -37.92 -21.78 -34.31
N ILE F 773 -36.64 -22.01 -33.94
CA ILE F 773 -35.62 -20.97 -33.82
C ILE F 773 -34.35 -21.43 -34.54
N SER F 774 -34.04 -20.78 -35.68
CA SER F 774 -32.83 -21.08 -36.44
C SER F 774 -31.71 -20.20 -35.93
N LEU F 775 -30.45 -20.66 -36.07
CA LEU F 775 -29.25 -19.92 -35.67
C LEU F 775 -29.14 -18.67 -36.51
N ALA F 776 -29.47 -18.79 -37.83
CA ALA F 776 -29.41 -17.69 -38.77
C ALA F 776 -30.40 -16.59 -38.37
N GLN F 777 -31.64 -16.97 -38.00
CA GLN F 777 -32.64 -16.02 -37.53
C GLN F 777 -32.20 -15.42 -36.21
N LEU F 778 -31.61 -16.24 -35.33
CA LEU F 778 -31.16 -15.77 -34.02
C LEU F 778 -30.05 -14.73 -34.19
N GLU F 779 -29.08 -14.99 -35.10
CA GLU F 779 -28.00 -14.03 -35.39
C GLU F 779 -28.57 -12.74 -35.97
N MET F 780 -29.49 -12.87 -36.95
CA MET F 780 -30.15 -11.73 -37.59
C MET F 780 -30.87 -10.89 -36.54
N ASP F 781 -31.70 -11.52 -35.70
CA ASP F 781 -32.44 -10.86 -34.63
C ASP F 781 -31.54 -10.21 -33.60
N ILE F 782 -30.40 -10.84 -33.26
CA ILE F 782 -29.47 -10.23 -32.31
C ILE F 782 -28.88 -8.95 -32.94
N ASN F 783 -28.49 -9.01 -34.24
CA ASN F 783 -27.97 -7.83 -34.93
C ASN F 783 -28.99 -6.69 -35.01
N SER F 784 -30.29 -7.05 -35.02
CA SER F 784 -31.42 -6.12 -35.02
C SER F 784 -31.35 -5.33 -33.71
N LEU F 785 -31.24 -6.05 -32.57
CA LEU F 785 -31.13 -5.51 -31.20
C LEU F 785 -29.93 -4.57 -31.12
N LYS F 786 -28.77 -5.01 -31.65
CA LYS F 786 -27.53 -4.24 -31.72
C LYS F 786 -27.77 -2.90 -32.37
N GLU F 787 -28.51 -2.87 -33.51
CA GLU F 787 -28.88 -1.67 -34.26
C GLU F 787 -29.94 -0.84 -33.54
N SER F 788 -30.93 -1.53 -32.94
CA SER F 788 -32.02 -0.91 -32.21
C SER F 788 -31.48 -0.02 -31.10
N PHE F 789 -30.57 -0.57 -30.26
CA PHE F 789 -29.95 0.18 -29.17
C PHE F 789 -29.01 1.30 -29.65
N ALA F 790 -28.36 1.12 -30.82
CA ALA F 790 -27.47 2.13 -31.41
C ALA F 790 -28.29 3.33 -31.90
N ASN F 791 -29.59 3.10 -32.17
CA ASN F 791 -30.51 4.12 -32.65
C ASN F 791 -31.44 4.70 -31.59
N ASP F 792 -31.33 4.21 -30.33
CA ASP F 792 -32.13 4.70 -29.21
C ASP F 792 -31.70 6.08 -28.76
N GLN F 793 -30.49 6.51 -29.18
CA GLN F 793 -29.91 7.81 -28.90
C GLN F 793 -30.86 8.90 -29.45
N GLY F 794 -31.64 9.47 -28.55
CA GLY F 794 -32.59 10.52 -28.86
C GLY F 794 -34.06 10.18 -28.65
N LYS F 795 -34.48 8.94 -29.01
CA LYS F 795 -35.89 8.50 -28.91
C LYS F 795 -36.33 8.10 -27.49
N THR F 796 -37.63 7.76 -27.32
CA THR F 796 -38.23 7.32 -26.07
C THR F 796 -37.61 5.99 -25.65
N LYS F 797 -37.37 5.82 -24.36
CA LYS F 797 -36.83 4.55 -23.90
C LYS F 797 -38.03 3.76 -23.40
N SER F 798 -38.58 2.92 -24.29
CA SER F 798 -39.78 2.10 -24.02
C SER F 798 -39.50 0.66 -23.55
N GLY F 799 -38.24 0.20 -23.72
CA GLY F 799 -37.84 -1.14 -23.30
C GLY F 799 -38.05 -2.15 -24.42
N ARG F 800 -37.30 -3.26 -24.36
CA ARG F 800 -37.33 -4.30 -25.40
C ARG F 800 -37.64 -5.69 -24.88
N LEU F 801 -38.52 -6.39 -25.59
CA LEU F 801 -38.92 -7.76 -25.25
C LEU F 801 -38.78 -8.70 -26.43
N ILE F 802 -38.45 -9.94 -26.10
CA ILE F 802 -38.44 -11.09 -27.00
C ILE F 802 -39.29 -12.11 -26.26
N LEU F 803 -40.32 -12.61 -26.91
CA LEU F 803 -41.20 -13.62 -26.35
C LEU F 803 -40.82 -14.98 -26.94
N LYS F 804 -40.50 -15.96 -26.10
CA LYS F 804 -40.08 -17.28 -26.60
C LYS F 804 -40.97 -18.35 -26.00
N SER F 805 -41.83 -18.97 -26.85
CA SER F 805 -42.70 -20.07 -26.42
C SER F 805 -41.78 -21.21 -26.03
N GLU F 806 -41.95 -21.81 -24.85
CA GLU F 806 -41.07 -22.90 -24.40
C GLU F 806 -40.78 -23.94 -25.52
N ASN F 807 -41.82 -24.30 -26.29
CA ASN F 807 -41.69 -25.31 -27.35
C ASN F 807 -40.98 -24.87 -28.65
N ALA F 808 -40.62 -23.57 -28.79
CA ALA F 808 -39.93 -23.08 -29.99
C ALA F 808 -38.58 -23.78 -30.26
N SER F 809 -37.84 -24.10 -29.20
CA SER F 809 -36.55 -24.82 -29.26
C SER F 809 -36.23 -25.46 -27.91
N LYS F 810 -35.84 -26.74 -27.96
CA LYS F 810 -35.47 -27.52 -26.78
C LYS F 810 -34.01 -27.22 -26.40
N VAL F 811 -33.19 -26.85 -27.40
CA VAL F 811 -31.78 -26.54 -27.28
C VAL F 811 -31.60 -25.06 -26.98
N LEU F 812 -32.10 -24.18 -27.89
CA LEU F 812 -32.05 -22.72 -27.73
C LEU F 812 -33.20 -22.33 -26.80
N THR F 813 -32.93 -22.41 -25.50
CA THR F 813 -33.90 -22.11 -24.45
C THR F 813 -33.82 -20.65 -24.05
N THR F 814 -34.85 -20.16 -23.33
CA THR F 814 -34.90 -18.77 -22.84
C THR F 814 -33.57 -18.33 -22.25
N GLU F 815 -33.01 -19.16 -21.35
CA GLU F 815 -31.75 -18.94 -20.66
C GLU F 815 -30.55 -18.96 -21.61
N VAL F 816 -30.52 -19.92 -22.56
CA VAL F 816 -29.45 -20.06 -23.57
C VAL F 816 -29.45 -18.86 -24.52
N ILE F 817 -30.62 -18.54 -25.07
CA ILE F 817 -30.84 -17.42 -25.98
C ILE F 817 -30.27 -16.14 -25.38
N SER F 818 -30.68 -15.82 -24.11
CA SER F 818 -30.26 -14.64 -23.37
C SER F 818 -28.73 -14.58 -23.17
N THR F 819 -28.08 -15.72 -22.90
CA THR F 819 -26.63 -15.74 -22.71
C THR F 819 -25.89 -15.44 -24.02
N ILE F 820 -26.49 -15.88 -25.15
CA ILE F 820 -25.97 -15.65 -26.49
C ILE F 820 -26.08 -14.16 -26.77
N ILE F 821 -27.23 -13.52 -26.42
CA ILE F 821 -27.43 -12.07 -26.60
C ILE F 821 -26.34 -11.30 -25.86
N ASP F 822 -26.04 -11.65 -24.61
CA ASP F 822 -24.98 -11.00 -23.83
C ASP F 822 -23.62 -11.16 -24.48
N ASP F 823 -23.32 -12.38 -24.94
CA ASP F 823 -22.07 -12.68 -25.63
C ASP F 823 -21.91 -11.78 -26.86
N GLU F 824 -22.93 -11.76 -27.71
CA GLU F 824 -22.94 -10.99 -28.95
C GLU F 824 -23.07 -9.47 -28.77
N ALA F 825 -23.69 -9.03 -27.68
CA ALA F 825 -23.92 -7.61 -27.38
C ALA F 825 -22.64 -6.78 -27.19
N SER F 826 -21.54 -7.46 -26.76
CA SER F 826 -20.22 -6.89 -26.51
C SER F 826 -20.26 -5.61 -25.66
N GLY F 827 -20.94 -5.73 -24.51
CA GLY F 827 -21.12 -4.67 -23.52
C GLY F 827 -21.99 -3.50 -23.89
N ARG F 828 -22.55 -3.47 -25.09
CA ARG F 828 -23.39 -2.36 -25.55
C ARG F 828 -24.80 -2.34 -24.96
N PHE F 829 -25.22 -3.48 -24.41
CA PHE F 829 -26.50 -3.74 -23.76
C PHE F 829 -26.44 -5.14 -23.17
N ASP F 830 -27.40 -5.45 -22.28
CA ASP F 830 -27.48 -6.76 -21.65
C ASP F 830 -28.81 -7.40 -21.84
N SER F 831 -28.89 -8.67 -21.54
CA SER F 831 -30.08 -9.46 -21.70
C SER F 831 -30.33 -10.18 -20.41
N LYS F 832 -31.61 -10.22 -20.02
CA LYS F 832 -32.08 -10.90 -18.83
C LYS F 832 -33.30 -11.71 -19.20
N THR F 833 -33.51 -12.85 -18.54
CA THR F 833 -34.68 -13.70 -18.80
C THR F 833 -35.82 -13.30 -17.85
N ALA F 834 -37.06 -13.77 -18.18
CA ALA F 834 -38.29 -13.62 -17.44
C ALA F 834 -39.04 -14.94 -17.63
N ILE F 835 -38.96 -15.84 -16.62
CA ILE F 835 -39.62 -17.15 -16.71
C ILE F 835 -40.74 -17.26 -15.63
N PRO F 836 -41.97 -16.80 -15.95
CA PRO F 836 -43.03 -16.82 -14.93
C PRO F 836 -43.51 -18.22 -14.53
N GLY F 837 -43.58 -19.13 -15.49
CA GLY F 837 -44.02 -20.49 -15.24
C GLY F 837 -45.48 -20.75 -15.57
N HIS F 838 -45.94 -21.98 -15.25
CA HIS F 838 -47.30 -22.48 -15.50
C HIS F 838 -48.34 -21.90 -14.52
N VAL F 839 -48.19 -20.60 -14.22
CA VAL F 839 -49.04 -19.80 -13.33
C VAL F 839 -49.98 -18.94 -14.20
N GLN F 840 -49.59 -18.70 -15.49
CA GLN F 840 -50.29 -17.92 -16.52
C GLN F 840 -51.79 -18.19 -16.67
N GLN F 841 -52.29 -19.33 -16.11
CA GLN F 841 -53.71 -19.73 -16.09
C GLN F 841 -54.56 -18.52 -15.67
N GLY F 842 -54.28 -18.01 -14.46
CA GLY F 842 -54.97 -16.86 -13.87
C GLY F 842 -56.18 -17.26 -13.05
N GLY F 843 -56.48 -16.46 -12.05
CA GLY F 843 -57.61 -16.68 -11.17
C GLY F 843 -58.91 -16.27 -11.83
N ILE F 844 -59.49 -15.20 -11.29
CA ILE F 844 -60.72 -14.55 -11.69
C ILE F 844 -60.78 -14.45 -13.24
N PRO F 845 -61.70 -15.19 -13.93
CA PRO F 845 -61.72 -15.13 -15.41
C PRO F 845 -62.12 -13.77 -15.94
N SER F 846 -61.63 -13.42 -17.14
CA SER F 846 -61.93 -12.14 -17.78
C SER F 846 -63.44 -11.98 -18.05
N PRO F 847 -64.02 -10.75 -17.95
CA PRO F 847 -65.46 -10.59 -18.27
C PRO F 847 -65.85 -11.23 -19.60
N MET F 848 -64.95 -11.16 -20.61
CA MET F 848 -65.12 -11.78 -21.92
C MET F 848 -65.29 -13.28 -21.78
N ASP F 849 -64.38 -13.94 -21.03
CA ASP F 849 -64.45 -15.38 -20.78
C ASP F 849 -65.75 -15.78 -20.08
N ARG F 850 -66.15 -15.04 -19.03
CA ARG F 850 -67.38 -15.28 -18.27
C ARG F 850 -68.61 -15.20 -19.20
N VAL F 851 -68.63 -14.17 -20.07
CA VAL F 851 -69.68 -13.89 -21.04
C VAL F 851 -69.71 -14.93 -22.18
N ARG F 852 -68.58 -15.15 -22.88
CA ARG F 852 -68.49 -16.16 -23.95
C ARG F 852 -68.92 -17.57 -23.48
N ALA F 853 -68.45 -17.99 -22.26
CA ALA F 853 -68.78 -19.28 -21.65
C ALA F 853 -70.28 -19.44 -21.45
N SER F 854 -70.98 -18.35 -21.05
CA SER F 854 -72.43 -18.34 -20.85
C SER F 854 -73.14 -18.64 -22.16
N ARG F 855 -72.78 -17.88 -23.22
CA ARG F 855 -73.29 -17.95 -24.60
C ARG F 855 -73.14 -19.37 -25.16
N PHE F 856 -71.93 -19.94 -25.05
CA PHE F 856 -71.59 -21.27 -25.56
C PHE F 856 -72.27 -22.38 -24.81
N ALA F 857 -72.37 -22.28 -23.46
CA ALA F 857 -73.04 -23.29 -22.62
C ALA F 857 -74.51 -23.42 -23.04
N ILE F 858 -75.18 -22.28 -23.30
CA ILE F 858 -76.57 -22.22 -23.73
C ILE F 858 -76.77 -22.81 -25.14
N ARG F 859 -75.83 -22.49 -26.07
CA ARG F 859 -75.87 -23.02 -27.45
C ARG F 859 -75.69 -24.54 -27.45
N ALA F 860 -74.89 -25.05 -26.47
CA ALA F 860 -74.62 -26.46 -26.25
C ALA F 860 -75.90 -27.19 -25.80
N VAL F 861 -76.62 -26.63 -24.79
CA VAL F 861 -77.86 -27.18 -24.25
C VAL F 861 -78.91 -27.20 -25.36
N SER F 862 -79.00 -26.09 -26.11
CA SER F 862 -79.94 -25.93 -27.22
C SER F 862 -79.72 -26.93 -28.38
N PHE F 863 -78.45 -27.34 -28.62
CA PHE F 863 -78.09 -28.34 -29.64
C PHE F 863 -78.56 -29.71 -29.17
N ILE F 864 -78.31 -30.04 -27.88
CA ILE F 864 -78.72 -31.30 -27.26
C ILE F 864 -80.23 -31.43 -27.34
N GLU F 865 -80.98 -30.31 -27.12
CA GLU F 865 -82.46 -30.24 -27.22
C GLU F 865 -82.91 -30.70 -28.62
N ARG F 866 -82.29 -30.11 -29.67
CA ARG F 866 -82.57 -30.35 -31.10
C ARG F 866 -82.28 -31.77 -31.58
N HIS F 867 -81.14 -32.32 -31.15
CA HIS F 867 -80.66 -33.63 -31.63
C HIS F 867 -81.07 -34.88 -30.83
N SER F 868 -81.54 -34.72 -29.58
CA SER F 868 -81.94 -35.81 -28.71
C SER F 868 -82.97 -36.75 -29.32
N ASP F 869 -84.00 -36.22 -30.01
CA ASP F 869 -85.06 -37.02 -30.65
C ASP F 869 -84.51 -38.00 -31.70
N ARG F 870 -83.61 -37.53 -32.58
CA ARG F 870 -82.93 -38.30 -33.63
C ARG F 870 -82.08 -39.44 -33.05
N CYS F 871 -81.32 -39.15 -31.98
CA CYS F 871 -80.42 -40.06 -31.26
C CYS F 871 -81.12 -41.26 -30.66
N GLN F 872 -82.29 -41.04 -30.01
CA GLN F 872 -83.07 -42.08 -29.35
C GLN F 872 -83.50 -43.23 -30.27
N THR F 873 -83.36 -43.05 -31.60
CA THR F 873 -83.66 -44.06 -32.62
C THR F 873 -82.52 -45.09 -32.61
N PHE F 874 -81.27 -44.59 -32.52
CA PHE F 874 -80.02 -45.36 -32.49
C PHE F 874 -79.79 -45.96 -31.10
N LYS F 875 -80.28 -45.26 -30.06
CA LYS F 875 -80.16 -45.62 -28.65
C LYS F 875 -80.99 -46.87 -28.36
N ASN F 876 -82.28 -46.83 -28.71
CA ASN F 876 -83.23 -47.93 -28.47
C ASN F 876 -83.05 -49.11 -29.43
N SER F 877 -82.14 -48.98 -30.41
CA SER F 877 -81.92 -50.04 -31.39
C SER F 877 -80.52 -50.61 -31.37
N ILE F 878 -80.44 -51.95 -31.56
CA ILE F 878 -79.17 -52.68 -31.74
C ILE F 878 -78.91 -52.53 -33.28
N SER F 879 -78.13 -53.42 -33.93
CA SER F 879 -77.83 -53.35 -35.38
C SER F 879 -77.48 -51.93 -35.87
N PHE F 880 -76.85 -51.14 -34.98
CA PHE F 880 -76.40 -49.77 -35.21
C PHE F 880 -75.18 -49.85 -36.10
N ARG F 881 -75.32 -49.42 -37.36
CA ARG F 881 -74.23 -49.52 -38.32
C ARG F 881 -73.31 -48.28 -38.39
N GLN F 882 -73.49 -47.30 -37.45
CA GLN F 882 -72.71 -46.04 -37.31
C GLN F 882 -72.84 -45.10 -38.54
N THR F 883 -74.09 -44.67 -38.83
CA THR F 883 -74.46 -43.79 -39.97
C THR F 883 -73.93 -42.35 -39.88
N ASP F 884 -74.39 -41.50 -40.83
CA ASP F 884 -74.04 -40.09 -40.92
C ASP F 884 -74.94 -39.24 -40.03
N GLU F 885 -76.20 -39.68 -39.81
CA GLU F 885 -77.18 -38.98 -38.96
C GLU F 885 -76.74 -38.95 -37.50
N ILE F 886 -76.04 -40.01 -37.06
CA ILE F 886 -75.53 -40.17 -35.70
C ILE F 886 -74.16 -39.50 -35.47
N THR F 887 -73.22 -39.61 -36.44
CA THR F 887 -71.89 -39.01 -36.31
C THR F 887 -71.95 -37.48 -36.18
N SER F 888 -73.04 -36.88 -36.69
CA SER F 888 -73.29 -35.43 -36.65
C SER F 888 -73.56 -34.93 -35.24
N THR F 889 -74.03 -35.80 -34.33
CA THR F 889 -74.36 -35.44 -32.96
C THR F 889 -73.17 -35.28 -32.00
N ALA F 890 -72.03 -35.90 -32.36
CA ALA F 890 -70.77 -35.77 -31.61
C ALA F 890 -70.06 -34.63 -32.33
N VAL F 891 -70.16 -33.43 -31.72
CA VAL F 891 -69.76 -32.17 -32.33
C VAL F 891 -68.86 -31.26 -31.45
N VAL F 892 -68.15 -30.30 -32.09
CA VAL F 892 -67.30 -29.28 -31.43
C VAL F 892 -67.91 -27.89 -31.73
N LEU F 893 -68.33 -27.16 -30.67
CA LEU F 893 -68.89 -25.81 -30.78
C LEU F 893 -67.71 -24.86 -31.05
N GLY F 894 -67.83 -24.02 -32.07
CA GLY F 894 -66.74 -23.12 -32.40
C GLY F 894 -67.02 -21.85 -33.16
N ILE F 895 -66.08 -20.90 -33.06
CA ILE F 895 -66.11 -19.64 -33.80
C ILE F 895 -65.29 -19.87 -35.08
N HIS F 896 -65.89 -19.55 -36.24
CA HIS F 896 -65.25 -19.63 -37.55
C HIS F 896 -65.67 -18.48 -38.48
N LYS F 897 -64.81 -17.42 -38.53
CA LYS F 897 -64.96 -16.18 -39.30
C LYS F 897 -66.05 -15.22 -38.75
N GLN F 899 -68.91 -16.56 -37.78
CA GLN F 899 -69.91 -17.62 -37.64
C GLN F 899 -69.63 -18.55 -36.47
N LEU F 900 -70.66 -18.80 -35.63
CA LEU F 900 -70.60 -19.73 -34.51
C LEU F 900 -71.22 -21.05 -35.02
N ARG F 901 -70.37 -22.08 -35.19
CA ARG F 901 -70.78 -23.36 -35.78
C ARG F 901 -70.36 -24.60 -35.00
N PHE F 902 -71.19 -25.66 -35.12
CA PHE F 902 -70.97 -26.97 -34.54
C PHE F 902 -70.35 -27.82 -35.65
N THR F 903 -69.15 -28.36 -35.42
CA THR F 903 -68.43 -29.15 -36.42
C THR F 903 -68.32 -30.60 -35.96
N PRO F 904 -68.79 -31.60 -36.76
CA PRO F 904 -68.69 -33.01 -36.33
C PRO F 904 -67.24 -33.40 -36.02
N ILE F 905 -67.02 -34.04 -34.85
CA ILE F 905 -65.70 -34.47 -34.39
C ILE F 905 -64.88 -35.23 -35.46
N ARG F 906 -65.56 -36.06 -36.28
CA ARG F 906 -64.94 -36.85 -37.34
C ARG F 906 -64.03 -36.05 -38.27
N GLN F 907 -64.53 -34.95 -38.88
CA GLN F 907 -63.73 -34.12 -39.80
C GLN F 907 -62.56 -33.37 -39.19
N LEU F 908 -62.69 -32.96 -37.91
CA LEU F 908 -61.64 -32.23 -37.22
C LEU F 908 -60.53 -33.15 -36.70
N TYR F 909 -60.89 -34.37 -36.30
CA TYR F 909 -59.92 -35.32 -35.77
C TYR F 909 -59.10 -35.96 -36.88
N ASP F 910 -59.78 -36.49 -37.90
CA ASP F 910 -59.13 -37.15 -39.03
C ASP F 910 -58.33 -36.17 -39.89
N PHE F 911 -58.89 -34.97 -40.16
CA PHE F 911 -58.27 -34.02 -41.09
C PHE F 911 -57.67 -32.73 -40.55
N GLU F 912 -58.27 -32.12 -39.52
CA GLU F 912 -57.82 -30.84 -38.99
C GLU F 912 -56.89 -30.86 -37.76
N SER F 913 -56.38 -32.04 -37.34
CA SER F 913 -55.53 -32.06 -36.15
C SER F 913 -54.26 -32.91 -36.19
N ASP F 914 -53.23 -32.50 -35.41
CA ASP F 914 -52.01 -33.28 -35.18
C ASP F 914 -52.35 -34.09 -33.93
N VAL F 915 -53.21 -35.11 -34.16
CA VAL F 915 -53.75 -36.10 -33.22
C VAL F 915 -52.67 -36.59 -32.24
N PRO F 916 -51.44 -36.64 -32.79
CA PRO F 916 -50.29 -37.22 -32.07
C PRO F 916 -49.76 -36.30 -30.98
N ARG F 917 -48.58 -36.64 -30.44
CA ARG F 917 -47.88 -35.95 -29.36
C ARG F 917 -47.85 -34.42 -29.46
N ARG F 918 -48.06 -33.85 -30.68
CA ARG F 918 -48.05 -32.39 -30.84
C ARG F 918 -49.28 -31.72 -30.25
N MET F 919 -50.48 -32.32 -30.48
CA MET F 919 -51.78 -31.83 -29.99
C MET F 919 -52.06 -30.41 -30.50
N ARG F 920 -52.31 -30.26 -31.82
CA ARG F 920 -52.55 -28.99 -32.52
C ARG F 920 -53.17 -29.20 -33.94
N ASN F 922 -53.42 -26.79 -38.39
CA ASN F 922 -53.09 -25.60 -39.19
C ASN F 922 -53.55 -24.30 -38.52
N ILE F 923 -52.60 -23.35 -38.29
CA ILE F 923 -52.84 -22.04 -37.63
C ILE F 923 -53.60 -21.04 -38.50
N PHE F 924 -54.27 -20.07 -37.84
CA PHE F 924 -55.01 -19.01 -38.54
C PHE F 924 -54.32 -17.66 -38.38
N TRP F 925 -53.65 -17.45 -37.23
CA TRP F 925 -52.96 -16.23 -36.82
C TRP F 925 -51.75 -15.73 -37.65
N SER F 926 -51.52 -16.31 -38.84
CA SER F 926 -50.43 -15.93 -39.76
C SER F 926 -50.37 -14.43 -40.08
N ASN F 927 -51.54 -13.79 -40.36
CA ASN F 927 -51.59 -12.35 -40.62
C ASN F 927 -51.20 -11.51 -39.39
N VAL F 928 -51.70 -11.88 -38.17
CA VAL F 928 -51.38 -11.20 -36.91
C VAL F 928 -49.87 -11.15 -36.75
N ARG F 929 -49.19 -12.30 -37.04
CA ARG F 929 -47.72 -12.46 -36.99
C ARG F 929 -47.01 -11.45 -37.90
N GLU F 930 -47.48 -11.32 -39.18
CA GLU F 930 -46.94 -10.43 -40.19
C GLU F 930 -47.00 -9.00 -39.73
N ILE F 931 -48.14 -8.60 -39.18
CA ILE F 931 -48.39 -7.24 -38.67
C ILE F 931 -47.49 -6.93 -37.47
N SER F 932 -47.35 -7.87 -36.52
CA SER F 932 -46.51 -7.60 -35.36
C SER F 932 -45.03 -7.51 -35.71
N ASP F 933 -44.61 -8.16 -36.79
CA ASP F 933 -43.22 -8.06 -37.24
C ASP F 933 -43.04 -6.72 -37.96
N MET F 934 -44.07 -6.28 -38.71
CA MET F 934 -44.11 -5.00 -39.41
C MET F 934 -43.95 -3.85 -38.39
N LEU F 935 -44.78 -3.87 -37.33
CA LEU F 935 -44.83 -2.85 -36.29
C LEU F 935 -43.59 -2.74 -35.44
N SER F 936 -42.75 -3.79 -35.44
CA SER F 936 -41.51 -3.83 -34.65
C SER F 936 -40.24 -3.82 -35.51
N GLY F 937 -40.41 -3.81 -36.83
CA GLY F 937 -39.30 -3.78 -37.77
C GLY F 937 -38.52 -5.07 -37.90
N ARG F 938 -39.16 -6.23 -37.63
CA ARG F 938 -38.52 -7.54 -37.71
C ARG F 938 -38.37 -7.99 -39.16
N THR F 939 -37.21 -8.54 -39.49
CA THR F 939 -36.84 -9.09 -40.79
C THR F 939 -36.65 -10.62 -40.63
N SER F 940 -37.53 -11.41 -41.25
CA SER F 940 -37.45 -12.87 -41.21
C SER F 940 -36.51 -13.42 -42.33
N LEU F 941 -36.47 -14.77 -42.51
CA LEU F 941 -35.64 -15.44 -43.53
C LEU F 941 -36.42 -16.45 -44.39
N SER G 5 -49.62 -41.79 -62.56
CA SER G 5 -48.25 -42.24 -62.79
C SER G 5 -48.04 -43.65 -62.22
N ILE G 6 -48.76 -44.62 -62.82
CA ILE G 6 -48.70 -46.04 -62.47
C ILE G 6 -47.44 -46.70 -63.10
N SER G 7 -46.57 -47.28 -62.26
CA SER G 7 -45.32 -47.95 -62.67
C SER G 7 -45.57 -49.20 -63.54
N ASP G 8 -46.31 -50.18 -62.99
CA ASP G 8 -46.67 -51.44 -63.65
C ASP G 8 -47.94 -52.02 -63.00
N LEU G 9 -48.10 -53.35 -63.00
CA LEU G 9 -49.20 -54.05 -62.33
C LEU G 9 -48.61 -54.72 -61.10
N SER G 10 -49.28 -54.55 -59.94
CA SER G 10 -48.83 -55.11 -58.66
C SER G 10 -49.11 -56.61 -58.55
N PHE G 11 -50.38 -57.02 -58.75
CA PHE G 11 -50.83 -58.42 -58.67
C PHE G 11 -52.21 -58.61 -59.27
N THR G 12 -52.62 -59.86 -59.45
CA THR G 12 -53.98 -60.17 -59.91
C THR G 12 -54.69 -60.85 -58.73
N SER G 13 -55.96 -60.49 -58.50
CA SER G 13 -56.75 -61.06 -57.41
C SER G 13 -57.87 -61.90 -57.98
N PHE G 14 -58.07 -63.13 -57.46
CA PHE G 14 -59.16 -64.02 -57.89
C PHE G 14 -60.01 -64.34 -56.68
N VAL G 15 -61.27 -63.87 -56.65
CA VAL G 15 -62.17 -64.10 -55.52
C VAL G 15 -63.19 -65.22 -55.84
N THR G 16 -63.39 -66.17 -54.89
CA THR G 16 -64.33 -67.29 -55.02
C THR G 16 -65.20 -67.45 -53.76
N ASN G 17 -66.42 -68.00 -53.94
CA ASN G 17 -67.37 -68.25 -52.86
C ASN G 17 -67.20 -69.71 -52.40
N ASP G 18 -66.93 -70.60 -53.36
CA ASP G 18 -66.75 -72.04 -53.18
C ASP G 18 -65.33 -72.34 -52.68
N ASP G 19 -65.25 -72.97 -51.50
CA ASP G 19 -63.97 -73.36 -50.88
C ASP G 19 -63.29 -74.47 -51.69
N ASN G 20 -64.11 -75.41 -52.22
CA ASN G 20 -63.62 -76.52 -53.03
C ASN G 20 -62.93 -75.99 -54.28
N LEU G 21 -63.49 -74.92 -54.89
CA LEU G 21 -62.91 -74.24 -56.05
C LEU G 21 -61.64 -73.50 -55.66
N PHE G 22 -61.64 -72.86 -54.47
CA PHE G 22 -60.51 -72.10 -53.91
C PHE G 22 -59.28 -72.99 -53.74
N GLU G 23 -59.43 -74.12 -53.02
CA GLU G 23 -58.34 -75.05 -52.74
C GLU G 23 -57.79 -75.69 -53.99
N GLU G 24 -58.68 -76.04 -54.96
CA GLU G 24 -58.28 -76.63 -56.24
C GLU G 24 -57.51 -75.65 -57.13
N THR G 25 -57.79 -74.33 -56.98
CA THR G 25 -57.10 -73.26 -57.72
C THR G 25 -55.70 -73.08 -57.13
N PHE G 26 -55.60 -73.13 -55.79
CA PHE G 26 -54.36 -73.02 -55.03
C PHE G 26 -53.41 -74.14 -55.47
N ASN G 27 -53.90 -75.41 -55.46
CA ASN G 27 -53.13 -76.58 -55.87
C ASN G 27 -52.70 -76.54 -57.34
N PHE G 28 -53.51 -75.88 -58.20
CA PHE G 28 -53.26 -75.70 -59.64
C PHE G 28 -52.01 -74.84 -59.86
N TYR G 29 -51.94 -73.66 -59.22
CA TYR G 29 -50.79 -72.77 -59.34
C TYR G 29 -49.58 -73.28 -58.57
N THR G 30 -49.81 -74.08 -57.50
CA THR G 30 -48.77 -74.72 -56.68
C THR G 30 -47.93 -75.65 -57.58
N LYS G 31 -48.61 -76.43 -58.45
CA LYS G 31 -48.00 -77.34 -59.43
C LYS G 31 -47.30 -76.55 -60.54
N LEU G 32 -47.74 -75.29 -60.78
CA LEU G 32 -47.20 -74.39 -61.80
C LEU G 32 -46.03 -73.47 -61.39
N GLY G 33 -45.50 -73.69 -60.20
CA GLY G 33 -44.34 -72.91 -59.74
C GLY G 33 -44.63 -71.81 -58.74
N PHE G 34 -45.85 -71.75 -58.21
CA PHE G 34 -46.19 -70.74 -57.20
C PHE G 34 -45.91 -71.21 -55.80
N HIS G 35 -45.52 -70.26 -54.96
CA HIS G 35 -45.16 -70.46 -53.56
C HIS G 35 -46.02 -69.56 -52.71
N ALA G 36 -46.68 -70.14 -51.69
CA ALA G 36 -47.52 -69.36 -50.77
C ALA G 36 -46.62 -68.60 -49.81
N THR G 37 -46.58 -67.26 -49.97
CA THR G 37 -45.76 -66.38 -49.15
C THR G 37 -46.53 -65.85 -47.93
N ARG G 38 -47.87 -65.68 -48.07
CA ARG G 38 -48.74 -65.21 -46.98
C ARG G 38 -50.08 -65.94 -46.94
N SER G 39 -50.57 -66.27 -45.74
CA SER G 39 -51.84 -66.96 -45.51
C SER G 39 -52.71 -66.27 -44.42
N TYR G 40 -54.04 -66.34 -44.60
CA TYR G 40 -55.04 -65.77 -43.67
C TYR G 40 -56.25 -66.70 -43.48
N VAL G 41 -56.85 -66.66 -42.27
CA VAL G 41 -58.06 -67.40 -41.85
C VAL G 41 -58.80 -66.62 -40.71
N LYS G 42 -60.11 -66.87 -40.53
CA LYS G 42 -60.97 -66.23 -39.52
C LYS G 42 -60.41 -66.23 -38.07
N ASN G 44 -58.96 -66.37 -33.52
CA ASN G 44 -57.55 -65.92 -33.39
C ASN G 44 -57.34 -64.44 -33.74
N ARG G 45 -56.79 -63.68 -32.78
CA ARG G 45 -56.53 -62.24 -32.92
C ARG G 45 -55.10 -61.91 -33.38
N SER G 46 -54.20 -62.92 -33.41
CA SER G 46 -52.79 -62.77 -33.80
C SER G 46 -52.53 -62.39 -35.27
N ASP G 47 -53.38 -62.87 -36.21
CA ASP G 47 -53.28 -62.62 -37.65
C ASP G 47 -53.17 -61.11 -38.00
N PHE G 48 -52.23 -60.76 -38.90
CA PHE G 48 -52.00 -59.39 -39.38
C PHE G 48 -52.97 -59.12 -40.52
N GLU G 49 -53.56 -57.92 -40.57
CA GLU G 49 -54.49 -57.57 -41.63
C GLU G 49 -53.97 -56.44 -42.50
N LEU G 50 -53.81 -56.70 -43.82
CA LEU G 50 -53.35 -55.72 -44.81
C LEU G 50 -54.34 -55.71 -45.95
N THR G 51 -54.93 -56.88 -46.26
CA THR G 51 -55.97 -57.08 -47.26
C THR G 51 -57.02 -58.07 -46.72
N GLY G 52 -58.30 -57.74 -46.94
CA GLY G 52 -59.44 -58.54 -46.50
C GLY G 52 -60.82 -58.11 -46.99
N ILE G 53 -60.88 -57.23 -48.01
CA ILE G 53 -62.09 -56.67 -48.67
C ILE G 53 -61.69 -55.97 -50.02
N SER G 54 -62.43 -56.18 -51.15
CA SER G 54 -63.66 -56.98 -51.33
C SER G 54 -63.53 -57.93 -52.54
N ASP G 56 -66.35 -59.34 -46.25
CA ASP G 56 -64.89 -59.56 -46.18
C ASP G 56 -64.45 -60.94 -46.79
N SER G 57 -63.33 -61.50 -46.30
CA SER G 57 -62.76 -62.80 -46.73
C SER G 57 -62.50 -63.73 -45.54
N ILE G 58 -62.90 -65.00 -45.65
CA ILE G 58 -62.71 -66.02 -44.60
C ILE G 58 -61.30 -66.63 -44.63
N LYS G 59 -60.77 -66.84 -45.84
CA LYS G 59 -59.42 -67.36 -46.10
C LYS G 59 -58.79 -66.57 -47.26
N GLU G 60 -57.46 -66.41 -47.24
CA GLU G 60 -56.68 -65.71 -48.27
C GLU G 60 -55.28 -66.29 -48.36
N ILE G 61 -54.87 -66.72 -49.56
CA ILE G 61 -53.53 -67.27 -49.81
C ILE G 61 -52.84 -66.41 -50.87
N TRP G 62 -51.69 -65.83 -50.51
CA TRP G 62 -50.90 -65.02 -51.42
C TRP G 62 -49.74 -65.84 -52.00
N LEU G 63 -49.86 -66.19 -53.30
CA LEU G 63 -48.86 -66.98 -54.02
C LEU G 63 -47.94 -66.07 -54.82
N GLU G 64 -46.65 -66.45 -54.90
CA GLU G 64 -45.63 -65.73 -55.65
C GLU G 64 -44.78 -66.68 -56.49
N SER G 65 -44.67 -66.38 -57.80
CA SER G 65 -43.78 -67.07 -58.74
C SER G 65 -42.65 -66.07 -58.83
N PHE G 66 -41.60 -66.29 -58.01
CA PHE G 66 -40.43 -65.41 -57.84
C PHE G 66 -39.74 -65.01 -59.13
N PRO G 67 -39.26 -63.73 -59.22
CA PRO G 67 -38.60 -63.28 -60.45
C PRO G 67 -37.35 -64.08 -60.79
N LEU G 68 -36.86 -63.97 -62.02
CA LEU G 68 -35.65 -64.70 -62.37
C LEU G 68 -34.42 -63.82 -62.17
N SER G 69 -33.45 -64.31 -61.36
CA SER G 69 -32.19 -63.61 -61.06
C SER G 69 -31.00 -64.41 -61.61
N GLU G 70 -29.80 -63.81 -61.63
CA GLU G 70 -28.61 -64.46 -62.19
C GLU G 70 -27.91 -65.54 -61.34
N VAL G 71 -28.41 -66.81 -61.40
CA VAL G 71 -27.92 -67.97 -60.64
C VAL G 71 -26.39 -68.12 -60.46
N VAL G 72 -25.98 -68.46 -59.20
CA VAL G 72 -24.60 -68.67 -58.75
C VAL G 72 -24.20 -70.14 -58.89
N GLU G 73 -23.05 -70.37 -59.55
CA GLU G 73 -22.44 -71.67 -59.87
C GLU G 73 -22.23 -72.62 -58.69
N ALA G 74 -21.32 -72.28 -57.74
CA ALA G 74 -21.00 -73.10 -56.56
C ALA G 74 -22.06 -73.02 -55.47
N GLY G 77 -17.70 -78.43 -58.75
CA GLY G 77 -18.91 -77.62 -58.87
C GLY G 77 -20.14 -78.34 -58.30
N ARG G 78 -20.74 -77.77 -57.23
CA ARG G 78 -21.93 -78.29 -56.55
C ARG G 78 -23.23 -78.01 -57.35
N GLU G 79 -24.35 -77.73 -56.65
CA GLU G 79 -25.62 -77.43 -57.33
C GLU G 79 -25.99 -75.95 -57.29
N LEU G 80 -26.58 -75.46 -58.40
CA LEU G 80 -26.96 -74.07 -58.67
C LEU G 80 -27.98 -73.44 -57.69
N ARG G 81 -27.60 -72.26 -57.13
CA ARG G 81 -28.38 -71.45 -56.17
C ARG G 81 -28.52 -69.99 -56.66
N LYS G 82 -29.59 -69.31 -56.21
CA LYS G 82 -29.91 -67.91 -56.56
C LYS G 82 -28.80 -66.92 -56.13
N PRO G 83 -28.55 -65.80 -56.87
CA PRO G 83 -27.52 -64.84 -56.42
C PRO G 83 -28.12 -63.91 -55.37
N LEU G 84 -27.52 -62.73 -55.21
CA LEU G 84 -27.99 -61.70 -54.31
C LEU G 84 -28.17 -60.47 -55.18
N GLN G 85 -28.13 -59.27 -54.60
CA GLN G 85 -28.18 -58.07 -55.43
C GLN G 85 -26.76 -57.46 -55.42
N GLU G 86 -25.85 -58.35 -55.83
CA GLU G 86 -24.42 -58.27 -56.10
C GLU G 86 -24.35 -58.70 -57.58
N SER G 87 -25.56 -58.93 -58.15
CA SER G 87 -25.87 -59.32 -59.52
C SER G 87 -25.39 -58.28 -60.56
N VAL G 88 -25.43 -58.68 -61.86
CA VAL G 88 -24.95 -57.94 -63.04
C VAL G 88 -25.34 -56.48 -63.20
N GLY G 89 -26.62 -56.22 -63.42
CA GLY G 89 -27.09 -54.87 -63.65
C GLY G 89 -27.90 -54.29 -62.51
N TYR G 90 -27.65 -54.76 -61.26
CA TYR G 90 -28.39 -54.24 -60.12
C TYR G 90 -27.96 -52.81 -59.80
N GLU G 91 -28.93 -51.89 -59.89
CA GLU G 91 -28.73 -50.48 -59.61
C GLU G 91 -29.60 -50.17 -58.41
N SER G 92 -28.99 -49.91 -57.24
CA SER G 92 -29.67 -49.59 -55.99
C SER G 92 -30.41 -48.26 -56.07
N GLU G 93 -31.68 -48.22 -55.64
CA GLU G 93 -32.51 -47.00 -55.66
C GLU G 93 -32.73 -46.44 -54.24
N ALA G 94 -33.63 -45.41 -54.10
CA ALA G 94 -34.01 -44.81 -52.82
C ALA G 94 -34.76 -45.88 -51.99
N LEU G 95 -35.57 -46.72 -52.68
CA LEU G 95 -36.23 -47.88 -52.11
C LEU G 95 -35.36 -49.08 -52.53
N LEU G 96 -35.93 -50.04 -53.24
CA LEU G 96 -35.15 -51.18 -53.71
C LEU G 96 -34.72 -50.85 -55.15
N GLY G 97 -33.66 -51.48 -55.66
CA GLY G 97 -33.10 -51.19 -56.98
C GLY G 97 -33.67 -51.81 -58.25
N TYR G 98 -32.78 -52.02 -59.27
CA TYR G 98 -33.05 -52.60 -60.61
C TYR G 98 -32.02 -53.72 -60.93
N PRO G 100 -33.20 -59.06 -63.95
CA PRO G 100 -34.26 -59.55 -63.04
C PRO G 100 -35.66 -59.56 -63.68
N TYR G 101 -36.09 -60.73 -64.15
CA TYR G 101 -37.39 -60.85 -64.78
C TYR G 101 -38.54 -60.93 -63.77
N GLN G 102 -39.01 -59.75 -63.31
CA GLN G 102 -40.09 -59.55 -62.33
C GLN G 102 -41.31 -60.45 -62.52
N GLY G 104 -44.01 -62.50 -60.80
CA GLY G 104 -45.46 -62.44 -60.89
C GLY G 104 -46.19 -63.05 -59.71
N GLY G 105 -46.91 -62.21 -58.95
CA GLY G 105 -47.69 -62.60 -57.77
C GLY G 105 -49.18 -62.55 -58.01
N VAL G 106 -49.92 -63.58 -57.54
CA VAL G 106 -51.37 -63.70 -57.68
C VAL G 106 -52.05 -63.98 -56.32
N VAL G 107 -52.85 -63.01 -55.85
CA VAL G 107 -53.56 -63.07 -54.57
C VAL G 107 -54.89 -63.85 -54.71
N ILE G 108 -55.04 -64.98 -53.98
CA ILE G 108 -56.28 -65.77 -54.01
C ILE G 108 -57.09 -65.47 -52.74
N LYS G 109 -58.32 -64.94 -52.93
CA LYS G 109 -59.24 -64.53 -51.85
C LYS G 109 -60.51 -65.42 -51.77
N LEU G 110 -60.96 -65.76 -50.54
CA LEU G 110 -62.14 -66.61 -50.33
C LEU G 110 -63.23 -65.91 -49.50
N ARG G 111 -64.36 -65.60 -50.15
CA ARG G 111 -65.52 -64.96 -49.53
C ARG G 111 -66.36 -65.98 -48.75
N LEU G 112 -67.30 -65.49 -47.91
CA LEU G 112 -68.20 -66.29 -47.05
C LEU G 112 -69.19 -67.16 -47.88
N SER G 113 -70.16 -67.80 -47.18
CA SER G 113 -71.21 -68.65 -47.78
C SER G 113 -72.06 -67.85 -48.79
N ASN G 114 -72.36 -66.57 -48.45
CA ASN G 114 -73.12 -65.62 -49.27
C ASN G 114 -72.20 -64.53 -49.84
N GLU G 118 -73.60 -59.73 -51.76
CA GLU G 118 -73.03 -61.00 -51.35
C GLU G 118 -71.73 -61.29 -52.10
N LYS G 119 -71.80 -61.39 -53.46
CA LYS G 119 -70.66 -61.63 -54.38
C LYS G 119 -71.09 -61.41 -55.86
N ASN G 120 -70.29 -60.64 -56.63
CA ASN G 120 -70.56 -60.33 -58.04
C ASN G 120 -70.22 -61.50 -58.95
N ASN G 121 -70.74 -61.47 -60.20
CA ASN G 121 -70.45 -62.49 -61.21
C ASN G 121 -69.16 -62.13 -61.92
N ASP G 122 -68.36 -63.15 -62.30
CA ASP G 122 -67.06 -62.97 -62.96
C ASP G 122 -67.20 -62.45 -64.38
N LEU G 123 -66.48 -61.34 -64.68
CA LEU G 123 -66.47 -60.67 -65.99
C LEU G 123 -65.42 -61.24 -66.95
N PRO G 124 -65.45 -60.81 -68.22
CA PRO G 124 -64.93 -61.65 -69.31
C PRO G 124 -63.41 -61.52 -69.52
N GLY G 125 -62.84 -60.41 -69.05
CA GLY G 125 -61.43 -60.07 -69.16
C GLY G 125 -60.43 -61.13 -68.73
N GLU G 126 -59.17 -61.02 -69.23
CA GLU G 126 -58.07 -61.96 -68.98
C GLU G 126 -56.72 -61.28 -68.78
N VAL G 127 -55.75 -62.00 -68.19
CA VAL G 127 -54.38 -61.52 -67.95
C VAL G 127 -53.40 -62.38 -68.75
N THR G 128 -52.38 -61.73 -69.36
CA THR G 128 -51.35 -62.43 -70.12
C THR G 128 -50.03 -62.26 -69.39
N PHE G 129 -49.44 -63.40 -68.99
CA PHE G 129 -48.19 -63.45 -68.24
C PHE G 129 -47.04 -63.80 -69.16
N PHE G 130 -45.81 -63.37 -68.78
CA PHE G 130 -44.60 -63.66 -69.55
C PHE G 130 -43.90 -64.91 -69.05
N THR G 131 -43.45 -65.77 -69.98
CA THR G 131 -42.69 -66.98 -69.72
C THR G 131 -41.54 -67.19 -70.71
N ALA G 132 -40.32 -67.40 -70.16
CA ALA G 132 -39.10 -67.66 -70.93
C ALA G 132 -38.92 -69.17 -71.14
N SER G 133 -39.98 -69.96 -70.82
CA SER G 133 -40.03 -71.42 -70.92
C SER G 133 -41.40 -71.88 -71.49
N ILE G 134 -41.86 -71.25 -72.60
CA ILE G 134 -43.16 -71.52 -73.27
C ILE G 134 -43.53 -72.99 -73.44
N ASP G 135 -42.53 -73.83 -73.81
CA ASP G 135 -42.70 -75.27 -74.03
C ASP G 135 -42.71 -76.04 -72.69
N LYS G 136 -41.88 -75.59 -71.72
CA LYS G 136 -41.81 -76.19 -70.38
C LYS G 136 -43.14 -76.02 -69.62
N LEU G 137 -43.78 -74.85 -69.81
CA LEU G 137 -45.09 -74.51 -69.24
C LEU G 137 -46.20 -75.32 -69.93
N LYS G 138 -46.13 -75.40 -71.29
CA LYS G 138 -47.04 -76.15 -72.15
C LYS G 138 -47.05 -77.61 -71.67
N ALA G 139 -45.85 -78.19 -71.37
CA ALA G 139 -45.65 -79.55 -70.88
C ALA G 139 -46.28 -79.84 -69.52
N LYS G 140 -46.22 -78.87 -68.57
CA LYS G 140 -46.83 -79.02 -67.24
C LYS G 140 -48.33 -78.96 -67.36
N LEU G 141 -48.83 -78.08 -68.25
CA LEU G 141 -50.25 -77.90 -68.51
C LEU G 141 -50.84 -79.16 -69.12
N ILE G 142 -50.14 -79.80 -70.10
CA ILE G 142 -50.59 -81.07 -70.67
C ILE G 142 -50.49 -82.19 -69.59
N GLU G 143 -49.50 -82.07 -68.67
CA GLU G 143 -49.31 -82.98 -67.55
C GLU G 143 -50.38 -82.75 -66.46
N ILE G 144 -51.03 -81.57 -66.47
CA ILE G 144 -52.06 -81.22 -65.50
C ILE G 144 -53.44 -80.97 -66.17
N GLY G 145 -53.70 -79.73 -66.60
CA GLY G 145 -54.97 -79.29 -67.17
C GLY G 145 -55.11 -79.20 -68.68
N ALA G 146 -55.72 -78.10 -69.16
CA ALA G 146 -56.03 -77.84 -70.58
C ALA G 146 -55.19 -76.75 -71.25
N GLU G 147 -55.07 -76.83 -72.60
CA GLU G 147 -54.29 -75.88 -73.42
C GLU G 147 -55.09 -75.26 -74.57
N ILE G 148 -55.69 -74.08 -74.31
CA ILE G 148 -56.49 -73.29 -75.26
C ILE G 148 -55.58 -72.73 -76.37
N ILE G 149 -56.10 -72.66 -77.58
CA ILE G 149 -55.42 -72.18 -78.79
C ILE G 149 -55.38 -70.63 -78.82
N PRO G 150 -54.31 -69.98 -79.34
CA PRO G 150 -54.24 -68.51 -79.27
C PRO G 150 -54.80 -67.69 -80.45
N SER G 151 -54.98 -66.39 -80.19
CA SER G 151 -55.39 -65.34 -81.12
C SER G 151 -54.59 -64.07 -80.78
N LYS G 152 -54.18 -63.30 -81.82
CA LYS G 152 -53.38 -62.07 -81.76
C LYS G 152 -51.92 -62.32 -81.36
N LEU G 155 -49.65 -61.11 -79.46
CA LEU G 155 -48.46 -61.66 -78.85
C LEU G 155 -48.68 -63.02 -78.16
N VAL G 156 -49.93 -63.31 -77.69
CA VAL G 156 -50.36 -64.54 -76.99
C VAL G 156 -49.95 -65.85 -77.70
N GLU G 157 -49.14 -66.70 -77.00
CA GLU G 157 -48.64 -67.99 -77.49
C GLU G 157 -49.70 -69.10 -77.39
N PHE G 158 -50.46 -69.10 -76.29
CA PHE G 158 -51.57 -70.00 -75.98
C PHE G 158 -52.34 -69.47 -74.78
N SER G 159 -53.33 -70.26 -74.31
CA SER G 159 -54.15 -69.89 -73.17
C SER G 159 -54.52 -71.16 -72.36
N THR G 160 -55.02 -70.98 -71.12
CA THR G 160 -55.42 -72.08 -70.23
C THR G 160 -56.58 -71.67 -69.30
N ARG G 161 -57.07 -72.62 -68.47
CA ARG G 161 -58.16 -72.37 -67.54
C ARG G 161 -58.15 -73.23 -66.24
N ASP G 162 -58.93 -72.75 -65.27
CA ASP G 162 -59.31 -73.28 -63.95
C ASP G 162 -60.69 -72.53 -63.74
N PRO G 163 -61.33 -72.22 -62.55
CA PRO G 163 -62.53 -71.36 -62.62
C PRO G 163 -62.20 -70.03 -63.35
N MET G 164 -60.87 -69.73 -63.46
CA MET G 164 -60.22 -68.58 -64.09
C MET G 164 -59.45 -68.90 -65.38
N GLY G 165 -59.79 -68.18 -66.46
CA GLY G 165 -59.15 -68.32 -67.77
C GLY G 165 -57.98 -67.34 -67.90
N ASP G 166 -56.79 -67.85 -68.28
CA ASP G 166 -55.58 -67.03 -68.41
C ASP G 166 -54.79 -67.24 -69.69
N VAL G 167 -54.14 -66.17 -70.16
CA VAL G 167 -53.32 -66.16 -71.37
C VAL G 167 -51.82 -66.12 -71.02
N ILE G 168 -50.94 -66.49 -71.98
CA ILE G 168 -49.48 -66.59 -71.79
C ILE G 168 -48.71 -66.11 -73.07
N SER G 169 -47.58 -65.35 -72.92
CA SER G 169 -46.73 -64.85 -74.03
C SER G 169 -45.32 -64.43 -73.57
N PHE G 170 -44.74 -63.39 -74.21
CA PHE G 170 -43.44 -62.77 -73.87
C PHE G 170 -43.72 -61.30 -73.43
N SER G 171 -42.90 -60.73 -72.50
CA SER G 171 -43.05 -59.38 -71.92
C SER G 171 -42.93 -58.22 -72.95
N SER G 172 -42.85 -56.94 -72.47
CA SER G 172 -42.74 -55.75 -73.33
C SER G 172 -41.40 -55.67 -74.14
N TYR G 173 -40.39 -56.47 -73.72
CA TYR G 173 -39.06 -56.61 -74.34
C TYR G 173 -39.16 -57.45 -75.65
N PRO G 174 -38.09 -57.60 -76.49
CA PRO G 174 -38.26 -58.37 -77.74
C PRO G 174 -38.48 -59.88 -77.65
N SER G 175 -37.73 -60.61 -76.78
CA SER G 175 -37.82 -62.08 -76.72
C SER G 175 -37.78 -62.74 -75.33
N LEU G 176 -38.12 -64.06 -75.30
CA LEU G 176 -38.17 -64.93 -74.13
C LEU G 176 -37.11 -66.04 -74.21
N SER G 178 -33.96 -68.66 -72.00
CA SER G 178 -34.25 -68.32 -70.60
C SER G 178 -33.01 -67.84 -69.77
N LYS G 179 -32.15 -66.98 -70.39
CA LYS G 179 -30.95 -66.40 -69.83
C LYS G 179 -31.21 -65.62 -68.54
N LYS G 180 -31.18 -66.37 -67.40
CA LYS G 180 -31.30 -65.94 -66.00
C LYS G 180 -29.99 -65.30 -65.61
N ILE G 181 -28.85 -65.96 -66.00
CA ILE G 181 -27.47 -65.52 -65.82
C ILE G 181 -27.13 -64.54 -66.99
N THR G 182 -27.04 -63.22 -66.70
CA THR G 182 -26.84 -62.18 -67.72
C THR G 182 -25.42 -61.87 -68.11
N SER G 183 -25.24 -61.30 -69.32
CA SER G 183 -23.95 -60.93 -69.92
C SER G 183 -23.38 -59.63 -69.29
N PRO G 184 -22.23 -59.70 -68.55
CA PRO G 184 -21.69 -58.47 -67.92
C PRO G 184 -21.09 -57.49 -68.92
N ASP G 185 -21.43 -56.20 -68.72
CA ASP G 185 -21.02 -55.08 -69.57
C ASP G 185 -19.52 -54.78 -69.60
N PHE G 186 -19.08 -54.00 -70.62
CA PHE G 186 -17.68 -53.59 -70.83
C PHE G 186 -17.47 -52.13 -70.44
N GLU G 208 -3.50 -33.21 -69.59
CA GLU G 208 -3.74 -33.20 -68.14
C GLU G 208 -3.34 -31.84 -67.55
N GLY G 209 -4.33 -31.14 -66.99
CA GLY G 209 -4.18 -29.79 -66.45
C GLY G 209 -3.31 -29.64 -65.22
N LYS G 210 -3.57 -30.47 -64.19
CA LYS G 210 -2.89 -30.42 -62.89
C LYS G 210 -1.51 -31.08 -62.82
N LYS G 211 -0.87 -30.99 -61.62
CA LYS G 211 0.45 -31.56 -61.29
C LYS G 211 0.24 -32.95 -60.66
N LYS G 212 0.93 -33.96 -61.18
CA LYS G 212 0.77 -35.32 -60.67
C LYS G 212 1.90 -35.71 -59.70
N ILE G 213 1.59 -35.71 -58.38
CA ILE G 213 2.57 -36.08 -57.37
C ILE G 213 2.39 -37.56 -57.00
N ALA G 214 3.49 -38.37 -57.08
CA ALA G 214 3.44 -39.78 -56.72
C ALA G 214 3.99 -40.03 -55.32
N ILE G 215 3.29 -40.85 -54.53
CA ILE G 215 3.69 -41.17 -53.16
C ILE G 215 3.99 -42.65 -53.05
N ILE G 216 5.17 -42.98 -52.51
CA ILE G 216 5.58 -44.38 -52.33
C ILE G 216 5.99 -44.64 -50.87
N THR G 217 5.52 -45.76 -50.29
CA THR G 217 5.96 -46.24 -48.98
C THR G 217 6.76 -47.52 -49.26
N SER G 218 8.09 -47.43 -49.05
CA SER G 218 9.06 -48.48 -49.30
C SER G 218 9.78 -48.84 -48.01
N GLY G 219 10.36 -50.04 -47.97
CA GLY G 219 11.10 -50.54 -46.82
C GLY G 219 10.21 -51.18 -45.75
N GLY G 220 10.79 -51.42 -44.58
CA GLY G 220 10.06 -52.02 -43.46
C GLY G 220 8.96 -51.11 -42.96
N ASP G 221 7.89 -51.70 -42.40
CA ASP G 221 6.74 -50.98 -41.84
C ASP G 221 7.21 -50.07 -40.70
N ALA G 222 6.51 -48.94 -40.54
CA ALA G 222 6.77 -47.94 -39.52
C ALA G 222 5.44 -47.27 -39.25
N PRO G 223 4.93 -47.34 -37.99
CA PRO G 223 3.63 -46.71 -37.68
C PRO G 223 3.68 -45.18 -37.84
N GLY G 224 2.89 -44.68 -38.77
CA GLY G 224 2.84 -43.28 -39.13
C GLY G 224 2.91 -43.10 -40.62
N MET G 225 3.32 -44.17 -41.35
CA MET G 225 3.37 -44.16 -42.81
C MET G 225 2.00 -43.79 -43.38
N ASN G 226 0.91 -44.32 -42.79
CA ASN G 226 -0.46 -43.99 -43.20
C ASN G 226 -0.78 -42.51 -42.96
N ALA G 227 -0.40 -41.95 -41.78
CA ALA G 227 -0.57 -40.52 -41.46
C ALA G 227 0.18 -39.66 -42.48
N ALA G 228 1.40 -40.11 -42.90
CA ALA G 228 2.24 -39.45 -43.91
C ALA G 228 1.52 -39.45 -45.27
N VAL G 229 0.97 -40.61 -45.68
CA VAL G 229 0.24 -40.77 -46.94
C VAL G 229 -1.00 -39.86 -46.98
N ARG G 230 -1.73 -39.79 -45.85
CA ARG G 230 -2.94 -38.96 -45.69
C ARG G 230 -2.60 -37.47 -45.82
N ALA G 231 -1.48 -37.03 -45.21
CA ALA G 231 -1.02 -35.64 -45.27
C ALA G 231 -0.52 -35.27 -46.67
N VAL G 232 0.22 -36.20 -47.33
CA VAL G 232 0.72 -35.96 -48.69
C VAL G 232 -0.45 -35.83 -49.67
N THR G 233 -1.37 -36.79 -49.65
CA THR G 233 -2.57 -36.82 -50.50
C THR G 233 -3.42 -35.54 -50.34
N ARG G 234 -3.97 -35.34 -49.14
CA ARG G 234 -4.85 -34.22 -48.86
C ARG G 234 -4.23 -32.82 -49.10
N ALA G 235 -2.94 -32.64 -48.78
CA ALA G 235 -2.22 -31.38 -49.03
C ALA G 235 -2.04 -31.18 -50.54
N GLY G 236 -1.71 -32.24 -51.26
CA GLY G 236 -1.56 -32.24 -52.71
C GLY G 236 -2.82 -31.80 -53.43
N ILE G 237 -3.97 -32.34 -53.01
CA ILE G 237 -5.28 -32.01 -53.54
C ILE G 237 -5.59 -30.51 -53.30
N PHE G 238 -5.41 -30.07 -52.03
CA PHE G 238 -5.61 -28.69 -51.58
C PHE G 238 -4.82 -27.69 -52.40
N TYR G 239 -3.55 -28.04 -52.71
CA TYR G 239 -2.68 -27.17 -53.48
C TYR G 239 -2.91 -27.26 -54.99
N GLY G 240 -3.94 -28.00 -55.37
CA GLY G 240 -4.38 -28.15 -56.75
C GLY G 240 -3.62 -29.14 -57.59
N CYS G 241 -3.26 -30.29 -56.98
CA CYS G 241 -2.56 -31.36 -57.67
C CYS G 241 -3.44 -32.59 -57.64
N LYS G 242 -3.03 -33.60 -58.39
CA LYS G 242 -3.67 -34.91 -58.40
C LYS G 242 -2.62 -35.85 -57.77
N VAL G 243 -3.00 -36.53 -56.65
CA VAL G 243 -2.06 -37.42 -55.96
C VAL G 243 -2.24 -38.85 -56.42
N TYR G 244 -1.15 -39.46 -56.93
CA TYR G 244 -1.15 -40.84 -57.40
C TYR G 244 -0.39 -41.76 -56.44
N ALA G 245 -1.03 -42.85 -56.00
CA ALA G 245 -0.39 -43.85 -55.16
C ALA G 245 0.37 -44.81 -56.05
N CYS G 246 1.58 -45.16 -55.62
CA CYS G 246 2.40 -46.13 -56.32
C CYS G 246 2.51 -47.31 -55.36
N TYR G 247 1.70 -48.35 -55.62
CA TYR G 247 1.55 -49.53 -54.78
C TYR G 247 2.76 -50.46 -54.70
N GLU G 248 2.95 -51.08 -53.52
CA GLU G 248 4.03 -52.01 -53.20
C GLU G 248 5.43 -51.45 -53.52
N GLY G 249 5.81 -50.39 -52.80
CA GLY G 249 7.10 -49.70 -52.92
C GLY G 249 7.58 -49.42 -54.32
N TYR G 250 8.89 -49.62 -54.56
CA TYR G 250 9.49 -49.42 -55.88
C TYR G 250 9.01 -50.39 -56.96
N THR G 251 8.50 -51.59 -56.56
CA THR G 251 7.99 -52.62 -57.49
C THR G 251 6.85 -52.08 -58.34
N GLY G 252 5.97 -51.30 -57.71
CA GLY G 252 4.84 -50.66 -58.37
C GLY G 252 5.29 -49.54 -59.28
N LEU G 253 6.45 -48.91 -58.98
CA LEU G 253 7.03 -47.86 -59.81
C LEU G 253 7.73 -48.48 -61.01
N VAL G 254 8.30 -49.69 -60.84
CA VAL G 254 8.98 -50.39 -61.93
C VAL G 254 7.95 -51.05 -62.88
N LYS G 255 6.92 -51.73 -62.32
CA LYS G 255 5.85 -52.34 -63.13
C LYS G 255 4.62 -51.42 -63.27
N GLY G 256 4.88 -50.13 -63.12
CA GLY G 256 3.92 -49.04 -63.16
C GLY G 256 2.92 -49.06 -64.30
N GLY G 257 1.70 -49.51 -63.99
CA GLY G 257 0.58 -49.55 -64.91
C GLY G 257 -0.69 -49.35 -64.12
N ASP G 258 -1.26 -50.44 -63.67
CA ASP G 258 -2.42 -50.46 -62.79
C ASP G 258 -1.89 -50.27 -61.36
N MET G 259 -0.55 -50.32 -61.19
CA MET G 259 0.19 -50.14 -59.94
C MET G 259 0.26 -48.66 -59.55
N LEU G 260 -0.05 -47.77 -60.52
CA LEU G 260 -0.13 -46.33 -60.34
C LEU G 260 -1.60 -45.97 -60.39
N LYS G 261 -2.21 -45.70 -59.22
CA LYS G 261 -3.62 -45.37 -59.12
C LYS G 261 -3.78 -44.06 -58.36
N GLU G 262 -4.74 -43.22 -58.78
CA GLU G 262 -4.99 -41.94 -58.11
C GLU G 262 -5.62 -42.16 -56.72
N LEU G 263 -5.35 -41.21 -55.81
CA LEU G 263 -5.91 -41.20 -54.47
C LEU G 263 -6.81 -39.99 -54.37
N GLN G 264 -8.02 -40.20 -53.80
CA GLN G 264 -9.02 -39.15 -53.56
C GLN G 264 -9.00 -38.70 -52.09
N TRP G 265 -9.45 -37.49 -51.85
CA TRP G 265 -9.52 -36.90 -50.52
C TRP G 265 -10.17 -37.84 -49.44
N GLN G 266 -11.13 -38.68 -49.87
CA GLN G 266 -11.87 -39.63 -49.04
C GLN G 266 -11.11 -40.97 -48.84
N ASP G 267 -10.21 -41.32 -49.78
CA ASP G 267 -9.43 -42.56 -49.76
C ASP G 267 -8.51 -42.65 -48.54
N VAL G 268 -8.00 -41.51 -48.10
CA VAL G 268 -7.10 -41.43 -46.95
C VAL G 268 -7.83 -41.15 -45.61
N ARG G 269 -9.16 -41.41 -45.55
CA ARG G 269 -9.94 -41.24 -44.32
C ARG G 269 -9.38 -42.14 -43.22
N GLY G 270 -9.35 -41.60 -42.00
CA GLY G 270 -8.93 -42.26 -40.76
C GLY G 270 -7.58 -42.91 -40.71
N LEU G 271 -6.66 -42.57 -41.65
CA LEU G 271 -5.31 -43.13 -41.72
C LEU G 271 -4.39 -42.71 -40.57
N LEU G 272 -4.78 -41.67 -39.82
CA LEU G 272 -3.94 -41.22 -38.71
C LEU G 272 -3.95 -42.12 -37.47
N SER G 273 -4.91 -43.07 -37.42
CA SER G 273 -5.04 -44.06 -36.35
C SER G 273 -4.83 -45.52 -36.90
N ILE G 274 -4.26 -45.65 -38.12
CA ILE G 274 -4.02 -46.94 -38.77
C ILE G 274 -2.60 -47.52 -38.66
N GLY G 275 -1.79 -47.38 -39.72
CA GLY G 275 -0.47 -48.00 -39.79
C GLY G 275 -0.57 -49.49 -40.07
N GLY G 276 0.34 -50.10 -40.85
CA GLY G 276 1.49 -49.51 -41.53
C GLY G 276 1.14 -48.67 -42.72
N THR G 277 1.01 -49.28 -43.91
CA THR G 277 0.69 -48.53 -45.14
C THR G 277 -0.41 -49.13 -45.99
N ILE G 278 -1.33 -48.29 -46.48
CA ILE G 278 -2.45 -48.73 -47.34
C ILE G 278 -2.04 -48.84 -48.82
N ILE G 279 -0.92 -48.18 -49.16
CA ILE G 279 -0.26 -48.18 -50.46
C ILE G 279 0.52 -49.51 -50.58
N GLY G 280 0.91 -50.05 -49.43
CA GLY G 280 1.68 -51.28 -49.37
C GLY G 280 3.14 -51.01 -49.58
N THR G 281 3.99 -51.87 -48.97
CA THR G 281 5.44 -51.76 -49.06
C THR G 281 6.10 -52.96 -49.72
N ALA G 282 7.37 -52.79 -50.13
CA ALA G 282 8.17 -53.81 -50.80
C ALA G 282 9.65 -53.54 -50.63
N ARG G 283 10.46 -54.62 -50.61
CA ARG G 283 11.92 -54.55 -50.49
C ARG G 283 12.58 -54.02 -51.78
N CYS G 284 13.64 -53.19 -51.62
CA CYS G 284 14.42 -52.60 -52.72
C CYS G 284 15.17 -53.77 -53.37
N LYS G 285 14.74 -54.18 -54.59
CA LYS G 285 15.34 -55.34 -55.24
C LYS G 285 15.61 -55.16 -56.71
N GLU G 286 14.59 -54.78 -57.49
CA GLU G 286 14.75 -54.58 -58.94
C GLU G 286 15.29 -53.15 -59.19
N PHE G 287 15.06 -52.24 -58.19
CA PHE G 287 15.47 -50.84 -58.17
C PHE G 287 16.94 -50.72 -57.75
N ARG G 288 17.60 -51.87 -57.54
CA ARG G 288 19.02 -52.01 -57.22
C ARG G 288 19.81 -52.06 -58.55
N GLU G 289 19.10 -52.38 -59.66
CA GLU G 289 19.64 -52.47 -61.03
C GLU G 289 19.20 -51.28 -61.89
N ARG G 290 20.14 -50.74 -62.71
CA ARG G 290 19.92 -49.57 -63.59
C ARG G 290 18.74 -49.68 -64.56
N TRP G 291 18.56 -50.87 -65.16
CA TRP G 291 17.47 -51.10 -66.10
C TRP G 291 16.10 -51.12 -65.44
N GLY G 292 16.12 -51.30 -64.11
CA GLY G 292 14.94 -51.28 -63.25
C GLY G 292 14.57 -49.83 -62.95
N ARG G 293 15.59 -48.99 -62.69
CA ARG G 293 15.44 -47.56 -62.43
C ARG G 293 15.02 -46.83 -63.71
N LEU G 294 15.49 -47.31 -64.90
CA LEU G 294 15.17 -46.78 -66.22
C LEU G 294 13.67 -46.98 -66.46
N GLN G 295 13.14 -48.18 -66.16
CA GLN G 295 11.74 -48.53 -66.32
C GLN G 295 10.86 -47.70 -65.38
N ALA G 296 11.33 -47.50 -64.13
CA ALA G 296 10.66 -46.67 -63.11
C ALA G 296 10.56 -45.23 -63.63
N CYS G 297 11.59 -44.77 -64.35
CA CYS G 297 11.60 -43.46 -64.96
C CYS G 297 10.58 -43.39 -66.09
N TYR G 298 10.60 -44.34 -67.03
CA TYR G 298 9.65 -44.39 -68.14
C TYR G 298 8.22 -44.23 -67.65
N ASN G 299 7.82 -45.07 -66.67
CA ASN G 299 6.50 -45.08 -66.07
C ASN G 299 6.08 -43.72 -65.55
N MET G 300 7.03 -42.98 -64.95
CA MET G 300 6.74 -41.64 -64.43
C MET G 300 6.43 -40.69 -65.57
N VAL G 301 7.32 -40.62 -66.58
CA VAL G 301 7.16 -39.77 -67.76
C VAL G 301 5.86 -40.12 -68.51
N SER G 302 5.63 -41.42 -68.81
CA SER G 302 4.45 -41.96 -69.51
C SER G 302 3.15 -41.61 -68.82
N ASN G 303 3.10 -41.77 -67.47
CA ASN G 303 1.91 -41.48 -66.67
C ASN G 303 1.84 -40.01 -66.28
N GLY G 304 2.72 -39.20 -66.84
CA GLY G 304 2.78 -37.76 -66.60
C GLY G 304 3.10 -37.38 -65.17
N ILE G 305 3.80 -38.26 -64.44
CA ILE G 305 4.22 -38.03 -63.06
C ILE G 305 5.43 -37.12 -63.09
N ASP G 306 5.29 -35.95 -62.46
CA ASP G 306 6.30 -34.90 -62.42
C ASP G 306 7.02 -34.80 -61.06
N ALA G 307 6.44 -35.43 -60.03
CA ALA G 307 6.99 -35.42 -58.68
C ALA G 307 6.86 -36.76 -57.99
N LEU G 308 7.86 -37.09 -57.17
CA LEU G 308 7.89 -38.33 -56.39
C LEU G 308 8.18 -38.06 -54.93
N VAL G 309 7.39 -38.70 -54.06
CA VAL G 309 7.57 -38.61 -52.62
C VAL G 309 7.80 -40.03 -52.10
N VAL G 310 9.00 -40.27 -51.59
CA VAL G 310 9.46 -41.54 -51.08
C VAL G 310 9.47 -41.53 -49.55
N CYS G 311 8.58 -42.34 -48.93
CA CYS G 311 8.54 -42.45 -47.48
C CYS G 311 9.11 -43.81 -47.14
N GLY G 312 10.35 -43.82 -46.68
CA GLY G 312 11.01 -45.07 -46.33
C GLY G 312 12.21 -44.89 -45.44
N GLY G 313 12.89 -46.00 -45.19
CA GLY G 313 14.10 -46.07 -44.39
C GLY G 313 15.35 -45.80 -45.20
N ASP G 314 16.53 -46.10 -44.62
CA ASP G 314 17.87 -45.89 -45.18
C ASP G 314 18.02 -46.40 -46.60
N GLY G 315 17.65 -47.65 -46.80
CA GLY G 315 17.72 -48.33 -48.09
C GLY G 315 16.85 -47.68 -49.16
N SER G 316 15.63 -47.30 -48.78
CA SER G 316 14.68 -46.68 -49.70
C SER G 316 15.16 -45.30 -50.13
N LEU G 317 15.80 -44.56 -49.21
CA LEU G 317 16.29 -43.21 -49.48
C LEU G 317 17.61 -43.19 -50.25
N THR G 318 18.43 -44.26 -50.07
CA THR G 318 19.68 -44.46 -50.79
C THR G 318 19.29 -44.67 -52.27
N GLY G 319 18.18 -45.38 -52.49
CA GLY G 319 17.60 -45.64 -53.79
C GLY G 319 17.05 -44.37 -54.44
N ALA G 320 16.31 -43.57 -53.65
CA ALA G 320 15.73 -42.30 -54.10
C ALA G 320 16.84 -41.32 -54.53
N ASP G 321 17.92 -41.29 -53.74
CA ASP G 321 19.12 -40.48 -53.99
C ASP G 321 19.82 -40.93 -55.28
N LEU G 322 19.91 -42.27 -55.51
CA LEU G 322 20.55 -42.80 -56.70
C LEU G 322 19.71 -42.57 -57.96
N PHE G 323 18.37 -42.58 -57.80
CA PHE G 323 17.41 -42.32 -58.87
C PHE G 323 17.52 -40.88 -59.30
N ARG G 324 17.70 -39.94 -58.34
CA ARG G 324 17.85 -38.53 -58.71
C ARG G 324 19.17 -38.21 -59.37
N LYS G 325 20.26 -38.91 -58.95
CA LYS G 325 21.58 -38.76 -59.56
C LYS G 325 21.55 -39.28 -61.03
N GLU G 326 20.89 -40.43 -61.26
CA GLU G 326 20.76 -41.08 -62.57
C GLU G 326 19.61 -40.59 -63.47
N TRP G 327 18.76 -39.69 -62.96
CA TRP G 327 17.64 -39.13 -63.72
C TRP G 327 18.07 -38.30 -64.95
N PRO G 328 19.07 -37.35 -64.86
CA PRO G 328 19.47 -36.60 -66.06
C PRO G 328 19.81 -37.48 -67.26
N GLU G 329 19.89 -38.81 -67.04
CA GLU G 329 20.14 -39.81 -68.06
C GLU G 329 18.80 -40.39 -68.54
N LEU G 330 18.33 -39.83 -69.66
CA LEU G 330 17.09 -40.18 -70.36
C LEU G 330 17.39 -40.65 -71.79
N ILE G 331 17.22 -41.96 -71.98
CA ILE G 331 17.43 -42.65 -73.23
C ILE G 331 16.17 -42.43 -74.11
N LYS G 332 16.41 -42.26 -75.43
CA LYS G 332 15.36 -41.99 -76.43
C LYS G 332 15.32 -42.99 -77.61
N GLU G 333 14.09 -43.42 -77.93
CA GLU G 333 13.72 -44.42 -78.94
C GLU G 333 13.07 -43.78 -80.17
N LYS G 342 10.46 -36.42 -78.06
CA LYS G 342 9.11 -36.28 -77.53
C LYS G 342 9.05 -35.15 -76.54
N GLU G 343 7.95 -34.35 -76.59
CA GLU G 343 7.67 -33.20 -75.69
C GLU G 343 7.79 -33.63 -74.23
N GLN G 344 7.56 -34.93 -73.99
CA GLN G 344 7.68 -35.65 -72.72
C GLN G 344 9.04 -35.35 -72.07
N TYR G 345 10.12 -35.33 -72.90
CA TYR G 345 11.49 -35.05 -72.46
C TYR G 345 11.65 -33.67 -71.81
N GLU G 346 11.25 -32.60 -72.52
CA GLU G 346 11.38 -31.22 -72.02
C GLU G 346 10.49 -31.00 -70.82
N THR G 347 9.30 -31.63 -70.83
CA THR G 347 8.33 -31.54 -69.77
C THR G 347 8.94 -32.18 -68.50
N HIS G 348 9.20 -33.50 -68.55
CA HIS G 348 9.74 -34.25 -67.41
C HIS G 348 11.27 -34.41 -67.41
N ARG G 349 11.98 -33.30 -67.67
CA ARG G 349 13.44 -33.22 -67.73
C ARG G 349 14.07 -33.05 -66.35
N ASN G 350 13.37 -32.35 -65.44
CA ASN G 350 13.88 -32.09 -64.10
C ASN G 350 13.04 -32.81 -63.05
N LEU G 351 13.65 -33.86 -62.43
CA LEU G 351 12.99 -34.66 -61.40
C LEU G 351 12.78 -33.86 -60.15
N THR G 352 11.55 -33.92 -59.63
CA THR G 352 11.21 -33.29 -58.38
C THR G 352 11.03 -34.46 -57.41
N ILE G 353 11.98 -34.66 -56.52
CA ILE G 353 11.93 -35.76 -55.55
C ILE G 353 12.13 -35.29 -54.11
N VAL G 354 11.21 -35.69 -53.23
CA VAL G 354 11.25 -35.36 -51.80
C VAL G 354 11.25 -36.66 -50.99
N GLY G 355 12.01 -36.70 -49.91
CA GLY G 355 12.09 -37.88 -49.06
C GLY G 355 11.58 -37.71 -47.64
N LEU G 356 10.75 -38.66 -47.17
CA LEU G 356 10.25 -38.69 -45.78
C LEU G 356 10.88 -39.90 -45.10
N VAL G 357 11.32 -39.76 -43.85
CA VAL G 357 11.94 -40.93 -43.22
C VAL G 357 10.92 -41.73 -42.41
N GLY G 358 10.46 -42.82 -43.02
CA GLY G 358 9.58 -43.78 -42.38
C GLY G 358 10.47 -44.92 -41.91
N SER G 359 10.91 -44.85 -40.65
CA SER G 359 11.83 -45.84 -40.07
C SER G 359 11.72 -46.01 -38.54
N ILE G 360 11.54 -47.25 -38.07
CA ILE G 360 11.49 -47.56 -36.63
C ILE G 360 12.90 -47.43 -36.01
N ASP G 361 13.94 -47.68 -36.83
CA ASP G 361 15.39 -47.68 -36.55
C ASP G 361 15.89 -46.43 -35.82
N ASN G 362 15.54 -45.25 -36.40
CA ASN G 362 15.98 -43.89 -36.12
C ASN G 362 17.47 -43.73 -36.52
N ASP G 363 17.87 -44.44 -37.60
CA ASP G 363 19.24 -44.43 -38.13
C ASP G 363 19.60 -43.18 -38.95
N MET G 364 18.67 -42.72 -39.81
CA MET G 364 18.88 -41.54 -40.67
C MET G 364 19.46 -40.30 -39.98
N CYS G 365 20.51 -39.76 -40.62
CA CYS G 365 21.23 -38.56 -40.23
C CYS G 365 20.46 -37.29 -40.61
N GLY G 366 20.70 -36.23 -39.86
CA GLY G 366 20.09 -34.93 -40.12
C GLY G 366 18.74 -34.72 -39.49
N THR G 367 18.08 -35.80 -39.06
CA THR G 367 16.79 -35.70 -38.40
C THR G 367 16.91 -36.22 -36.99
N ASP G 368 16.30 -35.52 -36.04
CA ASP G 368 16.36 -35.90 -34.64
C ASP G 368 15.55 -37.14 -34.36
N SER G 369 14.49 -37.37 -35.15
CA SER G 369 13.63 -38.56 -35.06
C SER G 369 12.95 -38.86 -36.39
N THR G 370 12.80 -40.15 -36.69
CA THR G 370 12.17 -40.66 -37.91
C THR G 370 10.74 -41.13 -37.62
N ILE G 371 9.85 -41.12 -38.65
CA ILE G 371 8.46 -41.57 -38.49
C ILE G 371 8.41 -43.05 -38.18
N GLY G 372 7.86 -43.38 -37.03
CA GLY G 372 7.74 -44.76 -36.56
C GLY G 372 8.59 -45.08 -35.35
N ALA G 373 9.74 -44.38 -35.20
CA ALA G 373 10.72 -44.59 -34.10
C ALA G 373 10.10 -44.52 -32.70
N TYR G 374 9.38 -43.44 -32.35
CA TYR G 374 8.76 -43.36 -31.02
C TYR G 374 7.67 -44.41 -30.82
N SER G 375 6.88 -44.70 -31.88
CA SER G 375 5.79 -45.69 -31.82
C SER G 375 6.39 -47.06 -31.54
N SER G 376 7.49 -47.42 -32.22
CA SER G 376 8.18 -48.69 -32.03
C SER G 376 8.68 -48.78 -30.59
N LEU G 377 9.26 -47.67 -30.08
CA LEU G 377 9.75 -47.52 -28.70
C LEU G 377 8.62 -47.77 -27.69
N GLU G 378 7.42 -47.26 -28.02
CA GLU G 378 6.23 -47.45 -27.22
C GLU G 378 5.87 -48.94 -27.11
N ARG G 379 5.97 -49.70 -28.22
CA ARG G 379 5.66 -51.14 -28.24
C ARG G 379 6.59 -51.91 -27.29
N ILE G 380 7.91 -51.56 -27.27
CA ILE G 380 8.95 -52.15 -26.39
C ILE G 380 8.52 -51.91 -24.96
N ILE G 381 8.27 -50.62 -24.60
CA ILE G 381 7.84 -50.15 -23.29
C ILE G 381 6.56 -50.86 -22.84
N GLU G 382 5.59 -51.01 -23.75
CA GLU G 382 4.32 -51.72 -23.53
C GLU G 382 4.61 -53.11 -22.91
N LEU G 383 5.57 -53.85 -23.51
CA LEU G 383 5.96 -55.20 -23.11
C LEU G 383 6.77 -55.25 -21.82
N VAL G 384 7.80 -54.41 -21.73
CA VAL G 384 8.65 -54.35 -20.53
C VAL G 384 7.83 -53.92 -19.32
N ASP G 385 6.76 -53.13 -19.55
CA ASP G 385 5.88 -52.67 -18.49
C ASP G 385 5.17 -53.84 -17.84
N TYR G 386 4.79 -54.88 -18.63
CA TYR G 386 4.14 -56.08 -18.12
C TYR G 386 5.12 -56.85 -17.26
N ILE G 387 6.33 -57.08 -17.80
CA ILE G 387 7.44 -57.73 -17.09
C ILE G 387 7.63 -57.08 -15.70
N ASP G 388 7.72 -55.73 -15.67
CA ASP G 388 7.90 -54.97 -14.44
C ASP G 388 6.68 -55.03 -13.52
N ALA G 389 5.48 -55.15 -14.08
CA ALA G 389 4.25 -55.18 -13.29
C ALA G 389 3.87 -56.51 -12.61
N THR G 390 4.78 -57.04 -11.83
CA THR G 390 4.64 -58.24 -11.01
C THR G 390 5.37 -57.91 -9.72
N ALA G 391 4.93 -58.46 -8.58
CA ALA G 391 5.65 -58.23 -7.34
C ALA G 391 6.92 -59.05 -7.43
N ALA G 392 8.07 -58.40 -7.21
CA ALA G 392 9.43 -58.93 -7.32
C ALA G 392 9.66 -60.25 -6.62
N SER G 393 10.50 -61.11 -7.26
CA SER G 393 10.92 -62.43 -6.78
C SER G 393 12.40 -62.37 -6.47
N HIS G 394 12.88 -63.24 -5.55
CA HIS G 394 14.26 -63.20 -5.06
C HIS G 394 15.45 -63.34 -6.01
N SER G 395 15.35 -64.18 -7.06
CA SER G 395 16.48 -64.36 -7.99
C SER G 395 16.05 -64.47 -9.45
N ARG G 396 15.39 -63.40 -9.94
CA ARG G 396 14.86 -63.31 -11.30
C ARG G 396 15.58 -62.30 -12.17
N ALA G 397 15.64 -62.61 -13.50
CA ALA G 397 16.26 -61.80 -14.56
C ALA G 397 15.42 -61.84 -15.86
N PHE G 398 15.44 -60.75 -16.64
CA PHE G 398 14.68 -60.64 -17.88
C PHE G 398 15.50 -60.05 -19.03
N VAL G 399 15.47 -60.70 -20.21
CA VAL G 399 16.19 -60.25 -21.41
C VAL G 399 15.18 -59.84 -22.48
N VAL G 400 15.30 -58.59 -22.97
CA VAL G 400 14.41 -58.06 -23.99
C VAL G 400 15.15 -57.86 -25.32
N GLU G 401 14.86 -58.74 -26.30
CA GLU G 401 15.43 -58.67 -27.64
C GLU G 401 14.55 -57.68 -28.42
N VAL G 402 15.10 -56.50 -28.64
CA VAL G 402 14.52 -55.35 -29.29
C VAL G 402 15.01 -55.31 -30.77
N MET G 403 14.15 -54.82 -31.68
CA MET G 403 14.50 -54.68 -33.11
C MET G 403 15.20 -53.34 -33.42
N GLY G 404 15.74 -53.21 -34.62
CA GLY G 404 16.48 -52.02 -35.06
C GLY G 404 17.85 -52.46 -35.48
N ARG G 405 17.99 -52.79 -36.77
CA ARG G 405 19.19 -53.35 -37.38
C ARG G 405 20.43 -52.44 -37.43
N HIS G 406 20.26 -51.14 -37.74
CA HIS G 406 21.37 -50.22 -37.96
C HIS G 406 21.70 -49.17 -36.92
N CYS G 407 20.85 -49.00 -35.91
CA CYS G 407 21.04 -47.95 -34.90
C CYS G 407 20.63 -48.38 -33.49
N GLY G 408 21.44 -48.01 -32.50
CA GLY G 408 21.22 -48.32 -31.10
C GLY G 408 20.26 -47.42 -30.34
N TRP G 409 19.57 -46.53 -31.06
CA TRP G 409 18.63 -45.58 -30.48
C TRP G 409 17.52 -46.27 -29.71
N LEU G 410 16.86 -47.29 -30.30
CA LEU G 410 15.77 -48.00 -29.62
C LEU G 410 16.25 -48.67 -28.36
N GLY G 411 17.41 -49.34 -28.45
CA GLY G 411 18.04 -50.02 -27.32
C GLY G 411 18.33 -49.09 -26.17
N LEU G 412 18.94 -47.94 -26.50
CA LEU G 412 19.28 -46.84 -25.58
C LEU G 412 18.05 -46.30 -24.88
N MET G 413 17.09 -45.80 -25.68
CA MET G 413 15.87 -45.17 -25.19
C MET G 413 15.06 -46.11 -24.32
N SER G 414 15.02 -47.39 -24.68
CA SER G 414 14.36 -48.44 -23.91
C SER G 414 15.08 -48.56 -22.57
N GLY G 415 16.40 -48.47 -22.60
CA GLY G 415 17.24 -48.54 -21.40
C GLY G 415 16.83 -47.48 -20.41
N ILE G 416 16.79 -46.22 -20.87
CA ILE G 416 16.35 -45.08 -20.06
C ILE G 416 14.90 -45.32 -19.61
N ALA G 417 13.95 -45.36 -20.58
CA ALA G 417 12.53 -45.56 -20.34
C ALA G 417 12.15 -46.70 -19.39
N THR G 418 12.95 -47.80 -19.34
CA THR G 418 12.66 -48.96 -18.47
C THR G 418 13.57 -49.14 -17.23
N GLY G 419 14.62 -48.31 -17.11
CA GLY G 419 15.60 -48.42 -16.04
C GLY G 419 16.36 -49.73 -16.12
N ALA G 420 16.80 -50.11 -17.35
CA ALA G 420 17.54 -51.35 -17.61
C ALA G 420 18.89 -51.36 -16.92
N ASP G 421 19.38 -52.54 -16.51
CA ASP G 421 20.69 -52.68 -15.86
C ASP G 421 21.81 -52.48 -16.86
N TYR G 422 21.69 -53.17 -18.01
CA TYR G 422 22.66 -53.19 -19.09
C TYR G 422 21.92 -53.14 -20.42
N ILE G 423 22.57 -52.56 -21.46
CA ILE G 423 22.07 -52.49 -22.84
C ILE G 423 23.14 -52.87 -23.83
N PHE G 424 22.74 -53.39 -25.00
CA PHE G 424 23.67 -53.76 -26.06
C PHE G 424 23.36 -52.93 -27.30
N ILE G 425 24.29 -52.03 -27.69
CA ILE G 425 24.13 -51.16 -28.86
C ILE G 425 25.34 -51.23 -29.82
N PRO G 426 25.12 -51.24 -31.16
CA PRO G 426 26.27 -51.32 -32.09
C PRO G 426 27.28 -50.18 -32.02
N GLU G 427 26.85 -49.00 -31.59
CA GLU G 427 27.68 -47.79 -31.47
C GLU G 427 28.74 -47.89 -30.38
N ARG G 428 28.43 -48.49 -29.22
CA ARG G 428 29.46 -48.71 -28.19
C ARG G 428 29.50 -50.18 -27.69
N PRO G 429 30.05 -51.10 -28.51
CA PRO G 429 30.05 -52.52 -28.15
C PRO G 429 31.05 -52.90 -27.08
N PRO G 430 30.78 -53.93 -26.26
CA PRO G 430 31.75 -54.31 -25.22
C PRO G 430 32.87 -55.18 -25.76
N SER G 431 33.92 -55.41 -24.96
CA SER G 431 35.04 -56.25 -25.36
C SER G 431 34.58 -57.68 -25.57
N GLU G 432 35.19 -58.40 -26.54
CA GLU G 432 34.83 -59.80 -26.73
C GLU G 432 35.33 -60.59 -25.51
N SER G 433 36.49 -60.16 -24.97
CA SER G 433 37.19 -60.72 -23.82
C SER G 433 36.42 -60.69 -22.50
N ASN G 434 35.82 -59.55 -22.10
CA ASN G 434 35.14 -59.49 -20.79
C ASN G 434 33.74 -58.85 -20.72
N TRP G 435 32.89 -59.00 -21.76
CA TRP G 435 31.54 -58.44 -21.70
C TRP G 435 30.66 -59.17 -20.72
N LYS G 436 30.84 -60.50 -20.65
CA LYS G 436 30.09 -61.38 -19.76
C LYS G 436 30.42 -61.04 -18.32
N ASP G 437 31.72 -60.82 -18.02
CA ASP G 437 32.17 -60.47 -16.68
C ASP G 437 31.76 -59.05 -16.25
N ASP G 438 31.64 -58.12 -17.23
CA ASP G 438 31.19 -56.77 -16.94
C ASP G 438 29.68 -56.77 -16.72
N LEU G 439 28.92 -57.61 -17.46
CA LEU G 439 27.47 -57.78 -17.35
C LEU G 439 27.19 -58.21 -15.91
N LYS G 440 27.89 -59.27 -15.45
CA LYS G 440 27.78 -59.84 -14.12
C LYS G 440 27.99 -58.77 -13.05
N LYS G 441 29.10 -57.99 -13.16
CA LYS G 441 29.46 -56.91 -12.24
C LYS G 441 28.29 -55.94 -12.03
N VAL G 442 27.88 -55.25 -13.12
CA VAL G 442 26.79 -54.24 -13.20
C VAL G 442 25.52 -54.75 -12.52
N CYS G 443 25.05 -55.95 -12.90
CA CYS G 443 23.84 -56.57 -12.40
C CYS G 443 23.86 -56.83 -10.93
N LEU G 444 24.91 -57.54 -10.46
CA LEU G 444 25.09 -57.88 -9.05
C LEU G 444 25.27 -56.67 -8.17
N ARG G 445 25.85 -55.56 -8.72
CA ARG G 445 26.03 -54.29 -8.03
C ARG G 445 24.66 -53.71 -7.68
N HIS G 446 23.73 -53.70 -8.67
CA HIS G 446 22.37 -53.20 -8.51
C HIS G 446 21.59 -54.12 -7.59
N ARG G 447 21.75 -55.44 -7.76
CA ARG G 447 21.10 -56.46 -6.92
C ARG G 447 21.47 -56.28 -5.45
N GLU G 448 22.74 -55.89 -5.20
CA GLU G 448 23.30 -55.58 -3.88
C GLU G 448 22.57 -54.37 -3.29
N LYS G 449 22.35 -53.33 -4.11
CA LYS G 449 21.67 -52.10 -3.71
C LYS G 449 20.13 -52.23 -3.54
N GLY G 450 19.57 -53.41 -3.81
CA GLY G 450 18.14 -53.67 -3.65
C GLY G 450 17.33 -54.15 -4.84
N ARG G 451 17.87 -53.97 -6.07
CA ARG G 451 17.21 -54.36 -7.31
C ARG G 451 16.92 -55.86 -7.38
N ARG G 452 15.64 -56.23 -7.65
CA ARG G 452 15.19 -57.63 -7.77
C ARG G 452 14.63 -57.93 -9.16
N LYS G 453 14.52 -56.88 -10.01
CA LYS G 453 13.97 -56.90 -11.39
C LYS G 453 15.06 -56.57 -12.44
N THR G 454 16.12 -57.43 -12.46
CA THR G 454 17.27 -57.32 -13.37
C THR G 454 16.78 -57.44 -14.83
N THR G 455 16.96 -56.35 -15.59
CA THR G 455 16.53 -56.25 -16.99
C THR G 455 17.70 -55.86 -17.90
N VAL G 456 17.89 -56.64 -18.97
CA VAL G 456 18.93 -56.40 -19.97
C VAL G 456 18.22 -56.21 -21.32
N ILE G 457 18.70 -55.26 -22.13
CA ILE G 457 18.12 -54.98 -23.43
C ILE G 457 19.13 -55.24 -24.54
N VAL G 458 18.78 -56.17 -25.44
CA VAL G 458 19.63 -56.58 -26.57
C VAL G 458 19.04 -56.09 -27.88
N ALA G 459 19.79 -55.22 -28.59
CA ALA G 459 19.38 -54.68 -29.89
C ALA G 459 19.51 -55.75 -30.99
N GLU G 460 18.78 -55.56 -32.10
CA GLU G 460 18.80 -56.46 -33.26
C GLU G 460 20.25 -56.59 -33.80
N GLY G 461 20.97 -55.47 -33.86
CA GLY G 461 22.34 -55.42 -34.34
C GLY G 461 23.45 -55.51 -33.28
N ALA G 462 23.11 -55.95 -32.05
CA ALA G 462 24.04 -56.08 -30.92
C ALA G 462 25.26 -56.92 -31.29
N ILE G 463 26.44 -56.36 -30.98
CA ILE G 463 27.74 -56.96 -31.28
C ILE G 463 28.75 -56.69 -30.16
N ASP G 464 29.92 -57.34 -30.23
CA ASP G 464 31.07 -57.10 -29.37
C ASP G 464 32.07 -56.30 -30.23
N ASP G 465 33.08 -55.67 -29.61
CA ASP G 465 34.09 -54.87 -30.30
C ASP G 465 34.89 -55.59 -31.43
N GLN G 466 34.73 -56.93 -31.53
CA GLN G 466 35.35 -57.73 -32.59
C GLN G 466 34.32 -58.10 -33.67
N LEU G 467 33.18 -57.34 -33.73
CA LEU G 467 32.07 -57.47 -34.68
C LEU G 467 31.20 -58.72 -34.53
N ASN G 468 31.51 -59.60 -33.55
CA ASN G 468 30.74 -60.82 -33.29
C ASN G 468 29.37 -60.48 -32.72
N PRO G 469 28.29 -61.05 -33.27
CA PRO G 469 26.96 -60.73 -32.73
C PRO G 469 26.74 -61.28 -31.31
N ILE G 470 25.89 -60.58 -30.54
CA ILE G 470 25.53 -60.97 -29.18
C ILE G 470 24.04 -61.34 -29.19
N THR G 471 23.75 -62.65 -29.12
CA THR G 471 22.36 -63.11 -29.10
C THR G 471 21.80 -62.95 -27.69
N SER G 472 20.46 -62.85 -27.58
CA SER G 472 19.79 -62.74 -26.27
C SER G 472 19.95 -64.04 -25.51
N GLU G 473 20.13 -65.16 -26.24
CA GLU G 473 20.35 -66.47 -25.65
C GLU G 473 21.72 -66.48 -24.95
N GLU G 474 22.74 -65.83 -25.57
CA GLU G 474 24.10 -65.69 -25.03
C GLU G 474 24.01 -64.95 -23.70
N VAL G 475 23.28 -63.82 -23.69
CA VAL G 475 23.04 -62.95 -22.54
C VAL G 475 22.31 -63.70 -21.41
N LYS G 476 21.27 -64.49 -21.77
CA LYS G 476 20.47 -65.31 -20.84
C LYS G 476 21.40 -66.24 -20.05
N ASP G 477 22.27 -66.97 -20.78
CA ASP G 477 23.26 -67.91 -20.24
C ASP G 477 24.19 -67.23 -19.21
N VAL G 478 24.62 -65.96 -19.47
CA VAL G 478 25.48 -65.18 -18.58
C VAL G 478 24.76 -65.00 -17.24
N LEU G 479 23.52 -64.46 -17.29
CA LEU G 479 22.70 -64.16 -16.11
C LEU G 479 22.29 -65.40 -15.34
N VAL G 480 22.11 -66.53 -16.06
CA VAL G 480 21.75 -67.81 -15.45
C VAL G 480 22.90 -68.32 -14.57
N GLU G 481 24.17 -68.15 -15.03
CA GLU G 481 25.35 -68.55 -14.25
C GLU G 481 25.67 -67.61 -13.07
N ILE G 482 24.84 -66.58 -12.88
CA ILE G 482 24.90 -65.64 -11.77
C ILE G 482 23.80 -66.03 -10.73
N GLY G 483 23.10 -67.12 -11.03
CA GLY G 483 22.05 -67.71 -10.21
C GLY G 483 20.68 -67.08 -10.38
N LEU G 484 20.42 -66.49 -11.56
CA LEU G 484 19.17 -65.82 -11.87
C LEU G 484 18.34 -66.58 -12.88
N ASP G 485 17.03 -66.77 -12.58
CA ASP G 485 16.10 -67.41 -13.51
C ASP G 485 15.74 -66.36 -14.59
N THR G 486 16.41 -66.48 -15.76
CA THR G 486 16.30 -65.56 -16.89
C THR G 486 15.26 -65.96 -17.92
N ARG G 487 14.53 -64.94 -18.43
CA ARG G 487 13.46 -65.08 -19.42
C ARG G 487 13.59 -64.14 -20.62
N ILE G 488 13.81 -64.70 -21.82
CA ILE G 488 13.90 -63.89 -23.05
C ILE G 488 12.49 -63.45 -23.50
N THR G 489 12.38 -62.21 -23.98
CA THR G 489 11.16 -61.63 -24.54
C THR G 489 11.59 -60.99 -25.85
N ARG G 490 11.23 -61.63 -26.96
CA ARG G 490 11.53 -61.13 -28.29
C ARG G 490 10.29 -60.37 -28.82
N LEU G 491 10.44 -59.04 -29.03
CA LEU G 491 9.38 -58.15 -29.53
C LEU G 491 8.93 -58.53 -30.93
N GLY G 492 9.87 -58.80 -31.81
CA GLY G 492 9.58 -59.20 -33.19
C GLY G 492 8.78 -58.17 -33.95
N HIS G 493 7.89 -58.64 -34.83
CA HIS G 493 7.05 -57.77 -35.66
C HIS G 493 6.09 -56.85 -34.90
N VAL G 494 5.88 -57.08 -33.58
CA VAL G 494 5.06 -56.24 -32.68
C VAL G 494 5.52 -54.77 -32.76
N GLN G 495 6.85 -54.55 -32.86
CA GLN G 495 7.49 -53.23 -32.97
C GLN G 495 7.20 -52.45 -34.27
N ARG G 496 6.53 -53.04 -35.27
CA ARG G 496 6.25 -52.35 -36.55
C ARG G 496 4.75 -52.08 -36.79
N GLY G 497 3.91 -52.75 -36.00
CA GLY G 497 2.47 -52.64 -36.11
C GLY G 497 1.80 -51.76 -35.09
N GLY G 498 0.54 -51.45 -35.36
CA GLY G 498 -0.30 -50.67 -34.49
C GLY G 498 -0.43 -49.22 -34.90
N ALA G 499 -1.36 -48.50 -34.24
CA ALA G 499 -1.62 -47.09 -34.51
C ALA G 499 -0.39 -46.25 -34.08
N PRO G 500 -0.02 -45.20 -34.86
CA PRO G 500 1.15 -44.39 -34.44
C PRO G 500 0.89 -43.68 -33.12
N CYS G 501 1.96 -43.39 -32.35
CA CYS G 501 1.81 -42.68 -31.09
C CYS G 501 1.49 -41.20 -31.39
N ALA G 502 1.15 -40.45 -30.34
CA ALA G 502 0.80 -39.04 -30.43
C ALA G 502 1.82 -38.24 -31.23
N PHE G 503 3.13 -38.36 -30.88
CA PHE G 503 4.21 -37.66 -31.57
C PHE G 503 4.33 -38.04 -33.06
N ASP G 504 4.30 -39.36 -33.38
CA ASP G 504 4.37 -39.84 -34.77
C ASP G 504 3.22 -39.29 -35.62
N ARG G 505 1.99 -39.28 -35.07
CA ARG G 505 0.82 -38.73 -35.74
C ARG G 505 1.09 -37.26 -36.12
N PHE G 506 1.67 -36.50 -35.17
CA PHE G 506 2.04 -35.11 -35.44
C PHE G 506 3.17 -35.07 -36.49
N LEU G 507 4.28 -35.82 -36.24
CA LEU G 507 5.47 -35.82 -37.07
C LEU G 507 5.21 -36.16 -38.52
N ALA G 508 4.40 -37.19 -38.78
CA ALA G 508 4.10 -37.63 -40.13
C ALA G 508 3.18 -36.67 -40.85
N THR G 509 2.19 -36.13 -40.12
CA THR G 509 1.21 -35.20 -40.70
C THR G 509 1.88 -33.87 -41.13
N VAL G 510 2.69 -33.32 -40.23
CA VAL G 510 3.43 -32.09 -40.42
C VAL G 510 4.54 -32.21 -41.52
N GLN G 511 5.37 -33.27 -41.46
CA GLN G 511 6.41 -33.52 -42.47
C GLN G 511 5.77 -33.82 -43.83
N GLY G 512 4.61 -34.49 -43.81
CA GLY G 512 3.84 -34.82 -45.00
C GLY G 512 3.35 -33.61 -45.74
N VAL G 513 2.84 -32.61 -45.01
CA VAL G 513 2.39 -31.33 -45.57
C VAL G 513 3.58 -30.58 -46.17
N ASP G 514 4.70 -30.53 -45.41
CA ASP G 514 5.91 -29.88 -45.90
C ASP G 514 6.48 -30.56 -47.14
N ALA G 515 6.38 -31.91 -47.24
CA ALA G 515 6.84 -32.66 -48.41
C ALA G 515 6.13 -32.14 -49.67
N VAL G 516 4.78 -31.96 -49.60
CA VAL G 516 3.98 -31.43 -50.69
C VAL G 516 4.43 -30.01 -51.02
N ARG G 517 4.67 -29.17 -49.98
CA ARG G 517 5.15 -27.80 -50.14
C ARG G 517 6.53 -27.80 -50.84
N ALA G 518 7.47 -28.61 -50.33
CA ALA G 518 8.80 -28.79 -50.88
C ALA G 518 8.78 -29.15 -52.38
N VAL G 519 7.74 -29.91 -52.83
CA VAL G 519 7.54 -30.29 -54.23
C VAL G 519 7.22 -29.03 -55.03
N LEU G 520 6.21 -28.27 -54.57
CA LEU G 520 5.75 -27.03 -55.22
C LEU G 520 6.81 -25.95 -55.24
N GLU G 521 7.46 -25.74 -54.08
CA GLU G 521 8.54 -24.77 -53.85
C GLU G 521 9.87 -25.12 -54.59
N SER G 522 9.88 -26.21 -55.39
CA SER G 522 11.07 -26.67 -56.10
C SER G 522 11.37 -26.00 -57.44
N THR G 523 12.65 -26.07 -57.83
CA THR G 523 13.33 -25.62 -59.07
C THR G 523 14.61 -26.44 -59.16
N PRO G 524 15.22 -26.63 -60.36
CA PRO G 524 16.48 -27.42 -60.41
C PRO G 524 17.65 -26.88 -59.58
N ALA G 525 17.63 -25.55 -59.30
CA ALA G 525 18.63 -24.86 -58.49
C ALA G 525 18.52 -25.26 -57.00
N ILE G 526 17.28 -25.43 -56.50
CA ILE G 526 17.07 -25.84 -55.12
C ILE G 526 17.16 -27.39 -54.95
N PRO G 527 18.16 -27.89 -54.19
CA PRO G 527 18.38 -29.35 -54.10
C PRO G 527 17.24 -30.20 -53.52
N SER G 528 17.14 -31.46 -53.99
CA SER G 528 16.17 -32.47 -53.55
C SER G 528 16.32 -32.73 -52.06
N PRO G 529 15.28 -32.47 -51.23
CA PRO G 529 15.44 -32.61 -49.78
C PRO G 529 14.96 -33.91 -49.15
N VAL G 530 15.19 -34.01 -47.85
CA VAL G 530 14.71 -35.04 -46.93
C VAL G 530 13.99 -34.20 -45.86
N ILE G 531 12.68 -34.36 -45.72
CA ILE G 531 11.98 -33.62 -44.68
C ILE G 531 12.40 -34.23 -43.36
N SER G 532 13.10 -33.42 -42.57
CA SER G 532 13.67 -33.79 -41.28
C SER G 532 13.11 -32.92 -40.18
N ILE G 533 13.41 -33.28 -38.93
CA ILE G 533 13.03 -32.54 -37.72
C ILE G 533 14.29 -32.26 -36.94
N LEU G 534 14.49 -31.02 -36.49
CA LEU G 534 15.65 -30.70 -35.70
C LEU G 534 15.35 -30.14 -34.31
N GLU G 535 15.23 -28.83 -34.13
CA GLU G 535 14.94 -28.42 -32.77
C GLU G 535 13.46 -28.20 -32.54
N ASN G 536 12.66 -29.26 -32.83
CA ASN G 536 11.19 -29.33 -32.87
C ASN G 536 10.68 -28.55 -34.07
N LYS G 537 11.63 -28.19 -34.95
CA LYS G 537 11.42 -27.46 -36.17
C LYS G 537 11.64 -28.39 -37.33
N ILE G 538 10.70 -28.38 -38.26
CA ILE G 538 10.76 -29.16 -39.50
C ILE G 538 11.79 -28.44 -40.38
N VAL G 539 12.74 -29.20 -40.90
CA VAL G 539 13.88 -28.71 -41.66
C VAL G 539 13.94 -29.53 -42.96
N ARG G 540 14.44 -28.91 -44.04
CA ARG G 540 14.62 -29.60 -45.30
C ARG G 540 16.11 -29.85 -45.53
N GLN G 541 16.59 -31.04 -45.17
CA GLN G 541 17.99 -31.41 -45.34
C GLN G 541 18.20 -31.96 -46.73
N PRO G 542 19.41 -31.85 -47.32
CA PRO G 542 19.61 -32.41 -48.67
C PRO G 542 19.77 -33.93 -48.62
N LEU G 543 19.01 -34.66 -49.49
CA LEU G 543 19.00 -36.13 -49.63
C LEU G 543 20.40 -36.67 -49.80
N VAL G 544 21.21 -35.97 -50.62
CA VAL G 544 22.60 -36.31 -50.94
C VAL G 544 23.43 -36.43 -49.68
N GLU G 545 23.42 -35.38 -48.84
CA GLU G 545 24.18 -35.31 -47.61
C GLU G 545 23.72 -36.31 -46.57
N SER G 546 22.39 -36.48 -46.41
CA SER G 546 21.78 -37.36 -45.41
C SER G 546 22.07 -38.83 -45.60
N VAL G 547 22.04 -39.27 -46.88
CA VAL G 547 22.34 -40.64 -47.29
C VAL G 547 23.84 -40.90 -47.11
N ALA G 548 24.67 -39.90 -47.47
CA ALA G 548 26.12 -39.95 -47.37
C ALA G 548 26.56 -40.05 -45.92
N GLN G 549 25.99 -39.22 -45.03
CA GLN G 549 26.29 -39.19 -43.60
C GLN G 549 25.93 -40.52 -42.95
N THR G 550 24.74 -41.07 -43.30
CA THR G 550 24.23 -42.33 -42.79
C THR G 550 25.08 -43.52 -43.18
N LYS G 551 25.70 -43.48 -44.38
CA LYS G 551 26.60 -44.52 -44.90
C LYS G 551 27.90 -44.52 -44.10
N THR G 552 28.38 -43.33 -43.69
CA THR G 552 29.62 -43.20 -42.92
C THR G 552 29.54 -43.80 -41.51
N VAL G 553 28.30 -43.88 -40.91
CA VAL G 553 28.14 -44.53 -39.59
C VAL G 553 28.25 -46.05 -39.75
N SER G 554 27.60 -46.59 -40.82
CA SER G 554 27.61 -48.00 -41.21
C SER G 554 29.05 -48.41 -41.50
N ALA G 555 29.79 -47.54 -42.21
CA ALA G 555 31.20 -47.73 -42.56
C ALA G 555 32.05 -47.81 -41.29
N ALA G 556 31.88 -46.83 -40.36
CA ALA G 556 32.61 -46.76 -39.09
C ALA G 556 32.48 -48.05 -38.27
N ILE G 557 31.24 -48.56 -38.10
CA ILE G 557 30.95 -49.81 -37.38
C ILE G 557 31.69 -50.96 -38.07
N GLU G 558 31.48 -51.12 -39.40
CA GLU G 558 32.10 -52.15 -40.24
C GLU G 558 33.63 -52.12 -40.14
N ALA G 559 34.20 -50.91 -40.00
CA ALA G 559 35.64 -50.65 -39.86
C ALA G 559 36.14 -50.78 -38.41
N LYS G 560 35.28 -51.28 -37.49
CA LYS G 560 35.57 -51.47 -36.07
C LYS G 560 35.98 -50.18 -35.35
N ASP G 561 35.64 -48.99 -35.91
CA ASP G 561 35.92 -47.69 -35.30
C ASP G 561 34.61 -47.15 -34.78
N PHE G 562 34.21 -47.68 -33.63
CA PHE G 562 32.95 -47.35 -32.97
C PHE G 562 32.93 -45.95 -32.34
N ASP G 563 34.12 -45.34 -32.20
CA ASP G 563 34.24 -43.98 -31.69
C ASP G 563 33.72 -43.00 -32.72
N LYS G 564 34.14 -43.15 -33.99
CA LYS G 564 33.70 -42.32 -35.14
C LYS G 564 32.17 -42.40 -35.27
N ALA G 565 31.62 -43.62 -35.09
CA ALA G 565 30.19 -43.92 -35.17
C ALA G 565 29.39 -43.21 -34.09
N LEU G 566 29.80 -43.35 -32.81
CA LEU G 566 29.11 -42.66 -31.71
C LEU G 566 29.22 -41.14 -31.88
N GLN G 567 30.41 -40.64 -32.29
CA GLN G 567 30.65 -39.22 -32.54
C GLN G 567 29.75 -38.71 -33.67
N LEU G 568 29.49 -39.58 -34.68
CA LEU G 568 28.66 -39.30 -35.86
C LEU G 568 27.15 -39.25 -35.57
N ARG G 569 26.72 -39.52 -34.33
CA ARG G 569 25.32 -39.49 -33.91
C ARG G 569 24.98 -38.14 -33.32
N ASP G 570 23.73 -37.66 -33.55
CA ASP G 570 23.28 -36.36 -33.05
C ASP G 570 23.38 -36.20 -31.52
N GLN G 571 23.34 -34.94 -31.04
CA GLN G 571 23.41 -34.62 -29.61
C GLN G 571 22.32 -35.34 -28.82
N GLU G 572 21.14 -35.53 -29.44
CA GLU G 572 20.01 -36.25 -28.89
C GLU G 572 20.47 -37.64 -28.42
N PHE G 573 21.17 -38.39 -29.31
CA PHE G 573 21.73 -39.71 -29.05
C PHE G 573 22.82 -39.64 -27.99
N ALA G 574 23.73 -38.66 -28.12
CA ALA G 574 24.86 -38.43 -27.23
C ALA G 574 24.45 -38.15 -25.78
N THR G 575 23.53 -37.18 -25.58
CA THR G 575 23.02 -36.75 -24.28
C THR G 575 22.25 -37.88 -23.57
N SER G 576 21.50 -38.68 -24.36
CA SER G 576 20.72 -39.84 -23.89
C SER G 576 21.61 -40.98 -23.42
N TYR G 577 22.69 -41.26 -24.17
CA TYR G 577 23.64 -42.31 -23.82
C TYR G 577 24.37 -41.94 -22.55
N GLU G 578 24.80 -40.65 -22.44
CA GLU G 578 25.49 -40.09 -21.30
C GLU G 578 24.63 -40.21 -20.05
N ASN G 579 23.32 -39.94 -20.18
CA ASN G 579 22.33 -40.04 -19.10
C ASN G 579 22.11 -41.45 -18.61
N PHE G 580 22.04 -42.42 -19.55
CA PHE G 580 21.87 -43.84 -19.24
C PHE G 580 23.10 -44.33 -18.47
N LEU G 581 24.29 -43.99 -18.98
CA LEU G 581 25.56 -44.36 -18.39
C LEU G 581 25.74 -43.77 -16.98
N SER G 582 25.31 -42.50 -16.81
CA SER G 582 25.36 -41.80 -15.52
C SER G 582 24.55 -42.57 -14.49
N VAL G 583 23.21 -42.67 -14.71
CA VAL G 583 22.26 -43.35 -13.81
C VAL G 583 22.72 -44.76 -13.44
N SER G 584 23.20 -45.52 -14.44
CA SER G 584 23.66 -46.87 -14.21
C SER G 584 24.81 -46.88 -13.19
N LYS G 585 25.77 -45.95 -13.34
CA LYS G 585 26.94 -45.81 -12.49
C LYS G 585 26.70 -45.05 -11.17
N TYR G 586 25.44 -44.69 -10.80
CA TYR G 586 25.18 -43.98 -9.53
C TYR G 586 25.52 -44.85 -8.29
N ASP G 587 25.39 -46.18 -8.44
CA ASP G 587 25.70 -47.20 -7.41
C ASP G 587 27.21 -47.29 -7.11
N ASP G 588 28.08 -46.84 -8.05
CA ASP G 588 29.55 -46.89 -7.92
C ASP G 588 30.06 -46.33 -6.62
N GLY G 589 29.63 -45.11 -6.32
CA GLY G 589 30.12 -44.31 -5.20
C GLY G 589 31.17 -43.33 -5.73
N SER G 590 31.31 -43.30 -7.07
CA SER G 590 32.23 -42.42 -7.79
C SER G 590 31.66 -41.01 -7.77
N TYR G 591 30.31 -40.89 -7.62
CA TYR G 591 29.57 -39.63 -7.58
C TYR G 591 29.64 -38.92 -6.22
N LEU G 592 30.04 -39.66 -5.19
CA LEU G 592 30.20 -39.28 -3.79
C LEU G 592 31.09 -38.04 -3.63
N VAL G 593 30.62 -37.06 -2.84
CA VAL G 593 31.30 -35.78 -2.57
C VAL G 593 31.71 -35.66 -1.09
N PRO G 594 32.77 -34.86 -0.73
CA PRO G 594 33.18 -34.75 0.69
C PRO G 594 32.07 -34.44 1.69
N GLU G 595 32.19 -34.98 2.92
CA GLU G 595 31.22 -34.82 4.01
C GLU G 595 30.71 -33.39 4.19
N SER G 596 31.63 -32.42 4.14
CA SER G 596 31.35 -30.98 4.24
C SER G 596 30.42 -30.50 3.14
N SER G 597 30.61 -31.03 1.90
CA SER G 597 29.82 -30.68 0.71
C SER G 597 28.47 -31.38 0.60
N ARG G 598 28.12 -32.29 1.53
CA ARG G 598 26.83 -32.99 1.49
C ARG G 598 25.68 -32.07 1.98
N LEU G 599 24.50 -32.17 1.33
CA LEU G 599 23.33 -31.29 1.56
C LEU G 599 22.09 -32.08 1.83
N ASN G 600 21.02 -31.38 2.24
CA ASN G 600 19.66 -31.90 2.48
C ASN G 600 18.74 -31.34 1.40
N ILE G 601 18.33 -32.20 0.47
CA ILE G 601 17.52 -31.82 -0.69
C ILE G 601 16.03 -32.13 -0.50
N ALA G 602 15.17 -31.16 -0.82
CA ALA G 602 13.73 -31.34 -0.67
C ALA G 602 13.05 -31.41 -2.02
N ILE G 603 12.11 -32.37 -2.18
CA ILE G 603 11.32 -32.56 -3.39
C ILE G 603 9.84 -32.43 -2.99
N ILE G 604 9.10 -31.60 -3.72
CA ILE G 604 7.69 -31.34 -3.49
C ILE G 604 6.90 -31.44 -4.81
N HIS G 605 5.67 -31.97 -4.73
CA HIS G 605 4.78 -32.09 -5.89
C HIS G 605 3.66 -31.09 -5.75
N VAL G 606 3.74 -29.99 -6.52
CA VAL G 606 2.76 -28.91 -6.51
C VAL G 606 1.92 -28.88 -7.80
N GLY G 607 0.63 -29.16 -7.66
CA GLY G 607 -0.32 -29.16 -8.77
C GLY G 607 -1.10 -30.45 -8.89
N ALA G 608 -1.92 -30.54 -9.96
CA ALA G 608 -2.73 -31.71 -10.31
C ALA G 608 -1.81 -32.87 -10.74
N PRO G 609 -2.24 -34.14 -10.57
CA PRO G 609 -1.36 -35.25 -10.92
C PRO G 609 -1.06 -35.45 -12.41
N THR G 610 0.14 -35.96 -12.70
CA THR G 610 0.63 -36.39 -14.01
C THR G 610 1.37 -37.70 -13.76
N SER G 611 1.38 -38.58 -14.75
CA SER G 611 2.06 -39.87 -14.65
C SER G 611 3.58 -39.69 -14.54
N ALA G 612 4.09 -38.56 -15.08
CA ALA G 612 5.49 -38.16 -15.11
C ALA G 612 6.12 -37.78 -13.75
N LEU G 613 5.30 -37.62 -12.69
CA LEU G 613 5.79 -37.26 -11.36
C LEU G 613 6.73 -38.28 -10.74
N ASN G 614 6.32 -39.56 -10.59
CA ASN G 614 7.20 -40.56 -9.97
C ASN G 614 8.51 -40.81 -10.70
N PRO G 615 8.52 -41.02 -12.06
CA PRO G 615 9.81 -41.18 -12.77
C PRO G 615 10.79 -40.02 -12.55
N ALA G 616 10.31 -38.78 -12.64
CA ALA G 616 11.11 -37.58 -12.41
C ALA G 616 11.72 -37.56 -10.97
N THR G 617 10.91 -37.88 -9.93
CA THR G 617 11.31 -37.91 -8.52
C THR G 617 12.33 -39.00 -8.29
N ARG G 618 12.16 -40.15 -8.98
CA ARG G 618 13.07 -41.30 -8.91
C ARG G 618 14.48 -40.85 -9.30
N VAL G 619 14.65 -40.37 -10.56
CA VAL G 619 15.94 -39.92 -11.12
C VAL G 619 16.60 -38.85 -10.25
N ALA G 620 15.80 -37.89 -9.76
CA ALA G 620 16.28 -36.83 -8.87
C ALA G 620 16.80 -37.39 -7.55
N THR G 621 16.11 -38.38 -6.94
CA THR G 621 16.52 -39.01 -5.69
C THR G 621 17.82 -39.79 -5.85
N LEU G 622 17.94 -40.61 -6.92
CA LEU G 622 19.12 -41.41 -7.21
C LEU G 622 20.32 -40.52 -7.47
N ASN G 623 20.14 -39.47 -8.30
CA ASN G 623 21.20 -38.52 -8.63
C ASN G 623 21.76 -37.90 -7.36
N SER G 624 20.87 -37.43 -6.46
CA SER G 624 21.22 -36.81 -5.19
C SER G 624 21.87 -37.76 -4.19
N LEU G 625 21.30 -38.97 -4.01
CA LEU G 625 21.82 -39.99 -3.09
C LEU G 625 23.21 -40.46 -3.50
N ALA G 626 23.47 -40.53 -4.82
CA ALA G 626 24.75 -40.93 -5.42
C ALA G 626 25.90 -40.05 -4.94
N LYS G 627 25.60 -38.76 -4.68
CA LYS G 627 26.56 -37.76 -4.21
C LYS G 627 26.72 -37.72 -2.69
N GLY G 628 25.86 -38.45 -1.98
CA GLY G 628 25.86 -38.46 -0.51
C GLY G 628 24.91 -37.46 0.11
N HIS G 629 24.05 -36.82 -0.70
CA HIS G 629 23.07 -35.86 -0.20
C HIS G 629 21.91 -36.60 0.40
N ARG G 630 21.14 -35.94 1.28
CA ARG G 630 19.96 -36.57 1.91
C ARG G 630 18.72 -36.06 1.21
N VAL G 631 17.85 -36.99 0.75
CA VAL G 631 16.64 -36.65 0.02
C VAL G 631 15.41 -36.74 0.91
N PHE G 632 14.65 -35.63 0.99
CA PHE G 632 13.45 -35.46 1.80
C PHE G 632 12.29 -35.09 0.91
N ALA G 633 11.23 -35.89 0.95
CA ALA G 633 10.05 -35.68 0.14
C ALA G 633 8.95 -35.07 0.98
N ILE G 634 8.57 -33.81 0.64
CA ILE G 634 7.46 -33.07 1.27
C ILE G 634 6.15 -33.69 0.72
N ARG G 635 5.54 -34.51 1.58
CA ARG G 635 4.32 -35.25 1.28
C ARG G 635 3.11 -34.36 1.29
N ASN G 636 2.26 -34.52 0.27
CA ASN G 636 1.00 -33.79 0.09
C ASN G 636 1.15 -32.25 0.00
N GLY G 637 2.06 -31.80 -0.88
CA GLY G 637 2.33 -30.39 -1.20
C GLY G 637 2.62 -29.48 -0.02
N PHE G 638 2.34 -28.19 -0.19
CA PHE G 638 2.58 -27.25 0.90
C PHE G 638 1.64 -27.44 2.05
N ALA G 639 0.37 -27.84 1.77
CA ALA G 639 -0.63 -28.09 2.81
C ALA G 639 -0.15 -29.20 3.77
N GLY G 640 0.43 -30.27 3.22
CA GLY G 640 0.95 -31.41 3.97
C GLY G 640 2.07 -30.95 4.90
N LEU G 641 2.92 -30.04 4.38
CA LEU G 641 4.02 -29.44 5.13
C LEU G 641 3.45 -28.58 6.26
N ILE G 642 2.63 -27.56 5.93
CA ILE G 642 2.00 -26.62 6.88
C ILE G 642 1.15 -27.30 7.98
N ARG G 643 0.18 -28.13 7.57
CA ARG G 643 -0.77 -28.77 8.44
C ARG G 643 -0.24 -29.96 9.27
N HIS G 644 0.74 -30.73 8.72
CA HIS G 644 1.23 -31.95 9.40
C HIS G 644 2.76 -32.16 9.48
N GLY G 645 3.54 -31.28 8.87
CA GLY G 645 5.00 -31.38 8.85
C GLY G 645 5.49 -32.63 8.14
N ALA G 646 4.65 -33.13 7.23
CA ALA G 646 4.73 -34.33 6.40
C ALA G 646 5.98 -34.46 5.52
N VAL G 647 7.15 -34.62 6.14
CA VAL G 647 8.43 -34.78 5.45
C VAL G 647 8.82 -36.25 5.58
N ARG G 648 9.27 -36.88 4.49
CA ARG G 648 9.66 -38.28 4.48
C ARG G 648 11.01 -38.46 3.80
N GLU G 649 11.99 -39.06 4.51
CA GLU G 649 13.30 -39.29 3.93
C GLU G 649 13.29 -40.45 2.93
N LEU G 650 13.96 -40.24 1.79
CA LEU G 650 14.03 -41.25 0.76
C LEU G 650 15.41 -41.93 0.71
N ASN G 651 15.42 -43.26 0.39
CA ASN G 651 16.60 -44.10 0.25
C ASN G 651 16.56 -44.92 -1.05
N TRP G 652 17.71 -45.51 -1.50
CA TRP G 652 17.82 -46.33 -2.72
C TRP G 652 16.64 -47.29 -2.91
N ILE G 653 16.24 -47.96 -1.83
CA ILE G 653 15.14 -48.91 -1.80
C ILE G 653 13.74 -48.29 -1.98
N ASP G 654 13.52 -47.05 -1.48
CA ASP G 654 12.21 -46.36 -1.54
C ASP G 654 11.76 -46.07 -2.97
N VAL G 655 12.73 -45.78 -3.84
CA VAL G 655 12.60 -45.43 -5.25
C VAL G 655 11.98 -46.55 -6.12
N GLU G 656 12.02 -47.82 -5.64
CA GLU G 656 11.59 -49.05 -6.33
C GLU G 656 10.20 -49.07 -6.97
N ASP G 657 10.18 -49.27 -8.32
CA ASP G 657 9.04 -49.38 -9.26
C ASP G 657 8.44 -48.05 -9.77
N TRP G 658 9.01 -46.90 -9.32
CA TRP G 658 8.59 -45.52 -9.63
C TRP G 658 8.73 -45.03 -11.10
N HIS G 659 9.63 -45.65 -11.91
CA HIS G 659 9.85 -45.31 -13.33
C HIS G 659 8.64 -45.65 -14.24
N ASN G 660 7.78 -46.56 -13.75
CA ASN G 660 6.60 -47.14 -14.38
C ASN G 660 5.31 -46.53 -13.83
N THR G 661 5.25 -46.24 -12.52
CA THR G 661 4.06 -45.72 -11.79
C THR G 661 3.65 -44.28 -12.10
N GLY G 662 2.34 -44.10 -12.22
CA GLY G 662 1.68 -42.81 -12.45
C GLY G 662 1.24 -42.16 -11.15
N GLY G 663 0.81 -40.90 -11.26
CA GLY G 663 0.39 -40.10 -10.12
C GLY G 663 1.55 -39.76 -9.21
N SER G 664 1.26 -39.63 -7.89
CA SER G 664 2.27 -39.29 -6.87
C SER G 664 2.25 -40.26 -5.71
N GLU G 665 3.44 -40.75 -5.29
CA GLU G 665 3.65 -41.67 -4.16
C GLU G 665 3.79 -40.90 -2.81
N ILE G 666 4.02 -39.58 -2.95
CA ILE G 666 4.22 -38.64 -1.86
C ILE G 666 3.00 -37.69 -1.76
N GLY G 667 2.22 -37.61 -2.82
CA GLY G 667 1.03 -36.76 -2.89
C GLY G 667 1.27 -35.46 -3.60
N THR G 668 0.34 -35.08 -4.48
CA THR G 668 0.43 -33.83 -5.26
C THR G 668 -0.84 -32.99 -5.13
N ASN G 669 -0.71 -31.69 -4.88
CA ASN G 669 -1.86 -30.78 -4.80
C ASN G 669 -1.46 -29.33 -5.09
N ARG G 670 -2.44 -28.51 -5.44
CA ARG G 670 -2.24 -27.11 -5.84
C ARG G 670 -2.17 -26.11 -4.67
N SER G 671 -1.98 -26.56 -3.41
CA SER G 671 -1.85 -25.65 -2.25
C SER G 671 -0.57 -24.82 -2.40
N LEU G 672 -0.60 -23.56 -1.93
CA LEU G 672 0.55 -22.67 -2.10
C LEU G 672 1.29 -22.32 -0.79
N PRO G 673 2.61 -21.97 -0.81
CA PRO G 673 3.28 -21.63 0.45
C PRO G 673 2.62 -20.42 1.13
N SER G 674 1.89 -19.61 0.35
CA SER G 674 1.08 -18.43 0.72
C SER G 674 0.22 -18.75 1.91
N ASP G 675 -0.35 -20.00 1.92
CA ASP G 675 -1.22 -20.53 2.95
C ASP G 675 -0.70 -20.26 4.34
N ASP G 676 0.65 -20.27 4.53
CA ASP G 676 1.38 -19.88 5.75
C ASP G 676 2.90 -19.89 5.47
N MET G 677 3.49 -18.76 5.05
CA MET G 677 4.93 -18.71 4.79
C MET G 677 5.70 -19.06 6.03
N GLY G 678 5.33 -18.44 7.14
CA GLY G 678 5.96 -18.62 8.43
C GLY G 678 6.15 -20.09 8.78
N THR G 679 5.09 -20.90 8.59
CA THR G 679 5.12 -22.34 8.86
C THR G 679 6.03 -23.08 7.88
N VAL G 680 5.98 -22.70 6.58
CA VAL G 680 6.86 -23.27 5.56
C VAL G 680 8.31 -22.97 5.97
N ALA G 681 8.59 -21.69 6.30
CA ALA G 681 9.91 -21.21 6.73
C ALA G 681 10.40 -21.88 8.01
N TYR G 682 9.49 -22.16 8.97
CA TYR G 682 9.82 -22.86 10.21
C TYR G 682 10.34 -24.28 9.83
N TYR G 683 9.58 -24.99 8.98
CA TYR G 683 9.91 -26.35 8.59
C TYR G 683 11.14 -26.45 7.75
N PHE G 684 11.39 -25.44 6.88
CA PHE G 684 12.59 -25.47 6.04
C PHE G 684 13.84 -25.39 6.96
N GLN G 685 13.73 -24.54 8.01
CA GLN G 685 14.76 -24.34 9.01
C GLN G 685 15.00 -25.58 9.85
N GLN G 686 13.94 -26.27 10.27
CA GLN G 686 14.03 -27.44 11.13
C GLN G 686 14.77 -28.55 10.44
N TYR G 687 14.33 -28.88 9.21
CA TYR G 687 14.90 -29.92 8.34
C TYR G 687 16.17 -29.47 7.66
N LYS G 688 16.53 -28.18 7.79
CA LYS G 688 17.77 -27.62 7.25
C LYS G 688 18.00 -27.96 5.75
N PHE G 689 16.99 -27.62 4.91
CA PHE G 689 17.04 -27.88 3.47
C PHE G 689 18.01 -26.95 2.80
N ASP G 690 18.89 -27.51 1.96
CA ASP G 690 19.91 -26.73 1.25
C ASP G 690 19.58 -26.56 -0.25
N GLY G 691 18.46 -27.15 -0.68
CA GLY G 691 17.98 -27.10 -2.06
C GLY G 691 16.56 -27.62 -2.17
N LEU G 692 15.80 -27.15 -3.17
CA LEU G 692 14.40 -27.56 -3.35
C LEU G 692 13.99 -27.71 -4.83
N ILE G 693 13.27 -28.82 -5.15
CA ILE G 693 12.74 -29.11 -6.48
C ILE G 693 11.23 -29.18 -6.38
N ILE G 694 10.55 -28.23 -7.01
CA ILE G 694 9.10 -28.13 -7.05
C ILE G 694 8.62 -28.70 -8.37
N ILE G 695 8.22 -29.98 -8.39
CA ILE G 695 7.71 -30.64 -9.60
C ILE G 695 6.24 -30.37 -9.67
N GLY G 696 5.80 -29.79 -10.78
CA GLY G 696 4.40 -29.49 -10.99
C GLY G 696 4.09 -28.48 -12.07
N GLY G 697 2.89 -27.91 -12.00
CA GLY G 697 2.35 -27.01 -13.01
C GLY G 697 2.47 -25.54 -12.74
N PHE G 698 1.42 -24.79 -13.05
CA PHE G 698 1.40 -23.35 -12.84
C PHE G 698 1.51 -22.98 -11.38
N GLU G 699 0.99 -23.84 -10.47
CA GLU G 699 1.11 -23.61 -9.02
C GLU G 699 2.55 -23.88 -8.53
N ALA G 700 3.29 -24.80 -9.19
CA ALA G 700 4.70 -25.07 -8.89
C ALA G 700 5.48 -23.87 -9.33
N PHE G 701 5.08 -23.28 -10.46
CA PHE G 701 5.68 -22.07 -10.96
C PHE G 701 5.37 -20.92 -9.98
N THR G 702 4.09 -20.82 -9.52
CA THR G 702 3.64 -19.79 -8.56
C THR G 702 4.40 -19.90 -7.24
N ALA G 703 4.50 -21.13 -6.67
CA ALA G 703 5.20 -21.41 -5.41
C ALA G 703 6.68 -20.96 -5.49
N LEU G 704 7.40 -21.30 -6.61
CA LEU G 704 8.79 -20.92 -6.84
C LEU G 704 8.93 -19.40 -6.75
N TYR G 705 8.02 -18.67 -7.39
CA TYR G 705 8.00 -17.23 -7.36
C TYR G 705 7.77 -16.70 -5.95
N GLU G 706 6.73 -17.19 -5.26
CA GLU G 706 6.35 -16.81 -3.90
C GLU G 706 7.49 -16.99 -2.92
N LEU G 707 8.14 -18.17 -2.95
CA LEU G 707 9.27 -18.53 -2.11
C LEU G 707 10.44 -17.63 -2.41
N ASP G 708 10.70 -17.37 -3.70
CA ASP G 708 11.78 -16.47 -4.14
C ASP G 708 11.53 -15.08 -3.60
N ALA G 709 10.32 -14.57 -3.71
CA ALA G 709 9.97 -13.26 -3.19
C ALA G 709 10.09 -13.20 -1.66
N ALA G 710 9.78 -14.31 -0.96
CA ALA G 710 9.85 -14.40 0.50
C ALA G 710 11.29 -14.40 1.06
N ARG G 711 12.34 -14.58 0.19
CA ARG G 711 13.78 -14.60 0.55
C ARG G 711 14.18 -13.44 1.43
N ALA G 712 13.55 -12.28 1.19
CA ALA G 712 13.71 -11.04 1.92
C ALA G 712 13.27 -11.23 3.39
N GLN G 713 11.97 -11.56 3.62
CA GLN G 713 11.34 -11.82 4.90
C GLN G 713 11.89 -13.05 5.63
N TYR G 714 12.24 -14.13 4.90
CA TYR G 714 12.72 -15.38 5.53
C TYR G 714 14.08 -15.85 4.99
N PRO G 715 15.20 -15.45 5.63
CA PRO G 715 16.54 -15.89 5.15
C PRO G 715 16.72 -17.36 4.76
N ILE G 716 15.96 -18.26 5.42
CA ILE G 716 16.00 -19.70 5.17
C ILE G 716 15.68 -20.09 3.73
N PHE G 717 14.89 -19.25 3.02
CA PHE G 717 14.48 -19.49 1.65
C PHE G 717 15.55 -19.11 0.63
N ASN G 718 16.65 -18.49 1.08
CA ASN G 718 17.74 -18.10 0.18
C ASN G 718 18.65 -19.31 -0.17
N ILE G 719 18.03 -20.35 -0.70
CA ILE G 719 18.67 -21.58 -1.11
C ILE G 719 18.43 -21.71 -2.62
N PRO G 720 19.18 -22.53 -3.39
CA PRO G 720 18.82 -22.70 -4.80
C PRO G 720 17.51 -23.47 -4.86
N MET G 721 16.55 -22.96 -5.63
CA MET G 721 15.25 -23.58 -5.82
C MET G 721 14.93 -23.65 -7.30
N CYS G 722 14.23 -24.71 -7.71
CA CYS G 722 13.82 -24.84 -9.09
C CYS G 722 12.47 -25.46 -9.27
N CYS G 723 11.82 -25.11 -10.39
CA CYS G 723 10.53 -25.65 -10.76
C CYS G 723 10.74 -26.57 -11.95
N LEU G 724 10.38 -27.85 -11.79
CA LEU G 724 10.45 -28.80 -12.88
C LEU G 724 9.01 -28.87 -13.41
N PRO G 725 8.77 -28.24 -14.58
CA PRO G 725 7.41 -28.19 -15.11
C PRO G 725 6.85 -29.54 -15.52
N ALA G 726 5.78 -29.92 -14.84
CA ALA G 726 5.04 -31.15 -15.08
C ALA G 726 3.55 -30.79 -15.04
N THR G 727 2.90 -30.88 -16.21
CA THR G 727 1.47 -30.57 -16.44
C THR G 727 1.01 -31.05 -17.77
N VAL G 728 -0.24 -31.46 -17.83
CA VAL G 728 -0.93 -31.94 -19.02
C VAL G 728 -1.20 -30.76 -19.98
N SER G 729 -1.52 -29.58 -19.43
CA SER G 729 -1.86 -28.33 -20.11
C SER G 729 -0.76 -27.69 -20.97
N ASN G 730 0.51 -27.87 -20.59
CA ASN G 730 1.72 -27.24 -21.14
C ASN G 730 1.60 -25.73 -20.97
N ASN G 731 1.04 -25.31 -19.81
CA ASN G 731 0.77 -23.92 -19.46
C ASN G 731 1.82 -23.23 -18.56
N VAL G 732 3.00 -23.86 -18.35
CA VAL G 732 4.04 -23.30 -17.49
C VAL G 732 5.03 -22.43 -18.29
N PRO G 733 5.24 -21.15 -17.88
CA PRO G 733 6.24 -20.32 -18.58
C PRO G 733 7.65 -20.86 -18.31
N GLY G 734 8.58 -20.60 -19.24
CA GLY G 734 9.96 -21.02 -19.10
C GLY G 734 10.35 -22.33 -19.73
N THR G 735 9.38 -23.00 -20.40
CA THR G 735 9.57 -24.27 -21.10
C THR G 735 8.65 -24.40 -22.32
N GLU G 736 9.05 -25.21 -23.30
CA GLU G 736 8.24 -25.51 -24.47
C GLU G 736 7.58 -26.85 -24.18
N TYR G 737 8.11 -27.61 -23.21
CA TYR G 737 7.57 -28.92 -22.83
C TYR G 737 7.43 -29.12 -21.34
N SER G 738 6.24 -29.56 -20.91
CA SER G 738 5.93 -29.90 -19.53
C SER G 738 5.71 -31.39 -19.46
N LEU G 739 6.33 -32.03 -18.48
CA LEU G 739 6.24 -33.47 -18.26
C LEU G 739 4.79 -33.89 -18.03
N GLY G 740 4.40 -35.00 -18.66
CA GLY G 740 3.04 -35.52 -18.56
C GLY G 740 2.17 -35.14 -19.74
N SER G 741 2.57 -34.15 -20.55
CA SER G 741 1.78 -33.73 -21.69
C SER G 741 1.75 -34.77 -22.82
N ASP G 742 2.87 -35.43 -23.13
CA ASP G 742 2.86 -36.46 -24.18
C ASP G 742 2.03 -37.68 -23.81
N THR G 743 2.04 -38.07 -22.51
CA THR G 743 1.21 -39.15 -21.99
C THR G 743 -0.26 -38.80 -22.27
N CYS G 744 -0.64 -37.54 -21.96
CA CYS G 744 -1.99 -37.04 -22.16
C CYS G 744 -2.43 -37.11 -23.61
N LEU G 745 -1.57 -36.65 -24.54
CA LEU G 745 -1.91 -36.66 -25.96
C LEU G 745 -2.11 -38.10 -26.45
N ASN G 746 -1.29 -39.05 -25.94
CA ASN G 746 -1.40 -40.47 -26.26
C ASN G 746 -2.69 -41.04 -25.71
N THR G 747 -3.06 -40.65 -24.49
CA THR G 747 -4.29 -41.08 -23.83
C THR G 747 -5.49 -40.57 -24.62
N LEU G 748 -5.42 -39.31 -25.10
CA LEU G 748 -6.50 -38.68 -25.86
C LEU G 748 -6.68 -39.27 -27.24
N SER G 749 -5.58 -39.44 -28.03
CA SER G 749 -5.67 -40.04 -29.38
C SER G 749 -6.32 -41.42 -29.32
N GLY G 750 -5.89 -42.24 -28.37
CA GLY G 750 -6.41 -43.57 -28.10
C GLY G 750 -7.87 -43.53 -27.72
N TYR G 751 -8.23 -42.60 -26.82
CA TYR G 751 -9.59 -42.38 -26.37
C TYR G 751 -10.49 -42.02 -27.56
N CYS G 752 -10.04 -41.11 -28.41
CA CYS G 752 -10.79 -40.70 -29.61
C CYS G 752 -10.88 -41.80 -30.67
N ASP G 753 -9.90 -42.73 -30.70
CA ASP G 753 -9.92 -43.84 -31.66
C ASP G 753 -11.10 -44.73 -31.32
N ALA G 754 -11.37 -44.89 -30.01
CA ALA G 754 -12.49 -45.66 -29.49
C ALA G 754 -13.80 -44.91 -29.73
N VAL G 755 -13.74 -43.57 -29.72
CA VAL G 755 -14.88 -42.69 -29.95
C VAL G 755 -15.36 -42.87 -31.39
N LYS G 756 -14.46 -42.67 -32.39
CA LYS G 756 -14.77 -42.78 -33.81
C LYS G 756 -15.24 -44.19 -34.20
N GLN G 757 -14.79 -45.24 -33.47
CA GLN G 757 -15.22 -46.62 -33.71
C GLN G 757 -16.67 -46.86 -33.22
N SER G 758 -17.05 -46.25 -32.07
CA SER G 758 -18.42 -46.34 -31.51
C SER G 758 -19.36 -45.39 -32.27
N ALA G 759 -18.77 -44.52 -33.13
CA ALA G 759 -19.42 -43.56 -34.02
C ALA G 759 -19.60 -44.16 -35.45
N SER G 760 -19.53 -45.51 -35.57
CA SER G 760 -19.68 -46.26 -36.83
C SER G 760 -20.93 -47.12 -36.79
N SER G 762 -27.47 -48.48 -34.24
CA SER G 762 -28.16 -47.20 -34.16
C SER G 762 -27.82 -46.50 -32.81
N ARG G 763 -26.54 -46.09 -32.69
CA ARG G 763 -25.98 -45.44 -31.50
C ARG G 763 -25.68 -43.91 -31.66
N ARG G 764 -24.52 -43.55 -32.28
CA ARG G 764 -24.05 -42.16 -32.44
C ARG G 764 -23.29 -41.84 -33.75
N ARG G 765 -23.24 -40.54 -34.16
CA ARG G 765 -22.56 -40.07 -35.36
C ARG G 765 -21.40 -39.10 -35.09
N THR G 766 -21.72 -37.92 -34.51
CA THR G 766 -20.74 -36.87 -34.19
C THR G 766 -20.45 -36.85 -32.70
N PHE G 767 -19.19 -36.61 -32.34
CA PHE G 767 -18.76 -36.55 -30.94
C PHE G 767 -18.05 -35.28 -30.58
N VAL G 768 -18.44 -34.70 -29.45
CA VAL G 768 -17.78 -33.51 -28.93
C VAL G 768 -16.92 -33.96 -27.74
N VAL G 769 -15.64 -34.19 -28.00
CA VAL G 769 -14.68 -34.66 -27.02
C VAL G 769 -14.13 -33.44 -26.32
N GLU G 770 -14.33 -33.38 -24.98
CA GLU G 770 -13.86 -32.27 -24.16
C GLU G 770 -12.47 -32.53 -23.63
N VAL G 771 -11.56 -31.63 -23.99
CA VAL G 771 -10.15 -31.65 -23.61
C VAL G 771 -9.92 -30.66 -22.46
N GLN G 772 -9.34 -31.16 -21.38
CA GLN G 772 -9.06 -30.33 -20.22
C GLN G 772 -7.60 -29.91 -20.20
N GLY G 773 -7.29 -28.83 -20.92
CA GLY G 773 -5.94 -28.29 -21.02
C GLY G 773 -5.76 -26.88 -20.49
N GLY G 774 -6.56 -26.53 -19.48
CA GLY G 774 -6.50 -25.22 -18.85
C GLY G 774 -7.06 -24.09 -19.70
N TYR G 775 -6.38 -22.94 -19.69
CA TYR G 775 -6.76 -21.73 -20.44
C TYR G 775 -5.95 -21.55 -21.72
N SER G 776 -5.16 -22.56 -22.06
CA SER G 776 -4.30 -22.58 -23.22
C SER G 776 -4.87 -23.59 -24.22
N GLY G 777 -4.88 -23.21 -25.49
CA GLY G 777 -5.40 -24.06 -26.54
C GLY G 777 -4.43 -25.08 -27.10
N TYR G 778 -3.20 -25.20 -26.52
CA TYR G 778 -2.17 -26.15 -26.96
C TYR G 778 -2.66 -27.60 -26.98
N LEU G 779 -3.15 -28.10 -25.83
CA LEU G 779 -3.66 -29.48 -25.70
C LEU G 779 -4.69 -29.76 -26.76
N ALA G 780 -5.76 -28.94 -26.81
CA ALA G 780 -6.84 -29.07 -27.77
C ALA G 780 -6.35 -29.03 -29.21
N SER G 781 -5.49 -28.05 -29.55
CA SER G 781 -4.93 -27.89 -30.90
C SER G 781 -4.15 -29.12 -31.27
N TYR G 782 -3.19 -29.56 -30.43
CA TYR G 782 -2.39 -30.75 -30.68
C TYR G 782 -3.32 -31.95 -30.88
N ALA G 783 -4.23 -32.19 -29.91
CA ALA G 783 -5.20 -33.28 -29.94
C ALA G 783 -5.99 -33.26 -31.25
N GLY G 784 -6.44 -32.09 -31.67
CA GLY G 784 -7.18 -31.92 -32.90
C GLY G 784 -6.43 -32.42 -34.11
N LEU G 785 -5.17 -31.97 -34.29
CA LEU G 785 -4.30 -32.38 -35.41
C LEU G 785 -4.16 -33.90 -35.47
N ILE G 786 -3.78 -34.51 -34.35
CA ILE G 786 -3.56 -35.96 -34.23
C ILE G 786 -4.81 -36.83 -34.25
N THR G 787 -6.00 -36.27 -34.08
CA THR G 787 -7.21 -37.11 -34.12
C THR G 787 -8.04 -36.93 -35.39
N GLY G 788 -7.66 -35.94 -36.20
CA GLY G 788 -8.38 -35.63 -37.42
C GLY G 788 -9.75 -35.06 -37.11
N ALA G 789 -9.82 -34.17 -36.08
CA ALA G 789 -11.05 -33.51 -35.64
C ALA G 789 -11.50 -32.50 -36.69
N LEU G 790 -12.82 -32.40 -36.94
CA LEU G 790 -13.38 -31.43 -37.90
C LEU G 790 -13.16 -29.99 -37.41
N ALA G 791 -13.72 -29.66 -36.23
CA ALA G 791 -13.57 -28.38 -35.58
C ALA G 791 -12.91 -28.54 -34.21
N VAL G 792 -12.12 -27.55 -33.81
CA VAL G 792 -11.45 -27.49 -32.51
C VAL G 792 -11.81 -26.16 -31.83
N TYR G 793 -12.42 -26.22 -30.64
CA TYR G 793 -12.85 -25.03 -29.90
C TYR G 793 -11.80 -24.66 -28.87
N THR G 794 -11.26 -23.42 -28.97
CA THR G 794 -10.19 -22.95 -28.08
C THR G 794 -10.42 -21.52 -27.58
N PRO G 795 -9.86 -21.13 -26.40
CA PRO G 795 -10.03 -19.74 -25.92
C PRO G 795 -9.41 -18.68 -26.85
N GLU G 796 -8.35 -19.06 -27.58
CA GLU G 796 -7.62 -18.23 -28.52
C GLU G 796 -8.44 -17.79 -29.76
N ASN G 797 -9.40 -18.64 -30.21
CA ASN G 797 -10.23 -18.38 -31.38
C ASN G 797 -11.72 -18.22 -31.03
N PRO G 798 -12.34 -17.11 -31.51
CA PRO G 798 -13.73 -16.81 -31.10
C PRO G 798 -14.82 -17.77 -31.50
N ILE G 799 -15.79 -17.99 -30.59
CA ILE G 799 -16.95 -18.84 -30.80
C ILE G 799 -18.22 -18.00 -30.78
N ASN G 800 -18.99 -18.04 -31.89
CA ASN G 800 -20.24 -17.31 -32.03
C ASN G 800 -21.20 -18.01 -33.03
N LEU G 801 -22.43 -17.41 -33.21
CA LEU G 801 -23.45 -17.92 -34.11
C LEU G 801 -22.95 -18.11 -35.53
N GLN G 802 -22.06 -17.20 -36.02
CA GLN G 802 -21.44 -17.36 -37.34
C GLN G 802 -20.43 -18.49 -37.35
N THR G 803 -19.49 -18.52 -36.38
CA THR G 803 -18.50 -19.61 -36.31
C THR G 803 -19.15 -20.99 -36.18
N VAL G 804 -20.17 -21.11 -35.30
CA VAL G 804 -20.94 -22.33 -35.05
C VAL G 804 -21.64 -22.80 -36.34
N GLN G 805 -22.33 -21.86 -37.04
CA GLN G 805 -23.02 -22.12 -38.31
C GLN G 805 -22.04 -22.67 -39.36
N GLU G 806 -20.82 -22.11 -39.39
CA GLU G 806 -19.72 -22.51 -40.27
C GLU G 806 -19.30 -23.94 -39.93
N ASP G 807 -19.09 -24.23 -38.62
CA ASP G 807 -18.75 -25.57 -38.10
C ASP G 807 -19.84 -26.58 -38.53
N ILE G 808 -21.15 -26.22 -38.36
CA ILE G 808 -22.28 -27.06 -38.76
C ILE G 808 -22.23 -27.30 -40.27
N GLU G 809 -21.98 -26.24 -41.07
CA GLU G 809 -21.89 -26.31 -42.53
C GLU G 809 -20.82 -27.33 -42.98
N LEU G 810 -19.62 -27.30 -42.34
CA LEU G 810 -18.52 -28.20 -42.65
C LEU G 810 -18.97 -29.62 -42.39
N LEU G 811 -19.50 -29.88 -41.18
CA LEU G 811 -20.02 -31.19 -40.75
C LEU G 811 -21.10 -31.68 -41.71
N THR G 812 -22.04 -30.79 -42.09
CA THR G 812 -23.11 -31.07 -43.04
C THR G 812 -22.52 -31.47 -44.40
N ARG G 813 -21.64 -30.62 -44.97
CA ARG G 813 -21.01 -30.87 -46.26
C ARG G 813 -20.11 -32.11 -46.23
N THR G 814 -19.52 -32.43 -45.08
CA THR G 814 -18.66 -33.61 -44.90
C THR G 814 -19.50 -34.90 -44.97
N TYR G 815 -20.56 -34.99 -44.15
CA TYR G 815 -21.47 -36.13 -44.07
C TYR G 815 -22.18 -36.44 -45.37
N GLU G 816 -22.47 -35.41 -46.19
CA GLU G 816 -23.12 -35.61 -47.50
C GLU G 816 -22.12 -35.92 -48.64
N GLU G 817 -21.17 -36.81 -48.34
CA GLU G 817 -20.11 -37.30 -49.23
C GLU G 817 -19.70 -38.70 -48.79
N ASP G 818 -19.71 -38.95 -47.46
CA ASP G 818 -19.35 -40.22 -46.83
C ASP G 818 -20.21 -41.41 -47.31
N ASP G 819 -19.59 -42.62 -47.40
CA ASP G 819 -20.23 -43.86 -47.85
C ASP G 819 -19.82 -45.06 -46.97
N ARG G 823 -14.80 -46.35 -43.69
CA ARG G 823 -14.91 -46.13 -42.25
C ARG G 823 -15.19 -44.65 -41.95
N SER G 824 -16.27 -44.39 -41.15
CA SER G 824 -16.75 -43.06 -40.77
C SER G 824 -16.90 -42.84 -39.24
N GLY G 825 -17.40 -41.66 -38.87
CA GLY G 825 -17.56 -41.19 -37.48
C GLY G 825 -16.71 -39.96 -37.24
N LYS G 826 -17.35 -38.79 -37.06
CA LYS G 826 -16.63 -37.51 -36.89
C LYS G 826 -16.51 -36.95 -35.46
N ILE G 827 -15.43 -36.19 -35.20
CA ILE G 827 -15.17 -35.60 -33.88
C ILE G 827 -14.87 -34.10 -33.90
N PHE G 828 -15.23 -33.43 -32.80
CA PHE G 828 -14.98 -32.02 -32.55
C PHE G 828 -14.20 -31.97 -31.24
N ILE G 829 -13.16 -31.14 -31.17
CA ILE G 829 -12.39 -31.04 -29.93
C ILE G 829 -12.69 -29.75 -29.20
N HIS G 830 -13.30 -29.88 -28.04
CA HIS G 830 -13.71 -28.74 -27.23
C HIS G 830 -12.87 -28.59 -25.98
N ASN G 831 -12.08 -27.50 -25.91
CA ASN G 831 -11.28 -27.22 -24.73
C ASN G 831 -12.20 -26.77 -23.59
N GLU G 832 -12.18 -27.47 -22.43
CA GLU G 832 -13.01 -27.14 -21.25
C GLU G 832 -13.18 -25.61 -20.95
N LYS G 833 -12.12 -24.81 -21.17
CA LYS G 833 -12.19 -23.36 -20.97
C LYS G 833 -12.06 -22.64 -22.32
N ALA G 834 -13.10 -22.71 -23.18
CA ALA G 834 -13.10 -22.04 -24.47
C ALA G 834 -14.17 -20.94 -24.52
N SER G 835 -15.39 -21.25 -24.05
CA SER G 835 -16.53 -20.31 -24.01
C SER G 835 -17.40 -20.61 -22.80
N LYS G 836 -17.89 -19.57 -22.12
CA LYS G 836 -18.78 -19.77 -20.98
C LYS G 836 -20.22 -20.01 -21.50
N VAL G 837 -20.40 -19.81 -22.82
CA VAL G 837 -21.66 -19.95 -23.54
C VAL G 837 -21.66 -21.26 -24.32
N TYR G 838 -20.84 -21.29 -25.39
CA TYR G 838 -20.73 -22.41 -26.29
C TYR G 838 -19.80 -23.45 -25.68
N THR G 839 -20.37 -24.21 -24.74
CA THR G 839 -19.71 -25.27 -23.97
C THR G 839 -19.79 -26.58 -24.77
N THR G 840 -19.09 -27.67 -24.30
CA THR G 840 -19.13 -29.00 -24.94
C THR G 840 -20.59 -29.42 -25.05
N ASP G 841 -21.36 -29.16 -23.98
CA ASP G 841 -22.77 -29.46 -23.90
C ASP G 841 -23.63 -28.65 -24.87
N LEU G 842 -23.39 -27.32 -25.01
CA LEU G 842 -24.16 -26.54 -25.98
C LEU G 842 -23.79 -26.88 -27.41
N ILE G 843 -22.48 -27.01 -27.72
CA ILE G 843 -22.03 -27.35 -29.07
C ILE G 843 -22.67 -28.67 -29.52
N ALA G 844 -22.59 -29.71 -28.68
CA ALA G 844 -23.21 -31.01 -28.94
C ALA G 844 -24.71 -30.87 -29.17
N ALA G 845 -25.40 -30.03 -28.36
CA ALA G 845 -26.83 -29.78 -28.46
C ALA G 845 -27.23 -29.11 -29.77
N ILE G 846 -26.36 -28.24 -30.32
CA ILE G 846 -26.61 -27.51 -31.56
C ILE G 846 -26.45 -28.43 -32.78
N ILE G 847 -25.44 -29.32 -32.73
CA ILE G 847 -25.14 -30.33 -33.76
C ILE G 847 -26.33 -31.29 -33.90
N GLY G 848 -26.88 -31.73 -32.76
CA GLY G 848 -28.03 -32.62 -32.70
C GLY G 848 -29.26 -32.09 -33.40
N GLU G 849 -29.68 -30.84 -33.08
CA GLU G 849 -30.83 -30.16 -33.68
C GLU G 849 -30.57 -29.75 -35.15
N ALA G 850 -29.28 -29.76 -35.58
CA ALA G 850 -28.85 -29.42 -36.93
C ALA G 850 -29.28 -30.47 -37.96
N GLY G 851 -29.79 -29.95 -39.09
CA GLY G 851 -30.30 -30.71 -40.21
C GLY G 851 -31.66 -31.30 -39.89
N LYS G 852 -32.45 -30.57 -39.04
CA LYS G 852 -33.78 -30.96 -38.53
C LYS G 852 -33.70 -32.35 -37.84
N GLY G 853 -32.60 -32.57 -37.09
CA GLY G 853 -32.27 -33.83 -36.44
C GLY G 853 -31.70 -34.78 -37.48
N ARG G 854 -30.57 -34.39 -38.08
CA ARG G 854 -29.93 -35.16 -39.13
C ARG G 854 -29.03 -36.25 -38.57
N PHE G 855 -28.10 -35.87 -37.66
CA PHE G 855 -27.10 -36.74 -37.00
C PHE G 855 -27.30 -36.79 -35.48
N GLU G 856 -26.76 -37.84 -34.85
CA GLU G 856 -26.84 -38.02 -33.41
C GLU G 856 -25.54 -37.50 -32.78
N SER G 857 -25.61 -36.35 -32.09
CA SER G 857 -24.46 -35.75 -31.45
C SER G 857 -24.32 -36.29 -30.03
N ARG G 858 -23.08 -36.51 -29.59
CA ARG G 858 -22.76 -37.03 -28.26
C ARG G 858 -21.53 -36.33 -27.69
N THR G 859 -21.54 -36.13 -26.38
CA THR G 859 -20.41 -35.54 -25.67
C THR G 859 -19.60 -36.69 -25.10
N ALA G 860 -18.31 -36.45 -24.93
CA ALA G 860 -17.34 -37.38 -24.36
C ALA G 860 -16.44 -36.53 -23.45
N VAL G 861 -16.27 -36.97 -22.21
CA VAL G 861 -15.41 -36.23 -21.28
C VAL G 861 -14.34 -37.13 -20.64
N PRO G 862 -13.19 -37.36 -21.35
CA PRO G 862 -12.14 -38.22 -20.80
C PRO G 862 -11.80 -37.74 -19.38
N GLY G 863 -11.60 -36.42 -19.24
CA GLY G 863 -11.38 -35.75 -17.97
C GLY G 863 -10.10 -36.13 -17.27
N HIS G 864 -10.22 -36.47 -15.97
CA HIS G 864 -9.08 -36.85 -15.13
C HIS G 864 -8.31 -38.10 -15.57
N VAL G 865 -8.81 -38.81 -16.60
CA VAL G 865 -8.14 -39.95 -17.20
C VAL G 865 -6.96 -39.46 -18.08
N GLN G 866 -6.94 -38.17 -18.43
CA GLN G 866 -5.92 -37.51 -19.24
C GLN G 866 -4.54 -37.68 -18.64
N GLN G 867 -4.41 -37.92 -17.30
CA GLN G 867 -3.09 -38.13 -16.70
C GLN G 867 -2.39 -39.43 -17.09
N GLY G 868 -3.16 -40.45 -17.48
CA GLY G 868 -2.66 -41.75 -17.96
C GLY G 868 -2.23 -42.72 -16.87
N LYS G 869 -2.16 -44.04 -17.19
CA LYS G 869 -1.73 -45.00 -16.17
C LYS G 869 -0.22 -45.02 -16.01
N SER G 870 0.51 -45.10 -17.12
CA SER G 870 1.97 -45.09 -17.12
C SER G 870 2.52 -43.94 -17.98
N PRO G 871 3.62 -43.25 -17.57
CA PRO G 871 4.17 -42.19 -18.41
C PRO G 871 4.66 -42.74 -19.76
N SER G 872 4.53 -41.94 -20.84
CA SER G 872 5.02 -42.31 -22.15
C SER G 872 6.57 -42.33 -22.11
N SER G 873 7.19 -42.86 -23.17
CA SER G 873 8.65 -42.92 -23.31
C SER G 873 9.23 -41.52 -23.41
N ILE G 874 8.58 -40.59 -24.15
CA ILE G 874 8.99 -39.18 -24.25
C ILE G 874 8.98 -38.58 -22.84
N ASP G 875 7.95 -38.89 -22.04
CA ASP G 875 7.87 -38.41 -20.69
C ASP G 875 8.95 -38.98 -19.79
N ARG G 876 9.21 -40.31 -19.90
CA ARG G 876 10.23 -41.06 -19.13
C ARG G 876 11.62 -40.55 -19.46
N VAL G 877 11.94 -40.39 -20.75
CA VAL G 877 13.23 -39.88 -21.22
C VAL G 877 13.47 -38.43 -20.73
N ASN G 878 12.50 -37.53 -20.96
CA ASN G 878 12.61 -36.14 -20.50
C ASN G 878 12.64 -35.96 -18.99
N ALA G 879 11.83 -36.74 -18.24
CA ALA G 879 11.79 -36.72 -16.78
C ALA G 879 13.17 -36.99 -16.22
N CYS G 880 13.89 -37.88 -16.89
CA CYS G 880 15.24 -38.27 -16.51
C CYS G 880 16.27 -37.16 -16.83
N ARG G 881 16.21 -36.58 -18.05
CA ARG G 881 17.07 -35.51 -18.53
C ARG G 881 16.97 -34.30 -17.58
N LEU G 882 15.74 -33.84 -17.34
CA LEU G 882 15.45 -32.68 -16.51
C LEU G 882 15.68 -32.88 -15.03
N ALA G 883 15.38 -34.08 -14.49
CA ALA G 883 15.62 -34.33 -13.07
C ALA G 883 17.12 -34.21 -12.82
N ILE G 884 17.95 -34.77 -13.75
CA ILE G 884 19.41 -34.71 -13.71
C ILE G 884 19.87 -33.25 -13.74
N LYS G 885 19.26 -32.44 -14.60
CA LYS G 885 19.61 -31.04 -14.72
C LYS G 885 19.19 -30.18 -13.48
N CYS G 886 18.07 -30.59 -12.81
CA CYS G 886 17.60 -29.95 -11.59
C CYS G 886 18.62 -30.13 -10.49
N CYS G 887 18.98 -31.38 -10.22
CA CYS G 887 19.99 -31.76 -9.22
C CYS G 887 21.31 -31.08 -9.48
N ASN G 888 21.75 -31.08 -10.73
CA ASN G 888 22.99 -30.45 -11.10
C ASN G 888 22.98 -28.98 -10.76
N PHE G 889 21.80 -28.32 -10.87
CA PHE G 889 21.65 -26.89 -10.55
C PHE G 889 21.66 -26.58 -9.05
N ILE G 890 20.65 -27.10 -8.31
CA ILE G 890 20.51 -26.85 -6.86
C ILE G 890 21.73 -27.34 -6.06
N GLU G 891 22.26 -28.52 -6.44
CA GLU G 891 23.43 -29.14 -5.78
C GLU G 891 24.78 -28.61 -6.27
N ASP G 892 24.77 -27.60 -7.16
CA ASP G 892 25.98 -26.98 -7.69
C ASP G 892 26.70 -26.28 -6.53
N ALA G 893 28.01 -26.54 -6.40
CA ALA G 893 28.86 -25.97 -5.35
C ALA G 893 28.93 -24.47 -5.42
N ASN G 894 28.79 -23.88 -6.64
CA ASN G 894 28.84 -22.44 -6.88
C ASN G 894 27.76 -21.73 -6.12
N PHE G 895 26.56 -22.37 -5.99
CA PHE G 895 25.41 -21.81 -5.27
C PHE G 895 25.38 -22.23 -3.82
N GLN G 896 26.37 -23.01 -3.40
CA GLN G 896 26.43 -23.50 -2.05
C GLN G 896 27.49 -22.79 -1.22
N VAL G 897 27.28 -22.72 0.10
CA VAL G 897 28.15 -22.12 1.10
C VAL G 897 29.61 -22.59 0.95
N LYS G 898 30.59 -21.66 1.02
CA LYS G 898 32.01 -21.97 0.89
C LYS G 898 32.61 -22.47 2.19
N HIS G 899 33.32 -23.62 2.13
CA HIS G 899 33.87 -24.24 3.33
C HIS G 899 35.22 -23.71 3.82
N ASN G 900 35.95 -22.95 2.99
CA ASN G 900 37.17 -22.31 3.45
C ASN G 900 36.89 -20.86 3.85
N ALA G 901 36.15 -20.71 4.96
CA ALA G 901 35.77 -19.41 5.53
C ALA G 901 35.53 -19.52 7.04
N ASN G 902 35.87 -18.46 7.83
CA ASN G 902 35.62 -18.39 9.29
C ASN G 902 34.10 -18.23 9.50
N LEU G 903 33.33 -19.31 9.21
CA LEU G 903 31.87 -19.31 9.32
C LEU G 903 31.33 -20.11 10.49
N SER G 904 30.38 -19.52 11.23
CA SER G 904 29.69 -20.17 12.35
C SER G 904 28.62 -21.05 11.75
N ALA G 905 28.14 -22.05 12.50
CA ALA G 905 27.12 -22.95 11.96
C ALA G 905 25.84 -22.19 11.53
N ASP G 906 25.46 -21.15 12.30
CA ASP G 906 24.31 -20.30 12.02
C ASP G 906 24.55 -19.43 10.82
N GLU G 907 25.80 -18.93 10.66
CA GLU G 907 26.20 -18.13 9.50
C GLU G 907 26.06 -18.99 8.24
N ARG G 908 26.51 -20.27 8.30
CA ARG G 908 26.36 -21.18 7.17
C ARG G 908 24.90 -21.53 6.86
N HIS G 909 24.00 -21.51 7.87
CA HIS G 909 22.56 -21.77 7.71
C HIS G 909 21.81 -20.54 7.17
N LEU G 910 22.24 -19.34 7.63
CA LEU G 910 21.67 -18.07 7.19
C LEU G 910 22.19 -17.68 5.80
N ARG G 911 23.35 -18.27 5.41
CA ARG G 911 24.02 -18.09 4.11
C ARG G 911 24.57 -16.68 3.90
N PHE G 912 24.90 -16.00 5.03
CA PHE G 912 25.49 -14.68 5.12
C PHE G 912 26.20 -14.50 6.44
N PHE G 913 27.19 -13.60 6.46
CA PHE G 913 27.97 -13.29 7.65
C PHE G 913 28.30 -11.80 7.66
N TYR G 914 28.49 -11.21 8.85
CA TYR G 914 28.85 -9.79 8.93
C TYR G 914 30.35 -9.68 9.06
N ASP G 915 31.00 -9.19 8.00
CA ASP G 915 32.45 -9.01 7.99
C ASP G 915 32.75 -7.53 8.10
N ASP G 916 33.53 -7.14 9.14
CA ASP G 916 33.94 -5.75 9.39
C ASP G 916 32.74 -4.75 9.21
N GLY G 917 31.57 -5.15 9.71
CA GLY G 917 30.36 -4.34 9.60
C GLY G 917 29.52 -4.69 8.40
N VAL G 918 30.18 -4.96 7.24
CA VAL G 918 29.54 -5.29 5.97
C VAL G 918 28.89 -6.68 5.95
N LYS G 919 27.59 -6.75 5.60
CA LYS G 919 26.86 -8.03 5.48
C LYS G 919 27.27 -8.66 4.15
N THR G 920 28.00 -9.79 4.24
CA THR G 920 28.56 -10.52 3.10
C THR G 920 27.91 -11.87 2.92
N SER G 921 27.74 -12.30 1.67
CA SER G 921 27.16 -13.61 1.32
C SER G 921 28.19 -14.72 1.56
N ALA G 922 27.82 -15.71 2.37
CA ALA G 922 28.67 -16.87 2.70
C ALA G 922 28.91 -17.76 1.48
N VAL G 923 28.29 -17.41 0.32
CA VAL G 923 28.41 -18.12 -0.96
C VAL G 923 29.29 -17.29 -1.95
N SER G 924 28.71 -16.19 -2.46
CA SER G 924 29.34 -15.32 -3.47
C SER G 924 30.45 -14.47 -2.99
N GLY G 925 30.49 -14.21 -1.69
CA GLY G 925 31.46 -13.29 -1.09
C GLY G 925 31.05 -11.87 -1.38
N LYS G 926 29.95 -11.71 -2.12
CA LYS G 926 29.40 -10.43 -2.54
C LYS G 926 28.60 -9.79 -1.41
N SER G 927 28.46 -8.44 -1.45
CA SER G 927 27.70 -7.62 -0.50
C SER G 927 26.20 -7.93 -0.62
N SER G 928 25.70 -8.18 -1.87
CA SER G 928 24.30 -8.54 -2.11
C SER G 928 24.06 -10.02 -1.79
N VAL G 929 23.44 -10.25 -0.63
CA VAL G 929 23.15 -11.57 -0.08
C VAL G 929 22.20 -12.45 -0.94
N ILE G 930 21.18 -11.81 -1.59
CA ILE G 930 20.17 -12.47 -2.43
C ILE G 930 20.48 -12.43 -3.94
N ASP G 931 20.66 -13.65 -4.53
CA ASP G 931 20.93 -13.84 -5.95
C ASP G 931 19.66 -14.32 -6.59
N ASP G 932 19.13 -13.52 -7.54
CA ASP G 932 17.88 -13.83 -8.23
C ASP G 932 17.98 -15.01 -9.20
N ASN G 933 19.20 -15.34 -9.64
CA ASN G 933 19.46 -16.44 -10.54
C ASN G 933 19.35 -17.81 -9.87
N THR G 934 19.30 -17.87 -8.53
CA THR G 934 19.20 -19.12 -7.80
C THR G 934 17.79 -19.76 -7.82
N SER G 935 16.73 -18.99 -8.10
CA SER G 935 15.34 -19.47 -8.18
C SER G 935 14.99 -19.54 -9.66
N VAL G 936 15.19 -20.71 -10.25
CA VAL G 936 15.09 -20.90 -11.69
C VAL G 936 14.01 -21.92 -12.15
N VAL G 937 13.46 -21.74 -13.39
CA VAL G 937 12.51 -22.66 -14.03
C VAL G 937 13.34 -23.48 -15.02
N ILE G 938 13.42 -24.81 -14.82
CA ILE G 938 14.19 -25.69 -15.70
C ILE G 938 13.30 -26.28 -16.79
N GLY G 939 13.46 -25.78 -18.01
CA GLY G 939 12.65 -26.24 -19.13
C GLY G 939 13.41 -26.52 -20.42
N ILE G 940 12.66 -26.83 -21.48
CA ILE G 940 13.22 -27.11 -22.79
C ILE G 940 12.86 -26.00 -23.76
N GLN G 941 13.87 -25.49 -24.50
CA GLN G 941 13.76 -24.48 -25.55
C GLN G 941 14.49 -25.11 -26.73
N GLY G 942 13.74 -25.60 -27.70
CA GLY G 942 14.30 -26.31 -28.84
C GLY G 942 14.62 -27.73 -28.42
N SER G 943 15.89 -28.02 -28.18
CA SER G 943 16.42 -29.32 -27.73
C SER G 943 17.09 -29.13 -26.37
N GLU G 944 17.75 -27.97 -26.21
CA GLU G 944 18.50 -27.50 -25.06
C GLU G 944 17.62 -27.29 -23.83
N VAL G 945 18.20 -27.54 -22.64
CA VAL G 945 17.61 -27.36 -21.31
C VAL G 945 17.96 -25.93 -20.91
N THR G 946 16.97 -25.16 -20.44
CA THR G 946 17.18 -23.76 -20.05
C THR G 946 16.83 -23.53 -18.60
N PHE G 947 17.60 -22.65 -17.95
CA PHE G 947 17.45 -22.27 -16.56
C PHE G 947 17.00 -20.82 -16.57
N THR G 948 15.74 -20.54 -16.22
CA THR G 948 15.22 -19.19 -16.32
C THR G 948 14.72 -18.68 -14.97
N PRO G 949 15.21 -17.53 -14.48
CA PRO G 949 14.75 -17.02 -13.18
C PRO G 949 13.30 -16.54 -13.15
N VAL G 950 12.53 -16.98 -12.12
CA VAL G 950 11.11 -16.63 -11.90
C VAL G 950 10.77 -15.15 -11.96
N LYS G 951 11.54 -14.25 -11.27
CA LYS G 951 11.23 -12.81 -11.22
C LYS G 951 10.92 -12.24 -12.58
N GLN G 952 11.77 -12.55 -13.56
CA GLN G 952 11.70 -12.16 -14.97
C GLN G 952 10.51 -12.84 -15.63
N LEU G 953 10.35 -14.16 -15.44
CA LEU G 953 9.21 -14.91 -15.99
C LEU G 953 7.87 -14.44 -15.43
N TRP G 954 7.84 -14.00 -14.17
CA TRP G 954 6.62 -13.57 -13.51
C TRP G 954 6.05 -12.25 -14.00
N GLU G 955 6.88 -11.32 -14.50
CA GLU G 955 6.37 -10.09 -15.11
C GLU G 955 5.83 -10.39 -16.54
N ASN G 956 6.50 -11.32 -17.25
CA ASN G 956 6.15 -11.76 -18.58
C ASN G 956 4.79 -12.50 -18.65
N GLU G 957 4.49 -13.44 -17.71
CA GLU G 957 3.26 -14.23 -17.66
C GLU G 957 1.98 -13.41 -17.52
N THR G 958 0.82 -13.99 -18.00
CA THR G 958 -0.54 -13.39 -17.98
C THR G 958 -1.43 -13.97 -16.83
N HIS G 959 -2.46 -13.20 -16.40
CA HIS G 959 -3.44 -13.59 -15.35
C HIS G 959 -4.36 -14.73 -15.83
N HIS G 960 -4.24 -15.11 -17.14
CA HIS G 960 -4.93 -16.20 -17.83
C HIS G 960 -4.08 -17.49 -17.78
N LYS G 961 -3.26 -17.64 -16.71
CA LYS G 961 -2.37 -18.77 -16.42
C LYS G 961 -1.38 -19.11 -17.58
N TRP G 962 -0.82 -18.04 -18.21
CA TRP G 962 0.13 -18.05 -19.33
C TRP G 962 -0.21 -19.04 -20.45
N ASN G 967 2.04 -14.54 -26.06
CA ASN G 967 3.49 -14.67 -26.25
C ASN G 967 3.91 -15.97 -26.98
N VAL G 968 3.31 -17.12 -26.58
CA VAL G 968 3.58 -18.47 -27.10
C VAL G 968 2.61 -18.88 -28.23
N HIS G 969 3.17 -19.35 -29.37
CA HIS G 969 2.39 -19.79 -30.52
C HIS G 969 2.64 -21.17 -31.10
N TRP G 970 1.53 -21.89 -31.26
CA TRP G 970 1.37 -23.22 -31.83
C TRP G 970 0.36 -23.13 -32.99
N GLU G 971 0.33 -21.95 -33.69
CA GLU G 971 -0.58 -21.61 -34.79
C GLU G 971 -0.61 -22.67 -35.89
N GLN G 972 0.57 -23.14 -36.32
CA GLN G 972 0.68 -24.11 -37.38
C GLN G 972 0.01 -25.46 -37.12
N LEU G 973 -0.28 -25.80 -35.84
CA LEU G 973 -1.00 -27.02 -35.50
C LEU G 973 -2.40 -26.88 -36.05
N ASN G 974 -3.03 -25.71 -35.80
CA ASN G 974 -4.36 -25.34 -36.28
C ASN G 974 -4.44 -25.14 -37.80
N ILE G 975 -3.39 -24.57 -38.41
CA ILE G 975 -3.33 -24.38 -39.87
C ILE G 975 -3.31 -25.71 -40.59
N VAL G 976 -2.40 -26.62 -40.20
CA VAL G 976 -2.26 -27.94 -40.80
C VAL G 976 -3.51 -28.81 -40.61
N SER G 977 -4.06 -28.83 -39.37
CA SER G 977 -5.27 -29.59 -39.08
C SER G 977 -6.44 -29.15 -39.97
N ASP G 978 -6.62 -27.84 -40.15
CA ASP G 978 -7.68 -27.28 -41.00
C ASP G 978 -7.45 -27.58 -42.47
N LEU G 979 -6.19 -27.70 -42.89
CA LEU G 979 -5.88 -27.98 -44.27
C LEU G 979 -6.32 -29.42 -44.55
N LEU G 980 -5.92 -30.36 -43.66
CA LEU G 980 -6.18 -31.80 -43.76
C LEU G 980 -7.60 -32.27 -43.49
N SER G 981 -8.36 -31.53 -42.63
CA SER G 981 -9.81 -31.72 -42.44
C SER G 981 -10.40 -30.90 -43.60
N GLY G 982 -11.71 -30.91 -43.80
CA GLY G 982 -12.28 -30.12 -44.88
C GLY G 982 -12.19 -28.60 -44.72
N ARG G 983 -12.05 -28.10 -43.45
CA ARG G 983 -12.05 -26.68 -43.10
C ARG G 983 -11.45 -25.68 -44.09
N LEU G 984 -10.13 -25.72 -44.33
CA LEU G 984 -9.47 -24.77 -45.23
C LEU G 984 -10.02 -24.80 -46.66
N SER G 985 -10.44 -25.98 -47.12
CA SER G 985 -11.01 -26.18 -48.45
C SER G 985 -12.43 -25.62 -48.53
N ILE G 986 -13.24 -25.79 -47.45
CA ILE G 986 -14.62 -25.29 -47.39
C ILE G 986 -14.59 -23.78 -47.22
N ARG G 987 -13.59 -23.28 -46.47
CA ARG G 987 -13.35 -21.86 -46.21
C ARG G 987 -12.88 -21.10 -47.46
N THR G 988 -12.38 -21.81 -48.53
CA THR G 988 -11.87 -21.22 -49.79
C THR G 988 -12.58 -21.70 -51.09
N THR G 989 -13.51 -22.70 -50.97
CA THR G 989 -14.24 -23.37 -52.06
C THR G 989 -13.26 -24.07 -53.02
N SER H 5 -86.40 -51.31 -11.72
CA SER H 5 -86.22 -52.65 -12.27
C SER H 5 -87.15 -53.67 -11.61
N LEU H 6 -87.05 -54.95 -12.03
CA LEU H 6 -87.81 -56.07 -11.46
C LEU H 6 -86.90 -57.22 -11.08
N PHE H 7 -85.83 -57.45 -11.86
CA PHE H 7 -84.79 -58.42 -11.53
C PHE H 7 -83.78 -57.59 -10.71
N ASN H 8 -84.15 -57.29 -9.47
CA ASN H 8 -83.43 -56.44 -8.54
C ASN H 8 -82.08 -56.95 -8.06
N GLY H 9 -81.90 -58.26 -7.94
CA GLY H 9 -80.64 -58.84 -7.49
C GLY H 9 -80.42 -60.27 -7.90
N THR H 10 -79.45 -60.94 -7.25
CA THR H 10 -79.07 -62.34 -7.49
C THR H 10 -78.95 -63.02 -6.13
N SER H 11 -79.94 -63.86 -5.78
CA SER H 11 -79.97 -64.54 -4.48
C SER H 11 -79.00 -65.71 -4.33
N PHE H 12 -79.16 -66.76 -5.18
CA PHE H 12 -78.33 -67.96 -5.14
C PHE H 12 -78.43 -68.81 -6.41
N ILE H 13 -77.38 -69.63 -6.63
CA ILE H 13 -77.28 -70.61 -7.72
C ILE H 13 -77.77 -71.96 -7.16
N THR H 14 -78.66 -72.63 -7.89
CA THR H 14 -79.22 -73.94 -7.48
C THR H 14 -78.65 -75.07 -8.36
N LEU H 15 -77.94 -76.03 -7.73
CA LEU H 15 -77.33 -77.17 -8.43
C LEU H 15 -77.97 -78.51 -8.01
N PHE H 16 -78.32 -79.35 -9.00
CA PHE H 16 -78.92 -80.68 -8.80
C PHE H 16 -77.85 -81.77 -9.05
N ALA H 17 -77.67 -82.67 -8.06
CA ALA H 17 -76.67 -83.75 -8.06
C ALA H 17 -77.27 -85.15 -8.38
N PRO H 18 -76.47 -86.10 -8.94
CA PRO H 18 -77.00 -87.44 -9.22
C PRO H 18 -76.94 -88.38 -8.02
N ASN H 19 -78.13 -88.74 -7.48
CA ASN H 19 -78.38 -89.62 -6.33
C ASN H 19 -77.69 -89.17 -5.03
N SER H 21 -74.07 -88.47 -3.93
CA SER H 21 -72.94 -89.30 -4.33
C SER H 21 -71.66 -88.47 -4.50
N LEU H 23 -72.19 -84.80 -5.61
CA LEU H 23 -72.80 -84.22 -4.42
C LEU H 23 -71.76 -83.93 -3.32
N GLN H 24 -70.96 -84.94 -2.94
CA GLN H 24 -69.91 -84.79 -1.93
C GLN H 24 -68.62 -84.30 -2.58
N ALA H 25 -68.31 -84.80 -3.80
CA ALA H 25 -67.13 -84.43 -4.58
C ALA H 25 -67.15 -82.93 -4.87
N SER H 26 -68.35 -82.38 -5.16
CA SER H 26 -68.56 -80.95 -5.40
C SER H 26 -68.53 -80.19 -4.09
N ILE H 27 -69.13 -80.76 -3.00
CA ILE H 27 -69.11 -80.16 -1.65
C ILE H 27 -67.66 -79.91 -1.20
N ASP H 28 -66.75 -80.86 -1.47
CA ASP H 28 -65.32 -80.76 -1.15
C ASP H 28 -64.61 -79.72 -2.05
N PHE H 29 -65.03 -79.60 -3.33
CA PHE H 29 -64.45 -78.67 -4.30
C PHE H 29 -64.73 -77.20 -3.97
N TYR H 30 -66.01 -76.81 -3.89
CA TYR H 30 -66.43 -75.44 -3.60
C TYR H 30 -65.99 -74.93 -2.22
N THR H 31 -65.70 -75.85 -1.26
CA THR H 31 -65.24 -75.49 0.08
C THR H 31 -63.72 -75.28 0.15
N ASN H 32 -62.94 -76.20 -0.46
CA ASN H 32 -61.47 -76.13 -0.46
C ASN H 32 -60.96 -75.11 -1.48
N PHE H 33 -61.55 -75.10 -2.69
CA PHE H 33 -61.14 -74.23 -3.79
C PHE H 33 -61.76 -72.82 -3.79
N LEU H 34 -63.04 -72.68 -3.40
CA LEU H 34 -63.70 -71.37 -3.40
C LEU H 34 -63.88 -70.66 -2.06
N GLY H 35 -63.70 -71.38 -0.95
CA GLY H 35 -63.82 -70.82 0.39
C GLY H 35 -65.23 -70.77 0.95
N PHE H 36 -66.09 -71.68 0.47
CA PHE H 36 -67.47 -71.80 0.94
C PHE H 36 -67.53 -72.65 2.22
N ALA H 37 -68.72 -72.75 2.83
CA ALA H 37 -68.95 -73.53 4.05
C ALA H 37 -70.37 -74.09 4.09
N ILE H 38 -70.53 -75.34 4.57
CA ILE H 38 -71.82 -75.97 4.70
C ILE H 38 -72.58 -75.35 5.90
N ARG H 39 -73.84 -74.94 5.68
CA ARG H 39 -74.69 -74.34 6.71
C ARG H 39 -75.07 -75.40 7.76
N LYS H 40 -75.07 -74.98 9.05
CA LYS H 40 -75.35 -75.80 10.22
C LYS H 40 -76.70 -76.51 10.20
N ASN H 41 -76.70 -77.81 10.58
CA ASN H 41 -77.87 -78.71 10.65
C ASN H 41 -78.67 -78.81 9.33
N SER H 42 -78.12 -79.59 8.37
CA SER H 42 -78.69 -79.83 7.03
C SER H 42 -80.06 -80.51 7.08
N ASN H 43 -81.03 -79.96 6.30
CA ASN H 43 -82.41 -80.44 6.19
C ASN H 43 -82.51 -81.89 5.68
N GLN H 44 -81.67 -82.24 4.68
CA GLN H 44 -81.60 -83.59 4.11
C GLN H 44 -80.15 -84.09 4.14
N LYS H 45 -79.88 -85.10 5.00
CA LYS H 45 -78.57 -85.74 5.22
C LYS H 45 -77.50 -84.81 5.82
N LEU H 49 -76.95 -75.99 2.10
CA LEU H 49 -76.65 -74.65 1.61
C LEU H 49 -75.17 -74.28 1.82
N GLN H 50 -74.50 -73.85 0.73
CA GLN H 50 -73.08 -73.46 0.74
C GLN H 50 -72.94 -71.94 0.67
N LEU H 51 -72.68 -71.31 1.84
CA LEU H 51 -72.51 -69.86 1.99
C LEU H 51 -71.03 -69.55 2.13
N GLU H 52 -70.59 -68.41 1.59
CA GLU H 52 -69.19 -68.00 1.67
C GLU H 52 -68.77 -67.42 3.03
N GLU H 53 -69.23 -66.20 3.38
CA GLU H 53 -68.89 -65.51 4.64
C GLU H 53 -69.93 -64.48 5.09
N ASP H 54 -69.77 -63.96 6.33
CA ASP H 54 -70.62 -62.96 6.97
C ASP H 54 -70.56 -61.60 6.26
N GLN H 55 -71.63 -60.78 6.42
CA GLN H 55 -71.83 -59.45 5.82
C GLN H 55 -71.80 -59.46 4.27
N ASN H 56 -72.12 -60.62 3.68
CA ASN H 56 -72.12 -60.87 2.23
C ASN H 56 -73.49 -61.36 1.74
N ASN H 57 -73.55 -61.89 0.50
CA ASN H 57 -74.77 -62.39 -0.14
C ASN H 57 -74.48 -63.53 -1.16
N VAL H 58 -73.39 -64.30 -0.92
CA VAL H 58 -72.98 -65.42 -1.77
C VAL H 58 -73.56 -66.72 -1.26
N SER H 59 -74.24 -67.47 -2.15
CA SER H 59 -74.87 -68.74 -1.82
C SER H 59 -75.05 -69.67 -3.03
N ILE H 60 -74.79 -70.96 -2.82
CA ILE H 60 -74.94 -72.03 -3.80
C ILE H 60 -75.72 -73.18 -3.16
N GLN H 61 -76.90 -73.51 -3.70
CA GLN H 61 -77.76 -74.58 -3.18
C GLN H 61 -77.51 -75.92 -3.87
N LEU H 62 -77.28 -76.99 -3.09
CA LEU H 62 -77.03 -78.34 -3.62
C LEU H 62 -78.10 -79.34 -3.17
N ILE H 63 -78.77 -79.99 -4.15
CA ILE H 63 -79.83 -80.98 -3.93
C ILE H 63 -79.44 -82.33 -4.56
N LEU H 64 -79.64 -83.45 -3.82
CA LEU H 64 -79.30 -84.81 -4.26
C LEU H 64 -80.39 -85.52 -5.07
N ASP H 65 -81.45 -84.80 -5.48
CA ASP H 65 -82.57 -85.33 -6.27
C ASP H 65 -82.12 -85.73 -7.69
N PRO H 66 -82.50 -86.93 -8.18
CA PRO H 66 -82.08 -87.34 -9.54
C PRO H 66 -82.72 -86.55 -10.67
N GLU H 67 -82.18 -85.33 -10.89
CA GLU H 67 -82.55 -84.36 -11.90
C GLU H 67 -81.40 -84.14 -12.91
N HIS H 68 -80.16 -84.54 -12.54
CA HIS H 68 -78.96 -84.45 -13.40
C HIS H 68 -78.30 -85.83 -13.48
N ALA H 69 -78.07 -86.36 -14.71
CA ALA H 69 -77.48 -87.70 -14.94
C ALA H 69 -75.96 -87.77 -14.86
N ALA H 70 -75.43 -88.90 -14.34
CA ALA H 70 -74.00 -89.17 -14.18
C ALA H 70 -73.29 -89.36 -15.52
N SER H 71 -74.00 -89.95 -16.51
CA SER H 71 -73.49 -90.20 -17.86
C SER H 71 -73.36 -88.89 -18.66
N VAL H 72 -74.38 -88.00 -18.57
CA VAL H 72 -74.43 -86.70 -19.27
C VAL H 72 -73.31 -85.78 -18.75
N SER H 73 -73.24 -85.60 -17.41
CA SER H 73 -72.25 -84.77 -16.71
C SER H 73 -70.81 -85.19 -17.00
N GLN H 74 -70.53 -86.52 -17.03
CA GLN H 74 -69.20 -87.06 -17.32
C GLN H 74 -68.78 -86.73 -18.76
N ILE H 75 -69.72 -86.87 -19.73
CA ILE H 75 -69.51 -86.57 -21.16
C ILE H 75 -69.28 -85.06 -21.37
N ASP H 76 -70.00 -84.21 -20.62
CA ASP H 76 -69.87 -82.74 -20.69
C ASP H 76 -68.51 -82.26 -20.18
N GLN H 77 -67.95 -82.92 -19.13
CA GLN H 77 -66.64 -82.59 -18.54
C GLN H 77 -65.51 -82.83 -19.52
N ASN H 78 -65.53 -83.98 -20.22
CA ASN H 78 -64.56 -84.35 -21.26
C ASN H 78 -64.74 -83.46 -22.52
N ILE H 79 -66.00 -83.05 -22.81
CA ILE H 79 -66.36 -82.19 -23.95
C ILE H 79 -65.75 -80.80 -23.81
N ARG H 80 -65.67 -80.30 -22.56
CA ARG H 80 -65.06 -79.01 -22.20
C ARG H 80 -63.54 -79.02 -22.40
N ASN H 81 -62.92 -80.23 -22.40
CA ASN H 81 -61.48 -80.40 -22.62
C ASN H 81 -61.12 -80.18 -24.10
N LEU H 82 -61.20 -78.90 -24.49
CA LEU H 82 -60.94 -78.30 -25.79
C LEU H 82 -60.65 -76.82 -25.52
N THR H 83 -59.36 -76.41 -25.63
CA THR H 83 -58.88 -75.06 -25.38
C THR H 83 -58.25 -74.42 -26.64
N ILE H 94 -68.47 -74.41 -25.97
CA ILE H 94 -69.36 -73.36 -25.47
C ILE H 94 -70.48 -73.96 -24.60
N GLN H 95 -70.81 -73.28 -23.49
CA GLN H 95 -71.85 -73.66 -22.50
C GLN H 95 -72.22 -72.45 -21.61
N SER H 96 -73.48 -72.40 -21.17
CA SER H 96 -74.00 -71.36 -20.27
C SER H 96 -73.32 -71.51 -18.91
N ASN H 97 -72.95 -70.38 -18.29
CA ASN H 97 -72.18 -70.34 -17.05
C ASN H 97 -72.56 -69.22 -16.07
N ILE H 98 -71.89 -69.23 -14.91
CA ILE H 98 -72.06 -68.28 -13.82
C ILE H 98 -70.69 -67.70 -13.45
N ALA H 99 -70.59 -66.36 -13.39
CA ALA H 99 -69.34 -65.69 -13.03
C ALA H 99 -69.39 -65.10 -11.62
N PHE H 100 -68.23 -65.09 -10.93
CA PHE H 100 -68.10 -64.58 -9.56
C PHE H 100 -67.17 -63.38 -9.51
N LYS H 101 -67.45 -62.43 -8.60
CA LYS H 101 -66.56 -61.27 -8.38
C LYS H 101 -65.50 -61.75 -7.39
N SER H 102 -64.22 -61.84 -7.82
CA SER H 102 -63.13 -62.27 -6.93
C SER H 102 -61.83 -61.51 -7.20
N SER H 103 -61.20 -60.96 -6.12
CA SER H 103 -59.95 -60.19 -6.15
C SER H 103 -58.75 -61.13 -6.30
N SER H 104 -57.69 -60.65 -7.02
CA SER H 104 -56.43 -61.38 -7.31
C SER H 104 -56.67 -62.82 -7.78
N LEU H 105 -57.12 -62.92 -9.05
CA LEU H 105 -57.46 -64.18 -9.74
C LEU H 105 -56.25 -65.07 -9.92
N SER H 106 -55.05 -64.46 -10.05
CA SER H 106 -53.75 -65.13 -10.19
C SER H 106 -53.55 -66.25 -9.15
N LYS H 107 -53.91 -65.98 -7.87
CA LYS H 107 -53.82 -66.93 -6.74
C LYS H 107 -54.76 -68.12 -6.87
N LEU H 108 -56.00 -67.90 -7.35
CA LEU H 108 -56.99 -68.95 -7.55
C LEU H 108 -56.64 -69.86 -8.73
N VAL H 109 -56.12 -69.26 -9.83
CA VAL H 109 -55.71 -69.97 -11.05
C VAL H 109 -54.60 -70.97 -10.74
N LYS H 110 -53.59 -70.57 -9.93
CA LYS H 110 -52.49 -71.42 -9.48
C LYS H 110 -53.02 -72.57 -8.60
N LEU H 111 -53.94 -72.25 -7.66
CA LEU H 111 -54.58 -73.19 -6.74
C LEU H 111 -55.41 -74.25 -7.46
N LEU H 112 -56.04 -73.89 -8.60
CA LEU H 112 -56.84 -74.80 -9.43
C LEU H 112 -55.94 -75.71 -10.28
N LYS H 113 -55.00 -75.09 -11.05
CA LYS H 113 -54.06 -75.75 -11.95
C LYS H 113 -53.25 -76.81 -11.21
N ASP H 114 -52.69 -76.44 -10.03
CA ASP H 114 -51.90 -77.33 -9.17
C ASP H 114 -52.77 -78.38 -8.46
N GLY H 115 -54.07 -78.10 -8.35
CA GLY H 115 -55.06 -78.99 -7.76
C GLY H 115 -55.65 -79.97 -8.77
N GLY H 116 -55.15 -79.91 -10.01
CA GLY H 116 -55.57 -80.76 -11.11
C GLY H 116 -56.82 -80.32 -11.85
N HIS H 117 -57.09 -79.01 -11.88
CA HIS H 117 -58.26 -78.43 -12.56
C HIS H 117 -57.85 -77.49 -13.69
N PRO H 118 -58.35 -77.68 -14.93
CA PRO H 118 -57.96 -76.78 -16.02
C PRO H 118 -58.67 -75.44 -15.93
N VAL H 119 -57.99 -74.37 -16.39
CA VAL H 119 -58.52 -72.99 -16.35
C VAL H 119 -58.32 -72.24 -17.68
N GLN H 120 -59.24 -71.29 -17.99
CA GLN H 120 -59.24 -70.43 -19.18
C GLN H 120 -59.13 -68.98 -18.70
N GLN H 121 -58.23 -68.18 -19.32
CA GLN H 121 -57.98 -66.78 -18.93
C GLN H 121 -57.63 -65.83 -20.09
N SER H 122 -57.64 -64.48 -19.85
CA SER H 122 -57.33 -63.49 -20.90
C SER H 122 -55.80 -63.33 -21.24
N PRO H 123 -54.94 -62.54 -20.53
CA PRO H 123 -53.52 -62.49 -20.91
C PRO H 123 -52.59 -63.34 -20.01
N ASN H 124 -53.17 -64.24 -19.16
CA ASN H 124 -52.48 -65.06 -18.13
C ASN H 124 -51.82 -64.16 -17.05
N GLU H 125 -52.24 -62.88 -17.01
CA GLU H 125 -51.79 -61.80 -16.14
C GLU H 125 -52.65 -61.41 -14.90
N ILE H 126 -54.03 -61.54 -14.87
CA ILE H 126 -55.05 -62.04 -15.81
C ILE H 126 -56.42 -61.37 -15.56
N SER H 127 -57.38 -61.45 -16.52
CA SER H 127 -58.73 -60.86 -16.38
C SER H 127 -59.83 -61.87 -15.92
N PRO H 128 -60.56 -62.65 -16.78
CA PRO H 128 -61.54 -63.60 -16.21
C PRO H 128 -61.00 -65.06 -16.15
N PHE H 129 -61.20 -65.75 -15.02
CA PHE H 129 -60.77 -67.15 -14.83
C PHE H 129 -61.97 -68.10 -14.92
N GLU H 130 -61.85 -69.23 -15.66
CA GLU H 130 -62.97 -70.17 -15.85
C GLU H 130 -62.58 -71.68 -15.70
N VAL H 131 -63.10 -72.37 -14.66
CA VAL H 131 -62.85 -73.80 -14.40
C VAL H 131 -64.17 -74.63 -14.40
N TYR H 132 -64.11 -75.95 -14.08
CA TYR H 132 -65.27 -76.85 -14.06
C TYR H 132 -65.23 -77.88 -12.90
N THR H 133 -66.43 -78.17 -12.31
CA THR H 133 -66.65 -79.15 -11.22
C THR H 133 -67.55 -80.28 -11.76
N VAL H 134 -68.35 -80.94 -10.89
CA VAL H 134 -69.37 -81.91 -11.34
C VAL H 134 -70.47 -81.03 -11.98
N ASP H 135 -70.49 -79.73 -11.55
CA ASP H 135 -71.28 -78.59 -12.01
C ASP H 135 -70.28 -77.75 -12.86
N PRO H 136 -70.20 -78.02 -14.19
CA PRO H 136 -69.19 -77.32 -15.01
C PRO H 136 -69.43 -75.84 -15.32
N LEU H 137 -68.36 -75.17 -15.84
CA LEU H 137 -68.27 -73.77 -16.23
C LEU H 137 -68.62 -72.84 -15.07
N GLY H 138 -67.66 -72.72 -14.15
CA GLY H 138 -67.69 -71.87 -12.98
C GLY H 138 -66.72 -70.74 -13.24
N SER H 139 -67.22 -69.64 -13.82
CA SER H 139 -66.44 -68.46 -14.18
C SER H 139 -66.14 -67.53 -12.99
N LEU H 140 -65.10 -66.69 -13.13
CA LEU H 140 -64.67 -65.73 -12.10
C LEU H 140 -64.11 -64.44 -12.77
N ILE H 141 -64.74 -63.26 -12.55
CA ILE H 141 -64.30 -61.96 -13.10
C ILE H 141 -63.71 -61.09 -11.98
N GLY H 142 -62.67 -60.34 -12.31
CA GLY H 142 -61.96 -59.51 -11.34
C GLY H 142 -62.44 -58.08 -11.08
N PHE H 143 -63.71 -57.73 -11.41
CA PHE H 143 -64.28 -56.38 -11.23
C PHE H 143 -65.48 -56.36 -10.28
N GLY H 145 -68.17 -54.56 -13.17
CA GLY H 145 -69.21 -54.72 -14.18
C GLY H 145 -68.74 -54.84 -15.62
N PHE H 146 -67.92 -53.84 -16.10
CA PHE H 146 -67.31 -53.69 -17.44
C PHE H 146 -65.77 -53.40 -17.41
N LYS H 147 -65.06 -53.49 -18.58
CA LYS H 147 -63.61 -53.29 -18.81
C LYS H 147 -63.03 -52.06 -18.11
N ASN H 148 -61.95 -52.22 -17.29
CA ASN H 148 -61.29 -51.21 -16.42
C ASN H 148 -60.17 -51.90 -15.57
N PRO H 149 -59.11 -51.24 -15.00
CA PRO H 149 -58.20 -51.98 -14.10
C PRO H 149 -59.00 -52.57 -12.91
N PHE H 150 -58.87 -53.90 -12.69
CA PHE H 150 -59.53 -54.78 -11.72
C PHE H 150 -59.75 -54.32 -10.26
N ALA H 151 -60.50 -55.13 -9.47
CA ALA H 151 -60.80 -54.92 -8.05
C ALA H 151 -59.53 -55.17 -7.26
N VAL H 152 -59.17 -54.25 -6.34
CA VAL H 152 -57.95 -54.30 -5.51
C VAL H 152 -57.80 -55.60 -4.71
N ASN H 153 -56.58 -56.18 -4.71
CA ASN H 153 -56.22 -57.41 -4.00
C ASN H 153 -56.29 -57.24 -2.47
N GLU H 154 -57.19 -57.98 -1.82
CA GLU H 154 -57.47 -57.95 -0.38
C GLU H 154 -56.28 -58.35 0.53
N ARG H 155 -56.12 -57.64 1.67
CA ARG H 155 -55.07 -57.83 2.69
C ARG H 155 -53.65 -57.88 2.14
N VAL H 180 -15.85 -71.89 11.97
CA VAL H 180 -16.69 -70.91 12.68
C VAL H 180 -15.84 -69.77 13.28
N ARG H 181 -14.85 -70.09 14.14
CA ARG H 181 -14.00 -69.11 14.83
C ARG H 181 -12.50 -69.11 14.44
N LYS H 182 -12.05 -70.24 13.84
CA LYS H 182 -10.68 -70.59 13.39
C LYS H 182 -9.84 -69.56 12.62
N THR H 183 -8.52 -69.45 12.97
CA THR H 183 -7.54 -68.57 12.33
C THR H 183 -7.04 -69.16 10.99
N ILE H 184 -7.20 -68.40 9.92
CA ILE H 184 -6.85 -68.79 8.56
C ILE H 184 -5.39 -68.43 8.19
N GLY H 185 -4.81 -69.20 7.29
CA GLY H 185 -3.48 -69.00 6.73
C GLY H 185 -3.52 -69.09 5.21
N VAL H 186 -3.11 -68.01 4.51
CA VAL H 186 -3.06 -67.94 3.04
C VAL H 186 -1.65 -68.02 2.56
N MET H 187 -1.48 -68.68 1.42
CA MET H 187 -0.21 -68.76 0.72
C MET H 187 -0.41 -68.86 -0.80
N THR H 188 0.62 -68.43 -1.55
CA THR H 188 0.65 -68.55 -3.00
C THR H 188 1.83 -69.44 -3.39
N SER H 189 1.65 -70.26 -4.41
CA SER H 189 2.72 -71.12 -4.89
C SER H 189 2.82 -71.08 -6.41
N GLY H 190 3.98 -71.50 -6.93
CA GLY H 190 4.27 -71.53 -8.36
C GLY H 190 4.57 -70.18 -8.97
N GLY H 191 4.65 -70.16 -10.29
CA GLY H 191 4.94 -68.94 -11.04
C GLY H 191 3.88 -67.88 -10.92
N ASP H 192 4.30 -66.61 -11.08
CA ASP H 192 3.42 -65.43 -11.03
C ASP H 192 2.23 -65.63 -11.94
N SER H 193 1.02 -65.36 -11.42
CA SER H 193 -0.21 -65.53 -12.17
C SER H 193 -1.10 -64.31 -11.89
N PRO H 194 -1.46 -63.46 -12.89
CA PRO H 194 -2.29 -62.28 -12.58
C PRO H 194 -3.62 -62.68 -11.89
N GLY H 195 -3.95 -62.03 -10.78
CA GLY H 195 -5.15 -62.32 -10.02
C GLY H 195 -4.86 -62.91 -8.65
N MET H 196 -3.59 -63.19 -8.35
CA MET H 196 -3.19 -63.76 -7.08
C MET H 196 -3.41 -62.75 -5.92
N ASN H 197 -3.09 -61.43 -6.16
CA ASN H 197 -3.33 -60.33 -5.20
C ASN H 197 -4.84 -60.15 -4.94
N PRO H 198 -5.70 -59.98 -5.99
CA PRO H 198 -7.16 -59.93 -5.76
C PRO H 198 -7.68 -61.09 -4.91
N PHE H 199 -7.16 -62.32 -5.14
CA PHE H 199 -7.53 -63.51 -4.37
C PHE H 199 -7.13 -63.31 -2.90
N VAL H 200 -5.86 -62.99 -2.62
CA VAL H 200 -5.39 -62.79 -1.25
C VAL H 200 -6.18 -61.68 -0.54
N ARG H 201 -6.39 -60.52 -1.22
CA ARG H 201 -7.19 -59.40 -0.71
C ARG H 201 -8.54 -59.93 -0.20
N ALA H 202 -9.22 -60.78 -1.02
CA ALA H 202 -10.50 -61.39 -0.74
C ALA H 202 -10.43 -62.30 0.50
N VAL H 203 -9.45 -63.21 0.57
CA VAL H 203 -9.27 -64.11 1.71
C VAL H 203 -9.04 -63.31 3.04
N VAL H 204 -8.18 -62.28 2.99
CA VAL H 204 -7.86 -61.45 4.15
C VAL H 204 -9.13 -60.76 4.67
N ARG H 205 -9.89 -60.10 3.78
CA ARG H 205 -11.11 -59.40 4.15
C ARG H 205 -12.27 -60.31 4.56
N ALA H 206 -12.55 -61.38 3.74
CA ALA H 206 -13.63 -62.34 4.01
C ALA H 206 -13.48 -62.98 5.38
N GLY H 207 -12.27 -63.48 5.68
CA GLY H 207 -11.91 -64.10 6.94
C GLY H 207 -12.04 -63.15 8.12
N ILE H 208 -11.61 -61.88 7.92
CA ILE H 208 -11.72 -60.80 8.92
C ILE H 208 -13.20 -60.53 9.24
N TYR H 209 -14.03 -60.35 8.19
CA TYR H 209 -15.47 -60.13 8.25
C TYR H 209 -16.16 -61.31 8.99
N LYS H 210 -15.76 -62.56 8.68
CA LYS H 210 -16.30 -63.75 9.34
C LYS H 210 -15.73 -63.94 10.77
N GLY H 211 -15.02 -62.93 11.24
CA GLY H 211 -14.48 -62.88 12.60
C GLY H 211 -13.32 -63.78 12.92
N CYS H 212 -12.35 -63.92 11.99
CA CYS H 212 -11.14 -64.72 12.27
C CYS H 212 -9.82 -64.15 11.78
N LYS H 213 -8.73 -64.36 12.56
CA LYS H 213 -7.38 -63.89 12.27
C LYS H 213 -6.84 -64.46 10.96
N VAL H 214 -6.36 -63.60 10.07
CA VAL H 214 -5.80 -64.02 8.80
C VAL H 214 -4.28 -63.80 8.85
N PHE H 215 -3.52 -64.85 8.49
CA PHE H 215 -2.06 -64.83 8.40
C PHE H 215 -1.66 -65.04 6.95
N CYS H 216 -0.73 -64.22 6.46
CA CYS H 216 -0.24 -64.38 5.10
C CYS H 216 1.11 -65.07 5.16
N ILE H 217 1.18 -66.30 4.63
CA ILE H 217 2.40 -67.10 4.60
C ILE H 217 3.25 -66.68 3.41
N HIS H 218 4.25 -65.84 3.69
CA HIS H 218 5.19 -65.30 2.72
C HIS H 218 6.13 -66.36 2.22
N GLU H 219 6.41 -66.32 0.91
CA GLU H 219 7.29 -67.24 0.19
C GLU H 219 6.74 -68.69 0.18
N GLY H 220 5.41 -68.81 0.06
CA GLY H 220 4.68 -70.08 -0.01
C GLY H 220 5.14 -71.19 0.93
N TYR H 221 5.47 -72.35 0.36
CA TYR H 221 5.92 -73.51 1.14
C TYR H 221 7.20 -73.28 1.91
N GLU H 222 8.14 -72.48 1.35
CA GLU H 222 9.39 -72.09 2.03
C GLU H 222 9.07 -71.40 3.34
N GLY H 223 8.13 -70.47 3.28
CA GLY H 223 7.68 -69.73 4.45
C GLY H 223 6.97 -70.58 5.46
N LEU H 224 6.21 -71.58 4.95
CA LEU H 224 5.45 -72.54 5.76
C LEU H 224 6.40 -73.51 6.50
N VAL H 225 7.45 -73.99 5.82
CA VAL H 225 8.47 -74.89 6.38
C VAL H 225 9.39 -74.14 7.35
N ARG H 226 9.86 -72.93 6.98
CA ARG H 226 10.75 -72.13 7.83
C ARG H 226 10.01 -71.59 9.06
N GLY H 227 8.75 -71.19 8.83
CA GLY H 227 7.89 -70.63 9.86
C GLY H 227 8.37 -69.34 10.49
N GLY H 228 7.77 -68.99 11.62
CA GLY H 228 8.09 -67.79 12.38
C GLY H 228 7.39 -66.53 11.94
N GLU H 229 7.60 -65.44 12.70
CA GLU H 229 7.04 -64.12 12.42
C GLU H 229 7.63 -63.57 11.14
N LYS H 230 8.85 -64.03 10.78
CA LYS H 230 9.60 -63.69 9.58
C LYS H 230 8.78 -63.98 8.30
N TYR H 231 8.08 -65.13 8.27
CA TYR H 231 7.29 -65.55 7.10
C TYR H 231 5.79 -65.61 7.35
N ILE H 232 5.36 -65.81 8.61
CA ILE H 232 3.94 -65.89 8.89
C ILE H 232 3.45 -64.65 9.63
N LYS H 233 3.03 -63.63 8.85
CA LYS H 233 2.58 -62.36 9.40
C LYS H 233 1.07 -62.18 9.45
N GLU H 234 0.57 -61.64 10.58
CA GLU H 234 -0.86 -61.37 10.73
C GLU H 234 -1.19 -60.19 9.84
N THR H 235 -2.23 -60.34 9.00
CA THR H 235 -2.65 -59.34 8.02
C THR H 235 -3.96 -58.69 8.42
N GLN H 236 -4.00 -57.34 8.29
CA GLN H 236 -5.15 -56.48 8.60
C GLN H 236 -5.92 -56.15 7.33
N TRP H 237 -7.16 -55.65 7.47
CA TRP H 237 -8.05 -55.28 6.38
C TRP H 237 -7.46 -54.21 5.43
N HIS H 238 -6.79 -53.18 5.99
CA HIS H 238 -6.17 -52.05 5.26
C HIS H 238 -4.81 -52.41 4.65
N ASP H 239 -4.27 -53.60 5.01
CA ASP H 239 -2.97 -54.08 4.51
C ASP H 239 -3.04 -54.62 3.08
N VAL H 240 -4.25 -54.94 2.61
CA VAL H 240 -4.45 -55.49 1.29
C VAL H 240 -5.11 -54.44 0.38
N ARG H 241 -4.91 -53.14 0.74
CA ARG H 241 -5.42 -51.97 0.01
C ARG H 241 -4.87 -51.84 -1.41
N GLY H 242 -5.80 -51.71 -2.35
CA GLY H 242 -5.54 -51.55 -3.78
C GLY H 242 -4.79 -52.67 -4.44
N TRP H 243 -4.87 -53.87 -3.85
CA TRP H 243 -4.21 -55.05 -4.38
C TRP H 243 -4.85 -55.55 -5.67
N LEU H 244 -6.09 -55.11 -5.98
CA LEU H 244 -6.76 -55.50 -7.24
C LEU H 244 -5.89 -55.15 -8.43
N VAL H 245 -5.34 -53.91 -8.45
CA VAL H 245 -4.49 -53.44 -9.53
C VAL H 245 -3.12 -54.12 -9.56
N GLU H 246 -2.51 -54.35 -8.37
CA GLU H 246 -1.20 -55.02 -8.24
C GLU H 246 -1.08 -56.35 -9.01
N GLY H 247 0.02 -56.51 -9.74
CA GLY H 247 0.35 -57.73 -10.50
C GLY H 247 1.23 -58.65 -9.68
N GLY H 248 1.27 -59.93 -10.07
CA GLY H 248 2.06 -60.97 -9.41
C GLY H 248 1.53 -61.34 -8.04
N THR H 249 2.45 -61.58 -7.06
CA THR H 249 2.07 -61.85 -5.66
C THR H 249 2.85 -61.03 -4.63
N ASN H 250 2.13 -60.16 -3.90
CA ASN H 250 2.70 -59.35 -2.85
C ASN H 250 3.22 -60.21 -1.69
N ILE H 251 2.58 -61.37 -1.42
CA ILE H 251 3.00 -62.34 -0.40
C ILE H 251 4.32 -63.01 -0.86
N GLY H 252 4.36 -63.43 -2.13
CA GLY H 252 5.51 -64.09 -2.72
C GLY H 252 5.36 -65.59 -2.78
N THR H 253 6.06 -66.21 -3.74
CA THR H 253 6.11 -67.66 -3.96
C THR H 253 7.56 -68.08 -3.93
N ALA H 254 7.80 -69.33 -3.50
CA ALA H 254 9.13 -69.94 -3.44
C ALA H 254 9.00 -71.44 -3.56
N ARG H 255 9.94 -72.04 -4.30
CA ARG H 255 9.99 -73.47 -4.51
C ARG H 255 10.70 -74.09 -3.32
N CYS H 256 9.96 -74.85 -2.49
CA CYS H 256 10.53 -75.45 -1.29
C CYS H 256 10.92 -76.89 -1.54
N LYS H 257 12.23 -77.12 -1.58
CA LYS H 257 12.88 -78.41 -1.77
C LYS H 257 12.57 -79.37 -0.60
N GLU H 258 12.57 -78.85 0.64
CA GLU H 258 12.33 -79.60 1.87
C GLU H 258 10.91 -80.16 1.97
N PHE H 259 9.89 -79.38 1.54
CA PHE H 259 8.48 -79.78 1.55
C PHE H 259 8.20 -80.95 0.61
N ARG H 260 9.11 -81.23 -0.36
CA ARG H 260 9.02 -82.35 -1.32
C ARG H 260 9.24 -83.67 -0.57
N GLU H 261 9.93 -83.61 0.58
CA GLU H 261 10.24 -84.73 1.47
C GLU H 261 9.40 -84.63 2.76
N ARG H 262 9.31 -85.73 3.51
CA ARG H 262 8.60 -85.82 4.80
C ARG H 262 9.32 -84.94 5.84
N SER H 263 10.60 -84.63 5.60
CA SER H 263 11.47 -83.81 6.45
C SER H 263 10.88 -82.42 6.65
N GLY H 264 10.51 -81.78 5.54
CA GLY H 264 9.91 -80.45 5.50
C GLY H 264 8.44 -80.44 5.83
N ARG H 265 7.68 -81.43 5.28
CA ARG H 265 6.24 -81.58 5.50
C ARG H 265 5.88 -81.60 7.00
N LEU H 266 6.78 -82.16 7.82
CA LEU H 266 6.63 -82.25 9.27
C LEU H 266 6.91 -80.90 9.91
N LYS H 267 8.01 -80.23 9.49
CA LYS H 267 8.44 -78.91 9.98
C LYS H 267 7.33 -77.87 9.76
N ALA H 268 6.68 -77.93 8.58
CA ALA H 268 5.56 -77.07 8.16
C ALA H 268 4.34 -77.28 9.04
N CYS H 269 4.05 -78.55 9.35
CA CYS H 269 2.95 -78.99 10.21
C CYS H 269 3.12 -78.39 11.60
N LYS H 270 4.35 -78.44 12.16
CA LYS H 270 4.70 -77.89 13.49
C LYS H 270 4.41 -76.39 13.51
N ASN H 271 4.94 -75.67 12.49
CA ASN H 271 4.80 -74.22 12.33
C ASN H 271 3.37 -73.73 12.33
N MET H 272 2.45 -74.52 11.78
CA MET H 272 1.01 -74.20 11.76
C MET H 272 0.40 -74.31 13.15
N ILE H 273 0.75 -75.36 13.89
CA ILE H 273 0.27 -75.62 15.25
C ILE H 273 0.88 -74.60 16.24
N ASP H 274 2.12 -74.15 15.97
CA ASP H 274 2.82 -73.16 16.78
C ASP H 274 2.21 -71.77 16.57
N MET H 275 1.88 -71.44 15.30
CA MET H 275 1.26 -70.19 14.90
C MET H 275 -0.23 -70.15 15.25
N GLY H 276 -0.77 -71.32 15.62
CA GLY H 276 -2.18 -71.50 15.96
C GLY H 276 -3.09 -71.48 14.76
N ILE H 277 -2.53 -71.63 13.54
CA ILE H 277 -3.27 -71.66 12.27
C ILE H 277 -4.13 -72.93 12.21
N ASP H 278 -5.45 -72.74 12.23
CA ASP H 278 -6.40 -73.84 12.21
C ASP H 278 -6.81 -74.26 10.81
N ALA H 279 -6.50 -73.43 9.78
CA ALA H 279 -6.88 -73.69 8.39
C ALA H 279 -5.90 -73.11 7.37
N LEU H 280 -5.65 -73.85 6.27
CA LEU H 280 -4.74 -73.43 5.21
C LEU H 280 -5.45 -73.22 3.86
N ILE H 281 -5.13 -72.12 3.19
CA ILE H 281 -5.66 -71.81 1.87
C ILE H 281 -4.47 -71.67 0.92
N VAL H 282 -4.37 -72.60 -0.03
CA VAL H 282 -3.30 -72.58 -1.02
C VAL H 282 -3.85 -72.07 -2.35
N CYS H 283 -3.15 -71.09 -2.93
CA CYS H 283 -3.48 -70.53 -4.25
C CYS H 283 -2.25 -70.73 -5.13
N GLY H 284 -2.31 -71.74 -5.97
CA GLY H 284 -1.19 -72.05 -6.85
C GLY H 284 -1.56 -73.00 -7.97
N GLY H 285 -0.52 -73.58 -8.59
CA GLY H 285 -0.60 -74.51 -9.71
C GLY H 285 -0.83 -75.96 -9.36
N ASP H 286 -0.61 -76.83 -10.36
CA ASP H 286 -0.79 -78.28 -10.34
C ASP H 286 -0.07 -78.98 -9.17
N GLY H 287 1.26 -79.08 -9.26
CA GLY H 287 2.11 -79.67 -8.24
C GLY H 287 2.01 -78.95 -6.90
N SER H 288 1.86 -77.62 -6.97
CA SER H 288 1.65 -76.69 -5.86
C SER H 288 0.44 -77.19 -5.00
N LEU H 289 -0.66 -77.63 -5.67
CA LEU H 289 -1.86 -78.20 -5.04
C LEU H 289 -1.73 -79.72 -4.77
N THR H 290 -0.94 -80.48 -5.62
CA THR H 290 -0.72 -81.92 -5.40
C THR H 290 0.07 -82.10 -4.10
N GLY H 291 1.05 -81.22 -3.87
CA GLY H 291 1.89 -81.17 -2.68
C GLY H 291 1.10 -80.84 -1.44
N ALA H 292 0.03 -80.02 -1.60
CA ALA H 292 -0.90 -79.65 -0.55
C ALA H 292 -1.80 -80.83 -0.24
N ASP H 293 -2.17 -81.59 -1.30
CA ASP H 293 -3.00 -82.78 -1.21
C ASP H 293 -2.27 -83.91 -0.48
N ARG H 294 -0.97 -84.10 -0.79
CA ARG H 294 -0.10 -85.09 -0.16
C ARG H 294 0.06 -84.74 1.32
N PHE H 295 0.19 -83.43 1.62
CA PHE H 295 0.31 -82.86 2.97
C PHE H 295 -0.97 -83.11 3.78
N ARG H 296 -2.12 -83.16 3.07
CA ARG H 296 -3.43 -83.43 3.64
C ARG H 296 -3.53 -84.90 4.13
N SER H 297 -3.15 -85.87 3.25
CA SER H 297 -3.16 -87.30 3.60
C SER H 297 -2.09 -87.61 4.66
N GLU H 298 -0.92 -86.95 4.58
CA GLU H 298 0.17 -87.13 5.53
C GLU H 298 -0.03 -86.34 6.84
N TRP H 299 -1.12 -85.52 6.94
CA TRP H 299 -1.42 -84.73 8.15
C TRP H 299 -1.37 -85.54 9.45
N PRO H 300 -1.94 -86.78 9.55
CA PRO H 300 -1.78 -87.57 10.78
C PRO H 300 -0.31 -87.93 11.08
N SER H 301 0.38 -86.90 11.60
CA SER H 301 1.77 -86.85 12.05
C SER H 301 1.67 -86.31 13.48
N LEU H 302 1.26 -87.22 14.36
CA LEU H 302 1.04 -87.05 15.79
C LEU H 302 2.36 -86.78 16.52
N ILE H 303 3.46 -87.35 15.98
CA ILE H 303 4.84 -87.31 16.45
C ILE H 303 5.09 -86.71 17.85
N GLU H 304 5.27 -87.63 18.83
CA GLU H 304 5.58 -87.34 20.22
C GLU H 304 7.08 -87.05 20.28
N GLU H 305 7.43 -85.78 20.57
CA GLU H 305 8.80 -85.27 20.65
C GLU H 305 8.81 -83.92 21.39
N GLN H 314 -1.04 -83.23 25.87
CA GLN H 314 -1.53 -83.49 24.53
C GLN H 314 -2.31 -82.31 23.93
N GLN H 315 -2.62 -81.27 24.75
CA GLN H 315 -3.38 -80.05 24.46
C GLN H 315 -3.44 -79.59 22.99
N GLN H 316 -2.27 -79.52 22.32
CA GLN H 316 -2.15 -79.09 20.93
C GLN H 316 -2.64 -80.15 19.95
N PHE H 317 -2.28 -81.43 20.19
CA PHE H 317 -2.67 -82.58 19.35
C PHE H 317 -4.19 -82.81 19.39
N ASN H 318 -4.83 -82.42 20.50
CA ASN H 318 -6.27 -82.54 20.68
C ASN H 318 -6.96 -81.46 19.82
N THR H 319 -6.59 -80.16 20.02
CA THR H 319 -7.14 -79.02 19.28
C THR H 319 -6.83 -79.08 17.77
N HIS H 320 -5.53 -79.05 17.40
CA HIS H 320 -5.08 -79.06 16.01
C HIS H 320 -4.97 -80.50 15.42
N GLN H 321 -6.01 -81.31 15.63
CA GLN H 321 -6.08 -82.70 15.18
C GLN H 321 -6.33 -82.92 13.69
N ASN H 322 -7.13 -82.03 13.06
CA ASN H 322 -7.49 -82.11 11.63
C ASN H 322 -7.03 -80.91 10.82
N LEU H 323 -6.65 -81.16 9.54
CA LEU H 323 -6.21 -80.12 8.63
C LEU H 323 -7.34 -79.58 7.76
N ASN H 324 -7.73 -78.32 8.02
CA ASN H 324 -8.73 -77.63 7.21
C ASN H 324 -7.91 -77.07 6.08
N ILE H 325 -8.08 -77.62 4.88
CA ILE H 325 -7.35 -77.16 3.71
C ILE H 325 -8.28 -76.88 2.54
N CYS H 326 -7.97 -75.81 1.81
CA CYS H 326 -8.72 -75.41 0.62
C CYS H 326 -7.76 -74.95 -0.46
N GLY H 327 -8.04 -75.35 -1.68
CA GLY H 327 -7.24 -75.01 -2.84
C GLY H 327 -7.95 -74.13 -3.85
N ALA H 328 -7.18 -73.33 -4.61
CA ALA H 328 -7.64 -72.44 -5.67
C ALA H 328 -6.55 -72.44 -6.71
N VAL H 329 -6.93 -72.60 -7.98
CA VAL H 329 -5.89 -72.65 -9.00
C VAL H 329 -5.35 -71.31 -9.45
N GLY H 330 -4.11 -71.05 -9.08
CA GLY H 330 -3.37 -69.87 -9.47
C GLY H 330 -2.37 -70.20 -10.57
N SER H 331 -2.87 -70.37 -11.82
CA SER H 331 -2.05 -70.68 -13.00
C SER H 331 -2.52 -70.04 -14.30
N ILE H 332 -1.55 -69.71 -15.17
CA ILE H 332 -1.75 -69.10 -16.49
C ILE H 332 -2.03 -70.19 -17.53
N ASP H 333 -1.53 -71.41 -17.24
CA ASP H 333 -1.56 -72.63 -18.04
C ASP H 333 -2.97 -73.13 -18.39
N ASN H 334 -3.89 -73.09 -17.40
CA ASN H 334 -5.24 -73.65 -17.41
C ASN H 334 -5.19 -75.19 -17.58
N ASP H 335 -4.15 -75.78 -16.96
CA ASP H 335 -3.86 -77.21 -16.97
C ASP H 335 -4.71 -78.03 -15.98
N MET H 336 -5.15 -77.42 -14.85
CA MET H 336 -5.98 -78.10 -13.85
C MET H 336 -7.30 -78.54 -14.39
N SER H 337 -7.61 -79.82 -14.16
CA SER H 337 -8.74 -80.53 -14.74
C SER H 337 -10.15 -80.30 -14.21
N SER H 338 -10.33 -80.06 -12.91
CA SER H 338 -11.71 -79.90 -12.46
C SER H 338 -12.34 -78.48 -12.56
N THR H 339 -11.56 -77.50 -13.04
CA THR H 339 -12.01 -76.12 -13.23
C THR H 339 -11.98 -75.75 -14.72
N ASP H 340 -12.89 -74.85 -15.13
CA ASP H 340 -12.96 -74.43 -16.52
C ASP H 340 -11.91 -73.37 -16.84
N ALA H 341 -11.64 -72.49 -15.86
CA ALA H 341 -10.61 -71.44 -15.97
C ALA H 341 -9.85 -71.33 -14.66
N THR H 342 -8.52 -71.31 -14.76
CA THR H 342 -7.64 -71.13 -13.59
C THR H 342 -7.37 -69.62 -13.44
N ILE H 343 -6.98 -69.17 -12.23
CA ILE H 343 -6.73 -67.75 -12.01
C ILE H 343 -5.42 -67.35 -12.68
N GLY H 344 -5.53 -66.41 -13.63
CA GLY H 344 -4.41 -65.90 -14.42
C GLY H 344 -4.44 -66.31 -15.88
N ALA H 345 -5.20 -67.38 -16.21
CA ALA H 345 -5.34 -67.94 -17.56
C ALA H 345 -5.83 -66.91 -18.60
N PHE H 346 -6.93 -66.18 -18.32
CA PHE H 346 -7.47 -65.21 -19.27
C PHE H 346 -6.60 -63.95 -19.42
N SER H 347 -5.87 -63.54 -18.34
CA SER H 347 -4.94 -62.40 -18.39
C SER H 347 -3.75 -62.79 -19.29
N SER H 348 -3.23 -64.03 -19.12
CA SER H 348 -2.13 -64.55 -19.93
C SER H 348 -2.57 -64.60 -21.40
N LEU H 349 -3.78 -65.16 -21.66
CA LEU H 349 -4.39 -65.24 -22.99
C LEU H 349 -4.50 -63.84 -23.61
N ASP H 350 -4.82 -62.85 -22.77
CA ASP H 350 -4.94 -61.45 -23.16
C ASP H 350 -3.60 -60.87 -23.62
N ARG H 351 -2.49 -61.21 -22.90
CA ARG H 351 -1.14 -60.72 -23.23
C ARG H 351 -0.75 -61.19 -24.64
N ILE H 352 -1.00 -62.49 -24.91
CA ILE H 352 -0.72 -63.19 -26.18
C ILE H 352 -1.47 -62.53 -27.32
N CYS H 353 -2.79 -62.35 -27.15
CA CYS H 353 -3.64 -61.74 -28.17
C CYS H 353 -3.29 -60.29 -28.40
N ARG H 354 -2.82 -59.59 -27.36
CA ARG H 354 -2.37 -58.20 -27.49
C ARG H 354 -1.18 -58.16 -28.48
N ALA H 355 -0.27 -59.14 -28.40
CA ALA H 355 0.88 -59.22 -29.29
C ALA H 355 0.42 -59.54 -30.68
N ILE H 356 -0.39 -60.61 -30.83
CA ILE H 356 -0.90 -61.02 -32.16
C ILE H 356 -1.65 -59.88 -32.86
N ASP H 357 -2.46 -59.13 -32.10
CA ASP H 357 -3.20 -57.97 -32.60
C ASP H 357 -2.24 -56.95 -33.22
N TYR H 358 -1.14 -56.63 -32.50
CA TYR H 358 -0.09 -55.73 -32.99
C TYR H 358 0.57 -56.27 -34.25
N ILE H 359 0.80 -57.61 -34.32
CA ILE H 359 1.39 -58.23 -35.49
C ILE H 359 0.47 -58.06 -36.69
N ASP H 360 -0.85 -58.36 -36.54
CA ASP H 360 -1.87 -58.26 -37.60
C ASP H 360 -2.05 -56.82 -38.10
N ALA H 361 -1.75 -55.82 -37.23
CA ALA H 361 -1.90 -54.39 -37.51
C ALA H 361 -0.79 -53.80 -38.40
N THR H 362 -0.57 -54.39 -39.61
CA THR H 362 0.43 -54.02 -40.62
C THR H 362 -0.03 -54.42 -42.04
N ALA H 363 0.87 -54.30 -43.05
CA ALA H 363 0.63 -54.63 -44.46
C ALA H 363 0.61 -56.15 -44.66
N SER H 365 1.59 -57.69 -47.19
CA SER H 365 2.90 -57.86 -47.81
C SER H 365 3.21 -59.34 -48.03
N HIS H 366 3.63 -59.72 -49.27
CA HIS H 366 3.95 -61.10 -49.60
C HIS H 366 5.27 -61.53 -48.96
N SER H 367 5.46 -62.86 -48.87
CA SER H 367 6.62 -63.57 -48.34
C SER H 367 6.89 -63.26 -46.88
N ARG H 368 5.81 -63.11 -46.10
CA ARG H 368 5.90 -62.83 -44.67
C ARG H 368 5.14 -63.83 -43.84
N ALA H 369 5.81 -64.37 -42.83
CA ALA H 369 5.25 -65.31 -41.87
C ALA H 369 5.62 -64.83 -40.49
N PHE H 370 4.76 -65.07 -39.49
CA PHE H 370 5.08 -64.63 -38.12
C PHE H 370 4.85 -65.70 -37.09
N ILE H 371 5.85 -65.93 -36.21
CA ILE H 371 5.79 -66.96 -35.15
C ILE H 371 5.58 -66.34 -33.78
N VAL H 372 4.56 -66.80 -33.08
CA VAL H 372 4.29 -66.35 -31.72
C VAL H 372 4.58 -67.50 -30.79
N GLU H 373 5.71 -67.42 -30.07
CA GLU H 373 6.15 -68.40 -29.10
C GLU H 373 5.40 -68.12 -27.80
N VAL H 374 4.56 -69.07 -27.42
CA VAL H 374 3.69 -68.98 -26.26
C VAL H 374 4.14 -69.85 -25.06
N MET H 375 4.13 -69.22 -23.88
CA MET H 375 4.44 -69.79 -22.57
C MET H 375 3.26 -70.66 -22.18
N GLY H 376 3.53 -71.84 -21.65
CA GLY H 376 2.51 -72.80 -21.25
C GLY H 376 3.05 -74.18 -21.52
N ARG H 377 3.78 -74.70 -20.53
CA ARG H 377 4.49 -75.98 -20.61
C ARG H 377 3.67 -77.26 -20.73
N HIS H 378 2.55 -77.37 -20.00
CA HIS H 378 1.75 -78.60 -19.94
C HIS H 378 0.53 -78.63 -20.82
N CYS H 379 -0.22 -77.53 -20.86
CA CYS H 379 -1.46 -77.43 -21.60
C CYS H 379 -1.30 -76.70 -22.93
N GLY H 380 -2.28 -76.84 -23.82
CA GLY H 380 -2.32 -76.15 -25.11
C GLY H 380 -3.51 -75.20 -25.20
N TRP H 381 -4.16 -74.94 -24.05
CA TRP H 381 -5.32 -74.05 -23.92
C TRP H 381 -4.99 -72.64 -24.42
N LEU H 382 -3.86 -72.07 -23.96
CA LEU H 382 -3.44 -70.74 -24.37
C LEU H 382 -3.19 -70.66 -25.87
N GLY H 383 -2.50 -71.67 -26.42
CA GLY H 383 -2.23 -71.79 -27.86
C GLY H 383 -3.50 -71.87 -28.68
N LEU H 384 -4.40 -72.79 -28.28
CA LEU H 384 -5.69 -73.02 -28.91
C LEU H 384 -6.59 -71.76 -28.88
N LEU H 385 -6.75 -71.14 -27.68
CA LEU H 385 -7.59 -69.96 -27.55
C LEU H 385 -7.04 -68.72 -28.26
N ALA H 386 -5.71 -68.49 -28.20
CA ALA H 386 -5.05 -67.41 -28.92
C ALA H 386 -5.28 -67.60 -30.43
N GLY H 387 -5.06 -68.85 -30.90
CA GLY H 387 -5.27 -69.27 -32.27
C GLY H 387 -6.69 -69.01 -32.73
N LEU H 388 -7.67 -69.31 -31.87
CA LEU H 388 -9.09 -69.10 -32.13
C LEU H 388 -9.41 -67.58 -32.17
N ALA H 389 -9.04 -66.84 -31.10
CA ALA H 389 -9.27 -65.39 -30.94
C ALA H 389 -8.62 -64.55 -32.03
N THR H 390 -7.45 -64.97 -32.51
CA THR H 390 -6.73 -64.23 -33.54
C THR H 390 -6.74 -64.91 -34.92
N SER H 391 -7.59 -65.95 -35.11
CA SER H 391 -7.68 -66.71 -36.36
C SER H 391 -6.30 -67.03 -36.98
N ALA H 392 -5.45 -67.71 -36.19
CA ALA H 392 -4.10 -68.12 -36.61
C ALA H 392 -4.23 -69.24 -37.62
N ASP H 393 -3.26 -69.31 -38.56
CA ASP H 393 -3.23 -70.32 -39.63
C ASP H 393 -2.97 -71.72 -39.10
N TYR H 394 -1.96 -71.87 -38.25
CA TYR H 394 -1.53 -73.14 -37.70
C TYR H 394 -1.04 -72.97 -36.27
N ILE H 395 -1.46 -73.89 -35.39
CA ILE H 395 -1.05 -73.94 -33.97
C ILE H 395 -0.32 -75.26 -33.68
N LEU H 396 0.78 -75.18 -32.89
CA LEU H 396 1.56 -76.36 -32.47
C LEU H 396 1.38 -76.53 -30.97
N ILE H 397 0.36 -77.33 -30.57
CA ILE H 397 0.03 -77.61 -29.16
C ILE H 397 0.23 -79.10 -28.80
N PRO H 398 0.64 -79.44 -27.54
CA PRO H 398 0.91 -80.84 -27.18
C PRO H 398 -0.23 -81.85 -27.33
N GLU H 399 -1.51 -81.42 -27.13
CA GLU H 399 -2.68 -82.29 -27.24
C GLU H 399 -2.97 -82.69 -28.69
N LYS H 400 -2.65 -81.83 -29.65
CA LYS H 400 -2.94 -82.14 -31.05
C LYS H 400 -1.70 -82.10 -31.95
N PRO H 401 -0.71 -83.02 -31.75
CA PRO H 401 0.42 -83.07 -32.69
C PRO H 401 -0.03 -83.71 -33.99
N ALA H 402 0.69 -83.46 -35.12
CA ALA H 402 0.35 -84.03 -36.43
C ALA H 402 0.42 -85.54 -36.31
N SER H 403 -0.57 -86.22 -36.87
CA SER H 403 -0.68 -87.66 -36.76
C SER H 403 -0.69 -88.38 -38.09
N SER H 404 -1.57 -87.96 -39.04
CA SER H 404 -1.73 -88.56 -40.35
C SER H 404 -0.59 -88.31 -41.33
N ARG H 405 0.26 -87.32 -41.03
CA ARG H 405 1.41 -86.87 -41.82
C ARG H 405 2.38 -86.06 -40.94
N GLU H 406 3.62 -85.81 -41.42
CA GLU H 406 4.65 -85.03 -40.72
C GLU H 406 4.12 -83.63 -40.37
N TRP H 407 4.50 -83.05 -39.19
CA TRP H 407 4.04 -81.71 -38.79
C TRP H 407 4.40 -80.62 -39.79
N GLN H 408 5.53 -80.81 -40.49
CA GLN H 408 6.03 -79.88 -41.48
C GLN H 408 5.13 -79.90 -42.68
N ASP H 409 4.76 -81.11 -43.12
CA ASP H 409 3.83 -81.33 -44.24
C ASP H 409 2.45 -80.77 -43.86
N GLN H 410 1.96 -81.08 -42.63
CA GLN H 410 0.67 -80.59 -42.13
C GLN H 410 0.66 -79.07 -42.14
N MET H 411 1.69 -78.44 -41.53
CA MET H 411 1.81 -76.99 -41.42
C MET H 411 1.84 -76.33 -42.79
N CYS H 412 2.76 -76.79 -43.66
CA CYS H 412 2.92 -76.23 -44.99
C CYS H 412 1.69 -76.33 -45.83
N ASP H 413 0.92 -77.42 -45.69
CA ASP H 413 -0.32 -77.65 -46.42
C ASP H 413 -1.37 -76.62 -46.01
N ILE H 414 -1.65 -76.52 -44.69
CA ILE H 414 -2.59 -75.57 -44.10
C ILE H 414 -2.18 -74.15 -44.45
N VAL H 415 -0.93 -73.74 -44.13
CA VAL H 415 -0.36 -72.41 -44.44
C VAL H 415 -0.47 -72.11 -45.96
N GLY H 416 -0.01 -73.05 -46.77
CA GLY H 416 -0.06 -72.97 -48.23
C GLY H 416 -1.45 -72.70 -48.74
N LYS H 417 -2.44 -73.53 -48.34
CA LYS H 417 -3.84 -73.37 -48.72
C LYS H 417 -4.37 -71.96 -48.42
N HIS H 418 -4.03 -71.43 -47.21
CA HIS H 418 -4.41 -70.11 -46.74
C HIS H 418 -3.82 -69.00 -47.63
N ARG H 419 -2.50 -69.08 -47.95
CA ARG H 419 -1.81 -68.10 -48.81
C ARG H 419 -2.36 -68.14 -50.22
N ALA H 420 -2.60 -69.37 -50.74
CA ALA H 420 -3.16 -69.62 -52.06
C ALA H 420 -4.52 -68.96 -52.24
N ARG H 421 -5.41 -69.06 -51.21
CA ARG H 421 -6.74 -68.47 -51.28
C ARG H 421 -6.73 -66.95 -51.07
N GLY H 422 -5.58 -66.39 -50.69
CA GLY H 422 -5.45 -64.95 -50.54
C GLY H 422 -4.84 -64.39 -49.28
N LYS H 423 -4.88 -65.14 -48.14
CA LYS H 423 -4.37 -64.67 -46.83
C LYS H 423 -2.84 -64.41 -46.84
N ARG H 424 -2.42 -63.10 -46.81
CA ARG H 424 -1.01 -62.68 -46.86
C ARG H 424 -0.25 -62.67 -45.55
N LYS H 425 -0.95 -62.51 -44.40
CA LYS H 425 -0.27 -62.48 -43.10
C LYS H 425 -0.40 -63.82 -42.37
N THR H 426 0.56 -64.73 -42.57
CA THR H 426 0.49 -66.03 -41.89
C THR H 426 1.01 -65.97 -40.47
N ILE H 427 0.16 -66.35 -39.50
CA ILE H 427 0.50 -66.39 -38.07
C ILE H 427 0.51 -67.85 -37.62
N VAL H 428 1.64 -68.27 -37.03
CA VAL H 428 1.87 -69.63 -36.49
C VAL H 428 2.15 -69.50 -34.98
N ILE H 429 1.39 -70.23 -34.16
CA ILE H 429 1.55 -70.22 -32.70
C ILE H 429 2.25 -71.49 -32.24
N VAL H 430 3.35 -71.31 -31.52
CA VAL H 430 4.16 -72.40 -31.00
C VAL H 430 4.07 -72.43 -29.46
N ALA H 431 3.52 -73.52 -28.94
CA ALA H 431 3.38 -73.74 -27.51
C ALA H 431 4.74 -74.10 -26.88
N GLU H 432 4.88 -73.86 -25.55
CA GLU H 432 6.09 -74.19 -24.81
C GLU H 432 6.25 -75.71 -24.87
N GLY H 433 5.11 -76.40 -24.75
CA GLY H 433 5.03 -77.86 -24.84
C GLY H 433 4.84 -78.39 -26.25
N ALA H 434 5.19 -77.57 -27.32
CA ALA H 434 5.05 -77.98 -28.73
C ALA H 434 5.83 -79.24 -28.92
N ILE H 435 5.14 -80.27 -29.39
CA ILE H 435 5.70 -81.60 -29.53
C ILE H 435 5.21 -82.33 -30.78
N SER H 436 5.94 -83.40 -31.18
CA SER H 436 5.60 -84.28 -32.30
C SER H 436 4.98 -85.57 -31.73
N ASN H 437 4.47 -86.47 -32.61
CA ASN H 437 3.87 -87.77 -32.24
C ASN H 437 4.75 -88.50 -31.23
N ASP H 438 6.00 -88.76 -31.66
CA ASP H 438 7.07 -89.45 -30.94
C ASP H 438 7.69 -88.61 -29.80
N LEU H 439 6.89 -87.69 -29.25
CA LEU H 439 7.21 -86.81 -28.14
C LEU H 439 8.47 -85.95 -28.27
N SER H 440 8.97 -85.78 -29.50
CA SER H 440 10.12 -84.94 -29.78
C SER H 440 9.66 -83.48 -29.74
N PRO H 441 10.30 -82.66 -28.87
CA PRO H 441 9.90 -81.25 -28.78
C PRO H 441 10.19 -80.50 -30.07
N ILE H 442 9.21 -79.65 -30.52
CA ILE H 442 9.36 -78.83 -31.73
C ILE H 442 9.68 -77.43 -31.29
N SER H 443 10.86 -76.93 -31.68
CA SER H 443 11.34 -75.59 -31.31
C SER H 443 10.81 -74.52 -32.27
N CYS H 444 11.05 -73.26 -31.92
CA CYS H 444 10.63 -72.12 -32.74
C CYS H 444 11.46 -72.02 -34.00
N ASP H 445 12.77 -72.25 -33.87
CA ASP H 445 13.75 -72.20 -34.95
C ASP H 445 13.44 -73.31 -35.95
N GLN H 446 13.02 -74.50 -35.43
CA GLN H 446 12.60 -75.65 -36.22
C GLN H 446 11.46 -75.21 -37.15
N VAL H 447 10.43 -74.57 -36.56
CA VAL H 447 9.25 -74.02 -37.23
C VAL H 447 9.67 -72.90 -38.21
N LYS H 448 10.60 -72.00 -37.77
CA LYS H 448 11.12 -70.88 -38.58
C LYS H 448 11.78 -71.36 -39.87
N ASP H 449 12.64 -72.39 -39.80
CA ASP H 449 13.36 -72.94 -40.95
C ASP H 449 12.43 -73.56 -41.99
N VAL H 450 11.33 -74.18 -41.54
CA VAL H 450 10.33 -74.78 -42.44
C VAL H 450 9.66 -73.65 -43.24
N LEU H 451 9.30 -72.56 -42.57
CA LEU H 451 8.65 -71.41 -43.20
C LEU H 451 9.60 -70.64 -44.13
N VAL H 452 10.88 -70.55 -43.76
CA VAL H 452 11.93 -69.86 -44.52
C VAL H 452 12.46 -70.73 -45.67
N ASN H 453 12.61 -72.06 -45.43
CA ASN H 453 13.15 -72.93 -46.47
C ASN H 453 12.15 -73.69 -47.32
N ARG H 454 11.10 -74.31 -46.71
CA ARG H 454 10.09 -75.05 -47.50
C ARG H 454 9.12 -74.10 -48.26
N LEU H 455 8.86 -72.93 -47.67
CA LEU H 455 8.07 -71.85 -48.29
C LEU H 455 9.01 -70.63 -48.39
N GLY H 456 8.73 -69.64 -49.23
CA GLY H 456 9.70 -68.56 -49.37
C GLY H 456 9.58 -67.39 -48.41
N LEU H 457 8.99 -67.63 -47.22
CA LEU H 457 8.60 -66.63 -46.23
C LEU H 457 9.66 -66.11 -45.30
N ASP H 458 9.78 -64.76 -45.23
CA ASP H 458 10.64 -64.05 -44.30
C ASP H 458 9.91 -64.10 -42.93
N THR H 459 10.39 -64.97 -42.03
CA THR H 459 9.77 -65.21 -40.74
C THR H 459 10.39 -64.46 -39.60
N ARG H 460 9.54 -63.73 -38.85
CA ARG H 460 9.91 -62.93 -37.69
C ARG H 460 9.24 -63.50 -36.44
N VAL H 461 10.07 -64.03 -35.50
CA VAL H 461 9.61 -64.63 -34.24
C VAL H 461 9.38 -63.59 -33.13
N THR H 462 8.28 -63.76 -32.41
CA THR H 462 7.88 -62.91 -31.28
C THR H 462 7.71 -63.87 -30.12
N THR H 463 8.43 -63.64 -29.01
CA THR H 463 8.34 -64.47 -27.80
C THR H 463 7.92 -63.63 -26.61
N LEU H 464 6.81 -64.01 -25.95
CA LEU H 464 6.25 -63.24 -24.83
C LEU H 464 7.06 -63.31 -23.54
N GLY H 465 7.49 -64.49 -23.13
CA GLY H 465 8.25 -64.65 -21.90
C GLY H 465 7.46 -64.22 -20.68
N HIS H 466 8.13 -63.52 -19.72
CA HIS H 466 7.48 -63.02 -18.49
C HIS H 466 6.29 -62.06 -18.71
N VAL H 467 6.14 -61.50 -19.93
CA VAL H 467 5.02 -60.63 -20.30
C VAL H 467 3.69 -61.35 -19.97
N GLN H 468 3.64 -62.66 -20.24
CA GLN H 468 2.51 -63.56 -20.00
C GLN H 468 2.12 -63.80 -18.53
N ARG H 469 2.88 -63.26 -17.56
CA ARG H 469 2.63 -63.39 -16.11
C ARG H 469 2.47 -62.01 -15.45
N GLY H 470 3.02 -61.00 -16.11
CA GLY H 470 2.99 -59.63 -15.64
C GLY H 470 1.69 -58.92 -15.93
N GLY H 471 1.58 -57.70 -15.39
CA GLY H 471 0.43 -56.83 -15.56
C GLY H 471 -0.69 -57.11 -14.60
N THR H 472 -1.69 -56.21 -14.58
CA THR H 472 -2.88 -56.32 -13.71
C THR H 472 -3.76 -57.45 -14.25
N ALA H 473 -4.54 -58.06 -13.35
CA ALA H 473 -5.47 -59.08 -13.73
C ALA H 473 -6.61 -58.45 -14.54
N VAL H 474 -7.01 -59.10 -15.64
CA VAL H 474 -8.13 -58.74 -16.50
C VAL H 474 -9.42 -58.80 -15.63
N ALA H 475 -10.47 -57.99 -15.96
CA ALA H 475 -11.76 -57.97 -15.23
C ALA H 475 -12.25 -59.35 -14.80
N PHE H 476 -12.19 -60.36 -15.70
CA PHE H 476 -12.62 -61.72 -15.38
C PHE H 476 -11.77 -62.30 -14.25
N ASP H 477 -10.43 -62.12 -14.30
CA ASP H 477 -9.55 -62.65 -13.27
C ASP H 477 -9.79 -61.95 -11.93
N ARG H 478 -10.00 -60.62 -11.93
CA ARG H 478 -10.28 -59.83 -10.71
C ARG H 478 -11.59 -60.25 -10.05
N ILE H 479 -12.67 -60.38 -10.86
CA ILE H 479 -14.00 -60.76 -10.38
C ILE H 479 -13.99 -62.16 -9.84
N TYR H 480 -13.42 -63.09 -10.62
CA TYR H 480 -13.37 -64.50 -10.23
C TYR H 480 -12.42 -64.84 -9.13
N ALA H 481 -11.19 -64.26 -9.14
CA ALA H 481 -10.23 -64.49 -8.06
C ALA H 481 -10.80 -64.00 -6.71
N THR H 482 -11.48 -62.82 -6.72
CA THR H 482 -12.11 -62.24 -5.55
C THR H 482 -13.17 -63.16 -4.99
N LEU H 483 -14.11 -63.59 -5.83
CA LEU H 483 -15.20 -64.47 -5.39
C LEU H 483 -14.67 -65.79 -4.89
N GLN H 484 -13.61 -66.33 -5.54
CA GLN H 484 -12.93 -67.58 -5.15
C GLN H 484 -12.32 -67.43 -3.75
N GLY H 485 -11.73 -66.27 -3.47
CA GLY H 485 -11.16 -65.93 -2.17
C GLY H 485 -12.22 -65.98 -1.08
N VAL H 486 -13.38 -65.36 -1.36
CA VAL H 486 -14.55 -65.34 -0.48
C VAL H 486 -14.99 -66.79 -0.22
N GLU H 487 -15.23 -67.57 -1.31
CA GLU H 487 -15.64 -68.97 -1.23
C GLU H 487 -14.64 -69.82 -0.46
N ALA H 488 -13.33 -69.69 -0.73
CA ALA H 488 -12.26 -70.41 -0.03
C ALA H 488 -12.37 -70.27 1.48
N VAL H 489 -12.67 -69.04 1.97
CA VAL H 489 -12.85 -68.75 3.40
C VAL H 489 -14.05 -69.55 3.95
N ASN H 490 -15.24 -69.40 3.31
CA ASN H 490 -16.48 -70.10 3.66
C ASN H 490 -16.26 -71.60 3.68
N ALA H 491 -15.68 -72.17 2.61
CA ALA H 491 -15.36 -73.59 2.48
C ALA H 491 -14.53 -74.07 3.69
N VAL H 492 -13.46 -73.33 4.01
CA VAL H 492 -12.54 -73.59 5.12
C VAL H 492 -13.26 -73.57 6.51
N LEU H 493 -14.25 -72.66 6.67
CA LEU H 493 -15.05 -72.51 7.89
C LEU H 493 -16.14 -73.59 8.00
N GLU H 494 -16.83 -73.89 6.87
CA GLU H 494 -17.90 -74.88 6.76
C GLU H 494 -17.38 -76.31 6.84
N CYS H 495 -16.05 -76.49 6.68
CA CYS H 495 -15.37 -77.78 6.68
C CYS H 495 -15.52 -78.56 7.98
N ASP H 496 -15.66 -79.87 7.84
CA ASP H 496 -15.80 -80.86 8.91
C ASP H 496 -14.98 -82.08 8.46
N ALA H 497 -14.39 -82.82 9.41
CA ALA H 497 -13.55 -84.01 9.17
C ALA H 497 -14.09 -85.05 8.15
N ASP H 498 -15.44 -85.16 8.00
CA ASP H 498 -16.11 -86.08 7.06
C ASP H 498 -16.26 -85.47 5.65
N THR H 499 -15.94 -84.17 5.49
CA THR H 499 -16.01 -83.46 4.22
C THR H 499 -14.64 -83.51 3.50
N PRO H 500 -14.58 -84.04 2.25
CA PRO H 500 -13.28 -84.10 1.54
C PRO H 500 -12.77 -82.72 1.15
N SER H 501 -11.45 -82.48 1.37
CA SER H 501 -10.77 -81.20 1.12
C SER H 501 -11.13 -80.64 -0.23
N PRO H 502 -11.71 -79.41 -0.26
CA PRO H 502 -12.16 -78.87 -1.54
C PRO H 502 -11.13 -78.05 -2.28
N MET H 503 -11.41 -77.86 -3.55
CA MET H 503 -10.69 -76.98 -4.43
C MET H 503 -11.77 -76.11 -5.01
N ILE H 504 -11.55 -74.78 -5.04
CA ILE H 504 -12.54 -73.87 -5.61
C ILE H 504 -12.36 -73.92 -7.15
N ALA H 505 -13.47 -74.14 -7.86
CA ALA H 505 -13.49 -74.27 -9.30
C ALA H 505 -14.59 -73.42 -9.92
N ILE H 506 -14.41 -73.06 -11.20
CA ILE H 506 -15.41 -72.35 -11.98
C ILE H 506 -15.94 -73.40 -12.96
N LYS H 507 -17.27 -73.53 -13.04
CA LYS H 507 -17.93 -74.42 -13.99
C LYS H 507 -19.04 -73.67 -14.73
N GLU H 508 -18.68 -73.17 -15.93
CA GLU H 508 -19.51 -72.35 -16.82
C GLU H 508 -20.01 -71.12 -16.09
N ASP H 509 -19.05 -70.23 -15.79
CA ASP H 509 -19.25 -68.95 -15.10
C ASP H 509 -19.87 -69.04 -13.68
N GLN H 510 -19.72 -70.19 -13.00
CA GLN H 510 -20.29 -70.39 -11.68
C GLN H 510 -19.30 -71.03 -10.72
N ILE H 511 -19.10 -70.39 -9.55
CA ILE H 511 -18.18 -70.89 -8.53
C ILE H 511 -18.73 -72.10 -7.77
N THR H 512 -17.97 -73.21 -7.82
CA THR H 512 -18.33 -74.50 -7.21
C THR H 512 -17.19 -75.05 -6.36
N ARG H 513 -17.50 -76.09 -5.57
CA ARG H 513 -16.52 -76.80 -4.77
C ARG H 513 -16.37 -78.20 -5.36
N VAL H 514 -15.13 -78.60 -5.64
CA VAL H 514 -14.82 -79.91 -6.21
C VAL H 514 -13.72 -80.60 -5.35
N PRO H 515 -13.78 -81.93 -5.09
CA PRO H 515 -12.72 -82.55 -4.29
C PRO H 515 -11.34 -82.38 -4.93
N LEU H 516 -10.39 -81.85 -4.14
CA LEU H 516 -9.01 -81.61 -4.58
C LEU H 516 -8.32 -82.89 -5.06
N VAL H 517 -8.47 -84.03 -4.33
CA VAL H 517 -7.90 -85.34 -4.71
C VAL H 517 -8.29 -85.73 -6.14
N ASP H 518 -9.60 -85.63 -6.45
CA ASP H 518 -10.17 -85.99 -7.74
C ASP H 518 -9.65 -85.09 -8.88
N ALA H 519 -9.40 -83.81 -8.57
CA ALA H 519 -8.86 -82.81 -9.51
C ALA H 519 -7.36 -83.07 -9.76
N VAL H 520 -6.61 -83.40 -8.69
CA VAL H 520 -5.18 -83.73 -8.75
C VAL H 520 -4.99 -85.02 -9.59
N GLU H 521 -5.81 -86.07 -9.32
CA GLU H 521 -5.78 -87.36 -10.00
C GLU H 521 -6.03 -87.18 -11.49
N LEU H 522 -7.09 -86.42 -11.84
CA LEU H 522 -7.48 -86.17 -13.22
C LEU H 522 -6.42 -85.47 -14.04
N THR H 523 -5.72 -84.44 -13.48
CA THR H 523 -4.65 -83.70 -14.18
C THR H 523 -3.48 -84.63 -14.50
N GLN H 524 -3.17 -85.56 -13.58
CA GLN H 524 -2.11 -86.54 -13.77
C GLN H 524 -2.45 -87.47 -14.94
N GLN H 525 -3.74 -87.87 -15.02
CA GLN H 525 -4.30 -88.76 -16.05
C GLN H 525 -4.08 -88.19 -17.44
N VAL H 526 -4.24 -86.85 -17.59
CA VAL H 526 -4.03 -86.13 -18.84
C VAL H 526 -2.55 -86.20 -19.22
N ALA H 527 -1.65 -85.84 -18.28
CA ALA H 527 -0.21 -85.87 -18.47
C ALA H 527 0.25 -87.27 -18.88
N LYS H 528 -0.36 -88.31 -18.26
CA LYS H 528 -0.10 -89.72 -18.54
C LYS H 528 -0.48 -90.06 -19.98
N SER H 529 -1.65 -89.57 -20.47
CA SER H 529 -2.18 -89.77 -21.82
C SER H 529 -1.25 -89.19 -22.87
N ILE H 530 -0.68 -88.01 -22.61
CA ILE H 530 0.25 -87.35 -23.51
C ILE H 530 1.54 -88.19 -23.58
N GLU H 531 2.13 -88.50 -22.40
CA GLU H 531 3.34 -89.30 -22.28
C GLU H 531 3.20 -90.72 -22.85
N SER H 532 1.98 -91.31 -22.73
CA SER H 532 1.66 -92.64 -23.27
C SER H 532 1.21 -92.57 -24.74
N ARG H 533 1.33 -91.36 -25.34
CA ARG H 533 1.01 -91.03 -26.73
C ARG H 533 -0.45 -91.23 -27.18
N ASN H 534 -1.39 -91.06 -26.24
CA ASN H 534 -2.83 -91.15 -26.52
C ASN H 534 -3.38 -89.70 -26.45
N PHE H 535 -3.12 -88.93 -27.52
CA PHE H 535 -3.49 -87.51 -27.67
C PHE H 535 -4.98 -87.31 -27.79
N LYS H 536 -5.64 -88.19 -28.57
CA LYS H 536 -7.09 -88.24 -28.80
C LYS H 536 -7.83 -88.35 -27.44
N LYS H 537 -7.30 -89.23 -26.55
CA LYS H 537 -7.72 -89.53 -25.18
C LYS H 537 -7.44 -88.29 -24.32
N ALA H 538 -6.20 -87.77 -24.34
CA ALA H 538 -5.80 -86.56 -23.62
C ALA H 538 -6.77 -85.39 -23.87
N ILE H 539 -7.15 -85.16 -25.16
CA ILE H 539 -8.09 -84.11 -25.57
C ILE H 539 -9.46 -84.28 -24.87
N SER H 540 -10.01 -85.52 -24.89
CA SER H 540 -11.30 -85.85 -24.28
C SER H 540 -11.26 -85.73 -22.76
N LEU H 541 -10.08 -86.00 -22.16
CA LEU H 541 -9.84 -85.88 -20.72
C LEU H 541 -9.89 -84.43 -20.24
N ARG H 542 -9.56 -83.46 -21.11
CA ARG H 542 -9.60 -82.03 -20.80
C ARG H 542 -11.08 -81.61 -20.69
N ASP H 543 -11.35 -80.44 -20.06
CA ASP H 543 -12.73 -79.94 -19.86
C ASP H 543 -13.52 -79.86 -21.17
N SER H 544 -14.86 -80.03 -21.10
CA SER H 544 -15.77 -80.00 -22.25
C SER H 544 -15.63 -78.73 -23.11
N GLU H 545 -15.24 -77.57 -22.51
CA GLU H 545 -15.01 -76.33 -23.24
C GLU H 545 -13.78 -76.52 -24.15
N PHE H 546 -12.70 -77.19 -23.65
CA PHE H 546 -11.46 -77.46 -24.42
C PHE H 546 -11.72 -78.30 -25.66
N VAL H 547 -12.53 -79.35 -25.50
CA VAL H 547 -12.88 -80.25 -26.59
C VAL H 547 -13.74 -79.52 -27.62
N GLU H 548 -14.63 -78.64 -27.17
CA GLU H 548 -15.50 -77.86 -28.05
C GLU H 548 -14.68 -76.84 -28.81
N HIS H 549 -13.74 -76.13 -28.13
CA HIS H 549 -12.87 -75.13 -28.73
C HIS H 549 -11.94 -75.72 -29.75
N MET H 550 -11.41 -76.94 -29.48
CA MET H 550 -10.56 -77.67 -30.40
C MET H 550 -11.32 -77.98 -31.68
N LYS H 551 -12.58 -78.44 -31.55
CA LYS H 551 -13.50 -78.74 -32.64
C LYS H 551 -13.79 -77.44 -33.41
N ASN H 552 -14.18 -76.38 -32.67
CA ASN H 552 -14.50 -75.06 -33.23
C ASN H 552 -13.36 -74.50 -34.07
N PHE H 553 -12.12 -74.59 -33.56
CA PHE H 553 -10.93 -74.06 -34.23
C PHE H 553 -10.61 -74.77 -35.52
N ILE H 554 -10.50 -76.11 -35.50
CA ILE H 554 -10.14 -76.82 -36.73
C ILE H 554 -11.21 -76.67 -37.82
N SER H 555 -12.52 -76.63 -37.44
CA SER H 555 -13.61 -76.44 -38.40
C SER H 555 -13.59 -75.04 -39.03
N THR H 556 -13.41 -73.99 -38.20
CA THR H 556 -13.33 -72.60 -38.69
C THR H 556 -12.07 -72.39 -39.52
N ASN H 557 -10.98 -73.09 -39.20
CA ASN H 557 -9.71 -73.01 -39.93
C ASN H 557 -9.81 -73.68 -41.31
N SER H 558 -10.66 -74.73 -41.40
CA SER H 558 -10.91 -75.53 -42.59
C SER H 558 -12.11 -75.04 -43.39
N ASP H 560 -13.80 -73.80 -45.57
CA ASP H 560 -13.91 -73.44 -46.99
C ASP H 560 -12.89 -74.11 -47.90
N HIS H 561 -11.60 -74.17 -47.49
CA HIS H 561 -10.55 -74.75 -48.35
C HIS H 561 -10.32 -76.27 -48.23
N VAL H 562 -11.39 -77.04 -47.99
CA VAL H 562 -11.45 -78.50 -47.86
C VAL H 562 -12.89 -78.95 -48.15
N PRO H 563 -13.14 -80.13 -48.76
CA PRO H 563 -14.54 -80.50 -49.07
C PRO H 563 -15.50 -80.51 -47.88
N PRO H 564 -16.75 -80.04 -48.08
CA PRO H 564 -17.73 -79.98 -46.97
C PRO H 564 -17.90 -81.25 -46.13
N SER H 565 -18.14 -81.11 -44.83
CA SER H 565 -18.34 -82.24 -43.92
C SER H 565 -19.74 -82.88 -43.92
N LEU H 566 -20.71 -82.27 -44.64
CA LEU H 566 -22.09 -82.79 -44.73
C LEU H 566 -22.44 -83.26 -46.13
N PRO H 567 -23.37 -84.25 -46.30
CA PRO H 567 -23.75 -84.67 -47.66
C PRO H 567 -24.66 -83.61 -48.29
N LEU H 568 -24.67 -83.50 -49.65
CA LEU H 568 -25.44 -82.49 -50.39
C LEU H 568 -26.85 -82.19 -49.86
N GLU H 569 -27.60 -83.26 -49.50
CA GLU H 569 -28.96 -83.21 -48.99
C GLU H 569 -29.04 -82.42 -47.67
N LYS H 570 -28.09 -82.68 -46.75
CA LYS H 570 -28.06 -82.04 -45.42
C LYS H 570 -27.48 -80.60 -45.39
N ARG H 571 -27.14 -80.03 -46.56
CA ARG H 571 -26.60 -78.68 -46.66
C ARG H 571 -27.71 -77.63 -46.79
N LYS H 572 -27.66 -76.58 -45.94
CA LYS H 572 -28.68 -75.52 -45.84
C LYS H 572 -28.22 -74.07 -46.17
N LYS H 573 -29.19 -73.12 -46.15
CA LYS H 573 -28.98 -71.69 -46.40
C LYS H 573 -29.25 -70.95 -45.06
N ILE H 574 -28.18 -70.59 -44.34
CA ILE H 574 -28.34 -69.90 -43.04
C ILE H 574 -27.97 -68.42 -43.15
N ALA H 575 -28.83 -67.54 -42.59
CA ALA H 575 -28.63 -66.11 -42.62
C ALA H 575 -28.30 -65.53 -41.25
N ILE H 576 -27.56 -64.42 -41.22
CA ILE H 576 -27.19 -63.78 -39.99
C ILE H 576 -27.48 -62.27 -40.04
N ILE H 577 -27.97 -61.70 -38.90
CA ILE H 577 -28.25 -60.27 -38.76
C ILE H 577 -27.67 -59.80 -37.45
N ASN H 578 -27.42 -58.48 -37.40
CA ASN H 578 -26.97 -57.78 -36.21
C ASN H 578 -28.06 -56.75 -35.89
N VAL H 579 -28.68 -56.85 -34.68
CA VAL H 579 -29.77 -55.96 -34.24
C VAL H 579 -29.49 -55.35 -32.87
N GLY H 580 -29.48 -54.03 -32.83
CA GLY H 580 -29.24 -53.22 -31.64
C GLY H 580 -27.98 -52.38 -31.82
N ALA H 581 -27.41 -51.92 -30.69
CA ALA H 581 -26.18 -51.15 -30.75
C ALA H 581 -25.01 -52.15 -30.89
N PRO H 582 -23.85 -51.74 -31.47
CA PRO H 582 -22.72 -52.68 -31.60
C PRO H 582 -22.20 -53.22 -30.27
N ALA H 583 -21.65 -54.44 -30.30
CA ALA H 583 -21.08 -55.10 -29.14
C ALA H 583 -19.95 -56.02 -29.61
N GLY H 584 -18.86 -56.01 -28.85
CA GLY H 584 -17.67 -56.82 -29.10
C GLY H 584 -18.04 -58.29 -29.22
N GLY H 585 -17.73 -58.88 -30.38
CA GLY H 585 -18.04 -60.28 -30.63
C GLY H 585 -19.09 -60.47 -31.71
N MET H 586 -19.78 -59.37 -32.12
CA MET H 586 -20.77 -59.36 -33.20
C MET H 586 -20.09 -59.87 -34.46
N ASN H 587 -18.95 -59.24 -34.81
CA ASN H 587 -18.11 -59.59 -35.95
C ASN H 587 -17.47 -60.97 -35.84
N SER H 588 -17.12 -61.41 -34.59
CA SER H 588 -16.55 -62.74 -34.33
C SER H 588 -17.60 -63.82 -34.54
N ALA H 589 -18.86 -63.57 -34.10
CA ALA H 589 -20.01 -64.47 -34.27
C ALA H 589 -20.30 -64.65 -35.75
N VAL H 590 -20.15 -63.57 -36.54
CA VAL H 590 -20.33 -63.59 -37.99
C VAL H 590 -19.20 -64.38 -38.64
N TYR H 591 -17.94 -64.04 -38.31
CA TYR H 591 -16.75 -64.74 -38.81
C TYR H 591 -16.83 -66.27 -38.58
N SER H 592 -17.11 -66.68 -37.32
CA SER H 592 -17.21 -68.08 -36.92
C SER H 592 -18.36 -68.77 -37.56
N MET H 593 -19.52 -68.11 -37.66
CA MET H 593 -20.68 -68.73 -38.29
C MET H 593 -20.46 -68.97 -39.79
N ALA H 594 -19.86 -67.99 -40.50
CA ALA H 594 -19.61 -68.09 -41.93
C ALA H 594 -18.60 -69.19 -42.26
N THR H 595 -17.47 -69.20 -41.54
CA THR H 595 -16.42 -70.19 -41.70
C THR H 595 -16.89 -71.57 -41.30
N TYR H 596 -17.75 -71.68 -40.27
CA TYR H 596 -18.31 -72.98 -39.88
C TYR H 596 -19.29 -73.48 -40.94
N CYS H 597 -20.09 -72.56 -41.53
CA CYS H 597 -21.04 -72.89 -42.59
C CYS H 597 -20.31 -73.47 -43.79
N MET H 598 -19.19 -72.84 -44.21
CA MET H 598 -18.35 -73.28 -45.31
C MET H 598 -17.78 -74.66 -45.01
N SER H 599 -17.39 -74.88 -43.74
CA SER H 599 -16.86 -76.16 -43.22
C SER H 599 -17.89 -77.29 -43.38
N ARG H 600 -19.18 -76.99 -43.13
CA ARG H 600 -20.25 -77.99 -43.24
C ARG H 600 -20.76 -78.14 -44.67
N GLY H 601 -20.70 -77.05 -45.45
CA GLY H 601 -21.18 -77.00 -46.81
C GLY H 601 -22.44 -76.18 -46.95
N HIS H 602 -22.76 -75.38 -45.92
CA HIS H 602 -23.93 -74.49 -45.91
C HIS H 602 -23.59 -73.22 -46.68
N VAL H 603 -24.61 -72.41 -47.01
CA VAL H 603 -24.39 -71.15 -47.71
C VAL H 603 -24.66 -70.00 -46.74
N PRO H 604 -23.59 -69.39 -46.20
CA PRO H 604 -23.82 -68.33 -45.23
C PRO H 604 -24.16 -67.01 -45.90
N TYR H 605 -25.28 -66.41 -45.48
CA TYR H 605 -25.77 -65.13 -45.96
C TYR H 605 -25.75 -64.11 -44.82
N ALA H 606 -25.41 -62.86 -45.14
CA ALA H 606 -25.35 -61.77 -44.16
C ALA H 606 -26.40 -60.72 -44.52
N ILE H 607 -27.28 -60.39 -43.55
CA ILE H 607 -28.30 -59.38 -43.76
C ILE H 607 -27.72 -58.05 -43.27
N HIS H 608 -27.28 -57.22 -44.22
CA HIS H 608 -26.66 -55.95 -43.89
C HIS H 608 -27.61 -54.89 -43.36
N ASN H 609 -27.17 -54.18 -42.31
CA ASN H 609 -27.90 -53.10 -41.63
C ASN H 609 -29.31 -53.48 -41.15
N GLY H 610 -29.36 -54.55 -40.35
CA GLY H 610 -30.55 -55.05 -39.69
C GLY H 610 -31.78 -55.31 -40.55
N PHE H 611 -32.96 -55.14 -39.93
CA PHE H 611 -34.25 -55.37 -40.59
C PHE H 611 -34.65 -54.28 -41.56
N SER H 612 -34.18 -53.04 -41.31
CA SER H 612 -34.44 -51.88 -42.17
C SER H 612 -33.73 -52.08 -43.53
N GLY H 613 -32.48 -52.56 -43.48
CA GLY H 613 -31.68 -52.85 -44.67
C GLY H 613 -32.30 -53.92 -45.54
N LEU H 614 -32.87 -54.96 -44.90
CA LEU H 614 -33.51 -56.06 -45.63
C LEU H 614 -34.81 -55.59 -46.32
N ALA H 615 -35.77 -55.08 -45.52
CA ALA H 615 -37.09 -54.64 -45.97
C ALA H 615 -37.12 -53.50 -46.99
N ARG H 616 -36.34 -52.43 -46.75
CA ARG H 616 -36.28 -51.24 -47.61
C ARG H 616 -35.26 -51.41 -48.75
N HIS H 617 -34.20 -52.25 -48.58
CA HIS H 617 -33.11 -52.31 -49.58
C HIS H 617 -32.63 -53.68 -50.14
N GLU H 618 -33.20 -54.83 -49.69
CA GLU H 618 -32.80 -56.20 -50.11
C GLU H 618 -31.29 -56.43 -49.82
N SER H 619 -30.88 -56.18 -48.56
CA SER H 619 -29.49 -56.28 -48.10
C SER H 619 -28.94 -57.69 -47.82
N VAL H 620 -29.47 -58.72 -48.53
CA VAL H 620 -28.99 -60.09 -48.43
C VAL H 620 -27.70 -60.12 -49.21
N ARG H 621 -26.61 -60.45 -48.51
CA ARG H 621 -25.29 -60.49 -49.14
C ARG H 621 -24.55 -61.77 -48.79
N SER H 622 -23.82 -62.30 -49.76
CA SER H 622 -23.05 -63.51 -49.56
C SER H 622 -21.82 -63.21 -48.75
N ILE H 623 -21.27 -64.25 -48.10
CA ILE H 623 -20.08 -64.11 -47.26
C ILE H 623 -18.88 -64.84 -47.85
N ASN H 624 -17.89 -64.06 -48.33
CA ASN H 624 -16.66 -64.57 -48.91
C ASN H 624 -15.58 -64.61 -47.85
N TRP H 625 -14.92 -65.77 -47.72
CA TRP H 625 -13.85 -66.04 -46.77
C TRP H 625 -12.77 -64.95 -46.76
N LEU H 626 -12.31 -64.52 -47.95
CA LEU H 626 -11.27 -63.50 -48.03
C LEU H 626 -11.74 -62.13 -47.52
N ASP H 627 -13.03 -61.77 -47.76
CA ASP H 627 -13.63 -60.51 -47.34
C ASP H 627 -13.73 -60.40 -45.82
N ILE H 628 -13.96 -61.55 -45.15
CA ILE H 628 -14.11 -61.63 -43.69
C ILE H 628 -12.79 -61.83 -42.93
N GLU H 629 -11.64 -61.64 -43.60
CA GLU H 629 -10.28 -61.79 -43.03
C GLU H 629 -10.08 -60.79 -41.90
N GLY H 630 -9.84 -61.33 -40.72
CA GLY H 630 -9.59 -60.54 -39.52
C GLY H 630 -10.81 -59.97 -38.83
N TRP H 631 -12.01 -60.43 -39.22
CA TRP H 631 -13.27 -60.00 -38.65
C TRP H 631 -13.43 -60.38 -37.20
N GLY H 632 -12.90 -61.55 -36.82
CA GLY H 632 -12.95 -62.02 -35.45
C GLY H 632 -12.29 -61.09 -34.45
N SER H 633 -11.35 -60.25 -34.93
CA SER H 633 -10.61 -59.30 -34.08
C SER H 633 -11.15 -57.87 -34.19
N LEU H 634 -12.11 -57.62 -35.10
CA LEU H 634 -12.66 -56.28 -35.31
C LEU H 634 -13.81 -55.93 -34.39
N GLY H 635 -13.82 -54.69 -33.95
CA GLY H 635 -14.87 -54.16 -33.10
C GLY H 635 -16.06 -53.69 -33.90
N GLY H 636 -17.19 -53.57 -33.22
CA GLY H 636 -18.44 -53.12 -33.80
C GLY H 636 -19.13 -54.19 -34.61
N SER H 637 -19.78 -53.78 -35.72
CA SER H 637 -20.54 -54.61 -36.65
C SER H 637 -20.21 -54.24 -38.10
N GLU H 638 -19.50 -55.13 -38.80
CA GLU H 638 -19.10 -54.93 -40.20
C GLU H 638 -20.31 -55.04 -41.12
N ILE H 639 -21.24 -55.93 -40.75
CA ILE H 639 -22.51 -56.18 -41.42
C ILE H 639 -23.39 -54.92 -41.35
N GLY H 640 -23.36 -54.26 -40.19
CA GLY H 640 -24.16 -53.09 -39.93
C GLY H 640 -25.28 -53.48 -39.00
N THR H 641 -25.43 -52.73 -37.91
CA THR H 641 -26.47 -53.00 -36.93
C THR H 641 -27.28 -51.74 -36.68
N ASN H 642 -28.55 -51.91 -36.31
CA ASN H 642 -29.45 -50.83 -35.91
C ASN H 642 -30.49 -51.33 -34.94
N ARG H 643 -31.26 -50.41 -34.35
CA ARG H 643 -32.27 -50.75 -33.36
C ARG H 643 -33.66 -50.99 -33.98
N THR H 644 -33.77 -50.89 -35.35
CA THR H 644 -35.02 -51.10 -36.11
C THR H 644 -35.54 -52.52 -35.93
N LEU H 645 -36.81 -52.63 -35.47
CA LEU H 645 -37.53 -53.88 -35.24
C LEU H 645 -38.21 -54.42 -36.50
N PRO H 646 -38.39 -55.78 -36.64
CA PRO H 646 -39.04 -56.32 -37.84
C PRO H 646 -40.39 -55.70 -38.18
N ASN H 647 -41.13 -55.21 -37.17
CA ASN H 647 -42.43 -54.61 -37.38
C ASN H 647 -42.34 -53.13 -37.70
N ASP H 648 -41.18 -52.49 -37.37
CA ASP H 648 -40.87 -51.08 -37.65
C ASP H 648 -40.25 -50.97 -39.06
N ALA H 649 -39.80 -52.12 -39.59
CA ALA H 649 -39.35 -52.35 -40.95
C ALA H 649 -40.53 -53.19 -41.50
N ASP H 650 -40.62 -53.50 -42.79
CA ASP H 650 -41.79 -54.28 -43.27
C ASP H 650 -41.68 -55.75 -42.95
N ILE H 651 -42.53 -56.28 -42.02
CA ILE H 651 -42.51 -57.72 -41.66
C ILE H 651 -42.84 -58.61 -42.88
N GLY H 652 -43.70 -58.11 -43.74
CA GLY H 652 -44.08 -58.79 -44.98
C GLY H 652 -42.91 -58.86 -45.93
N MET H 653 -42.12 -57.79 -46.00
CA MET H 653 -40.95 -57.71 -46.87
C MET H 653 -39.81 -58.59 -46.37
N ILE H 654 -39.64 -58.70 -45.03
CA ILE H 654 -38.64 -59.55 -44.39
C ILE H 654 -38.98 -60.98 -44.80
N ALA H 655 -40.27 -61.35 -44.62
CA ALA H 655 -40.85 -62.65 -44.98
C ALA H 655 -40.71 -62.97 -46.46
N TYR H 656 -40.95 -61.97 -47.35
CA TYR H 656 -40.79 -62.12 -48.80
C TYR H 656 -39.35 -62.51 -49.17
N PHE H 657 -38.34 -61.77 -48.64
CA PHE H 657 -36.91 -62.03 -48.90
C PHE H 657 -36.42 -63.33 -48.31
N PHE H 658 -37.01 -63.74 -47.17
CA PHE H 658 -36.72 -65.01 -46.50
C PHE H 658 -37.12 -66.16 -47.43
N GLU H 659 -38.25 -66.02 -48.17
CA GLU H 659 -38.72 -67.02 -49.12
C GLU H 659 -38.01 -66.89 -50.48
N LYS H 660 -37.69 -65.65 -50.90
CA LYS H 660 -37.01 -65.39 -52.18
C LYS H 660 -35.65 -66.06 -52.15
N TYR H 661 -34.92 -65.90 -51.02
CA TYR H 661 -33.59 -66.48 -50.82
C TYR H 661 -33.61 -67.87 -50.18
N GLY H 662 -34.81 -68.30 -49.78
CA GLY H 662 -35.07 -69.62 -49.20
C GLY H 662 -34.19 -69.98 -48.02
N PHE H 663 -34.14 -69.11 -47.00
CA PHE H 663 -33.36 -69.32 -45.79
C PHE H 663 -33.90 -70.49 -44.96
N ASP H 664 -33.00 -71.38 -44.55
CA ASP H 664 -33.33 -72.56 -43.76
C ASP H 664 -33.20 -72.27 -42.25
N GLY H 665 -32.68 -71.09 -41.90
CA GLY H 665 -32.51 -70.65 -40.52
C GLY H 665 -32.00 -69.24 -40.40
N LEU H 666 -32.12 -68.65 -39.19
CA LEU H 666 -31.66 -67.29 -38.92
C LEU H 666 -30.95 -67.15 -37.58
N ILE H 667 -29.79 -66.46 -37.59
CA ILE H 667 -29.02 -66.16 -36.39
C ILE H 667 -29.03 -64.67 -36.16
N LEU H 668 -29.61 -64.26 -35.02
CA LEU H 668 -29.68 -62.86 -34.59
C LEU H 668 -28.57 -62.65 -33.57
N VAL H 669 -27.72 -61.66 -33.80
CA VAL H 669 -26.64 -61.30 -32.89
C VAL H 669 -26.93 -59.89 -32.45
N GLY H 670 -27.34 -59.73 -31.20
CA GLY H 670 -27.67 -58.42 -30.69
C GLY H 670 -28.39 -58.41 -29.36
N GLY H 671 -28.63 -57.20 -28.89
CA GLY H 671 -29.27 -56.91 -27.61
C GLY H 671 -30.77 -57.10 -27.53
N PHE H 672 -31.42 -56.31 -26.65
CA PHE H 672 -32.85 -56.37 -26.40
C PHE H 672 -33.72 -56.16 -27.63
N GLU H 673 -33.29 -55.34 -28.62
CA GLU H 673 -34.06 -55.12 -29.85
C GLU H 673 -34.09 -56.42 -30.66
N ALA H 674 -32.96 -57.17 -30.69
CA ALA H 674 -32.85 -58.47 -31.34
C ALA H 674 -33.71 -59.50 -30.58
N PHE H 675 -33.91 -59.28 -29.25
CA PHE H 675 -34.74 -60.12 -28.39
C PHE H 675 -36.19 -59.91 -28.81
N ILE H 676 -36.66 -58.64 -28.88
CA ILE H 676 -38.02 -58.30 -29.33
C ILE H 676 -38.21 -58.81 -30.75
N SER H 677 -37.20 -58.59 -31.64
CA SER H 677 -37.17 -59.05 -33.04
C SER H 677 -37.55 -60.52 -33.18
N LEU H 678 -36.94 -61.39 -32.33
CA LEU H 678 -37.21 -62.83 -32.31
C LEU H 678 -38.69 -63.06 -32.08
N HIS H 679 -39.24 -62.45 -31.01
CA HIS H 679 -40.64 -62.56 -30.63
C HIS H 679 -41.59 -62.09 -31.77
N GLN H 680 -41.24 -60.95 -32.43
CA GLN H 680 -41.98 -60.35 -33.54
C GLN H 680 -41.94 -61.28 -34.76
N LEU H 681 -40.80 -61.94 -35.03
CA LEU H 681 -40.65 -62.89 -36.14
C LEU H 681 -41.39 -64.18 -35.82
N GLU H 682 -41.33 -64.64 -34.55
CA GLU H 682 -42.02 -65.84 -34.07
C GLU H 682 -43.55 -65.65 -34.19
N ARG H 683 -44.08 -64.51 -33.70
CA ARG H 683 -45.51 -64.22 -33.75
C ARG H 683 -46.08 -64.03 -35.16
N ALA H 684 -45.23 -63.68 -36.15
CA ALA H 684 -45.63 -63.49 -37.55
C ALA H 684 -45.68 -64.79 -38.37
N ARG H 685 -45.17 -65.90 -37.78
CA ARG H 685 -45.14 -67.25 -38.37
C ARG H 685 -46.50 -67.70 -38.92
N ILE H 686 -47.61 -67.34 -38.22
CA ILE H 686 -48.99 -67.67 -38.64
C ILE H 686 -49.30 -67.08 -40.01
N ASN H 687 -48.82 -65.86 -40.27
CA ASN H 687 -49.03 -65.19 -41.54
C ASN H 687 -48.09 -65.67 -42.62
N TYR H 688 -46.80 -65.83 -42.28
CA TYR H 688 -45.76 -66.18 -43.22
C TYR H 688 -45.06 -67.52 -43.03
N PRO H 689 -45.29 -68.50 -43.97
CA PRO H 689 -44.59 -69.80 -43.89
C PRO H 689 -43.07 -69.67 -43.95
N SER H 690 -42.58 -68.61 -44.64
CA SER H 690 -41.16 -68.25 -44.80
C SER H 690 -40.42 -68.06 -43.48
N LEU H 691 -41.15 -67.72 -42.40
CA LEU H 691 -40.57 -67.51 -41.07
C LEU H 691 -40.59 -68.77 -40.20
N ARG H 692 -41.28 -69.85 -40.67
CA ARG H 692 -41.38 -71.14 -39.97
C ARG H 692 -40.09 -71.98 -40.16
N ILE H 693 -38.98 -71.42 -39.67
CA ILE H 693 -37.62 -71.97 -39.69
C ILE H 693 -36.95 -71.67 -38.33
N PRO H 694 -35.89 -72.40 -37.91
CA PRO H 694 -35.27 -72.09 -36.61
C PRO H 694 -34.71 -70.66 -36.55
N LEU H 695 -35.10 -69.93 -35.50
CA LEU H 695 -34.65 -68.54 -35.25
C LEU H 695 -33.86 -68.57 -33.95
N VAL H 696 -32.56 -68.22 -34.00
CA VAL H 696 -31.67 -68.29 -32.83
C VAL H 696 -31.07 -66.94 -32.51
N LEU H 697 -31.12 -66.54 -31.23
CA LEU H 697 -30.54 -65.28 -30.78
C LEU H 697 -29.32 -65.51 -29.89
N ILE H 698 -28.21 -64.86 -30.27
CA ILE H 698 -26.97 -64.88 -29.50
C ILE H 698 -26.88 -63.48 -28.88
N PRO H 699 -27.24 -63.33 -27.59
CA PRO H 699 -27.24 -62.00 -26.96
C PRO H 699 -25.92 -61.26 -27.04
N ALA H 700 -25.97 -60.02 -27.58
CA ALA H 700 -24.82 -59.13 -27.74
C ALA H 700 -25.20 -57.67 -27.34
N THR H 701 -24.84 -57.31 -26.08
CA THR H 701 -25.05 -56.02 -25.44
C THR H 701 -23.95 -55.81 -24.43
N ILE H 702 -23.53 -54.55 -24.25
CA ILE H 702 -22.53 -54.24 -23.23
C ILE H 702 -23.23 -54.22 -21.87
N SER H 703 -24.56 -54.04 -21.90
CA SER H 703 -25.49 -53.93 -20.77
C SER H 703 -25.79 -55.23 -20.03
N ASN H 704 -25.98 -56.35 -20.76
CA ASN H 704 -26.39 -57.68 -20.29
C ASN H 704 -27.84 -57.67 -19.78
N ASN H 705 -28.71 -56.96 -20.53
CA ASN H 705 -30.14 -56.82 -20.23
C ASN H 705 -31.02 -57.89 -20.87
N VAL H 706 -30.45 -58.76 -21.71
CA VAL H 706 -31.25 -59.76 -22.41
C VAL H 706 -31.50 -61.04 -21.58
N PRO H 707 -32.77 -61.39 -21.27
CA PRO H 707 -33.02 -62.65 -20.53
C PRO H 707 -32.74 -63.89 -21.39
N GLY H 708 -32.29 -64.95 -20.74
CA GLY H 708 -31.94 -66.20 -21.41
C GLY H 708 -30.49 -66.62 -21.20
N THR H 709 -29.59 -65.62 -21.08
CA THR H 709 -28.14 -65.76 -20.83
C THR H 709 -27.79 -65.04 -19.56
N GLU H 710 -26.64 -65.40 -18.98
CA GLU H 710 -26.05 -64.74 -17.83
C GLU H 710 -24.83 -63.99 -18.37
N TYR H 711 -24.49 -64.29 -19.64
CA TYR H 711 -23.41 -63.64 -20.37
C TYR H 711 -23.83 -63.17 -21.76
N SER H 712 -23.77 -61.85 -21.97
CA SER H 712 -24.02 -61.24 -23.26
C SER H 712 -22.67 -60.85 -23.89
N LEU H 713 -22.53 -61.08 -25.18
CA LEU H 713 -21.32 -60.78 -25.97
C LEU H 713 -21.01 -59.28 -25.90
N GLY H 714 -19.78 -58.96 -25.59
CA GLY H 714 -19.34 -57.57 -25.49
C GLY H 714 -19.30 -56.99 -24.09
N SER H 715 -19.92 -57.69 -23.10
CA SER H 715 -19.93 -57.25 -21.72
C SER H 715 -18.53 -57.34 -21.12
N ASP H 716 -17.73 -58.40 -21.43
CA ASP H 716 -16.33 -58.48 -20.94
C ASP H 716 -15.45 -57.42 -21.61
N THR H 717 -15.67 -57.11 -22.91
CA THR H 717 -14.90 -56.08 -23.60
C THR H 717 -15.15 -54.75 -22.92
N CYS H 718 -16.43 -54.44 -22.70
CA CYS H 718 -16.91 -53.22 -22.04
C CYS H 718 -16.39 -53.11 -20.60
N LEU H 719 -16.57 -54.20 -19.79
CA LEU H 719 -16.15 -54.29 -18.39
C LEU H 719 -14.68 -53.98 -18.25
N ASN H 720 -13.87 -54.60 -19.12
CA ASN H 720 -12.43 -54.37 -19.12
C ASN H 720 -12.04 -52.92 -19.49
N SER H 721 -12.72 -52.27 -20.47
CA SER H 721 -12.38 -50.90 -20.87
C SER H 721 -12.71 -49.89 -19.74
N PHE H 722 -13.87 -50.09 -19.08
CA PHE H 722 -14.34 -49.28 -17.96
C PHE H 722 -13.46 -49.52 -16.73
N MET H 723 -13.03 -50.77 -16.50
CA MET H 723 -12.14 -51.17 -15.41
C MET H 723 -10.80 -50.46 -15.55
N GLU H 724 -10.29 -50.33 -16.79
CA GLU H 724 -9.04 -49.66 -17.09
C GLU H 724 -9.20 -48.15 -16.84
N TYR H 725 -10.40 -47.61 -17.16
CA TYR H 725 -10.74 -46.19 -16.97
C TYR H 725 -10.80 -45.89 -15.46
N CYS H 726 -11.50 -46.72 -14.69
CA CYS H 726 -11.67 -46.56 -13.26
C CYS H 726 -10.37 -46.65 -12.48
N ASP H 727 -9.44 -47.48 -12.98
CA ASP H 727 -8.14 -47.66 -12.36
C ASP H 727 -7.38 -46.35 -12.39
N VAL H 728 -7.35 -45.72 -13.57
CA VAL H 728 -6.71 -44.40 -13.77
C VAL H 728 -7.37 -43.34 -12.86
N ILE H 729 -8.71 -43.36 -12.75
CA ILE H 729 -9.45 -42.40 -11.94
C ILE H 729 -9.14 -42.56 -10.43
N LYS H 730 -9.12 -43.81 -9.95
CA LYS H 730 -8.81 -44.13 -8.55
C LYS H 730 -7.36 -43.78 -8.23
N GLN H 731 -6.43 -44.05 -9.19
CA GLN H 731 -5.00 -43.76 -9.08
C GLN H 731 -4.84 -42.23 -8.91
N SER H 732 -5.63 -41.45 -9.69
CA SER H 732 -5.65 -40.00 -9.64
C SER H 732 -6.18 -39.51 -8.27
N ALA H 733 -7.20 -40.18 -7.73
CA ALA H 733 -7.80 -39.85 -6.43
C ALA H 733 -6.77 -40.09 -5.34
N ALA H 734 -6.00 -41.20 -5.50
CA ALA H 734 -4.93 -41.63 -4.59
C ALA H 734 -3.78 -40.63 -4.53
N ALA H 735 -3.55 -39.90 -5.63
CA ALA H 735 -2.50 -38.90 -5.69
C ALA H 735 -2.87 -37.60 -4.97
N THR H 736 -4.17 -37.22 -4.94
CA THR H 736 -4.64 -35.96 -4.32
C THR H 736 -5.41 -36.13 -2.97
N ASN H 738 -7.19 -36.91 -0.51
CA ASN H 738 -8.48 -36.59 0.11
C ASN H 738 -9.47 -36.18 -0.96
N ARG H 739 -9.79 -37.13 -1.84
CA ARG H 739 -10.70 -36.90 -2.95
C ARG H 739 -11.49 -38.14 -3.31
N VAL H 740 -12.74 -37.94 -3.77
CA VAL H 740 -13.62 -38.98 -4.26
C VAL H 740 -13.93 -38.70 -5.71
N PHE H 741 -14.28 -39.73 -6.47
CA PHE H 741 -14.72 -39.57 -7.84
C PHE H 741 -16.10 -40.22 -8.04
N VAL H 742 -17.06 -39.47 -8.59
CA VAL H 742 -18.35 -40.06 -8.92
C VAL H 742 -18.23 -40.38 -10.42
N VAL H 743 -18.16 -41.69 -10.74
CA VAL H 743 -17.97 -42.20 -12.10
C VAL H 743 -19.29 -42.65 -12.69
N GLU H 744 -19.81 -41.93 -13.71
CA GLU H 744 -21.06 -42.30 -14.42
C GLU H 744 -20.84 -43.59 -15.25
N VAL H 745 -21.68 -44.60 -15.00
CA VAL H 745 -21.60 -45.90 -15.67
C VAL H 745 -22.72 -46.07 -16.71
N GLN H 746 -22.44 -46.80 -17.83
CA GLN H 746 -23.36 -47.13 -18.93
C GLN H 746 -24.27 -48.38 -18.57
N GLY H 747 -24.72 -49.15 -19.56
CA GLY H 747 -25.56 -50.32 -19.35
C GLY H 747 -27.07 -50.07 -19.25
N GLY H 748 -27.48 -48.80 -19.30
CA GLY H 748 -28.88 -48.39 -19.24
C GLY H 748 -29.62 -48.72 -17.96
N ASN H 749 -30.77 -49.42 -18.09
CA ASN H 749 -31.62 -49.85 -16.97
C ASN H 749 -31.07 -51.12 -16.29
N SER H 750 -29.99 -51.69 -16.85
CA SER H 750 -29.30 -52.86 -16.32
C SER H 750 -28.11 -52.41 -15.45
N GLY H 751 -28.10 -52.84 -14.19
CA GLY H 751 -27.06 -52.50 -13.23
C GLY H 751 -25.90 -53.48 -13.18
N TYR H 752 -25.83 -54.40 -14.17
CA TYR H 752 -24.82 -55.43 -14.28
C TYR H 752 -23.39 -54.87 -14.38
N ILE H 753 -23.15 -53.88 -15.26
CA ILE H 753 -21.78 -53.38 -15.45
C ILE H 753 -21.22 -52.64 -14.23
N ALA H 754 -22.03 -51.79 -13.58
CA ALA H 754 -21.61 -51.04 -12.38
C ALA H 754 -21.38 -51.97 -11.19
N THR H 755 -22.13 -53.09 -11.10
CA THR H 755 -22.01 -54.11 -10.06
C THR H 755 -20.62 -54.72 -10.14
N HIS H 756 -20.27 -55.19 -11.34
CA HIS H 756 -19.02 -55.87 -11.65
C HIS H 756 -17.81 -54.95 -11.66
N ALA H 757 -18.01 -53.70 -12.11
CA ALA H 757 -16.95 -52.68 -12.09
C ALA H 757 -16.59 -52.30 -10.63
N GLN H 758 -17.61 -52.31 -9.72
CA GLN H 758 -17.41 -52.02 -8.31
C GLN H 758 -16.52 -53.08 -7.72
N LEU H 759 -16.82 -54.36 -8.02
CA LEU H 759 -16.03 -55.47 -7.53
C LEU H 759 -14.59 -55.43 -8.10
N ALA H 760 -14.44 -55.29 -9.42
CA ALA H 760 -13.15 -55.28 -10.10
C ALA H 760 -12.24 -54.10 -9.78
N CYS H 761 -12.81 -52.93 -9.43
CA CYS H 761 -12.03 -51.71 -9.19
C CYS H 761 -11.86 -51.33 -7.74
N GLY H 762 -12.69 -51.92 -6.89
CA GLY H 762 -12.69 -51.62 -5.47
C GLY H 762 -13.37 -50.30 -5.18
N ALA H 763 -14.50 -50.04 -5.85
CA ALA H 763 -15.30 -48.83 -5.61
C ALA H 763 -16.01 -48.98 -4.26
N GLN H 764 -16.14 -47.87 -3.51
CA GLN H 764 -16.78 -47.91 -2.18
C GLN H 764 -18.28 -48.14 -2.26
N ILE H 765 -18.93 -47.57 -3.32
CA ILE H 765 -20.37 -47.63 -3.62
C ILE H 765 -20.58 -47.75 -5.14
N SER H 766 -21.69 -48.40 -5.52
CA SER H 766 -22.18 -48.47 -6.89
C SER H 766 -23.69 -48.27 -6.80
N TYR H 767 -24.16 -47.18 -7.45
CA TYR H 767 -25.56 -46.79 -7.52
C TYR H 767 -26.15 -47.38 -8.79
N VAL H 768 -27.13 -48.27 -8.59
CA VAL H 768 -27.73 -49.11 -9.60
C VAL H 768 -29.23 -48.81 -9.91
N PRO H 769 -29.68 -48.98 -11.19
CA PRO H 769 -31.07 -48.62 -11.56
C PRO H 769 -32.17 -49.42 -10.91
N GLU H 770 -31.84 -50.64 -10.49
CA GLU H 770 -32.74 -51.58 -9.84
C GLU H 770 -33.07 -51.11 -8.41
N GLU H 771 -32.11 -50.46 -7.73
CA GLU H 771 -32.27 -49.96 -6.36
C GLU H 771 -32.66 -48.47 -6.34
N GLY H 772 -32.06 -47.69 -7.24
CA GLY H 772 -32.22 -46.24 -7.28
C GLY H 772 -31.29 -45.60 -6.28
N ILE H 773 -31.47 -44.29 -5.99
CA ILE H 773 -30.65 -43.54 -5.02
C ILE H 773 -31.57 -42.75 -4.11
N SER H 774 -31.65 -43.16 -2.84
CA SER H 774 -32.45 -42.47 -1.83
C SER H 774 -31.62 -41.40 -1.16
N LEU H 775 -32.27 -40.33 -0.66
CA LEU H 775 -31.56 -39.24 0.04
C LEU H 775 -30.93 -39.77 1.33
N ALA H 776 -31.67 -40.69 2.01
CA ALA H 776 -31.22 -41.31 3.24
C ALA H 776 -29.94 -42.12 2.98
N GLN H 777 -29.93 -42.94 1.90
CA GLN H 777 -28.74 -43.70 1.52
C GLN H 777 -27.62 -42.77 1.13
N LEU H 778 -27.95 -41.69 0.40
CA LEU H 778 -26.95 -40.73 -0.04
C LEU H 778 -26.30 -40.06 1.18
N GLU H 779 -27.10 -39.65 2.18
CA GLU H 779 -26.57 -39.03 3.40
C GLU H 779 -25.70 -40.03 4.17
N MET H 780 -26.19 -41.27 4.32
CA MET H 780 -25.47 -42.35 4.99
C MET H 780 -24.12 -42.58 4.31
N ASP H 781 -24.11 -42.77 2.98
CA ASP H 781 -22.91 -42.96 2.18
C ASP H 781 -21.96 -41.78 2.24
N ILE H 782 -22.47 -40.54 2.25
CA ILE H 782 -21.59 -39.37 2.39
C ILE H 782 -20.91 -39.40 3.78
N ASN H 783 -21.65 -39.70 4.86
CA ASN H 783 -21.08 -39.80 6.20
C ASN H 783 -20.03 -40.90 6.29
N SER H 784 -20.17 -41.97 5.46
CA SER H 784 -19.23 -43.09 5.34
C SER H 784 -17.91 -42.51 4.83
N LEU H 785 -17.94 -41.71 3.72
CA LEU H 785 -16.81 -41.03 3.09
C LEU H 785 -16.11 -40.14 4.13
N LYS H 786 -16.90 -39.33 4.87
CA LYS H 786 -16.45 -38.44 5.95
C LYS H 786 -15.62 -39.20 6.95
N GLU H 787 -16.10 -40.39 7.38
CA GLU H 787 -15.40 -41.29 8.31
C GLU H 787 -14.21 -41.99 7.66
N SER H 788 -14.37 -42.42 6.39
CA SER H 788 -13.32 -43.09 5.62
C SER H 788 -12.07 -42.24 5.56
N PHE H 789 -12.21 -40.94 5.20
CA PHE H 789 -11.08 -40.00 5.12
C PHE H 789 -10.51 -39.66 6.48
N ALA H 790 -11.33 -39.68 7.54
CA ALA H 790 -10.90 -39.41 8.91
C ALA H 790 -10.05 -40.59 9.45
N ASN H 791 -10.23 -41.78 8.86
CA ASN H 791 -9.52 -43.00 9.22
C ASN H 791 -8.35 -43.35 8.30
N ASP H 792 -8.12 -42.55 7.23
CA ASP H 792 -7.03 -42.75 6.28
C ASP H 792 -5.69 -42.40 6.89
N GLN H 793 -5.72 -41.65 8.02
CA GLN H 793 -4.54 -41.25 8.75
C GLN H 793 -3.79 -42.49 9.22
N GLY H 794 -2.74 -42.84 8.48
CA GLY H 794 -1.92 -44.01 8.75
C GLY H 794 -1.93 -45.10 7.69
N LYS H 795 -3.10 -45.39 7.06
CA LYS H 795 -3.21 -46.44 6.03
C LYS H 795 -2.75 -46.02 4.63
N THR H 796 -2.79 -46.97 3.66
CA THR H 796 -2.44 -46.76 2.25
C THR H 796 -3.43 -45.79 1.61
N LYS H 797 -2.92 -44.90 0.76
CA LYS H 797 -3.83 -43.99 0.08
C LYS H 797 -4.08 -44.62 -1.29
N SER H 798 -5.19 -45.37 -1.38
CA SER H 798 -5.59 -46.09 -2.60
C SER H 798 -6.62 -45.36 -3.49
N GLY H 799 -7.23 -44.30 -2.96
CA GLY H 799 -8.20 -43.52 -3.69
C GLY H 799 -9.59 -44.07 -3.53
N ARG H 800 -10.62 -43.21 -3.73
CA ARG H 800 -12.02 -43.58 -3.53
C ARG H 800 -12.88 -43.33 -4.74
N LEU H 801 -13.71 -44.34 -5.07
CA LEU H 801 -14.65 -44.26 -6.19
C LEU H 801 -16.07 -44.56 -5.75
N ILE H 802 -17.01 -43.89 -6.44
CA ILE H 802 -18.44 -44.13 -6.36
C ILE H 802 -18.81 -44.30 -7.83
N LEU H 803 -19.43 -45.42 -8.15
CA LEU H 803 -19.89 -45.72 -9.50
C LEU H 803 -21.40 -45.47 -9.54
N LYS H 804 -21.86 -44.59 -10.46
CA LYS H 804 -23.28 -44.26 -10.56
C LYS H 804 -23.78 -44.54 -11.95
N SER H 805 -24.62 -45.59 -12.12
CA SER H 805 -25.22 -45.93 -13.40
C SER H 805 -26.10 -44.74 -13.75
N GLU H 806 -26.00 -44.20 -14.98
CA GLU H 806 -26.81 -43.05 -15.37
C GLU H 806 -28.30 -43.21 -14.96
N ASN H 807 -28.87 -44.43 -15.14
CA ASN H 807 -30.28 -44.69 -14.82
C ASN H 807 -30.64 -44.80 -13.33
N ALA H 808 -29.67 -44.80 -12.42
CA ALA H 808 -29.95 -44.90 -10.98
C ALA H 808 -30.86 -43.77 -10.45
N SER H 809 -30.67 -42.53 -10.95
CA SER H 809 -31.49 -41.36 -10.60
C SER H 809 -31.42 -40.32 -11.71
N LYS H 810 -32.59 -39.81 -12.11
CA LYS H 810 -32.69 -38.76 -13.14
C LYS H 810 -32.45 -37.39 -12.51
N VAL H 811 -32.76 -37.26 -11.20
CA VAL H 811 -32.64 -36.04 -10.41
C VAL H 811 -31.22 -35.98 -9.80
N LEU H 812 -30.87 -37.01 -9.00
CA LEU H 812 -29.55 -37.11 -8.36
C LEU H 812 -28.59 -37.66 -9.41
N THR H 813 -28.06 -36.77 -10.21
CA THR H 813 -27.15 -37.09 -11.28
C THR H 813 -25.69 -37.08 -10.80
N THR H 814 -24.78 -37.67 -11.58
CA THR H 814 -23.35 -37.71 -11.27
C THR H 814 -22.84 -36.35 -10.77
N GLU H 815 -23.17 -35.29 -11.51
CA GLU H 815 -22.79 -33.92 -11.25
C GLU H 815 -23.44 -33.37 -9.99
N VAL H 816 -24.75 -33.67 -9.79
CA VAL H 816 -25.52 -33.23 -8.59
C VAL H 816 -24.97 -33.93 -7.35
N ILE H 817 -24.82 -35.27 -7.41
CA ILE H 817 -24.30 -36.09 -6.33
C ILE H 817 -22.98 -35.53 -5.81
N SER H 818 -22.03 -35.29 -6.74
CA SER H 818 -20.69 -34.76 -6.45
C SER H 818 -20.74 -33.38 -5.77
N THR H 819 -21.67 -32.50 -6.18
CA THR H 819 -21.80 -31.18 -5.57
C THR H 819 -22.30 -31.28 -4.14
N ILE H 820 -23.17 -32.28 -3.88
CA ILE H 820 -23.72 -32.56 -2.55
C ILE H 820 -22.58 -33.06 -1.67
N ILE H 821 -21.71 -33.95 -2.21
CA ILE H 821 -20.54 -34.45 -1.46
C ILE H 821 -19.66 -33.29 -1.01
N ASP H 822 -19.35 -32.34 -1.91
CA ASP H 822 -18.55 -31.18 -1.58
C ASP H 822 -19.21 -30.32 -0.51
N ASP H 823 -20.51 -30.09 -0.64
CA ASP H 823 -21.27 -29.31 0.31
C ASP H 823 -21.16 -29.95 1.70
N GLU H 824 -21.44 -31.26 1.80
CA GLU H 824 -21.43 -32.00 3.05
C GLU H 824 -20.04 -32.25 3.61
N ALA H 825 -18.99 -32.35 2.74
CA ALA H 825 -17.60 -32.64 3.12
C ALA H 825 -16.98 -31.59 4.02
N SER H 826 -17.48 -30.34 3.95
CA SER H 826 -17.03 -29.17 4.71
C SER H 826 -15.50 -28.98 4.71
N GLY H 827 -14.93 -29.00 3.51
CA GLY H 827 -13.51 -28.82 3.27
C GLY H 827 -12.58 -29.96 3.68
N ARG H 828 -13.12 -31.04 4.25
CA ARG H 828 -12.29 -32.16 4.72
C ARG H 828 -11.78 -33.07 3.59
N PHE H 829 -12.40 -32.94 2.41
CA PHE H 829 -12.12 -33.66 1.18
C PHE H 829 -13.00 -33.07 0.10
N ASP H 830 -12.68 -33.38 -1.17
CA ASP H 830 -13.48 -32.90 -2.30
C ASP H 830 -13.95 -34.01 -3.15
N SER H 831 -14.87 -33.70 -4.04
CA SER H 831 -15.46 -34.66 -4.94
C SER H 831 -15.38 -34.08 -6.32
N LYS H 832 -15.06 -34.96 -7.28
CA LYS H 832 -14.97 -34.64 -8.69
C LYS H 832 -15.69 -35.73 -9.45
N THR H 833 -16.29 -35.38 -10.59
CA THR H 833 -16.98 -36.36 -11.43
C THR H 833 -16.02 -36.93 -12.48
N ALA H 834 -16.43 -38.05 -13.13
CA ALA H 834 -15.77 -38.75 -14.23
C ALA H 834 -16.89 -39.26 -15.12
N ILE H 835 -17.17 -38.56 -16.21
CA ILE H 835 -18.25 -38.95 -17.14
C ILE H 835 -17.66 -39.31 -18.52
N PRO H 836 -17.24 -40.57 -18.72
CA PRO H 836 -16.61 -40.94 -20.00
C PRO H 836 -17.55 -40.90 -21.21
N GLY H 837 -18.80 -41.31 -21.02
CA GLY H 837 -19.81 -41.31 -22.09
C GLY H 837 -20.02 -42.66 -22.74
N HIS H 838 -20.85 -42.67 -23.80
CA HIS H 838 -21.24 -43.85 -24.58
C HIS H 838 -20.11 -44.33 -25.54
N VAL H 839 -18.88 -44.26 -25.05
CA VAL H 839 -17.65 -44.67 -25.72
C VAL H 839 -17.22 -46.06 -25.19
N GLN H 840 -17.71 -46.43 -23.97
CA GLN H 840 -17.46 -47.69 -23.22
C GLN H 840 -17.57 -48.98 -24.04
N GLN H 841 -18.22 -48.92 -25.24
CA GLN H 841 -18.37 -50.04 -26.19
C GLN H 841 -17.01 -50.74 -26.34
N GLY H 842 -16.01 -49.97 -26.81
CA GLY H 842 -14.64 -50.44 -27.01
C GLY H 842 -14.41 -50.97 -28.41
N GLY H 843 -13.18 -50.86 -28.88
CA GLY H 843 -12.79 -51.34 -30.19
C GLY H 843 -12.60 -52.84 -30.19
N ILE H 844 -11.34 -53.24 -30.37
CA ILE H 844 -10.84 -54.61 -30.38
C ILE H 844 -11.50 -55.44 -29.26
N PRO H 845 -12.37 -56.44 -29.60
CA PRO H 845 -13.05 -57.21 -28.54
C PRO H 845 -12.11 -58.07 -27.70
N SER H 846 -12.48 -58.32 -26.44
CA SER H 846 -11.67 -59.14 -25.54
C SER H 846 -11.48 -60.57 -26.07
N PRO H 847 -10.30 -61.23 -25.82
CA PRO H 847 -10.14 -62.63 -26.29
C PRO H 847 -11.30 -63.52 -25.86
N MET H 848 -11.87 -63.29 -24.65
CA MET H 848 -13.02 -64.01 -24.12
C MET H 848 -14.22 -63.82 -25.05
N ASP H 849 -14.53 -62.56 -25.42
CA ASP H 849 -15.62 -62.25 -26.33
C ASP H 849 -15.44 -62.90 -27.70
N ARG H 850 -14.23 -62.82 -28.28
CA ARG H 850 -13.91 -63.44 -29.57
C ARG H 850 -14.15 -64.95 -29.52
N VAL H 851 -13.69 -65.60 -28.43
CA VAL H 851 -13.79 -67.03 -28.17
C VAL H 851 -15.25 -67.45 -27.90
N ARG H 852 -15.93 -66.83 -26.92
CA ARG H 852 -17.34 -67.14 -26.61
C ARG H 852 -18.26 -67.00 -27.85
N ALA H 853 -18.07 -65.93 -28.67
CA ALA H 853 -18.84 -65.66 -29.90
C ALA H 853 -18.68 -66.79 -30.89
N SER H 854 -17.44 -67.37 -31.01
CA SER H 854 -17.14 -68.49 -31.90
C SER H 854 -17.96 -69.72 -31.50
N ARG H 855 -17.90 -70.08 -30.21
CA ARG H 855 -18.58 -71.19 -29.55
C ARG H 855 -20.09 -71.11 -29.77
N PHE H 856 -20.68 -69.94 -29.49
CA PHE H 856 -22.11 -69.67 -29.60
C PHE H 856 -22.59 -69.68 -31.04
N ALA H 857 -21.83 -69.10 -31.98
CA ALA H 857 -22.18 -69.06 -33.40
C ALA H 857 -22.32 -70.48 -33.94
N ILE H 858 -21.38 -71.37 -33.55
CA ILE H 858 -21.36 -72.77 -33.95
C ILE H 858 -22.55 -73.56 -33.33
N ARG H 859 -22.86 -73.30 -32.04
CA ARG H 859 -24.00 -73.93 -31.35
C ARG H 859 -25.32 -73.53 -32.00
N ALA H 860 -25.36 -72.28 -32.53
CA ALA H 860 -26.50 -71.72 -33.24
C ALA H 860 -26.72 -72.43 -34.57
N VAL H 861 -25.64 -72.61 -35.36
CA VAL H 861 -25.68 -73.30 -36.67
C VAL H 861 -26.12 -74.75 -36.45
N SER H 862 -25.54 -75.40 -35.42
CA SER H 862 -25.83 -76.78 -35.07
C SER H 862 -27.29 -77.01 -34.63
N PHE H 863 -27.93 -75.99 -34.00
CA PHE H 863 -29.34 -76.03 -33.59
C PHE H 863 -30.21 -75.96 -34.83
N ILE H 864 -29.88 -75.04 -35.76
CA ILE H 864 -30.59 -74.84 -37.02
C ILE H 864 -30.54 -76.15 -37.82
N GLU H 865 -29.39 -76.86 -37.81
CA GLU H 865 -29.20 -78.15 -38.48
C GLU H 865 -30.21 -79.17 -37.96
N ARG H 866 -30.33 -79.30 -36.62
CA ARG H 866 -31.21 -80.21 -35.88
C ARG H 866 -32.69 -79.95 -36.08
N HIS H 867 -33.11 -78.69 -36.06
CA HIS H 867 -34.51 -78.30 -36.12
C HIS H 867 -35.13 -78.02 -37.49
N SER H 868 -34.29 -77.81 -38.53
CA SER H 868 -34.75 -77.52 -39.91
C SER H 868 -35.71 -78.55 -40.47
N ASP H 869 -35.46 -79.85 -40.25
CA ASP H 869 -36.33 -80.93 -40.76
C ASP H 869 -37.78 -80.86 -40.22
N ARG H 870 -37.93 -80.60 -38.90
CA ARG H 870 -39.21 -80.44 -38.20
C ARG H 870 -40.00 -79.24 -38.73
N CYS H 871 -39.31 -78.10 -38.93
CA CYS H 871 -39.85 -76.83 -39.42
C CYS H 871 -40.48 -76.91 -40.80
N GLN H 872 -39.81 -77.62 -41.74
CA GLN H 872 -40.28 -77.77 -43.13
C GLN H 872 -41.67 -78.41 -43.27
N THR H 873 -42.20 -78.99 -42.18
CA THR H 873 -43.54 -79.58 -42.12
C THR H 873 -44.56 -78.43 -42.04
N PHE H 874 -44.27 -77.42 -41.20
CA PHE H 874 -45.06 -76.22 -40.95
C PHE H 874 -44.90 -75.22 -42.10
N LYS H 875 -43.70 -75.21 -42.72
CA LYS H 875 -43.31 -74.34 -43.83
C LYS H 875 -44.12 -74.67 -45.09
N ASN H 876 -44.11 -75.95 -45.50
CA ASN H 876 -44.80 -76.43 -46.70
C ASN H 876 -46.31 -76.55 -46.52
N SER H 877 -46.82 -76.32 -45.30
CA SER H 877 -48.25 -76.44 -45.02
C SER H 877 -48.92 -75.15 -44.59
N ILE H 878 -50.17 -74.95 -45.06
CA ILE H 878 -51.07 -73.86 -44.66
C ILE H 878 -51.73 -74.44 -43.36
N SER H 879 -52.93 -73.97 -42.95
CA SER H 879 -53.64 -74.45 -41.73
C SER H 879 -52.71 -74.63 -40.51
N PHE H 880 -51.67 -73.79 -40.43
CA PHE H 880 -50.68 -73.78 -39.37
C PHE H 880 -51.35 -73.17 -38.15
N ARG H 881 -51.62 -74.00 -37.12
CA ARG H 881 -52.32 -73.52 -35.93
C ARG H 881 -51.41 -73.01 -34.81
N GLN H 882 -50.08 -72.87 -35.08
CA GLN H 882 -49.04 -72.36 -34.15
C GLN H 882 -48.85 -73.25 -32.88
N THR H 883 -48.46 -74.53 -33.11
CA THR H 883 -48.25 -75.57 -32.09
C THR H 883 -47.05 -75.33 -31.15
N ASP H 884 -46.74 -76.32 -30.30
CA ASP H 884 -45.63 -76.29 -29.35
C ASP H 884 -44.33 -76.76 -30.01
N GLU H 885 -44.44 -77.64 -31.04
CA GLU H 885 -43.29 -78.18 -31.79
C GLU H 885 -42.57 -77.06 -32.57
N ILE H 886 -43.34 -76.07 -33.04
CA ILE H 886 -42.84 -74.93 -33.80
C ILE H 886 -42.34 -73.77 -32.94
N THR H 887 -43.04 -73.44 -31.84
CA THR H 887 -42.64 -72.35 -30.93
C THR H 887 -41.26 -72.60 -30.30
N SER H 888 -40.86 -73.88 -30.21
CA SER H 888 -39.58 -74.32 -29.65
C SER H 888 -38.39 -73.92 -30.53
N THR H 889 -38.62 -73.71 -31.84
CA THR H 889 -37.56 -73.36 -32.79
C THR H 889 -37.10 -71.91 -32.76
N ALA H 890 -37.95 -71.02 -32.23
CA ALA H 890 -37.64 -69.60 -32.04
C ALA H 890 -37.11 -69.56 -30.61
N VAL H 891 -35.77 -69.53 -30.49
CA VAL H 891 -35.06 -69.71 -29.24
C VAL H 891 -33.94 -68.67 -28.93
N VAL H 892 -33.54 -68.57 -27.65
CA VAL H 892 -32.45 -67.70 -27.18
C VAL H 892 -31.33 -68.60 -26.60
N LEU H 893 -30.13 -68.53 -27.20
CA LEU H 893 -28.95 -69.29 -26.75
C LEU H 893 -28.42 -68.61 -25.49
N GLY H 894 -28.22 -69.37 -24.42
CA GLY H 894 -27.75 -68.77 -23.18
C GLY H 894 -27.02 -69.62 -22.18
N ILE H 895 -26.27 -68.94 -21.30
CA ILE H 895 -25.56 -69.55 -20.18
C ILE H 895 -26.50 -69.48 -18.97
N HIS H 896 -26.74 -70.63 -18.33
CA HIS H 896 -27.55 -70.74 -17.12
C HIS H 896 -26.98 -71.77 -16.12
N LYS H 897 -26.22 -71.25 -15.12
CA LYS H 897 -25.52 -71.97 -14.05
C LYS H 897 -24.30 -72.81 -14.54
N GLN H 899 -24.59 -74.48 -17.38
CA GLN H 899 -25.29 -75.07 -18.51
C GLN H 899 -25.49 -74.06 -19.63
N LEU H 900 -25.18 -74.47 -20.88
CA LEU H 900 -25.41 -73.69 -22.08
C LEU H 900 -26.71 -74.25 -22.69
N ARG H 901 -27.80 -73.45 -22.62
CA ARG H 901 -29.13 -73.87 -23.05
C ARG H 901 -29.85 -72.90 -23.98
N PHE H 902 -30.71 -73.47 -24.84
CA PHE H 902 -31.57 -72.76 -25.76
C PHE H 902 -32.93 -72.64 -25.07
N THR H 903 -33.44 -71.42 -24.88
CA THR H 903 -34.70 -71.19 -24.20
C THR H 903 -35.73 -70.61 -25.18
N PRO H 904 -36.92 -71.23 -25.34
CA PRO H 904 -37.91 -70.69 -26.29
C PRO H 904 -38.29 -69.26 -25.95
N ILE H 905 -38.27 -68.37 -26.97
CA ILE H 905 -38.59 -66.94 -26.84
C ILE H 905 -39.88 -66.67 -26.03
N ARG H 906 -40.91 -67.52 -26.22
CA ARG H 906 -42.20 -67.39 -25.55
C ARG H 906 -42.10 -67.24 -24.04
N GLN H 907 -41.41 -68.16 -23.33
CA GLN H 907 -41.28 -68.10 -21.87
C GLN H 907 -40.47 -66.93 -21.31
N LEU H 908 -39.46 -66.46 -22.05
CA LEU H 908 -38.61 -65.35 -21.62
C LEU H 908 -39.28 -64.01 -21.87
N TYR H 909 -40.08 -63.89 -22.94
CA TYR H 909 -40.75 -62.64 -23.29
C TYR H 909 -41.95 -62.40 -22.40
N ASP H 910 -42.83 -63.40 -22.30
CA ASP H 910 -44.04 -63.30 -21.52
C ASP H 910 -43.76 -63.23 -20.02
N PHE H 911 -42.81 -64.05 -19.52
CA PHE H 911 -42.55 -64.18 -18.09
C PHE H 911 -41.27 -63.62 -17.49
N GLU H 912 -40.15 -63.70 -18.23
CA GLU H 912 -38.84 -63.27 -17.72
C GLU H 912 -38.38 -61.86 -18.10
N SER H 913 -39.23 -61.03 -18.73
CA SER H 913 -38.77 -59.70 -19.12
C SER H 913 -39.70 -58.51 -18.86
N ASP H 914 -39.09 -57.30 -18.65
CA ASP H 914 -39.80 -56.02 -18.57
C ASP H 914 -39.81 -55.54 -20.02
N VAL H 915 -40.68 -56.20 -20.82
CA VAL H 915 -40.98 -56.00 -22.23
C VAL H 915 -41.05 -54.51 -22.59
N PRO H 916 -41.55 -53.75 -21.58
CA PRO H 916 -41.83 -52.33 -21.76
C PRO H 916 -40.57 -51.47 -21.79
N ARG H 917 -40.75 -50.14 -21.70
CA ARG H 917 -39.73 -49.10 -21.72
C ARG H 917 -38.45 -49.40 -20.92
N ARG H 918 -38.53 -50.30 -19.90
CA ARG H 918 -37.36 -50.63 -19.08
C ARG H 918 -36.34 -51.49 -19.82
N MET H 919 -36.80 -52.51 -20.57
CA MET H 919 -35.99 -53.44 -21.36
C MET H 919 -34.98 -54.17 -20.46
N ARG H 920 -35.50 -55.10 -19.59
CA ARG H 920 -34.72 -55.87 -18.62
C ARG H 920 -35.52 -57.06 -18.06
N ASN H 922 -35.63 -59.76 -13.87
CA ASN H 922 -35.06 -60.00 -12.55
C ASN H 922 -33.58 -60.44 -12.61
N ILE H 923 -32.71 -59.70 -11.89
CA ILE H 923 -31.25 -59.86 -11.82
C ILE H 923 -30.75 -61.13 -11.14
N PHE H 924 -29.52 -61.54 -11.46
CA PHE H 924 -28.87 -62.69 -10.84
C PHE H 924 -27.72 -62.27 -9.92
N TRP H 925 -27.03 -61.15 -10.27
CA TRP H 925 -25.86 -60.57 -9.59
C TRP H 925 -26.00 -60.06 -8.15
N SER H 926 -27.13 -60.37 -7.47
CA SER H 926 -27.42 -59.99 -6.08
C SER H 926 -26.31 -60.36 -5.11
N ASN H 927 -25.75 -61.58 -5.20
CA ASN H 927 -24.64 -62.01 -4.32
C ASN H 927 -23.37 -61.20 -4.56
N VAL H 928 -23.00 -60.93 -5.83
CA VAL H 928 -21.82 -60.13 -6.22
C VAL H 928 -21.90 -58.79 -5.52
N ARG H 929 -23.11 -58.16 -5.54
CA ARG H 929 -23.42 -56.87 -4.89
C ARG H 929 -23.13 -56.91 -3.38
N GLU H 930 -23.62 -57.95 -2.68
CA GLU H 930 -23.45 -58.16 -1.25
C GLU H 930 -21.98 -58.23 -0.88
N ILE H 931 -21.19 -59.00 -1.66
CA ILE H 931 -19.76 -59.17 -1.48
C ILE H 931 -18.99 -57.86 -1.69
N SER H 932 -19.33 -57.09 -2.74
CA SER H 932 -18.62 -55.84 -2.99
C SER H 932 -18.91 -54.79 -1.93
N ASP H 933 -20.09 -54.87 -1.26
CA ASP H 933 -20.41 -53.94 -0.18
C ASP H 933 -19.66 -54.39 1.08
N MET H 934 -19.55 -55.72 1.28
CA MET H 934 -18.80 -56.35 2.38
C MET H 934 -17.31 -55.90 2.32
N LEU H 935 -16.68 -56.07 1.15
CA LEU H 935 -15.28 -55.76 0.89
C LEU H 935 -14.92 -54.29 0.99
N SER H 936 -15.92 -53.39 0.92
CA SER H 936 -15.71 -51.95 0.97
C SER H 936 -16.31 -51.30 2.24
N GLY H 937 -16.95 -52.11 3.09
CA GLY H 937 -17.57 -51.64 4.32
C GLY H 937 -18.83 -50.80 4.16
N ARG H 938 -19.60 -51.02 3.07
CA ARG H 938 -20.81 -50.26 2.81
C ARG H 938 -21.96 -50.75 3.67
N THR H 939 -22.75 -49.82 4.19
CA THR H 939 -23.93 -50.07 5.01
C THR H 939 -25.18 -49.59 4.26
N SER H 940 -26.05 -50.53 3.83
CA SER H 940 -27.30 -50.20 3.13
C SER H 940 -28.45 -49.87 4.10
N LEU H 941 -29.69 -49.68 3.58
CA LEU H 941 -30.90 -49.39 4.39
C LEU H 941 -32.09 -50.35 4.11
N ASP I 5 -26.52 29.67 42.05
CA ASP I 5 -26.67 29.84 43.51
C ASP I 5 -25.32 29.87 44.25
N SER I 6 -24.37 29.00 43.81
CA SER I 6 -23.02 28.94 44.38
C SER I 6 -22.39 30.34 44.36
N ILE I 7 -22.65 31.08 43.24
CA ILE I 7 -22.28 32.46 42.88
C ILE I 7 -22.84 33.44 43.91
N ILE I 8 -24.15 33.28 44.28
CA ILE I 8 -24.88 34.12 45.25
C ILE I 8 -24.14 34.16 46.58
N ARG I 9 -23.58 33.00 47.01
CA ARG I 9 -22.78 32.85 48.23
C ARG I 9 -21.50 33.69 48.18
N ASP I 10 -20.70 33.56 47.08
CA ASP I 10 -19.45 34.33 46.88
C ASP I 10 -19.75 35.82 46.70
N LEU I 11 -20.98 36.17 46.22
CA LEU I 11 -21.40 37.55 46.03
C LEU I 11 -21.55 38.25 47.39
N GLU I 12 -22.45 37.74 48.29
CA GLU I 12 -22.73 38.25 49.65
C GLU I 12 -21.44 38.52 50.43
N ARG I 13 -20.37 37.77 50.05
CA ARG I 13 -19.04 37.82 50.61
C ARG I 13 -18.24 39.01 50.09
N GLU I 14 -18.20 39.18 48.75
CA GLU I 14 -17.44 40.23 48.08
C GLU I 14 -18.02 41.66 48.23
N ASN I 15 -18.87 41.87 49.28
CA ASN I 15 -19.57 43.12 49.62
C ASN I 15 -20.69 43.49 48.59
N VAL I 16 -21.06 42.53 47.73
CA VAL I 16 -22.12 42.74 46.75
C VAL I 16 -23.49 42.69 47.46
N GLY I 17 -24.38 43.60 47.06
CA GLY I 17 -25.72 43.73 47.62
C GLY I 17 -26.65 42.58 47.28
N PRO I 18 -27.80 42.46 47.99
CA PRO I 18 -28.73 41.36 47.72
C PRO I 18 -29.30 41.31 46.29
N GLU I 19 -29.48 42.49 45.68
CA GLU I 19 -30.03 42.74 44.34
C GLU I 19 -29.62 41.69 43.32
N PHE I 20 -28.31 41.54 43.12
CA PHE I 20 -27.72 40.63 42.14
C PHE I 20 -28.08 39.18 42.46
N GLY I 21 -27.81 38.76 43.70
CA GLY I 21 -28.11 37.42 44.16
C GLY I 21 -29.54 37.06 43.80
N GLU I 22 -30.51 37.90 44.27
CA GLU I 22 -31.97 37.78 44.07
C GLU I 22 -32.35 37.53 42.59
N PHE I 23 -31.72 38.31 41.69
CA PHE I 23 -31.93 38.29 40.24
C PHE I 23 -31.67 36.92 39.63
N LEU I 24 -30.67 36.19 40.11
CA LEU I 24 -30.25 34.87 39.63
C LEU I 24 -31.24 33.74 39.96
N ASN I 25 -32.42 34.11 40.53
CA ASN I 25 -33.52 33.22 40.87
C ASN I 25 -34.81 33.68 40.21
N THR I 26 -34.87 34.96 39.84
CA THR I 26 -35.98 35.53 39.10
C THR I 26 -35.63 35.45 37.61
N LEU I 27 -34.40 34.99 37.29
CA LEU I 27 -33.92 34.83 35.92
C LEU I 27 -34.30 33.48 35.37
N GLN I 28 -35.11 33.52 34.31
CA GLN I 28 -35.63 32.36 33.59
C GLN I 28 -35.97 32.77 32.16
N THR I 29 -35.35 32.09 31.19
CA THR I 29 -35.61 32.32 29.77
C THR I 29 -36.60 31.27 29.26
N ASP I 30 -37.57 31.66 28.42
CA ASP I 30 -38.51 30.70 27.85
C ASP I 30 -37.87 30.10 26.57
N LEU I 31 -37.50 28.81 26.64
CA LEU I 31 -36.85 28.07 25.54
C LEU I 31 -37.79 27.91 24.34
N ASN I 32 -39.12 27.88 24.58
CA ASN I 32 -40.18 27.75 23.58
C ASN I 32 -40.41 29.00 22.70
N SER I 33 -40.65 30.18 23.33
CA SER I 33 -40.97 31.47 22.70
C SER I 33 -40.14 31.94 21.49
N GLU I 34 -40.80 32.70 20.59
CA GLU I 34 -40.23 33.29 19.37
C GLU I 34 -39.14 34.34 19.70
N LYS I 35 -39.26 35.10 20.86
CA LYS I 35 -38.30 36.11 21.35
C LYS I 35 -37.00 35.47 21.93
N PRO I 36 -35.81 35.68 21.27
CA PRO I 36 -34.55 35.08 21.77
C PRO I 36 -34.18 35.26 23.24
N PRO I 37 -33.55 34.21 23.86
CA PRO I 37 -33.12 34.30 25.28
C PRO I 37 -32.31 35.52 25.68
N ILE I 38 -31.40 36.00 24.80
CA ILE I 38 -30.57 37.19 25.05
C ILE I 38 -31.47 38.40 25.23
N GLU I 39 -32.54 38.52 24.40
CA GLU I 39 -33.47 39.62 24.51
C GLU I 39 -34.30 39.50 25.80
N GLN I 40 -34.66 38.26 26.16
CA GLN I 40 -35.38 37.91 27.39
C GLN I 40 -34.56 38.28 28.63
N VAL I 41 -33.29 37.87 28.72
CA VAL I 41 -32.42 38.28 29.85
C VAL I 41 -32.14 39.80 29.79
N LYS I 42 -32.12 40.36 28.54
CA LYS I 42 -31.91 41.79 28.31
C LYS I 42 -33.03 42.62 28.94
N SER I 43 -34.29 42.24 28.68
CA SER I 43 -35.43 42.96 29.24
C SER I 43 -35.57 42.75 30.75
N GLN I 44 -35.32 41.52 31.20
CA GLN I 44 -35.39 41.18 32.62
C GLN I 44 -34.44 42.03 33.47
N LEU I 45 -33.29 42.41 32.90
CA LEU I 45 -32.29 43.26 33.55
C LEU I 45 -32.84 44.67 33.76
N GLU I 46 -33.36 45.29 32.67
CA GLU I 46 -33.89 46.65 32.70
C GLU I 46 -35.07 46.74 33.62
N THR I 47 -35.85 45.66 33.69
CA THR I 47 -37.05 45.51 34.53
C THR I 47 -36.66 45.42 35.99
N HIS I 48 -35.75 44.50 36.37
CA HIS I 48 -35.36 44.32 37.78
C HIS I 48 -34.51 45.44 38.34
N PHE I 49 -33.48 45.87 37.60
CA PHE I 49 -32.53 46.91 38.04
C PHE I 49 -32.89 48.37 37.69
N ASN I 50 -33.93 48.60 36.87
CA ASN I 50 -34.40 49.92 36.42
C ASN I 50 -33.38 50.80 35.66
N LEU I 51 -32.82 50.22 34.57
CA LEU I 51 -31.82 50.88 33.71
C LEU I 51 -32.45 51.85 32.70
N ALA I 52 -33.77 52.11 32.84
CA ALA I 52 -34.54 53.03 32.01
C ALA I 52 -34.02 54.48 32.07
N HIS I 53 -33.79 55.06 33.28
CA HIS I 53 -33.27 56.42 33.43
C HIS I 53 -31.79 56.48 33.14
N GLU I 54 -30.99 55.52 33.68
CA GLU I 54 -29.54 55.49 33.47
C GLU I 54 -29.16 55.40 31.97
N THR I 55 -29.90 54.60 31.15
CA THR I 55 -29.66 54.48 29.71
C THR I 55 -30.04 55.82 29.04
N GLN I 56 -31.15 56.44 29.47
CA GLN I 56 -31.61 57.74 28.94
C GLN I 56 -30.56 58.80 29.19
N GLU I 57 -30.00 58.83 30.40
CA GLU I 57 -28.95 59.77 30.73
C GLU I 57 -27.68 59.44 29.99
N PHE I 58 -27.36 58.13 29.82
CA PHE I 58 -26.16 57.69 29.05
C PHE I 58 -26.25 58.14 27.59
N SER I 59 -27.50 58.31 27.09
CA SER I 59 -27.74 58.76 25.73
C SER I 59 -27.67 60.26 25.68
N ARG I 60 -28.47 60.92 26.55
CA ARG I 60 -28.63 62.37 26.68
C ARG I 60 -27.27 63.09 26.82
N LYS I 61 -26.46 62.66 27.82
CA LYS I 61 -25.13 63.18 28.16
C LYS I 61 -24.07 62.96 27.07
N ASN I 62 -24.39 62.13 26.06
CA ASN I 62 -23.54 61.79 24.90
C ASN I 62 -24.16 62.33 23.59
N ASP I 63 -24.92 63.44 23.68
CA ASP I 63 -25.61 64.11 22.58
C ASP I 63 -26.67 63.24 21.89
N ASN I 64 -27.50 62.57 22.72
CA ASN I 64 -28.63 61.71 22.32
C ASN I 64 -28.16 60.51 21.49
N ALA I 65 -26.89 60.10 21.74
CA ALA I 65 -26.25 58.99 21.05
C ALA I 65 -27.08 57.71 21.26
N PRO I 66 -27.31 56.89 20.19
CA PRO I 66 -28.10 55.66 20.38
C PRO I 66 -27.25 54.56 21.02
N VAL I 67 -26.97 54.75 22.32
CA VAL I 67 -26.19 53.87 23.19
C VAL I 67 -26.79 52.47 23.06
N ASP I 68 -28.10 52.48 22.82
CA ASP I 68 -29.12 51.47 22.55
C ASP I 68 -28.72 50.55 21.41
N LYS I 69 -28.29 51.12 20.28
CA LYS I 69 -27.98 50.39 19.06
C LYS I 69 -26.81 51.08 18.33
N LEU I 70 -25.64 51.11 18.99
CA LEU I 70 -24.42 51.76 18.47
C LEU I 70 -23.84 51.14 17.23
N LEU I 71 -23.93 49.82 17.10
CA LEU I 71 -23.36 49.09 15.96
C LEU I 71 -24.34 49.13 14.81
N THR I 72 -25.61 48.73 15.07
CA THR I 72 -26.77 48.72 14.16
C THR I 72 -26.81 50.05 13.41
N ASN I 73 -26.52 51.14 14.14
CA ASN I 73 -26.46 52.50 13.65
C ASN I 73 -25.40 52.71 12.61
N TYR I 74 -24.11 52.66 12.98
CA TYR I 74 -23.04 52.89 12.01
C TYR I 74 -22.93 51.81 10.89
N TYR I 75 -22.91 50.51 11.26
CA TYR I 75 -22.76 49.40 10.31
C TYR I 75 -24.05 49.03 9.63
N ASN I 76 -23.92 48.26 8.56
CA ASN I 76 -25.06 47.69 7.87
C ASN I 76 -25.07 46.17 8.15
N ASN I 77 -26.21 45.51 7.84
CA ASN I 77 -26.45 44.08 8.07
C ASN I 77 -25.22 43.26 7.84
N TYR I 78 -24.58 43.41 6.66
CA TYR I 78 -23.36 42.68 6.35
C TYR I 78 -22.20 43.03 7.32
N GLU I 79 -21.72 44.30 7.31
CA GLU I 79 -20.58 44.80 8.12
C GLU I 79 -20.62 44.34 9.58
N VAL I 80 -21.76 44.60 10.30
CA VAL I 80 -21.97 44.15 11.70
C VAL I 80 -21.78 42.61 11.84
N ASN I 81 -22.57 41.81 11.08
CA ASN I 81 -22.59 40.35 11.09
C ASN I 81 -21.33 39.70 10.59
N VAL I 82 -20.40 40.48 10.03
CA VAL I 82 -19.15 39.94 9.52
C VAL I 82 -18.12 39.94 10.63
N LEU I 83 -18.19 40.94 11.53
CA LEU I 83 -17.29 40.96 12.68
C LEU I 83 -17.39 39.59 13.44
N GLU I 84 -16.24 38.89 13.66
CA GLU I 84 -16.25 37.60 14.37
C GLU I 84 -15.34 37.44 15.61
N PHE I 85 -14.43 38.37 15.81
CA PHE I 85 -13.52 38.36 16.95
C PHE I 85 -13.60 39.71 17.65
N VAL I 86 -14.32 39.75 18.78
CA VAL I 86 -14.55 40.95 19.60
C VAL I 86 -13.81 40.84 20.94
N LEU I 87 -13.12 41.91 21.34
CA LEU I 87 -12.42 42.02 22.64
C LEU I 87 -12.96 43.27 23.30
N GLN I 88 -13.63 43.10 24.45
CA GLN I 88 -14.13 44.25 25.20
C GLN I 88 -13.23 44.45 26.42
N MET I 89 -12.35 45.47 26.32
CA MET I 89 -11.39 45.89 27.33
C MET I 89 -12.04 46.61 28.53
N GLY I 90 -12.72 45.80 29.34
CA GLY I 90 -13.36 46.20 30.57
C GLY I 90 -14.78 46.73 30.53
N PHE I 91 -15.24 47.18 31.72
CA PHE I 91 -16.52 47.77 31.99
C PHE I 91 -16.21 49.27 32.21
N SER I 92 -17.19 50.21 31.97
CA SER I 92 -17.02 51.67 32.14
C SER I 92 -17.26 52.12 33.56
N ARG I 93 -16.32 52.89 34.13
CA ARG I 93 -16.48 53.39 35.50
C ARG I 93 -17.72 54.24 35.67
N ASP I 94 -18.15 54.98 34.60
CA ASP I 94 -19.32 55.87 34.60
C ASP I 94 -20.66 55.17 34.72
N LEU I 95 -20.76 53.90 34.25
CA LEU I 95 -22.04 53.19 34.31
C LEU I 95 -22.05 52.14 35.40
N SER I 96 -23.26 51.74 35.84
CA SER I 96 -23.43 50.74 36.90
C SER I 96 -22.98 49.38 36.42
N ILE I 97 -22.82 48.41 37.31
CA ILE I 97 -22.46 47.07 36.86
C ILE I 97 -23.57 46.51 35.92
N PRO I 98 -24.90 46.58 36.29
CA PRO I 98 -25.95 46.11 35.36
C PRO I 98 -25.94 46.79 34.00
N LEU I 99 -25.81 48.13 33.98
CA LEU I 99 -25.81 48.84 32.71
C LEU I 99 -24.63 48.37 31.85
N ASN I 100 -23.46 48.13 32.48
CA ASN I 100 -22.32 47.60 31.77
C ASN I 100 -22.65 46.25 31.16
N VAL I 101 -23.12 45.28 32.01
CA VAL I 101 -23.62 43.92 31.67
C VAL I 101 -24.64 44.02 30.55
N TRP I 102 -25.67 44.86 30.76
CA TRP I 102 -26.73 45.12 29.80
C TRP I 102 -26.12 45.54 28.47
N PHE I 103 -25.12 46.43 28.51
CA PHE I 103 -24.43 46.91 27.32
C PHE I 103 -23.73 45.72 26.58
N VAL I 104 -23.01 44.86 27.35
CA VAL I 104 -22.28 43.67 26.89
C VAL I 104 -23.23 42.79 26.13
N LEU I 105 -24.34 42.45 26.78
CA LEU I 105 -25.41 41.63 26.26
C LEU I 105 -25.96 42.27 24.99
N ASP I 106 -26.15 43.60 24.99
CA ASP I 106 -26.70 44.35 23.86
C ASP I 106 -25.76 44.38 22.64
N MET I 107 -24.45 44.32 22.90
CA MET I 107 -23.44 44.29 21.84
C MET I 107 -23.61 42.99 21.06
N ILE I 108 -23.67 41.86 21.79
CA ILE I 108 -23.86 40.52 21.21
C ILE I 108 -25.19 40.49 20.42
N SER I 109 -26.22 41.14 21.00
CA SER I 109 -27.54 41.25 20.41
C SER I 109 -27.41 41.81 18.97
N GLN I 110 -26.66 42.93 18.82
CA GLN I 110 -26.45 43.61 17.54
C GLN I 110 -25.63 42.79 16.57
N LEU I 111 -24.61 42.08 17.11
CA LEU I 111 -23.68 41.24 16.34
C LEU I 111 -24.21 39.94 15.77
N SER I 112 -25.47 39.58 16.09
CA SER I 112 -26.10 38.29 15.76
C SER I 112 -27.50 38.39 15.11
N THR I 113 -27.74 39.43 14.32
CA THR I 113 -29.05 39.61 13.65
C THR I 113 -29.33 38.53 12.57
N SER I 114 -28.36 38.27 11.71
CA SER I 114 -28.47 37.33 10.61
C SER I 114 -28.22 35.89 11.06
N LYS I 115 -28.65 34.95 10.20
CA LYS I 115 -28.49 33.52 10.38
C LYS I 115 -27.42 33.04 9.39
N GLN I 116 -26.80 33.96 8.64
CA GLN I 116 -25.78 33.58 7.66
C GLN I 116 -24.43 34.13 8.11
N ASP I 117 -24.16 33.89 9.39
CA ASP I 117 -22.99 34.39 10.08
C ASP I 117 -22.07 33.30 10.51
N LEU I 118 -20.80 33.50 10.21
CA LEU I 118 -19.73 32.63 10.66
C LEU I 118 -19.67 32.83 12.21
N PRO I 119 -19.40 31.76 12.98
CA PRO I 119 -19.38 31.88 14.45
C PRO I 119 -18.71 33.10 15.09
N LEU I 120 -19.34 33.64 16.16
CA LEU I 120 -18.80 34.79 16.91
C LEU I 120 -17.93 34.34 18.07
N ASP I 121 -16.88 35.12 18.37
CA ASP I 121 -15.97 34.97 19.53
C ASP I 121 -15.91 36.33 20.18
N TYR I 122 -16.44 36.41 21.41
CA TYR I 122 -16.51 37.61 22.23
C TYR I 122 -15.73 37.31 23.47
N TYR I 123 -14.78 38.20 23.79
CA TYR I 123 -13.93 38.18 24.98
C TYR I 123 -14.26 39.41 25.79
N LEU I 124 -14.50 39.24 27.10
CA LEU I 124 -14.75 40.37 28.01
C LEU I 124 -13.75 40.30 29.12
N VAL I 125 -12.99 41.38 29.27
CA VAL I 125 -11.95 41.53 30.27
C VAL I 125 -12.48 42.35 31.45
N LEU I 126 -12.43 41.75 32.67
CA LEU I 126 -12.81 42.37 33.94
C LEU I 126 -11.49 42.42 34.72
N ASN I 127 -10.84 43.58 34.58
CA ASN I 127 -9.47 43.91 34.97
C ASN I 127 -9.21 44.61 36.32
N ASN I 128 -10.23 44.86 37.15
CA ASN I 128 -10.01 45.54 38.44
C ASN I 128 -10.78 44.90 39.59
N SER I 129 -10.59 45.35 40.85
CA SER I 129 -11.29 44.73 41.98
C SER I 129 -12.80 44.89 41.95
N GLN I 130 -13.27 46.02 41.39
CA GLN I 130 -14.67 46.43 41.31
C GLN I 130 -15.52 45.57 40.40
N THR I 131 -14.94 45.14 39.28
CA THR I 131 -15.70 44.36 38.32
C THR I 131 -15.49 42.85 38.37
N GLY I 132 -14.29 42.41 38.73
CA GLY I 132 -13.91 41.02 38.82
C GLY I 132 -14.90 40.21 39.63
N LYS I 133 -15.32 40.75 40.78
CA LYS I 133 -16.31 40.07 41.64
C LYS I 133 -17.63 39.68 40.92
N TYR I 134 -18.00 40.37 39.84
CA TYR I 134 -19.23 40.05 39.12
C TYR I 134 -19.05 39.11 37.92
N SER I 135 -17.85 38.52 37.71
CA SER I 135 -17.60 37.65 36.55
C SER I 135 -18.51 36.43 36.51
N ASP I 136 -18.71 35.76 37.67
CA ASP I 136 -19.58 34.59 37.76
C ASP I 136 -21.05 34.91 37.66
N PHE I 137 -21.45 36.08 38.17
CA PHE I 137 -22.81 36.56 37.91
C PHE I 137 -22.94 36.77 36.36
N VAL I 138 -21.90 37.32 35.71
CA VAL I 138 -21.90 37.59 34.27
C VAL I 138 -21.93 36.31 33.43
N ARG I 139 -21.22 35.26 33.88
CA ARG I 139 -21.19 33.98 33.15
C ARG I 139 -22.51 33.25 33.24
N TYR I 140 -23.19 33.32 34.41
CA TYR I 140 -24.50 32.71 34.62
C TYR I 140 -25.54 33.35 33.70
N LEU I 141 -25.56 34.71 33.65
CA LEU I 141 -26.40 35.54 32.76
C LEU I 141 -26.14 35.16 31.28
N ILE I 142 -24.87 34.89 30.91
CA ILE I 142 -24.52 34.52 29.54
C ILE I 142 -24.96 33.08 29.21
N TYR I 143 -24.78 32.14 30.16
CA TYR I 143 -25.20 30.73 30.06
C TYR I 143 -26.70 30.65 29.68
N GLU I 144 -27.48 31.64 30.13
CA GLU I 144 -28.91 31.77 29.85
C GLU I 144 -29.12 32.41 28.48
N ALA I 145 -28.50 33.61 28.26
CA ALA I 145 -28.55 34.49 27.08
C ALA I 145 -28.33 33.76 25.78
N VAL I 146 -27.29 32.89 25.77
CA VAL I 146 -26.84 32.04 24.66
C VAL I 146 -27.56 30.67 24.65
N GLY I 147 -28.19 30.34 25.78
CA GLY I 147 -28.90 29.07 25.95
C GLY I 147 -28.03 27.84 25.86
N ALA I 148 -27.05 27.72 26.76
CA ALA I 148 -26.12 26.58 26.81
C ALA I 148 -26.77 25.28 27.38
N GLU I 149 -28.07 25.10 27.06
CA GLU I 149 -28.88 23.91 27.36
C GLU I 149 -28.96 23.18 26.01
N ILE I 150 -27.76 23.04 25.41
CA ILE I 150 -27.42 22.45 24.12
C ILE I 150 -26.67 21.12 24.41
N HIS I 151 -25.46 21.19 25.04
CA HIS I 151 -24.56 20.06 25.38
C HIS I 151 -24.12 19.23 24.15
N LEU I 176 -22.70 24.67 34.87
CA LEU I 176 -21.56 25.29 34.19
C LEU I 176 -20.26 25.15 34.96
N ALA I 177 -19.15 25.21 34.22
CA ALA I 177 -17.80 25.08 34.77
C ALA I 177 -17.32 26.31 35.49
N ASN I 178 -16.42 26.11 36.48
CA ASN I 178 -15.82 27.15 37.32
C ASN I 178 -15.01 28.16 36.50
N ARG I 179 -14.34 27.63 35.48
CA ARG I 179 -13.42 28.25 34.53
C ARG I 179 -13.87 27.73 33.17
N GLY I 180 -13.63 28.51 32.10
CA GLY I 180 -13.97 28.09 30.74
C GLY I 180 -14.92 28.95 29.93
N PRO I 181 -14.85 28.83 28.59
CA PRO I 181 -15.74 29.63 27.74
C PRO I 181 -17.16 29.06 27.69
N ILE I 182 -18.14 29.94 27.53
CA ILE I 182 -19.57 29.60 27.42
C ILE I 182 -19.86 29.56 25.94
N ARG I 183 -20.47 28.49 25.49
CA ARG I 183 -20.81 28.31 24.08
C ARG I 183 -22.33 28.20 23.96
N GLY I 184 -22.86 28.66 22.86
CA GLY I 184 -24.28 28.57 22.61
C GLY I 184 -24.65 29.24 21.31
N ASN I 185 -25.96 29.42 21.10
CA ASN I 185 -26.48 30.13 19.96
C ASN I 185 -27.08 31.42 20.48
N VAL I 186 -26.77 32.54 19.85
CA VAL I 186 -27.23 33.82 20.35
C VAL I 186 -27.87 34.73 19.26
N GLY I 187 -28.62 35.73 19.76
CA GLY I 187 -29.28 36.76 18.96
C GLY I 187 -30.51 36.32 18.21
N ALA I 188 -31.02 37.25 17.35
CA ALA I 188 -32.19 37.03 16.49
C ALA I 188 -31.93 35.98 15.44
N GLY I 189 -30.66 35.86 14.99
CA GLY I 189 -30.28 34.91 13.95
C GLY I 189 -29.69 33.61 14.45
N ASP I 190 -29.90 33.30 15.76
CA ASP I 190 -29.43 32.10 16.47
C ASP I 190 -27.92 31.81 16.21
N ARG I 191 -27.10 32.88 15.97
CA ARG I 191 -25.67 32.85 15.65
C ARG I 191 -24.82 32.07 16.65
N LYS I 192 -23.97 31.18 16.16
CA LYS I 192 -23.10 30.41 17.04
C LYS I 192 -22.13 31.37 17.78
N ILE I 193 -22.10 31.26 19.12
CA ILE I 193 -21.28 32.11 19.97
C ILE I 193 -20.39 31.31 20.89
N THR I 194 -19.28 31.91 21.28
CA THR I 194 -18.33 31.41 22.24
C THR I 194 -17.84 32.61 23.01
N PHE I 195 -18.43 32.79 24.21
CA PHE I 195 -18.14 33.86 25.16
C PHE I 195 -17.03 33.48 26.14
N HIS I 196 -15.93 34.28 26.12
CA HIS I 196 -14.76 34.17 26.98
C HIS I 196 -14.68 35.30 27.96
N LEU I 197 -14.74 34.97 29.24
CA LEU I 197 -14.61 35.96 30.30
C LEU I 197 -13.21 35.76 30.87
N LEU I 198 -12.34 36.76 30.64
CA LEU I 198 -10.97 36.81 31.17
C LEU I 198 -10.95 37.69 32.42
N CYS I 199 -10.55 37.11 33.57
CA CYS I 199 -10.48 37.83 34.86
C CYS I 199 -9.41 37.23 35.74
N LYS I 200 -9.17 37.87 36.92
CA LYS I 200 -8.20 37.50 37.95
C LYS I 200 -8.49 36.15 38.62
N LYS I 201 -9.75 35.82 38.87
CA LYS I 201 -10.13 34.55 39.49
C LYS I 201 -9.64 33.42 38.56
N THR I 202 -9.98 33.54 37.26
CA THR I 202 -9.56 32.58 36.23
C THR I 202 -8.01 32.54 36.17
N ALA I 203 -7.35 33.70 36.31
CA ALA I 203 -5.88 33.79 36.29
C ALA I 203 -5.24 33.07 37.50
N ARG I 204 -5.79 33.30 38.73
CA ARG I 204 -5.31 32.65 39.95
C ARG I 204 -5.53 31.13 39.89
N MET I 205 -6.69 30.66 39.37
CA MET I 205 -7.03 29.23 39.22
C MET I 205 -5.99 28.59 38.31
N ILE I 206 -5.75 29.22 37.13
CA ILE I 206 -4.79 28.73 36.14
C ILE I 206 -3.43 28.48 36.74
N LEU I 207 -2.85 29.48 37.42
CA LEU I 207 -1.52 29.44 38.02
C LEU I 207 -1.32 28.35 39.07
N VAL I 208 -2.35 28.04 39.82
CA VAL I 208 -2.17 27.07 40.90
C VAL I 208 -2.70 25.69 40.62
N GLY I 209 -2.92 25.42 39.31
CA GLY I 209 -3.42 24.16 38.79
C GLY I 209 -4.77 23.83 39.36
N ASP I 210 -5.64 24.85 39.43
CA ASP I 210 -6.99 24.82 39.99
C ASP I 210 -7.06 24.37 41.47
N ASP I 211 -5.97 24.56 42.25
CA ASP I 211 -5.93 24.21 43.68
C ASP I 211 -6.94 25.07 44.44
N ARG I 212 -7.61 24.45 45.44
CA ARG I 212 -8.64 25.03 46.29
C ARG I 212 -8.21 26.41 46.81
N GLU I 213 -7.00 26.52 47.35
CA GLU I 213 -6.44 27.74 47.92
C GLU I 213 -5.89 28.70 46.86
N THR I 214 -6.70 29.73 46.54
CA THR I 214 -6.41 30.80 45.58
C THR I 214 -6.25 32.17 46.28
N ASP I 215 -6.38 32.20 47.62
CA ASP I 215 -6.27 33.45 48.37
C ASP I 215 -4.85 34.00 48.54
N PHE I 216 -4.34 34.60 47.41
CA PHE I 216 -3.06 35.30 47.22
C PHE I 216 -3.27 36.49 46.28
N GLU I 217 -2.50 37.58 46.50
CA GLU I 217 -2.59 38.81 45.77
C GLU I 217 -2.06 38.76 44.33
N MET I 218 -2.75 39.51 43.46
CA MET I 218 -2.45 39.72 42.06
C MET I 218 -2.86 41.17 41.69
N SER I 219 -1.88 42.00 41.28
CA SER I 219 -2.08 43.39 40.85
C SER I 219 -2.55 43.42 39.39
N ASP I 220 -3.41 44.42 39.05
CA ASP I 220 -3.97 44.63 37.70
C ASP I 220 -2.87 44.75 36.61
N ARG I 221 -1.63 45.24 37.00
CA ARG I 221 -0.41 45.31 36.18
C ARG I 221 -0.04 43.84 35.83
N SER I 222 0.23 42.99 36.88
CA SER I 222 0.55 41.57 36.78
C SER I 222 -0.42 40.92 35.85
N PHE I 223 -1.75 41.21 36.06
CA PHE I 223 -2.87 40.70 35.28
C PHE I 223 -2.78 40.91 33.76
N VAL I 224 -2.54 42.17 33.30
CA VAL I 224 -2.48 42.43 31.86
C VAL I 224 -1.48 41.53 31.18
N THR I 225 -0.34 41.30 31.88
CA THR I 225 0.74 40.50 31.31
C THR I 225 0.52 38.99 31.32
N LEU I 226 -0.31 38.48 32.26
CA LEU I 226 -0.63 37.06 32.28
C LEU I 226 -1.64 36.80 31.17
N LEU I 227 -2.41 37.83 30.74
CA LEU I 227 -3.38 37.74 29.63
C LEU I 227 -2.63 37.51 28.31
N LEU I 228 -1.58 38.33 28.14
CA LEU I 228 -0.59 38.31 27.08
C LEU I 228 0.18 37.00 27.05
N ASP I 229 0.47 36.43 28.23
CA ASP I 229 1.15 35.16 28.43
C ASP I 229 0.24 34.02 27.96
N TYR I 230 -1.10 34.14 28.23
CA TYR I 230 -2.08 33.14 27.85
C TYR I 230 -2.29 33.12 26.36
N TYR I 231 -2.43 34.30 25.73
CA TYR I 231 -2.61 34.50 24.27
C TYR I 231 -1.38 33.91 23.50
N GLN I 232 -0.18 34.14 24.04
CA GLN I 232 1.07 33.66 23.47
C GLN I 232 1.24 32.16 23.67
N ARG I 233 0.61 31.59 24.73
CA ARG I 233 0.64 30.14 25.00
C ARG I 233 -0.47 29.45 24.19
N VAL I 234 -1.71 30.00 24.18
CA VAL I 234 -2.91 29.49 23.48
C VAL I 234 -2.83 29.36 21.92
N GLY I 235 -1.78 29.93 21.33
CA GLY I 235 -1.54 29.92 19.89
C GLY I 235 -2.54 30.75 19.12
N THR I 236 -3.06 31.80 19.76
CA THR I 236 -4.06 32.68 19.14
C THR I 236 -3.39 33.63 18.15
N THR I 237 -3.79 33.50 16.88
CA THR I 237 -3.35 34.35 15.76
C THR I 237 -4.54 34.68 14.80
N LYS I 238 -5.78 34.77 15.38
CA LYS I 238 -7.03 35.18 14.74
C LYS I 238 -7.15 36.60 15.26
N LYS I 239 -7.36 37.55 14.35
CA LYS I 239 -7.29 38.96 14.71
C LYS I 239 -8.58 39.62 15.16
N ILE I 240 -8.47 40.51 16.14
CA ILE I 240 -9.54 41.32 16.72
C ILE I 240 -10.07 42.19 15.62
N ASP I 241 -11.39 42.18 15.40
CA ASP I 241 -12.02 43.01 14.37
C ASP I 241 -12.97 44.05 14.98
N LEU I 242 -13.13 44.06 16.31
CA LEU I 242 -13.94 45.07 16.98
C LEU I 242 -13.39 45.25 18.38
N LEU I 243 -12.84 46.45 18.64
CA LEU I 243 -12.26 46.76 19.93
C LEU I 243 -13.12 47.74 20.75
N LEU I 244 -13.73 47.22 21.80
CA LEU I 244 -14.47 48.11 22.68
C LEU I 244 -13.50 48.55 23.81
N LEU I 245 -13.31 49.89 23.90
CA LEU I 245 -12.45 50.60 24.84
C LEU I 245 -13.34 51.57 25.65
N THR I 246 -13.11 51.65 26.97
CA THR I 246 -13.92 52.52 27.83
C THR I 246 -13.12 53.14 28.97
N ASN I 247 -13.85 53.73 29.91
CA ASN I 247 -13.26 54.38 31.05
C ASN I 247 -13.16 53.45 32.21
N ASN I 248 -12.24 52.49 32.11
CA ASN I 248 -11.89 51.49 33.11
C ASN I 248 -11.43 52.12 34.42
N PHE I 249 -11.67 51.42 35.55
CA PHE I 249 -11.19 51.80 36.87
C PHE I 249 -9.72 51.40 36.91
N ASP I 250 -8.89 52.01 37.79
CA ASP I 250 -7.44 51.77 37.89
C ASP I 250 -6.82 52.19 36.58
N THR I 251 -6.91 53.50 36.32
CA THR I 251 -6.46 54.19 35.10
C THR I 251 -4.96 54.03 34.91
N ASN I 252 -4.21 54.05 36.04
CA ASN I 252 -2.77 53.88 36.10
C ASN I 252 -2.30 52.69 35.22
N MET I 253 -2.96 51.53 35.42
CA MET I 253 -2.67 50.33 34.64
C MET I 253 -3.58 50.19 33.42
N ASN I 254 -4.93 50.18 33.70
CA ASN I 254 -6.02 49.94 32.75
C ASN I 254 -6.36 51.09 31.78
N ASN I 255 -5.36 51.86 31.46
CA ASN I 255 -5.44 53.00 30.56
C ASN I 255 -5.74 52.63 29.11
N LYS I 256 -6.73 53.30 28.53
CA LYS I 256 -7.27 53.14 27.16
C LYS I 256 -6.24 53.30 26.08
N LEU I 257 -5.44 54.39 26.15
CA LEU I 257 -4.39 54.71 25.22
C LEU I 257 -3.39 53.59 25.34
N GLN I 258 -2.90 53.35 26.58
CA GLN I 258 -1.97 52.26 26.87
C GLN I 258 -2.45 50.86 26.42
N GLN I 259 -3.79 50.60 26.50
CA GLN I 259 -4.46 49.38 26.07
C GLN I 259 -4.29 49.27 24.52
N LEU I 260 -4.83 50.30 23.77
CA LEU I 260 -4.76 50.44 22.30
C LEU I 260 -3.31 50.22 21.80
N LYS I 261 -2.39 51.10 22.28
CA LYS I 261 -0.95 51.01 22.03
C LYS I 261 -0.42 49.50 22.08
N ILE I 262 -0.68 48.75 23.21
CA ILE I 262 -0.22 47.38 23.34
C ILE I 262 -0.79 46.44 22.28
N LEU I 263 -2.09 46.59 21.98
CA LEU I 263 -2.66 45.74 20.92
C LEU I 263 -2.01 46.09 19.60
N GLU I 264 -1.80 47.43 19.33
CA GLU I 264 -1.10 47.94 18.10
C GLU I 264 0.26 47.27 18.01
N SER I 265 0.99 47.31 19.14
CA SER I 265 2.33 46.73 19.32
C SER I 265 2.53 45.28 18.88
N LEU I 266 1.60 44.41 19.36
CA LEU I 266 1.61 42.96 19.26
C LEU I 266 1.06 42.33 18.03
N ASN I 267 0.67 43.12 17.03
CA ASN I 267 0.05 42.61 15.80
C ASN I 267 -1.24 41.81 16.14
N MET I 268 -2.08 42.37 17.03
CA MET I 268 -3.32 41.71 17.50
C MET I 268 -4.58 42.27 16.88
N LEU I 269 -4.50 43.46 16.31
CA LEU I 269 -5.66 44.05 15.67
C LEU I 269 -5.63 43.78 14.18
N LYS I 270 -6.78 43.36 13.62
CA LYS I 270 -7.00 43.09 12.20
C LYS I 270 -6.67 44.36 11.40
N SER I 271 -6.22 44.22 10.11
CA SER I 271 -5.87 45.38 9.24
C SER I 271 -6.99 46.45 9.17
N ASN I 272 -8.23 46.02 9.28
CA ASN I 272 -9.38 46.89 9.27
C ASN I 272 -10.19 46.65 10.55
N CYS I 273 -9.50 46.81 11.67
CA CYS I 273 -10.14 46.66 12.94
C CYS I 273 -10.91 47.93 13.26
N TYR I 274 -12.11 47.81 13.82
CA TYR I 274 -12.91 48.96 14.23
C TYR I 274 -12.60 49.18 15.69
N VAL I 275 -12.57 50.44 16.12
CA VAL I 275 -12.30 50.71 17.51
C VAL I 275 -13.34 51.63 18.09
N LEU I 276 -14.11 51.11 19.06
CA LEU I 276 -15.15 51.87 19.71
C LEU I 276 -14.78 52.28 21.16
N ASP I 277 -14.61 53.59 21.42
CA ASP I 277 -14.38 54.11 22.77
C ASP I 277 -15.70 54.72 23.26
N TYR I 278 -16.16 54.32 24.43
CA TYR I 278 -17.43 54.80 24.91
C TYR I 278 -17.32 55.11 26.37
N GLN I 279 -18.00 56.20 26.80
CA GLN I 279 -18.05 56.75 28.16
C GLN I 279 -18.98 57.98 28.21
N ILE I 280 -19.03 58.66 29.37
CA ILE I 280 -19.78 59.90 29.60
C ILE I 280 -18.71 60.94 29.99
N THR I 281 -17.87 60.60 31.00
CA THR I 281 -16.82 61.46 31.55
C THR I 281 -15.72 61.67 30.55
N VAL I 282 -15.35 62.96 30.36
CA VAL I 282 -14.30 63.43 29.44
C VAL I 282 -13.13 63.85 30.26
N ASP I 283 -11.96 63.28 30.00
CA ASP I 283 -10.73 63.61 30.72
C ASP I 283 -9.49 63.61 29.84
N GLN I 284 -8.30 63.92 30.43
CA GLN I 284 -7.02 64.01 29.73
C GLN I 284 -6.75 62.74 28.94
N VAL I 285 -7.03 61.56 29.55
CA VAL I 285 -6.93 60.24 28.89
C VAL I 285 -7.76 60.29 27.56
N THR I 286 -9.03 60.77 27.64
CA THR I 286 -9.88 60.86 26.46
C THR I 286 -9.25 61.75 25.37
N ALA I 287 -8.83 62.98 25.73
CA ALA I 287 -8.18 63.92 24.82
C ALA I 287 -6.94 63.30 24.13
N ASN I 288 -6.08 62.61 24.91
CA ASN I 288 -4.86 61.96 24.44
C ASN I 288 -5.15 60.82 23.49
N PHE I 289 -6.11 59.96 23.85
CA PHE I 289 -6.56 58.83 23.04
C PHE I 289 -6.99 59.42 21.71
N ASN I 290 -7.94 60.41 21.76
CA ASN I 290 -8.46 61.12 20.60
C ASN I 290 -7.38 61.78 19.78
N SER I 291 -6.38 62.38 20.42
CA SER I 291 -5.29 63.03 19.70
C SER I 291 -4.30 62.03 19.06
N TYR I 292 -4.20 60.80 19.59
CA TYR I 292 -3.30 59.76 19.05
C TYR I 292 -3.93 59.09 17.83
N VAL I 293 -5.14 58.56 18.03
CA VAL I 293 -5.91 57.87 17.01
C VAL I 293 -6.13 58.81 15.81
N GLU I 294 -6.60 60.05 16.10
CA GLU I 294 -6.89 61.10 15.13
C GLU I 294 -5.65 61.90 14.62
N GLY I 295 -4.45 61.55 15.08
CA GLY I 295 -3.27 62.33 14.78
C GLY I 295 -2.39 61.90 13.64
N ILE I 296 -1.87 62.90 12.88
CA ILE I 296 -0.90 62.79 11.76
C ILE I 296 0.33 61.94 12.17
N PRO I 297 1.04 61.27 11.24
CA PRO I 297 2.13 60.37 11.69
C PRO I 297 3.21 60.98 12.56
N ALA I 298 3.66 62.19 12.24
CA ALA I 298 4.68 62.90 13.01
C ALA I 298 4.20 63.03 14.45
N PHE I 299 2.92 63.46 14.63
CA PHE I 299 2.27 63.58 15.93
C PHE I 299 2.38 62.25 16.72
N ARG I 300 1.90 61.18 16.11
CA ARG I 300 1.87 59.87 16.73
C ARG I 300 3.23 59.44 17.22
N ARG I 301 4.26 59.61 16.37
CA ARG I 301 5.69 59.30 16.57
C ARG I 301 6.27 60.06 17.77
N HIS I 302 6.03 61.37 17.84
CA HIS I 302 6.53 62.19 18.90
C HIS I 302 5.90 61.84 20.25
N GLU I 303 4.60 61.50 20.25
CA GLU I 303 3.86 61.11 21.44
C GLU I 303 4.54 59.88 22.09
N ILE I 304 4.80 58.84 21.27
CA ILE I 304 5.44 57.61 21.68
C ILE I 304 6.78 57.90 22.32
N ALA I 305 7.56 58.80 21.72
CA ALA I 305 8.86 59.23 22.19
C ALA I 305 8.75 60.15 23.40
N ASN I 306 7.82 61.13 23.38
CA ASN I 306 7.71 62.01 24.53
C ASN I 306 7.45 61.21 25.82
N PHE I 307 6.48 60.25 25.79
CA PHE I 307 6.10 59.36 26.90
C PHE I 307 7.28 58.58 27.41
N LEU I 308 8.08 58.09 26.47
CA LEU I 308 9.25 57.29 26.73
C LEU I 308 10.32 58.04 27.49
N LYS I 309 10.64 59.29 27.12
CA LYS I 309 11.61 60.12 27.87
C LYS I 309 11.02 60.57 29.21
N LYS I 310 9.73 60.98 29.22
CA LYS I 310 9.03 61.50 30.38
C LYS I 310 8.76 60.47 31.47
N ARG I 311 8.15 59.31 31.10
CA ARG I 311 7.72 58.30 32.07
C ARG I 311 8.69 57.13 32.39
N LYS I 312 9.70 56.87 31.52
CA LYS I 312 10.63 55.78 31.77
C LYS I 312 11.68 56.15 32.76
N THR I 313 11.76 55.31 33.83
CA THR I 313 12.77 55.38 34.92
C THR I 313 13.47 53.99 35.02
N PRO I 314 14.69 53.86 35.64
CA PRO I 314 15.34 52.54 35.70
C PRO I 314 14.57 51.48 36.51
N LYS I 315 13.73 51.92 37.48
CA LYS I 315 12.86 51.03 38.25
C LYS I 315 11.69 50.61 37.34
N ASN I 316 10.98 51.60 36.72
CA ASN I 316 9.83 51.50 35.80
C ASN I 316 10.10 50.65 34.55
N ALA I 317 11.33 50.75 34.01
CA ALA I 317 11.88 50.17 32.77
C ALA I 317 11.33 48.83 32.24
N ASP I 318 10.99 47.90 33.14
CA ASP I 318 10.47 46.59 32.76
C ASP I 318 8.98 46.53 32.46
N GLU I 319 8.19 47.54 32.85
CA GLU I 319 6.74 47.58 32.64
C GLU I 319 6.31 47.30 31.18
N LEU I 320 5.15 46.66 30.95
CA LEU I 320 4.69 46.35 29.58
C LEU I 320 4.57 47.57 28.66
N ILE I 321 4.30 48.77 29.26
CA ILE I 321 4.20 50.10 28.63
C ILE I 321 5.53 50.60 28.07
N PHE I 322 6.63 49.97 28.48
CA PHE I 322 7.94 50.32 27.96
C PHE I 322 8.44 49.35 26.87
N LYS I 323 7.73 48.22 26.70
CA LYS I 323 8.07 47.22 25.69
C LYS I 323 7.08 47.30 24.54
N TYR I 324 5.78 47.39 24.87
CA TYR I 324 4.70 47.43 23.89
C TYR I 324 4.11 48.84 23.76
N VAL I 325 4.95 49.76 23.17
CA VAL I 325 4.78 51.22 23.00
C VAL I 325 3.81 51.78 21.92
N GLY I 326 3.33 50.93 21.03
CA GLY I 326 2.49 51.39 19.93
C GLY I 326 3.24 51.52 18.61
N ARG I 327 2.52 51.80 17.55
CA ARG I 327 3.14 51.92 16.24
C ARG I 327 2.56 53.20 15.62
N TRP I 328 3.34 54.30 15.57
CA TRP I 328 2.86 55.57 15.00
C TRP I 328 2.38 55.42 13.53
N ASN I 329 2.93 54.42 12.83
CA ASN I 329 2.66 54.18 11.43
C ASN I 329 1.31 53.53 11.08
N ILE I 330 0.51 53.16 12.11
CA ILE I 330 -0.83 52.60 11.92
C ILE I 330 -1.70 53.83 11.70
N CYS I 331 -2.56 53.79 10.71
CA CYS I 331 -3.38 54.94 10.41
C CYS I 331 -4.79 54.56 10.65
N TYR I 332 -5.54 55.47 11.28
CA TYR I 332 -6.94 55.33 11.57
C TYR I 332 -7.74 56.40 10.77
N GLN I 333 -9.09 56.26 10.74
CA GLN I 333 -10.08 57.12 10.07
C GLN I 333 -11.30 57.19 11.00
N LYS I 334 -11.89 58.43 11.21
CA LYS I 334 -13.07 58.65 12.06
C LYS I 334 -14.25 58.09 11.30
N LYS I 335 -14.99 57.14 11.88
CA LYS I 335 -16.10 56.52 11.17
C LYS I 335 -17.47 56.93 11.75
N PHE I 336 -17.46 57.32 13.04
CA PHE I 336 -18.60 57.76 13.81
C PHE I 336 -18.15 58.58 15.05
N HIS I 337 -18.95 59.58 15.39
CA HIS I 337 -18.74 60.41 16.56
C HIS I 337 -20.00 61.10 17.02
N GLN I 338 -20.24 61.02 18.30
CA GLN I 338 -21.33 61.64 19.02
C GLN I 338 -20.72 61.75 20.35
N GLY I 339 -20.46 63.01 20.70
CA GLY I 339 -19.79 63.47 21.90
C GLY I 339 -19.52 62.40 22.91
N ASN I 340 -18.27 61.99 22.98
CA ASN I 340 -17.71 60.99 23.89
C ASN I 340 -17.84 59.50 23.46
N ILE I 341 -18.69 59.20 22.44
CA ILE I 341 -18.79 57.85 21.85
C ILE I 341 -18.27 57.92 20.40
N SER I 342 -17.21 57.15 20.06
CA SER I 342 -16.60 57.20 18.73
C SER I 342 -16.17 55.85 18.17
N ILE I 343 -16.29 55.72 16.83
CA ILE I 343 -15.81 54.56 16.08
C ILE I 343 -14.78 55.08 15.07
N HIS I 344 -13.59 54.47 15.09
CA HIS I 344 -12.50 54.76 14.17
C HIS I 344 -12.11 53.45 13.56
N GLN I 345 -11.65 53.45 12.31
CA GLN I 345 -11.20 52.17 11.79
C GLN I 345 -9.74 52.23 11.37
N ILE I 346 -8.97 51.10 11.41
CA ILE I 346 -7.58 51.13 10.95
C ILE I 346 -7.62 51.26 9.42
N SER I 347 -7.12 52.40 8.92
CA SER I 347 -7.14 52.76 7.50
C SER I 347 -5.96 52.24 6.68
N GLY I 348 -4.79 52.09 7.29
CA GLY I 348 -3.59 51.62 6.61
C GLY I 348 -2.36 51.61 7.50
N TYR I 349 -1.31 50.88 7.10
CA TYR I 349 -0.06 50.73 7.87
C TYR I 349 1.19 51.28 7.09
N LEU I 350 1.73 52.44 7.50
CA LEU I 350 2.88 53.02 6.82
C LEU I 350 4.18 52.23 7.05
N ASP I 351 4.90 51.80 5.95
CA ASP I 351 6.19 51.04 6.01
C ASP I 351 7.13 51.15 4.78
N ASP J 5 49.52 -6.43 -28.47
CA ASP J 5 50.47 -6.02 -29.52
C ASP J 5 51.00 -4.61 -29.28
N SER J 6 50.08 -3.66 -28.99
CA SER J 6 50.38 -2.26 -28.71
C SER J 6 51.45 -2.20 -27.64
N ILE J 7 51.38 -3.13 -26.65
CA ILE J 7 52.33 -3.29 -25.55
C ILE J 7 53.76 -3.47 -26.07
N ILE J 8 53.92 -4.28 -27.15
CA ILE J 8 55.20 -4.58 -27.78
C ILE J 8 55.93 -3.32 -28.29
N ARG J 9 55.16 -2.32 -28.77
CA ARG J 9 55.71 -1.04 -29.20
C ARG J 9 56.10 -0.25 -27.96
N ASP J 10 55.19 -0.19 -26.94
CA ASP J 10 55.38 0.50 -25.66
C ASP J 10 56.68 0.04 -25.00
N LEU J 11 56.92 -1.28 -25.04
CA LEU J 11 58.10 -1.90 -24.48
C LEU J 11 59.38 -1.43 -25.18
N GLU J 12 59.43 -1.47 -26.55
CA GLU J 12 60.59 -1.02 -27.35
C GLU J 12 60.92 0.46 -27.09
N ARG J 13 59.84 1.24 -26.90
CA ARG J 13 59.83 2.67 -26.61
C ARG J 13 60.39 2.94 -25.19
N GLU J 14 60.22 1.97 -24.26
CA GLU J 14 60.69 2.08 -22.87
C GLU J 14 62.03 1.35 -22.63
N ASN J 15 62.89 1.29 -23.68
CA ASN J 15 64.24 0.68 -23.69
C ASN J 15 64.35 -0.82 -23.32
N VAL J 16 63.21 -1.45 -22.93
CA VAL J 16 63.04 -2.87 -22.58
C VAL J 16 63.44 -3.77 -23.78
N GLY J 17 64.13 -4.87 -23.48
CA GLY J 17 64.57 -5.82 -24.49
C GLY J 17 63.43 -6.48 -25.25
N PRO J 18 63.63 -6.83 -26.55
CA PRO J 18 62.52 -7.42 -27.32
C PRO J 18 61.94 -8.74 -26.80
N GLU J 19 62.76 -9.53 -26.04
CA GLU J 19 62.41 -10.82 -25.40
C GLU J 19 60.98 -10.84 -24.92
N PHE J 20 60.58 -9.75 -24.22
CA PHE J 20 59.28 -9.56 -23.63
C PHE J 20 58.22 -9.53 -24.70
N GLY J 21 58.37 -8.62 -25.68
CA GLY J 21 57.48 -8.53 -26.83
C GLY J 21 57.41 -9.83 -27.62
N GLU J 22 58.52 -10.58 -27.65
CA GLU J 22 58.67 -11.87 -28.30
C GLU J 22 57.90 -12.95 -27.51
N PHE J 23 57.86 -12.83 -26.16
CA PHE J 23 57.16 -13.81 -25.33
C PHE J 23 55.65 -13.75 -25.56
N LEU J 24 55.09 -12.51 -25.63
CA LEU J 24 53.68 -12.19 -25.89
C LEU J 24 53.16 -12.71 -27.26
N ASN J 25 54.05 -13.30 -28.09
CA ASN J 25 53.70 -13.90 -29.38
C ASN J 25 53.56 -15.39 -29.17
N THR J 26 54.60 -16.02 -28.58
CA THR J 26 54.66 -17.45 -28.25
C THR J 26 53.72 -17.79 -27.05
N LEU J 27 53.25 -16.74 -26.33
CA LEU J 27 52.33 -16.87 -25.20
C LEU J 27 50.88 -17.06 -25.67
N GLN J 28 50.30 -18.23 -25.31
CA GLN J 28 48.93 -18.67 -25.62
C GLN J 28 48.53 -19.84 -24.71
N THR J 29 47.33 -19.77 -24.13
CA THR J 29 46.77 -20.82 -23.26
C THR J 29 45.93 -21.81 -24.09
N ASP J 30 46.02 -23.13 -23.75
CA ASP J 30 45.34 -24.24 -24.41
C ASP J 30 43.86 -24.39 -24.01
N LEU J 31 43.47 -23.78 -22.86
CA LEU J 31 42.12 -23.73 -22.26
C LEU J 31 41.43 -25.08 -21.99
N ASN J 32 41.07 -25.84 -23.06
CA ASN J 32 40.41 -27.16 -23.02
C ASN J 32 41.19 -28.17 -22.17
N SER J 33 42.52 -28.00 -22.13
CA SER J 33 43.51 -28.81 -21.39
C SER J 33 43.30 -28.92 -19.87
N GLU J 34 43.65 -30.12 -19.32
CA GLU J 34 43.61 -30.51 -17.90
C GLU J 34 44.42 -29.56 -17.01
N LYS J 35 45.55 -29.03 -17.55
CA LYS J 35 46.42 -28.10 -16.85
C LYS J 35 45.74 -26.71 -16.77
N PRO J 36 45.58 -26.13 -15.55
CA PRO J 36 44.96 -24.80 -15.43
C PRO J 36 45.78 -23.67 -16.09
N PRO J 37 45.12 -22.77 -16.85
CA PRO J 37 45.86 -21.67 -17.51
C PRO J 37 47.00 -20.99 -16.75
N ILE J 38 46.82 -20.58 -15.47
CA ILE J 38 47.88 -19.96 -14.63
C ILE J 38 49.20 -20.80 -14.67
N GLU J 39 49.07 -22.13 -14.50
CA GLU J 39 50.16 -23.09 -14.50
C GLU J 39 50.80 -23.22 -15.89
N GLN J 40 49.98 -23.13 -16.96
CA GLN J 40 50.46 -23.18 -18.35
C GLN J 40 51.38 -21.97 -18.60
N VAL J 41 50.83 -20.74 -18.49
CA VAL J 41 51.61 -19.48 -18.63
C VAL J 41 52.87 -19.50 -17.73
N LYS J 42 52.71 -20.01 -16.48
CA LYS J 42 53.80 -20.13 -15.51
C LYS J 42 54.91 -20.96 -16.09
N SER J 43 54.61 -22.18 -16.58
CA SER J 43 55.63 -23.05 -17.15
C SER J 43 56.25 -22.49 -18.44
N GLN J 44 55.47 -21.71 -19.21
CA GLN J 44 55.91 -21.06 -20.45
C GLN J 44 56.91 -19.96 -20.14
N LEU J 45 56.72 -19.28 -18.98
CA LEU J 45 57.61 -18.21 -18.49
C LEU J 45 59.01 -18.76 -18.18
N GLU J 46 59.06 -19.93 -17.49
CA GLU J 46 60.28 -20.62 -17.09
C GLU J 46 61.11 -20.99 -18.29
N THR J 47 60.46 -21.52 -19.34
CA THR J 47 61.10 -21.95 -20.58
C THR J 47 61.75 -20.80 -21.34
N HIS J 48 60.93 -19.87 -21.85
CA HIS J 48 61.38 -18.71 -22.62
C HIS J 48 62.51 -17.95 -21.97
N PHE J 49 62.38 -17.68 -20.66
CA PHE J 49 63.36 -16.91 -19.89
C PHE J 49 64.44 -17.72 -19.11
N ASN J 50 64.39 -19.06 -19.18
CA ASN J 50 65.31 -19.96 -18.46
C ASN J 50 65.49 -19.68 -16.96
N LEU J 51 64.33 -19.56 -16.26
CA LEU J 51 64.22 -19.23 -14.83
C LEU J 51 64.45 -20.45 -13.94
N ALA J 52 65.23 -21.42 -14.41
CA ALA J 52 65.50 -22.62 -13.63
C ALA J 52 66.67 -22.37 -12.67
N HIS J 53 67.78 -21.75 -13.16
CA HIS J 53 68.98 -21.47 -12.36
C HIS J 53 68.71 -20.46 -11.29
N GLU J 54 68.19 -19.29 -11.70
CA GLU J 54 67.86 -18.19 -10.81
C GLU J 54 66.88 -18.64 -9.71
N THR J 55 65.84 -19.47 -10.04
CA THR J 55 64.90 -19.95 -9.02
C THR J 55 65.65 -20.81 -8.03
N GLN J 56 66.44 -21.79 -8.55
CA GLN J 56 67.25 -22.69 -7.74
C GLN J 56 68.17 -21.87 -6.85
N GLU J 57 68.89 -20.88 -7.43
CA GLU J 57 69.77 -20.01 -6.67
C GLU J 57 69.00 -19.27 -5.58
N PHE J 58 67.87 -18.62 -5.94
CA PHE J 58 66.99 -17.92 -4.99
C PHE J 58 66.63 -18.81 -3.79
N SER J 59 66.56 -20.12 -3.99
CA SER J 59 66.34 -21.08 -2.92
C SER J 59 67.67 -21.27 -2.19
N ARG J 60 68.70 -21.71 -2.95
CA ARG J 60 70.09 -22.00 -2.51
C ARG J 60 70.59 -20.91 -1.58
N LYS J 61 70.74 -19.69 -2.09
CA LYS J 61 71.20 -18.51 -1.34
C LYS J 61 70.26 -18.07 -0.22
N ASN J 62 69.19 -18.85 0.09
CA ASN J 62 68.24 -18.52 1.15
C ASN J 62 68.05 -19.74 2.05
N ASP J 63 69.12 -20.55 2.16
CA ASP J 63 69.21 -21.82 2.87
C ASP J 63 68.20 -22.86 2.33
N ASN J 64 68.24 -23.07 1.01
CA ASN J 64 67.43 -24.05 0.30
C ASN J 64 65.99 -24.04 0.71
N ALA J 65 65.43 -22.84 0.72
CA ALA J 65 64.05 -22.60 1.09
C ALA J 65 63.15 -22.98 -0.10
N PRO J 66 61.85 -23.37 0.11
CA PRO J 66 61.00 -23.72 -1.04
C PRO J 66 60.34 -22.46 -1.61
N VAL J 67 61.11 -21.72 -2.41
CA VAL J 67 60.70 -20.48 -3.06
C VAL J 67 59.61 -20.68 -4.10
N ASP J 68 59.25 -21.95 -4.35
CA ASP J 68 58.20 -22.40 -5.27
C ASP J 68 56.93 -22.65 -4.46
N LYS J 69 57.08 -23.05 -3.18
CA LYS J 69 55.93 -23.34 -2.34
C LYS J 69 55.97 -22.79 -0.92
N LEU J 70 56.33 -21.49 -0.82
CA LEU J 70 56.42 -20.73 0.43
C LEU J 70 55.10 -20.75 1.20
N LEU J 71 53.96 -20.58 0.48
CA LEU J 71 52.65 -20.55 1.13
C LEU J 71 52.20 -21.95 1.48
N THR J 72 52.05 -22.79 0.43
CA THR J 72 51.61 -24.18 0.41
C THR J 72 52.10 -24.97 1.61
N ASN J 73 53.42 -24.94 1.88
CA ASN J 73 54.02 -25.68 2.97
C ASN J 73 53.63 -25.16 4.33
N TYR J 74 53.94 -23.87 4.62
CA TYR J 74 53.70 -23.24 5.90
C TYR J 74 52.25 -23.44 6.40
N TYR J 75 51.26 -23.07 5.56
CA TYR J 75 49.82 -23.13 5.84
C TYR J 75 49.22 -24.43 5.44
N ASN J 76 48.11 -24.81 6.11
CA ASN J 76 47.33 -25.98 5.71
C ASN J 76 46.37 -25.50 4.60
N ASN J 77 45.69 -26.45 3.90
CA ASN J 77 44.78 -26.11 2.80
C ASN J 77 43.77 -25.05 3.21
N TYR J 78 43.18 -25.15 4.42
CA TYR J 78 42.24 -24.14 4.91
C TYR J 78 42.95 -22.78 5.00
N GLU J 79 44.01 -22.68 5.84
CA GLU J 79 44.76 -21.44 6.03
C GLU J 79 45.12 -20.69 4.71
N VAL J 80 45.72 -21.41 3.74
CA VAL J 80 46.10 -20.78 2.47
C VAL J 80 44.89 -20.25 1.68
N ASN J 81 43.79 -21.05 1.61
CA ASN J 81 42.54 -20.78 0.88
C ASN J 81 41.52 -19.84 1.57
N VAL J 82 41.82 -19.37 2.81
CA VAL J 82 40.98 -18.44 3.56
C VAL J 82 41.43 -17.02 3.24
N LEU J 83 42.72 -16.86 2.91
CA LEU J 83 43.30 -15.59 2.48
C LEU J 83 42.54 -15.05 1.28
N GLU J 84 41.94 -13.86 1.39
CA GLU J 84 41.20 -13.31 0.28
C GLU J 84 41.70 -11.98 -0.25
N PHE J 85 42.36 -11.22 0.62
CA PHE J 85 42.87 -9.91 0.26
C PHE J 85 44.37 -9.94 0.35
N VAL J 86 45.02 -9.81 -0.79
CA VAL J 86 46.47 -9.85 -0.84
C VAL J 86 47.05 -8.58 -1.48
N LEU J 87 48.05 -7.99 -0.79
CA LEU J 87 48.81 -6.82 -1.27
C LEU J 87 50.22 -7.27 -1.54
N GLN J 88 50.68 -7.08 -2.78
CA GLN J 88 52.08 -7.34 -3.10
C GLN J 88 52.69 -5.97 -3.31
N MET J 89 53.42 -5.58 -2.28
CA MET J 89 54.12 -4.34 -2.17
C MET J 89 55.49 -4.33 -2.93
N GLY J 90 55.35 -4.38 -4.26
CA GLY J 90 56.43 -4.36 -5.24
C GLY J 90 56.97 -5.70 -5.74
N PHE J 91 58.15 -5.60 -6.39
CA PHE J 91 58.99 -6.63 -7.00
C PHE J 91 60.39 -6.51 -6.35
N SER J 92 61.07 -7.66 -6.07
CA SER J 92 62.42 -7.64 -5.48
C SER J 92 63.44 -7.07 -6.45
N ARG J 93 64.44 -6.38 -5.92
CA ARG J 93 65.52 -5.87 -6.75
C ARG J 93 66.53 -6.99 -6.97
N ASP J 94 66.38 -8.12 -6.21
CA ASP J 94 67.28 -9.29 -6.28
C ASP J 94 66.84 -10.29 -7.33
N LEU J 95 65.67 -10.09 -7.93
CA LEU J 95 65.27 -11.05 -8.95
C LEU J 95 64.94 -10.36 -10.24
N SER J 96 65.08 -11.09 -11.35
CA SER J 96 64.79 -10.60 -12.68
C SER J 96 63.30 -10.31 -12.78
N ILE J 97 62.89 -9.51 -13.81
CA ILE J 97 61.48 -9.18 -14.04
C ILE J 97 60.70 -10.48 -14.32
N PRO J 98 61.23 -11.44 -15.13
CA PRO J 98 60.50 -12.70 -15.31
C PRO J 98 60.44 -13.54 -14.04
N LEU J 99 61.49 -13.48 -13.16
CA LEU J 99 61.38 -14.26 -11.92
C LEU J 99 60.37 -13.61 -11.03
N ASN J 100 60.44 -12.28 -10.88
CA ASN J 100 59.47 -11.54 -10.06
C ASN J 100 58.00 -11.86 -10.50
N VAL J 101 57.68 -11.62 -11.80
CA VAL J 101 56.39 -11.93 -12.42
C VAL J 101 55.96 -13.37 -12.10
N TRP J 102 56.82 -14.37 -12.45
CA TRP J 102 56.60 -15.80 -12.23
C TRP J 102 56.10 -16.04 -10.83
N PHE J 103 56.81 -15.46 -9.84
CA PHE J 103 56.54 -15.56 -8.42
C PHE J 103 55.13 -15.06 -8.07
N VAL J 104 54.65 -13.99 -8.77
CA VAL J 104 53.31 -13.40 -8.61
C VAL J 104 52.27 -14.49 -8.95
N LEU J 105 52.45 -15.09 -10.12
CA LEU J 105 51.64 -16.17 -10.67
C LEU J 105 51.71 -17.37 -9.74
N ASP J 106 52.91 -17.66 -9.23
CA ASP J 106 53.15 -18.79 -8.34
C ASP J 106 52.53 -18.62 -6.97
N MET J 107 52.59 -17.41 -6.43
CA MET J 107 51.94 -17.10 -5.17
C MET J 107 50.44 -17.21 -5.40
N ILE J 108 49.92 -16.64 -6.55
CA ILE J 108 48.49 -16.68 -6.95
C ILE J 108 48.03 -18.13 -7.03
N SER J 109 48.71 -18.98 -7.81
CA SER J 109 48.35 -20.38 -7.96
C SER J 109 48.16 -21.05 -6.61
N GLN J 110 49.12 -20.80 -5.66
CA GLN J 110 49.17 -21.30 -4.27
C GLN J 110 47.88 -21.05 -3.48
N LEU J 111 47.29 -19.83 -3.58
CA LEU J 111 46.02 -19.50 -2.89
C LEU J 111 44.73 -19.98 -3.65
N SER J 112 44.87 -20.69 -4.77
CA SER J 112 43.71 -21.07 -5.56
C SER J 112 43.62 -22.55 -5.82
N THR J 113 44.21 -23.36 -4.92
CA THR J 113 44.20 -24.83 -4.99
C THR J 113 42.80 -25.42 -4.80
N SER J 114 41.93 -24.71 -4.04
CA SER J 114 40.58 -25.13 -3.68
C SER J 114 39.40 -24.57 -4.48
N LYS J 115 38.38 -25.44 -4.61
CA LYS J 115 37.07 -25.22 -5.21
C LYS J 115 36.05 -24.82 -4.10
N GLN J 116 36.50 -24.58 -2.84
CA GLN J 116 35.61 -24.20 -1.73
C GLN J 116 35.99 -22.85 -1.10
N ASP J 117 36.34 -21.91 -2.01
CA ASP J 117 36.79 -20.54 -1.72
C ASP J 117 35.86 -19.44 -2.18
N LEU J 118 35.84 -18.38 -1.37
CA LEU J 118 35.22 -17.10 -1.63
C LEU J 118 36.23 -16.38 -2.56
N PRO J 119 35.80 -15.33 -3.29
CA PRO J 119 36.72 -14.64 -4.22
C PRO J 119 38.04 -14.08 -3.69
N LEU J 120 39.04 -14.02 -4.57
CA LEU J 120 40.35 -13.50 -4.23
C LEU J 120 40.59 -12.18 -4.90
N ASP J 121 41.19 -11.26 -4.16
CA ASP J 121 41.59 -9.93 -4.57
C ASP J 121 43.09 -9.90 -4.34
N TYR J 122 43.84 -9.61 -5.43
CA TYR J 122 45.30 -9.51 -5.46
C TYR J 122 45.68 -8.13 -6.01
N TYR J 123 46.46 -7.35 -5.22
CA TYR J 123 46.93 -6.01 -5.60
C TYR J 123 48.44 -6.05 -5.81
N LEU J 124 48.90 -5.73 -7.02
CA LEU J 124 50.34 -5.65 -7.28
C LEU J 124 50.62 -4.22 -7.43
N VAL J 125 51.63 -3.74 -6.71
CA VAL J 125 52.06 -2.35 -6.81
C VAL J 125 53.45 -2.37 -7.43
N LEU J 126 53.66 -1.68 -8.62
CA LEU J 126 54.98 -1.57 -9.27
C LEU J 126 55.46 -0.11 -9.09
N ASN J 127 56.00 0.20 -7.89
CA ASN J 127 56.44 1.51 -7.37
C ASN J 127 57.58 2.29 -8.05
N ASN J 128 58.67 1.67 -8.40
CA ASN J 128 59.74 2.44 -9.00
C ASN J 128 59.60 2.49 -10.52
N SER J 129 60.56 3.15 -11.20
CA SER J 129 60.60 3.26 -12.67
C SER J 129 61.11 2.00 -13.36
N GLN J 130 61.93 1.18 -12.64
CA GLN J 130 62.53 -0.04 -13.13
C GLN J 130 61.54 -1.11 -13.53
N THR J 131 60.50 -1.31 -12.71
CA THR J 131 59.45 -2.33 -12.91
C THR J 131 58.21 -1.78 -13.56
N GLY J 132 57.86 -0.54 -13.16
CA GLY J 132 56.71 0.26 -13.60
C GLY J 132 56.32 0.09 -15.05
N LYS J 133 57.33 0.15 -15.93
CA LYS J 133 57.17 -0.07 -17.37
C LYS J 133 56.62 -1.46 -17.78
N TYR J 134 56.72 -2.48 -16.95
CA TYR J 134 56.25 -3.83 -17.28
C TYR J 134 54.82 -4.11 -16.83
N SER J 135 54.07 -3.08 -16.39
CA SER J 135 52.70 -3.23 -15.93
C SER J 135 51.85 -3.96 -16.96
N ASP J 136 51.86 -3.45 -18.21
CA ASP J 136 51.13 -3.98 -19.36
C ASP J 136 51.55 -5.39 -19.75
N PHE J 137 52.86 -5.70 -19.61
CA PHE J 137 53.35 -7.05 -19.83
C PHE J 137 52.67 -7.97 -18.76
N VAL J 138 52.74 -7.58 -17.48
CA VAL J 138 52.13 -8.31 -16.38
C VAL J 138 50.60 -8.41 -16.55
N ARG J 139 49.96 -7.34 -17.05
CA ARG J 139 48.51 -7.33 -17.24
C ARG J 139 48.07 -8.30 -18.34
N TYR J 140 48.80 -8.35 -19.46
CA TYR J 140 48.52 -9.32 -20.52
C TYR J 140 48.81 -10.76 -20.04
N LEU J 141 49.71 -10.89 -19.04
CA LEU J 141 50.11 -12.16 -18.44
C LEU J 141 49.03 -12.67 -17.50
N ILE J 142 48.50 -11.78 -16.66
CA ILE J 142 47.46 -12.14 -15.71
C ILE J 142 46.12 -12.41 -16.40
N TYR J 143 45.90 -11.77 -17.58
CA TYR J 143 44.71 -11.88 -18.41
C TYR J 143 44.64 -13.27 -19.00
N GLU J 144 45.78 -13.78 -19.50
CA GLU J 144 45.90 -15.11 -20.09
C GLU J 144 45.85 -16.17 -18.99
N ALA J 145 46.43 -15.85 -17.81
CA ALA J 145 46.51 -16.69 -16.60
C ALA J 145 45.15 -17.05 -16.02
N VAL J 146 44.25 -16.05 -15.99
CA VAL J 146 42.90 -16.19 -15.45
C VAL J 146 41.92 -16.63 -16.52
N GLY J 147 42.20 -16.19 -17.74
CA GLY J 147 41.34 -16.44 -18.91
C GLY J 147 40.13 -15.55 -18.76
N ALA J 148 40.32 -14.24 -18.92
CA ALA J 148 39.24 -13.27 -18.81
C ALA J 148 38.33 -13.28 -20.05
N GLU J 149 38.06 -14.49 -20.59
CA GLU J 149 37.15 -14.76 -21.71
C GLU J 149 35.87 -15.21 -21.01
N ILE J 150 35.37 -14.31 -20.14
CA ILE J 150 34.19 -14.39 -19.28
C ILE J 150 33.30 -13.15 -19.62
N HIS J 151 33.74 -11.92 -19.17
CA HIS J 151 33.04 -10.64 -19.34
C HIS J 151 31.62 -10.65 -18.74
N LEU J 176 42.67 -6.38 -23.78
CA LEU J 176 42.19 -5.91 -22.47
C LEU J 176 42.17 -4.40 -22.32
N ALA J 177 41.59 -3.89 -21.20
CA ALA J 177 41.45 -2.47 -20.88
C ALA J 177 42.78 -1.75 -20.59
N ASN J 178 42.83 -0.43 -20.89
CA ASN J 178 43.99 0.46 -20.71
C ASN J 178 44.37 0.59 -19.23
N ARG J 179 43.34 0.60 -18.40
CA ARG J 179 43.34 0.70 -16.96
C ARG J 179 42.50 -0.49 -16.47
N GLY J 180 42.34 -0.59 -15.15
CA GLY J 180 41.41 -1.53 -14.54
C GLY J 180 41.78 -2.95 -14.13
N PRO J 181 40.97 -3.47 -13.18
CA PRO J 181 41.16 -4.83 -12.70
C PRO J 181 40.81 -5.92 -13.71
N ILE J 182 41.64 -6.97 -13.69
CA ILE J 182 41.51 -8.18 -14.51
C ILE J 182 40.87 -9.22 -13.60
N ARG J 183 39.67 -9.66 -14.01
CA ARG J 183 38.84 -10.65 -13.33
C ARG J 183 38.72 -11.90 -14.18
N GLY J 184 38.81 -13.04 -13.52
CA GLY J 184 38.71 -14.36 -14.11
C GLY J 184 38.81 -15.40 -13.02
N ASN J 185 38.89 -16.66 -13.41
CA ASN J 185 39.04 -17.75 -12.45
C ASN J 185 40.50 -18.17 -12.44
N VAL J 186 40.99 -18.79 -11.36
CA VAL J 186 42.41 -19.12 -11.30
C VAL J 186 42.76 -20.37 -10.45
N GLY J 187 43.92 -20.97 -10.76
CA GLY J 187 44.49 -22.10 -10.04
C GLY J 187 43.82 -23.44 -10.26
N ALA J 188 44.14 -24.40 -9.37
CA ALA J 188 43.59 -25.77 -9.42
C ALA J 188 42.11 -25.79 -9.10
N GLY J 189 41.65 -24.78 -8.35
CA GLY J 189 40.27 -24.68 -7.90
C GLY J 189 39.36 -23.72 -8.66
N ASP J 190 39.88 -23.11 -9.75
CA ASP J 190 39.12 -22.16 -10.59
C ASP J 190 38.52 -21.00 -9.78
N ARG J 191 39.19 -20.62 -8.65
CA ARG J 191 38.80 -19.56 -7.72
C ARG J 191 38.80 -18.21 -8.40
N LYS J 192 37.62 -17.56 -8.43
CA LYS J 192 37.40 -16.22 -8.96
C LYS J 192 38.40 -15.27 -8.29
N ILE J 193 39.20 -14.62 -9.12
CA ILE J 193 40.21 -13.66 -8.73
C ILE J 193 39.91 -12.33 -9.41
N THR J 194 40.39 -11.28 -8.77
CA THR J 194 40.36 -9.94 -9.30
C THR J 194 41.69 -9.32 -8.97
N PHE J 195 42.59 -9.34 -9.97
CA PHE J 195 43.96 -8.83 -9.94
C PHE J 195 43.97 -7.33 -10.25
N HIS J 196 44.52 -6.51 -9.33
CA HIS J 196 44.63 -5.07 -9.45
C HIS J 196 46.09 -4.64 -9.54
N LEU J 197 46.46 -3.91 -10.62
CA LEU J 197 47.82 -3.45 -10.81
C LEU J 197 47.96 -1.95 -10.71
N LEU J 198 48.45 -1.51 -9.55
CA LEU J 198 48.70 -0.11 -9.26
C LEU J 198 50.15 0.27 -9.62
N CYS J 199 50.27 1.22 -10.59
CA CYS J 199 51.51 1.81 -11.09
C CYS J 199 51.25 3.26 -11.38
N LYS J 200 52.29 3.99 -11.84
CA LYS J 200 52.21 5.41 -12.22
C LYS J 200 51.46 5.66 -13.56
N LYS J 201 51.52 4.73 -14.53
CA LYS J 201 50.80 4.91 -15.80
C LYS J 201 49.31 5.02 -15.50
N THR J 202 48.79 4.11 -14.68
CA THR J 202 47.39 4.16 -14.28
C THR J 202 47.12 5.43 -13.42
N ALA J 203 48.06 5.78 -12.51
CA ALA J 203 47.90 6.97 -11.68
C ALA J 203 47.84 8.26 -12.48
N ARG J 204 48.66 8.39 -13.57
CA ARG J 204 48.66 9.59 -14.44
C ARG J 204 47.32 9.68 -15.17
N MET J 205 46.91 8.56 -15.83
CA MET J 205 45.64 8.42 -16.54
C MET J 205 44.52 8.96 -15.67
N ILE J 206 44.48 8.54 -14.36
CA ILE J 206 43.50 8.96 -13.39
C ILE J 206 43.53 10.44 -13.22
N LEU J 207 44.69 11.00 -12.81
CA LEU J 207 44.87 12.44 -12.61
C LEU J 207 44.46 13.34 -13.83
N VAL J 208 44.75 12.90 -15.05
CA VAL J 208 44.40 13.72 -16.20
C VAL J 208 43.06 13.39 -16.86
N GLY J 209 42.20 12.67 -16.14
CA GLY J 209 40.87 12.28 -16.61
C GLY J 209 40.92 11.53 -17.92
N ASP J 210 41.93 10.64 -18.04
CA ASP J 210 42.22 9.81 -19.21
C ASP J 210 42.65 10.61 -20.47
N ASP J 211 43.41 11.71 -20.30
CA ASP J 211 43.88 12.42 -21.48
C ASP J 211 45.13 11.77 -22.11
N ARG J 212 45.11 11.73 -23.45
CA ARG J 212 46.13 11.25 -24.38
C ARG J 212 47.55 11.63 -23.89
N GLU J 213 47.75 12.91 -23.46
CA GLU J 213 49.02 13.43 -22.98
C GLU J 213 49.18 13.25 -21.47
N THR J 214 49.85 12.12 -21.12
CA THR J 214 50.20 11.62 -19.80
C THR J 214 51.73 11.68 -19.60
N ASP J 215 52.40 12.55 -20.38
CA ASP J 215 53.85 12.68 -20.27
C ASP J 215 54.31 13.78 -19.36
N PHE J 216 54.40 13.43 -18.06
CA PHE J 216 54.82 14.31 -16.96
C PHE J 216 55.43 13.54 -15.78
N GLU J 217 56.41 14.15 -15.10
CA GLU J 217 57.08 13.51 -13.96
C GLU J 217 56.14 13.24 -12.81
N MET J 218 56.45 12.22 -12.05
CA MET J 218 55.72 11.76 -10.89
C MET J 218 56.75 10.96 -10.06
N SER J 219 57.15 11.55 -8.91
CA SER J 219 58.10 10.98 -7.95
C SER J 219 57.47 9.78 -7.23
N ASP J 220 58.29 8.76 -6.87
CA ASP J 220 57.81 7.57 -6.14
C ASP J 220 57.08 7.98 -4.84
N ARG J 221 57.51 9.08 -4.22
CA ARG J 221 56.92 9.64 -3.00
C ARG J 221 55.45 10.02 -3.30
N SER J 222 55.24 10.87 -4.34
CA SER J 222 53.91 11.32 -4.79
C SER J 222 53.01 10.10 -4.97
N PHE J 223 53.53 9.07 -5.68
CA PHE J 223 52.85 7.82 -6.00
C PHE J 223 52.32 7.08 -4.78
N VAL J 224 53.12 7.01 -3.69
CA VAL J 224 52.66 6.35 -2.47
C VAL J 224 51.45 7.08 -1.91
N THR J 225 51.56 8.42 -1.79
CA THR J 225 50.47 9.23 -1.23
C THR J 225 49.23 9.24 -2.10
N LEU J 226 49.38 9.09 -3.43
CA LEU J 226 48.23 9.02 -4.34
C LEU J 226 47.51 7.66 -4.24
N LEU J 227 48.27 6.56 -3.96
CA LEU J 227 47.68 5.24 -3.77
C LEU J 227 46.64 5.31 -2.61
N LEU J 228 47.05 5.97 -1.52
CA LEU J 228 46.23 6.25 -0.33
C LEU J 228 45.06 7.14 -0.66
N ASP J 229 45.31 8.25 -1.37
CA ASP J 229 44.30 9.20 -1.85
C ASP J 229 43.17 8.44 -2.54
N TYR J 230 43.53 7.37 -3.30
CA TYR J 230 42.62 6.48 -3.98
C TYR J 230 41.91 5.56 -3.00
N TYR J 231 42.63 4.91 -2.03
CA TYR J 231 41.98 4.04 -1.03
C TYR J 231 40.87 4.79 -0.22
N GLN J 232 41.14 6.04 0.17
CA GLN J 232 40.22 6.93 0.91
C GLN J 232 39.07 7.50 0.05
N ARG J 233 39.32 7.77 -1.27
CA ARG J 233 38.32 8.28 -2.22
C ARG J 233 37.54 7.17 -2.91
N VAL J 234 38.12 5.93 -3.00
CA VAL J 234 37.44 4.75 -3.56
C VAL J 234 36.50 4.16 -2.49
N GLY J 235 36.90 4.31 -1.22
CA GLY J 235 36.12 3.91 -0.06
C GLY J 235 36.52 2.63 0.65
N THR J 236 37.23 1.70 -0.05
CA THR J 236 37.70 0.37 0.41
C THR J 236 37.81 0.20 1.95
N THR J 237 36.97 -0.66 2.56
CA THR J 237 37.11 -0.88 3.99
C THR J 237 37.40 -2.36 4.34
N LYS J 238 38.08 -3.04 3.37
CA LYS J 238 38.51 -4.43 3.49
C LYS J 238 39.98 -4.53 3.92
N LYS J 239 40.27 -5.55 4.72
CA LYS J 239 41.55 -5.75 5.35
C LYS J 239 42.40 -6.80 4.65
N ILE J 240 43.67 -6.43 4.40
CA ILE J 240 44.72 -7.25 3.81
C ILE J 240 45.00 -8.41 4.78
N ASP J 241 44.97 -9.67 4.31
CA ASP J 241 45.30 -10.76 5.23
C ASP J 241 46.63 -11.49 4.95
N LEU J 242 47.32 -11.08 3.85
CA LEU J 242 48.64 -11.56 3.47
C LEU J 242 49.31 -10.37 2.79
N LEU J 243 50.41 -9.88 3.35
CA LEU J 243 51.18 -8.69 2.91
C LEU J 243 52.51 -9.13 2.34
N LEU J 244 52.70 -9.03 1.04
CA LEU J 244 54.02 -9.44 0.48
C LEU J 244 55.02 -8.28 0.40
N LEU J 245 56.14 -8.44 1.15
CA LEU J 245 57.21 -7.45 1.31
C LEU J 245 58.57 -7.96 0.79
N THR J 246 59.34 -7.06 0.15
CA THR J 246 60.65 -7.36 -0.45
C THR J 246 61.57 -6.13 -0.50
N ASN J 247 62.65 -6.22 -1.27
CA ASN J 247 63.57 -5.12 -1.43
C ASN J 247 63.35 -4.49 -2.79
N ASN J 248 62.55 -3.41 -2.85
CA ASN J 248 62.29 -2.76 -4.12
C ASN J 248 63.36 -1.74 -4.39
N PHE J 249 63.46 -1.33 -5.67
CA PHE J 249 64.35 -0.26 -6.08
C PHE J 249 63.72 1.03 -5.53
N ASP J 250 64.54 2.07 -5.25
CA ASP J 250 64.16 3.37 -4.69
C ASP J 250 63.79 3.19 -3.24
N THR J 251 64.74 2.72 -2.42
CA THR J 251 64.60 2.43 -1.00
C THR J 251 64.43 3.69 -0.14
N ASN J 252 64.83 4.85 -0.66
CA ASN J 252 64.69 6.11 0.08
C ASN J 252 63.21 6.30 0.37
N MET J 253 62.36 5.90 -0.60
CA MET J 253 60.91 5.98 -0.47
C MET J 253 60.28 4.63 -0.22
N ASN J 254 60.63 3.62 -1.08
CA ASN J 254 60.09 2.24 -1.09
C ASN J 254 60.70 1.24 -0.08
N ASN J 255 61.10 1.80 1.06
CA ASN J 255 61.67 1.16 2.25
C ASN J 255 60.67 0.18 2.90
N LYS J 256 61.01 -1.13 2.92
CA LYS J 256 60.20 -2.23 3.50
C LYS J 256 59.51 -1.87 4.88
N LEU J 257 60.34 -1.53 5.89
CA LEU J 257 59.92 -1.16 7.22
C LEU J 257 58.96 0.02 7.12
N GLN J 258 59.31 1.05 6.32
CA GLN J 258 58.47 2.24 6.17
C GLN J 258 57.10 1.94 5.57
N GLN J 259 57.02 0.93 4.66
CA GLN J 259 55.73 0.54 4.07
C GLN J 259 54.87 -0.15 5.09
N LEU J 260 55.47 -1.11 5.88
CA LEU J 260 54.78 -1.86 6.95
C LEU J 260 54.22 -0.85 7.93
N LYS J 261 55.13 -0.04 8.53
CA LYS J 261 54.85 1.08 9.42
C LYS J 261 53.58 1.86 8.98
N ILE J 262 53.51 2.26 7.68
CA ILE J 262 52.38 2.99 7.12
C ILE J 262 51.14 2.15 7.20
N LEU J 263 51.13 0.94 6.62
CA LEU J 263 49.95 0.08 6.69
C LEU J 263 49.40 -0.14 8.15
N GLU J 264 50.31 -0.21 9.14
CA GLU J 264 49.96 -0.37 10.55
C GLU J 264 49.13 0.82 11.02
N SER J 265 49.60 2.08 10.74
CA SER J 265 48.94 3.37 11.12
C SER J 265 47.53 3.50 10.53
N LEU J 266 47.40 3.33 9.20
CA LEU J 266 46.13 3.42 8.46
C LEU J 266 45.08 2.31 8.71
N ASN J 267 45.32 1.39 9.68
CA ASN J 267 44.39 0.30 10.03
C ASN J 267 43.92 -0.44 8.75
N MET J 268 44.90 -0.88 7.94
CA MET J 268 44.63 -1.52 6.65
C MET J 268 44.80 -3.01 6.66
N LEU J 269 45.48 -3.55 7.68
CA LEU J 269 45.71 -4.99 7.76
C LEU J 269 44.75 -5.67 8.73
N LYS J 270 44.36 -6.93 8.42
CA LYS J 270 43.53 -7.83 9.26
C LYS J 270 44.23 -7.97 10.65
N SER J 271 43.44 -8.23 11.73
CA SER J 271 43.98 -8.41 13.08
C SER J 271 44.89 -9.62 13.19
N ASN J 272 44.89 -10.47 12.15
CA ASN J 272 45.74 -11.66 12.11
C ASN J 272 46.36 -11.69 10.74
N CYS J 273 46.74 -10.49 10.25
CA CYS J 273 47.39 -10.36 8.96
C CYS J 273 48.77 -11.02 8.91
N TYR J 274 49.04 -11.78 7.83
CA TYR J 274 50.34 -12.41 7.67
C TYR J 274 51.25 -11.48 6.89
N VAL J 275 52.50 -11.34 7.38
CA VAL J 275 53.48 -10.50 6.73
C VAL J 275 54.65 -11.35 6.26
N LEU J 276 54.70 -11.57 4.92
CA LEU J 276 55.77 -12.33 4.27
C LEU J 276 56.82 -11.35 3.74
N ASP J 277 58.11 -11.55 4.13
CA ASP J 277 59.21 -10.74 3.64
C ASP J 277 60.25 -11.60 2.93
N TYR J 278 60.25 -11.53 1.62
CA TYR J 278 61.16 -12.32 0.83
C TYR J 278 62.20 -11.40 0.16
N GLN J 279 63.36 -11.98 -0.22
CA GLN J 279 64.53 -11.35 -0.85
C GLN J 279 65.76 -12.24 -0.65
N ILE J 280 66.90 -11.91 -1.31
CA ILE J 280 68.18 -12.64 -1.19
C ILE J 280 69.17 -11.80 -0.36
N THR J 281 69.36 -10.53 -0.71
CA THR J 281 70.25 -9.57 -0.06
C THR J 281 69.82 -9.25 1.37
N VAL J 282 70.80 -9.27 2.27
CA VAL J 282 70.63 -8.87 3.67
C VAL J 282 71.28 -7.50 3.76
N ASP J 283 70.53 -6.49 4.23
CA ASP J 283 71.10 -5.18 4.50
C ASP J 283 70.67 -4.65 5.88
N GLN J 284 70.84 -3.34 6.10
CA GLN J 284 70.48 -2.71 7.37
C GLN J 284 68.99 -2.57 7.46
N VAL J 285 68.30 -2.24 6.35
CA VAL J 285 66.83 -2.15 6.25
C VAL J 285 66.19 -3.46 6.84
N THR J 286 66.69 -4.64 6.40
CA THR J 286 66.28 -5.97 6.86
C THR J 286 66.53 -6.15 8.34
N ALA J 287 67.68 -5.64 8.87
CA ALA J 287 68.00 -5.67 10.32
C ALA J 287 66.95 -4.78 11.09
N ASN J 288 66.86 -3.51 10.69
CA ASN J 288 65.93 -2.53 11.21
C ASN J 288 64.52 -3.13 11.18
N PHE J 289 64.18 -3.79 10.05
CA PHE J 289 62.87 -4.39 9.82
C PHE J 289 62.58 -5.46 10.86
N ASN J 290 63.47 -6.51 10.92
CA ASN J 290 63.35 -7.66 11.80
C ASN J 290 63.36 -7.32 13.24
N SER J 291 64.18 -6.34 13.63
CA SER J 291 64.27 -5.85 15.01
C SER J 291 62.99 -5.11 15.39
N TYR J 292 62.31 -4.50 14.40
CA TYR J 292 61.04 -3.87 14.69
C TYR J 292 59.92 -4.91 14.80
N VAL J 293 59.73 -5.73 13.78
CA VAL J 293 58.68 -6.73 13.74
C VAL J 293 58.77 -7.64 14.98
N GLU J 294 59.97 -8.18 15.25
CA GLU J 294 60.23 -9.05 16.39
C GLU J 294 60.58 -8.33 17.72
N GLY J 295 60.56 -7.00 17.74
CA GLY J 295 60.92 -6.26 18.95
C GLY J 295 59.88 -6.19 20.05
N ILE J 296 60.35 -6.09 21.33
CA ILE J 296 59.46 -5.96 22.49
C ILE J 296 58.73 -4.62 22.37
N PRO J 297 57.55 -4.39 23.02
CA PRO J 297 56.83 -3.12 22.80
C PRO J 297 57.65 -1.86 23.08
N ALA J 298 58.45 -1.90 24.17
CA ALA J 298 59.33 -0.79 24.56
C ALA J 298 60.37 -0.49 23.48
N PHE J 299 60.81 -1.51 22.72
CA PHE J 299 61.81 -1.35 21.67
C PHE J 299 61.26 -0.60 20.46
N ARG J 300 60.00 -0.97 20.11
CA ARG J 300 59.23 -0.49 18.98
C ARG J 300 58.83 0.96 19.18
N ARG J 301 58.40 1.29 20.39
CA ARG J 301 58.00 2.64 20.79
C ARG J 301 59.21 3.59 20.65
N HIS J 302 60.40 3.14 21.08
CA HIS J 302 61.59 3.94 21.01
C HIS J 302 62.03 3.97 19.55
N GLU J 303 62.03 2.81 18.84
CA GLU J 303 62.36 2.74 17.42
C GLU J 303 61.67 3.88 16.68
N ILE J 304 60.37 4.04 16.91
CA ILE J 304 59.55 5.06 16.28
C ILE J 304 59.98 6.46 16.68
N ALA J 305 60.07 6.73 18.00
CA ALA J 305 60.41 8.02 18.61
C ALA J 305 61.74 8.55 18.14
N ASN J 306 62.76 7.71 18.22
CA ASN J 306 64.09 8.12 17.86
C ASN J 306 64.24 8.37 16.39
N PHE J 307 63.45 7.68 15.55
CA PHE J 307 63.46 7.92 14.11
C PHE J 307 62.93 9.33 13.87
N LEU J 308 61.81 9.65 14.48
CA LEU J 308 61.17 10.95 14.35
C LEU J 308 62.16 12.02 14.80
N LYS J 309 62.75 11.91 16.02
CA LYS J 309 63.76 12.85 16.55
C LYS J 309 65.00 13.04 15.63
N LYS J 310 65.60 11.91 15.20
CA LYS J 310 66.76 11.89 14.34
C LYS J 310 66.44 12.33 12.91
N ARG J 311 65.38 11.77 12.29
CA ARG J 311 65.06 12.07 10.87
C ARG J 311 64.11 13.24 10.51
N LYS J 312 63.22 13.69 11.41
CA LYS J 312 62.30 14.79 11.06
C LYS J 312 62.90 16.18 10.96
N THR J 313 62.88 16.77 9.76
CA THR J 313 63.33 18.16 9.56
C THR J 313 62.10 19.04 9.17
N PRO J 314 62.10 20.40 9.40
CA PRO J 314 60.93 21.22 8.98
C PRO J 314 60.65 21.20 7.46
N LYS J 315 61.67 20.84 6.68
CA LYS J 315 61.58 20.65 5.24
C LYS J 315 61.08 19.20 4.96
N ASN J 316 61.53 18.19 5.77
CA ASN J 316 61.17 16.77 5.69
C ASN J 316 59.76 16.54 6.18
N ALA J 317 59.34 17.31 7.21
CA ALA J 317 58.07 17.28 7.95
C ALA J 317 56.80 16.72 7.24
N ASP J 318 56.55 17.17 6.00
CA ASP J 318 55.36 16.79 5.25
C ASP J 318 55.29 15.38 4.77
N GLU J 319 56.46 14.77 4.49
CA GLU J 319 56.56 13.39 3.99
C GLU J 319 55.63 12.44 4.81
N LEU J 320 55.01 11.46 4.13
CA LEU J 320 54.08 10.49 4.69
C LEU J 320 54.61 9.78 5.91
N ILE J 321 55.92 9.51 5.92
CA ILE J 321 56.64 8.85 7.01
C ILE J 321 56.56 9.63 8.31
N PHE J 322 56.24 10.91 8.23
CA PHE J 322 56.21 11.74 9.43
C PHE J 322 54.83 11.81 10.05
N LYS J 323 53.87 11.22 9.34
CA LYS J 323 52.45 11.22 9.62
C LYS J 323 51.95 9.81 9.97
N TYR J 324 52.27 8.83 9.13
CA TYR J 324 51.79 7.48 9.26
C TYR J 324 52.88 6.55 9.82
N VAL J 325 53.48 7.01 10.95
CA VAL J 325 54.64 6.55 11.76
C VAL J 325 54.76 5.08 12.33
N GLY J 326 53.73 4.25 12.17
CA GLY J 326 53.73 2.91 12.72
C GLY J 326 53.07 2.90 14.10
N ARG J 327 52.96 1.71 14.72
CA ARG J 327 52.33 1.56 16.03
C ARG J 327 53.09 0.50 16.80
N TRP J 328 53.72 0.87 17.92
CA TRP J 328 54.51 -0.03 18.77
C TRP J 328 53.70 -1.08 19.45
N ASN J 329 52.42 -0.75 19.71
CA ASN J 329 51.44 -1.59 20.35
C ASN J 329 50.87 -2.77 19.51
N ILE J 330 51.31 -2.93 18.26
CA ILE J 330 50.90 -4.05 17.40
C ILE J 330 51.95 -5.12 17.65
N CYS J 331 51.54 -6.31 18.05
CA CYS J 331 52.45 -7.43 18.28
C CYS J 331 52.39 -8.34 17.09
N TYR J 332 53.55 -8.93 16.76
CA TYR J 332 53.73 -9.93 15.70
C TYR J 332 54.21 -11.21 16.38
N GLN J 333 54.19 -12.34 15.68
CA GLN J 333 54.65 -13.62 16.21
C GLN J 333 55.30 -14.33 15.04
N LYS J 334 56.59 -14.79 15.15
CA LYS J 334 57.27 -15.50 14.05
C LYS J 334 56.66 -16.85 13.75
N LYS J 335 56.47 -17.11 12.46
CA LYS J 335 55.79 -18.30 11.98
C LYS J 335 56.68 -19.18 11.16
N PHE J 336 57.65 -18.57 10.44
CA PHE J 336 58.55 -19.18 9.47
C PHE J 336 59.81 -18.32 9.27
N HIS J 337 60.95 -18.96 9.07
CA HIS J 337 62.22 -18.28 8.75
C HIS J 337 63.23 -19.23 8.20
N GLN J 338 63.47 -19.17 6.89
CA GLN J 338 64.52 -19.92 6.24
C GLN J 338 65.40 -18.84 5.62
N GLY J 339 66.54 -18.61 6.26
CA GLY J 339 67.56 -17.60 5.97
C GLY J 339 67.17 -16.62 4.90
N ASN J 340 66.81 -15.40 5.29
CA ASN J 340 66.36 -14.29 4.42
C ASN J 340 64.90 -14.25 3.95
N ILE J 341 64.10 -15.29 4.25
CA ILE J 341 62.66 -15.34 3.93
C ILE J 341 61.91 -15.65 5.25
N SER J 342 60.96 -14.78 5.65
CA SER J 342 60.24 -14.98 6.91
C SER J 342 58.77 -14.65 6.87
N ILE J 343 57.99 -15.33 7.77
CA ILE J 343 56.54 -15.11 7.95
C ILE J 343 56.29 -14.80 9.41
N HIS J 344 55.66 -13.63 9.69
CA HIS J 344 55.23 -13.14 11.00
C HIS J 344 53.79 -12.85 10.88
N GLN J 345 53.04 -13.09 11.94
CA GLN J 345 51.62 -12.76 11.89
C GLN J 345 51.36 -11.75 12.99
N ILE J 346 50.39 -10.83 12.79
CA ILE J 346 49.99 -9.90 13.84
C ILE J 346 49.34 -10.79 14.91
N SER J 347 49.80 -10.64 16.17
CA SER J 347 49.31 -11.46 17.28
C SER J 347 48.54 -10.67 18.39
N GLY J 348 48.38 -9.37 18.24
CA GLY J 348 47.65 -8.61 19.24
C GLY J 348 47.80 -7.11 19.21
N TYR J 349 46.87 -6.41 19.80
CA TYR J 349 46.95 -4.96 19.83
C TYR J 349 46.84 -4.55 21.26
N LEU J 350 47.93 -4.10 21.88
CA LEU J 350 47.89 -3.68 23.27
C LEU J 350 47.22 -2.31 23.40
N ASP J 351 46.16 -2.20 24.25
CA ASP J 351 45.45 -0.95 24.51
C ASP J 351 44.79 -0.85 25.89
N ASP K 5 10.55 -3.10 -55.00
CA ASP K 5 11.17 -3.50 -56.27
C ASP K 5 10.70 -4.89 -56.69
N SER K 6 10.47 -5.79 -55.69
CA SER K 6 9.97 -7.15 -55.91
C SER K 6 8.72 -7.11 -56.80
N ILE K 7 7.86 -6.09 -56.57
CA ILE K 7 6.61 -5.83 -57.29
C ILE K 7 6.73 -5.90 -58.82
N ILE K 8 7.79 -5.31 -59.41
CA ILE K 8 8.00 -5.34 -60.88
C ILE K 8 8.06 -6.78 -61.40
N ARG K 9 8.87 -7.63 -60.71
CA ARG K 9 9.03 -9.06 -61.01
C ARG K 9 7.63 -9.73 -60.93
N ASP K 10 6.88 -9.46 -59.85
CA ASP K 10 5.52 -9.98 -59.57
C ASP K 10 4.51 -9.66 -60.68
N LEU K 11 4.56 -8.43 -61.20
CA LEU K 11 3.64 -7.97 -62.24
C LEU K 11 3.89 -8.67 -63.58
N GLU K 12 5.19 -8.96 -63.89
CA GLU K 12 5.62 -9.71 -65.09
C GLU K 12 5.10 -11.15 -65.04
N ARG K 13 5.00 -11.70 -63.82
CA ARG K 13 4.50 -13.04 -63.49
C ARG K 13 2.97 -13.13 -63.59
N GLU K 14 2.24 -12.08 -63.14
CA GLU K 14 0.78 -12.07 -63.18
C GLU K 14 0.20 -11.71 -64.57
N ASN K 15 1.09 -11.55 -65.59
CA ASN K 15 0.84 -11.23 -67.01
C ASN K 15 0.66 -9.71 -67.29
N VAL K 16 0.71 -8.89 -66.22
CA VAL K 16 0.53 -7.43 -66.23
C VAL K 16 1.52 -6.73 -67.19
N GLY K 17 1.03 -5.66 -67.83
CA GLY K 17 1.80 -4.83 -68.77
C GLY K 17 2.97 -4.11 -68.11
N PRO K 18 4.09 -3.91 -68.84
CA PRO K 18 5.27 -3.24 -68.24
C PRO K 18 5.03 -1.84 -67.69
N GLU K 19 4.05 -1.10 -68.28
CA GLU K 19 3.66 0.28 -67.91
C GLU K 19 3.74 0.50 -66.40
N PHE K 20 3.07 -0.37 -65.64
CA PHE K 20 2.96 -0.35 -64.18
C PHE K 20 4.31 -0.37 -63.49
N GLY K 21 5.21 -1.23 -63.96
CA GLY K 21 6.56 -1.32 -63.42
C GLY K 21 7.31 -0.03 -63.65
N GLU K 22 7.33 0.43 -64.92
CA GLU K 22 7.96 1.68 -65.37
C GLU K 22 7.42 2.87 -64.57
N PHE K 23 6.15 2.81 -64.15
CA PHE K 23 5.55 3.86 -63.32
C PHE K 23 6.24 3.92 -61.97
N LEU K 24 6.36 2.77 -61.28
CA LEU K 24 7.00 2.63 -59.97
C LEU K 24 8.44 3.10 -59.96
N ASN K 25 9.22 2.75 -61.04
CA ASN K 25 10.64 3.10 -61.22
C ASN K 25 10.87 4.62 -61.30
N THR K 26 10.01 5.33 -62.06
CA THR K 26 10.10 6.77 -62.23
C THR K 26 9.28 7.51 -61.16
N LEU K 27 8.47 6.76 -60.37
CA LEU K 27 7.62 7.30 -59.30
C LEU K 27 8.48 7.74 -58.12
N GLN K 28 8.49 9.05 -57.87
CA GLN K 28 9.26 9.66 -56.79
C GLN K 28 8.54 10.89 -56.28
N THR K 29 8.52 11.06 -54.95
CA THR K 29 7.93 12.23 -54.29
C THR K 29 9.02 12.93 -53.47
N ASP K 30 8.82 14.21 -53.15
CA ASP K 30 9.76 14.99 -52.35
C ASP K 30 9.05 15.90 -51.35
N LEU K 31 8.97 15.48 -50.06
CA LEU K 31 8.39 16.27 -48.98
C LEU K 31 9.39 17.38 -48.59
N ASN K 32 9.75 18.19 -49.61
CA ASN K 32 10.63 19.36 -49.63
C ASN K 32 9.98 20.39 -50.59
N SER K 33 8.68 20.14 -50.92
CA SER K 33 7.81 20.97 -51.77
C SER K 33 6.42 21.14 -51.11
N GLU K 34 5.77 22.29 -51.37
CA GLU K 34 4.45 22.67 -50.87
C GLU K 34 3.32 21.69 -51.26
N LYS K 35 3.39 21.13 -52.49
CA LYS K 35 2.45 20.14 -53.02
C LYS K 35 2.55 18.83 -52.21
N PRO K 36 1.44 18.32 -51.63
CA PRO K 36 1.54 17.08 -50.85
C PRO K 36 1.91 15.86 -51.71
N PRO K 37 2.69 14.88 -51.16
CA PRO K 37 3.01 13.66 -51.94
C PRO K 37 1.80 12.99 -52.61
N ILE K 38 0.56 13.21 -52.10
CA ILE K 38 -0.64 12.63 -52.73
C ILE K 38 -0.97 13.32 -54.04
N GLU K 39 -0.92 14.66 -54.06
CA GLU K 39 -1.17 15.45 -55.28
C GLU K 39 -0.04 15.18 -56.29
N GLN K 40 1.16 14.90 -55.75
CA GLN K 40 2.37 14.56 -56.50
C GLN K 40 2.25 13.21 -57.22
N VAL K 41 1.69 12.17 -56.53
CA VAL K 41 1.47 10.85 -57.15
C VAL K 41 0.39 11.01 -58.22
N LYS K 42 -0.73 11.65 -57.85
CA LYS K 42 -1.90 11.97 -58.70
C LYS K 42 -1.43 12.56 -60.04
N SER K 43 -0.49 13.52 -59.96
CA SER K 43 0.12 14.20 -61.11
C SER K 43 0.89 13.19 -61.96
N GLN K 44 1.76 12.37 -61.34
CA GLN K 44 2.56 11.36 -62.03
C GLN K 44 1.69 10.31 -62.70
N LEU K 45 0.57 9.94 -62.04
CA LEU K 45 -0.45 9.01 -62.51
C LEU K 45 -1.22 9.50 -63.76
N GLU K 46 -1.71 10.78 -63.74
CA GLU K 46 -2.43 11.42 -64.84
C GLU K 46 -1.54 11.61 -66.08
N THR K 47 -0.20 11.61 -65.85
CA THR K 47 0.88 11.79 -66.83
C THR K 47 1.26 10.47 -67.56
N HIS K 48 1.83 9.50 -66.81
CA HIS K 48 2.30 8.20 -67.31
C HIS K 48 1.20 7.39 -68.00
N PHE K 49 -0.03 7.43 -67.45
CA PHE K 49 -1.13 6.64 -67.97
C PHE K 49 -2.10 7.33 -68.95
N ASN K 50 -1.88 8.67 -69.20
CA ASN K 50 -2.67 9.56 -70.08
C ASN K 50 -4.19 9.51 -69.75
N LEU K 51 -4.50 9.60 -68.43
CA LEU K 51 -5.83 9.49 -67.86
C LEU K 51 -6.75 10.69 -68.02
N ALA K 52 -6.27 11.73 -68.69
CA ALA K 52 -7.04 12.96 -68.94
C ALA K 52 -8.32 12.70 -69.77
N HIS K 53 -8.20 11.99 -70.94
CA HIS K 53 -9.36 11.67 -71.78
C HIS K 53 -10.35 10.79 -71.07
N GLU K 54 -9.83 9.77 -70.37
CA GLU K 54 -10.63 8.81 -69.60
C GLU K 54 -11.39 9.50 -68.48
N THR K 55 -10.78 10.49 -67.79
CA THR K 55 -11.40 11.26 -66.70
C THR K 55 -12.43 12.17 -67.29
N GLN K 56 -12.08 12.87 -68.40
CA GLN K 56 -12.98 13.75 -69.13
C GLN K 56 -14.25 12.97 -69.54
N GLU K 57 -14.10 11.78 -70.20
CA GLU K 57 -15.23 10.93 -70.60
C GLU K 57 -16.01 10.35 -69.45
N PHE K 58 -15.34 10.06 -68.33
CA PHE K 58 -15.94 9.52 -67.10
C PHE K 58 -17.03 10.49 -66.61
N SER K 59 -16.73 11.80 -66.65
CA SER K 59 -17.65 12.86 -66.23
C SER K 59 -18.73 13.12 -67.29
N ARG K 60 -18.31 13.50 -68.52
CA ARG K 60 -19.17 13.79 -69.67
C ARG K 60 -20.22 12.68 -69.92
N LYS K 61 -19.96 11.44 -69.46
CA LYS K 61 -20.87 10.28 -69.60
C LYS K 61 -21.63 9.90 -68.32
N ASN K 62 -21.66 10.83 -67.35
CA ASN K 62 -22.37 10.76 -66.07
C ASN K 62 -23.02 12.16 -65.89
N ASP K 63 -23.56 12.69 -67.02
CA ASP K 63 -24.21 14.00 -67.15
C ASP K 63 -23.28 15.10 -66.66
N ASN K 64 -22.02 15.08 -67.16
CA ASN K 64 -20.97 16.05 -66.84
C ASN K 64 -20.70 16.30 -65.33
N ALA K 65 -20.86 15.26 -64.47
CA ALA K 65 -20.67 15.35 -63.01
C ALA K 65 -19.23 15.67 -62.62
N PRO K 66 -18.96 16.49 -61.55
CA PRO K 66 -17.54 16.75 -61.19
C PRO K 66 -16.92 15.57 -60.46
N VAL K 67 -16.45 14.58 -61.26
CA VAL K 67 -15.84 13.31 -60.82
C VAL K 67 -14.52 13.52 -60.08
N ASP K 68 -13.89 14.66 -60.37
CA ASP K 68 -12.64 15.13 -59.81
C ASP K 68 -12.88 15.74 -58.39
N LYS K 69 -14.17 15.95 -58.03
CA LYS K 69 -14.58 16.53 -56.74
C LYS K 69 -16.04 16.20 -56.32
N LEU K 70 -16.37 14.92 -56.11
CA LEU K 70 -17.72 14.49 -55.72
C LEU K 70 -18.01 14.70 -54.21
N LEU K 71 -17.00 14.45 -53.34
CA LEU K 71 -17.16 14.64 -51.89
C LEU K 71 -17.18 16.15 -51.57
N THR K 72 -16.21 16.92 -52.12
CA THR K 72 -16.05 18.37 -52.02
C THR K 72 -17.30 19.05 -52.60
N ASN K 73 -17.97 18.36 -53.55
CA ASN K 73 -19.22 18.79 -54.15
C ASN K 73 -20.35 18.75 -53.13
N TYR K 74 -20.83 17.53 -52.74
CA TYR K 74 -21.92 17.40 -51.76
C TYR K 74 -21.62 17.99 -50.38
N TYR K 75 -20.70 17.39 -49.63
CA TYR K 75 -20.33 17.83 -48.28
C TYR K 75 -19.65 19.22 -48.25
N ASN K 76 -19.70 19.89 -47.08
CA ASN K 76 -18.99 21.15 -46.85
C ASN K 76 -17.61 20.78 -46.25
N ASN K 77 -16.77 21.77 -45.90
CA ASN K 77 -15.46 21.47 -45.31
C ASN K 77 -15.58 20.60 -44.05
N TYR K 78 -16.47 20.97 -43.10
CA TYR K 78 -16.66 20.16 -41.90
C TYR K 78 -17.18 18.77 -42.29
N GLU K 79 -18.41 18.71 -42.86
CA GLU K 79 -19.11 17.50 -43.28
C GLU K 79 -18.15 16.41 -43.76
N VAL K 80 -17.29 16.74 -44.74
CA VAL K 80 -16.31 15.83 -45.34
C VAL K 80 -15.18 15.43 -44.39
N ASN K 81 -14.64 16.39 -43.62
CA ASN K 81 -13.52 16.18 -42.69
C ASN K 81 -13.82 15.38 -41.41
N VAL K 82 -15.10 15.20 -41.09
CA VAL K 82 -15.56 14.40 -39.96
C VAL K 82 -15.50 12.94 -40.32
N LEU K 83 -15.89 12.60 -41.58
CA LEU K 83 -15.89 11.25 -42.14
C LEU K 83 -14.53 10.63 -41.82
N GLU K 84 -14.49 9.49 -41.08
CA GLU K 84 -13.23 8.88 -40.70
C GLU K 84 -13.05 7.37 -40.90
N PHE K 85 -14.10 6.68 -41.37
CA PHE K 85 -14.10 5.23 -41.62
C PHE K 85 -14.73 4.92 -42.98
N VAL K 86 -13.90 4.89 -44.03
CA VAL K 86 -14.33 4.67 -45.41
C VAL K 86 -14.18 3.20 -45.81
N LEU K 87 -15.09 2.69 -46.67
CA LEU K 87 -15.02 1.35 -47.21
C LEU K 87 -15.20 1.43 -48.73
N GLN K 88 -14.10 1.33 -49.52
CA GLN K 88 -14.21 1.29 -50.97
C GLN K 88 -14.30 -0.19 -51.33
N MET K 89 -15.52 -0.59 -51.67
CA MET K 89 -15.98 -1.93 -51.97
C MET K 89 -15.77 -2.30 -53.43
N GLY K 90 -14.51 -2.57 -53.75
CA GLY K 90 -14.05 -2.95 -55.08
C GLY K 90 -13.72 -1.76 -55.95
N PHE K 91 -13.23 -2.06 -57.16
CA PHE K 91 -12.89 -1.10 -58.21
C PHE K 91 -14.01 -1.18 -59.24
N SER K 92 -14.14 -0.13 -60.06
CA SER K 92 -15.16 -0.11 -61.13
C SER K 92 -14.61 -0.81 -62.39
N ARG K 93 -15.43 -1.58 -63.07
CA ARG K 93 -15.00 -2.25 -64.29
C ARG K 93 -14.80 -1.21 -65.41
N ASP K 94 -15.68 -0.18 -65.46
CA ASP K 94 -15.68 0.88 -66.46
C ASP K 94 -14.44 1.79 -66.43
N LEU K 95 -13.58 1.62 -65.41
CA LEU K 95 -12.38 2.43 -65.27
C LEU K 95 -11.14 1.57 -65.39
N SER K 96 -10.10 2.09 -66.07
CA SER K 96 -8.84 1.36 -66.23
C SER K 96 -8.16 1.29 -64.88
N ILE K 97 -7.42 0.21 -64.63
CA ILE K 97 -6.71 0.06 -63.36
C ILE K 97 -6.11 1.39 -62.84
N PRO K 98 -5.32 2.17 -63.64
CA PRO K 98 -4.79 3.44 -63.12
C PRO K 98 -5.88 4.47 -62.86
N LEU K 99 -6.97 4.49 -63.65
CA LEU K 99 -8.03 5.45 -63.42
C LEU K 99 -8.67 5.24 -62.06
N ASN K 100 -8.95 3.94 -61.69
CA ASN K 100 -9.50 3.56 -60.38
C ASN K 100 -8.54 4.01 -59.28
N VAL K 101 -7.21 3.69 -59.41
CA VAL K 101 -6.17 4.05 -58.42
C VAL K 101 -6.12 5.58 -58.19
N TRP K 102 -6.42 6.35 -59.23
CA TRP K 102 -6.45 7.80 -59.11
C TRP K 102 -7.68 8.18 -58.29
N PHE K 103 -8.82 7.52 -58.58
CA PHE K 103 -10.09 7.76 -57.89
C PHE K 103 -9.95 7.49 -56.37
N VAL K 104 -9.22 6.43 -55.99
CA VAL K 104 -8.93 6.11 -54.58
C VAL K 104 -8.12 7.28 -53.97
N LEU K 105 -7.15 7.80 -54.72
CA LEU K 105 -6.28 8.90 -54.30
C LEU K 105 -6.99 10.24 -54.23
N ASP K 106 -7.93 10.49 -55.21
CA ASP K 106 -8.73 11.71 -55.31
C ASP K 106 -9.71 11.81 -54.14
N MET K 107 -10.24 10.65 -53.73
CA MET K 107 -11.16 10.50 -52.61
C MET K 107 -10.43 10.81 -51.32
N ILE K 108 -9.24 10.19 -51.11
CA ILE K 108 -8.40 10.36 -49.90
C ILE K 108 -8.06 11.85 -49.66
N SER K 109 -7.68 12.57 -50.75
CA SER K 109 -7.29 13.97 -50.73
C SER K 109 -8.44 14.88 -50.25
N GLN K 110 -9.68 14.60 -50.72
CA GLN K 110 -10.89 15.33 -50.33
C GLN K 110 -11.20 15.22 -48.80
N LEU K 111 -11.08 14.01 -48.26
CA LEU K 111 -11.29 13.70 -46.83
C LEU K 111 -10.13 14.19 -45.92
N SER K 112 -9.13 14.92 -46.48
CA SER K 112 -7.93 15.36 -45.75
C SER K 112 -7.49 16.78 -46.14
N THR K 113 -8.47 17.65 -46.34
CA THR K 113 -8.24 19.04 -46.69
C THR K 113 -8.01 19.90 -45.45
N SER K 114 -8.32 19.39 -44.24
CA SER K 114 -8.12 20.17 -43.02
C SER K 114 -7.12 19.59 -42.07
N LYS K 115 -6.42 20.50 -41.35
CA LYS K 115 -5.43 20.19 -40.33
C LYS K 115 -6.09 20.05 -38.93
N GLN K 116 -7.44 20.09 -38.87
CA GLN K 116 -8.21 19.96 -37.63
C GLN K 116 -9.03 18.66 -37.57
N ASP K 117 -8.65 17.65 -38.34
CA ASP K 117 -9.35 16.37 -38.40
C ASP K 117 -8.88 15.35 -37.41
N LEU K 118 -9.75 14.38 -37.10
CA LEU K 118 -9.47 13.21 -36.27
C LEU K 118 -8.99 12.13 -37.28
N PRO K 119 -8.08 11.17 -36.95
CA PRO K 119 -7.54 10.28 -38.01
C PRO K 119 -8.52 9.47 -38.84
N LEU K 120 -8.17 9.28 -40.12
CA LEU K 120 -8.94 8.52 -41.09
C LEU K 120 -8.40 7.11 -41.19
N ASP K 121 -9.30 6.15 -41.43
CA ASP K 121 -9.06 4.73 -41.69
C ASP K 121 -9.77 4.50 -43.02
N TYR K 122 -9.00 4.12 -44.06
CA TYR K 122 -9.56 3.89 -45.38
C TYR K 122 -9.39 2.42 -45.71
N TYR K 123 -10.51 1.71 -45.92
CA TYR K 123 -10.46 0.28 -46.33
C TYR K 123 -10.72 0.20 -47.84
N LEU K 124 -9.97 -0.65 -48.55
CA LEU K 124 -10.17 -0.86 -49.98
C LEU K 124 -10.19 -2.35 -50.22
N VAL K 125 -11.32 -2.84 -50.72
CA VAL K 125 -11.47 -4.25 -51.04
C VAL K 125 -11.11 -4.49 -52.52
N LEU K 126 -10.36 -5.57 -52.83
CA LEU K 126 -10.04 -5.96 -54.21
C LEU K 126 -10.52 -7.39 -54.46
N ASN K 127 -11.87 -7.46 -54.53
CA ASN K 127 -12.83 -8.56 -54.65
C ASN K 127 -12.78 -9.56 -55.83
N ASN K 128 -11.86 -9.38 -56.82
CA ASN K 128 -11.75 -10.29 -57.96
C ASN K 128 -10.34 -10.37 -58.54
N SER K 129 -10.12 -11.34 -59.44
CA SER K 129 -8.84 -11.59 -60.12
C SER K 129 -8.30 -10.41 -60.93
N GLN K 130 -9.19 -9.66 -61.61
CA GLN K 130 -8.88 -8.50 -62.47
C GLN K 130 -8.31 -7.28 -61.71
N THR K 131 -8.41 -7.29 -60.36
CA THR K 131 -7.94 -6.20 -59.52
C THR K 131 -6.96 -6.64 -58.43
N GLY K 132 -7.17 -7.85 -57.89
CA GLY K 132 -6.34 -8.43 -56.82
C GLY K 132 -4.85 -8.51 -57.13
N LYS K 133 -4.50 -8.75 -58.42
CA LYS K 133 -3.10 -8.81 -58.88
C LYS K 133 -2.39 -7.45 -58.78
N TYR K 134 -3.17 -6.35 -58.73
CA TYR K 134 -2.69 -4.96 -58.67
C TYR K 134 -2.46 -4.43 -57.25
N SER K 135 -2.98 -5.13 -56.22
CA SER K 135 -2.91 -4.80 -54.79
C SER K 135 -1.56 -4.28 -54.27
N ASP K 136 -0.44 -5.02 -54.53
CA ASP K 136 0.88 -4.60 -54.06
C ASP K 136 1.33 -3.29 -54.72
N PHE K 137 1.03 -3.12 -56.03
CA PHE K 137 1.29 -1.90 -56.81
C PHE K 137 0.52 -0.72 -56.17
N VAL K 138 -0.76 -0.95 -55.76
CA VAL K 138 -1.63 0.03 -55.10
C VAL K 138 -1.05 0.42 -53.73
N ARG K 139 -0.75 -0.61 -52.93
CA ARG K 139 -0.18 -0.52 -51.60
C ARG K 139 1.15 0.25 -51.62
N TYR K 140 1.97 0.08 -52.69
CA TYR K 140 3.22 0.81 -52.89
C TYR K 140 2.93 2.28 -53.18
N LEU K 141 1.94 2.58 -54.04
CA LEU K 141 1.53 3.95 -54.39
C LEU K 141 1.05 4.71 -53.17
N ILE K 142 0.05 4.13 -52.42
CA ILE K 142 -0.50 4.68 -51.19
C ILE K 142 0.66 4.99 -50.23
N TYR K 143 1.62 4.06 -50.11
CA TYR K 143 2.84 4.17 -49.31
C TYR K 143 3.62 5.44 -49.63
N GLU K 144 3.72 5.80 -50.92
CA GLU K 144 4.42 6.99 -51.39
C GLU K 144 3.53 8.20 -51.22
N ALA K 145 2.25 8.05 -51.56
CA ALA K 145 1.24 9.10 -51.42
C ALA K 145 1.15 9.56 -49.97
N VAL K 146 1.12 8.61 -49.01
CA VAL K 146 1.05 8.93 -47.58
C VAL K 146 2.43 9.26 -46.96
N GLY K 147 3.48 8.65 -47.51
CA GLY K 147 4.86 8.81 -47.04
C GLY K 147 5.06 8.17 -45.70
N ALA K 148 5.16 6.82 -45.66
CA ALA K 148 5.33 6.05 -44.42
C ALA K 148 6.80 5.88 -43.97
N GLU K 149 7.62 6.87 -44.32
CA GLU K 149 9.03 7.03 -43.96
C GLU K 149 8.96 7.92 -42.70
N ILE K 150 8.41 7.30 -41.61
CA ILE K 150 8.10 7.87 -40.28
C ILE K 150 8.51 6.85 -39.19
N HIS K 151 7.78 5.69 -39.11
CA HIS K 151 8.00 4.58 -38.15
C HIS K 151 7.85 5.01 -36.69
N LEU K 176 8.66 -1.18 -46.92
CA LEU K 176 7.37 -1.59 -46.37
C LEU K 176 7.21 -3.12 -46.11
N ALA K 177 5.97 -3.57 -45.75
CA ALA K 177 5.65 -4.96 -45.45
C ALA K 177 4.79 -5.63 -46.53
N ASN K 178 4.87 -6.97 -46.66
CA ASN K 178 4.09 -7.72 -47.67
C ASN K 178 2.61 -7.78 -47.31
N ARG K 179 2.30 -7.44 -46.05
CA ARG K 179 0.96 -7.40 -45.45
C ARG K 179 0.88 -6.27 -44.41
N GLY K 180 -0.32 -5.76 -44.15
CA GLY K 180 -0.55 -4.74 -43.12
C GLY K 180 -0.93 -3.32 -43.53
N PRO K 181 -1.42 -2.51 -42.55
CA PRO K 181 -1.81 -1.14 -42.87
C PRO K 181 -0.65 -0.20 -43.16
N ILE K 182 -0.91 0.70 -44.12
CA ILE K 182 0.04 1.73 -44.49
C ILE K 182 -0.40 2.99 -43.75
N ARG K 183 0.34 3.33 -42.68
CA ARG K 183 0.14 4.52 -41.85
C ARG K 183 0.88 5.71 -42.49
N GLY K 184 0.43 6.93 -42.24
CA GLY K 184 1.07 8.11 -42.80
C GLY K 184 0.23 9.37 -42.72
N ASN K 185 0.73 10.44 -43.32
CA ASN K 185 0.05 11.74 -43.32
C ASN K 185 -0.24 12.17 -44.74
N VAL K 186 -1.53 12.29 -45.07
CA VAL K 186 -2.06 12.58 -46.40
C VAL K 186 -2.77 13.94 -46.51
N GLY K 187 -2.78 14.48 -47.74
CA GLY K 187 -3.45 15.72 -48.12
C GLY K 187 -2.79 17.02 -47.71
N ALA K 188 -3.48 18.15 -48.02
CA ALA K 188 -3.07 19.52 -47.67
C ALA K 188 -3.30 19.75 -46.19
N GLY K 189 -4.27 19.00 -45.64
CA GLY K 189 -4.57 19.02 -44.22
C GLY K 189 -3.51 18.23 -43.48
N ASP K 190 -2.72 17.38 -44.21
CA ASP K 190 -1.63 16.55 -43.70
C ASP K 190 -2.15 15.54 -42.66
N ARG K 191 -3.44 15.15 -42.81
CA ARG K 191 -4.20 14.28 -41.91
C ARG K 191 -3.58 12.90 -41.69
N LYS K 192 -3.60 12.37 -40.45
CA LYS K 192 -3.11 10.99 -40.21
C LYS K 192 -4.14 10.02 -40.81
N ILE K 193 -3.63 9.09 -41.61
CA ILE K 193 -4.39 8.03 -42.25
C ILE K 193 -3.81 6.68 -41.78
N THR K 194 -4.52 5.61 -42.12
CA THR K 194 -4.22 4.19 -41.99
C THR K 194 -5.04 3.45 -43.06
N PHE K 195 -4.38 3.24 -44.21
CA PHE K 195 -4.95 2.60 -45.37
C PHE K 195 -4.87 1.07 -45.25
N HIS K 196 -5.99 0.40 -45.57
CA HIS K 196 -6.11 -1.06 -45.54
C HIS K 196 -6.55 -1.54 -46.90
N LEU K 197 -5.78 -2.51 -47.44
CA LEU K 197 -6.04 -3.16 -48.71
C LEU K 197 -6.38 -4.60 -48.36
N LEU K 198 -7.68 -4.92 -48.41
CA LEU K 198 -8.17 -6.26 -48.07
C LEU K 198 -8.43 -7.03 -49.35
N CYS K 199 -7.46 -7.85 -49.72
CA CYS K 199 -7.51 -8.64 -50.95
C CYS K 199 -7.25 -10.13 -50.66
N LYS K 200 -7.36 -10.94 -51.72
CA LYS K 200 -7.15 -12.39 -51.69
C LYS K 200 -5.73 -12.82 -51.26
N LYS K 201 -4.64 -12.20 -51.83
CA LYS K 201 -3.26 -12.54 -51.49
C LYS K 201 -3.04 -12.48 -49.98
N THR K 202 -3.54 -11.38 -49.37
CA THR K 202 -3.50 -11.07 -47.93
C THR K 202 -4.26 -12.15 -47.15
N ALA K 203 -5.47 -12.51 -47.61
CA ALA K 203 -6.34 -13.51 -46.98
C ALA K 203 -5.69 -14.90 -46.96
N ARG K 204 -5.01 -15.26 -48.06
CA ARG K 204 -4.27 -16.52 -48.20
C ARG K 204 -3.16 -16.56 -47.15
N MET K 205 -2.34 -15.46 -47.06
CA MET K 205 -1.23 -15.28 -46.11
C MET K 205 -1.65 -15.50 -44.67
N ILE K 206 -2.80 -14.90 -44.32
CA ILE K 206 -3.44 -15.03 -43.01
C ILE K 206 -3.77 -16.52 -42.76
N LEU K 207 -4.45 -17.18 -43.74
CA LEU K 207 -4.90 -18.58 -43.65
C LEU K 207 -3.75 -19.57 -43.49
N VAL K 208 -2.68 -19.39 -44.26
CA VAL K 208 -1.55 -20.30 -44.21
C VAL K 208 -0.64 -20.08 -43.01
N GLY K 209 -0.81 -18.92 -42.37
CA GLY K 209 -0.01 -18.54 -41.21
C GLY K 209 1.36 -18.07 -41.63
N ASP K 210 1.40 -17.30 -42.75
CA ASP K 210 2.59 -16.73 -43.38
C ASP K 210 3.59 -17.74 -43.93
N ASP K 211 3.11 -18.94 -44.30
CA ASP K 211 3.93 -19.94 -44.95
C ASP K 211 4.19 -19.40 -46.37
N ARG K 212 5.38 -19.70 -46.93
CA ARG K 212 5.82 -19.33 -48.28
C ARG K 212 4.74 -19.67 -49.35
N GLU K 213 4.32 -20.95 -49.41
CA GLU K 213 3.34 -21.52 -50.35
C GLU K 213 1.90 -20.99 -50.18
N THR K 214 1.45 -20.09 -51.09
CA THR K 214 0.08 -19.52 -51.10
C THR K 214 -0.68 -19.80 -52.42
N ASP K 215 -0.13 -20.65 -53.31
CA ASP K 215 -0.82 -20.99 -54.55
C ASP K 215 -1.89 -22.06 -54.36
N PHE K 216 -3.11 -21.59 -54.13
CA PHE K 216 -4.35 -22.36 -54.00
C PHE K 216 -5.50 -21.41 -54.35
N GLU K 217 -6.57 -21.96 -54.92
CA GLU K 217 -7.71 -21.16 -55.35
C GLU K 217 -8.62 -20.71 -54.24
N MET K 218 -9.10 -19.47 -54.36
CA MET K 218 -9.96 -18.85 -53.39
C MET K 218 -11.13 -18.26 -54.12
N SER K 219 -12.35 -18.79 -53.87
CA SER K 219 -13.60 -18.32 -54.48
C SER K 219 -13.90 -16.88 -54.06
N ASP K 220 -14.49 -16.06 -54.96
CA ASP K 220 -14.83 -14.67 -54.63
C ASP K 220 -15.86 -14.62 -53.53
N ARG K 221 -16.68 -15.69 -53.39
CA ARG K 221 -17.70 -15.88 -52.35
C ARG K 221 -16.95 -16.10 -51.04
N SER K 222 -16.06 -17.12 -51.04
CA SER K 222 -15.19 -17.52 -49.93
C SER K 222 -14.44 -16.34 -49.36
N PHE K 223 -13.94 -15.46 -50.24
CA PHE K 223 -13.21 -14.26 -49.87
C PHE K 223 -14.08 -13.31 -49.00
N VAL K 224 -15.27 -12.87 -49.51
CA VAL K 224 -16.19 -11.97 -48.76
C VAL K 224 -16.42 -12.45 -47.32
N THR K 225 -16.73 -13.75 -47.18
CA THR K 225 -17.02 -14.42 -45.93
C THR K 225 -15.80 -14.48 -45.02
N LEU K 226 -14.59 -14.55 -45.60
CA LEU K 226 -13.39 -14.56 -44.78
C LEU K 226 -13.10 -13.15 -44.29
N LEU K 227 -13.54 -12.11 -45.06
CA LEU K 227 -13.37 -10.70 -44.69
C LEU K 227 -14.23 -10.44 -43.46
N LEU K 228 -15.41 -11.06 -43.48
CA LEU K 228 -16.37 -11.05 -42.38
C LEU K 228 -15.78 -11.80 -41.19
N ASP K 229 -15.09 -12.92 -41.45
CA ASP K 229 -14.43 -13.72 -40.42
C ASP K 229 -13.27 -12.97 -39.74
N TYR K 230 -12.54 -12.11 -40.49
CA TYR K 230 -11.46 -11.28 -39.94
C TYR K 230 -12.05 -10.23 -39.00
N TYR K 231 -13.04 -9.44 -39.48
CA TYR K 231 -13.76 -8.41 -38.74
C TYR K 231 -14.36 -8.97 -37.43
N GLN K 232 -15.25 -10.00 -37.53
CA GLN K 232 -15.90 -10.64 -36.38
C GLN K 232 -14.89 -11.16 -35.32
N ARG K 233 -13.66 -11.53 -35.77
CA ARG K 233 -12.56 -12.02 -34.93
C ARG K 233 -11.75 -10.88 -34.32
N VAL K 234 -11.48 -9.81 -35.10
CA VAL K 234 -10.71 -8.63 -34.64
C VAL K 234 -11.45 -7.88 -33.54
N GLY K 235 -12.80 -7.93 -33.61
CA GLY K 235 -13.72 -7.32 -32.66
C GLY K 235 -13.96 -5.83 -32.85
N THR K 236 -13.73 -5.33 -34.09
CA THR K 236 -13.86 -3.91 -34.48
C THR K 236 -15.30 -3.35 -34.33
N THR K 237 -15.48 -2.44 -33.35
CA THR K 237 -16.76 -1.79 -33.09
C THR K 237 -16.74 -0.30 -33.55
N LYS K 238 -15.99 -0.03 -34.67
CA LYS K 238 -15.89 1.28 -35.35
C LYS K 238 -16.74 1.22 -36.62
N LYS K 239 -17.67 2.16 -36.74
CA LYS K 239 -18.67 2.20 -37.81
C LYS K 239 -18.31 2.97 -39.07
N ILE K 240 -18.66 2.35 -40.24
CA ILE K 240 -18.46 2.86 -41.60
C ILE K 240 -19.33 4.11 -41.75
N ASP K 241 -18.74 5.24 -42.19
CA ASP K 241 -19.49 6.49 -42.33
C ASP K 241 -19.60 6.98 -43.77
N LEU K 242 -18.77 6.42 -44.66
CA LEU K 242 -18.71 6.61 -46.10
C LEU K 242 -18.60 5.18 -46.66
N LEU K 243 -19.52 4.80 -47.57
CA LEU K 243 -19.55 3.49 -48.20
C LEU K 243 -19.53 3.69 -49.69
N LEU K 244 -18.47 3.20 -50.32
CA LEU K 244 -18.28 3.33 -51.74
C LEU K 244 -18.58 2.07 -52.54
N LEU K 245 -19.70 2.11 -53.25
CA LEU K 245 -20.16 1.02 -54.09
C LEU K 245 -19.89 1.27 -55.59
N THR K 246 -19.77 0.20 -56.38
CA THR K 246 -19.52 0.27 -57.82
C THR K 246 -19.83 -1.03 -58.59
N ASN K 247 -19.54 -1.05 -59.91
CA ASN K 247 -19.72 -2.22 -60.78
C ASN K 247 -18.47 -3.11 -60.86
N ASN K 248 -18.35 -4.04 -59.90
CA ASN K 248 -17.21 -4.97 -59.78
C ASN K 248 -17.34 -6.18 -60.71
N PHE K 249 -16.20 -6.84 -60.97
CA PHE K 249 -16.17 -8.09 -61.71
C PHE K 249 -16.69 -9.18 -60.80
N ASP K 250 -17.38 -10.18 -61.37
CA ASP K 250 -18.10 -11.24 -60.70
C ASP K 250 -19.32 -10.49 -60.21
N THR K 251 -20.24 -10.20 -61.12
CA THR K 251 -21.44 -9.46 -60.78
C THR K 251 -22.35 -10.42 -60.00
N ASN K 252 -22.14 -11.74 -60.23
CA ASN K 252 -22.82 -12.85 -59.58
C ASN K 252 -22.51 -12.89 -58.06
N MET K 253 -21.25 -12.55 -57.69
CA MET K 253 -20.74 -12.57 -56.30
C MET K 253 -20.60 -11.18 -55.68
N ASN K 254 -20.00 -10.23 -56.43
CA ASN K 254 -19.75 -8.86 -55.98
C ASN K 254 -20.86 -7.87 -56.40
N ASN K 255 -22.12 -8.33 -56.29
CA ASN K 255 -23.35 -7.59 -56.57
C ASN K 255 -23.46 -6.48 -55.52
N LYS K 256 -23.37 -5.22 -56.01
CA LYS K 256 -23.47 -3.94 -55.30
C LYS K 256 -24.56 -3.92 -54.21
N LEU K 257 -25.76 -4.40 -54.56
CA LEU K 257 -26.92 -4.50 -53.68
C LEU K 257 -26.70 -5.61 -52.65
N GLN K 258 -26.22 -6.80 -53.09
CA GLN K 258 -25.95 -7.92 -52.20
C GLN K 258 -24.94 -7.53 -51.10
N GLN K 259 -23.91 -6.72 -51.48
CA GLN K 259 -22.89 -6.15 -50.58
C GLN K 259 -23.60 -5.20 -49.59
N LEU K 260 -24.57 -4.38 -50.05
CA LEU K 260 -25.30 -3.45 -49.19
C LEU K 260 -26.09 -4.23 -48.13
N LYS K 261 -26.88 -5.20 -48.60
CA LYS K 261 -27.70 -6.06 -47.77
C LYS K 261 -26.88 -6.75 -46.68
N ILE K 262 -25.69 -7.25 -47.01
CA ILE K 262 -24.82 -7.88 -46.00
C ILE K 262 -24.32 -6.89 -44.91
N LEU K 263 -23.97 -5.64 -45.28
CA LEU K 263 -23.53 -4.66 -44.28
C LEU K 263 -24.71 -4.15 -43.44
N GLU K 264 -25.91 -4.00 -44.08
CA GLU K 264 -27.19 -3.59 -43.45
C GLU K 264 -27.52 -4.64 -42.38
N SER K 265 -27.24 -5.91 -42.70
CA SER K 265 -27.52 -7.05 -41.87
C SER K 265 -26.66 -7.14 -40.63
N LEU K 266 -25.35 -6.88 -40.78
CA LEU K 266 -24.34 -7.03 -39.73
C LEU K 266 -24.10 -5.85 -38.81
N ASN K 267 -24.88 -4.75 -38.93
CA ASN K 267 -24.71 -3.54 -38.11
C ASN K 267 -23.27 -2.96 -38.26
N MET K 268 -22.73 -2.98 -39.48
CA MET K 268 -21.36 -2.52 -39.78
C MET K 268 -21.30 -1.03 -40.16
N LEU K 269 -22.41 -0.52 -40.73
CA LEU K 269 -22.57 0.87 -41.17
C LEU K 269 -23.08 1.79 -40.02
N LYS K 270 -22.46 2.99 -39.85
CA LYS K 270 -22.83 4.04 -38.88
C LYS K 270 -24.32 4.39 -39.03
N SER K 271 -24.94 4.94 -37.97
CA SER K 271 -26.35 5.33 -37.98
C SER K 271 -26.66 6.27 -39.16
N ASN K 272 -25.74 7.21 -39.44
CA ASN K 272 -25.90 8.16 -40.55
C ASN K 272 -24.79 7.95 -41.61
N CYS K 273 -24.71 6.72 -42.11
CA CYS K 273 -23.74 6.37 -43.13
C CYS K 273 -24.08 7.06 -44.47
N TYR K 274 -23.07 7.14 -45.37
CA TYR K 274 -23.21 7.75 -46.68
C TYR K 274 -22.86 6.70 -47.69
N VAL K 275 -23.78 6.44 -48.62
CA VAL K 275 -23.59 5.44 -49.65
C VAL K 275 -23.35 6.11 -51.00
N LEU K 276 -22.10 6.14 -51.45
CA LEU K 276 -21.78 6.71 -52.76
C LEU K 276 -21.56 5.56 -53.75
N ASP K 277 -22.42 5.50 -54.79
CA ASP K 277 -22.44 4.46 -55.83
C ASP K 277 -22.20 5.07 -57.19
N TYR K 278 -21.14 4.63 -57.85
CA TYR K 278 -20.71 5.16 -59.14
C TYR K 278 -20.47 4.07 -60.18
N GLN K 279 -20.50 4.47 -61.48
CA GLN K 279 -20.23 3.70 -62.70
C GLN K 279 -20.51 4.55 -63.92
N ILE K 280 -20.08 4.09 -65.10
CA ILE K 280 -20.41 4.76 -66.37
C ILE K 280 -21.54 3.91 -66.97
N THR K 281 -21.27 2.59 -67.19
CA THR K 281 -22.20 1.59 -67.72
C THR K 281 -23.37 1.40 -66.77
N VAL K 282 -24.57 1.20 -67.35
CA VAL K 282 -25.78 0.97 -66.58
C VAL K 282 -26.25 -0.47 -66.70
N ASP K 283 -26.58 -1.08 -65.56
CA ASP K 283 -27.08 -2.47 -65.55
C ASP K 283 -28.37 -2.63 -64.74
N GLN K 284 -28.84 -3.89 -64.60
CA GLN K 284 -30.06 -4.18 -63.85
C GLN K 284 -29.85 -4.07 -62.32
N VAL K 285 -28.63 -4.36 -61.83
CA VAL K 285 -28.31 -4.27 -60.41
C VAL K 285 -28.42 -2.78 -60.02
N THR K 286 -28.16 -1.89 -60.99
CA THR K 286 -28.27 -0.44 -60.83
C THR K 286 -29.74 -0.08 -60.69
N ALA K 287 -30.62 -0.70 -61.50
CA ALA K 287 -32.07 -0.54 -61.39
C ALA K 287 -32.55 -1.06 -60.02
N ASN K 288 -32.15 -2.28 -59.67
CA ASN K 288 -32.50 -2.96 -58.42
C ASN K 288 -31.88 -2.33 -57.20
N PHE K 289 -30.70 -1.73 -57.32
CA PHE K 289 -30.07 -1.04 -56.19
C PHE K 289 -30.92 0.18 -55.86
N ASN K 290 -31.12 1.08 -56.87
CA ASN K 290 -31.92 2.29 -56.69
C ASN K 290 -33.37 2.04 -56.28
N SER K 291 -33.96 0.87 -56.65
CA SER K 291 -35.33 0.51 -56.28
C SER K 291 -35.43 0.07 -54.83
N TYR K 292 -34.36 -0.56 -54.32
CA TYR K 292 -34.26 -1.04 -52.95
C TYR K 292 -34.12 0.20 -52.07
N VAL K 293 -32.96 0.89 -52.19
CA VAL K 293 -32.56 2.09 -51.44
C VAL K 293 -33.66 3.16 -51.38
N GLU K 294 -34.26 3.50 -52.54
CA GLU K 294 -35.31 4.52 -52.69
C GLU K 294 -36.72 4.00 -52.35
N GLY K 295 -36.80 2.71 -52.03
CA GLY K 295 -38.04 2.00 -51.77
C GLY K 295 -38.71 2.24 -50.44
N ILE K 296 -40.04 2.24 -50.47
CA ILE K 296 -40.86 2.35 -49.26
C ILE K 296 -40.63 1.09 -48.37
N PRO K 297 -40.85 1.15 -47.03
CA PRO K 297 -40.58 -0.03 -46.18
C PRO K 297 -41.30 -1.33 -46.59
N ALA K 298 -42.54 -1.22 -47.08
CA ALA K 298 -43.34 -2.36 -47.54
C ALA K 298 -42.69 -3.01 -48.72
N PHE K 299 -42.12 -2.20 -49.64
CA PHE K 299 -41.43 -2.64 -50.86
C PHE K 299 -40.18 -3.47 -50.56
N ARG K 300 -39.30 -2.95 -49.67
CA ARG K 300 -38.05 -3.58 -49.27
C ARG K 300 -38.31 -4.92 -48.63
N ARG K 301 -39.37 -4.99 -47.78
CA ARG K 301 -39.84 -6.16 -47.07
C ARG K 301 -40.18 -7.22 -48.07
N HIS K 302 -40.94 -6.84 -49.10
CA HIS K 302 -41.37 -7.71 -50.18
C HIS K 302 -40.21 -8.14 -51.06
N GLU K 303 -39.29 -7.17 -51.39
CA GLU K 303 -38.07 -7.36 -52.17
C GLU K 303 -37.25 -8.50 -51.59
N ILE K 304 -36.91 -8.41 -50.29
CA ILE K 304 -36.15 -9.43 -49.60
C ILE K 304 -36.81 -10.81 -49.73
N ALA K 305 -38.05 -10.95 -49.19
CA ALA K 305 -38.83 -12.19 -49.22
C ALA K 305 -38.90 -12.83 -50.62
N ASN K 306 -39.21 -12.04 -51.67
CA ASN K 306 -39.28 -12.54 -53.04
C ASN K 306 -37.95 -12.95 -53.65
N PHE K 307 -36.83 -12.49 -53.08
CA PHE K 307 -35.51 -12.92 -53.54
C PHE K 307 -35.29 -14.29 -52.93
N LEU K 308 -35.71 -14.43 -51.67
CA LEU K 308 -35.57 -15.64 -50.89
C LEU K 308 -36.50 -16.74 -51.41
N LYS K 309 -37.75 -16.40 -51.77
CA LYS K 309 -38.64 -17.41 -52.34
C LYS K 309 -38.07 -17.84 -53.72
N LYS K 310 -37.80 -16.86 -54.61
CA LYS K 310 -37.25 -17.06 -55.96
C LYS K 310 -35.94 -17.83 -56.02
N ARG K 311 -34.93 -17.33 -55.28
CA ARG K 311 -33.55 -17.82 -55.31
C ARG K 311 -33.13 -18.85 -54.26
N LYS K 312 -33.84 -18.96 -53.12
CA LYS K 312 -33.40 -19.97 -52.16
C LYS K 312 -33.72 -21.36 -52.61
N THR K 313 -32.67 -22.15 -52.75
CA THR K 313 -32.73 -23.56 -53.10
C THR K 313 -31.97 -24.29 -51.96
N PRO K 314 -32.27 -25.58 -51.63
CA PRO K 314 -31.51 -26.26 -50.55
C PRO K 314 -30.00 -26.44 -50.85
N LYS K 315 -29.62 -26.38 -52.15
CA LYS K 315 -28.24 -26.45 -52.62
C LYS K 315 -27.52 -25.12 -52.39
N ASN K 316 -28.25 -23.96 -52.56
CA ASN K 316 -27.78 -22.57 -52.39
C ASN K 316 -27.80 -22.13 -50.92
N ALA K 317 -28.86 -22.54 -50.18
CA ALA K 317 -29.24 -22.31 -48.78
C ALA K 317 -28.23 -21.73 -47.76
N ASP K 318 -26.95 -22.16 -47.81
CA ASP K 318 -25.88 -21.73 -46.90
C ASP K 318 -25.19 -20.43 -47.31
N GLU K 319 -25.40 -19.95 -48.55
CA GLU K 319 -24.77 -18.72 -49.06
C GLU K 319 -25.15 -17.51 -48.21
N LEU K 320 -24.18 -16.59 -48.02
CA LEU K 320 -24.33 -15.39 -47.19
C LEU K 320 -25.50 -14.46 -47.56
N ILE K 321 -25.99 -14.57 -48.81
CA ILE K 321 -27.11 -13.81 -49.33
C ILE K 321 -28.46 -14.29 -48.76
N PHE K 322 -28.45 -15.52 -48.17
CA PHE K 322 -29.56 -16.22 -47.51
C PHE K 322 -29.44 -16.20 -45.96
N LYS K 323 -28.31 -15.63 -45.46
CA LYS K 323 -28.01 -15.47 -44.04
C LYS K 323 -28.22 -14.01 -43.69
N TYR K 324 -27.53 -13.14 -44.43
CA TYR K 324 -27.51 -11.70 -44.25
C TYR K 324 -28.30 -11.06 -45.33
N VAL K 325 -29.60 -11.38 -45.33
CA VAL K 325 -30.60 -10.93 -46.30
C VAL K 325 -30.85 -9.41 -46.42
N GLY K 326 -30.29 -8.59 -45.53
CA GLY K 326 -30.51 -7.16 -45.51
C GLY K 326 -31.60 -6.75 -44.55
N ARG K 327 -31.81 -5.43 -44.37
CA ARG K 327 -32.83 -4.91 -43.44
C ARG K 327 -33.85 -3.95 -44.05
N TRP K 328 -35.11 -4.44 -44.26
CA TRP K 328 -36.19 -3.64 -44.82
C TRP K 328 -36.48 -2.40 -43.95
N ASN K 329 -36.41 -2.61 -42.62
CA ASN K 329 -36.71 -1.64 -41.57
C ASN K 329 -35.84 -0.38 -41.50
N ILE K 330 -34.80 -0.29 -42.37
CA ILE K 330 -33.88 0.86 -42.51
C ILE K 330 -34.55 1.93 -43.44
N CYS K 331 -33.99 3.15 -43.49
CA CYS K 331 -34.49 4.28 -44.27
C CYS K 331 -33.32 5.02 -44.90
N TYR K 332 -33.47 5.48 -46.15
CA TYR K 332 -32.45 6.29 -46.82
C TYR K 332 -33.01 7.60 -47.33
N GLN K 333 -32.13 8.57 -47.58
CA GLN K 333 -32.50 9.88 -48.10
C GLN K 333 -31.60 10.18 -49.32
N LYS K 334 -32.19 10.30 -50.54
CA LYS K 334 -31.37 10.57 -51.72
C LYS K 334 -30.82 11.97 -51.62
N LYS K 335 -29.48 12.06 -51.44
CA LYS K 335 -28.77 13.33 -51.25
C LYS K 335 -28.18 13.98 -52.53
N PHE K 336 -27.80 13.17 -53.55
CA PHE K 336 -27.19 13.65 -54.79
C PHE K 336 -27.37 12.66 -55.94
N HIS K 337 -27.63 13.18 -57.17
CA HIS K 337 -27.74 12.35 -58.38
C HIS K 337 -27.37 13.11 -59.63
N GLN K 338 -26.48 12.51 -60.45
CA GLN K 338 -25.96 13.02 -61.73
C GLN K 338 -25.54 11.86 -62.61
N GLY K 339 -26.52 11.27 -63.31
CA GLY K 339 -26.38 10.12 -64.19
C GLY K 339 -25.53 8.98 -63.68
N ASN K 340 -26.13 7.99 -62.99
CA ASN K 340 -25.42 6.82 -62.42
C ASN K 340 -24.36 7.14 -61.31
N ILE K 341 -24.39 8.35 -60.75
CA ILE K 341 -23.54 8.72 -59.62
C ILE K 341 -24.50 9.18 -58.56
N SER K 342 -24.71 8.36 -57.53
CA SER K 342 -25.67 8.67 -56.46
C SER K 342 -25.05 8.64 -55.07
N ILE K 343 -25.61 9.47 -54.19
CA ILE K 343 -25.23 9.54 -52.79
C ILE K 343 -26.51 9.51 -52.03
N HIS K 344 -26.69 8.45 -51.26
CA HIS K 344 -27.80 8.31 -50.33
C HIS K 344 -27.16 8.28 -48.93
N GLN K 345 -27.99 8.47 -47.91
CA GLN K 345 -27.59 8.50 -46.52
C GLN K 345 -28.62 7.76 -45.66
N ILE K 346 -28.17 6.90 -44.71
CA ILE K 346 -29.12 6.23 -43.82
C ILE K 346 -29.83 7.32 -43.02
N SER K 347 -31.12 7.55 -43.37
CA SER K 347 -31.98 8.59 -42.79
C SER K 347 -32.68 8.17 -41.50
N GLY K 348 -32.95 6.87 -41.35
CA GLY K 348 -33.64 6.36 -40.17
C GLY K 348 -33.72 4.87 -40.02
N TYR K 349 -34.00 4.43 -38.79
CA TYR K 349 -34.17 3.02 -38.46
C TYR K 349 -35.49 2.93 -37.73
N LEU K 350 -36.37 1.97 -38.15
CA LEU K 350 -37.72 1.73 -37.62
C LEU K 350 -37.76 0.39 -36.86
N ASP K 351 -37.77 0.45 -35.52
CA ASP K 351 -37.78 -0.70 -34.61
C ASP K 351 -39.04 -0.77 -33.73
N ASP L 5 -32.94 -19.12 43.16
CA ASP L 5 -34.14 -18.57 43.79
C ASP L 5 -35.38 -18.70 42.89
N SER L 6 -35.23 -18.33 41.61
CA SER L 6 -36.31 -18.39 40.61
C SER L 6 -36.68 -19.86 40.28
N ILE L 7 -35.69 -20.78 40.43
CA ILE L 7 -35.78 -22.23 40.19
C ILE L 7 -36.69 -22.92 41.21
N ILE L 8 -36.58 -22.55 42.51
CA ILE L 8 -37.39 -23.15 43.60
C ILE L 8 -38.91 -23.07 43.30
N ARG L 9 -39.32 -22.01 42.56
CA ARG L 9 -40.69 -21.81 42.10
C ARG L 9 -41.03 -22.86 41.03
N ASP L 10 -40.12 -23.09 40.03
CA ASP L 10 -40.28 -24.08 38.95
C ASP L 10 -40.57 -25.51 39.43
N LEU L 11 -39.88 -25.96 40.51
CA LEU L 11 -40.05 -27.31 41.05
C LEU L 11 -41.37 -27.51 41.78
N GLU L 12 -41.81 -26.47 42.54
CA GLU L 12 -43.10 -26.48 43.26
C GLU L 12 -44.28 -26.47 42.26
N ARG L 13 -44.05 -25.86 41.05
CA ARG L 13 -45.00 -25.78 39.92
C ARG L 13 -45.02 -27.11 39.16
N GLU L 14 -43.93 -27.90 39.25
CA GLU L 14 -43.76 -29.19 38.61
C GLU L 14 -44.19 -30.39 39.48
N ASN L 15 -44.70 -30.11 40.71
CA ASN L 15 -45.15 -31.09 41.72
C ASN L 15 -44.00 -31.92 42.34
N VAL L 16 -42.74 -31.42 42.17
CA VAL L 16 -41.47 -31.97 42.68
C VAL L 16 -41.34 -31.76 44.21
N GLY L 17 -40.47 -32.54 44.84
CA GLY L 17 -40.19 -32.45 46.27
C GLY L 17 -39.40 -31.21 46.64
N PRO L 18 -39.66 -30.64 47.84
CA PRO L 18 -38.93 -29.42 48.25
C PRO L 18 -37.46 -29.68 48.59
N GLU L 19 -37.08 -30.96 48.72
CA GLU L 19 -35.73 -31.49 49.00
C GLU L 19 -34.66 -30.89 48.09
N PHE L 20 -35.08 -30.39 46.92
CA PHE L 20 -34.22 -29.81 45.90
C PHE L 20 -33.93 -28.33 46.10
N GLY L 21 -34.98 -27.54 46.36
CA GLY L 21 -34.89 -26.10 46.62
C GLY L 21 -34.25 -25.81 47.97
N GLU L 22 -34.52 -26.71 48.94
CA GLU L 22 -33.97 -26.68 50.29
C GLU L 22 -32.46 -26.84 50.19
N PHE L 23 -31.99 -27.63 49.21
CA PHE L 23 -30.58 -27.82 48.94
C PHE L 23 -29.95 -26.57 48.30
N LEU L 24 -30.65 -25.93 47.35
CA LEU L 24 -30.20 -24.71 46.64
C LEU L 24 -30.11 -23.53 47.57
N ASN L 25 -30.89 -23.57 48.68
CA ASN L 25 -30.86 -22.53 49.71
C ASN L 25 -29.74 -22.73 50.74
N THR L 26 -29.22 -23.97 50.87
CA THR L 26 -28.11 -24.28 51.77
C THR L 26 -26.80 -24.43 50.96
N LEU L 27 -26.91 -24.43 49.62
CA LEU L 27 -25.78 -24.56 48.70
C LEU L 27 -24.88 -23.34 48.67
N GLN L 28 -23.77 -23.41 49.45
CA GLN L 28 -22.74 -22.38 49.52
C GLN L 28 -21.43 -22.93 48.92
N THR L 29 -20.58 -22.03 48.41
CA THR L 29 -19.28 -22.38 47.82
C THR L 29 -18.25 -21.33 48.21
N ASP L 30 -17.26 -21.73 49.04
CA ASP L 30 -16.16 -20.88 49.48
C ASP L 30 -14.99 -21.13 48.51
N LEU L 31 -15.06 -20.49 47.32
CA LEU L 31 -14.09 -20.59 46.22
C LEU L 31 -12.74 -19.92 46.54
N ASN L 32 -12.52 -19.52 47.81
CA ASN L 32 -11.30 -18.93 48.37
C ASN L 32 -10.44 -20.02 49.03
N SER L 33 -11.08 -21.14 49.44
CA SER L 33 -10.46 -22.29 50.09
C SER L 33 -9.64 -23.17 49.11
N GLU L 34 -8.95 -24.17 49.67
CA GLU L 34 -8.11 -25.11 48.92
C GLU L 34 -8.89 -26.20 48.16
N LYS L 35 -10.01 -26.71 48.75
CA LYS L 35 -10.87 -27.75 48.13
C LYS L 35 -11.63 -27.14 46.94
N PRO L 36 -11.65 -27.79 45.76
CA PRO L 36 -12.34 -27.19 44.60
C PRO L 36 -13.86 -27.23 44.73
N PRO L 37 -14.56 -26.14 44.34
CA PRO L 37 -16.04 -26.13 44.43
C PRO L 37 -16.75 -27.40 43.97
N ILE L 38 -16.26 -28.09 42.91
CA ILE L 38 -16.85 -29.37 42.46
C ILE L 38 -17.05 -30.34 43.63
N GLU L 39 -16.03 -30.43 44.52
CA GLU L 39 -16.09 -31.31 45.66
C GLU L 39 -16.87 -30.77 46.84
N GLN L 40 -17.03 -29.44 46.91
CA GLN L 40 -17.82 -28.77 47.92
C GLN L 40 -19.30 -29.07 47.66
N VAL L 41 -19.73 -28.95 46.40
CA VAL L 41 -21.09 -29.28 45.99
C VAL L 41 -21.29 -30.80 46.07
N LYS L 42 -20.31 -31.57 45.55
CA LYS L 42 -20.33 -33.03 45.58
C LYS L 42 -20.53 -33.51 47.00
N SER L 43 -19.81 -32.91 47.95
CA SER L 43 -19.94 -33.26 49.36
C SER L 43 -21.30 -32.84 49.90
N GLN L 44 -21.75 -31.62 49.54
CA GLN L 44 -23.04 -31.11 50.00
C GLN L 44 -24.18 -32.04 49.57
N LEU L 45 -24.19 -32.42 48.28
CA LEU L 45 -25.15 -33.34 47.66
C LEU L 45 -25.28 -34.61 48.51
N GLU L 46 -24.20 -35.42 48.52
CA GLU L 46 -24.07 -36.70 49.24
C GLU L 46 -24.54 -36.64 50.70
N THR L 47 -24.40 -35.45 51.32
CA THR L 47 -24.76 -35.26 52.73
C THR L 47 -26.16 -34.62 52.95
N HIS L 48 -26.77 -34.02 51.90
CA HIS L 48 -28.14 -33.48 52.01
C HIS L 48 -29.13 -34.57 51.62
N PHE L 49 -28.75 -35.38 50.64
CA PHE L 49 -29.59 -36.43 50.10
C PHE L 49 -29.27 -37.84 50.62
N ASN L 50 -28.25 -37.98 51.51
CA ASN L 50 -27.78 -39.25 52.13
C ASN L 50 -27.65 -40.43 51.14
N LEU L 51 -27.07 -40.15 49.96
CA LEU L 51 -26.85 -41.09 48.87
C LEU L 51 -25.79 -42.16 49.21
N ALA L 52 -25.29 -42.15 50.46
CA ALA L 52 -24.29 -43.07 51.00
C ALA L 52 -24.59 -44.53 50.62
N HIS L 53 -25.81 -44.99 50.96
CA HIS L 53 -26.30 -46.32 50.71
C HIS L 53 -26.51 -46.59 49.20
N GLU L 54 -27.04 -45.58 48.49
CA GLU L 54 -27.32 -45.64 47.06
C GLU L 54 -26.04 -45.77 46.22
N THR L 55 -24.92 -45.14 46.68
CA THR L 55 -23.62 -45.21 45.99
C THR L 55 -23.00 -46.57 46.27
N GLN L 56 -23.14 -47.06 47.53
CA GLN L 56 -22.61 -48.34 47.98
C GLN L 56 -23.29 -49.47 47.22
N GLU L 57 -24.64 -49.55 47.27
CA GLU L 57 -25.44 -50.56 46.58
C GLU L 57 -25.28 -50.53 45.02
N PHE L 58 -25.13 -49.32 44.40
CA PHE L 58 -24.91 -49.14 42.96
C PHE L 58 -23.62 -49.84 42.52
N SER L 59 -22.61 -49.88 43.42
CA SER L 59 -21.35 -50.58 43.20
C SER L 59 -21.59 -52.07 43.49
N ARG L 60 -22.14 -52.41 44.68
CA ARG L 60 -22.45 -53.77 45.18
C ARG L 60 -23.23 -54.63 44.16
N LYS L 61 -24.24 -54.03 43.53
CA LYS L 61 -25.08 -54.72 42.57
C LYS L 61 -24.51 -54.75 41.14
N ASN L 62 -23.19 -54.48 41.06
CA ASN L 62 -22.41 -54.42 39.82
C ASN L 62 -21.04 -55.06 40.07
N ASP L 63 -20.98 -55.91 41.12
CA ASP L 63 -19.77 -56.62 41.56
C ASP L 63 -18.68 -55.61 41.88
N ASN L 64 -18.82 -54.94 43.03
CA ASN L 64 -17.91 -53.93 43.58
C ASN L 64 -17.18 -52.98 42.61
N ALA L 65 -17.79 -52.72 41.42
CA ALA L 65 -17.28 -51.84 40.40
C ALA L 65 -17.07 -50.41 40.96
N PRO L 66 -15.81 -49.88 41.00
CA PRO L 66 -15.62 -48.51 41.56
C PRO L 66 -16.29 -47.40 40.75
N VAL L 67 -17.56 -47.11 41.09
CA VAL L 67 -18.43 -46.10 40.47
C VAL L 67 -17.84 -44.68 40.65
N ASP L 68 -17.23 -44.46 41.84
CA ASP L 68 -16.54 -43.25 42.24
C ASP L 68 -15.29 -43.01 41.36
N LYS L 69 -14.57 -44.09 40.96
CA LYS L 69 -13.32 -43.95 40.22
C LYS L 69 -13.26 -44.64 38.84
N LEU L 70 -14.43 -44.91 38.18
CA LEU L 70 -14.54 -45.61 36.86
C LEU L 70 -13.44 -45.29 35.85
N LEU L 71 -13.39 -44.01 35.40
CA LEU L 71 -12.40 -43.49 34.44
C LEU L 71 -11.02 -43.58 35.10
N THR L 72 -10.87 -42.91 36.27
CA THR L 72 -9.69 -42.86 37.13
C THR L 72 -8.86 -44.15 37.20
N ASN L 73 -9.45 -45.29 37.67
CA ASN L 73 -8.75 -46.58 37.81
C ASN L 73 -8.16 -47.01 36.47
N TYR L 74 -9.06 -47.07 35.47
CA TYR L 74 -8.80 -47.51 34.12
C TYR L 74 -7.72 -46.77 33.34
N TYR L 75 -7.91 -45.47 33.07
CA TYR L 75 -6.95 -44.67 32.29
C TYR L 75 -5.79 -44.25 33.14
N ASN L 76 -4.71 -43.82 32.49
CA ASN L 76 -3.56 -43.23 33.17
C ASN L 76 -3.95 -41.74 33.37
N ASN L 77 -3.11 -40.95 34.02
CA ASN L 77 -3.45 -39.53 34.20
C ASN L 77 -3.62 -38.84 32.83
N TYR L 78 -2.72 -39.10 31.87
CA TYR L 78 -2.80 -38.53 30.53
C TYR L 78 -4.12 -38.86 29.81
N GLU L 79 -4.42 -40.15 29.51
CA GLU L 79 -5.63 -40.64 28.80
C GLU L 79 -6.92 -39.92 29.22
N VAL L 80 -7.17 -39.87 30.54
CA VAL L 80 -8.38 -39.27 31.09
C VAL L 80 -8.40 -37.72 30.99
N ASN L 81 -7.21 -37.09 30.96
CA ASN L 81 -7.01 -35.64 30.87
C ASN L 81 -6.86 -35.14 29.42
N VAL L 82 -7.01 -36.04 28.48
CA VAL L 82 -6.92 -35.77 27.06
C VAL L 82 -8.36 -35.71 26.46
N LEU L 83 -9.31 -36.48 27.08
CA LEU L 83 -10.74 -36.52 26.73
C LEU L 83 -11.33 -35.10 26.85
N GLU L 84 -11.71 -34.48 25.72
CA GLU L 84 -12.19 -33.09 25.74
C GLU L 84 -13.63 -32.77 25.31
N PHE L 85 -14.31 -33.70 24.64
CA PHE L 85 -15.71 -33.52 24.27
C PHE L 85 -16.51 -34.74 24.76
N VAL L 86 -17.00 -34.64 25.98
CA VAL L 86 -17.76 -35.67 26.67
C VAL L 86 -19.22 -35.48 26.27
N LEU L 87 -19.95 -36.58 26.03
CA LEU L 87 -21.38 -36.50 25.72
C LEU L 87 -22.23 -37.55 26.45
N GLN L 88 -22.78 -37.14 27.59
CA GLN L 88 -23.63 -37.98 28.45
C GLN L 88 -25.07 -38.04 27.91
N MET L 89 -25.47 -39.28 27.53
CA MET L 89 -26.78 -39.58 26.99
C MET L 89 -27.79 -39.90 28.10
N GLY L 90 -28.17 -38.85 28.82
CA GLY L 90 -29.15 -38.89 29.90
C GLY L 90 -28.77 -39.61 31.18
N PHE L 91 -29.78 -39.75 32.04
CA PHE L 91 -29.70 -40.39 33.35
C PHE L 91 -30.08 -41.86 33.31
N SER L 92 -29.74 -42.57 34.39
CA SER L 92 -30.08 -43.98 34.55
C SER L 92 -31.39 -44.02 35.34
N ARG L 93 -32.43 -44.69 34.81
CA ARG L 93 -33.69 -44.82 35.52
C ARG L 93 -33.48 -45.46 36.90
N ASP L 94 -32.51 -46.40 37.02
CA ASP L 94 -32.13 -47.13 38.24
C ASP L 94 -31.58 -46.23 39.37
N LEU L 95 -30.93 -45.10 39.03
CA LEU L 95 -30.38 -44.16 40.03
C LEU L 95 -31.34 -42.99 40.32
N SER L 96 -31.29 -42.44 41.56
CA SER L 96 -32.06 -41.24 41.94
C SER L 96 -31.43 -40.00 41.29
N ILE L 97 -32.26 -38.96 41.04
CA ILE L 97 -31.80 -37.72 40.43
C ILE L 97 -30.61 -37.15 41.22
N PRO L 98 -30.66 -37.02 42.58
CA PRO L 98 -29.46 -36.57 43.33
C PRO L 98 -28.20 -37.40 43.06
N LEU L 99 -28.34 -38.75 42.93
CA LEU L 99 -27.19 -39.62 42.62
C LEU L 99 -26.76 -39.43 41.18
N ASN L 100 -27.73 -39.21 40.28
CA ASN L 100 -27.47 -38.97 38.87
C ASN L 100 -26.60 -37.70 38.65
N VAL L 101 -26.99 -36.56 39.31
CA VAL L 101 -26.30 -35.25 39.30
C VAL L 101 -24.89 -35.41 39.89
N TRP L 102 -24.80 -36.09 41.04
CA TRP L 102 -23.57 -36.40 41.76
C TRP L 102 -22.59 -37.12 40.84
N PHE L 103 -23.11 -38.10 40.07
CA PHE L 103 -22.35 -38.90 39.14
C PHE L 103 -21.74 -38.05 38.00
N VAL L 104 -22.46 -36.98 37.55
CA VAL L 104 -22.01 -36.03 36.51
C VAL L 104 -20.82 -35.19 37.07
N LEU L 105 -20.94 -34.75 38.34
CA LEU L 105 -19.92 -33.95 39.04
C LEU L 105 -18.68 -34.80 39.29
N ASP L 106 -18.90 -36.07 39.63
CA ASP L 106 -17.82 -37.03 39.88
C ASP L 106 -17.05 -37.32 38.58
N MET L 107 -17.78 -37.46 37.47
CA MET L 107 -17.26 -37.68 36.14
C MET L 107 -16.44 -36.46 35.73
N ILE L 108 -17.02 -35.23 35.88
CA ILE L 108 -16.39 -33.95 35.55
C ILE L 108 -15.06 -33.79 36.32
N SER L 109 -15.08 -34.13 37.64
CA SER L 109 -13.90 -34.08 38.50
C SER L 109 -12.87 -35.16 38.13
N GLN L 110 -13.35 -36.28 37.56
CA GLN L 110 -12.49 -37.38 37.10
C GLN L 110 -11.71 -36.98 35.82
N LEU L 111 -12.17 -35.90 35.12
CA LEU L 111 -11.54 -35.38 33.89
C LEU L 111 -10.83 -34.04 34.12
N SER L 112 -10.61 -33.63 35.37
CA SER L 112 -9.99 -32.31 35.58
C SER L 112 -8.91 -32.27 36.65
N THR L 113 -8.11 -33.34 36.73
CA THR L 113 -7.04 -33.43 37.71
C THR L 113 -5.86 -32.54 37.35
N SER L 114 -5.22 -32.77 36.17
CA SER L 114 -4.06 -31.98 35.75
C SER L 114 -4.38 -30.58 35.27
N LYS L 115 -3.50 -29.65 35.67
CA LYS L 115 -3.51 -28.23 35.30
C LYS L 115 -2.76 -28.02 33.93
N GLN L 116 -2.46 -29.13 33.22
CA GLN L 116 -1.77 -29.15 31.92
C GLN L 116 -2.68 -29.79 30.86
N ASP L 117 -3.98 -29.48 30.95
CA ASP L 117 -5.02 -29.96 30.06
C ASP L 117 -5.57 -28.86 29.16
N LEU L 118 -6.06 -29.27 28.00
CA LEU L 118 -6.73 -28.40 27.06
C LEU L 118 -8.19 -28.19 27.57
N PRO L 119 -8.99 -27.19 27.11
CA PRO L 119 -10.36 -27.08 27.63
C PRO L 119 -11.26 -28.28 27.33
N LEU L 120 -12.29 -28.43 28.16
CA LEU L 120 -13.27 -29.50 28.09
C LEU L 120 -14.64 -28.87 27.85
N ASP L 121 -15.46 -29.54 27.01
CA ASP L 121 -16.86 -29.23 26.71
C ASP L 121 -17.66 -30.44 27.16
N TYR L 122 -18.59 -30.25 28.12
CA TYR L 122 -19.38 -31.36 28.62
C TYR L 122 -20.86 -31.21 28.19
N TYR L 123 -21.42 -32.22 27.47
CA TYR L 123 -22.81 -32.22 27.00
C TYR L 123 -23.72 -33.18 27.77
N LEU L 124 -24.58 -32.63 28.64
CA LEU L 124 -25.50 -33.46 29.40
C LEU L 124 -26.88 -33.31 28.81
N VAL L 125 -27.40 -34.41 28.20
CA VAL L 125 -28.75 -34.47 27.60
C VAL L 125 -29.79 -34.99 28.63
N LEU L 126 -30.87 -34.24 28.90
CA LEU L 126 -31.96 -34.69 29.79
C LEU L 126 -33.18 -35.05 28.90
N ASN L 127 -33.04 -36.19 28.19
CA ASN L 127 -33.92 -36.75 27.14
C ASN L 127 -35.40 -37.01 27.38
N ASN L 128 -35.81 -37.27 28.63
CA ASN L 128 -37.21 -37.58 28.99
C ASN L 128 -37.89 -36.43 29.78
N SER L 129 -39.19 -36.56 30.13
CA SER L 129 -39.92 -35.54 30.90
C SER L 129 -39.53 -35.60 32.40
N GLN L 130 -39.50 -36.84 32.96
CA GLN L 130 -39.18 -37.27 34.34
C GLN L 130 -37.82 -36.77 34.90
N THR L 131 -36.91 -36.31 34.01
CA THR L 131 -35.58 -35.77 34.35
C THR L 131 -35.42 -34.34 33.86
N GLY L 132 -36.03 -34.04 32.70
CA GLY L 132 -36.00 -32.74 32.02
C GLY L 132 -36.38 -31.55 32.88
N LYS L 133 -37.26 -31.78 33.88
CA LYS L 133 -37.72 -30.74 34.81
C LYS L 133 -36.79 -30.53 35.99
N TYR L 134 -35.53 -30.98 35.85
CA TYR L 134 -34.46 -30.82 36.83
C TYR L 134 -33.26 -30.05 36.20
N SER L 135 -33.37 -29.66 34.89
CA SER L 135 -32.36 -28.93 34.09
C SER L 135 -31.78 -27.70 34.79
N ASP L 136 -32.64 -26.80 35.30
CA ASP L 136 -32.22 -25.59 35.98
C ASP L 136 -31.56 -25.90 37.32
N PHE L 137 -32.04 -26.94 38.03
CA PHE L 137 -31.44 -27.40 39.30
C PHE L 137 -30.01 -27.89 38.98
N VAL L 138 -29.86 -28.83 38.03
CA VAL L 138 -28.57 -29.33 37.57
C VAL L 138 -27.65 -28.14 37.20
N ARG L 139 -28.11 -27.26 36.29
CA ARG L 139 -27.39 -26.07 35.81
C ARG L 139 -26.88 -25.19 36.94
N TYR L 140 -27.73 -24.91 37.95
CA TYR L 140 -27.36 -24.07 39.09
C TYR L 140 -26.25 -24.65 39.93
N LEU L 141 -26.23 -26.00 40.07
CA LEU L 141 -25.19 -26.68 40.85
C LEU L 141 -23.88 -26.62 40.08
N ILE L 142 -23.98 -26.82 38.74
CA ILE L 142 -22.87 -26.75 37.80
C ILE L 142 -22.24 -25.37 37.87
N TYR L 143 -23.09 -24.32 37.80
CA TYR L 143 -22.74 -22.90 37.93
C TYR L 143 -21.87 -22.64 39.17
N GLU L 144 -22.06 -23.44 40.22
CA GLU L 144 -21.35 -23.33 41.48
C GLU L 144 -20.10 -24.21 41.54
N ALA L 145 -20.16 -25.39 40.92
CA ALA L 145 -19.04 -26.34 40.88
C ALA L 145 -17.87 -25.81 40.05
N VAL L 146 -18.23 -25.13 38.93
CA VAL L 146 -17.31 -24.50 37.99
C VAL L 146 -17.03 -23.07 38.44
N GLY L 147 -17.94 -22.53 39.26
CA GLY L 147 -17.85 -21.15 39.76
C GLY L 147 -17.79 -20.18 38.61
N ALA L 148 -18.93 -20.02 37.90
CA ALA L 148 -19.03 -19.14 36.73
C ALA L 148 -18.95 -17.62 37.08
N GLU L 149 -18.18 -17.31 38.15
CA GLU L 149 -17.86 -15.96 38.64
C GLU L 149 -16.41 -15.68 38.19
N ILE L 150 -16.26 -15.59 36.84
CA ILE L 150 -15.02 -15.33 36.10
C ILE L 150 -15.28 -14.27 35.01
N HIS L 151 -16.01 -14.65 33.92
CA HIS L 151 -16.37 -13.79 32.78
C HIS L 151 -15.16 -13.15 32.07
N LEU L 176 -27.82 -16.64 36.38
CA LEU L 176 -27.32 -17.29 35.16
C LEU L 176 -28.35 -17.36 34.02
N ALA L 177 -27.85 -17.57 32.77
CA ALA L 177 -28.62 -17.69 31.52
C ALA L 177 -29.82 -18.65 31.63
N ASN L 178 -30.94 -18.29 31.00
CA ASN L 178 -32.17 -19.09 31.00
C ASN L 178 -31.94 -20.28 30.10
N ARG L 179 -31.21 -20.01 29.04
CA ARG L 179 -30.85 -20.91 27.96
C ARG L 179 -29.40 -20.53 27.64
N GLY L 180 -28.46 -21.46 27.86
CA GLY L 180 -27.05 -21.21 27.60
C GLY L 180 -26.06 -22.15 28.25
N PRO L 181 -24.79 -22.16 27.75
CA PRO L 181 -23.78 -23.05 28.34
C PRO L 181 -23.02 -22.42 29.51
N ILE L 182 -22.82 -23.21 30.57
CA ILE L 182 -22.08 -22.75 31.75
C ILE L 182 -20.57 -22.89 31.54
N ARG L 183 -19.85 -21.77 31.66
CA ARG L 183 -18.40 -21.73 31.51
C ARG L 183 -17.74 -21.38 32.86
N GLY L 184 -16.74 -22.18 33.22
CA GLY L 184 -15.92 -22.01 34.41
C GLY L 184 -14.64 -22.82 34.36
N ASN L 185 -13.95 -22.88 35.51
CA ASN L 185 -12.75 -23.67 35.74
C ASN L 185 -13.17 -24.75 36.73
N VAL L 186 -12.68 -25.98 36.58
CA VAL L 186 -13.15 -27.07 37.43
C VAL L 186 -12.06 -28.03 37.87
N GLY L 187 -12.35 -28.74 38.95
CA GLY L 187 -11.49 -29.75 39.53
C GLY L 187 -10.26 -29.17 40.20
N ALA L 188 -9.26 -30.05 40.38
CA ALA L 188 -7.96 -29.79 41.00
C ALA L 188 -6.96 -29.12 40.05
N GLY L 189 -7.25 -29.11 38.75
CA GLY L 189 -6.39 -28.46 37.77
C GLY L 189 -6.96 -27.13 37.31
N ASP L 190 -8.15 -26.78 37.88
CA ASP L 190 -8.95 -25.60 37.55
C ASP L 190 -9.07 -25.54 36.05
N ARG L 191 -9.34 -26.71 35.46
CA ARG L 191 -9.44 -26.89 34.03
C ARG L 191 -10.64 -26.13 33.49
N LYS L 192 -10.46 -25.42 32.37
CA LYS L 192 -11.58 -24.72 31.75
C LYS L 192 -12.60 -25.75 31.22
N ILE L 193 -13.82 -25.63 31.72
CA ILE L 193 -14.94 -26.48 31.34
C ILE L 193 -15.94 -25.58 30.67
N THR L 194 -16.61 -26.09 29.67
CA THR L 194 -17.68 -25.38 29.02
C THR L 194 -18.82 -26.39 28.85
N PHE L 195 -19.69 -26.43 29.90
CA PHE L 195 -20.83 -27.34 30.12
C PHE L 195 -22.11 -26.84 29.46
N HIS L 196 -22.86 -27.74 28.74
CA HIS L 196 -24.11 -27.45 28.02
C HIS L 196 -25.25 -28.44 28.35
N LEU L 197 -26.34 -27.96 28.97
CA LEU L 197 -27.52 -28.79 29.30
C LEU L 197 -28.59 -28.71 28.19
N LEU L 198 -28.70 -29.81 27.42
CA LEU L 198 -29.64 -29.97 26.32
C LEU L 198 -30.89 -30.68 26.84
N CYS L 199 -32.02 -30.00 26.80
CA CYS L 199 -33.32 -30.49 27.27
C CYS L 199 -34.49 -29.96 26.41
N LYS L 200 -35.71 -30.51 26.63
CA LYS L 200 -36.92 -30.11 25.90
C LYS L 200 -37.31 -28.63 26.12
N LYS L 201 -36.98 -28.05 27.30
CA LYS L 201 -37.28 -26.65 27.68
C LYS L 201 -36.43 -25.64 26.86
N THR L 202 -35.08 -25.81 26.88
CA THR L 202 -34.13 -25.01 26.10
C THR L 202 -34.51 -25.12 24.59
N ALA L 203 -34.94 -26.34 24.17
CA ALA L 203 -35.42 -26.71 22.84
C ALA L 203 -36.70 -25.96 22.51
N ARG L 204 -37.61 -25.89 23.51
CA ARG L 204 -38.89 -25.18 23.45
C ARG L 204 -38.66 -23.67 23.26
N MET L 205 -37.67 -23.09 23.99
CA MET L 205 -37.29 -21.68 23.89
C MET L 205 -36.74 -21.37 22.48
N ILE L 206 -35.79 -22.22 22.03
CA ILE L 206 -35.13 -22.15 20.72
C ILE L 206 -36.15 -22.02 19.56
N LEU L 207 -37.20 -22.86 19.58
CA LEU L 207 -38.19 -22.89 18.51
C LEU L 207 -39.10 -21.68 18.45
N VAL L 208 -39.63 -21.25 19.59
CA VAL L 208 -40.53 -20.09 19.58
C VAL L 208 -39.82 -18.73 19.70
N GLY L 209 -38.49 -18.76 19.49
CA GLY L 209 -37.61 -17.59 19.51
C GLY L 209 -37.64 -16.79 20.78
N ASP L 210 -37.45 -17.48 21.93
CA ASP L 210 -37.43 -16.93 23.28
C ASP L 210 -38.75 -16.29 23.77
N ASP L 211 -39.88 -16.53 23.07
CA ASP L 211 -41.20 -16.01 23.44
C ASP L 211 -41.63 -16.59 24.79
N ARG L 212 -42.34 -15.77 25.58
CA ARG L 212 -42.86 -16.07 26.90
C ARG L 212 -43.59 -17.43 26.98
N GLU L 213 -44.59 -17.69 26.08
CA GLU L 213 -45.38 -18.95 26.06
C GLU L 213 -44.74 -20.10 25.30
N THR L 214 -44.36 -21.15 26.07
CA THR L 214 -43.71 -22.36 25.55
C THR L 214 -44.48 -23.65 25.91
N ASP L 215 -45.73 -23.54 26.43
CA ASP L 215 -46.50 -24.75 26.80
C ASP L 215 -47.29 -25.46 25.69
N PHE L 216 -46.53 -26.04 24.73
CA PHE L 216 -46.98 -26.88 23.61
C PHE L 216 -46.29 -28.23 23.82
N GLU L 217 -46.99 -29.37 23.59
CA GLU L 217 -46.42 -30.70 23.84
C GLU L 217 -45.31 -31.11 22.87
N MET L 218 -44.18 -31.57 23.44
CA MET L 218 -43.02 -31.95 22.66
C MET L 218 -42.66 -33.41 22.90
N SER L 219 -42.74 -34.22 21.84
CA SER L 219 -42.45 -35.65 21.82
C SER L 219 -40.98 -35.87 22.13
N ASP L 220 -40.65 -36.98 22.81
CA ASP L 220 -39.25 -37.32 23.07
C ASP L 220 -38.57 -37.68 21.73
N ARG L 221 -39.33 -38.39 20.83
CA ARG L 221 -38.93 -38.79 19.46
C ARG L 221 -38.56 -37.54 18.67
N SER L 222 -39.26 -36.41 18.97
CA SER L 222 -39.06 -35.09 18.35
C SER L 222 -37.84 -34.40 18.92
N PHE L 223 -37.46 -34.75 20.16
CA PHE L 223 -36.32 -34.13 20.82
C PHE L 223 -34.96 -34.54 20.24
N VAL L 224 -34.85 -35.78 19.77
CA VAL L 224 -33.61 -36.28 19.18
C VAL L 224 -33.30 -35.60 17.83
N THR L 225 -34.33 -35.48 16.96
CA THR L 225 -34.19 -34.85 15.65
C THR L 225 -33.87 -33.37 15.81
N LEU L 226 -34.40 -32.74 16.86
CA LEU L 226 -34.13 -31.32 17.05
C LEU L 226 -32.71 -31.11 17.60
N LEU L 227 -32.24 -32.06 18.44
CA LEU L 227 -30.87 -32.03 18.97
C LEU L 227 -29.90 -32.23 17.81
N LEU L 228 -30.32 -33.06 16.83
CA LEU L 228 -29.60 -33.33 15.59
C LEU L 228 -29.58 -32.06 14.74
N ASP L 229 -30.73 -31.34 14.69
CA ASP L 229 -30.89 -30.11 13.92
C ASP L 229 -30.01 -28.95 14.37
N TYR L 230 -29.70 -28.86 15.69
CA TYR L 230 -28.84 -27.80 16.24
C TYR L 230 -27.38 -28.01 15.83
N TYR L 231 -26.86 -29.25 15.98
CA TYR L 231 -25.50 -29.66 15.57
C TYR L 231 -25.29 -29.41 14.06
N GLN L 232 -26.35 -29.60 13.24
CA GLN L 232 -26.31 -29.37 11.79
C GLN L 232 -26.32 -27.88 11.42
N ARG L 233 -27.07 -27.05 12.20
CA ARG L 233 -27.20 -25.59 12.02
C ARG L 233 -25.99 -24.82 12.55
N VAL L 234 -25.39 -25.27 13.67
CA VAL L 234 -24.21 -24.67 14.28
C VAL L 234 -22.93 -25.02 13.50
N GLY L 235 -23.05 -26.05 12.63
CA GLY L 235 -21.99 -26.58 11.79
C GLY L 235 -20.86 -27.22 12.57
N THR L 236 -21.16 -27.62 13.85
CA THR L 236 -20.24 -28.22 14.84
C THR L 236 -19.49 -29.41 14.25
N THR L 237 -18.13 -29.34 14.29
CA THR L 237 -17.26 -30.38 13.74
C THR L 237 -16.16 -30.85 14.74
N LYS L 238 -16.58 -31.05 16.02
CA LYS L 238 -15.76 -31.57 17.13
C LYS L 238 -16.26 -33.00 17.44
N LYS L 239 -15.33 -33.96 17.64
CA LYS L 239 -15.71 -35.37 17.80
C LYS L 239 -15.82 -35.85 19.20
N ILE L 240 -16.92 -36.56 19.48
CA ILE L 240 -17.15 -37.10 20.81
C ILE L 240 -16.03 -38.08 21.15
N ASP L 241 -15.30 -37.85 22.27
CA ASP L 241 -14.20 -38.71 22.69
C ASP L 241 -14.50 -39.59 23.89
N LEU L 242 -15.54 -39.25 24.65
CA LEU L 242 -16.03 -40.07 25.77
C LEU L 242 -17.56 -39.99 25.73
N LEU L 243 -18.23 -41.14 25.58
CA LEU L 243 -19.69 -41.25 25.49
C LEU L 243 -20.19 -41.92 26.73
N LEU L 244 -21.17 -41.31 27.40
CA LEU L 244 -21.76 -41.95 28.53
C LEU L 244 -23.13 -42.43 28.11
N LEU L 245 -23.28 -43.74 28.12
CA LEU L 245 -24.50 -44.42 27.72
C LEU L 245 -25.17 -45.04 28.96
N THR L 246 -26.51 -45.22 28.93
CA THR L 246 -27.28 -45.75 30.07
C THR L 246 -28.72 -46.13 29.70
N ASN L 247 -29.52 -46.51 30.72
CA ASN L 247 -30.94 -46.86 30.62
C ASN L 247 -31.84 -45.69 31.08
N ASN L 248 -32.25 -44.88 30.10
CA ASN L 248 -33.09 -43.68 30.26
C ASN L 248 -34.57 -44.07 30.43
N PHE L 249 -35.45 -43.08 30.52
CA PHE L 249 -36.88 -43.31 30.51
C PHE L 249 -37.33 -43.19 29.03
N ASP L 250 -38.61 -43.55 28.70
CA ASP L 250 -39.18 -43.56 27.33
C ASP L 250 -38.34 -44.41 26.37
N THR L 251 -37.86 -45.58 26.84
CA THR L 251 -37.00 -46.51 26.08
C THR L 251 -37.47 -46.87 24.68
N ASN L 252 -38.75 -46.64 24.35
CA ASN L 252 -39.32 -46.88 23.02
C ASN L 252 -38.71 -45.87 22.03
N MET L 253 -38.31 -44.67 22.52
CA MET L 253 -37.66 -43.60 21.75
C MET L 253 -36.18 -43.34 22.16
N ASN L 254 -35.90 -43.38 23.49
CA ASN L 254 -34.60 -43.12 24.11
C ASN L 254 -33.88 -44.42 24.53
N ASN L 255 -33.67 -45.30 23.55
CA ASN L 255 -33.00 -46.60 23.68
C ASN L 255 -31.48 -46.39 23.67
N LYS L 256 -30.72 -47.24 24.41
CA LYS L 256 -29.25 -47.21 24.52
C LYS L 256 -28.52 -47.58 23.18
N LEU L 257 -28.85 -48.73 22.59
CA LEU L 257 -28.25 -49.21 21.35
C LEU L 257 -28.51 -48.25 20.18
N GLN L 258 -29.80 -47.88 19.91
CA GLN L 258 -30.21 -46.97 18.83
C GLN L 258 -29.53 -45.61 18.99
N GLN L 259 -29.44 -45.08 20.26
CA GLN L 259 -28.74 -43.82 20.63
C GLN L 259 -27.32 -43.85 20.04
N LEU L 260 -26.59 -44.99 20.18
CA LEU L 260 -25.22 -45.19 19.69
C LEU L 260 -25.16 -45.26 18.16
N LYS L 261 -26.07 -46.07 17.56
CA LYS L 261 -26.23 -46.32 16.11
C LYS L 261 -26.51 -45.03 15.31
N ILE L 262 -26.86 -43.93 15.98
CA ILE L 262 -27.14 -42.62 15.40
C ILE L 262 -25.87 -41.77 15.45
N LEU L 263 -25.10 -41.86 16.54
CA LEU L 263 -23.83 -41.12 16.66
C LEU L 263 -22.77 -41.80 15.74
N GLU L 264 -22.96 -43.12 15.48
CA GLU L 264 -22.17 -43.95 14.56
C GLU L 264 -22.48 -43.56 13.13
N SER L 265 -23.78 -43.39 12.82
CA SER L 265 -24.29 -43.06 11.49
C SER L 265 -23.92 -41.68 11.02
N LEU L 266 -23.97 -40.71 11.92
CA LEU L 266 -23.74 -39.29 11.64
C LEU L 266 -22.28 -38.85 11.64
N ASN L 267 -21.34 -39.74 12.06
CA ASN L 267 -19.91 -39.45 12.13
C ASN L 267 -19.73 -38.32 13.19
N MET L 268 -19.92 -38.69 14.47
CA MET L 268 -19.86 -37.76 15.60
C MET L 268 -18.88 -38.22 16.69
N LEU L 269 -18.50 -39.49 16.63
CA LEU L 269 -17.57 -40.09 17.58
C LEU L 269 -16.18 -40.11 16.97
N LYS L 270 -15.15 -39.78 17.79
CA LYS L 270 -13.73 -39.74 17.42
C LYS L 270 -13.27 -41.06 16.82
N SER L 271 -12.11 -41.07 16.13
CA SER L 271 -11.53 -42.29 15.54
C SER L 271 -11.27 -43.40 16.61
N ASN L 272 -11.00 -43.00 17.88
CA ASN L 272 -10.74 -43.92 19.00
C ASN L 272 -11.63 -43.60 20.21
N CYS L 273 -12.91 -43.26 19.96
CA CYS L 273 -13.86 -42.88 21.02
C CYS L 273 -14.15 -43.94 22.06
N TYR L 274 -14.38 -43.50 23.32
CA TYR L 274 -14.74 -44.39 24.43
C TYR L 274 -16.25 -44.36 24.70
N VAL L 275 -16.86 -45.54 24.98
CA VAL L 275 -18.29 -45.70 25.25
C VAL L 275 -18.46 -46.41 26.61
N LEU L 276 -19.04 -45.69 27.61
CA LEU L 276 -19.27 -46.20 28.98
C LEU L 276 -20.77 -46.38 29.21
N ASP L 277 -21.22 -47.63 29.46
CA ASP L 277 -22.63 -47.97 29.68
C ASP L 277 -23.01 -48.44 31.10
N TYR L 278 -22.99 -47.49 32.03
CA TYR L 278 -23.34 -47.71 33.44
C TYR L 278 -24.85 -47.89 33.62
N GLN L 279 -25.26 -48.76 34.59
CA GLN L 279 -26.63 -49.07 35.04
C GLN L 279 -26.64 -50.08 36.21
N ILE L 280 -27.83 -50.56 36.63
CA ILE L 280 -28.02 -51.58 37.68
C ILE L 280 -28.88 -52.73 37.15
N THR L 281 -30.19 -52.47 36.84
CA THR L 281 -31.20 -53.41 36.31
C THR L 281 -30.82 -53.93 34.90
N VAL L 282 -30.98 -55.25 34.67
CA VAL L 282 -30.59 -55.86 33.40
C VAL L 282 -31.77 -56.13 32.52
N ASP L 283 -31.69 -55.62 31.29
CA ASP L 283 -32.69 -55.69 30.23
C ASP L 283 -32.12 -56.35 28.98
N GLN L 284 -33.01 -56.64 28.01
CA GLN L 284 -32.64 -57.22 26.70
C GLN L 284 -31.84 -56.14 25.92
N VAL L 285 -32.26 -54.89 26.04
CA VAL L 285 -31.61 -53.77 25.38
C VAL L 285 -30.12 -53.71 25.81
N THR L 286 -29.80 -54.10 27.06
CA THR L 286 -28.41 -54.14 27.54
C THR L 286 -27.68 -55.35 26.95
N ALA L 287 -28.40 -56.48 26.79
CA ALA L 287 -27.86 -57.71 26.19
C ALA L 287 -27.68 -57.58 24.67
N ASN L 288 -28.61 -56.86 24.00
CA ASN L 288 -28.56 -56.56 22.59
C ASN L 288 -27.45 -55.56 22.34
N PHE L 289 -27.24 -54.63 23.28
CA PHE L 289 -26.19 -53.62 23.13
C PHE L 289 -24.82 -54.29 23.04
N ASN L 290 -24.41 -55.01 24.12
CA ASN L 290 -23.12 -55.69 24.26
C ASN L 290 -22.85 -56.68 23.15
N SER L 291 -23.91 -57.37 22.69
CA SER L 291 -23.81 -58.32 21.58
C SER L 291 -23.41 -57.60 20.30
N TYR L 292 -24.02 -56.43 19.99
CA TYR L 292 -23.76 -55.64 18.78
C TYR L 292 -22.37 -55.05 18.77
N VAL L 293 -22.04 -54.33 19.86
CA VAL L 293 -20.78 -53.63 20.10
C VAL L 293 -19.61 -54.62 20.21
N GLU L 294 -19.84 -55.81 20.80
CA GLU L 294 -18.76 -56.81 20.89
C GLU L 294 -18.74 -57.85 19.73
N GLY L 295 -19.75 -57.80 18.86
CA GLY L 295 -19.90 -58.70 17.72
C GLY L 295 -18.95 -58.48 16.56
N ILE L 296 -18.87 -59.49 15.67
CA ILE L 296 -18.05 -59.55 14.45
C ILE L 296 -18.70 -58.71 13.28
N PRO L 297 -17.94 -58.16 12.28
CA PRO L 297 -18.57 -57.38 11.20
C PRO L 297 -19.78 -58.06 10.55
N ALA L 298 -19.72 -59.39 10.31
CA ALA L 298 -20.80 -60.19 9.73
C ALA L 298 -22.03 -60.22 10.63
N PHE L 299 -21.82 -60.25 11.98
CA PHE L 299 -22.91 -60.26 12.96
C PHE L 299 -23.60 -58.90 13.00
N ARG L 300 -22.81 -57.81 13.01
CA ARG L 300 -23.31 -56.44 13.00
C ARG L 300 -24.07 -56.19 11.67
N ARG L 301 -23.43 -56.50 10.52
CA ARG L 301 -24.00 -56.39 9.17
C ARG L 301 -25.41 -56.91 9.19
N HIS L 302 -25.56 -58.14 9.70
CA HIS L 302 -26.82 -58.87 9.82
C HIS L 302 -27.70 -58.28 10.92
N GLU L 303 -27.12 -57.87 12.07
CA GLU L 303 -27.91 -57.30 13.17
C GLU L 303 -28.76 -56.14 12.60
N ILE L 304 -28.12 -55.09 12.04
CA ILE L 304 -28.78 -53.93 11.43
C ILE L 304 -29.84 -54.45 10.48
N ALA L 305 -29.42 -55.26 9.50
CA ALA L 305 -30.22 -55.84 8.44
C ALA L 305 -31.51 -56.46 8.90
N ASN L 306 -31.53 -57.22 10.01
CA ASN L 306 -32.75 -57.88 10.49
C ASN L 306 -33.77 -56.85 10.94
N PHE L 307 -33.38 -56.04 11.96
CA PHE L 307 -34.14 -54.95 12.58
C PHE L 307 -34.98 -54.18 11.57
N LEU L 308 -34.39 -53.96 10.38
CA LEU L 308 -34.90 -53.25 9.22
C LEU L 308 -36.15 -53.89 8.62
N LYS L 309 -36.15 -55.23 8.41
CA LYS L 309 -37.34 -55.90 7.87
C LYS L 309 -38.37 -56.08 8.99
N LYS L 310 -37.86 -56.42 10.20
CA LYS L 310 -38.58 -56.67 11.44
C LYS L 310 -39.31 -55.42 12.00
N ARG L 311 -38.77 -54.19 11.76
CA ARG L 311 -39.39 -52.97 12.27
C ARG L 311 -39.78 -51.84 11.26
N LYS L 312 -39.18 -51.80 10.04
CA LYS L 312 -39.51 -50.75 9.04
C LYS L 312 -40.83 -51.05 8.34
N THR L 313 -41.88 -50.33 8.73
CA THR L 313 -43.24 -50.43 8.16
C THR L 313 -43.63 -49.12 7.51
N PRO L 314 -44.48 -49.10 6.45
CA PRO L 314 -44.85 -47.81 5.83
C PRO L 314 -45.18 -46.64 6.78
N LYS L 315 -45.89 -46.94 7.90
CA LYS L 315 -46.28 -45.96 8.90
C LYS L 315 -45.06 -45.39 9.65
N ASN L 316 -44.07 -46.27 9.95
CA ASN L 316 -42.84 -45.99 10.71
C ASN L 316 -41.61 -45.67 9.85
N ALA L 317 -41.72 -45.71 8.51
CA ALA L 317 -40.60 -45.47 7.60
C ALA L 317 -39.85 -44.13 7.79
N ASP L 318 -40.59 -43.03 8.10
CA ASP L 318 -40.07 -41.65 8.32
C ASP L 318 -39.08 -41.51 9.45
N GLU L 319 -39.23 -42.34 10.51
CA GLU L 319 -38.45 -42.37 11.75
C GLU L 319 -36.94 -42.27 11.57
N LEU L 320 -36.29 -41.60 12.54
CA LEU L 320 -34.86 -41.36 12.59
C LEU L 320 -34.04 -42.65 12.74
N ILE L 321 -34.67 -43.74 13.22
CA ILE L 321 -34.03 -45.05 13.40
C ILE L 321 -34.00 -45.92 12.13
N PHE L 322 -34.53 -45.40 11.00
CA PHE L 322 -34.51 -46.11 9.72
C PHE L 322 -33.83 -45.25 8.64
N LYS L 323 -33.14 -44.18 9.09
CA LYS L 323 -32.37 -43.17 8.34
C LYS L 323 -30.90 -43.26 8.79
N TYR L 324 -30.69 -43.39 10.13
CA TYR L 324 -29.42 -43.50 10.87
C TYR L 324 -29.41 -44.85 11.61
N VAL L 325 -29.05 -45.91 10.85
CA VAL L 325 -29.10 -47.34 11.22
C VAL L 325 -27.88 -47.95 11.95
N GLY L 326 -26.78 -47.20 11.98
CA GLY L 326 -25.51 -47.64 12.56
C GLY L 326 -24.52 -48.02 11.47
N ARG L 327 -23.32 -48.42 11.87
CA ARG L 327 -22.32 -48.83 10.89
C ARG L 327 -21.64 -50.16 11.28
N TRP L 328 -21.96 -51.23 10.54
CA TRP L 328 -21.38 -52.53 10.86
C TRP L 328 -19.87 -52.54 10.76
N ASN L 329 -19.34 -51.77 9.80
CA ASN L 329 -17.92 -51.65 9.48
C ASN L 329 -17.06 -50.98 10.58
N ILE L 330 -17.71 -50.38 11.60
CA ILE L 330 -17.06 -49.81 12.78
C ILE L 330 -16.67 -50.99 13.68
N CYS L 331 -15.42 -51.03 14.19
CA CYS L 331 -14.90 -52.08 15.07
C CYS L 331 -14.67 -51.58 16.50
N TYR L 332 -15.38 -52.16 17.48
CA TYR L 332 -15.19 -51.81 18.90
C TYR L 332 -14.24 -52.78 19.53
N GLN L 333 -13.75 -52.44 20.73
CA GLN L 333 -12.81 -53.26 21.49
C GLN L 333 -13.12 -53.15 22.98
N LYS L 334 -13.34 -54.31 23.67
CA LYS L 334 -13.61 -54.33 25.11
C LYS L 334 -12.37 -53.93 25.93
N LYS L 335 -12.57 -52.98 26.87
CA LYS L 335 -11.51 -52.39 27.68
C LYS L 335 -11.77 -52.57 29.18
N PHE L 336 -13.05 -52.75 29.56
CA PHE L 336 -13.53 -52.88 30.95
C PHE L 336 -14.91 -53.54 30.94
N HIS L 337 -15.19 -54.31 31.99
CA HIS L 337 -16.46 -54.96 32.32
C HIS L 337 -16.41 -55.46 33.74
N GLN L 338 -17.17 -54.79 34.60
CA GLN L 338 -17.31 -55.16 36.00
C GLN L 338 -18.79 -55.05 36.26
N GLY L 339 -19.48 -56.19 36.12
CA GLY L 339 -20.93 -56.38 36.25
C GLY L 339 -21.83 -55.24 35.78
N ASN L 340 -22.37 -55.30 34.52
CA ASN L 340 -23.26 -54.27 33.92
C ASN L 340 -22.68 -52.85 33.76
N ILE L 341 -21.39 -52.67 34.04
CA ILE L 341 -20.67 -51.41 33.80
C ILE L 341 -19.47 -51.80 32.94
N SER L 342 -19.38 -51.23 31.73
CA SER L 342 -18.32 -51.56 30.78
C SER L 342 -17.84 -50.39 29.93
N ILE L 343 -16.60 -50.46 29.47
CA ILE L 343 -16.01 -49.43 28.61
C ILE L 343 -15.57 -50.10 27.34
N HIS L 344 -15.92 -49.51 26.20
CA HIS L 344 -15.51 -49.98 24.88
C HIS L 344 -14.87 -48.83 24.12
N GLN L 345 -13.87 -49.14 23.32
CA GLN L 345 -13.20 -48.12 22.52
C GLN L 345 -13.24 -48.49 21.02
N ILE L 346 -13.55 -47.50 20.16
CA ILE L 346 -13.58 -47.71 18.70
C ILE L 346 -12.15 -48.00 18.18
N SER L 347 -11.85 -49.28 17.91
CA SER L 347 -10.55 -49.68 17.44
C SER L 347 -10.38 -49.60 15.92
N GLY L 348 -11.47 -49.66 15.17
CA GLY L 348 -11.34 -49.64 13.71
C GLY L 348 -12.53 -49.25 12.90
N TYR L 349 -12.28 -49.11 11.59
CA TYR L 349 -13.22 -48.76 10.54
C TYR L 349 -12.78 -49.43 9.25
N LEU L 350 -13.52 -50.50 8.87
CA LEU L 350 -13.26 -51.29 7.68
C LEU L 350 -13.85 -50.61 6.44
N ASP L 351 -13.03 -50.46 5.38
CA ASP L 351 -13.36 -49.82 4.09
C ASP L 351 -12.40 -50.29 2.98
#